data_4IQJ
#
_entry.id   4IQJ
#
_cell.length_a   188.530
_cell.length_b   94.970
_cell.length_c   204.080
_cell.angle_alpha   90.00
_cell.angle_beta   89.97
_cell.angle_gamma   90.00
#
_symmetry.space_group_name_H-M   'P 1 21 1'
#
loop_
_entity.id
_entity.type
_entity.pdbx_description
1 polymer "DNA (5'-D(P*CP*GP*AP*AP*AP*CP*GP*AP*CP*GP*GP*CP*CP*AP*GP*TP*GP*CP*CP*A)-3')"
2 polymer "DNA (5'-D(*TP*TP*TP*TP*TP*TP*TP*GP*TP*GP*GP*CP*AP*CP*TP*GP*GP*CP*CP*GP*TP*CP*GP*TP*TP*TP*CP*G)-3')"
3 polymer "DNA (5'-D(P*CP*GP*AP*AP*AP*CP*GP*AP*CP*GP*GP*CP*CP*AP*GP*TP*GP*CP*CP*AP*(DOC))-3')"
4 polymer 'DNA polymerase III subunit alpha'
5 polymer 'DNA polymerase III subunit gamma/tau'
6 non-polymer 'ZINC ION'
7 non-polymer 'MAGNESIUM ION'
#
loop_
_entity_poly.entity_id
_entity_poly.type
_entity_poly.pdbx_seq_one_letter_code
_entity_poly.pdbx_strand_id
1 'polydeoxyribonucleotide' (DC)(DG)(DA)(DA)(DA)(DC)(DG)(DA)(DC)(DG)(DG)(DC)(DC)(DA)(DG)(DT)(DG)(DC)(DC)(DA) E,G,K
2 'polydeoxyribonucleotide'
;(DT)(DT)(DT)(DT)(DT)(DT)(DT)(DG)(DT)(DG)(DG)(DC)(DA)(DC)(DT)(DG)(DG)(DC)(DC)(DG)
(DT)(DC)(DG)(DT)(DT)(DT)(DC)(DG)
;
F,H,J,L
3 'polydeoxyribonucleotide'
;(DC)(DG)(DA)(DA)(DA)(DC)(DG)(DA)(DC)(DG)(DG)(DC)(DC)(DA)(DG)(DT)(DG)(DC)(DC)(DA)
(DOC)
;
I
4 'polypeptide(L)'
;MGSKLKFAHLHQHTQFSLLDGAAKLQDLLKWVKETTPEDPALAMTDHGNLFGAVEFYKKATAMGVKPIIGYEAYVAAESR
FDRKRGKGLDGGYFHLTLLAKDFTGYQNLVRLASRAYLEGFYEKPRIDREILREHAQGLIALSGCLGAEIPQFILQDRLD
LAEARLNEDLSIFGDRFFIEIQNHGLPEQKKVNQVLKEFARKYGLGMVATNDGHYVRKEDARAHEVLLAIQSKTTLDDPE
RWRFPCDEFYVKTPEEMRAMLPEAEWGDEPFDNTVEIARMCDVDLPIGDKMVYRIPRFPLPEGRTEAQYLRELTFLGLLR
RYPDRITEAFYREVLRLLGTMPPHGDERALAEALARVEEKAWEELRKRLPPLEGVREWTAEAILHRALYELSVIERMGFP
GYFLIVQDYINWARGHGVSVGPGRGSAAGSLVAYAVGITNIDPLRFGLLFERFLNPERVSMPDIDTDFSDRERDRVIQYV
RERYGEDKVAQIGTFGSLASKAALKDVARVYGIPHKKAEELAKLIPVQFGKPKPLQEAIQVVPELRAEMEKDERIRQVIE
VAMRLEGLNRHASVHAAGVVIAAEPLTDLVPLMRDQEGRPVTQYDMGAVEALGLLKMDFLGLRTLTFLDEARRIVKESKG
VELDYDRLPLDDPKTFELLSRGETKGVFQLESGGMTATVRGLKPRRLEDIIALVSLYRPGPMEHIPTYIRRHHGQEPVSY
AEFPHAEKYLRPILDETYGIPVYQEQIMQIASQVAGYSLGEADLLRRAMGKKRVEEMQKHRERFVRGAKERGVPEEEANR
LFDMLEAFANYGFNKSHAAAYSLLSYQTAYVKAHYPVEFMAALLSVERHDSDKVAEYIRDARALGIPVLPPDVNRSGFDF
KVVGEEILFGLSAVKNVGEMAARAILEERERGGPFKSLGDFLKRLPEQVVNKRALESLVKAGALDAFGDRARLLASLEPL
LRWAAETRERGRSGLVGLFAEVEEPPLVEASPLDEITMLRYEKEALGIYVSGHPVLRYPGLREVASCTIEELSEFVRELP
GKPKVLLSGMVEEVVRKPTRSGGMMARFTLSDETGALEVVVFGRAYEGVSPKLKEDIPLLVLAEVEKGEELRVLAQAVWT
LEEVLEAPKALEVEVDHALLDEKGVARLKSLLDEHPGSLPVYLRVLGPFGEALFALREVRVGEEALGLLEAEGYRAYLVP
DREVFLQGNGGGPKEEVVPF
;
A,B,C,D
5 'polypeptide(L)'
;HHHHHHKAGEAQDLAEGWRAFLEALKPTLRAFVREARPHLEGKTLVLRFPESKAFHHKKAEEQKAHLLPLARAQFGVEEL
AFVLEKKSLSGASPPPPTKPVPPREAPPPVAAPPPEPEPPLEDPPWEAEEGEDPSEELRRLARLLGGRLLWVRKPKAPEA
EEPVSEDGIGGNGIMPP
;
M,N,O,P
#
loop_
_chem_comp.id
_chem_comp.type
_chem_comp.name
_chem_comp.formula
DA DNA linking 2'-DEOXYADENOSINE-5'-MONOPHOSPHATE 'C10 H14 N5 O6 P'
DC DNA linking 2'-DEOXYCYTIDINE-5'-MONOPHOSPHATE 'C9 H14 N3 O7 P'
DG DNA linking 2'-DEOXYGUANOSINE-5'-MONOPHOSPHATE 'C10 H14 N5 O7 P'
DOC DNA linking 2',3'-DIDEOXYCYTIDINE-5'-MONOPHOSPHATE 'C9 H14 N3 O6 P'
DT DNA linking THYMIDINE-5'-MONOPHOSPHATE 'C10 H15 N2 O8 P'
MG non-polymer 'MAGNESIUM ION' 'Mg 2'
ZN non-polymer 'ZINC ION' 'Zn 2'
#
# COMPACT_ATOMS: atom_id res chain seq x y z
N1 DOC E 21 -81.00 -30.88 -10.42
C2 DOC E 21 -82.35 -31.23 -10.09
N3 DOC E 21 -82.86 -32.43 -10.48
C4 DOC E 21 -82.11 -33.30 -11.19
C5 DOC E 21 -80.80 -32.99 -11.53
C6 DOC E 21 -80.26 -31.77 -11.13
O2 DOC E 21 -83.08 -30.46 -9.43
N4 DOC E 21 -82.64 -34.48 -11.56
C1' DOC E 21 -80.42 -29.60 -9.98
C2' DOC E 21 -79.34 -29.82 -8.91
C3' DOC E 21 -78.18 -28.92 -9.29
C4' DOC E 21 -78.59 -28.29 -10.61
O4' DOC E 21 -79.81 -28.89 -11.04
C5' DOC E 21 -77.50 -28.48 -11.67
O5' DOC E 21 -77.42 -29.85 -12.12
P DOC E 21 -76.17 -30.32 -13.02
OP1 DOC E 21 -74.95 -29.52 -12.59
OP2 DOC E 21 -76.12 -31.83 -12.94
N LEU I 5 34.68 28.61 -59.90
CA LEU I 5 35.84 28.05 -59.15
C LEU I 5 35.38 27.04 -58.08
N LYS I 6 35.48 25.75 -58.40
CA LYS I 6 34.82 24.70 -57.63
C LYS I 6 35.81 23.66 -57.08
N PHE I 7 35.32 22.80 -56.18
CA PHE I 7 36.16 21.87 -55.44
C PHE I 7 35.49 20.51 -55.34
N ALA I 8 36.31 19.49 -55.18
CA ALA I 8 35.85 18.11 -55.08
C ALA I 8 36.77 17.34 -54.13
N HIS I 9 36.27 16.91 -52.98
CA HIS I 9 37.12 16.20 -51.99
C HIS I 9 37.55 14.85 -52.50
N LEU I 10 38.85 14.65 -52.52
CA LEU I 10 39.44 13.37 -52.93
C LEU I 10 39.91 12.60 -51.71
N HIS I 11 40.04 13.29 -50.57
CA HIS I 11 40.40 12.64 -49.31
C HIS I 11 39.32 12.87 -48.31
N GLN I 12 38.40 11.92 -48.22
CA GLN I 12 37.27 11.98 -47.30
C GLN I 12 37.04 10.63 -46.67
N HIS I 13 36.77 10.63 -45.37
CA HIS I 13 36.46 9.40 -44.65
C HIS I 13 34.97 9.31 -44.34
N THR I 14 34.41 8.11 -44.48
CA THR I 14 33.01 7.87 -44.16
C THR I 14 32.88 7.07 -42.85
N GLN I 15 31.64 6.70 -42.53
CA GLN I 15 31.33 5.85 -41.36
C GLN I 15 32.08 4.51 -41.34
N PHE I 16 32.48 4.07 -42.53
CA PHE I 16 33.15 2.77 -42.68
C PHE I 16 34.58 2.77 -42.15
N SER I 17 35.13 3.96 -41.92
CA SER I 17 36.34 4.09 -41.10
C SER I 17 35.94 3.89 -39.64
N LEU I 18 36.05 2.65 -39.17
CA LEU I 18 35.35 2.19 -37.95
C LEU I 18 35.81 2.88 -36.65
N LEU I 19 37.08 3.25 -36.61
CA LEU I 19 37.66 3.82 -35.41
C LEU I 19 37.35 5.30 -35.26
N ASP I 20 37.74 6.10 -36.28
CA ASP I 20 37.69 7.59 -36.28
C ASP I 20 36.73 8.21 -37.30
N GLY I 21 36.00 7.39 -38.06
CA GLY I 21 35.05 7.92 -39.04
C GLY I 21 33.70 8.24 -38.44
N ALA I 22 33.20 9.46 -38.66
CA ALA I 22 31.92 9.89 -38.10
C ALA I 22 30.92 10.39 -39.16
N ALA I 23 31.29 10.30 -40.42
CA ALA I 23 30.49 10.88 -41.49
C ALA I 23 29.65 9.79 -42.14
N LYS I 24 28.32 9.91 -42.00
CA LYS I 24 27.38 8.91 -42.53
C LYS I 24 27.32 9.03 -44.04
N LEU I 25 26.90 7.95 -44.70
CA LEU I 25 26.99 7.87 -46.15
C LEU I 25 25.90 8.70 -46.85
N GLN I 26 24.75 8.82 -46.20
CA GLN I 26 23.62 9.54 -46.79
C GLN I 26 23.80 11.06 -46.73
N ASP I 27 23.92 11.57 -45.51
CA ASP I 27 23.96 13.00 -45.28
C ASP I 27 25.22 13.64 -45.87
N LEU I 28 26.28 12.86 -46.06
CA LEU I 28 27.52 13.36 -46.65
C LEU I 28 27.34 13.70 -48.11
N LEU I 29 26.70 12.80 -48.86
CA LEU I 29 26.48 13.00 -50.28
C LEU I 29 25.55 14.16 -50.61
N LYS I 30 24.55 14.41 -49.76
CA LYS I 30 23.62 15.52 -50.00
C LYS I 30 24.28 16.87 -49.70
N TRP I 31 25.24 16.88 -48.79
CA TRP I 31 25.98 18.11 -48.49
C TRP I 31 26.88 18.48 -49.62
N VAL I 32 27.51 17.47 -50.21
CA VAL I 32 28.35 17.63 -51.40
C VAL I 32 27.51 18.02 -52.59
N LYS I 33 26.28 17.50 -52.64
CA LYS I 33 25.34 17.81 -53.72
C LYS I 33 24.82 19.25 -53.60
N GLU I 34 24.40 19.62 -52.39
CA GLU I 34 23.84 20.98 -52.15
C GLU I 34 24.90 22.09 -52.24
N THR I 35 26.15 21.76 -51.92
CA THR I 35 27.23 22.75 -52.00
C THR I 35 27.69 22.98 -53.43
N THR I 36 27.82 21.89 -54.19
CA THR I 36 28.28 21.96 -55.58
C THR I 36 27.27 21.23 -56.48
N PRO I 37 26.36 21.99 -57.10
CA PRO I 37 25.42 21.39 -58.07
C PRO I 37 26.06 20.91 -59.37
N GLU I 38 27.06 21.65 -59.86
CA GLU I 38 27.66 21.38 -61.16
C GLU I 38 28.67 20.24 -61.06
N ASP I 39 28.27 19.05 -61.56
CA ASP I 39 29.15 17.84 -61.65
C ASP I 39 29.83 17.43 -60.36
N PRO I 40 29.04 17.11 -59.34
CA PRO I 40 29.59 16.88 -58.02
C PRO I 40 30.41 15.60 -58.00
N ALA I 41 31.53 15.61 -57.28
CA ALA I 41 32.38 14.43 -57.13
C ALA I 41 32.85 14.26 -55.70
N LEU I 42 32.96 13.01 -55.26
CA LEU I 42 33.38 12.70 -53.91
C LEU I 42 34.13 11.38 -53.90
N ALA I 43 35.20 11.28 -53.12
CA ALA I 43 36.02 10.09 -53.07
C ALA I 43 35.98 9.51 -51.69
N MET I 44 35.52 8.26 -51.62
CA MET I 44 35.55 7.52 -50.37
C MET I 44 36.97 6.99 -50.13
N THR I 45 37.67 7.56 -49.14
CA THR I 45 39.00 7.08 -48.73
C THR I 45 39.02 6.77 -47.22
N ASP I 46 38.85 5.48 -46.88
CA ASP I 46 38.78 5.01 -45.49
C ASP I 46 40.05 4.32 -45.06
N HIS I 47 40.21 4.16 -43.74
CA HIS I 47 41.48 3.73 -43.16
C HIS I 47 41.63 2.25 -43.29
N GLY I 48 42.46 1.82 -44.23
CA GLY I 48 42.77 0.39 -44.40
C GLY I 48 41.58 -0.55 -44.54
N ASN I 49 40.60 -0.14 -45.35
CA ASN I 49 39.44 -0.95 -45.66
C ASN I 49 38.64 -0.47 -46.86
N LEU I 50 37.83 -1.34 -47.40
CA LEU I 50 37.04 -1.02 -48.55
C LEU I 50 35.61 -1.54 -48.35
N PHE I 51 35.04 -1.27 -47.18
CA PHE I 51 33.74 -1.81 -46.79
C PHE I 51 32.60 -1.13 -47.56
N GLY I 52 32.63 0.19 -47.56
CA GLY I 52 31.53 0.99 -48.12
C GLY I 52 31.56 1.11 -49.63
N ALA I 53 32.63 0.64 -50.26
CA ALA I 53 32.82 0.79 -51.72
C ALA I 53 31.56 0.59 -52.58
N VAL I 54 30.87 -0.51 -52.36
CA VAL I 54 29.70 -0.80 -53.18
C VAL I 54 28.51 0.07 -52.73
N GLU I 55 28.33 0.21 -51.42
CA GLU I 55 27.22 0.98 -50.88
C GLU I 55 27.42 2.46 -51.19
N PHE I 56 28.66 2.92 -51.18
CA PHE I 56 28.97 4.30 -51.52
C PHE I 56 28.75 4.57 -52.99
N TYR I 57 29.12 3.61 -53.82
CA TYR I 57 28.95 3.74 -55.27
C TYR I 57 27.49 3.83 -55.67
N LYS I 58 26.64 2.94 -55.15
CA LYS I 58 25.24 2.89 -55.60
C LYS I 58 24.39 3.97 -54.96
N LYS I 59 24.86 4.57 -53.86
CA LYS I 59 24.12 5.67 -53.19
C LYS I 59 24.55 7.00 -53.75
N ALA I 60 25.83 7.12 -54.09
CA ALA I 60 26.36 8.31 -54.71
C ALA I 60 25.70 8.48 -56.07
N THR I 61 25.77 7.44 -56.89
CA THR I 61 25.16 7.45 -58.24
C THR I 61 23.63 7.64 -58.16
N ALA I 62 23.04 7.21 -57.05
CA ALA I 62 21.61 7.41 -56.81
C ALA I 62 21.27 8.87 -56.51
N MET I 63 22.25 9.64 -56.03
CA MET I 63 22.07 11.06 -55.75
C MET I 63 22.57 11.97 -56.89
N GLY I 64 23.13 11.37 -57.93
CA GLY I 64 23.70 12.14 -59.04
C GLY I 64 25.14 12.61 -58.85
N VAL I 65 25.80 12.13 -57.79
CA VAL I 65 27.19 12.47 -57.52
C VAL I 65 28.10 11.38 -58.04
N LYS I 66 29.24 11.76 -58.60
CA LYS I 66 30.18 10.78 -59.14
C LYS I 66 31.06 10.21 -58.03
N PRO I 67 31.00 8.89 -57.81
CA PRO I 67 31.83 8.30 -56.79
C PRO I 67 33.26 8.05 -57.29
N ILE I 68 34.24 8.15 -56.39
CA ILE I 68 35.63 7.78 -56.67
C ILE I 68 36.08 6.82 -55.56
N ILE I 69 36.26 5.54 -55.92
CA ILE I 69 36.60 4.53 -54.95
C ILE I 69 38.07 4.70 -54.55
N GLY I 70 38.28 5.20 -53.33
CA GLY I 70 39.62 5.43 -52.79
C GLY I 70 39.99 4.44 -51.72
N TYR I 71 41.19 4.62 -51.16
CA TYR I 71 41.72 3.72 -50.15
C TYR I 71 42.97 4.35 -49.49
N GLU I 72 42.81 4.88 -48.27
CA GLU I 72 43.96 5.37 -47.47
C GLU I 72 44.77 4.21 -46.81
N ALA I 73 45.70 3.65 -47.58
CA ALA I 73 46.45 2.49 -47.18
C ALA I 73 47.43 2.78 -46.04
N TYR I 74 47.53 1.85 -45.10
CA TYR I 74 48.63 1.84 -44.13
C TYR I 74 49.86 1.17 -44.76
N VAL I 75 50.89 1.94 -44.94
CA VAL I 75 52.04 1.43 -45.60
C VAL I 75 53.11 1.10 -44.63
N ALA I 76 53.67 -0.10 -44.75
CA ALA I 76 54.70 -0.54 -43.81
C ALA I 76 56.02 0.24 -44.00
N ALA I 77 56.79 0.31 -42.93
CA ALA I 77 58.08 1.03 -42.93
C ALA I 77 59.08 0.40 -43.89
N GLU I 78 59.09 -0.94 -43.93
CA GLU I 78 59.97 -1.67 -44.83
C GLU I 78 59.24 -2.84 -45.50
N SER I 79 58.84 -3.82 -44.71
CA SER I 79 58.12 -4.97 -45.25
C SER I 79 56.90 -5.23 -44.40
N ARG I 80 55.93 -5.93 -44.98
CA ARG I 80 54.69 -6.24 -44.29
C ARG I 80 54.80 -7.43 -43.34
N PHE I 81 55.85 -8.22 -43.51
CA PHE I 81 56.12 -9.32 -42.61
C PHE I 81 56.78 -8.86 -41.29
N ASP I 82 57.20 -7.59 -41.23
CA ASP I 82 57.92 -7.04 -40.07
C ASP I 82 56.96 -6.89 -38.90
N ARG I 83 57.37 -7.36 -37.73
CA ARG I 83 56.51 -7.33 -36.56
C ARG I 83 57.36 -7.04 -35.33
N GLY I 92 56.52 1.57 -37.35
CA GLY I 92 55.22 0.92 -37.33
C GLY I 92 54.57 0.85 -38.70
N TYR I 93 53.97 1.96 -39.13
CA TYR I 93 53.34 2.07 -40.44
C TYR I 93 53.13 3.53 -40.89
N PHE I 94 52.76 3.71 -42.15
CA PHE I 94 52.59 5.03 -42.74
C PHE I 94 51.31 5.12 -43.57
N HIS I 95 50.74 6.32 -43.65
CA HIS I 95 49.55 6.59 -44.46
C HIS I 95 49.88 6.89 -45.89
N LEU I 96 48.93 6.58 -46.78
CA LEU I 96 49.08 6.83 -48.21
C LEU I 96 47.72 6.75 -48.88
N THR I 97 47.30 7.86 -49.50
CA THR I 97 46.02 7.91 -50.24
C THR I 97 46.11 7.32 -51.64
N LEU I 98 45.25 6.35 -51.95
CA LEU I 98 45.21 5.76 -53.29
C LEU I 98 43.82 5.90 -53.90
N LEU I 99 43.75 6.32 -55.17
CA LEU I 99 42.48 6.55 -55.88
C LEU I 99 42.38 5.72 -57.15
N ALA I 100 41.23 5.11 -57.37
CA ALA I 100 41.01 4.23 -58.53
C ALA I 100 40.85 5.00 -59.84
N LYS I 101 41.76 4.75 -60.78
CA LYS I 101 41.76 5.43 -62.07
C LYS I 101 40.67 4.85 -62.97
N ASP I 102 40.66 3.52 -63.08
CA ASP I 102 39.68 2.82 -63.90
C ASP I 102 39.41 1.46 -63.26
N PHE I 103 38.63 0.60 -63.92
CA PHE I 103 38.25 -0.70 -63.37
C PHE I 103 39.44 -1.60 -63.04
N THR I 104 40.52 -1.53 -63.82
CA THR I 104 41.77 -2.23 -63.47
C THR I 104 42.28 -1.75 -62.12
N GLY I 105 42.18 -0.44 -61.90
CA GLY I 105 42.55 0.19 -60.63
C GLY I 105 41.69 -0.23 -59.46
N TYR I 106 40.40 -0.48 -59.73
CA TYR I 106 39.46 -0.98 -58.73
C TYR I 106 39.85 -2.39 -58.32
N GLN I 107 40.19 -3.22 -59.30
CA GLN I 107 40.66 -4.60 -59.01
C GLN I 107 41.95 -4.57 -58.20
N ASN I 108 42.87 -3.68 -58.56
CA ASN I 108 44.10 -3.52 -57.78
C ASN I 108 43.92 -2.97 -56.36
N LEU I 109 42.92 -2.12 -56.15
CA LEU I 109 42.58 -1.67 -54.79
C LEU I 109 41.99 -2.81 -53.95
N VAL I 110 41.15 -3.61 -54.58
CA VAL I 110 40.58 -4.79 -53.93
C VAL I 110 41.68 -5.79 -53.48
N ARG I 111 42.69 -6.00 -54.31
CA ARG I 111 43.83 -6.86 -53.95
C ARG I 111 44.72 -6.28 -52.83
N LEU I 112 45.07 -5.00 -52.93
CA LEU I 112 45.87 -4.36 -51.90
C LEU I 112 45.16 -4.40 -50.55
N ALA I 113 43.83 -4.23 -50.55
CA ALA I 113 43.00 -4.30 -49.35
C ALA I 113 43.07 -5.68 -48.78
N SER I 114 42.92 -6.67 -49.66
CA SER I 114 42.83 -8.07 -49.25
C SER I 114 44.14 -8.51 -48.62
N ARG I 115 45.24 -8.20 -49.30
CA ARG I 115 46.56 -8.56 -48.81
C ARG I 115 46.90 -7.79 -47.52
N ALA I 116 46.25 -6.67 -47.27
CA ALA I 116 46.49 -5.93 -46.06
C ALA I 116 46.06 -6.75 -44.86
N TYR I 117 44.88 -7.36 -44.96
CA TYR I 117 44.30 -8.11 -43.85
C TYR I 117 44.90 -9.51 -43.81
N LEU I 118 44.91 -10.18 -44.95
CA LEU I 118 45.35 -11.56 -44.99
C LEU I 118 46.82 -11.71 -44.63
N GLU I 119 47.68 -10.96 -45.33
CA GLU I 119 49.15 -11.08 -45.19
C GLU I 119 49.78 -10.09 -44.21
N GLY I 120 49.63 -8.79 -44.46
CA GLY I 120 50.31 -7.79 -43.67
C GLY I 120 49.45 -7.16 -42.57
N PHE I 121 48.86 -7.97 -41.71
CA PHE I 121 48.10 -7.45 -40.59
C PHE I 121 48.93 -7.63 -39.35
N TYR I 122 49.28 -6.52 -38.67
CA TYR I 122 50.00 -6.57 -37.40
C TYR I 122 49.16 -5.90 -36.34
N GLU I 123 49.00 -4.58 -36.42
CA GLU I 123 48.07 -3.82 -35.57
C GLU I 123 46.92 -3.35 -36.44
N LYS I 124 47.27 -2.69 -37.54
CA LYS I 124 46.37 -2.32 -38.60
C LYS I 124 46.64 -3.26 -39.80
N PRO I 125 45.74 -3.27 -40.79
CA PRO I 125 46.05 -3.91 -42.08
C PRO I 125 47.04 -3.06 -42.91
N ARG I 126 48.29 -3.51 -42.97
CA ARG I 126 49.38 -2.81 -43.68
C ARG I 126 49.76 -3.38 -45.03
N ILE I 127 50.24 -2.53 -45.93
CA ILE I 127 50.73 -2.96 -47.23
C ILE I 127 52.18 -2.50 -47.44
N ASP I 128 52.75 -2.89 -48.58
CA ASP I 128 54.15 -2.63 -48.87
C ASP I 128 54.28 -1.86 -50.16
N ARG I 129 55.43 -1.20 -50.31
CA ARG I 129 55.80 -0.59 -51.58
C ARG I 129 56.21 -1.61 -52.65
N GLU I 130 56.49 -2.83 -52.22
CA GLU I 130 56.70 -3.97 -53.11
C GLU I 130 55.40 -4.37 -53.80
N ILE I 131 54.38 -4.60 -53.00
CA ILE I 131 53.11 -5.02 -53.54
C ILE I 131 52.35 -3.84 -54.16
N LEU I 132 52.62 -2.63 -53.66
CA LEU I 132 52.06 -1.43 -54.28
C LEU I 132 52.55 -1.31 -55.72
N ARG I 133 53.82 -1.63 -55.93
CA ARG I 133 54.42 -1.63 -57.25
C ARG I 133 53.81 -2.73 -58.10
N GLU I 134 53.43 -3.83 -57.45
CA GLU I 134 52.81 -4.95 -58.16
C GLU I 134 51.40 -4.64 -58.65
N HIS I 135 50.67 -3.90 -57.80
CA HIS I 135 49.32 -3.47 -58.10
C HIS I 135 49.24 -1.97 -58.23
N ALA I 136 50.21 -1.38 -58.94
CA ALA I 136 50.19 0.08 -59.19
C ALA I 136 49.36 0.46 -60.41
N GLN I 137 49.13 -0.49 -61.32
CA GLN I 137 48.44 -0.21 -62.58
C GLN I 137 47.02 0.28 -62.29
N GLY I 138 46.73 1.52 -62.65
CA GLY I 138 45.39 2.10 -62.51
C GLY I 138 45.15 2.80 -61.18
N LEU I 139 46.21 3.13 -60.47
CA LEU I 139 46.09 3.84 -59.18
C LEU I 139 46.74 5.22 -59.24
N ILE I 140 45.94 6.25 -58.95
CA ILE I 140 46.42 7.59 -58.78
C ILE I 140 46.77 7.67 -57.30
N ALA I 141 48.05 7.92 -57.00
CA ALA I 141 48.50 8.07 -55.61
C ALA I 141 48.62 9.54 -55.27
N LEU I 142 48.41 9.87 -54.00
CA LEU I 142 48.73 11.20 -53.48
C LEU I 142 49.78 11.07 -52.36
N SER I 143 50.45 12.17 -52.02
CA SER I 143 51.54 12.16 -51.02
C SER I 143 51.06 11.87 -49.60
N GLY I 144 49.80 12.17 -49.31
CA GLY I 144 49.19 11.81 -48.05
C GLY I 144 49.24 12.89 -46.99
N CYS I 145 48.65 12.61 -45.85
CA CYS I 145 48.56 13.56 -44.74
C CYS I 145 49.88 13.63 -43.99
N LEU I 146 49.89 14.28 -42.83
CA LEU I 146 51.09 14.33 -41.95
C LEU I 146 51.56 12.91 -41.57
N GLY I 147 50.63 11.97 -41.48
CA GLY I 147 50.95 10.57 -41.13
C GLY I 147 51.59 9.78 -42.24
N ALA I 148 51.70 10.39 -43.42
CA ALA I 148 52.33 9.75 -44.59
C ALA I 148 53.86 9.83 -44.59
N GLU I 149 54.48 9.17 -45.55
CA GLU I 149 55.92 8.91 -45.52
C GLU I 149 56.75 10.18 -45.74
N ILE I 150 56.58 10.82 -46.90
CA ILE I 150 57.36 12.02 -47.27
C ILE I 150 57.17 13.22 -46.32
N PRO I 151 55.91 13.58 -45.99
CA PRO I 151 55.73 14.57 -44.94
C PRO I 151 56.35 14.26 -43.55
N GLN I 152 56.50 13.00 -43.19
CA GLN I 152 57.07 12.62 -41.88
C GLN I 152 58.60 12.77 -41.82
N PHE I 153 59.25 12.44 -42.95
CA PHE I 153 60.70 12.66 -43.14
C PHE I 153 61.07 14.14 -43.13
N ILE I 154 60.15 15.00 -43.57
CA ILE I 154 60.36 16.44 -43.54
C ILE I 154 60.32 16.92 -42.11
N LEU I 155 59.41 16.39 -41.32
CA LEU I 155 59.35 16.73 -39.89
C LEU I 155 60.59 16.22 -39.09
N GLN I 156 61.26 15.18 -39.60
CA GLN I 156 62.41 14.59 -38.93
C GLN I 156 63.71 15.29 -39.33
N ASP I 157 63.60 16.35 -40.14
CA ASP I 157 64.75 17.07 -40.69
C ASP I 157 65.63 16.16 -41.54
N ARG I 158 65.01 15.22 -42.23
CA ARG I 158 65.72 14.31 -43.12
C ARG I 158 65.16 14.48 -44.53
N LEU I 159 65.54 15.58 -45.16
CA LEU I 159 65.05 15.93 -46.49
C LEU I 159 65.57 14.96 -47.56
N ASP I 160 66.77 14.41 -47.32
CA ASP I 160 67.39 13.44 -48.23
C ASP I 160 66.55 12.14 -48.33
N LEU I 161 65.97 11.71 -47.22
CA LEU I 161 65.11 10.54 -47.20
C LEU I 161 63.76 10.86 -47.86
N ALA I 162 63.19 12.00 -47.52
CA ALA I 162 61.95 12.41 -48.13
C ALA I 162 62.04 12.42 -49.65
N GLU I 163 63.12 12.98 -50.17
CA GLU I 163 63.30 13.08 -51.61
C GLU I 163 63.58 11.70 -52.18
N ALA I 164 64.36 10.91 -51.45
CA ALA I 164 64.70 9.55 -51.88
C ALA I 164 63.43 8.71 -51.95
N ARG I 165 62.57 8.88 -50.95
CA ARG I 165 61.30 8.18 -50.91
C ARG I 165 60.39 8.67 -52.04
N LEU I 166 60.49 9.96 -52.37
CA LEU I 166 59.70 10.55 -53.45
C LEU I 166 60.09 9.96 -54.78
N ASN I 167 61.39 9.74 -54.97
CA ASN I 167 61.87 9.09 -56.19
C ASN I 167 61.39 7.64 -56.34
N GLU I 168 61.27 6.94 -55.21
CA GLU I 168 60.84 5.55 -55.20
C GLU I 168 59.40 5.45 -55.65
N ASP I 169 58.54 6.32 -55.10
CA ASP I 169 57.10 6.38 -55.46
C ASP I 169 56.92 6.81 -56.94
N LEU I 170 57.78 7.71 -57.43
CA LEU I 170 57.73 8.15 -58.83
C LEU I 170 58.14 7.05 -59.83
N SER I 171 58.90 6.06 -59.35
CA SER I 171 59.28 4.90 -60.14
C SER I 171 58.12 3.96 -60.26
N ILE I 172 57.28 3.93 -59.23
CA ILE I 172 56.08 3.11 -59.21
C ILE I 172 54.97 3.71 -60.10
N PHE I 173 54.46 4.86 -59.70
CA PHE I 173 53.27 5.44 -60.32
C PHE I 173 53.54 6.32 -61.55
N GLY I 174 54.69 6.97 -61.57
CA GLY I 174 55.09 7.80 -62.70
C GLY I 174 54.41 9.15 -62.70
N ASP I 175 53.50 9.34 -63.64
CA ASP I 175 52.78 10.60 -63.79
C ASP I 175 51.48 10.61 -63.03
N ARG I 176 51.15 9.49 -62.37
CA ARG I 176 49.91 9.39 -61.59
C ARG I 176 50.09 9.88 -60.15
N PHE I 177 51.33 10.11 -59.74
CA PHE I 177 51.64 10.58 -58.39
C PHE I 177 51.43 12.09 -58.23
N PHE I 178 50.96 12.51 -57.07
CA PHE I 178 50.66 13.92 -56.83
C PHE I 178 51.07 14.30 -55.44
N ILE I 179 51.21 15.60 -55.22
CA ILE I 179 51.62 16.14 -53.93
C ILE I 179 50.37 16.63 -53.22
N GLU I 180 49.95 15.91 -52.17
CA GLU I 180 48.75 16.26 -51.42
C GLU I 180 49.03 17.40 -50.46
N ILE I 181 48.23 18.45 -50.57
CA ILE I 181 48.44 19.63 -49.76
C ILE I 181 47.16 19.88 -49.00
N GLN I 182 47.24 19.86 -47.68
CA GLN I 182 46.08 20.12 -46.84
C GLN I 182 46.48 21.02 -45.69
N ASN I 183 45.61 21.95 -45.33
CA ASN I 183 45.92 22.96 -44.35
C ASN I 183 44.78 23.08 -43.34
N HIS I 184 45.13 22.87 -42.08
CA HIS I 184 44.31 23.27 -40.95
C HIS I 184 45.07 24.27 -40.13
N GLY I 185 44.66 24.53 -38.89
CA GLY I 185 45.41 25.45 -38.02
C GLY I 185 46.64 24.85 -37.31
N LEU I 186 47.56 24.28 -38.10
CA LEU I 186 48.67 23.50 -37.55
C LEU I 186 50.02 23.98 -38.05
N PRO I 187 50.97 24.21 -37.13
CA PRO I 187 52.30 24.71 -37.50
C PRO I 187 53.17 23.69 -38.24
N GLU I 188 52.86 22.41 -38.07
CA GLU I 188 53.62 21.35 -38.74
C GLU I 188 53.34 21.33 -40.24
N GLN I 189 52.12 21.72 -40.62
CA GLN I 189 51.74 21.75 -42.04
C GLN I 189 52.44 22.86 -42.84
N LYS I 190 52.76 23.97 -42.16
CA LYS I 190 53.51 25.06 -42.81
C LYS I 190 54.92 24.65 -43.22
N LYS I 191 55.62 23.91 -42.37
CA LYS I 191 56.94 23.40 -42.72
C LYS I 191 56.88 22.32 -43.78
N VAL I 192 55.89 21.44 -43.68
CA VAL I 192 55.72 20.36 -44.66
C VAL I 192 55.28 20.91 -46.03
N ASN I 193 54.13 21.60 -46.07
CA ASN I 193 53.63 22.16 -47.33
C ASN I 193 54.62 23.05 -48.08
N GLN I 194 55.51 23.73 -47.33
CA GLN I 194 56.61 24.52 -47.89
C GLN I 194 57.62 23.66 -48.61
N VAL I 195 58.06 22.59 -47.94
CA VAL I 195 59.06 21.66 -48.50
C VAL I 195 58.44 20.79 -49.59
N LEU I 196 57.14 20.52 -49.47
CA LEU I 196 56.38 19.78 -50.51
C LEU I 196 56.17 20.65 -51.75
N LYS I 197 56.05 21.94 -51.54
CA LYS I 197 55.93 22.86 -52.67
C LYS I 197 57.22 22.92 -53.54
N GLU I 198 58.37 22.77 -52.90
CA GLU I 198 59.64 22.70 -53.60
C GLU I 198 59.74 21.39 -54.37
N PHE I 199 59.46 20.27 -53.69
CA PHE I 199 59.48 18.93 -54.31
C PHE I 199 58.46 18.92 -55.46
N ALA I 200 57.28 19.47 -55.22
CA ALA I 200 56.24 19.53 -56.24
C ALA I 200 56.77 20.22 -57.47
N ARG I 201 57.50 21.32 -57.26
CA ARG I 201 58.04 22.14 -58.35
C ARG I 201 59.30 21.55 -59.00
N LYS I 202 60.09 20.78 -58.25
CA LYS I 202 61.35 20.24 -58.76
C LYS I 202 61.20 19.10 -59.78
N TYR I 203 60.18 18.26 -59.60
CA TYR I 203 60.06 17.00 -60.34
C TYR I 203 58.94 16.92 -61.37
N GLY I 204 58.36 18.07 -61.69
CA GLY I 204 57.29 18.17 -62.69
C GLY I 204 56.03 17.43 -62.34
N LEU I 205 55.68 17.41 -61.05
CA LEU I 205 54.63 16.51 -60.57
C LEU I 205 53.23 17.15 -60.63
N GLY I 206 52.88 17.98 -59.68
CA GLY I 206 51.51 18.51 -59.62
C GLY I 206 51.04 18.55 -58.18
N MET I 207 50.10 19.42 -57.88
CA MET I 207 49.62 19.61 -56.51
C MET I 207 48.10 19.52 -56.43
N VAL I 208 47.61 18.77 -55.45
CA VAL I 208 46.18 18.52 -55.28
C VAL I 208 45.71 18.87 -53.87
N ALA I 209 44.62 19.63 -53.81
CA ALA I 209 44.10 20.12 -52.52
C ALA I 209 43.11 19.15 -51.87
N THR I 210 43.36 18.86 -50.59
CA THR I 210 42.43 18.03 -49.80
C THR I 210 42.29 18.59 -48.38
N ASN I 211 41.40 17.98 -47.60
CA ASN I 211 41.14 18.37 -46.21
C ASN I 211 41.10 17.25 -45.18
N ASP I 212 41.05 16.00 -45.65
CA ASP I 212 41.07 14.80 -44.77
C ASP I 212 39.89 14.77 -43.82
N GLY I 213 38.71 15.04 -44.37
CA GLY I 213 37.52 15.18 -43.54
C GLY I 213 37.13 13.86 -42.92
N HIS I 214 36.82 13.89 -41.63
CA HIS I 214 36.28 12.73 -40.91
C HIS I 214 34.80 12.88 -40.55
N TYR I 215 34.25 14.09 -40.72
CA TYR I 215 32.82 14.35 -40.50
C TYR I 215 32.27 15.34 -41.54
N VAL I 216 30.95 15.49 -41.59
CA VAL I 216 30.28 16.24 -42.67
C VAL I 216 30.46 17.75 -42.50
N ARG I 217 29.82 18.29 -41.48
CA ARG I 217 29.80 19.73 -41.24
C ARG I 217 30.63 20.12 -40.03
N LYS I 218 30.96 21.40 -39.95
CA LYS I 218 31.72 21.94 -38.84
C LYS I 218 31.06 21.70 -37.48
N GLU I 219 29.73 21.61 -37.46
CA GLU I 219 29.00 21.36 -36.22
C GLU I 219 29.17 19.92 -35.69
N ASP I 220 29.77 19.05 -36.49
CA ASP I 220 29.96 17.66 -36.09
C ASP I 220 31.25 17.42 -35.31
N ALA I 221 31.93 18.50 -34.95
CA ALA I 221 33.23 18.42 -34.25
C ALA I 221 33.11 17.60 -32.96
N ARG I 222 32.22 18.04 -32.08
CA ARG I 222 32.05 17.41 -30.77
C ARG I 222 31.42 16.02 -30.91
N ALA I 223 30.50 15.88 -31.85
CA ALA I 223 29.91 14.58 -32.15
C ALA I 223 31.03 13.59 -32.49
N HIS I 224 31.97 14.03 -33.32
CA HIS I 224 33.12 13.21 -33.66
C HIS I 224 34.07 13.06 -32.50
N GLU I 225 34.19 14.12 -31.69
CA GLU I 225 35.09 14.11 -30.53
C GLU I 225 34.65 13.08 -29.50
N VAL I 226 33.35 13.02 -29.26
CA VAL I 226 32.76 12.03 -28.33
C VAL I 226 32.79 10.60 -28.92
N LEU I 227 32.87 10.49 -30.24
CA LEU I 227 33.02 9.19 -30.88
C LEU I 227 34.36 8.60 -30.56
N LEU I 228 35.40 9.42 -30.60
CA LEU I 228 36.74 8.97 -30.22
C LEU I 228 36.82 8.53 -28.77
N ALA I 229 36.02 9.14 -27.90
CA ALA I 229 35.93 8.77 -26.48
C ALA I 229 35.27 7.41 -26.29
N ILE I 230 34.41 7.01 -27.24
CA ILE I 230 33.69 5.73 -27.12
C ILE I 230 34.64 4.55 -27.38
N GLN I 231 35.58 4.71 -28.31
CA GLN I 231 36.61 3.68 -28.57
C GLN I 231 37.80 3.80 -27.63
N SER I 232 38.07 5.01 -27.19
CA SER I 232 39.10 5.24 -26.19
C SER I 232 38.57 4.88 -24.79
N LYS I 233 37.25 4.97 -24.59
CA LYS I 233 36.59 4.73 -23.28
C LYS I 233 37.08 5.61 -22.12
N THR I 234 36.79 6.92 -22.23
CA THR I 234 37.19 7.93 -21.25
C THR I 234 36.09 8.99 -21.11
N THR I 235 36.23 9.84 -20.09
CA THR I 235 35.28 10.93 -19.83
C THR I 235 35.43 12.00 -20.91
N LEU I 236 34.53 12.98 -20.88
CA LEU I 236 34.66 14.16 -21.74
C LEU I 236 35.88 15.00 -21.35
N ASP I 237 36.33 14.86 -20.11
CA ASP I 237 37.59 15.47 -19.67
C ASP I 237 38.29 14.46 -18.78
N ASP I 238 39.32 13.81 -19.33
CA ASP I 238 40.06 12.75 -18.64
C ASP I 238 41.26 13.26 -17.80
N PRO I 239 42.30 13.87 -18.43
CA PRO I 239 42.64 14.04 -19.84
C PRO I 239 43.56 12.92 -20.31
N GLU I 240 44.14 13.09 -21.50
CA GLU I 240 44.92 12.05 -22.20
C GLU I 240 44.01 11.21 -23.10
N ARG I 241 42.73 11.62 -23.20
CA ARG I 241 41.77 10.97 -24.10
C ARG I 241 42.05 11.29 -25.56
N TRP I 242 41.71 10.35 -26.44
CA TRP I 242 42.00 10.50 -27.88
C TRP I 242 41.27 11.66 -28.49
N ARG I 243 42.02 12.67 -28.93
CA ARG I 243 41.48 13.90 -29.50
C ARG I 243 42.10 14.17 -30.86
N PHE I 244 41.46 15.03 -31.63
CA PHE I 244 41.99 15.55 -32.90
C PHE I 244 42.55 16.93 -32.66
N PRO I 245 43.55 17.35 -33.44
CA PRO I 245 44.28 18.59 -33.15
C PRO I 245 43.44 19.85 -33.30
N CYS I 246 42.39 19.80 -34.11
CA CYS I 246 41.51 20.95 -34.28
C CYS I 246 40.15 20.50 -34.83
N ASP I 247 39.22 21.44 -34.97
CA ASP I 247 37.88 21.15 -35.49
C ASP I 247 37.76 21.57 -36.94
N GLU I 248 38.76 21.23 -37.77
CA GLU I 248 38.80 21.64 -39.19
C GLU I 248 38.67 20.45 -40.18
N PHE I 249 38.43 19.27 -39.65
CA PHE I 249 38.36 18.07 -40.47
C PHE I 249 36.91 17.83 -40.88
N TYR I 250 36.37 18.71 -41.74
CA TYR I 250 35.01 18.53 -42.26
C TYR I 250 34.93 18.91 -43.71
N VAL I 251 33.87 18.46 -44.37
CA VAL I 251 33.68 18.71 -45.81
C VAL I 251 33.45 20.20 -46.04
N LYS I 252 34.56 20.91 -46.31
CA LYS I 252 34.56 22.36 -46.49
C LYS I 252 34.12 22.82 -47.88
N THR I 253 33.35 23.90 -47.90
CA THR I 253 32.96 24.59 -49.13
C THR I 253 34.21 25.19 -49.76
N PRO I 254 34.28 25.22 -51.10
CA PRO I 254 35.43 25.79 -51.78
C PRO I 254 35.94 27.07 -51.13
N GLU I 255 35.02 27.96 -50.76
CA GLU I 255 35.34 29.20 -50.05
C GLU I 255 36.22 28.95 -48.82
N GLU I 256 35.85 27.96 -48.02
CA GLU I 256 36.51 27.68 -46.74
C GLU I 256 37.93 27.12 -46.90
N MET I 257 38.18 26.48 -48.04
CA MET I 257 39.47 25.88 -48.35
C MET I 257 40.51 26.95 -48.60
N ARG I 258 40.10 28.03 -49.26
CA ARG I 258 40.99 29.14 -49.62
C ARG I 258 41.31 30.07 -48.46
N ALA I 259 40.51 30.02 -47.41
CA ALA I 259 40.87 30.64 -46.15
C ALA I 259 42.14 29.97 -45.58
N MET I 260 42.31 28.67 -45.84
CA MET I 260 43.47 27.89 -45.41
C MET I 260 44.59 27.90 -46.48
N LEU I 261 44.18 28.02 -47.74
CA LEU I 261 45.10 28.06 -48.87
C LEU I 261 44.87 29.34 -49.70
N PRO I 262 45.49 30.45 -49.28
CA PRO I 262 45.44 31.71 -50.04
C PRO I 262 45.86 31.63 -51.53
N GLU I 263 45.36 32.56 -52.34
CA GLU I 263 45.54 32.56 -53.79
C GLU I 263 46.90 33.09 -54.23
N ALA I 264 47.34 34.16 -53.56
CA ALA I 264 48.64 34.80 -53.82
C ALA I 264 49.82 33.90 -53.47
N GLU I 265 49.58 32.91 -52.61
CA GLU I 265 50.63 31.99 -52.16
C GLU I 265 50.55 30.63 -52.83
N TRP I 266 49.35 30.22 -53.25
CA TRP I 266 49.18 28.89 -53.86
C TRP I 266 48.76 28.93 -55.29
N GLY I 267 47.71 29.68 -55.59
CA GLY I 267 47.22 29.80 -56.95
C GLY I 267 46.07 28.86 -57.21
N ASP I 268 45.70 28.68 -58.47
CA ASP I 268 44.53 27.89 -58.84
C ASP I 268 44.82 26.39 -59.04
N GLU I 269 46.09 26.01 -58.96
CA GLU I 269 46.49 24.66 -59.36
C GLU I 269 45.99 23.57 -58.44
N PRO I 270 46.07 23.77 -57.12
CA PRO I 270 45.50 22.77 -56.22
C PRO I 270 43.98 22.54 -56.40
N PHE I 271 43.27 23.57 -56.84
CA PHE I 271 41.82 23.53 -56.98
C PHE I 271 41.41 23.01 -58.35
N ASP I 272 42.12 23.44 -59.38
CA ASP I 272 41.83 22.99 -60.76
C ASP I 272 42.20 21.52 -60.98
N ASN I 273 43.30 21.08 -60.37
CA ASN I 273 43.70 19.67 -60.44
C ASN I 273 42.67 18.75 -59.80
N THR I 274 42.07 19.24 -58.72
CA THR I 274 41.07 18.50 -57.98
C THR I 274 39.89 18.10 -58.87
N VAL I 275 39.40 19.06 -59.63
CA VAL I 275 38.28 18.81 -60.53
C VAL I 275 38.72 17.92 -61.71
N GLU I 276 39.92 18.15 -62.22
CA GLU I 276 40.44 17.41 -63.38
C GLU I 276 40.73 15.95 -63.08
N ILE I 277 41.27 15.67 -61.89
CA ILE I 277 41.47 14.28 -61.46
C ILE I 277 40.14 13.56 -61.24
N ALA I 278 39.19 14.24 -60.60
CA ALA I 278 37.83 13.70 -60.37
C ALA I 278 37.11 13.39 -61.67
N ARG I 279 37.39 14.16 -62.72
CA ARG I 279 36.82 13.94 -64.05
C ARG I 279 37.32 12.63 -64.66
N MET I 280 38.60 12.35 -64.49
CA MET I 280 39.23 11.21 -65.15
C MET I 280 39.37 9.98 -64.25
N CYS I 281 38.41 9.80 -63.33
CA CYS I 281 38.29 8.58 -62.54
C CYS I 281 37.05 7.80 -62.96
N ASP I 282 37.13 7.14 -64.11
CA ASP I 282 35.99 6.40 -64.64
C ASP I 282 35.98 4.95 -64.13
N VAL I 283 35.28 4.72 -63.02
CA VAL I 283 35.19 3.38 -62.43
C VAL I 283 33.75 2.90 -62.28
N ASP I 284 33.34 1.97 -63.14
CA ASP I 284 31.99 1.44 -63.13
C ASP I 284 32.06 0.01 -62.61
N LEU I 285 31.32 -0.25 -61.54
CA LEU I 285 31.19 -1.60 -61.00
C LEU I 285 30.04 -2.33 -61.70
N PRO I 286 30.12 -3.66 -61.81
CA PRO I 286 28.98 -4.44 -62.32
C PRO I 286 27.77 -4.41 -61.41
N ILE I 287 26.89 -3.42 -61.56
CA ILE I 287 25.73 -3.30 -60.69
C ILE I 287 24.54 -2.89 -61.51
N GLY I 288 23.39 -3.52 -61.26
CA GLY I 288 22.12 -3.09 -61.85
C GLY I 288 21.98 -3.44 -63.32
N ASP I 289 22.16 -2.44 -64.17
CA ASP I 289 22.05 -2.63 -65.61
C ASP I 289 23.11 -3.61 -66.11
N LYS I 290 24.25 -3.61 -65.42
CA LYS I 290 25.33 -4.59 -65.63
C LYS I 290 24.94 -5.88 -64.90
N MET I 291 25.69 -6.28 -63.87
CA MET I 291 25.25 -7.32 -62.94
C MET I 291 24.96 -8.62 -63.65
N VAL I 292 25.73 -8.92 -64.69
CA VAL I 292 25.53 -10.19 -65.37
C VAL I 292 25.84 -11.28 -64.34
N TYR I 293 24.97 -12.26 -64.21
CA TYR I 293 25.13 -13.28 -63.20
C TYR I 293 26.38 -14.13 -63.46
N ARG I 294 27.32 -14.06 -62.51
CA ARG I 294 28.54 -14.87 -62.51
C ARG I 294 28.32 -16.19 -61.77
N ILE I 295 28.08 -17.27 -62.53
CA ILE I 295 27.79 -18.60 -61.96
C ILE I 295 29.04 -19.46 -61.91
N PRO I 296 29.30 -20.10 -60.77
CA PRO I 296 30.49 -20.93 -60.63
C PRO I 296 30.37 -22.18 -61.44
N ARG I 297 31.47 -22.92 -61.50
CA ARG I 297 31.59 -24.11 -62.35
C ARG I 297 31.55 -25.38 -61.53
N PHE I 298 30.96 -26.42 -62.11
CA PHE I 298 30.80 -27.71 -61.47
C PHE I 298 31.37 -28.80 -62.39
N PRO I 299 32.50 -29.43 -61.99
CA PRO I 299 33.13 -30.43 -62.86
C PRO I 299 32.83 -31.86 -62.46
N LEU I 300 31.98 -32.53 -63.24
CA LEU I 300 31.88 -34.00 -63.19
C LEU I 300 32.02 -34.73 -64.56
N PRO I 301 32.28 -34.01 -65.65
CA PRO I 301 32.34 -34.77 -66.92
C PRO I 301 33.62 -35.58 -67.08
N GLU I 302 33.59 -36.80 -67.66
CA GLU I 302 32.42 -37.59 -68.09
C GLU I 302 31.57 -36.96 -69.19
N GLY I 303 31.52 -37.61 -70.35
CA GLY I 303 30.85 -37.05 -71.54
C GLY I 303 29.38 -36.69 -71.34
N ARG I 304 29.13 -35.59 -70.63
CA ARG I 304 27.77 -35.17 -70.30
C ARG I 304 27.68 -33.65 -70.16
N THR I 305 26.55 -33.11 -70.61
CA THR I 305 26.29 -31.70 -70.50
C THR I 305 25.91 -31.34 -69.07
N GLU I 306 26.05 -30.08 -68.73
CA GLU I 306 25.65 -29.58 -67.42
C GLU I 306 24.16 -29.77 -67.19
N ALA I 307 23.36 -29.53 -68.23
CA ALA I 307 21.89 -29.64 -68.13
C ALA I 307 21.45 -31.09 -68.19
N GLN I 308 22.24 -31.91 -68.87
CA GLN I 308 21.96 -33.33 -69.06
C GLN I 308 22.17 -34.11 -67.78
N TYR I 309 23.15 -33.72 -66.98
CA TYR I 309 23.45 -34.41 -65.72
C TYR I 309 22.40 -34.09 -64.65
N LEU I 310 21.81 -32.90 -64.74
CA LEU I 310 20.71 -32.52 -63.87
C LEU I 310 19.50 -33.40 -64.17
N ARG I 311 19.28 -33.70 -65.45
CA ARG I 311 18.20 -34.59 -65.88
C ARG I 311 18.38 -36.02 -65.37
N GLU I 312 19.60 -36.54 -65.46
CA GLU I 312 19.93 -37.84 -64.90
C GLU I 312 19.54 -37.95 -63.43
N LEU I 313 20.04 -37.02 -62.61
CA LEU I 313 19.80 -37.03 -61.17
C LEU I 313 18.32 -36.88 -60.83
N THR I 314 17.57 -36.15 -61.65
CA THR I 314 16.14 -35.99 -61.43
C THR I 314 15.41 -37.29 -61.69
N PHE I 315 15.75 -37.98 -62.78
CA PHE I 315 15.08 -39.24 -63.16
C PHE I 315 15.47 -40.39 -62.25
N LEU I 316 16.71 -40.41 -61.76
CA LEU I 316 17.13 -41.39 -60.73
C LEU I 316 16.46 -41.14 -59.36
N GLY I 317 16.17 -39.88 -59.06
CA GLY I 317 15.50 -39.53 -57.83
C GLY I 317 14.03 -39.88 -57.83
N LEU I 318 13.37 -39.80 -58.98
CA LEU I 318 11.94 -40.07 -59.06
C LEU I 318 11.61 -41.54 -58.74
N LEU I 319 12.46 -42.44 -59.20
CA LEU I 319 12.32 -43.84 -58.87
C LEU I 319 12.46 -44.06 -57.36
N ARG I 320 13.40 -43.31 -56.79
CA ARG I 320 13.81 -43.47 -55.40
C ARG I 320 12.74 -42.92 -54.44
N ARG I 321 12.00 -41.90 -54.88
CA ARG I 321 11.02 -41.21 -54.02
C ARG I 321 9.57 -41.50 -54.34
N TYR I 322 9.31 -42.06 -55.51
CA TYR I 322 7.98 -42.60 -55.84
C TYR I 322 8.11 -44.06 -56.29
N PRO I 323 8.27 -44.99 -55.34
CA PRO I 323 8.61 -46.36 -55.69
C PRO I 323 7.42 -47.16 -56.20
N ASP I 324 6.21 -46.80 -55.76
CA ASP I 324 4.99 -47.55 -56.09
C ASP I 324 4.44 -47.22 -57.48
N ARG I 325 5.05 -46.24 -58.15
CA ARG I 325 4.51 -45.75 -59.43
C ARG I 325 5.59 -45.44 -60.50
N ILE I 326 6.62 -44.69 -60.13
CA ILE I 326 7.78 -44.48 -61.02
C ILE I 326 8.75 -45.65 -60.92
N THR I 327 8.63 -46.59 -61.86
CA THR I 327 9.36 -47.85 -61.84
C THR I 327 10.18 -48.07 -63.13
N GLU I 328 10.94 -49.15 -63.19
CA GLU I 328 11.72 -49.48 -64.38
C GLU I 328 10.80 -49.73 -65.58
N ALA I 329 9.68 -50.41 -65.34
CA ALA I 329 8.70 -50.68 -66.39
C ALA I 329 8.12 -49.41 -67.00
N PHE I 330 7.96 -48.38 -66.18
CA PHE I 330 7.38 -47.14 -66.66
C PHE I 330 8.36 -46.35 -67.53
N TYR I 331 9.64 -46.31 -67.14
CA TYR I 331 10.65 -45.58 -67.91
C TYR I 331 10.96 -46.24 -69.26
N ARG I 332 10.87 -47.58 -69.29
CA ARG I 332 11.06 -48.30 -70.54
C ARG I 332 9.97 -47.93 -71.52
N GLU I 333 8.73 -47.79 -71.04
CA GLU I 333 7.58 -47.39 -71.88
C GLU I 333 7.79 -46.02 -72.52
N VAL I 334 8.36 -45.10 -71.75
CA VAL I 334 8.59 -43.72 -72.22
C VAL I 334 9.71 -43.66 -73.27
N LEU I 335 10.80 -44.35 -72.98
CA LEU I 335 11.89 -44.51 -73.96
C LEU I 335 11.40 -45.27 -75.21
N ARG I 336 10.68 -46.36 -74.98
CA ARG I 336 10.13 -47.17 -76.07
C ARG I 336 9.07 -46.41 -76.88
N LEU I 337 8.37 -45.48 -76.25
CA LEU I 337 7.44 -44.60 -76.96
C LEU I 337 8.17 -43.61 -77.88
N LEU I 338 9.45 -43.38 -77.60
CA LEU I 338 10.36 -42.68 -78.51
C LEU I 338 11.33 -43.69 -79.14
N ASP I 346 19.62 -52.68 -66.22
CA ASP I 346 20.12 -51.76 -65.21
C ASP I 346 19.24 -50.49 -65.16
N GLU I 347 18.85 -50.09 -63.95
CA GLU I 347 17.98 -48.93 -63.75
C GLU I 347 18.68 -47.61 -64.06
N ARG I 348 19.99 -47.55 -63.86
CA ARG I 348 20.76 -46.32 -64.16
C ARG I 348 20.90 -46.05 -65.69
N ALA I 349 20.83 -47.13 -66.47
CA ALA I 349 20.93 -47.05 -67.92
C ALA I 349 19.72 -46.33 -68.50
N LEU I 350 18.57 -46.46 -67.83
CA LEU I 350 17.33 -45.84 -68.29
C LEU I 350 17.38 -44.33 -68.07
N ALA I 351 17.74 -43.93 -66.85
CA ALA I 351 17.91 -42.51 -66.50
C ALA I 351 18.94 -41.81 -67.40
N GLU I 352 20.07 -42.49 -67.63
CA GLU I 352 21.13 -41.99 -68.48
C GLU I 352 20.62 -41.72 -69.89
N ALA I 353 19.79 -42.64 -70.39
CA ALA I 353 19.19 -42.52 -71.73
C ALA I 353 18.16 -41.41 -71.78
N LEU I 354 17.37 -41.28 -70.70
CA LEU I 354 16.32 -40.27 -70.64
C LEU I 354 16.91 -38.86 -70.64
N ALA I 355 18.11 -38.72 -70.12
CA ALA I 355 18.80 -37.43 -70.07
C ALA I 355 19.16 -36.93 -71.46
N ARG I 356 19.34 -37.86 -72.39
CA ARG I 356 19.75 -37.52 -73.75
C ARG I 356 18.58 -37.00 -74.59
N VAL I 357 17.36 -37.26 -74.14
CA VAL I 357 16.17 -36.86 -74.91
C VAL I 357 16.03 -35.34 -74.97
N GLU I 358 15.83 -34.82 -76.18
CA GLU I 358 15.75 -33.38 -76.42
C GLU I 358 14.34 -32.82 -76.22
N GLU I 359 14.26 -31.49 -76.09
CA GLU I 359 13.01 -30.82 -75.75
C GLU I 359 11.99 -30.86 -76.89
N LYS I 360 12.48 -31.04 -78.12
CA LYS I 360 11.59 -31.21 -79.29
C LYS I 360 10.87 -32.57 -79.28
N ALA I 361 11.53 -33.59 -78.77
CA ALA I 361 10.93 -34.90 -78.61
C ALA I 361 9.89 -34.91 -77.48
N TRP I 362 10.15 -34.21 -76.38
CA TRP I 362 9.29 -34.30 -75.20
C TRP I 362 7.91 -33.75 -75.46
N GLU I 363 7.81 -32.73 -76.30
CA GLU I 363 6.51 -32.12 -76.58
C GLU I 363 5.67 -33.04 -77.45
N GLU I 364 6.28 -34.10 -77.96
CA GLU I 364 5.54 -35.21 -78.58
C GLU I 364 5.25 -36.30 -77.55
N LEU I 365 5.20 -35.91 -76.27
CA LEU I 365 4.71 -36.77 -75.19
C LEU I 365 3.71 -36.02 -74.29
N ARG I 366 3.95 -34.73 -74.09
CA ARG I 366 3.01 -33.84 -73.37
C ARG I 366 1.62 -33.87 -74.02
N LYS I 367 1.56 -33.46 -75.29
CA LYS I 367 0.30 -33.31 -76.03
C LYS I 367 -0.37 -34.69 -76.25
N ARG I 368 -0.31 -35.54 -75.23
CA ARG I 368 -0.56 -36.96 -75.39
C ARG I 368 -0.94 -37.60 -74.05
N GLU I 377 -5.87 -36.31 -58.60
CA GLU I 377 -4.83 -37.31 -58.31
C GLU I 377 -3.55 -37.09 -59.16
N TRP I 378 -2.40 -37.47 -58.59
CA TRP I 378 -1.11 -37.36 -59.27
C TRP I 378 -0.66 -38.63 -59.94
N THR I 379 -1.11 -38.82 -61.19
CA THR I 379 -0.76 -40.01 -61.97
C THR I 379 0.74 -40.09 -62.27
N ALA I 380 1.21 -41.23 -62.78
CA ALA I 380 2.63 -41.39 -63.14
C ALA I 380 3.04 -40.52 -64.31
N GLU I 381 2.12 -40.24 -65.24
CA GLU I 381 2.41 -39.35 -66.37
C GLU I 381 2.55 -37.90 -65.88
N ALA I 382 1.78 -37.55 -64.87
CA ALA I 382 1.79 -36.21 -64.27
C ALA I 382 3.12 -35.89 -63.63
N ILE I 383 3.71 -36.90 -63.00
CA ILE I 383 4.96 -36.72 -62.30
C ILE I 383 6.04 -36.38 -63.34
N LEU I 384 6.01 -37.09 -64.47
CA LEU I 384 7.01 -36.83 -65.53
C LEU I 384 6.89 -35.42 -66.04
N HIS I 385 5.67 -35.03 -66.41
CA HIS I 385 5.40 -33.71 -66.97
C HIS I 385 5.68 -32.62 -65.97
N ARG I 386 5.53 -32.92 -64.69
CA ARG I 386 5.89 -31.96 -63.65
C ARG I 386 7.39 -31.73 -63.71
N ALA I 387 8.14 -32.81 -63.59
CA ALA I 387 9.60 -32.71 -63.55
C ALA I 387 10.18 -32.26 -64.90
N LEU I 388 9.54 -32.66 -65.99
CA LEU I 388 10.00 -32.32 -67.34
C LEU I 388 9.81 -30.83 -67.66
N TYR I 389 8.71 -30.26 -67.16
CA TYR I 389 8.44 -28.82 -67.28
C TYR I 389 9.42 -28.00 -66.47
N GLU I 390 9.71 -28.43 -65.25
CA GLU I 390 10.66 -27.74 -64.41
C GLU I 390 12.03 -27.68 -65.04
N LEU I 391 12.54 -28.83 -65.42
CA LEU I 391 13.87 -28.92 -66.01
C LEU I 391 14.00 -28.06 -67.26
N SER I 392 12.93 -27.97 -68.04
CA SER I 392 12.93 -27.18 -69.27
C SER I 392 13.10 -25.71 -68.93
N VAL I 393 12.40 -25.27 -67.87
CA VAL I 393 12.49 -23.89 -67.40
C VAL I 393 13.87 -23.63 -66.82
N ILE I 394 14.38 -24.58 -66.04
CA ILE I 394 15.71 -24.49 -65.44
C ILE I 394 16.80 -24.43 -66.49
N GLU I 395 16.67 -25.24 -67.55
CA GLU I 395 17.65 -25.27 -68.62
C GLU I 395 17.63 -23.98 -69.44
N ARG I 396 16.42 -23.51 -69.78
CA ARG I 396 16.29 -22.32 -70.61
C ARG I 396 16.80 -21.07 -69.93
N MET I 397 16.46 -20.93 -68.66
CA MET I 397 16.94 -19.81 -67.87
C MET I 397 18.47 -19.88 -67.60
N GLY I 398 19.00 -21.09 -67.66
CA GLY I 398 20.43 -21.31 -67.56
C GLY I 398 20.89 -21.53 -66.14
N PHE I 399 20.16 -22.35 -65.38
CA PHE I 399 20.51 -22.61 -63.97
C PHE I 399 20.82 -24.05 -63.64
N PRO I 400 21.11 -24.87 -64.66
CA PRO I 400 21.34 -26.26 -64.29
C PRO I 400 22.55 -26.43 -63.38
N GLY I 401 23.57 -25.59 -63.57
CA GLY I 401 24.77 -25.68 -62.76
C GLY I 401 24.49 -25.30 -61.32
N TYR I 402 23.51 -24.42 -61.15
CA TYR I 402 23.15 -23.96 -59.82
C TYR I 402 22.64 -25.06 -58.89
N PHE I 403 21.73 -25.89 -59.41
CA PHE I 403 21.21 -27.01 -58.67
C PHE I 403 22.27 -28.06 -58.40
N LEU I 404 23.06 -28.40 -59.42
CA LEU I 404 24.18 -29.36 -59.26
C LEU I 404 25.19 -28.95 -58.16
N ILE I 405 25.46 -27.65 -58.04
CA ILE I 405 26.33 -27.17 -56.97
C ILE I 405 25.66 -27.28 -55.61
N VAL I 406 24.35 -26.99 -55.58
CA VAL I 406 23.58 -26.95 -54.32
C VAL I 406 23.37 -28.33 -53.77
N GLN I 407 22.99 -29.26 -54.64
CA GLN I 407 22.69 -30.60 -54.21
C GLN I 407 23.95 -31.38 -53.86
N ASP I 408 25.08 -30.96 -54.39
CA ASP I 408 26.32 -31.64 -54.10
C ASP I 408 26.64 -31.67 -52.61
N TYR I 409 26.74 -30.50 -52.01
CA TYR I 409 27.15 -30.42 -50.62
C TYR I 409 26.04 -30.88 -49.69
N ILE I 410 24.81 -30.81 -50.17
CA ILE I 410 23.68 -31.35 -49.41
C ILE I 410 23.78 -32.88 -49.32
N ASN I 411 23.98 -33.51 -50.47
CA ASN I 411 24.21 -34.96 -50.55
C ASN I 411 25.45 -35.38 -49.79
N TRP I 412 26.46 -34.52 -49.80
CA TRP I 412 27.68 -34.72 -49.01
C TRP I 412 27.36 -34.72 -47.55
N ALA I 413 26.51 -33.76 -47.14
CA ALA I 413 26.16 -33.61 -45.73
C ALA I 413 25.48 -34.88 -45.19
N ARG I 414 24.54 -35.40 -45.97
CA ARG I 414 23.85 -36.62 -45.61
C ARG I 414 24.84 -37.81 -45.50
N GLY I 415 25.76 -37.92 -46.45
CA GLY I 415 26.74 -39.02 -46.49
C GLY I 415 28.00 -38.86 -45.64
N HIS I 416 28.01 -37.81 -44.80
CA HIS I 416 29.10 -37.56 -43.84
C HIS I 416 28.58 -37.05 -42.51
N GLY I 417 27.44 -37.59 -42.07
CA GLY I 417 26.91 -37.39 -40.71
C GLY I 417 26.57 -35.94 -40.38
N VAL I 418 26.04 -35.21 -41.36
CA VAL I 418 25.59 -33.84 -41.13
C VAL I 418 24.11 -33.73 -41.46
N SER I 419 23.28 -33.59 -40.43
CA SER I 419 21.82 -33.55 -40.59
C SER I 419 21.40 -32.38 -41.49
N VAL I 420 20.44 -32.66 -42.37
CA VAL I 420 19.92 -31.68 -43.34
C VAL I 420 18.43 -31.49 -43.16
N GLY I 421 18.01 -30.24 -43.05
CA GLY I 421 16.58 -29.90 -42.92
C GLY I 421 15.79 -30.16 -44.20
N PRO I 422 14.46 -30.35 -44.08
CA PRO I 422 13.66 -30.68 -45.24
C PRO I 422 13.55 -29.53 -46.22
N GLY I 423 13.83 -28.31 -45.76
CA GLY I 423 13.86 -27.17 -46.67
C GLY I 423 13.27 -25.91 -46.05
N ARG I 424 13.62 -24.77 -46.66
CA ARG I 424 13.01 -23.49 -46.27
C ARG I 424 12.83 -22.57 -47.47
N GLY I 425 12.00 -21.54 -47.28
CA GLY I 425 11.65 -20.61 -48.35
C GLY I 425 10.85 -21.33 -49.42
N SER I 426 10.96 -20.82 -50.65
CA SER I 426 10.22 -21.37 -51.78
C SER I 426 10.82 -22.67 -52.34
N ALA I 427 12.03 -23.00 -51.88
CA ALA I 427 12.83 -24.07 -52.47
C ALA I 427 12.15 -25.42 -52.43
N ALA I 428 11.29 -25.64 -51.45
CA ALA I 428 10.64 -26.95 -51.28
C ALA I 428 9.65 -27.26 -52.39
N GLY I 429 9.11 -26.22 -53.02
CA GLY I 429 8.06 -26.39 -54.01
C GLY I 429 8.52 -26.97 -55.34
N SER I 430 9.82 -26.94 -55.60
CA SER I 430 10.38 -27.56 -56.81
C SER I 430 10.52 -29.07 -56.66
N LEU I 431 9.82 -29.80 -57.55
CA LEU I 431 9.92 -31.26 -57.63
C LEU I 431 11.33 -31.72 -58.02
N VAL I 432 11.99 -30.93 -58.86
CA VAL I 432 13.36 -31.24 -59.25
C VAL I 432 14.27 -31.18 -58.01
N ALA I 433 14.01 -30.22 -57.15
CA ALA I 433 14.85 -30.03 -55.98
C ALA I 433 14.59 -31.18 -55.05
N TYR I 434 13.34 -31.63 -55.01
CA TYR I 434 12.95 -32.79 -54.19
C TYR I 434 13.58 -34.05 -54.74
N ALA I 435 13.47 -34.24 -56.05
CA ALA I 435 13.97 -35.42 -56.70
C ALA I 435 15.44 -35.61 -56.45
N VAL I 436 16.22 -34.58 -56.79
CA VAL I 436 17.69 -34.65 -56.74
C VAL I 436 18.25 -34.68 -55.32
N GLY I 437 17.58 -34.02 -54.40
CA GLY I 437 17.89 -34.16 -52.97
C GLY I 437 18.24 -32.88 -52.23
N ILE I 438 17.77 -31.74 -52.75
CA ILE I 438 17.96 -30.45 -52.13
C ILE I 438 16.93 -30.27 -51.02
N THR I 439 15.67 -30.53 -51.34
CA THR I 439 14.61 -30.49 -50.36
C THR I 439 14.13 -31.93 -50.09
N ASN I 440 13.50 -32.14 -48.93
CA ASN I 440 13.06 -33.46 -48.53
C ASN I 440 11.62 -33.46 -47.99
N ILE I 441 10.72 -32.88 -48.77
CA ILE I 441 9.30 -32.95 -48.49
C ILE I 441 8.58 -33.05 -49.86
N ASP I 442 7.57 -33.93 -49.94
CA ASP I 442 6.85 -34.21 -51.19
C ASP I 442 6.03 -32.99 -51.65
N PRO I 443 6.45 -32.33 -52.75
CA PRO I 443 5.82 -31.05 -53.15
C PRO I 443 4.49 -31.22 -53.90
N LEU I 444 4.18 -32.43 -54.29
CA LEU I 444 2.96 -32.70 -55.03
C LEU I 444 1.93 -33.34 -54.09
N ARG I 445 2.39 -33.93 -52.99
CA ARG I 445 1.51 -34.39 -51.94
C ARG I 445 0.82 -33.17 -51.33
N PHE I 446 1.63 -32.24 -50.84
CA PHE I 446 1.14 -30.94 -50.35
C PHE I 446 1.06 -30.00 -51.54
N GLY I 447 0.27 -28.93 -51.39
CA GLY I 447 0.04 -27.98 -52.49
C GLY I 447 1.15 -26.96 -52.66
N LEU I 448 2.32 -27.44 -53.11
CA LEU I 448 3.50 -26.61 -53.26
C LEU I 448 3.78 -26.38 -54.74
N LEU I 449 4.24 -25.18 -55.09
CA LEU I 449 4.33 -24.80 -56.49
C LEU I 449 5.76 -24.43 -56.90
N PHE I 450 6.14 -24.84 -58.10
CA PHE I 450 7.45 -24.53 -58.66
C PHE I 450 7.48 -23.09 -59.15
N GLU I 451 6.32 -22.56 -59.57
CA GLU I 451 6.25 -21.18 -60.06
C GLU I 451 6.47 -20.14 -58.95
N ARG I 452 6.20 -20.54 -57.71
CA ARG I 452 6.55 -19.72 -56.55
C ARG I 452 8.07 -19.64 -56.36
N PHE I 453 8.76 -20.76 -56.60
CA PHE I 453 10.23 -20.84 -56.53
C PHE I 453 10.90 -20.12 -57.72
N LEU I 454 10.68 -20.63 -58.92
CA LEU I 454 11.22 -20.03 -60.14
C LEU I 454 10.06 -19.62 -61.04
N ASN I 455 9.81 -18.32 -61.10
CA ASN I 455 8.88 -17.77 -62.07
C ASN I 455 9.46 -17.95 -63.48
N PRO I 456 8.76 -18.71 -64.34
CA PRO I 456 9.28 -18.98 -65.67
C PRO I 456 9.24 -17.78 -66.64
N GLU I 457 8.47 -16.75 -66.28
CA GLU I 457 8.33 -15.54 -67.08
C GLU I 457 9.18 -14.39 -66.52
N ARG I 458 10.30 -14.72 -65.88
CA ARG I 458 11.23 -13.70 -65.39
C ARG I 458 12.63 -14.25 -64.98
N VAL I 459 13.63 -13.95 -65.80
CA VAL I 459 14.99 -14.45 -65.58
C VAL I 459 15.63 -13.81 -64.34
N SER I 460 15.46 -14.45 -63.19
CA SER I 460 16.10 -14.04 -61.92
C SER I 460 16.70 -15.25 -61.21
N MET I 461 17.82 -15.04 -60.52
CA MET I 461 18.51 -16.14 -59.85
C MET I 461 17.79 -16.56 -58.56
N PRO I 462 17.45 -17.86 -58.44
CA PRO I 462 16.74 -18.36 -57.27
C PRO I 462 17.67 -18.54 -56.08
N ASP I 463 17.18 -18.17 -54.89
CA ASP I 463 17.95 -18.24 -53.64
C ASP I 463 17.54 -19.45 -52.83
N ILE I 464 18.39 -20.48 -52.82
CA ILE I 464 18.10 -21.73 -52.10
C ILE I 464 18.82 -21.73 -50.77
N ASP I 465 18.05 -21.54 -49.70
CA ASP I 465 18.61 -21.53 -48.37
C ASP I 465 18.48 -22.94 -47.84
N THR I 466 19.43 -23.35 -47.02
CA THR I 466 19.48 -24.71 -46.47
C THR I 466 19.74 -24.66 -44.97
N ASP I 467 19.10 -25.57 -44.22
CA ASP I 467 19.28 -25.69 -42.77
C ASP I 467 20.14 -26.92 -42.52
N PHE I 468 21.05 -26.81 -41.55
CA PHE I 468 21.93 -27.91 -41.16
C PHE I 468 22.05 -28.00 -39.65
N SER I 469 22.72 -29.03 -39.17
CA SER I 469 22.95 -29.15 -37.75
C SER I 469 23.92 -28.04 -37.36
N ASP I 470 23.58 -27.30 -36.30
CA ASP I 470 24.40 -26.17 -35.83
C ASP I 470 25.83 -26.58 -35.48
N ARG I 471 26.00 -27.81 -34.98
CA ARG I 471 27.32 -28.31 -34.66
C ARG I 471 28.12 -28.63 -35.92
N GLU I 472 27.47 -29.27 -36.89
CA GLU I 472 28.17 -29.75 -38.08
C GLU I 472 28.11 -28.76 -39.25
N ARG I 473 27.64 -27.55 -39.01
CA ARG I 473 27.40 -26.57 -40.08
C ARG I 473 28.70 -26.15 -40.72
N ASP I 474 29.75 -26.09 -39.91
CA ASP I 474 31.03 -25.59 -40.33
C ASP I 474 31.72 -26.57 -41.28
N ARG I 475 31.50 -27.86 -41.08
CA ARG I 475 32.08 -28.90 -41.94
C ARG I 475 31.55 -28.83 -43.39
N VAL I 476 30.29 -28.45 -43.55
CA VAL I 476 29.71 -28.28 -44.89
C VAL I 476 30.37 -27.06 -45.61
N ILE I 477 30.63 -25.99 -44.87
CA ILE I 477 31.33 -24.85 -45.44
C ILE I 477 32.74 -25.25 -45.78
N GLN I 478 33.37 -26.00 -44.87
CA GLN I 478 34.72 -26.48 -45.08
C GLN I 478 34.78 -27.27 -46.38
N TYR I 479 33.78 -28.12 -46.60
CA TYR I 479 33.77 -28.97 -47.79
C TYR I 479 33.81 -28.11 -49.01
N VAL I 480 32.95 -27.09 -49.04
CA VAL I 480 32.81 -26.18 -50.19
C VAL I 480 34.10 -25.43 -50.47
N ARG I 481 34.79 -25.00 -49.40
CA ARG I 481 36.10 -24.35 -49.53
C ARG I 481 37.08 -25.28 -50.21
N GLU I 482 37.10 -26.54 -49.80
CA GLU I 482 37.98 -27.52 -50.41
C GLU I 482 37.51 -27.89 -51.81
N ARG I 483 36.21 -27.85 -52.04
CA ARG I 483 35.62 -28.34 -53.29
C ARG I 483 35.85 -27.35 -54.41
N TYR I 484 35.50 -26.10 -54.18
CA TYR I 484 35.53 -25.09 -55.23
C TYR I 484 36.80 -24.23 -55.22
N GLY I 485 37.26 -23.83 -54.03
CA GLY I 485 38.53 -23.11 -53.86
C GLY I 485 38.51 -22.16 -52.70
N GLU I 486 39.50 -22.28 -51.79
CA GLU I 486 39.64 -21.37 -50.63
C GLU I 486 39.63 -19.90 -51.08
N ASP I 487 40.30 -19.64 -52.20
CA ASP I 487 40.33 -18.31 -52.83
C ASP I 487 39.00 -17.87 -53.44
N LYS I 488 38.15 -18.83 -53.79
CA LYS I 488 36.84 -18.54 -54.40
C LYS I 488 35.69 -18.59 -53.42
N VAL I 489 35.92 -19.16 -52.23
CA VAL I 489 34.86 -19.33 -51.24
C VAL I 489 35.17 -18.58 -49.96
N ALA I 490 34.24 -17.73 -49.55
CA ALA I 490 34.37 -16.94 -48.33
C ALA I 490 33.00 -16.49 -47.82
N GLN I 491 32.90 -16.33 -46.51
CA GLN I 491 31.65 -15.95 -45.89
C GLN I 491 31.38 -14.46 -46.02
N ILE I 492 30.14 -14.06 -45.77
CA ILE I 492 29.72 -12.66 -45.89
C ILE I 492 29.75 -11.93 -44.53
N GLY I 493 30.18 -10.67 -44.54
CA GLY I 493 30.20 -9.81 -43.36
C GLY I 493 28.84 -9.19 -43.14
N THR I 494 28.58 -8.74 -41.90
CA THR I 494 27.31 -8.17 -41.51
C THR I 494 27.55 -6.91 -40.70
N PHE I 495 26.91 -5.83 -41.11
CA PHE I 495 26.78 -4.66 -40.28
C PHE I 495 25.74 -3.71 -40.93
N GLY I 496 24.91 -3.02 -40.14
CA GLY I 496 24.90 -3.04 -38.67
C GLY I 496 26.16 -2.49 -38.01
N SER I 497 26.31 -1.17 -37.83
CA SER I 497 25.27 -0.13 -37.94
C SER I 497 24.22 -0.21 -36.80
N LEU I 498 23.36 0.80 -36.74
CA LEU I 498 22.43 1.00 -35.62
C LEU I 498 23.24 1.53 -34.42
N ALA I 499 22.58 1.96 -33.34
CA ALA I 499 21.11 2.00 -33.15
C ALA I 499 20.73 3.33 -32.47
N SER I 500 19.53 3.42 -31.91
CA SER I 500 19.08 4.63 -31.22
C SER I 500 19.30 4.55 -29.72
N LYS I 501 18.84 3.47 -29.11
CA LYS I 501 18.89 3.30 -27.65
C LYS I 501 20.31 3.27 -27.11
N ALA I 502 21.21 2.57 -27.81
CA ALA I 502 22.63 2.49 -27.38
C ALA I 502 23.32 3.83 -27.62
N ALA I 503 22.80 4.59 -28.58
CA ALA I 503 23.38 5.87 -28.94
C ALA I 503 23.33 6.84 -27.77
N LEU I 504 22.17 6.93 -27.15
CA LEU I 504 21.94 7.87 -26.05
C LEU I 504 22.77 7.57 -24.85
N LYS I 505 22.94 6.27 -24.58
CA LYS I 505 23.67 5.81 -23.41
C LYS I 505 25.19 5.93 -23.56
N ASP I 506 25.68 5.78 -24.79
CA ASP I 506 27.12 5.64 -25.12
C ASP I 506 28.20 5.87 -24.03
N VAL I 507 28.45 7.12 -23.67
CA VAL I 507 29.58 7.45 -22.78
C VAL I 507 29.33 7.01 -21.32
N ALA I 508 28.15 7.32 -20.77
CA ALA I 508 27.80 6.83 -19.43
C ALA I 508 27.53 5.29 -19.35
N ARG I 509 27.35 4.63 -20.50
CA ARG I 509 27.25 3.16 -20.62
C ARG I 509 28.67 2.56 -20.75
N VAL I 510 28.96 1.86 -21.86
CA VAL I 510 30.23 1.11 -22.09
C VAL I 510 30.74 0.34 -20.87
N TYR I 511 29.87 0.14 -19.89
CA TYR I 511 30.21 -0.51 -18.60
C TYR I 511 28.99 -0.68 -17.65
N GLY I 512 28.03 0.26 -17.71
CA GLY I 512 26.84 0.20 -16.89
C GLY I 512 27.05 0.98 -15.60
N ILE I 513 26.99 2.30 -15.72
CA ILE I 513 27.13 3.22 -14.59
C ILE I 513 25.70 3.82 -14.43
N PRO I 514 25.56 4.99 -13.78
CA PRO I 514 24.18 5.46 -13.66
C PRO I 514 23.41 5.60 -14.98
N HIS I 515 22.52 4.65 -15.22
CA HIS I 515 21.50 4.79 -16.23
C HIS I 515 20.21 5.18 -15.55
N LYS I 516 20.26 6.20 -14.69
CA LYS I 516 19.10 6.61 -13.93
C LYS I 516 18.17 7.45 -14.79
N LYS I 517 18.69 8.56 -15.32
CA LYS I 517 17.92 9.41 -16.24
C LYS I 517 18.04 8.88 -17.68
N ALA I 518 19.07 8.09 -17.94
CA ALA I 518 19.30 7.53 -19.28
C ALA I 518 18.23 6.52 -19.65
N GLU I 519 17.88 5.64 -18.71
CA GLU I 519 16.87 4.60 -18.94
C GLU I 519 15.51 5.26 -19.17
N GLU I 520 15.25 6.35 -18.45
CA GLU I 520 14.03 7.15 -18.63
C GLU I 520 14.01 7.80 -20.02
N LEU I 521 15.16 8.29 -20.45
CA LEU I 521 15.31 8.91 -21.78
C LEU I 521 15.28 7.84 -22.85
N ALA I 522 15.82 6.66 -22.53
CA ALA I 522 15.87 5.55 -23.46
C ALA I 522 14.49 4.93 -23.68
N LYS I 523 13.65 4.95 -22.65
CA LYS I 523 12.31 4.35 -22.71
C LYS I 523 11.27 5.21 -23.43
N LEU I 524 11.63 6.48 -23.65
CA LEU I 524 10.81 7.39 -24.48
C LEU I 524 10.80 7.00 -25.96
N ILE I 525 11.88 6.36 -26.43
CA ILE I 525 11.97 5.95 -27.83
C ILE I 525 10.95 4.84 -28.09
N PRO I 526 10.17 4.95 -29.19
CA PRO I 526 9.21 3.90 -29.54
C PRO I 526 9.86 2.57 -29.91
N LYS I 533 12.74 3.05 -32.73
CA LYS I 533 12.82 3.90 -33.92
C LYS I 533 14.05 4.82 -33.89
N PRO I 534 14.43 5.38 -35.05
CA PRO I 534 15.50 6.39 -35.08
C PRO I 534 15.09 7.69 -34.36
N LEU I 535 16.09 8.44 -33.89
CA LEU I 535 15.86 9.77 -33.27
C LEU I 535 15.37 10.84 -34.27
N GLN I 536 15.47 10.55 -35.57
CA GLN I 536 14.99 11.46 -36.61
C GLN I 536 13.49 11.73 -36.49
N GLU I 537 12.71 10.69 -36.18
CA GLU I 537 11.28 10.85 -35.92
C GLU I 537 11.06 11.14 -34.44
N ALA I 538 11.63 10.30 -33.58
CA ALA I 538 11.49 10.46 -32.11
C ALA I 538 12.36 11.59 -31.59
N GLU I 544 7.57 11.08 -30.68
CA GLU I 544 7.19 12.49 -30.68
C GLU I 544 7.33 13.23 -29.35
N LEU I 545 7.77 12.55 -28.28
CA LEU I 545 8.05 13.22 -26.99
C LEU I 545 9.40 13.96 -26.99
N ARG I 546 9.45 15.08 -27.72
CA ARG I 546 10.62 15.96 -27.78
C ARG I 546 10.53 17.12 -26.78
N ALA I 547 9.38 17.23 -26.10
CA ALA I 547 9.18 18.28 -25.08
C ALA I 547 10.18 18.15 -23.91
N GLU I 548 10.71 16.95 -23.70
CA GLU I 548 11.82 16.68 -22.78
C GLU I 548 13.12 17.42 -23.14
N MET I 549 13.28 17.78 -24.41
CA MET I 549 14.48 18.48 -24.87
C MET I 549 14.51 19.96 -24.41
N GLU I 550 13.34 20.60 -24.35
CA GLU I 550 13.25 22.02 -24.01
C GLU I 550 13.50 22.28 -22.53
N LYS I 551 13.28 21.26 -21.70
CA LYS I 551 13.44 21.40 -20.25
C LYS I 551 14.88 21.80 -19.88
N ASP I 552 15.81 20.85 -20.00
CA ASP I 552 17.19 21.10 -19.57
C ASP I 552 18.09 21.37 -20.78
N GLU I 553 19.15 22.13 -20.54
CA GLU I 553 20.13 22.50 -21.56
C GLU I 553 21.18 21.39 -21.79
N ARG I 554 21.44 20.60 -20.75
CA ARG I 554 22.39 19.49 -20.85
C ARG I 554 21.93 18.46 -21.90
N ILE I 555 20.68 18.03 -21.78
CA ILE I 555 20.14 16.94 -22.63
C ILE I 555 19.84 17.32 -24.09
N ARG I 556 20.08 18.58 -24.46
CA ARG I 556 19.95 19.01 -25.84
C ARG I 556 21.10 18.42 -26.66
N GLN I 557 22.30 18.44 -26.09
CA GLN I 557 23.49 17.95 -26.79
C GLN I 557 23.56 16.45 -26.81
N VAL I 558 23.10 15.82 -25.74
CA VAL I 558 23.09 14.35 -25.64
C VAL I 558 22.29 13.72 -26.80
N ILE I 559 21.10 14.24 -27.04
CA ILE I 559 20.25 13.75 -28.12
C ILE I 559 20.85 14.12 -29.48
N GLU I 560 21.17 15.40 -29.66
CA GLU I 560 21.74 15.92 -30.93
C GLU I 560 23.03 15.20 -31.33
N VAL I 561 23.90 14.94 -30.37
CA VAL I 561 25.07 14.13 -30.61
C VAL I 561 24.68 12.67 -30.89
N ALA I 562 23.73 12.14 -30.11
CA ALA I 562 23.32 10.74 -30.28
C ALA I 562 22.80 10.49 -31.69
N MET I 563 21.92 11.35 -32.17
CA MET I 563 21.38 11.20 -33.52
C MET I 563 22.43 11.43 -34.61
N ARG I 564 23.50 12.14 -34.27
CA ARG I 564 24.62 12.30 -35.19
C ARG I 564 25.49 11.04 -35.20
N LEU I 565 25.43 10.25 -34.13
CA LEU I 565 26.20 9.02 -34.03
C LEU I 565 25.30 7.78 -34.16
N GLU I 566 24.16 7.95 -34.81
CA GLU I 566 23.14 6.92 -34.82
C GLU I 566 23.47 5.78 -35.80
N GLY I 567 23.48 6.10 -37.09
CA GLY I 567 23.66 5.10 -38.14
C GLY I 567 25.08 4.58 -38.31
N LEU I 568 26.02 5.16 -37.59
CA LEU I 568 27.44 4.84 -37.76
C LEU I 568 27.74 3.46 -37.24
N ASN I 569 28.62 2.76 -37.93
CA ASN I 569 29.19 1.52 -37.42
C ASN I 569 30.19 1.92 -36.35
N ARG I 570 30.21 1.32 -35.17
CA ARG I 570 29.39 0.17 -34.72
C ARG I 570 29.82 -1.19 -35.29
N HIS I 571 30.95 -1.23 -35.97
CA HIS I 571 31.78 -2.38 -35.94
C HIS I 571 31.33 -3.56 -36.75
N ALA I 572 31.91 -4.71 -36.39
CA ALA I 572 31.52 -6.06 -36.81
C ALA I 572 32.09 -6.27 -38.15
N SER I 573 31.80 -7.40 -38.82
CA SER I 573 31.49 -8.74 -38.31
C SER I 573 30.95 -9.67 -39.37
N VAL I 574 30.47 -10.83 -38.95
CA VAL I 574 30.18 -11.92 -39.86
C VAL I 574 28.76 -12.37 -39.93
N HIS I 575 28.41 -13.06 -41.00
CA HIS I 575 27.06 -13.50 -41.18
C HIS I 575 26.84 -14.94 -40.84
N ALA I 576 25.80 -15.20 -40.08
CA ALA I 576 25.56 -16.56 -39.60
C ALA I 576 25.55 -17.58 -40.73
N ALA I 577 24.80 -17.29 -41.80
CA ALA I 577 24.60 -18.23 -42.91
C ALA I 577 25.28 -17.82 -44.21
N GLY I 578 25.88 -16.63 -44.22
CA GLY I 578 26.41 -16.05 -45.46
C GLY I 578 27.61 -16.81 -46.01
N VAL I 579 27.45 -17.34 -47.22
CA VAL I 579 28.55 -17.99 -47.91
C VAL I 579 28.56 -17.61 -49.40
N VAL I 580 29.74 -17.33 -49.94
CA VAL I 580 29.85 -16.89 -51.33
C VAL I 580 30.65 -17.92 -52.10
N ILE I 581 30.23 -18.24 -53.32
CA ILE I 581 31.00 -19.13 -54.19
C ILE I 581 31.18 -18.45 -55.56
N ALA I 582 32.31 -17.78 -55.73
CA ALA I 582 32.58 -17.09 -56.98
C ALA I 582 33.17 -18.03 -58.01
N ALA I 583 32.97 -17.69 -59.29
CA ALA I 583 33.54 -18.45 -60.43
C ALA I 583 35.05 -18.20 -60.63
N GLU I 584 35.40 -16.92 -60.74
CA GLU I 584 36.79 -16.49 -60.70
C GLU I 584 37.17 -16.09 -59.28
N PRO I 585 38.48 -15.96 -59.00
CA PRO I 585 38.92 -15.67 -57.63
C PRO I 585 38.19 -14.48 -57.00
N LEU I 586 37.76 -14.62 -55.76
CA LEU I 586 37.12 -13.52 -55.05
C LEU I 586 37.98 -12.24 -55.06
N THR I 587 39.28 -12.38 -54.80
CA THR I 587 40.21 -11.22 -54.69
C THR I 587 40.28 -10.31 -55.93
N ASP I 588 39.82 -10.82 -57.08
CA ASP I 588 39.70 -10.03 -58.29
C ASP I 588 38.55 -9.01 -58.24
N LEU I 589 37.45 -9.36 -57.59
CA LEU I 589 36.25 -8.50 -57.57
C LEU I 589 35.75 -8.08 -56.17
N VAL I 590 36.03 -8.89 -55.15
CA VAL I 590 35.57 -8.57 -53.80
C VAL I 590 36.71 -8.67 -52.79
N PRO I 591 36.91 -7.63 -51.98
CA PRO I 591 38.00 -7.67 -50.99
C PRO I 591 37.66 -8.53 -49.78
N LEU I 592 38.69 -9.05 -49.10
CA LEU I 592 38.49 -10.01 -48.00
C LEU I 592 39.00 -9.57 -46.60
N MET I 593 38.59 -10.35 -45.59
CA MET I 593 38.97 -10.19 -44.18
C MET I 593 39.18 -11.56 -43.56
N ARG I 594 39.52 -11.57 -42.29
CA ARG I 594 39.59 -12.81 -41.53
C ARG I 594 39.20 -12.52 -40.10
N ASP I 595 38.13 -13.14 -39.65
CA ASP I 595 37.61 -12.88 -38.32
C ASP I 595 38.46 -13.54 -37.20
N GLN I 596 37.97 -13.40 -35.96
CA GLN I 596 38.69 -13.82 -34.78
C GLN I 596 38.87 -15.34 -34.78
N GLU I 597 37.83 -16.05 -35.18
CA GLU I 597 37.86 -17.53 -35.18
C GLU I 597 38.55 -18.12 -36.42
N GLY I 598 38.96 -17.27 -37.36
CA GLY I 598 39.71 -17.73 -38.52
C GLY I 598 38.81 -18.16 -39.66
N ARG I 599 37.88 -17.27 -40.03
CA ARG I 599 37.00 -17.47 -41.17
C ARG I 599 37.34 -16.37 -42.19
N PRO I 600 37.46 -16.74 -43.50
CA PRO I 600 37.63 -15.72 -44.54
C PRO I 600 36.30 -14.98 -44.80
N VAL I 601 36.25 -13.72 -44.36
CA VAL I 601 35.01 -12.95 -44.41
C VAL I 601 35.06 -11.96 -45.57
N THR I 602 33.92 -11.71 -46.19
CA THR I 602 33.81 -10.75 -47.28
C THR I 602 33.60 -9.37 -46.70
N GLN I 603 34.29 -8.37 -47.25
CA GLN I 603 34.15 -6.97 -46.81
C GLN I 603 32.82 -6.32 -47.19
N TYR I 604 32.26 -6.72 -48.33
CA TYR I 604 30.91 -6.29 -48.72
C TYR I 604 29.83 -7.08 -47.96
N ASP I 605 28.64 -6.49 -47.88
CA ASP I 605 27.49 -7.09 -47.19
C ASP I 605 26.63 -7.93 -48.12
N MET I 606 25.51 -8.43 -47.60
CA MET I 606 24.52 -9.20 -48.37
C MET I 606 24.19 -8.56 -49.69
N GLY I 607 23.70 -7.31 -49.65
CA GLY I 607 23.23 -6.62 -50.85
C GLY I 607 24.32 -6.32 -51.85
N ALA I 608 25.47 -5.90 -51.34
CA ALA I 608 26.55 -5.53 -52.21
C ALA I 608 27.10 -6.76 -52.95
N VAL I 609 27.20 -7.89 -52.26
CA VAL I 609 27.70 -9.14 -52.88
C VAL I 609 26.76 -9.66 -53.99
N GLU I 610 25.46 -9.64 -53.74
CA GLU I 610 24.47 -10.00 -54.75
C GLU I 610 24.41 -8.99 -55.90
N ALA I 611 24.70 -7.73 -55.61
CA ALA I 611 24.63 -6.67 -56.60
C ALA I 611 25.66 -6.88 -57.70
N LEU I 612 26.75 -7.58 -57.36
CA LEU I 612 27.80 -7.87 -58.31
C LEU I 612 27.49 -9.08 -59.18
N GLY I 613 26.36 -9.75 -58.89
CA GLY I 613 25.93 -10.94 -59.63
C GLY I 613 26.73 -12.18 -59.31
N LEU I 614 26.98 -12.41 -58.01
CA LEU I 614 27.73 -13.57 -57.55
C LEU I 614 26.81 -14.55 -56.83
N LEU I 615 27.13 -15.83 -56.93
CA LEU I 615 26.33 -16.88 -56.30
C LEU I 615 26.45 -16.84 -54.78
N LYS I 616 25.33 -16.88 -54.09
CA LYS I 616 25.31 -16.74 -52.65
C LYS I 616 24.42 -17.79 -52.02
N MET I 617 25.01 -18.57 -51.12
CA MET I 617 24.31 -19.61 -50.41
C MET I 617 24.01 -19.20 -48.97
N ASP I 618 23.06 -19.89 -48.34
CA ASP I 618 22.72 -19.64 -46.95
C ASP I 618 22.59 -20.93 -46.16
N PHE I 619 23.59 -21.22 -45.31
CA PHE I 619 23.58 -22.41 -44.45
C PHE I 619 23.23 -22.05 -43.01
N LEU I 620 22.04 -22.43 -42.57
CA LEU I 620 21.56 -22.05 -41.25
C LEU I 620 21.74 -23.20 -40.27
N GLY I 621 22.38 -22.92 -39.14
CA GLY I 621 22.54 -23.90 -38.08
C GLY I 621 21.30 -23.84 -37.22
N LEU I 622 20.66 -24.97 -37.02
CA LEU I 622 19.42 -25.05 -36.25
C LEU I 622 19.58 -26.03 -35.09
N ARG I 623 18.90 -25.73 -33.98
CA ARG I 623 18.98 -26.55 -32.74
C ARG I 623 18.26 -27.89 -32.88
N THR I 624 17.06 -27.85 -33.45
CA THR I 624 16.24 -29.04 -33.64
C THR I 624 17.01 -30.13 -34.34
N LEU I 625 17.74 -29.77 -35.41
CA LEU I 625 18.47 -30.77 -36.17
C LEU I 625 19.51 -31.46 -35.29
N THR I 626 20.26 -30.68 -34.53
CA THR I 626 21.24 -31.26 -33.62
C THR I 626 20.56 -32.14 -32.57
N PHE I 627 19.46 -31.64 -32.05
CA PHE I 627 18.71 -32.36 -31.02
C PHE I 627 18.21 -33.71 -31.52
N LEU I 628 17.66 -33.73 -32.74
CA LEU I 628 17.15 -34.95 -33.34
C LEU I 628 18.22 -36.02 -33.52
N ASP I 629 19.45 -35.59 -33.82
CA ASP I 629 20.59 -36.50 -33.92
C ASP I 629 20.87 -37.17 -32.59
N GLU I 630 20.93 -36.36 -31.52
CA GLU I 630 21.17 -36.88 -30.19
C GLU I 630 20.06 -37.83 -29.81
N ALA I 631 18.83 -37.50 -30.18
CA ALA I 631 17.70 -38.39 -29.91
C ALA I 631 17.92 -39.77 -30.55
N ARG I 632 18.18 -39.78 -31.85
CA ARG I 632 18.48 -41.01 -32.58
C ARG I 632 19.66 -41.78 -31.97
N ARG I 633 20.72 -41.06 -31.60
CA ARG I 633 21.90 -41.68 -31.02
C ARG I 633 21.52 -42.42 -29.76
N ILE I 634 20.79 -41.76 -28.85
CA ILE I 634 20.36 -42.37 -27.58
C ILE I 634 19.33 -43.48 -27.84
N VAL I 635 18.43 -43.21 -28.78
CA VAL I 635 17.38 -44.16 -29.15
C VAL I 635 17.96 -45.47 -29.66
N LYS I 636 19.01 -45.39 -30.48
CA LYS I 636 19.64 -46.60 -31.02
C LYS I 636 20.43 -47.34 -29.97
N GLU I 637 20.94 -46.62 -28.98
CA GLU I 637 21.71 -47.23 -27.91
C GLU I 637 20.77 -47.86 -26.91
N SER I 638 19.72 -47.13 -26.56
CA SER I 638 18.80 -47.52 -25.50
C SER I 638 18.20 -48.89 -25.74
N LYS I 639 17.77 -49.13 -26.99
CA LYS I 639 17.11 -50.38 -27.35
C LYS I 639 17.15 -50.63 -28.87
N GLY I 640 18.34 -50.49 -29.44
CA GLY I 640 18.63 -50.91 -30.83
C GLY I 640 17.75 -50.34 -31.93
N VAL I 641 17.14 -49.19 -31.66
CA VAL I 641 16.13 -48.60 -32.54
C VAL I 641 16.75 -47.53 -33.49
N GLU I 642 16.86 -47.89 -34.75
CA GLU I 642 17.40 -47.01 -35.77
C GLU I 642 16.32 -46.08 -36.31
N LEU I 643 16.29 -44.86 -35.78
CA LEU I 643 15.29 -43.88 -36.19
C LEU I 643 15.66 -43.30 -37.54
N ASP I 644 14.75 -43.39 -38.52
CA ASP I 644 14.91 -42.76 -39.84
C ASP I 644 13.88 -41.66 -40.05
N TYR I 645 14.26 -40.43 -39.70
CA TYR I 645 13.32 -39.32 -39.73
C TYR I 645 12.70 -39.12 -41.11
N ASP I 646 13.45 -39.44 -42.16
CA ASP I 646 13.02 -39.20 -43.55
C ASP I 646 12.16 -40.34 -44.07
N ARG I 647 11.75 -41.25 -43.18
CA ARG I 647 10.96 -42.43 -43.56
C ARG I 647 9.87 -42.77 -42.51
N LEU I 648 9.48 -41.79 -41.70
CA LEU I 648 8.43 -41.97 -40.71
C LEU I 648 7.04 -41.81 -41.32
N PRO I 649 6.03 -42.49 -40.75
CA PRO I 649 4.67 -42.26 -41.22
C PRO I 649 4.18 -40.92 -40.69
N LEU I 650 3.51 -40.14 -41.53
CA LEU I 650 3.05 -38.79 -41.14
C LEU I 650 1.59 -38.76 -40.65
N ASP I 651 1.02 -39.93 -40.37
CA ASP I 651 -0.36 -40.06 -39.86
C ASP I 651 -0.45 -40.92 -38.59
N ASP I 652 0.59 -40.83 -37.76
CA ASP I 652 0.70 -41.65 -36.56
C ASP I 652 -0.25 -41.10 -35.50
N PRO I 653 -1.12 -41.95 -34.93
CA PRO I 653 -2.08 -41.45 -33.92
C PRO I 653 -1.44 -40.90 -32.64
N LYS I 654 -0.47 -41.64 -32.08
CA LYS I 654 0.13 -41.26 -30.80
C LYS I 654 0.73 -39.85 -30.79
N THR I 655 1.26 -39.43 -31.93
CA THR I 655 1.90 -38.11 -32.07
C THR I 655 0.88 -37.00 -31.99
N PHE I 656 -0.25 -37.17 -32.66
CA PHE I 656 -1.26 -36.13 -32.70
C PHE I 656 -2.04 -36.07 -31.38
N GLU I 657 -2.13 -37.21 -30.69
CA GLU I 657 -2.79 -37.27 -29.40
C GLU I 657 -1.96 -36.57 -28.35
N LEU I 658 -0.65 -36.57 -28.53
CA LEU I 658 0.28 -35.83 -27.67
C LEU I 658 0.14 -34.31 -27.87
N LEU I 659 0.05 -33.88 -29.12
CA LEU I 659 -0.17 -32.46 -29.42
C LEU I 659 -1.57 -32.01 -29.00
N SER I 660 -2.55 -32.90 -29.16
CA SER I 660 -3.93 -32.63 -28.72
C SER I 660 -4.03 -32.37 -27.20
N ARG I 661 -3.18 -33.06 -26.41
CA ARG I 661 -3.12 -32.91 -24.94
C ARG I 661 -2.24 -31.74 -24.47
N GLY I 662 -1.67 -31.01 -25.42
CA GLY I 662 -0.93 -29.76 -25.14
C GLY I 662 0.46 -29.94 -24.58
N GLU I 663 1.05 -31.11 -24.80
CA GLU I 663 2.35 -31.45 -24.24
C GLU I 663 3.43 -31.05 -25.22
N THR I 664 3.56 -29.74 -25.43
CA THR I 664 4.56 -29.16 -26.35
C THR I 664 5.69 -28.45 -25.59
N LYS I 665 6.37 -29.20 -24.75
CA LYS I 665 7.37 -28.63 -23.85
C LYS I 665 8.69 -28.35 -24.59
N GLY I 666 9.05 -29.30 -25.45
CA GLY I 666 10.26 -29.20 -26.26
C GLY I 666 9.98 -29.58 -27.70
N VAL I 667 8.77 -29.28 -28.16
CA VAL I 667 8.38 -29.55 -29.54
C VAL I 667 8.61 -28.30 -30.41
N PHE I 668 9.39 -28.45 -31.47
CA PHE I 668 9.82 -27.32 -32.32
C PHE I 668 8.71 -26.38 -32.78
N GLN I 669 8.85 -25.10 -32.50
CA GLN I 669 7.99 -24.12 -33.11
C GLN I 669 6.72 -23.75 -32.41
N LEU I 670 6.34 -24.49 -31.42
CA LEU I 670 5.03 -24.37 -30.81
C LEU I 670 5.28 -24.69 -29.32
N GLU I 671 6.27 -24.02 -28.74
CA GLU I 671 6.56 -24.12 -27.31
C GLU I 671 5.94 -22.95 -26.52
N SER I 672 5.48 -21.93 -27.23
CA SER I 672 5.00 -20.68 -26.62
C SER I 672 3.73 -20.91 -25.84
N GLY I 673 3.57 -20.16 -24.76
CA GLY I 673 2.45 -20.37 -23.85
C GLY I 673 1.12 -20.21 -24.54
N GLY I 674 0.99 -19.17 -25.35
CA GLY I 674 -0.23 -18.94 -26.08
C GLY I 674 -0.41 -19.99 -27.16
N MET I 675 0.70 -20.40 -27.77
CA MET I 675 0.67 -21.34 -28.88
C MET I 675 0.35 -22.74 -28.41
N THR I 676 0.82 -23.11 -27.22
CA THR I 676 0.53 -24.43 -26.65
C THR I 676 -0.98 -24.57 -26.37
N ALA I 677 -1.60 -23.49 -25.87
CA ALA I 677 -3.03 -23.47 -25.56
C ALA I 677 -3.88 -23.68 -26.79
N THR I 678 -3.52 -23.02 -27.88
CA THR I 678 -4.24 -23.13 -29.16
C THR I 678 -4.13 -24.54 -29.77
N VAL I 679 -3.05 -25.25 -29.48
CA VAL I 679 -2.86 -26.60 -30.00
C VAL I 679 -3.77 -27.56 -29.24
N ARG I 680 -3.97 -27.30 -27.95
CA ARG I 680 -4.90 -28.08 -27.15
C ARG I 680 -6.35 -27.79 -27.58
N GLY I 681 -6.61 -26.53 -27.93
CA GLY I 681 -7.94 -26.12 -28.37
C GLY I 681 -8.31 -26.66 -29.73
N LEU I 682 -7.31 -26.86 -30.59
CA LEU I 682 -7.54 -27.24 -31.98
C LEU I 682 -7.77 -28.72 -32.15
N LYS I 683 -7.00 -29.52 -31.41
CA LYS I 683 -7.02 -30.96 -31.55
C LYS I 683 -6.65 -31.38 -32.96
N PRO I 684 -5.35 -31.31 -33.30
CA PRO I 684 -4.89 -31.65 -34.65
C PRO I 684 -4.84 -33.17 -34.86
N ARG I 685 -5.27 -33.62 -36.04
CA ARG I 685 -5.24 -35.04 -36.42
C ARG I 685 -4.35 -35.35 -37.64
N ARG I 686 -3.99 -34.35 -38.41
CA ARG I 686 -3.09 -34.53 -39.55
C ARG I 686 -2.08 -33.39 -39.65
N LEU I 687 -1.04 -33.60 -40.47
CA LEU I 687 0.09 -32.67 -40.58
C LEU I 687 -0.32 -31.30 -41.13
N GLU I 688 -1.35 -31.28 -41.99
CA GLU I 688 -1.83 -30.03 -42.57
C GLU I 688 -2.39 -29.08 -41.53
N ASP I 689 -2.85 -29.63 -40.39
CA ASP I 689 -3.38 -28.83 -39.28
C ASP I 689 -2.29 -27.99 -38.60
N ILE I 690 -1.10 -28.59 -38.48
CA ILE I 690 0.02 -27.91 -37.89
C ILE I 690 0.48 -26.81 -38.84
N ILE I 691 0.59 -27.17 -40.12
CA ILE I 691 1.04 -26.23 -41.15
C ILE I 691 0.14 -24.98 -41.11
N ALA I 692 -1.17 -25.22 -41.07
CA ALA I 692 -2.17 -24.17 -40.99
C ALA I 692 -2.03 -23.34 -39.72
N LEU I 693 -1.79 -24.02 -38.60
CA LEU I 693 -1.74 -23.37 -37.29
C LEU I 693 -0.49 -22.46 -37.16
N VAL I 694 0.65 -22.95 -37.63
CA VAL I 694 1.90 -22.20 -37.52
C VAL I 694 1.86 -20.95 -38.40
N SER I 695 1.18 -21.07 -39.55
CA SER I 695 1.07 -19.96 -40.48
C SER I 695 0.11 -18.89 -39.96
N LEU I 696 -0.93 -19.32 -39.25
CA LEU I 696 -2.00 -18.41 -38.78
C LEU I 696 -1.68 -17.77 -37.43
N TYR I 697 -0.88 -18.43 -36.62
CA TYR I 697 -0.53 -17.89 -35.31
C TYR I 697 0.52 -16.80 -35.42
N ARG I 698 0.04 -15.58 -35.68
CA ARG I 698 0.88 -14.39 -35.74
C ARG I 698 -0.03 -13.14 -35.67
N PRO I 699 0.55 -11.96 -35.41
CA PRO I 699 -0.29 -10.76 -35.45
C PRO I 699 -0.88 -10.53 -36.84
N GLY I 700 -2.20 -10.69 -36.92
CA GLY I 700 -2.96 -10.41 -38.14
C GLY I 700 -3.97 -11.52 -38.38
N PRO I 701 -3.48 -12.67 -38.86
CA PRO I 701 -4.35 -13.80 -39.19
C PRO I 701 -4.79 -14.64 -37.97
N MET I 702 -4.36 -14.22 -36.77
CA MET I 702 -4.76 -14.90 -35.53
C MET I 702 -6.27 -14.91 -35.33
N GLU I 703 -6.97 -13.94 -35.93
CA GLU I 703 -8.44 -13.85 -35.84
C GLU I 703 -9.17 -14.91 -36.67
N HIS I 704 -8.45 -15.57 -37.56
CA HIS I 704 -9.03 -16.67 -38.33
C HIS I 704 -8.90 -18.01 -37.65
N ILE I 705 -8.17 -18.06 -36.53
CA ILE I 705 -7.97 -19.33 -35.80
C ILE I 705 -9.25 -19.89 -35.19
N PRO I 706 -10.05 -19.04 -34.49
CA PRO I 706 -11.33 -19.51 -33.94
C PRO I 706 -12.28 -20.10 -35.01
N THR I 707 -12.31 -19.47 -36.19
CA THR I 707 -13.09 -19.96 -37.33
C THR I 707 -12.58 -21.35 -37.81
N TYR I 708 -11.26 -21.50 -37.82
CA TYR I 708 -10.64 -22.75 -38.23
C TYR I 708 -11.00 -23.89 -37.24
N ILE I 709 -10.91 -23.60 -35.94
CA ILE I 709 -11.12 -24.59 -34.88
C ILE I 709 -12.54 -25.15 -34.88
N ARG I 710 -13.53 -24.28 -35.07
CA ARG I 710 -14.93 -24.70 -35.09
C ARG I 710 -15.27 -25.44 -36.39
N ARG I 711 -14.63 -25.05 -37.49
CA ARG I 711 -14.76 -25.76 -38.76
C ARG I 711 -14.01 -27.11 -38.76
N HIS I 712 -12.92 -27.18 -37.98
CA HIS I 712 -12.14 -28.41 -37.85
C HIS I 712 -12.82 -29.45 -36.99
N HIS I 713 -13.42 -29.00 -35.89
CA HIS I 713 -14.17 -29.91 -35.00
C HIS I 713 -15.39 -30.49 -35.66
N GLY I 714 -15.91 -29.81 -36.67
CA GLY I 714 -17.07 -30.29 -37.43
C GLY I 714 -18.37 -29.79 -36.84
N GLN I 715 -18.38 -28.51 -36.50
CA GLN I 715 -19.56 -27.84 -35.96
C GLN I 715 -19.92 -26.53 -36.70
N GLU I 716 -19.44 -26.39 -37.95
CA GLU I 716 -19.73 -25.23 -38.81
C GLU I 716 -19.42 -25.55 -40.28
N PRO I 717 -20.45 -25.48 -41.16
CA PRO I 717 -20.23 -25.81 -42.56
C PRO I 717 -19.26 -24.84 -43.26
N VAL I 718 -18.37 -25.39 -44.07
CA VAL I 718 -17.47 -24.59 -44.91
C VAL I 718 -18.18 -24.22 -46.24
N SER I 719 -18.89 -23.10 -46.23
CA SER I 719 -19.74 -22.69 -47.37
C SER I 719 -19.10 -21.64 -48.28
N TYR I 720 -19.47 -21.67 -49.56
CA TYR I 720 -18.97 -20.72 -50.56
C TYR I 720 -20.16 -20.08 -51.32
N ALA I 721 -21.21 -19.74 -50.57
CA ALA I 721 -22.49 -19.27 -51.13
C ALA I 721 -22.40 -17.84 -51.67
N GLU I 722 -21.30 -17.14 -51.36
CA GLU I 722 -21.05 -15.81 -51.90
C GLU I 722 -20.50 -15.90 -53.31
N PHE I 723 -19.81 -16.98 -53.62
CA PHE I 723 -19.24 -17.20 -54.93
C PHE I 723 -19.64 -18.59 -55.44
N PRO I 724 -20.91 -18.76 -55.83
CA PRO I 724 -21.43 -20.07 -56.28
C PRO I 724 -20.85 -20.58 -57.60
N HIS I 725 -20.59 -19.66 -58.53
CA HIS I 725 -19.96 -20.01 -59.80
C HIS I 725 -18.49 -20.34 -59.62
N ALA I 726 -17.80 -19.57 -58.77
CA ALA I 726 -16.38 -19.80 -58.51
C ALA I 726 -16.15 -21.03 -57.64
N GLU I 727 -17.17 -21.44 -56.87
CA GLU I 727 -17.07 -22.58 -55.95
C GLU I 727 -16.26 -23.77 -56.51
N LYS I 728 -16.50 -24.12 -57.77
CA LYS I 728 -15.83 -25.24 -58.44
C LYS I 728 -14.29 -25.17 -58.39
N TYR I 729 -13.75 -23.95 -58.49
CA TYR I 729 -12.30 -23.69 -58.40
C TYR I 729 -11.85 -23.48 -56.95
N LEU I 730 -12.73 -22.85 -56.16
CA LEU I 730 -12.42 -22.48 -54.78
C LEU I 730 -12.41 -23.66 -53.81
N ARG I 731 -13.29 -24.64 -54.01
CA ARG I 731 -13.45 -25.74 -53.05
C ARG I 731 -12.25 -26.68 -52.98
N PRO I 732 -11.78 -27.19 -54.13
CA PRO I 732 -10.61 -28.08 -54.11
C PRO I 732 -9.35 -27.46 -53.46
N ILE I 733 -9.16 -26.16 -53.67
CA ILE I 733 -7.99 -25.45 -53.13
C ILE I 733 -8.14 -25.23 -51.62
N LEU I 734 -9.31 -24.75 -51.20
CA LEU I 734 -9.54 -24.31 -49.83
C LEU I 734 -10.21 -25.32 -48.90
N ASP I 735 -10.57 -26.50 -49.39
CA ASP I 735 -11.03 -27.58 -48.49
C ASP I 735 -9.93 -28.04 -47.51
N GLU I 736 -8.68 -28.07 -47.99
CA GLU I 736 -7.54 -28.48 -47.17
C GLU I 736 -7.43 -27.65 -45.90
N THR I 737 -7.88 -26.39 -45.98
CA THR I 737 -7.75 -25.41 -44.89
C THR I 737 -9.10 -24.82 -44.48
N TYR I 738 -10.16 -25.61 -44.70
CA TYR I 738 -11.51 -25.23 -44.30
C TYR I 738 -11.94 -23.83 -44.75
N GLY I 739 -11.63 -23.49 -46.01
CA GLY I 739 -12.15 -22.30 -46.67
C GLY I 739 -11.28 -21.08 -46.57
N ILE I 740 -10.47 -20.99 -45.51
CA ILE I 740 -9.70 -19.78 -45.25
C ILE I 740 -8.46 -19.76 -46.14
N PRO I 741 -8.29 -18.69 -46.93
CA PRO I 741 -7.05 -18.55 -47.65
C PRO I 741 -5.88 -18.23 -46.70
N VAL I 742 -5.25 -19.28 -46.19
CA VAL I 742 -4.14 -19.12 -45.27
C VAL I 742 -2.81 -18.88 -45.99
N TYR I 743 -2.56 -19.67 -47.03
CA TYR I 743 -1.26 -19.62 -47.72
C TYR I 743 -1.21 -18.76 -48.99
N GLN I 744 -0.01 -18.38 -49.39
CA GLN I 744 0.21 -17.59 -50.60
C GLN I 744 0.00 -18.41 -51.86
N GLU I 745 0.22 -19.72 -51.73
CA GLU I 745 0.11 -20.63 -52.84
C GLU I 745 -1.34 -20.83 -53.17
N GLN I 746 -2.20 -20.85 -52.14
CA GLN I 746 -3.65 -21.01 -52.37
C GLN I 746 -4.27 -19.84 -53.15
N ILE I 747 -3.76 -18.64 -52.89
CA ILE I 747 -4.22 -17.43 -53.55
C ILE I 747 -3.75 -17.40 -55.01
N MET I 748 -2.55 -17.93 -55.25
CA MET I 748 -2.00 -18.06 -56.61
C MET I 748 -2.76 -19.07 -57.47
N GLN I 749 -3.20 -20.17 -56.85
CA GLN I 749 -3.99 -21.21 -57.54
C GLN I 749 -5.41 -20.73 -57.81
N ILE I 750 -5.98 -19.95 -56.88
CA ILE I 750 -7.28 -19.36 -57.12
C ILE I 750 -7.20 -18.35 -58.28
N ALA I 751 -6.20 -17.48 -58.23
CA ALA I 751 -6.02 -16.46 -59.25
C ALA I 751 -5.72 -17.09 -60.59
N SER I 752 -5.00 -18.21 -60.58
CA SER I 752 -4.61 -18.92 -61.81
C SER I 752 -5.78 -19.62 -62.50
N GLN I 753 -6.59 -20.33 -61.72
CA GLN I 753 -7.67 -21.12 -62.29
C GLN I 753 -8.87 -20.24 -62.67
N VAL I 754 -9.28 -19.39 -61.74
CA VAL I 754 -10.48 -18.57 -61.92
C VAL I 754 -10.31 -17.56 -63.09
N ALA I 755 -9.20 -16.81 -63.05
CA ALA I 755 -8.95 -15.73 -64.03
C ALA I 755 -8.19 -16.18 -65.28
N GLY I 756 -7.99 -17.49 -65.42
CA GLY I 756 -7.23 -18.04 -66.54
C GLY I 756 -5.76 -17.64 -66.56
N TYR I 757 -5.24 -17.23 -65.41
CA TYR I 757 -3.86 -16.74 -65.29
C TYR I 757 -2.90 -17.90 -65.37
N SER I 758 -1.69 -17.61 -65.85
CA SER I 758 -0.58 -18.54 -65.72
C SER I 758 -0.18 -18.59 -64.27
N LEU I 759 0.37 -19.73 -63.85
CA LEU I 759 0.75 -19.90 -62.45
C LEU I 759 1.96 -19.01 -62.12
N GLY I 760 2.79 -18.70 -63.11
CA GLY I 760 3.89 -17.78 -62.93
C GLY I 760 3.41 -16.35 -62.79
N GLU I 761 2.38 -16.00 -63.58
CA GLU I 761 1.80 -14.65 -63.54
C GLU I 761 1.08 -14.38 -62.23
N ALA I 762 0.49 -15.41 -61.64
CA ALA I 762 -0.15 -15.25 -60.34
C ALA I 762 0.86 -14.88 -59.23
N ASP I 763 2.12 -15.28 -59.42
CA ASP I 763 3.23 -14.90 -58.51
C ASP I 763 3.46 -13.41 -58.58
N LEU I 764 3.28 -12.85 -59.79
CA LEU I 764 3.40 -11.40 -60.01
C LEU I 764 2.25 -10.68 -59.33
N LEU I 765 1.06 -11.27 -59.46
CA LEU I 765 -0.15 -10.71 -58.84
C LEU I 765 -0.11 -10.63 -57.31
N ARG I 766 0.67 -11.50 -56.67
CA ARG I 766 0.83 -11.46 -55.22
C ARG I 766 1.77 -10.33 -54.75
N ARG I 767 2.86 -10.12 -55.49
CA ARG I 767 3.82 -9.09 -55.14
C ARG I 767 3.22 -7.72 -55.39
N ALA I 768 2.42 -7.61 -56.45
CA ALA I 768 1.73 -6.35 -56.77
C ALA I 768 0.70 -5.99 -55.69
N MET I 769 0.16 -7.03 -55.06
CA MET I 769 -0.79 -6.89 -53.96
C MET I 769 -0.07 -6.47 -52.67
N GLY I 770 1.13 -7.02 -52.44
CA GLY I 770 1.94 -6.74 -51.23
C GLY I 770 2.62 -5.38 -51.23
N LYS I 771 3.13 -4.99 -52.41
CA LYS I 771 3.67 -3.64 -52.68
C LYS I 771 2.61 -2.54 -52.54
N LYS I 772 1.38 -2.84 -52.92
CA LYS I 772 0.23 -1.90 -52.84
C LYS I 772 0.46 -0.69 -53.74
N ARG I 773 0.78 -0.93 -55.01
CA ARG I 773 0.89 0.15 -55.99
C ARG I 773 -0.52 0.61 -56.28
N VAL I 774 -0.71 1.93 -56.24
CA VAL I 774 -2.04 2.54 -56.06
C VAL I 774 -3.16 2.11 -57.02
N GLU I 775 -2.95 2.28 -58.34
CA GLU I 775 -3.94 1.89 -59.37
C GLU I 775 -3.44 0.84 -60.39
N GLU I 776 -2.19 0.38 -60.22
CA GLU I 776 -1.63 -0.69 -61.04
C GLU I 776 -2.33 -2.01 -60.77
N MET I 777 -2.98 -2.11 -59.61
CA MET I 777 -3.85 -3.25 -59.29
C MET I 777 -5.16 -3.24 -60.10
N GLN I 778 -5.63 -2.06 -60.48
CA GLN I 778 -6.84 -1.93 -61.29
C GLN I 778 -6.65 -2.46 -62.71
N LYS I 779 -5.39 -2.48 -63.19
CA LYS I 779 -5.04 -3.17 -64.45
C LYS I 779 -5.22 -4.68 -64.29
N HIS I 780 -4.81 -5.19 -63.13
CA HIS I 780 -4.97 -6.60 -62.80
C HIS I 780 -6.41 -6.95 -62.54
N ARG I 781 -7.15 -6.00 -61.97
CA ARG I 781 -8.57 -6.20 -61.71
C ARG I 781 -9.32 -6.42 -63.00
N GLU I 782 -8.98 -5.62 -64.01
CA GLU I 782 -9.61 -5.75 -65.34
C GLU I 782 -9.19 -7.09 -65.96
N ARG I 783 -7.90 -7.36 -65.89
CA ARG I 783 -7.32 -8.59 -66.39
C ARG I 783 -7.90 -9.81 -65.68
N PHE I 784 -8.17 -9.66 -64.38
CA PHE I 784 -8.75 -10.74 -63.56
C PHE I 784 -10.18 -11.03 -64.02
N VAL I 785 -10.98 -9.98 -64.09
CA VAL I 785 -12.39 -10.11 -64.46
C VAL I 785 -12.55 -10.52 -65.93
N ARG I 786 -11.61 -10.08 -66.77
CA ARG I 786 -11.57 -10.45 -68.20
C ARG I 786 -11.61 -11.97 -68.35
N GLY I 787 -10.61 -12.64 -67.78
CA GLY I 787 -10.57 -14.09 -67.77
C GLY I 787 -11.65 -14.75 -66.91
N ALA I 788 -12.03 -14.10 -65.81
CA ALA I 788 -13.10 -14.59 -64.94
C ALA I 788 -14.39 -14.82 -65.72
N LYS I 789 -14.81 -13.83 -66.51
CA LYS I 789 -15.98 -13.94 -67.38
C LYS I 789 -15.79 -15.04 -68.41
N GLU I 790 -14.62 -15.07 -69.02
CA GLU I 790 -14.31 -16.08 -70.03
C GLU I 790 -14.38 -17.49 -69.41
N ARG I 791 -13.91 -17.61 -68.18
CA ARG I 791 -13.85 -18.91 -67.49
C ARG I 791 -15.21 -19.34 -66.91
N GLY I 792 -15.92 -18.42 -66.27
CA GLY I 792 -17.23 -18.74 -65.74
C GLY I 792 -17.94 -17.58 -65.06
N VAL I 793 -17.34 -17.08 -63.98
CA VAL I 793 -18.03 -16.17 -63.03
C VAL I 793 -18.65 -14.93 -63.69
N PRO I 794 -19.83 -14.48 -63.18
CA PRO I 794 -20.61 -13.45 -63.83
C PRO I 794 -20.21 -12.00 -63.45
N GLU I 795 -18.92 -11.77 -63.24
CA GLU I 795 -18.42 -10.41 -63.14
C GLU I 795 -19.24 -9.61 -62.14
N GLU I 796 -19.65 -10.23 -61.04
CA GLU I 796 -20.42 -9.49 -60.06
C GLU I 796 -19.57 -10.10 -58.96
N GLU I 797 -19.32 -11.37 -59.12
CA GLU I 797 -18.48 -12.11 -58.19
C GLU I 797 -17.01 -11.78 -58.42
N ALA I 798 -16.58 -11.75 -59.68
CA ALA I 798 -15.16 -11.50 -60.03
C ALA I 798 -14.60 -10.31 -59.26
N ASN I 799 -15.30 -9.19 -59.28
CA ASN I 799 -14.86 -7.98 -58.57
C ASN I 799 -14.77 -8.17 -57.05
N ARG I 800 -15.82 -8.78 -56.50
CA ARG I 800 -15.91 -9.06 -55.06
C ARG I 800 -15.01 -10.24 -54.63
N LEU I 801 -14.69 -11.13 -55.57
CA LEU I 801 -13.71 -12.19 -55.35
C LEU I 801 -12.29 -11.64 -55.31
N PHE I 802 -12.03 -10.58 -56.07
CA PHE I 802 -10.74 -9.87 -56.00
C PHE I 802 -10.56 -9.12 -54.68
N ASP I 803 -11.66 -8.61 -54.11
CA ASP I 803 -11.63 -7.99 -52.78
C ASP I 803 -11.19 -9.00 -51.71
N MET I 804 -11.63 -10.25 -51.86
CA MET I 804 -11.30 -11.30 -50.89
C MET I 804 -9.82 -11.62 -50.93
N LEU I 805 -9.29 -11.78 -52.14
CA LEU I 805 -7.88 -12.11 -52.34
C LEU I 805 -6.94 -11.00 -51.83
N GLU I 806 -7.28 -9.74 -52.11
CA GLU I 806 -6.44 -8.62 -51.67
C GLU I 806 -6.40 -8.51 -50.14
N ALA I 807 -7.49 -8.88 -49.50
CA ALA I 807 -7.58 -8.87 -48.03
C ALA I 807 -6.70 -9.95 -47.41
N PHE I 808 -6.85 -11.18 -47.89
CA PHE I 808 -6.11 -12.31 -47.34
C PHE I 808 -4.64 -12.27 -47.74
N ALA I 809 -4.35 -11.64 -48.89
CA ALA I 809 -2.99 -11.61 -49.43
C ALA I 809 -2.00 -10.85 -48.54
N ASN I 810 -2.51 -9.98 -47.66
CA ASN I 810 -1.68 -9.23 -46.71
C ASN I 810 -0.99 -10.12 -45.71
N TYR I 811 -1.72 -11.11 -45.19
CA TYR I 811 -1.18 -12.02 -44.18
C TYR I 811 -1.03 -13.43 -44.73
N GLY I 812 -0.85 -13.54 -46.04
CA GLY I 812 -0.64 -14.84 -46.71
C GLY I 812 0.75 -15.41 -46.46
N PHE I 813 0.82 -16.61 -45.91
CA PHE I 813 2.10 -17.20 -45.56
C PHE I 813 2.60 -18.19 -46.62
N ASN I 814 3.93 -18.31 -46.73
CA ASN I 814 4.54 -19.22 -47.72
C ASN I 814 4.45 -20.65 -47.23
N LYS I 815 3.65 -21.47 -47.91
CA LYS I 815 3.35 -22.83 -47.45
C LYS I 815 4.59 -23.71 -47.48
N SER I 816 5.39 -23.58 -48.53
CA SER I 816 6.57 -24.40 -48.72
C SER I 816 7.50 -24.34 -47.49
N HIS I 817 7.68 -23.14 -46.95
CA HIS I 817 8.42 -22.96 -45.69
C HIS I 817 7.69 -23.56 -44.50
N ALA I 818 6.37 -23.39 -44.46
CA ALA I 818 5.54 -23.88 -43.36
C ALA I 818 5.48 -25.40 -43.34
N ALA I 819 5.42 -26.00 -44.51
CA ALA I 819 5.25 -27.44 -44.63
C ALA I 819 6.47 -28.17 -44.14
N ALA I 820 7.66 -27.71 -44.58
CA ALA I 820 8.93 -28.35 -44.22
C ALA I 820 9.22 -28.22 -42.73
N TYR I 821 9.00 -27.03 -42.18
CA TYR I 821 9.24 -26.80 -40.76
C TYR I 821 8.21 -27.55 -39.92
N SER I 822 7.04 -27.81 -40.48
CA SER I 822 6.02 -28.60 -39.77
C SER I 822 6.45 -30.05 -39.65
N LEU I 823 7.29 -30.49 -40.57
CA LEU I 823 7.82 -31.84 -40.53
C LEU I 823 8.79 -32.02 -39.36
N LEU I 824 9.63 -31.03 -39.11
CA LEU I 824 10.55 -31.05 -37.96
C LEU I 824 9.80 -31.01 -36.62
N SER I 825 8.75 -30.20 -36.56
CA SER I 825 7.85 -30.15 -35.40
C SER I 825 7.22 -31.52 -35.15
N TYR I 826 6.80 -32.19 -36.22
CA TYR I 826 6.16 -33.51 -36.14
C TYR I 826 7.15 -34.57 -35.67
N GLN I 827 8.36 -34.52 -36.23
CA GLN I 827 9.45 -35.42 -35.87
C GLN I 827 9.87 -35.26 -34.41
N THR I 828 9.84 -34.04 -33.91
CA THR I 828 10.11 -33.80 -32.52
C THR I 828 8.99 -34.35 -31.63
N ALA I 829 7.74 -34.11 -32.04
CA ALA I 829 6.57 -34.64 -31.30
C ALA I 829 6.49 -36.16 -31.37
N TYR I 830 6.86 -36.74 -32.51
CA TYR I 830 6.85 -38.21 -32.70
C TYR I 830 7.79 -38.91 -31.73
N VAL I 831 9.00 -38.38 -31.61
CA VAL I 831 10.05 -38.94 -30.73
C VAL I 831 9.63 -38.81 -29.27
N LYS I 832 9.01 -37.68 -28.95
CA LYS I 832 8.48 -37.45 -27.61
C LYS I 832 7.35 -38.40 -27.24
N ALA I 833 6.51 -38.74 -28.23
CA ALA I 833 5.33 -39.55 -27.98
C ALA I 833 5.73 -41.02 -27.76
N HIS I 834 6.58 -41.56 -28.64
CA HIS I 834 6.98 -42.96 -28.54
C HIS I 834 8.12 -43.18 -27.62
N TYR I 835 9.04 -42.21 -27.56
CA TYR I 835 10.27 -42.35 -26.78
C TYR I 835 10.54 -41.11 -25.92
N PRO I 836 9.71 -40.89 -24.90
CA PRO I 836 9.79 -39.66 -24.10
C PRO I 836 11.04 -39.56 -23.23
N VAL I 837 11.54 -40.70 -22.72
CA VAL I 837 12.69 -40.68 -21.82
C VAL I 837 13.95 -40.20 -22.55
N GLU I 838 14.30 -40.85 -23.65
CA GLU I 838 15.49 -40.50 -24.44
C GLU I 838 15.32 -39.18 -25.19
N PHE I 839 14.07 -38.78 -25.40
CA PHE I 839 13.74 -37.44 -25.88
C PHE I 839 14.23 -36.41 -24.85
N MET I 840 13.97 -36.69 -23.57
CA MET I 840 14.43 -35.80 -22.49
C MET I 840 15.95 -35.90 -22.24
N ALA I 841 16.51 -37.08 -22.49
CA ALA I 841 17.96 -37.28 -22.41
C ALA I 841 18.69 -36.50 -23.49
N ALA I 842 18.07 -36.35 -24.65
CA ALA I 842 18.65 -35.56 -25.74
C ALA I 842 18.69 -34.05 -25.40
N LEU I 843 17.63 -33.53 -24.79
CA LEU I 843 17.60 -32.12 -24.36
C LEU I 843 18.73 -31.82 -23.38
N LEU I 844 18.90 -32.69 -22.40
CA LEU I 844 19.96 -32.53 -21.46
C LEU I 844 21.30 -32.56 -22.20
N SER I 845 21.46 -33.52 -23.10
CA SER I 845 22.74 -33.74 -23.76
C SER I 845 23.16 -32.57 -24.67
N VAL I 846 22.20 -31.98 -25.36
CA VAL I 846 22.48 -30.87 -26.26
C VAL I 846 22.88 -29.61 -25.51
N GLU I 847 22.18 -29.32 -24.43
CA GLU I 847 22.48 -28.14 -23.60
C GLU I 847 23.04 -28.55 -22.25
N ARG I 848 24.03 -29.45 -22.26
CA ARG I 848 24.65 -29.95 -21.03
C ARG I 848 25.51 -28.89 -20.34
N HIS I 849 26.10 -27.99 -21.13
CA HIS I 849 27.03 -26.97 -20.63
C HIS I 849 26.33 -25.83 -19.95
N ASP I 850 25.12 -25.52 -20.40
CA ASP I 850 24.27 -24.50 -19.76
C ASP I 850 23.64 -25.00 -18.46
N SER I 851 23.98 -24.35 -17.36
CA SER I 851 23.56 -24.80 -16.02
C SER I 851 22.07 -24.66 -15.78
N ASP I 852 21.53 -23.49 -16.13
CA ASP I 852 20.11 -23.20 -15.93
C ASP I 852 19.25 -24.17 -16.72
N LYS I 853 19.63 -24.40 -17.97
CA LYS I 853 18.90 -25.34 -18.81
C LYS I 853 18.87 -26.72 -18.18
N VAL I 854 20.04 -27.27 -17.82
CA VAL I 854 20.09 -28.63 -17.28
C VAL I 854 19.23 -28.76 -16.03
N ALA I 855 19.20 -27.71 -15.22
CA ALA I 855 18.36 -27.66 -14.06
C ALA I 855 16.88 -27.57 -14.46
N GLU I 856 16.59 -26.88 -15.57
CA GLU I 856 15.22 -26.75 -16.09
C GLU I 856 14.70 -28.03 -16.75
N TYR I 857 15.54 -28.73 -17.49
CA TYR I 857 15.12 -29.95 -18.18
C TYR I 857 14.90 -31.12 -17.22
N ILE I 858 15.62 -31.14 -16.09
CA ILE I 858 15.45 -32.22 -15.11
C ILE I 858 14.20 -32.08 -14.24
N ARG I 859 13.81 -30.83 -13.95
CA ARG I 859 12.60 -30.55 -13.17
C ARG I 859 11.35 -30.77 -14.02
N ASP I 860 11.52 -30.63 -15.33
CA ASP I 860 10.48 -31.03 -16.27
C ASP I 860 10.41 -32.55 -16.29
N ALA I 861 11.58 -33.19 -16.31
CA ALA I 861 11.66 -34.67 -16.33
C ALA I 861 11.10 -35.31 -15.06
N ARG I 862 11.47 -34.74 -13.92
CA ARG I 862 10.99 -35.22 -12.62
C ARG I 862 9.49 -35.10 -12.51
N ALA I 863 8.95 -33.96 -12.97
CA ALA I 863 7.51 -33.73 -13.01
C ALA I 863 6.87 -34.34 -14.26
N LEU I 864 7.38 -35.51 -14.69
CA LEU I 864 6.80 -36.23 -15.82
C LEU I 864 6.98 -37.76 -15.70
N GLY I 865 7.35 -38.22 -14.50
CA GLY I 865 7.50 -39.65 -14.24
C GLY I 865 8.89 -40.19 -14.51
N ILE I 866 9.67 -39.43 -15.28
CA ILE I 866 11.04 -39.83 -15.67
C ILE I 866 12.07 -39.48 -14.60
N PRO I 867 12.79 -40.50 -14.09
CA PRO I 867 13.79 -40.24 -13.07
C PRO I 867 15.13 -39.83 -13.68
N VAL I 868 15.83 -38.92 -13.00
CA VAL I 868 17.13 -38.43 -13.46
C VAL I 868 18.15 -38.67 -12.37
N LEU I 869 18.85 -39.79 -12.44
CA LEU I 869 19.82 -40.18 -11.40
C LEU I 869 21.19 -39.46 -11.57
N PRO I 870 21.99 -39.40 -10.49
CA PRO I 870 23.39 -38.98 -10.62
C PRO I 870 24.21 -40.04 -11.35
N PRO I 871 25.49 -39.72 -11.65
CA PRO I 871 26.31 -40.66 -12.43
C PRO I 871 26.67 -41.94 -11.64
N ASP I 872 27.29 -42.90 -12.33
CA ASP I 872 27.70 -44.17 -11.72
C ASP I 872 28.83 -44.78 -12.53
N VAL I 873 29.92 -45.15 -11.87
CA VAL I 873 31.08 -45.74 -12.55
C VAL I 873 30.72 -47.04 -13.29
N ASN I 874 29.80 -47.83 -12.72
CA ASN I 874 29.45 -49.16 -13.25
C ASN I 874 28.41 -49.13 -14.34
N ARG I 875 27.65 -48.04 -14.41
CA ARG I 875 26.50 -47.95 -15.32
C ARG I 875 26.57 -46.82 -16.36
N SER I 876 27.07 -45.64 -15.97
CA SER I 876 27.07 -44.47 -16.85
C SER I 876 28.07 -44.64 -17.96
N GLY I 877 27.77 -43.97 -19.08
CA GLY I 877 28.69 -43.87 -20.21
C GLY I 877 29.50 -42.58 -20.09
N PHE I 878 29.70 -41.91 -21.23
CA PHE I 878 30.46 -40.66 -21.29
C PHE I 878 29.53 -39.45 -21.16
N ASP I 879 28.44 -39.47 -21.93
CA ASP I 879 27.48 -38.38 -21.93
C ASP I 879 26.21 -38.90 -21.25
N PHE I 880 25.12 -38.16 -21.41
CA PHE I 880 23.86 -38.55 -20.80
C PHE I 880 23.36 -39.83 -21.41
N LYS I 881 22.80 -40.69 -20.59
CA LYS I 881 22.51 -42.07 -20.96
C LYS I 881 21.13 -42.51 -20.46
N VAL I 882 20.53 -43.48 -21.15
CA VAL I 882 19.19 -44.00 -20.82
C VAL I 882 19.25 -45.51 -20.56
N VAL I 883 19.34 -45.89 -19.30
CA VAL I 883 19.31 -47.28 -18.89
C VAL I 883 17.90 -47.67 -18.44
N GLY I 884 17.30 -48.62 -19.15
CA GLY I 884 15.92 -49.01 -18.90
C GLY I 884 14.99 -47.86 -19.28
N GLU I 885 14.45 -47.21 -18.27
CA GLU I 885 13.59 -46.04 -18.46
C GLU I 885 13.98 -44.94 -17.48
N GLU I 886 15.28 -44.73 -17.33
CA GLU I 886 15.84 -43.75 -16.38
C GLU I 886 16.95 -42.97 -17.04
N ILE I 887 16.89 -41.65 -16.99
CA ILE I 887 17.98 -40.81 -17.51
C ILE I 887 19.15 -40.89 -16.52
N LEU I 888 20.37 -41.00 -17.06
CA LEU I 888 21.57 -41.22 -16.25
C LEU I 888 22.68 -40.27 -16.66
N PHE I 889 23.25 -39.54 -15.68
CA PHE I 889 24.36 -38.60 -15.93
C PHE I 889 25.60 -39.34 -16.38
N GLY I 890 26.38 -38.69 -17.23
CA GLY I 890 27.66 -39.23 -17.70
C GLY I 890 28.82 -38.88 -16.77
N LEU I 891 29.94 -39.59 -16.96
CA LEU I 891 31.17 -39.35 -16.20
C LEU I 891 31.87 -38.06 -16.64
N SER I 892 31.57 -37.59 -17.85
CA SER I 892 32.12 -36.33 -18.33
C SER I 892 31.51 -35.11 -17.62
N ALA I 893 30.29 -35.27 -17.10
CA ALA I 893 29.61 -34.17 -16.39
C ALA I 893 30.25 -33.84 -15.02
N VAL I 894 31.03 -34.76 -14.45
CA VAL I 894 31.73 -34.50 -13.20
C VAL I 894 32.84 -33.49 -13.44
N LYS I 895 32.96 -32.52 -12.54
CA LYS I 895 33.73 -31.28 -12.78
C LYS I 895 35.25 -31.44 -12.84
N ASN I 896 35.84 -31.96 -11.77
CA ASN I 896 37.31 -32.12 -11.70
C ASN I 896 37.82 -33.26 -12.58
N VAL I 897 36.97 -34.25 -12.87
CA VAL I 897 37.36 -35.41 -13.68
C VAL I 897 37.57 -34.99 -15.14
N GLY I 898 38.74 -35.32 -15.67
CA GLY I 898 39.12 -34.91 -17.02
C GLY I 898 38.44 -35.74 -18.10
N GLU I 899 38.68 -35.34 -19.35
CA GLU I 899 38.16 -36.07 -20.49
C GLU I 899 38.89 -37.42 -20.62
N MET I 900 40.22 -37.40 -20.46
CA MET I 900 41.03 -38.60 -20.61
C MET I 900 40.68 -39.61 -19.52
N ALA I 901 40.48 -39.12 -18.30
CA ALA I 901 40.16 -39.98 -17.15
C ALA I 901 38.80 -40.58 -17.30
N ALA I 902 37.85 -39.75 -17.74
CA ALA I 902 36.45 -40.16 -17.93
C ALA I 902 36.35 -41.42 -18.78
N ARG I 903 37.07 -41.42 -19.89
CA ARG I 903 37.08 -42.56 -20.80
C ARG I 903 38.07 -43.63 -20.37
N ALA I 904 39.09 -43.25 -19.61
CA ALA I 904 40.04 -44.23 -19.10
C ALA I 904 39.30 -45.15 -18.16
N ILE I 905 38.35 -44.58 -17.41
CA ILE I 905 37.49 -45.31 -16.46
C ILE I 905 36.58 -46.27 -17.21
N LEU I 906 36.03 -45.79 -18.32
CA LEU I 906 35.13 -46.58 -19.16
C LEU I 906 35.87 -47.73 -19.85
N GLU I 907 37.03 -47.45 -20.44
CA GLU I 907 37.80 -48.45 -21.19
C GLU I 907 38.40 -49.52 -20.29
N GLU I 908 38.64 -49.15 -19.04
CA GLU I 908 39.04 -50.11 -18.02
C GLU I 908 37.89 -51.05 -17.67
N ARG I 909 36.68 -50.50 -17.63
CA ARG I 909 35.48 -51.27 -17.29
C ARG I 909 35.10 -52.28 -18.36
N GLU I 910 35.47 -51.96 -19.61
CA GLU I 910 35.16 -52.80 -20.77
C GLU I 910 36.06 -54.05 -20.80
N ARG I 911 37.36 -53.85 -20.74
CA ARG I 911 38.29 -54.99 -20.78
C ARG I 911 38.23 -55.85 -19.51
N GLY I 912 38.11 -55.19 -18.35
CA GLY I 912 37.88 -55.85 -17.08
C GLY I 912 36.40 -55.89 -16.76
N GLY I 913 36.04 -56.56 -15.67
CA GLY I 913 34.65 -56.68 -15.24
C GLY I 913 34.12 -55.35 -14.71
N PRO I 914 32.86 -55.31 -14.25
CA PRO I 914 32.36 -54.13 -13.55
C PRO I 914 33.06 -53.95 -12.18
N PHE I 915 33.16 -52.72 -11.72
CA PHE I 915 33.86 -52.44 -10.47
C PHE I 915 33.08 -52.90 -9.23
N LYS I 916 33.71 -53.78 -8.44
CA LYS I 916 33.05 -54.43 -7.30
C LYS I 916 33.36 -53.80 -5.93
N SER I 917 34.37 -52.92 -5.87
CA SER I 917 34.70 -52.22 -4.64
C SER I 917 35.48 -50.93 -4.87
N LEU I 918 35.70 -50.18 -3.80
CA LEU I 918 36.50 -48.94 -3.86
C LEU I 918 38.00 -49.24 -4.05
N GLY I 919 38.48 -50.30 -3.42
CA GLY I 919 39.85 -50.75 -3.59
C GLY I 919 40.04 -51.26 -5.00
N ASP I 920 39.09 -52.08 -5.47
CA ASP I 920 39.11 -52.63 -6.84
C ASP I 920 39.11 -51.50 -7.86
N PHE I 921 38.39 -50.43 -7.58
CA PHE I 921 38.42 -49.24 -8.42
C PHE I 921 39.81 -48.61 -8.46
N LEU I 922 40.40 -48.37 -7.29
CA LEU I 922 41.70 -47.70 -7.18
C LEU I 922 42.88 -48.50 -7.76
N LYS I 923 42.86 -49.83 -7.60
CA LYS I 923 44.00 -50.67 -7.98
C LYS I 923 44.16 -50.89 -9.49
N ARG I 924 43.07 -50.74 -10.25
CA ARG I 924 43.16 -50.83 -11.71
C ARG I 924 42.87 -49.50 -12.40
N LEU I 925 42.73 -48.44 -11.61
CA LEU I 925 42.76 -47.08 -12.14
C LEU I 925 43.69 -46.27 -11.22
N PRO I 926 45.00 -46.24 -11.53
CA PRO I 926 46.00 -45.55 -10.67
C PRO I 926 45.91 -44.03 -10.61
N GLU I 927 46.52 -43.45 -9.58
CA GLU I 927 46.49 -42.00 -9.38
C GLU I 927 47.09 -41.26 -10.59
N GLN I 928 47.93 -41.97 -11.34
CA GLN I 928 48.51 -41.45 -12.58
C GLN I 928 47.40 -40.96 -13.51
N VAL I 929 46.33 -41.74 -13.61
CA VAL I 929 45.19 -41.42 -14.46
C VAL I 929 44.13 -40.67 -13.66
N VAL I 930 43.60 -41.33 -12.65
CA VAL I 930 42.54 -40.74 -11.82
C VAL I 930 43.16 -40.19 -10.51
N ASN I 931 43.56 -38.92 -10.53
CA ASN I 931 44.16 -38.28 -9.38
C ASN I 931 43.18 -38.04 -8.24
N LYS I 932 43.71 -37.63 -7.08
CA LYS I 932 42.93 -37.43 -5.85
C LYS I 932 41.92 -36.29 -5.98
N ARG I 933 42.30 -35.23 -6.68
CA ARG I 933 41.38 -34.13 -6.99
C ARG I 933 40.14 -34.63 -7.77
N ALA I 934 40.35 -35.49 -8.75
CA ALA I 934 39.27 -36.05 -9.52
C ALA I 934 38.48 -37.07 -8.70
N LEU I 935 39.18 -37.89 -7.91
CA LEU I 935 38.53 -38.93 -7.09
C LEU I 935 37.50 -38.33 -6.13
N GLU I 936 37.85 -37.20 -5.53
CA GLU I 936 36.98 -36.56 -4.54
C GLU I 936 35.64 -36.13 -5.15
N SER I 937 35.72 -35.46 -6.28
CA SER I 937 34.53 -35.02 -7.01
C SER I 937 33.70 -36.20 -7.53
N LEU I 938 34.36 -37.33 -7.77
CA LEU I 938 33.67 -38.53 -8.27
C LEU I 938 32.84 -39.20 -7.18
N VAL I 939 33.32 -39.06 -5.95
CA VAL I 939 32.56 -39.52 -4.77
C VAL I 939 31.41 -38.55 -4.45
N LYS I 940 31.72 -37.24 -4.50
CA LYS I 940 30.75 -36.17 -4.23
C LYS I 940 29.59 -36.14 -5.24
N ALA I 941 29.90 -36.41 -6.50
CA ALA I 941 28.93 -36.40 -7.59
C ALA I 941 27.92 -37.51 -7.42
N GLY I 942 28.36 -38.60 -6.79
CA GLY I 942 27.54 -39.78 -6.54
C GLY I 942 27.94 -40.97 -7.39
N ALA I 943 29.03 -40.87 -8.12
CA ALA I 943 29.45 -41.95 -9.00
C ALA I 943 29.81 -43.25 -8.21
N LEU I 944 30.33 -43.07 -7.00
CA LEU I 944 30.81 -44.18 -6.19
C LEU I 944 29.88 -44.46 -5.02
N ASP I 945 28.58 -44.23 -5.22
CA ASP I 945 27.56 -44.54 -4.19
C ASP I 945 27.34 -46.05 -4.05
N ALA I 946 27.71 -46.81 -5.07
CA ALA I 946 27.54 -48.25 -5.08
C ALA I 946 28.62 -49.01 -4.26
N PHE I 947 29.34 -48.29 -3.40
CA PHE I 947 30.37 -48.91 -2.54
C PHE I 947 30.28 -48.56 -1.04
N GLY I 948 29.48 -47.56 -0.69
CA GLY I 948 29.25 -47.21 0.70
C GLY I 948 28.87 -45.76 0.89
N ASP I 949 29.01 -45.29 2.14
CA ASP I 949 28.66 -43.92 2.54
C ASP I 949 29.68 -42.90 2.00
N ARG I 950 29.18 -41.76 1.55
CA ARG I 950 30.04 -40.75 0.97
C ARG I 950 31.10 -40.25 1.94
N ALA I 951 30.68 -39.86 3.14
CA ALA I 951 31.61 -39.37 4.17
C ALA I 951 32.59 -40.45 4.59
N ARG I 952 32.14 -41.70 4.54
CA ARG I 952 32.98 -42.86 4.81
C ARG I 952 33.93 -43.11 3.62
N LEU I 953 33.43 -42.89 2.40
CA LEU I 953 34.21 -43.05 1.17
C LEU I 953 35.28 -41.96 1.01
N LEU I 954 34.94 -40.73 1.39
CA LEU I 954 35.88 -39.61 1.34
C LEU I 954 37.00 -39.74 2.36
N ALA I 955 36.63 -40.23 3.55
CA ALA I 955 37.61 -40.54 4.61
C ALA I 955 38.51 -41.74 4.26
N SER I 956 37.97 -42.69 3.50
CA SER I 956 38.72 -43.88 3.10
C SER I 956 39.64 -43.68 1.87
N LEU I 957 39.63 -42.48 1.29
CA LEU I 957 40.41 -42.18 0.06
C LEU I 957 41.93 -42.32 0.26
N GLU I 958 42.51 -41.44 1.08
CA GLU I 958 43.97 -41.38 1.22
C GLU I 958 44.58 -42.68 1.76
N PRO I 959 43.94 -43.31 2.78
CA PRO I 959 44.45 -44.60 3.23
C PRO I 959 44.46 -45.68 2.12
N LEU I 960 43.37 -45.75 1.36
CA LEU I 960 43.24 -46.73 0.28
C LEU I 960 44.16 -46.40 -0.88
N LEU I 961 44.39 -45.11 -1.11
CA LEU I 961 45.36 -44.67 -2.13
C LEU I 961 46.75 -45.23 -1.83
N ARG I 962 47.16 -45.17 -0.56
CA ARG I 962 48.43 -45.77 -0.13
C ARG I 962 48.40 -47.27 -0.36
N TRP I 963 47.33 -47.90 0.12
CA TRP I 963 47.13 -49.34 -0.10
C TRP I 963 47.09 -49.69 -1.58
N ALA I 964 46.46 -48.85 -2.38
CA ALA I 964 46.44 -49.07 -3.82
C ALA I 964 47.85 -48.99 -4.38
N ALA I 965 48.61 -48.00 -3.93
CA ALA I 965 49.99 -47.84 -4.35
C ALA I 965 50.85 -48.99 -3.88
N GLU I 966 50.56 -49.50 -2.69
CA GLU I 966 51.31 -50.62 -2.12
C GLU I 966 50.96 -51.97 -2.75
N THR I 967 49.94 -52.01 -3.59
CA THR I 967 49.54 -53.23 -4.29
C THR I 967 50.41 -53.52 -5.50
N ARG I 968 50.81 -52.46 -6.20
CA ARG I 968 51.52 -52.58 -7.49
C ARG I 968 52.98 -53.01 -7.32
N GLU I 969 53.68 -52.44 -6.34
CA GLU I 969 55.08 -52.77 -6.12
C GLU I 969 55.19 -54.22 -5.63
N ARG I 970 54.17 -54.69 -4.92
CA ARG I 970 54.13 -56.07 -4.44
C ARG I 970 54.06 -57.03 -5.62
N GLY I 971 53.22 -56.70 -6.60
CA GLY I 971 53.11 -57.46 -7.84
C GLY I 971 54.14 -57.10 -8.89
N ARG I 972 54.92 -56.04 -8.65
CA ARG I 972 55.95 -55.58 -9.58
C ARG I 972 57.18 -56.51 -9.59
N SER I 973 57.91 -56.55 -8.48
CA SER I 973 59.03 -57.47 -8.36
C SER I 973 58.56 -58.76 -7.68
N GLY I 974 57.94 -59.64 -8.46
CA GLY I 974 57.25 -60.83 -7.97
C GLY I 974 55.79 -60.56 -7.68
N LEU I 975 54.94 -61.54 -7.93
CA LEU I 975 53.51 -61.39 -7.68
C LEU I 975 52.71 -62.53 -8.31
N VAL I 976 51.69 -63.00 -7.60
CA VAL I 976 50.85 -64.07 -8.09
C VAL I 976 49.39 -63.81 -7.73
N GLY I 977 49.17 -63.13 -6.61
CA GLY I 977 47.83 -62.79 -6.15
C GLY I 977 47.64 -62.78 -4.65
N LEU I 978 47.84 -63.94 -4.03
CA LEU I 978 47.69 -64.10 -2.56
C LEU I 978 48.78 -63.35 -1.79
N PHE I 979 50.00 -63.40 -2.30
CA PHE I 979 51.14 -62.69 -1.72
C PHE I 979 51.28 -61.26 -2.28
N ALA I 980 50.75 -61.03 -3.49
CA ALA I 980 50.74 -59.70 -4.13
C ALA I 980 49.67 -58.74 -3.55
N GLU I 981 48.72 -59.30 -2.81
CA GLU I 981 47.84 -58.44 -2.09
C GLU I 981 47.28 -59.01 -0.81
N VAL I 982 47.49 -58.23 0.24
CA VAL I 982 46.71 -58.28 1.49
C VAL I 982 45.41 -57.53 1.18
N GLU I 983 44.35 -58.28 0.89
CA GLU I 983 43.13 -57.75 0.26
C GLU I 983 42.51 -56.55 1.00
N GLU I 984 41.85 -55.68 0.23
CA GLU I 984 41.34 -54.39 0.70
C GLU I 984 40.72 -54.39 2.10
N PRO I 985 41.12 -53.41 2.93
CA PRO I 985 40.62 -53.33 4.30
C PRO I 985 39.22 -52.73 4.32
N PRO I 986 38.49 -52.95 5.44
CA PRO I 986 37.14 -52.39 5.57
C PRO I 986 37.09 -50.87 5.42
N LEU I 987 35.93 -50.34 5.08
CA LEU I 987 35.77 -48.91 4.82
C LEU I 987 35.95 -48.07 6.09
N VAL I 988 36.90 -47.14 6.06
CA VAL I 988 37.24 -46.30 7.21
C VAL I 988 36.05 -45.46 7.68
N GLU I 989 35.59 -45.74 8.90
CA GLU I 989 34.33 -45.21 9.41
C GLU I 989 34.26 -43.68 9.48
N ALA I 990 33.02 -43.17 9.44
CA ALA I 990 32.77 -41.74 9.50
C ALA I 990 31.27 -41.44 9.71
N SER I 991 31.00 -40.26 10.28
CA SER I 991 29.64 -39.84 10.58
C SER I 991 28.97 -39.37 9.28
N PRO I 992 27.64 -39.58 9.14
CA PRO I 992 27.02 -39.32 7.85
C PRO I 992 26.98 -37.85 7.49
N LEU I 993 26.84 -37.56 6.20
CA LEU I 993 26.73 -36.21 5.71
C LEU I 993 25.27 -35.74 5.82
N ASP I 994 25.06 -34.54 6.37
CA ASP I 994 23.73 -33.91 6.39
C ASP I 994 23.32 -33.45 4.98
N GLU I 995 22.01 -33.27 4.79
CA GLU I 995 21.48 -32.93 3.46
C GLU I 995 21.98 -31.59 2.93
N ILE I 996 22.28 -30.63 3.81
CA ILE I 996 22.81 -29.32 3.36
C ILE I 996 24.21 -29.46 2.75
N THR I 997 25.11 -30.16 3.45
CA THR I 997 26.48 -30.34 2.97
C THR I 997 26.57 -31.36 1.84
N MET I 998 25.69 -32.37 1.84
CA MET I 998 25.70 -33.39 0.79
C MET I 998 25.33 -32.79 -0.57
N LEU I 999 24.22 -32.06 -0.60
CA LEU I 999 23.79 -31.35 -1.81
C LEU I 999 24.79 -30.28 -2.22
N ARG I 1000 25.50 -29.70 -1.23
CA ARG I 1000 26.54 -28.72 -1.49
C ARG I 1000 27.72 -29.35 -2.22
N TYR I 1001 28.01 -30.62 -1.90
CA TYR I 1001 29.05 -31.39 -2.59
C TYR I 1001 28.62 -31.79 -4.01
N GLU I 1002 27.34 -32.13 -4.17
CA GLU I 1002 26.81 -32.44 -5.50
C GLU I 1002 26.91 -31.23 -6.45
N LYS I 1003 26.61 -30.03 -5.94
CA LYS I 1003 26.70 -28.81 -6.74
C LYS I 1003 28.14 -28.48 -7.11
N GLU I 1004 29.05 -28.76 -6.19
CA GLU I 1004 30.48 -28.60 -6.46
C GLU I 1004 30.96 -29.67 -7.44
N ALA I 1005 30.42 -30.88 -7.33
CA ALA I 1005 30.84 -32.01 -8.18
C ALA I 1005 30.29 -31.88 -9.61
N LEU I 1006 28.98 -31.68 -9.72
CA LEU I 1006 28.31 -31.67 -11.02
C LEU I 1006 28.09 -30.26 -11.61
N GLY I 1007 28.00 -29.26 -10.73
CA GLY I 1007 27.88 -27.86 -11.19
C GLY I 1007 26.45 -27.44 -11.44
N ILE I 1008 25.51 -28.26 -10.97
CA ILE I 1008 24.11 -27.99 -11.20
C ILE I 1008 23.30 -28.92 -10.29
N TYR I 1009 22.14 -28.45 -9.86
CA TYR I 1009 21.26 -29.24 -8.98
C TYR I 1009 20.81 -30.50 -9.68
N VAL I 1010 21.10 -31.65 -9.05
CA VAL I 1010 20.61 -32.96 -9.52
C VAL I 1010 20.22 -33.77 -8.29
N SER I 1011 18.90 -33.93 -8.09
CA SER I 1011 18.33 -34.56 -6.89
C SER I 1011 18.54 -33.72 -5.62
N GLY I 1012 17.53 -32.95 -5.25
CA GLY I 1012 17.54 -32.19 -4.00
C GLY I 1012 17.87 -30.72 -4.18
N HIS I 1013 17.46 -29.91 -3.20
CA HIS I 1013 17.86 -28.52 -3.10
C HIS I 1013 17.92 -28.20 -1.64
N PRO I 1014 19.04 -27.58 -1.16
CA PRO I 1014 19.21 -27.25 0.27
C PRO I 1014 18.02 -26.59 0.97
N VAL I 1015 17.24 -25.83 0.23
CA VAL I 1015 16.06 -25.15 0.75
C VAL I 1015 14.86 -26.09 0.97
N LEU I 1016 14.84 -27.23 0.29
CA LEU I 1016 13.76 -28.24 0.50
C LEU I 1016 13.84 -29.01 1.81
N ARG I 1017 14.98 -28.90 2.51
CA ARG I 1017 15.14 -29.56 3.82
C ARG I 1017 14.28 -28.91 4.92
N TYR I 1018 14.25 -27.58 4.93
CA TYR I 1018 13.41 -26.84 5.87
C TYR I 1018 12.23 -26.19 5.16
N PRO I 1019 11.03 -26.80 5.27
CA PRO I 1019 9.83 -26.26 4.59
C PRO I 1019 9.42 -24.87 5.07
N GLY I 1020 9.66 -24.56 6.34
CA GLY I 1020 9.28 -23.27 6.90
C GLY I 1020 9.38 -22.12 5.94
N LEU I 1021 10.53 -22.03 5.25
CA LEU I 1021 10.78 -20.96 4.29
C LEU I 1021 9.86 -21.10 3.08
N ARG I 1022 9.76 -22.30 2.52
CA ARG I 1022 8.87 -22.58 1.38
C ARG I 1022 7.44 -22.11 1.64
N GLU I 1023 6.97 -22.27 2.87
CA GLU I 1023 5.58 -21.99 3.22
C GLU I 1023 5.34 -20.49 3.23
N VAL I 1024 6.25 -19.76 3.86
CA VAL I 1024 6.18 -18.30 3.98
C VAL I 1024 6.25 -17.61 2.61
N ALA I 1025 7.06 -18.14 1.71
CA ALA I 1025 7.24 -17.59 0.35
C ALA I 1025 5.90 -17.35 -0.38
N SER I 1026 5.63 -16.08 -0.65
CA SER I 1026 4.40 -15.67 -1.31
C SER I 1026 4.34 -16.12 -2.76
N CYS I 1027 5.50 -16.46 -3.32
CA CYS I 1027 5.60 -16.97 -4.68
C CYS I 1027 6.83 -17.86 -4.75
N THR I 1028 7.07 -18.45 -5.91
CA THR I 1028 8.33 -19.14 -6.15
C THR I 1028 9.06 -18.46 -7.32
N ILE I 1029 10.34 -18.80 -7.51
CA ILE I 1029 11.18 -18.10 -8.48
C ILE I 1029 10.57 -18.19 -9.90
N GLU I 1030 10.05 -19.38 -10.25
CA GLU I 1030 9.44 -19.62 -11.56
C GLU I 1030 8.15 -18.83 -11.74
N GLU I 1031 7.30 -18.83 -10.71
CA GLU I 1031 5.97 -18.21 -10.78
C GLU I 1031 5.97 -16.67 -10.71
N LEU I 1032 7.10 -16.05 -10.38
CA LEU I 1032 7.18 -14.58 -10.22
C LEU I 1032 6.59 -13.79 -11.38
N SER I 1033 6.94 -14.17 -12.60
CA SER I 1033 6.44 -13.50 -13.81
C SER I 1033 4.94 -13.74 -14.01
N GLU I 1034 4.49 -14.96 -13.71
CA GLU I 1034 3.08 -15.30 -13.82
C GLU I 1034 2.25 -14.62 -12.70
N PHE I 1035 2.89 -14.33 -11.57
CA PHE I 1035 2.23 -13.78 -10.39
C PHE I 1035 2.18 -12.25 -10.43
N VAL I 1036 3.33 -11.63 -10.66
CA VAL I 1036 3.46 -10.17 -10.53
C VAL I 1036 2.76 -9.37 -11.65
N ARG I 1037 2.57 -9.96 -12.83
CA ARG I 1037 1.89 -9.28 -13.95
C ARG I 1037 0.54 -8.67 -13.55
N GLU I 1038 -0.36 -9.51 -13.05
CA GLU I 1038 -1.68 -9.04 -12.63
C GLU I 1038 -1.63 -8.59 -11.17
N LEU I 1039 -1.11 -7.39 -10.94
CA LEU I 1039 -0.98 -6.83 -9.59
C LEU I 1039 -0.87 -5.31 -9.69
N PRO I 1040 -0.98 -4.61 -8.55
CA PRO I 1040 -0.87 -3.15 -8.58
C PRO I 1040 0.51 -2.60 -9.03
N GLY I 1041 0.61 -1.28 -9.11
CA GLY I 1041 1.81 -0.61 -9.62
C GLY I 1041 2.95 -0.45 -8.64
N LYS I 1042 2.73 -0.86 -7.38
CA LYS I 1042 3.74 -0.79 -6.33
C LYS I 1042 3.95 -2.20 -5.82
N PRO I 1043 4.62 -3.05 -6.63
CA PRO I 1043 4.60 -4.49 -6.41
C PRO I 1043 5.72 -4.98 -5.51
N LYS I 1044 5.46 -5.06 -4.21
CA LYS I 1044 6.43 -5.60 -3.24
C LYS I 1044 6.09 -7.03 -2.86
N VAL I 1045 7.05 -7.93 -3.04
CA VAL I 1045 6.83 -9.37 -2.84
C VAL I 1045 7.97 -9.94 -2.00
N LEU I 1046 7.66 -10.96 -1.20
CA LEU I 1046 8.66 -11.66 -0.40
C LEU I 1046 9.01 -13.03 -1.00
N LEU I 1047 10.31 -13.22 -1.27
CA LEU I 1047 10.83 -14.48 -1.86
C LEU I 1047 11.83 -15.19 -0.94
N SER I 1048 11.85 -16.52 -1.03
CA SER I 1048 12.74 -17.31 -0.20
C SER I 1048 13.51 -18.33 -1.05
N GLY I 1049 14.84 -18.26 -0.99
CA GLY I 1049 15.71 -19.21 -1.68
C GLY I 1049 17.11 -19.23 -1.11
N MET I 1050 18.04 -19.79 -1.88
CA MET I 1050 19.45 -19.88 -1.49
C MET I 1050 20.25 -18.80 -2.21
N VAL I 1051 20.95 -17.96 -1.43
CA VAL I 1051 21.78 -16.89 -1.99
C VAL I 1051 23.12 -17.44 -2.51
N GLU I 1052 23.57 -16.96 -3.67
CA GLU I 1052 24.76 -17.51 -4.33
C GLU I 1052 25.65 -16.45 -5.02
N GLU I 1053 26.15 -15.50 -4.24
CA GLU I 1053 27.10 -14.48 -4.75
C GLU I 1053 27.81 -13.76 -3.62
N VAL I 1054 28.99 -13.21 -3.92
CA VAL I 1054 29.81 -12.48 -2.96
C VAL I 1054 29.11 -11.19 -2.53
N ARG I 1067 24.74 -7.80 -6.19
CA ARG I 1067 23.84 -8.56 -7.05
C ARG I 1067 23.83 -10.01 -6.66
N PHE I 1068 23.30 -10.29 -5.48
CA PHE I 1068 23.22 -11.65 -4.97
C PHE I 1068 22.19 -12.46 -5.74
N THR I 1069 22.42 -13.76 -5.85
CA THR I 1069 21.59 -14.63 -6.67
C THR I 1069 20.81 -15.56 -5.79
N LEU I 1070 19.54 -15.22 -5.56
CA LEU I 1070 18.62 -16.10 -4.81
C LEU I 1070 18.12 -17.21 -5.75
N SER I 1071 18.03 -18.43 -5.23
CA SER I 1071 17.68 -19.59 -6.05
C SER I 1071 16.81 -20.63 -5.35
N ASP I 1072 15.72 -21.00 -6.01
CA ASP I 1072 14.81 -22.05 -5.53
C ASP I 1072 15.04 -23.27 -6.38
N GLU I 1073 14.33 -24.35 -6.04
CA GLU I 1073 14.33 -25.57 -6.85
C GLU I 1073 13.69 -25.37 -8.23
N THR I 1074 13.00 -24.24 -8.41
CA THR I 1074 12.31 -23.93 -9.66
C THR I 1074 13.08 -22.95 -10.59
N GLY I 1075 14.13 -22.33 -10.09
CA GLY I 1075 14.90 -21.37 -10.89
C GLY I 1075 15.79 -20.47 -10.06
N ALA I 1076 16.27 -19.39 -10.67
CA ALA I 1076 17.17 -18.44 -10.02
C ALA I 1076 16.96 -17.03 -10.60
N LEU I 1077 17.41 -16.02 -9.84
CA LEU I 1077 17.21 -14.63 -10.20
C LEU I 1077 18.41 -13.77 -9.84
N GLU I 1078 18.47 -12.61 -10.49
CA GLU I 1078 19.39 -11.53 -10.14
C GLU I 1078 18.59 -10.59 -9.25
N VAL I 1079 19.06 -10.41 -8.02
CA VAL I 1079 18.38 -9.54 -7.06
C VAL I 1079 19.33 -8.50 -6.42
N VAL I 1080 18.89 -7.25 -6.48
CA VAL I 1080 19.61 -6.10 -5.95
C VAL I 1080 19.45 -6.06 -4.43
N VAL I 1081 20.39 -5.47 -3.67
CA VAL I 1081 21.64 -4.85 -4.13
C VAL I 1081 21.49 -3.38 -4.52
N PHE I 1082 20.24 -2.92 -4.55
CA PHE I 1082 19.93 -1.50 -4.71
C PHE I 1082 19.17 -1.07 -3.46
N GLY I 1083 19.14 -1.98 -2.49
CA GLY I 1083 18.27 -1.87 -1.32
C GLY I 1083 19.04 -1.77 -0.02
N ARG I 1084 20.35 -2.02 -0.10
CA ARG I 1084 21.24 -1.81 1.02
C ARG I 1084 21.69 -0.34 1.06
N ALA I 1085 21.40 0.41 0.00
CA ALA I 1085 21.86 1.80 -0.13
C ALA I 1085 20.99 2.81 0.62
N TYR I 1086 20.10 2.32 1.49
CA TYR I 1086 19.26 3.19 2.32
C TYR I 1086 20.05 4.09 3.30
N GLU I 1087 20.74 3.53 4.30
CA GLU I 1087 21.05 2.09 4.47
C GLU I 1087 20.32 1.55 5.69
N GLY I 1088 19.90 0.28 5.69
CA GLY I 1088 20.03 -0.62 4.56
C GLY I 1088 19.63 -2.04 4.91
N VAL I 1089 20.39 -3.00 4.38
CA VAL I 1089 20.09 -4.43 4.54
C VAL I 1089 21.13 -5.09 5.41
N SER I 1090 22.39 -4.91 5.02
CA SER I 1090 23.55 -5.53 5.66
C SER I 1090 23.41 -7.05 5.70
N PRO I 1091 23.36 -7.69 4.51
CA PRO I 1091 23.21 -9.15 4.45
C PRO I 1091 24.46 -9.92 4.88
N LYS I 1092 25.56 -9.71 4.15
CA LYS I 1092 26.86 -10.29 4.51
C LYS I 1092 26.72 -11.80 4.63
N LEU I 1093 25.90 -12.38 3.78
CA LEU I 1093 25.56 -13.78 3.87
C LEU I 1093 26.48 -14.65 3.02
N LYS I 1094 26.65 -14.26 1.76
CA LYS I 1094 27.50 -14.96 0.79
C LYS I 1094 26.86 -16.29 0.32
N GLU I 1095 27.64 -17.38 0.27
CA GLU I 1095 27.18 -18.61 -0.37
C GLU I 1095 26.58 -19.60 0.62
N ASP I 1096 25.58 -20.33 0.15
CA ASP I 1096 25.01 -21.48 0.84
C ASP I 1096 24.40 -21.20 2.22
N ILE I 1097 23.71 -20.07 2.34
CA ILE I 1097 22.82 -19.82 3.48
C ILE I 1097 21.56 -19.16 2.93
N PRO I 1098 20.38 -19.69 3.28
CA PRO I 1098 19.18 -19.15 2.65
C PRO I 1098 18.64 -17.89 3.34
N LEU I 1099 17.78 -17.15 2.64
CA LEU I 1099 17.18 -15.92 3.16
C LEU I 1099 15.73 -15.81 2.74
N LEU I 1100 14.98 -14.96 3.46
CA LEU I 1100 13.67 -14.51 3.00
C LEU I 1100 13.83 -13.03 2.70
N VAL I 1101 13.49 -12.62 1.50
CA VAL I 1101 13.80 -11.27 1.05
C VAL I 1101 12.59 -10.57 0.47
N LEU I 1102 12.13 -9.51 1.16
CA LEU I 1102 11.16 -8.58 0.56
C LEU I 1102 11.81 -7.77 -0.57
N ALA I 1103 11.09 -7.63 -1.69
CA ALA I 1103 11.65 -6.93 -2.85
C ALA I 1103 10.58 -6.37 -3.80
N GLU I 1104 10.89 -5.22 -4.39
CA GLU I 1104 10.02 -4.59 -5.39
C GLU I 1104 10.40 -5.07 -6.80
N VAL I 1105 9.40 -5.52 -7.57
CA VAL I 1105 9.66 -6.09 -8.88
C VAL I 1105 9.27 -5.09 -9.98
N GLU I 1106 9.89 -5.25 -11.15
CA GLU I 1106 9.58 -4.42 -12.33
C GLU I 1106 9.74 -5.22 -13.62
N ARG I 1112 12.88 -7.18 -13.35
CA ARG I 1112 14.01 -6.98 -12.42
C ARG I 1112 13.47 -6.91 -11.00
N VAL I 1113 14.32 -7.26 -10.03
CA VAL I 1113 13.93 -7.31 -8.60
C VAL I 1113 14.87 -6.44 -7.74
N LEU I 1114 14.29 -5.59 -6.92
CA LEU I 1114 15.03 -4.68 -6.04
C LEU I 1114 14.64 -4.95 -4.58
N ALA I 1115 15.59 -5.43 -3.79
CA ALA I 1115 15.35 -5.80 -2.38
C ALA I 1115 15.19 -4.60 -1.44
N GLN I 1116 14.63 -4.88 -0.26
CA GLN I 1116 14.36 -3.85 0.73
C GLN I 1116 14.76 -4.31 2.12
N ALA I 1117 14.29 -5.48 2.54
CA ALA I 1117 14.70 -6.06 3.81
C ALA I 1117 14.99 -7.56 3.66
N VAL I 1118 15.75 -8.10 4.61
CA VAL I 1118 16.15 -9.52 4.61
C VAL I 1118 16.06 -10.15 6.01
N TRP I 1119 15.74 -11.43 6.07
CA TRP I 1119 15.75 -12.21 7.32
C TRP I 1119 16.37 -13.57 7.05
N THR I 1120 17.28 -13.99 7.93
CA THR I 1120 18.13 -15.18 7.68
C THR I 1120 17.58 -16.48 8.29
N LEU I 1121 18.14 -17.59 7.79
CA LEU I 1121 17.72 -18.95 8.17
C LEU I 1121 17.96 -19.20 9.64
N GLU I 1122 19.14 -18.80 10.10
CA GLU I 1122 19.54 -19.02 11.49
C GLU I 1122 18.64 -18.23 12.43
N GLU I 1123 18.14 -17.08 11.96
CA GLU I 1123 17.13 -16.33 12.69
C GLU I 1123 15.79 -17.04 12.64
N VAL I 1124 15.40 -17.47 11.45
CA VAL I 1124 14.09 -18.11 11.23
C VAL I 1124 13.87 -19.32 12.13
N LEU I 1125 14.89 -20.17 12.22
CA LEU I 1125 14.79 -21.44 12.97
C LEU I 1125 14.81 -21.23 14.47
N GLU I 1126 15.28 -20.06 14.90
CA GLU I 1126 15.31 -19.73 16.31
C GLU I 1126 14.34 -18.57 16.67
N ALA I 1127 13.61 -18.07 15.67
CA ALA I 1127 12.76 -16.89 15.85
C ALA I 1127 11.44 -17.29 16.51
N PRO I 1128 10.53 -16.33 16.77
CA PRO I 1128 9.24 -16.65 17.45
C PRO I 1128 8.33 -17.54 16.62
N LYS I 1129 7.84 -18.62 17.22
CA LYS I 1129 7.15 -19.69 16.51
C LYS I 1129 5.62 -19.62 16.63
N ALA I 1130 5.00 -18.90 15.70
CA ALA I 1130 3.55 -18.74 15.65
C ALA I 1130 2.87 -20.01 15.18
N LEU I 1131 1.67 -20.28 15.66
CA LEU I 1131 0.92 -21.49 15.29
C LEU I 1131 0.37 -21.30 13.89
N GLU I 1132 0.03 -22.41 13.23
CA GLU I 1132 -0.54 -22.39 11.88
C GLU I 1132 -1.38 -23.64 11.56
N VAL I 1133 -2.33 -23.47 10.65
CA VAL I 1133 -3.13 -24.57 10.16
C VAL I 1133 -3.32 -24.40 8.67
N GLU I 1134 -2.73 -25.32 7.92
CA GLU I 1134 -2.83 -25.28 6.47
C GLU I 1134 -4.14 -25.93 6.04
N VAL I 1135 -4.89 -25.24 5.18
CA VAL I 1135 -6.19 -25.72 4.71
C VAL I 1135 -6.24 -25.84 3.18
N ASP I 1136 -6.68 -26.99 2.70
CA ASP I 1136 -6.85 -27.26 1.27
C ASP I 1136 -8.07 -26.51 0.73
N HIS I 1137 -8.02 -26.16 -0.56
CA HIS I 1137 -9.13 -25.49 -1.23
C HIS I 1137 -10.44 -26.24 -1.03
N ALA I 1138 -10.37 -27.57 -0.97
CA ALA I 1138 -11.53 -28.40 -0.69
C ALA I 1138 -12.05 -28.09 0.71
N LEU I 1139 -13.17 -27.38 0.79
CA LEU I 1139 -13.70 -26.97 2.10
C LEU I 1139 -15.20 -26.69 2.02
N LEU I 1140 -15.99 -27.52 2.71
CA LEU I 1140 -17.44 -27.27 2.82
C LEU I 1140 -17.75 -26.05 3.70
N ASP I 1141 -18.96 -25.53 3.55
CA ASP I 1141 -19.42 -24.36 4.31
C ASP I 1141 -19.71 -24.68 5.77
N GLU I 1142 -20.06 -25.93 6.03
CA GLU I 1142 -20.45 -26.38 7.37
C GLU I 1142 -19.26 -26.99 8.12
N LYS I 1143 -18.08 -26.38 8.02
CA LYS I 1143 -16.92 -26.84 8.79
C LYS I 1143 -16.36 -25.76 9.70
N GLY I 1144 -16.37 -24.52 9.21
CA GLY I 1144 -15.96 -23.39 10.03
C GLY I 1144 -17.16 -22.49 10.29
N VAL I 1145 -17.02 -21.51 11.19
CA VAL I 1145 -15.79 -21.25 11.98
C VAL I 1145 -15.98 -21.56 13.46
N ALA I 1146 -17.08 -22.23 13.79
CA ALA I 1146 -17.43 -22.52 15.18
C ALA I 1146 -16.57 -23.66 15.75
N ARG I 1147 -16.46 -24.76 15.01
CA ARG I 1147 -15.69 -25.93 15.44
C ARG I 1147 -14.19 -25.57 15.67
N LEU I 1148 -13.62 -24.78 14.76
CA LEU I 1148 -12.18 -24.40 14.84
C LEU I 1148 -11.90 -23.40 15.96
N LYS I 1149 -12.75 -22.39 16.08
CA LYS I 1149 -12.56 -21.35 17.09
C LYS I 1149 -12.81 -21.90 18.50
N SER I 1150 -13.70 -22.88 18.63
CA SER I 1150 -13.97 -23.52 19.93
C SER I 1150 -12.72 -24.24 20.45
N LEU I 1151 -12.04 -24.96 19.56
CA LEU I 1151 -10.81 -25.71 19.90
C LEU I 1151 -9.67 -24.79 20.26
N LEU I 1152 -9.61 -23.65 19.58
CA LEU I 1152 -8.59 -22.62 19.79
C LEU I 1152 -8.83 -21.74 21.03
N ASP I 1153 -10.09 -21.36 21.28
CA ASP I 1153 -10.46 -20.56 22.48
C ASP I 1153 -10.16 -21.27 23.81
N GLU I 1154 -10.27 -22.60 23.82
CA GLU I 1154 -10.04 -23.40 25.01
C GLU I 1154 -8.58 -23.41 25.47
N HIS I 1155 -7.67 -23.01 24.58
CA HIS I 1155 -6.25 -22.94 24.93
C HIS I 1155 -5.69 -21.59 24.58
N PRO I 1156 -5.59 -20.70 25.58
CA PRO I 1156 -5.05 -19.36 25.34
C PRO I 1156 -3.54 -19.31 25.35
N GLY I 1157 -2.96 -18.28 24.76
CA GLY I 1157 -1.50 -18.12 24.73
C GLY I 1157 -1.09 -16.72 24.33
N SER I 1158 0.04 -16.62 23.63
CA SER I 1158 0.55 -15.32 23.15
C SER I 1158 0.95 -15.31 21.66
N LEU I 1159 0.56 -16.37 20.94
CA LEU I 1159 0.89 -16.50 19.52
C LEU I 1159 -0.32 -16.41 18.59
N PRO I 1160 -0.16 -15.73 17.44
CA PRO I 1160 -1.26 -15.70 16.48
C PRO I 1160 -1.42 -17.01 15.71
N VAL I 1161 -2.51 -17.14 14.97
CA VAL I 1161 -2.70 -18.26 14.05
C VAL I 1161 -2.99 -17.80 12.62
N TYR I 1162 -2.67 -18.67 11.65
CA TYR I 1162 -2.73 -18.34 10.23
C TYR I 1162 -3.48 -19.42 9.49
N LEU I 1163 -3.80 -19.14 8.22
CA LEU I 1163 -4.57 -20.06 7.38
C LEU I 1163 -4.03 -20.10 5.94
N ARG I 1164 -3.15 -21.06 5.68
CA ARG I 1164 -2.59 -21.26 4.34
C ARG I 1164 -3.63 -21.92 3.42
N VAL I 1165 -4.34 -21.07 2.66
CA VAL I 1165 -5.34 -21.57 1.73
C VAL I 1165 -4.69 -21.85 0.37
N LEU I 1166 -4.35 -23.12 0.14
CA LEU I 1166 -3.83 -23.57 -1.15
C LEU I 1166 -4.97 -23.58 -2.16
N GLY I 1167 -5.20 -22.40 -2.75
CA GLY I 1167 -6.31 -22.14 -3.68
C GLY I 1167 -6.06 -22.57 -5.12
N PRO I 1168 -6.97 -22.18 -6.03
CA PRO I 1168 -6.91 -22.60 -7.44
C PRO I 1168 -5.64 -22.14 -8.18
N PHE I 1169 -5.23 -20.90 -7.90
CA PHE I 1169 -3.98 -20.33 -8.41
C PHE I 1169 -3.40 -19.41 -7.34
N GLY I 1170 -2.31 -19.87 -6.72
CA GLY I 1170 -1.58 -19.06 -5.75
C GLY I 1170 -1.95 -19.43 -4.32
N GLU I 1171 -1.02 -19.16 -3.41
CA GLU I 1171 -1.17 -19.50 -1.98
C GLU I 1171 -1.54 -18.26 -1.13
N ALA I 1172 -2.84 -18.12 -0.87
CA ALA I 1172 -3.35 -17.02 -0.04
C ALA I 1172 -3.16 -17.29 1.46
N LEU I 1173 -3.26 -16.23 2.26
CA LEU I 1173 -3.18 -16.32 3.72
C LEU I 1173 -4.21 -15.44 4.41
N PHE I 1174 -5.17 -16.08 5.09
CA PHE I 1174 -6.15 -15.36 5.86
C PHE I 1174 -5.83 -15.58 7.35
N ALA I 1175 -5.00 -14.69 7.91
CA ALA I 1175 -4.69 -14.69 9.34
C ALA I 1175 -5.82 -14.07 10.19
N LEU I 1176 -6.81 -14.90 10.52
CA LEU I 1176 -8.11 -14.44 11.06
C LEU I 1176 -8.01 -13.51 12.27
N ARG I 1177 -7.56 -14.05 13.40
CA ARG I 1177 -7.56 -13.33 14.66
C ARG I 1177 -6.88 -14.12 15.77
N GLU I 1178 -6.40 -13.42 16.80
CA GLU I 1178 -5.90 -14.05 18.03
C GLU I 1178 -6.82 -15.18 18.50
N VAL I 1179 -6.37 -16.42 18.33
CA VAL I 1179 -7.15 -17.58 18.73
C VAL I 1179 -6.31 -18.59 19.50
N ARG I 1180 -5.07 -18.83 19.04
CA ARG I 1180 -4.13 -19.73 19.70
C ARG I 1180 -4.60 -21.17 19.54
N GLY I 1182 -4.89 -25.93 20.71
CA GLY I 1182 -3.58 -25.85 21.36
C GLY I 1182 -2.94 -27.21 21.36
N GLU I 1183 -2.17 -27.54 20.33
CA GLU I 1183 -1.32 -28.72 20.44
C GLU I 1183 -2.10 -29.97 20.87
N GLU I 1184 -3.34 -30.10 20.42
CA GLU I 1184 -4.12 -31.34 20.60
C GLU I 1184 -4.93 -31.29 19.30
N ALA I 1185 -5.13 -30.09 18.78
CA ALA I 1185 -5.82 -29.90 17.52
C ALA I 1185 -5.22 -30.74 16.37
N LEU I 1186 -3.89 -30.81 16.31
CA LEU I 1186 -3.18 -31.59 15.27
C LEU I 1186 -3.82 -32.96 15.01
N GLY I 1187 -4.12 -33.69 16.07
CA GLY I 1187 -4.72 -35.02 15.96
C GLY I 1187 -6.10 -35.01 15.32
N LEU I 1188 -6.95 -34.10 15.77
CA LEU I 1188 -8.29 -33.94 15.21
C LEU I 1188 -8.27 -33.17 13.88
N LEU I 1189 -7.22 -32.37 13.65
CA LEU I 1189 -7.13 -31.52 12.44
C LEU I 1189 -6.68 -32.29 11.22
N GLU I 1190 -5.85 -33.32 11.44
CA GLU I 1190 -5.43 -34.19 10.35
C GLU I 1190 -6.51 -35.23 9.98
N ALA I 1191 -7.57 -35.31 10.79
CA ALA I 1191 -8.74 -36.13 10.46
C ALA I 1191 -9.55 -35.40 9.39
N GLU I 1192 -8.90 -35.16 8.26
CA GLU I 1192 -9.35 -34.24 7.20
C GLU I 1192 -8.14 -33.92 6.32
N GLY I 1193 -8.35 -33.10 5.30
CA GLY I 1193 -7.26 -32.74 4.38
C GLY I 1193 -6.43 -31.56 4.83
N TYR I 1194 -6.34 -31.36 6.15
CA TYR I 1194 -5.67 -30.18 6.73
C TYR I 1194 -4.60 -30.58 7.70
N ARG I 1195 -3.56 -29.74 7.78
CA ARG I 1195 -2.38 -30.03 8.61
C ARG I 1195 -1.91 -28.76 9.33
N ALA I 1196 -1.25 -28.97 10.47
CA ALA I 1196 -0.83 -27.87 11.35
C ALA I 1196 0.67 -27.82 11.45
N TYR I 1197 1.25 -26.68 11.04
CA TYR I 1197 2.69 -26.41 11.15
C TYR I 1197 2.98 -25.28 12.13
N LEU I 1198 4.26 -25.12 12.48
CA LEU I 1198 4.70 -24.07 13.39
C LEU I 1198 5.69 -23.20 12.63
N VAL I 1199 5.18 -22.47 11.65
CA VAL I 1199 6.03 -21.70 10.74
C VAL I 1199 6.46 -20.33 11.29
N PRO I 1200 7.36 -19.62 10.57
CA PRO I 1200 7.80 -18.29 10.98
C PRO I 1200 6.90 -17.13 10.54
N ASP I 1201 5.59 -17.36 10.52
CA ASP I 1201 4.58 -16.33 10.23
C ASP I 1201 4.88 -15.31 9.09
N ARG I 1202 4.15 -15.46 7.98
CA ARG I 1202 4.34 -14.62 6.79
C ARG I 1202 3.96 -13.15 7.02
N GLU I 1203 2.85 -12.90 7.72
CA GLU I 1203 2.32 -11.52 7.92
C GLU I 1203 3.30 -10.59 8.68
N VAL I 1204 4.26 -11.18 9.40
CA VAL I 1204 5.32 -10.40 10.03
C VAL I 1204 6.38 -10.04 8.99
N PHE I 1205 7.64 -10.39 9.23
CA PHE I 1205 8.71 -10.05 8.30
C PHE I 1205 8.65 -8.58 7.85
N LEU I 1206 8.44 -7.69 8.83
CA LEU I 1206 8.41 -6.24 8.63
C LEU I 1206 8.69 -5.59 9.99
N GLN I 1207 8.47 -4.27 10.09
CA GLN I 1207 8.63 -3.52 11.35
C GLN I 1207 10.06 -3.55 11.90
N GLY I 1208 10.27 -2.85 13.02
CA GLY I 1208 11.58 -2.80 13.67
C GLY I 1208 11.47 -2.69 15.17
N ASN I 1209 10.54 -3.46 15.75
CA ASN I 1209 10.29 -3.45 17.19
C ASN I 1209 9.75 -4.80 17.70
N GLY I 1210 9.47 -4.88 18.99
CA GLY I 1210 8.83 -6.06 19.58
C GLY I 1210 9.78 -7.22 19.77
N GLY I 1211 10.30 -7.74 18.67
CA GLY I 1211 11.27 -8.83 18.72
C GLY I 1211 12.57 -8.38 19.36
N GLY I 1212 13.50 -7.78 18.59
CA GLY I 1212 13.37 -7.49 17.15
C GLY I 1212 14.40 -8.26 16.34
N PRO I 1213 15.10 -7.59 15.38
CA PRO I 1213 16.20 -8.19 14.58
C PRO I 1213 17.41 -8.65 15.41
N LYS I 1214 17.72 -7.92 16.48
CA LYS I 1214 18.77 -8.30 17.42
C LYS I 1214 18.42 -9.57 18.21
N GLU I 1215 17.17 -9.65 18.67
CA GLU I 1215 16.69 -10.80 19.45
C GLU I 1215 16.27 -12.00 18.58
N GLU I 1216 16.40 -11.86 17.26
CA GLU I 1216 16.35 -13.00 16.32
C GLU I 1216 17.75 -13.59 16.07
N VAL I 1217 18.79 -12.75 16.22
CA VAL I 1217 20.21 -13.18 16.16
C VAL I 1217 20.71 -13.76 17.50
N VAL I 1218 20.13 -13.30 18.61
CA VAL I 1218 20.51 -13.76 19.97
C VAL I 1218 20.43 -15.28 20.20
N PRO I 1219 19.26 -15.91 19.92
CA PRO I 1219 19.11 -17.35 20.16
C PRO I 1219 19.89 -18.24 19.18
N PHE I 1220 20.31 -17.70 18.04
CA PHE I 1220 21.24 -18.37 17.11
C PHE I 1220 22.67 -18.44 17.69
N LEU J 5 -38.83 36.52 79.48
CA LEU J 5 -39.71 36.27 78.30
C LEU J 5 -38.93 35.63 77.17
N LYS J 6 -39.50 34.58 76.56
CA LYS J 6 -38.87 33.83 75.47
C LYS J 6 -39.87 33.42 74.37
N PHE J 7 -39.34 33.03 73.22
CA PHE J 7 -40.16 32.71 72.07
C PHE J 7 -39.40 31.75 71.17
N ALA J 8 -40.14 31.00 70.36
CA ALA J 8 -39.59 30.02 69.44
C ALA J 8 -40.54 29.85 68.26
N HIS J 9 -40.09 30.22 67.05
CA HIS J 9 -40.96 30.11 65.89
C HIS J 9 -41.24 28.69 65.51
N LEU J 10 -42.48 28.27 65.69
CA LEU J 10 -42.93 26.94 65.27
C LEU J 10 -43.44 26.97 63.82
N HIS J 11 -43.84 28.14 63.34
CA HIS J 11 -44.18 28.34 61.93
C HIS J 11 -43.15 29.21 61.26
N GLN J 12 -42.33 28.60 60.41
CA GLN J 12 -41.27 29.32 59.72
C GLN J 12 -40.89 28.63 58.40
N HIS J 13 -40.82 29.41 57.34
CA HIS J 13 -40.46 28.89 56.05
C HIS J 13 -39.00 29.16 55.79
N THR J 14 -38.34 28.22 55.09
CA THR J 14 -36.92 28.35 54.73
C THR J 14 -36.83 28.56 53.20
N GLN J 15 -35.61 28.52 52.66
CA GLN J 15 -35.40 28.65 51.22
C GLN J 15 -35.99 27.51 50.41
N PHE J 16 -36.20 26.36 51.04
CA PHE J 16 -36.75 25.18 50.39
C PHE J 16 -38.25 25.25 50.03
N SER J 17 -38.96 26.23 50.61
CA SER J 17 -40.24 26.70 50.04
C SER J 17 -39.93 27.44 48.74
N LEU J 18 -40.01 26.71 47.63
CA LEU J 18 -39.40 27.11 46.37
C LEU J 18 -39.98 28.40 45.76
N LEU J 19 -41.27 28.63 45.95
CA LEU J 19 -41.92 29.79 45.37
C LEU J 19 -41.76 31.06 46.23
N ASP J 20 -42.12 30.98 47.51
CA ASP J 20 -42.21 32.16 48.42
C ASP J 20 -41.18 32.17 49.56
N GLY J 21 -40.35 31.14 49.64
CA GLY J 21 -39.26 31.11 50.63
C GLY J 21 -38.09 32.04 50.29
N ALA J 22 -37.62 32.80 51.28
CA ALA J 22 -36.47 33.70 51.13
C ALA J 22 -35.37 33.44 52.14
N ALA J 23 -35.74 33.08 53.37
CA ALA J 23 -34.79 32.79 54.46
C ALA J 23 -33.90 31.59 54.18
N LYS J 24 -32.59 31.80 54.12
CA LYS J 24 -31.59 30.72 53.93
C LYS J 24 -31.28 30.04 55.26
N LEU J 25 -30.76 28.83 55.24
CA LEU J 25 -30.54 28.08 56.48
C LEU J 25 -29.44 28.68 57.37
N GLN J 26 -28.35 29.14 56.76
CA GLN J 26 -27.21 29.62 57.54
C GLN J 26 -27.47 30.90 58.33
N ASP J 27 -27.92 31.94 57.65
CA ASP J 27 -28.21 33.21 58.33
C ASP J 27 -29.46 33.16 59.26
N LEU J 28 -30.37 32.23 59.00
CA LEU J 28 -31.58 32.08 59.80
C LEU J 28 -31.28 31.44 61.15
N LEU J 29 -30.42 30.43 61.14
CA LEU J 29 -30.09 29.73 62.38
C LEU J 29 -29.26 30.58 63.36
N LYS J 30 -28.37 31.42 62.84
CA LYS J 30 -27.59 32.30 63.69
C LYS J 30 -28.46 33.41 64.29
N TRP J 31 -29.45 33.88 63.52
CA TRP J 31 -30.35 34.95 63.98
C TRP J 31 -31.25 34.50 65.09
N VAL J 32 -31.66 33.23 65.03
CA VAL J 32 -32.46 32.61 66.09
C VAL J 32 -31.55 32.30 67.27
N LYS J 33 -30.27 32.00 67.00
CA LYS J 33 -29.27 31.75 68.03
C LYS J 33 -28.91 33.03 68.80
N GLU J 34 -28.61 34.10 68.06
CA GLU J 34 -28.19 35.38 68.65
C GLU J 34 -29.31 36.11 69.41
N THR J 35 -30.55 35.92 69.00
CA THR J 35 -31.68 36.56 69.66
C THR J 35 -32.00 35.85 70.96
N THR J 36 -32.00 34.52 70.93
CA THR J 36 -32.31 33.72 72.13
C THR J 36 -31.20 32.69 72.38
N PRO J 37 -30.17 33.08 73.15
CA PRO J 37 -29.10 32.14 73.46
C PRO J 37 -29.54 30.97 74.37
N GLU J 38 -30.49 31.21 75.26
CA GLU J 38 -30.94 30.19 76.21
C GLU J 38 -31.87 29.17 75.51
N ASP J 39 -31.30 28.04 75.12
CA ASP J 39 -32.06 26.90 74.56
C ASP J 39 -32.91 27.23 73.31
N PRO J 40 -32.26 27.77 72.26
CA PRO J 40 -32.98 28.15 71.05
C PRO J 40 -33.62 26.95 70.36
N ALA J 41 -34.79 27.15 69.75
CA ALA J 41 -35.49 26.10 68.98
C ALA J 41 -36.20 26.73 67.77
N LEU J 42 -36.18 26.03 66.64
CA LEU J 42 -36.78 26.55 65.40
C LEU J 42 -37.38 25.40 64.59
N ALA J 43 -38.53 25.66 63.97
CA ALA J 43 -39.24 24.67 63.20
C ALA J 43 -39.11 24.98 61.72
N MET J 44 -39.18 23.93 60.90
CA MET J 44 -39.10 24.08 59.46
C MET J 44 -40.41 23.64 58.82
N THR J 45 -41.39 24.55 58.74
CA THR J 45 -42.66 24.24 58.12
C THR J 45 -42.81 24.82 56.71
N ASP J 46 -42.33 24.09 55.71
CA ASP J 46 -42.37 24.55 54.31
C ASP J 46 -43.67 24.18 53.62
N HIS J 47 -43.90 24.75 52.45
CA HIS J 47 -45.16 24.58 51.75
C HIS J 47 -45.16 23.27 51.04
N GLY J 48 -45.90 22.31 51.61
CA GLY J 48 -46.12 21.01 50.97
C GLY J 48 -44.88 20.25 50.52
N ASN J 49 -43.84 20.30 51.34
CA ASN J 49 -42.58 19.61 51.02
C ASN J 49 -41.68 19.45 52.23
N LEU J 50 -40.67 18.62 52.08
CA LEU J 50 -39.78 18.28 53.18
C LEU J 50 -38.33 18.21 52.69
N PHE J 51 -37.95 19.16 51.83
CA PHE J 51 -36.67 19.10 51.10
C PHE J 51 -35.45 19.35 51.99
N GLY J 52 -35.61 20.28 52.91
CA GLY J 52 -34.52 20.73 53.77
C GLY J 52 -34.40 20.00 55.09
N ALA J 53 -35.29 19.01 55.33
CA ALA J 53 -35.34 18.32 56.62
C ALA J 53 -33.96 17.90 57.06
N VAL J 54 -33.27 17.18 56.20
CA VAL J 54 -32.02 16.56 56.60
C VAL J 54 -30.98 17.64 56.85
N GLU J 55 -30.82 18.54 55.88
CA GLU J 55 -29.86 19.63 55.97
C GLU J 55 -30.18 20.55 57.15
N PHE J 56 -31.46 20.82 57.39
CA PHE J 56 -31.88 21.69 58.50
C PHE J 56 -31.49 21.09 59.84
N TYR J 57 -31.85 19.83 60.05
CA TYR J 57 -31.45 19.12 61.26
C TYR J 57 -29.94 19.06 61.41
N LYS J 58 -29.23 18.96 60.28
CA LYS J 58 -27.77 18.80 60.23
C LYS J 58 -27.07 20.08 60.61
N LYS J 59 -27.55 21.18 60.08
CA LYS J 59 -26.93 22.47 60.33
C LYS J 59 -27.36 23.01 61.68
N ALA J 60 -28.61 22.73 62.07
CA ALA J 60 -29.15 23.24 63.34
C ALA J 60 -28.40 22.65 64.55
N THR J 61 -28.26 21.33 64.55
CA THR J 61 -27.64 20.62 65.65
C THR J 61 -26.18 21.02 65.90
N ALA J 62 -25.49 21.39 64.83
CA ALA J 62 -24.07 21.82 64.88
C ALA J 62 -23.86 23.21 65.49
N MET J 63 -24.84 24.10 65.28
CA MET J 63 -24.83 25.45 65.85
C MET J 63 -25.49 25.59 67.22
N GLY J 64 -25.93 24.49 67.80
CA GLY J 64 -26.53 24.51 69.13
C GLY J 64 -28.03 24.79 69.16
N VAL J 65 -28.64 24.89 67.99
CA VAL J 65 -30.08 25.15 67.85
C VAL J 65 -30.84 23.83 67.74
N LYS J 66 -31.98 23.73 68.43
CA LYS J 66 -32.81 22.52 68.38
C LYS J 66 -33.74 22.59 67.18
N PRO J 67 -33.60 21.64 66.23
CA PRO J 67 -34.46 21.62 65.06
C PRO J 67 -35.77 20.94 65.31
N ILE J 68 -36.84 21.43 64.68
CA ILE J 68 -38.17 20.80 64.78
C ILE J 68 -38.75 20.61 63.37
N ILE J 69 -38.74 19.36 62.89
CA ILE J 69 -39.14 19.06 61.52
C ILE J 69 -40.65 19.27 61.35
N GLY J 70 -41.00 20.31 60.60
CA GLY J 70 -42.40 20.64 60.32
C GLY J 70 -42.81 20.50 58.86
N TYR J 71 -44.08 20.79 58.59
CA TYR J 71 -44.68 20.56 57.29
C TYR J 71 -46.00 21.29 57.21
N GLU J 72 -46.02 22.42 56.49
CA GLU J 72 -47.25 23.15 56.22
C GLU J 72 -47.97 22.48 55.06
N ALA J 73 -48.91 21.59 55.38
CA ALA J 73 -49.53 20.72 54.39
C ALA J 73 -50.56 21.51 53.60
N TYR J 74 -50.68 21.20 52.32
CA TYR J 74 -51.83 21.61 51.52
C TYR J 74 -52.95 20.57 51.72
N VAL J 75 -54.08 21.00 52.28
CA VAL J 75 -55.13 20.08 52.63
C VAL J 75 -56.24 20.23 51.60
N ALA J 76 -56.65 19.12 51.00
CA ALA J 76 -57.75 19.15 50.05
C ALA J 76 -59.07 19.45 50.76
N ALA J 77 -59.98 20.15 50.08
CA ALA J 77 -61.26 20.52 50.68
C ALA J 77 -62.12 19.27 51.00
N GLU J 78 -62.03 18.24 50.15
CA GLU J 78 -62.73 16.98 50.39
C GLU J 78 -61.79 15.81 50.17
N SER J 79 -61.42 15.55 48.91
CA SER J 79 -60.59 14.38 48.56
C SER J 79 -59.35 14.82 47.78
N ARG J 80 -58.32 13.99 47.82
CA ARG J 80 -57.06 14.28 47.14
C ARG J 80 -57.05 13.82 45.69
N PHE J 81 -58.03 13.00 45.33
CA PHE J 81 -58.22 12.56 43.95
C PHE J 81 -58.98 13.62 43.14
N ASP J 82 -59.58 14.59 43.85
CA ASP J 82 -60.39 15.61 43.21
C ASP J 82 -59.57 16.38 42.18
N ARG J 83 -60.22 16.86 41.13
CA ARG J 83 -59.54 17.64 40.07
C ARG J 83 -60.35 18.84 39.56
N GLY J 92 -60.59 24.34 46.47
CA GLY J 92 -59.25 24.10 45.95
C GLY J 92 -58.40 23.34 46.97
N TYR J 93 -57.80 24.10 47.88
CA TYR J 93 -57.04 23.51 48.98
C TYR J 93 -56.81 24.50 50.12
N PHE J 94 -56.43 23.97 51.28
CA PHE J 94 -56.23 24.76 52.51
C PHE J 94 -54.93 24.47 53.22
N HIS J 95 -54.49 25.41 54.06
CA HIS J 95 -53.20 25.31 54.77
C HIS J 95 -53.38 24.62 56.08
N LEU J 96 -52.32 23.94 56.54
CA LEU J 96 -52.36 23.26 57.82
C LEU J 96 -50.94 23.01 58.36
N THR J 97 -50.64 23.61 59.52
CA THR J 97 -49.31 23.48 60.15
C THR J 97 -49.20 22.17 60.94
N LEU J 98 -48.20 21.36 60.61
CA LEU J 98 -47.96 20.10 61.31
C LEU J 98 -46.53 20.07 61.84
N LEU J 99 -46.33 19.50 63.02
CA LEU J 99 -45.01 19.40 63.64
C LEU J 99 -44.80 18.00 64.21
N ALA J 100 -43.57 17.49 64.12
CA ALA J 100 -43.27 16.12 64.52
C ALA J 100 -43.03 16.08 66.03
N LYS J 101 -43.64 15.10 66.69
CA LYS J 101 -43.54 14.90 68.13
C LYS J 101 -42.34 14.02 68.45
N ASP J 102 -42.29 12.85 67.83
CA ASP J 102 -41.18 11.89 67.98
C ASP J 102 -40.84 11.26 66.63
N PHE J 103 -40.01 10.22 66.63
CA PHE J 103 -39.57 9.60 65.37
C PHE J 103 -40.71 8.95 64.56
N THR J 104 -41.74 8.48 65.25
CA THR J 104 -42.91 7.96 64.53
C THR J 104 -43.58 9.12 63.79
N GLY J 105 -43.52 10.31 64.38
CA GLY J 105 -44.09 11.50 63.78
C GLY J 105 -43.35 11.87 62.52
N TYR J 106 -42.02 11.88 62.63
CA TYR J 106 -41.17 12.11 61.47
C TYR J 106 -41.52 11.18 60.31
N GLN J 107 -41.67 9.88 60.60
CA GLN J 107 -42.03 8.89 59.60
C GLN J 107 -43.37 9.24 58.97
N ASN J 108 -44.33 9.59 59.81
CA ASN J 108 -45.65 9.98 59.32
C ASN J 108 -45.60 11.20 58.40
N LEU J 109 -44.75 12.18 58.73
CA LEU J 109 -44.63 13.36 57.90
C LEU J 109 -44.09 12.98 56.53
N VAL J 110 -43.13 12.05 56.50
CA VAL J 110 -42.53 11.60 55.25
C VAL J 110 -43.54 10.88 54.37
N ARG J 111 -44.42 10.10 54.97
CA ARG J 111 -45.52 9.48 54.24
C ARG J 111 -46.55 10.49 53.70
N LEU J 112 -46.99 11.40 54.57
CA LEU J 112 -47.90 12.47 54.15
C LEU J 112 -47.27 13.31 53.04
N ALA J 113 -45.97 13.55 53.15
CA ALA J 113 -45.24 14.26 52.12
C ALA J 113 -45.23 13.47 50.82
N SER J 114 -44.96 12.18 50.93
CA SER J 114 -44.85 11.31 49.76
C SER J 114 -46.22 11.17 49.07
N ARG J 115 -47.25 10.96 49.88
CA ARG J 115 -48.59 10.79 49.33
C ARG J 115 -49.14 12.10 48.81
N ALA J 116 -48.55 13.22 49.20
CA ALA J 116 -48.93 14.55 48.66
C ALA J 116 -48.53 14.74 47.20
N TYR J 117 -47.35 14.25 46.82
CA TYR J 117 -46.86 14.38 45.45
C TYR J 117 -47.34 13.24 44.56
N LEU J 118 -47.41 12.03 45.13
CA LEU J 118 -47.63 10.80 44.35
C LEU J 118 -49.11 10.61 44.03
N GLU J 119 -49.94 10.65 45.06
CA GLU J 119 -51.39 10.38 44.94
C GLU J 119 -52.23 11.62 44.66
N GLY J 120 -52.00 12.67 45.44
CA GLY J 120 -52.86 13.85 45.39
C GLY J 120 -52.16 15.14 44.99
N PHE J 121 -51.59 15.14 43.79
CA PHE J 121 -50.96 16.33 43.24
C PHE J 121 -51.81 16.83 42.09
N TYR J 122 -52.54 17.92 42.33
CA TYR J 122 -53.31 18.59 41.28
C TYR J 122 -52.59 19.85 40.84
N GLU J 123 -52.71 20.92 41.62
CA GLU J 123 -51.95 22.16 41.38
C GLU J 123 -50.74 22.15 42.30
N LYS J 124 -51.01 21.87 43.57
CA LYS J 124 -50.00 21.71 44.60
C LYS J 124 -50.07 20.28 45.14
N PRO J 125 -49.05 19.86 45.89
CA PRO J 125 -49.10 18.54 46.50
C PRO J 125 -50.04 18.52 47.69
N ARG J 126 -51.27 18.09 47.46
CA ARG J 126 -52.30 18.10 48.48
C ARG J 126 -52.46 16.78 49.20
N ILE J 127 -52.99 16.84 50.42
CA ILE J 127 -53.32 15.65 51.21
C ILE J 127 -54.79 15.72 51.66
N ASP J 128 -55.24 14.62 52.25
CA ASP J 128 -56.59 14.49 52.80
C ASP J 128 -56.66 14.40 54.33
N ARG J 129 -57.80 14.85 54.88
CA ARG J 129 -58.09 14.62 56.28
C ARG J 129 -58.32 13.12 56.56
N GLU J 130 -58.64 12.37 55.51
CA GLU J 130 -58.77 10.92 55.61
C GLU J 130 -57.41 10.28 55.95
N ILE J 131 -56.40 10.64 55.15
CA ILE J 131 -55.04 10.10 55.33
C ILE J 131 -54.26 10.82 56.44
N LEU J 132 -54.80 11.95 56.89
CA LEU J 132 -54.35 12.55 58.13
C LEU J 132 -54.73 11.70 59.38
N ARG J 133 -55.89 11.01 59.33
CA ARG J 133 -56.28 10.04 60.40
C ARG J 133 -55.25 8.92 60.51
N GLU J 134 -54.86 8.37 59.36
CA GLU J 134 -53.88 7.27 59.32
C GLU J 134 -52.56 7.69 59.89
N HIS J 135 -52.10 8.87 59.47
CA HIS J 135 -50.77 9.38 59.81
C HIS J 135 -50.80 10.50 60.82
N ALA J 136 -51.75 10.48 61.74
CA ALA J 136 -51.83 11.48 62.79
C ALA J 136 -51.04 11.08 64.03
N GLN J 137 -50.45 9.89 64.03
CA GLN J 137 -49.73 9.41 65.20
C GLN J 137 -48.42 10.16 65.38
N GLY J 138 -48.29 10.89 66.49
CA GLY J 138 -47.07 11.66 66.78
C GLY J 138 -46.96 12.94 65.99
N LEU J 139 -48.09 13.55 65.65
CA LEU J 139 -48.12 14.80 64.93
C LEU J 139 -48.84 15.86 65.75
N ILE J 140 -48.10 16.91 66.13
CA ILE J 140 -48.70 18.10 66.72
C ILE J 140 -49.24 18.92 65.54
N ALA J 141 -50.49 19.36 65.60
CA ALA J 141 -51.09 20.20 64.53
C ALA J 141 -51.57 21.55 65.08
N LEU J 142 -51.44 22.58 64.26
CA LEU J 142 -51.92 23.91 64.60
C LEU J 142 -52.98 24.37 63.60
N SER J 143 -53.86 25.29 64.02
CA SER J 143 -55.04 25.69 63.25
C SER J 143 -54.71 26.32 61.91
N GLY J 144 -53.52 26.90 61.80
CA GLY J 144 -53.02 27.38 60.52
C GLY J 144 -53.20 28.87 60.30
N CYS J 145 -52.69 29.34 59.17
CA CYS J 145 -52.75 30.73 58.79
C CYS J 145 -54.12 31.05 58.22
N LEU J 146 -54.33 32.30 57.81
CA LEU J 146 -55.59 32.75 57.20
C LEU J 146 -56.07 31.84 56.07
N GLY J 147 -55.14 31.21 55.36
CA GLY J 147 -55.51 30.31 54.29
C GLY J 147 -55.98 28.95 54.75
N ALA J 148 -55.94 28.69 56.06
CA ALA J 148 -56.28 27.37 56.62
C ALA J 148 -57.77 27.21 56.64
N GLU J 149 -58.21 26.02 57.05
CA GLU J 149 -59.62 25.62 56.97
C GLU J 149 -60.50 26.40 57.95
N ILE J 150 -60.23 26.20 59.25
CA ILE J 150 -60.99 26.84 60.34
C ILE J 150 -61.11 28.37 60.25
N PRO J 151 -59.97 29.09 60.08
CA PRO J 151 -60.01 30.56 59.97
C PRO J 151 -60.74 31.07 58.71
N GLN J 152 -60.67 30.32 57.60
CA GLN J 152 -61.38 30.69 56.38
C GLN J 152 -62.90 30.60 56.59
N PHE J 153 -63.37 29.54 57.25
CA PHE J 153 -64.79 29.41 57.52
C PHE J 153 -65.31 30.61 58.34
N ILE J 154 -64.46 31.16 59.21
CA ILE J 154 -64.83 32.32 60.03
C ILE J 154 -64.97 33.56 59.18
N LEU J 155 -64.08 33.69 58.19
CA LEU J 155 -64.11 34.81 57.27
C LEU J 155 -65.35 34.82 56.35
N GLN J 156 -65.88 33.63 56.07
CA GLN J 156 -67.04 33.47 55.20
C GLN J 156 -68.37 33.65 55.94
N ASP J 157 -68.28 33.94 57.25
CA ASP J 157 -69.42 33.99 58.17
C ASP J 157 -70.12 32.65 58.23
N ARG J 158 -69.35 31.57 58.24
CA ARG J 158 -69.86 30.24 58.44
C ARG J 158 -69.21 29.68 59.71
N LEU J 159 -69.72 30.11 60.86
CA LEU J 159 -69.18 29.71 62.17
C LEU J 159 -69.56 28.27 62.55
N ASP J 160 -70.70 27.80 62.06
CA ASP J 160 -71.11 26.42 62.25
C ASP J 160 -70.18 25.44 61.52
N LEU J 161 -69.63 25.85 60.37
CA LEU J 161 -68.67 25.01 59.61
C LEU J 161 -67.26 25.05 60.20
N ALA J 162 -66.89 26.22 60.72
CA ALA J 162 -65.63 26.39 61.44
C ALA J 162 -65.57 25.52 62.68
N GLU J 163 -66.65 25.56 63.47
CA GLU J 163 -66.77 24.72 64.69
C GLU J 163 -66.95 23.24 64.36
N ALA J 164 -67.60 22.95 63.23
CA ALA J 164 -67.71 21.60 62.70
C ALA J 164 -66.33 21.07 62.33
N ARG J 165 -65.58 21.87 61.59
CA ARG J 165 -64.25 21.48 61.15
C ARG J 165 -63.33 21.33 62.35
N LEU J 166 -63.55 22.16 63.37
CA LEU J 166 -62.77 22.10 64.63
C LEU J 166 -62.93 20.77 65.31
N ASN J 167 -64.16 20.27 65.33
CA ASN J 167 -64.45 19.00 65.96
C ASN J 167 -63.80 17.83 65.21
N GLU J 168 -63.79 17.91 63.89
CA GLU J 168 -63.17 16.84 63.08
C GLU J 168 -61.67 16.73 63.38
N ASP J 169 -60.98 17.88 63.42
CA ASP J 169 -59.53 17.90 63.69
C ASP J 169 -59.20 17.46 65.14
N LEU J 170 -60.06 17.79 66.08
CA LEU J 170 -59.96 17.33 67.46
C LEU J 170 -60.15 15.80 67.56
N SER J 171 -60.98 15.25 66.67
CA SER J 171 -61.16 13.80 66.61
C SER J 171 -59.93 13.10 66.05
N ILE J 172 -59.12 13.79 65.25
CA ILE J 172 -57.92 13.22 64.66
C ILE J 172 -56.76 13.25 65.66
N PHE J 173 -56.46 14.44 66.16
CA PHE J 173 -55.27 14.65 66.98
C PHE J 173 -55.54 14.48 68.47
N GLY J 174 -56.69 14.97 68.91
CA GLY J 174 -57.04 14.93 70.32
C GLY J 174 -56.55 16.15 71.06
N ASP J 175 -55.60 15.97 71.96
CA ASP J 175 -55.01 17.08 72.72
C ASP J 175 -53.80 17.67 71.99
N ARG J 176 -53.39 17.03 70.88
CA ARG J 176 -52.27 17.52 70.08
C ARG J 176 -52.66 18.60 69.07
N PHE J 177 -53.95 18.96 69.05
CA PHE J 177 -54.42 20.06 68.20
C PHE J 177 -54.40 21.34 68.98
N PHE J 178 -53.76 22.37 68.41
CA PHE J 178 -53.63 23.69 69.03
C PHE J 178 -54.16 24.78 68.13
N ILE J 179 -54.42 25.95 68.71
CA ILE J 179 -54.92 27.10 67.96
C ILE J 179 -53.78 28.04 67.65
N GLU J 180 -53.51 28.22 66.36
CA GLU J 180 -52.44 29.10 65.88
C GLU J 180 -52.92 30.54 65.83
N ILE J 181 -52.29 31.38 66.63
CA ILE J 181 -52.65 32.79 66.70
C ILE J 181 -51.49 33.64 66.22
N GLN J 182 -51.65 34.15 64.99
CA GLN J 182 -50.66 34.99 64.37
C GLN J 182 -51.29 36.32 63.95
N ASN J 183 -50.60 37.41 64.29
CA ASN J 183 -51.08 38.75 64.00
C ASN J 183 -50.05 39.63 63.33
N HIS J 184 -50.44 40.17 62.18
CA HIS J 184 -49.69 41.23 61.53
C HIS J 184 -50.57 42.45 61.49
N GLY J 185 -50.33 43.37 60.57
CA GLY J 185 -51.18 44.56 60.44
C GLY J 185 -52.46 44.33 59.65
N LEU J 186 -52.91 43.08 59.55
CA LEU J 186 -54.11 42.76 58.78
C LEU J 186 -55.39 42.90 59.62
N PRO J 187 -56.50 43.26 58.98
CA PRO J 187 -57.81 43.33 59.60
C PRO J 187 -58.53 41.95 59.73
N GLU J 188 -58.27 41.03 58.80
CA GLU J 188 -58.97 39.75 58.79
C GLU J 188 -58.55 38.91 59.98
N GLN J 189 -57.27 39.03 60.35
CA GLN J 189 -56.75 38.27 61.50
C GLN J 189 -57.44 38.68 62.82
N LYS J 190 -57.82 39.95 62.91
CA LYS J 190 -58.48 40.49 64.09
C LYS J 190 -59.84 39.82 64.35
N LYS J 191 -60.55 39.47 63.28
CA LYS J 191 -61.82 38.75 63.38
C LYS J 191 -61.55 37.28 63.65
N VAL J 192 -60.59 36.73 62.91
CA VAL J 192 -60.29 35.30 63.01
C VAL J 192 -59.81 34.95 64.39
N ASN J 193 -58.82 35.71 64.88
CA ASN J 193 -58.28 35.49 66.22
C ASN J 193 -59.34 35.64 67.30
N GLN J 194 -60.25 36.58 67.11
CA GLN J 194 -61.33 36.79 68.07
C GLN J 194 -62.20 35.55 68.17
N VAL J 195 -62.52 34.95 67.04
CA VAL J 195 -63.40 33.78 66.99
C VAL J 195 -62.59 32.55 67.43
N LEU J 196 -61.31 32.49 67.05
CA LEU J 196 -60.42 31.41 67.49
C LEU J 196 -60.17 31.50 68.99
N LYS J 197 -60.26 32.70 69.53
CA LYS J 197 -60.15 32.90 70.97
C LYS J 197 -61.27 32.17 71.71
N GLU J 198 -62.49 32.25 71.15
CA GLU J 198 -63.67 31.62 71.75
C GLU J 198 -63.61 30.13 71.62
N PHE J 199 -63.16 29.63 70.48
CA PHE J 199 -63.03 28.18 70.29
C PHE J 199 -61.97 27.66 71.23
N ALA J 200 -60.83 28.34 71.28
CA ALA J 200 -59.71 27.95 72.14
C ALA J 200 -60.18 27.83 73.59
N ARG J 201 -61.05 28.74 74.00
CA ARG J 201 -61.63 28.70 75.35
C ARG J 201 -62.71 27.62 75.52
N LYS J 202 -63.82 27.78 74.81
CA LYS J 202 -64.96 26.86 74.90
C LYS J 202 -64.60 25.36 74.95
N TYR J 203 -63.69 24.93 74.07
CA TYR J 203 -63.18 23.54 74.05
C TYR J 203 -61.91 23.30 74.86
N GLY J 204 -61.19 24.37 75.18
CA GLY J 204 -60.04 24.28 76.07
C GLY J 204 -58.87 23.56 75.46
N LEU J 205 -58.30 24.14 74.40
CA LEU J 205 -57.24 23.50 73.63
C LEU J 205 -55.89 24.10 73.89
N GLY J 206 -55.79 25.41 73.75
CA GLY J 206 -54.53 26.10 73.99
C GLY J 206 -54.03 26.88 72.78
N MET J 207 -53.54 28.08 73.04
CA MET J 207 -53.10 28.97 71.97
C MET J 207 -51.57 28.98 71.81
N VAL J 208 -51.11 28.96 70.57
CA VAL J 208 -49.70 28.92 70.28
C VAL J 208 -49.38 30.02 69.29
N ALA J 209 -48.58 30.99 69.74
CA ALA J 209 -48.26 32.16 68.93
C ALA J 209 -47.18 31.82 67.89
N THR J 210 -47.39 32.27 66.66
CA THR J 210 -46.45 32.08 65.54
C THR J 210 -46.49 33.32 64.66
N ASN J 211 -45.60 33.39 63.67
CA ASN J 211 -45.46 34.58 62.79
C ASN J 211 -45.46 34.29 61.28
N ASP J 212 -45.31 33.02 60.90
CA ASP J 212 -45.31 32.59 59.48
C ASP J 212 -44.27 33.39 58.68
N GLY J 213 -43.06 33.46 59.20
CA GLY J 213 -41.98 34.19 58.56
C GLY J 213 -41.54 33.56 57.26
N HIS J 214 -41.34 34.39 56.25
CA HIS J 214 -40.81 33.97 54.95
C HIS J 214 -39.36 34.42 54.72
N TYR J 215 -38.84 35.27 55.59
CA TYR J 215 -37.44 35.73 55.47
C TYR J 215 -36.85 35.97 56.86
N VAL J 216 -35.57 36.30 56.91
CA VAL J 216 -34.86 36.34 58.18
C VAL J 216 -35.15 37.64 58.93
N ARG J 217 -34.68 38.77 58.41
CA ARG J 217 -34.79 40.04 59.12
C ARG J 217 -35.87 40.91 58.51
N LYS J 218 -36.23 41.99 59.19
CA LYS J 218 -37.19 42.96 58.65
C LYS J 218 -36.71 43.63 57.34
N GLU J 219 -35.39 43.75 57.17
CA GLU J 219 -34.82 44.37 55.97
C GLU J 219 -34.99 43.53 54.70
N ASP J 220 -35.34 42.25 54.86
CA ASP J 220 -35.47 41.34 53.74
C ASP J 220 -36.82 41.47 53.02
N ALA J 221 -37.69 42.36 53.50
CA ALA J 221 -39.03 42.52 52.94
C ALA J 221 -38.96 42.73 51.42
N ARG J 222 -38.25 43.77 50.99
CA ARG J 222 -38.12 44.11 49.56
C ARG J 222 -37.35 43.08 48.74
N ALA J 223 -36.35 42.46 49.39
CA ALA J 223 -35.61 41.35 48.79
C ALA J 223 -36.52 40.14 48.58
N HIS J 224 -37.48 39.97 49.47
CA HIS J 224 -38.47 38.90 49.35
C HIS J 224 -39.51 39.30 48.36
N GLU J 225 -39.92 40.56 48.40
CA GLU J 225 -40.92 41.08 47.45
C GLU J 225 -40.45 40.99 45.99
N VAL J 226 -39.17 41.23 45.75
CA VAL J 226 -38.61 41.10 44.42
C VAL J 226 -38.44 39.64 43.97
N LEU J 227 -38.32 38.74 44.94
CA LEU J 227 -38.28 37.29 44.65
C LEU J 227 -39.60 36.81 44.09
N LEU J 228 -40.71 37.38 44.59
CA LEU J 228 -42.04 37.05 44.11
C LEU J 228 -42.20 37.54 42.68
N ALA J 229 -41.51 38.64 42.39
CA ALA J 229 -41.54 39.23 41.05
C ALA J 229 -40.77 38.42 40.02
N ILE J 230 -39.82 37.61 40.49
CA ILE J 230 -39.09 36.69 39.64
C ILE J 230 -39.93 35.43 39.38
N GLN J 231 -40.63 34.94 40.40
CA GLN J 231 -41.52 33.78 40.23
C GLN J 231 -42.81 34.17 39.48
N SER J 232 -43.36 35.34 39.81
CA SER J 232 -44.52 35.90 39.07
C SER J 232 -44.17 36.37 37.63
N LYS J 233 -42.89 36.62 37.37
CA LYS J 233 -42.35 37.08 36.07
C LYS J 233 -42.89 38.45 35.63
N THR J 234 -42.70 39.46 36.49
CA THR J 234 -43.14 40.81 36.20
C THR J 234 -42.12 41.84 36.70
N THR J 235 -42.29 43.07 36.27
CA THR J 235 -41.39 44.16 36.67
C THR J 235 -41.76 44.67 38.06
N LEU J 236 -40.93 45.56 38.60
CA LEU J 236 -41.20 46.18 39.90
C LEU J 236 -42.45 47.09 39.86
N ASP J 237 -42.74 47.67 38.69
CA ASP J 237 -43.97 48.45 38.49
C ASP J 237 -44.89 47.77 37.48
N ASP J 238 -45.90 47.06 37.98
CA ASP J 238 -46.79 46.31 37.10
C ASP J 238 -48.11 47.07 36.88
N PRO J 239 -49.01 47.14 37.89
CA PRO J 239 -49.10 46.53 39.21
C PRO J 239 -49.92 45.22 39.18
N GLU J 240 -50.36 44.75 40.35
CA GLU J 240 -51.08 43.47 40.52
C GLU J 240 -50.13 42.28 40.47
N ARG J 241 -48.83 42.57 40.44
CA ARG J 241 -47.79 41.56 40.64
C ARG J 241 -47.86 40.96 42.05
N TRP J 242 -47.38 39.73 42.17
CA TRP J 242 -47.54 38.95 43.40
C TRP J 242 -46.84 39.59 44.56
N ARG J 243 -47.63 40.12 45.49
CA ARG J 243 -47.13 40.78 46.68
C ARG J 243 -47.66 40.08 47.91
N PHE J 244 -47.04 40.36 49.04
CA PHE J 244 -47.55 39.99 50.36
C PHE J 244 -48.26 41.23 50.94
N PRO J 245 -49.16 41.03 51.91
CA PRO J 245 -50.00 42.12 52.41
C PRO J 245 -49.25 43.19 53.22
N CYS J 246 -48.09 42.83 53.77
CA CYS J 246 -47.28 43.72 54.59
C CYS J 246 -45.84 43.21 54.73
N ASP J 247 -45.01 43.97 55.44
CA ASP J 247 -43.58 43.62 55.65
C ASP J 247 -43.33 43.17 57.10
N GLU J 248 -44.16 42.23 57.56
CA GLU J 248 -44.11 41.73 58.95
C GLU J 248 -43.82 40.23 59.00
N PHE J 249 -43.40 39.65 57.87
CA PHE J 249 -43.22 38.21 57.79
C PHE J 249 -41.73 37.86 57.98
N TYR J 250 -41.21 38.12 59.17
CA TYR J 250 -39.81 37.81 59.45
C TYR J 250 -39.70 37.28 60.86
N VAL J 251 -38.54 36.69 61.17
CA VAL J 251 -38.27 36.09 62.49
C VAL J 251 -38.12 37.16 63.58
N LYS J 252 -39.24 37.44 64.24
CA LYS J 252 -39.34 38.57 65.17
C LYS J 252 -38.72 38.24 66.50
N THR J 253 -38.47 39.29 67.28
CA THR J 253 -37.98 39.16 68.64
C THR J 253 -39.18 38.92 69.54
N PRO J 254 -39.01 38.16 70.63
CA PRO J 254 -40.09 38.04 71.60
C PRO J 254 -40.72 39.39 71.98
N GLU J 255 -39.94 40.46 71.92
CA GLU J 255 -40.44 41.79 72.26
C GLU J 255 -41.30 42.35 71.13
N GLU J 256 -40.92 42.04 69.88
CA GLU J 256 -41.67 42.45 68.70
C GLU J 256 -42.99 41.73 68.57
N MET J 257 -43.04 40.49 69.06
CA MET J 257 -44.29 39.75 69.12
C MET J 257 -45.29 40.37 70.12
N ARG J 258 -44.78 40.97 71.18
CA ARG J 258 -45.64 41.60 72.18
C ARG J 258 -46.38 42.83 71.68
N ALA J 259 -45.88 43.44 70.61
CA ALA J 259 -46.59 44.52 69.98
C ALA J 259 -47.79 43.96 69.22
N MET J 260 -47.57 42.85 68.50
CA MET J 260 -48.66 42.18 67.75
C MET J 260 -49.62 41.47 68.69
N LEU J 261 -49.11 41.04 69.84
CA LEU J 261 -49.90 40.35 70.86
C LEU J 261 -49.68 40.99 72.25
N PRO J 262 -50.43 42.07 72.57
CA PRO J 262 -50.32 42.76 73.85
C PRO J 262 -50.64 41.88 75.08
N GLU J 263 -50.06 42.25 76.23
CA GLU J 263 -50.25 41.48 77.47
C GLU J 263 -51.69 41.58 77.99
N ALA J 264 -52.23 42.78 77.96
CA ALA J 264 -53.56 43.06 78.47
C ALA J 264 -54.66 42.22 77.81
N GLU J 265 -54.48 41.91 76.53
CA GLU J 265 -55.51 41.22 75.75
C GLU J 265 -55.22 39.72 75.57
N TRP J 266 -53.95 39.34 75.46
CA TRP J 266 -53.58 37.94 75.27
C TRP J 266 -52.95 37.33 76.48
N GLY J 267 -51.89 37.96 77.00
CA GLY J 267 -51.14 37.46 78.15
C GLY J 267 -50.06 36.49 77.71
N ASP J 268 -49.52 35.74 78.68
CA ASP J 268 -48.36 34.87 78.43
C ASP J 268 -48.68 33.52 77.80
N GLU J 269 -49.97 33.18 77.69
CA GLU J 269 -50.34 31.84 77.21
C GLU J 269 -49.72 31.48 75.84
N PRO J 270 -49.91 32.33 74.82
CA PRO J 270 -49.32 32.00 73.51
C PRO J 270 -47.79 31.98 73.48
N PHE J 271 -47.14 32.59 74.47
CA PHE J 271 -45.68 32.60 74.57
C PHE J 271 -45.17 31.41 75.36
N ASP J 272 -45.87 31.03 76.42
CA ASP J 272 -45.45 29.89 77.24
C ASP J 272 -45.66 28.59 76.48
N ASN J 273 -46.79 28.49 75.78
CA ASN J 273 -47.11 27.29 75.01
C ASN J 273 -46.16 27.05 73.85
N THR J 274 -45.57 28.13 73.35
CA THR J 274 -44.58 28.06 72.28
C THR J 274 -43.32 27.33 72.70
N VAL J 275 -42.78 27.69 73.85
CA VAL J 275 -41.56 27.08 74.37
C VAL J 275 -41.81 25.66 74.87
N GLU J 276 -43.05 25.40 75.28
CA GLU J 276 -43.40 24.08 75.81
C GLU J 276 -43.49 23.03 74.70
N ILE J 277 -44.08 23.40 73.56
CA ILE J 277 -44.17 22.50 72.40
C ILE J 277 -42.80 22.19 71.79
N ALA J 278 -41.95 23.21 71.68
CA ALA J 278 -40.61 23.03 71.12
C ALA J 278 -39.76 22.10 72.01
N ARG J 279 -40.01 22.14 73.32
CA ARG J 279 -39.29 21.30 74.29
C ARG J 279 -39.62 19.81 74.14
N MET J 280 -40.88 19.52 73.88
CA MET J 280 -41.33 18.13 73.84
C MET J 280 -41.24 17.47 72.46
N CYS J 281 -40.89 18.24 71.43
CA CYS J 281 -40.63 17.68 70.09
C CYS J 281 -39.22 17.06 69.95
N ASP J 282 -39.04 15.89 70.56
CA ASP J 282 -37.76 15.20 70.51
C ASP J 282 -37.71 14.28 69.29
N VAL J 283 -37.20 14.79 68.18
CA VAL J 283 -37.05 14.01 66.94
C VAL J 283 -35.57 13.86 66.54
N ASP J 284 -35.00 12.69 66.78
CA ASP J 284 -33.62 12.46 66.50
C ASP J 284 -33.53 11.63 65.26
N LEU J 285 -32.99 12.22 64.20
CA LEU J 285 -32.71 11.49 62.98
C LEU J 285 -31.45 10.65 63.17
N PRO J 286 -31.34 9.48 62.51
CA PRO J 286 -30.11 8.69 62.54
C PRO J 286 -28.98 9.32 61.72
N ILE J 287 -28.21 10.18 62.37
CA ILE J 287 -27.17 10.93 61.70
C ILE J 287 -26.00 10.96 62.63
N GLY J 288 -24.79 10.77 62.07
CA GLY J 288 -23.54 11.06 62.76
C GLY J 288 -23.16 9.95 63.71
N ASP J 289 -23.48 10.13 64.98
CA ASP J 289 -23.13 9.17 65.99
C ASP J 289 -23.81 7.86 65.67
N LYS J 290 -25.12 7.93 65.44
CA LYS J 290 -25.91 6.73 65.20
C LYS J 290 -25.70 6.25 63.77
N MET J 291 -26.69 6.48 62.89
CA MET J 291 -26.59 6.12 61.48
C MET J 291 -26.38 4.61 61.22
N VAL J 292 -27.42 3.94 60.77
CA VAL J 292 -27.33 2.52 60.49
C VAL J 292 -27.31 2.39 58.99
N TYR J 293 -26.41 1.54 58.48
CA TYR J 293 -26.28 1.26 57.02
C TYR J 293 -27.42 0.36 56.54
N ARG J 294 -28.27 0.91 55.68
CA ARG J 294 -29.44 0.19 55.21
C ARG J 294 -29.20 -0.48 53.84
N ILE J 295 -28.62 -1.67 53.89
CA ILE J 295 -28.33 -2.45 52.68
C ILE J 295 -29.51 -3.39 52.40
N PRO J 296 -30.05 -3.33 51.17
CA PRO J 296 -31.16 -4.22 50.81
C PRO J 296 -30.78 -5.70 50.88
N ARG J 297 -31.77 -6.56 51.14
CA ARG J 297 -31.55 -7.99 51.15
C ARG J 297 -31.43 -8.48 49.71
N PHE J 298 -30.40 -9.28 49.44
CA PHE J 298 -30.17 -9.85 48.11
C PHE J 298 -30.42 -11.36 48.19
N PRO J 299 -31.40 -11.87 47.39
CA PRO J 299 -31.80 -13.29 47.47
C PRO J 299 -30.77 -14.24 46.87
N LEU J 300 -30.56 -15.39 47.50
CA LEU J 300 -29.52 -16.33 47.09
C LEU J 300 -30.08 -17.74 46.94
N PRO J 301 -31.05 -17.93 46.04
CA PRO J 301 -31.86 -19.13 45.88
C PRO J 301 -31.17 -20.52 46.04
N GLU J 302 -30.75 -20.88 47.26
CA GLU J 302 -30.20 -22.24 47.54
C GLU J 302 -30.01 -22.50 49.05
N GLY J 303 -28.86 -22.09 49.57
CA GLY J 303 -28.58 -22.19 51.01
C GLY J 303 -27.21 -21.66 51.42
N ARG J 304 -26.84 -20.49 50.92
CA ARG J 304 -25.53 -19.89 51.25
C ARG J 304 -25.68 -18.69 52.19
N THR J 305 -24.66 -18.46 53.00
CA THR J 305 -24.58 -17.25 53.81
C THR J 305 -24.40 -16.07 52.86
N GLU J 306 -24.76 -14.88 53.29
CA GLU J 306 -24.51 -13.71 52.47
C GLU J 306 -23.01 -13.55 52.15
N ALA J 307 -22.17 -13.82 53.15
CA ALA J 307 -20.72 -13.74 52.98
C ALA J 307 -20.15 -14.92 52.19
N GLN J 308 -20.86 -16.05 52.25
CA GLN J 308 -20.40 -17.30 51.64
C GLN J 308 -20.60 -17.27 50.12
N TYR J 309 -21.72 -16.75 49.68
CA TYR J 309 -22.03 -16.62 48.27
C TYR J 309 -21.09 -15.62 47.58
N LEU J 310 -20.65 -14.60 48.30
CA LEU J 310 -19.62 -13.67 47.81
C LEU J 310 -18.29 -14.41 47.57
N ARG J 311 -17.93 -15.32 48.49
CA ARG J 311 -16.72 -16.12 48.36
C ARG J 311 -16.81 -17.08 47.16
N GLU J 312 -17.93 -17.80 47.05
CA GLU J 312 -18.15 -18.67 45.90
C GLU J 312 -17.87 -17.94 44.59
N LEU J 313 -18.52 -16.78 44.39
CA LEU J 313 -18.38 -15.99 43.15
C LEU J 313 -16.98 -15.47 42.91
N THR J 314 -16.22 -15.28 43.99
CA THR J 314 -14.82 -14.90 43.88
C THR J 314 -13.96 -16.08 43.41
N PHE J 315 -14.15 -17.25 44.05
CA PHE J 315 -13.37 -18.43 43.69
C PHE J 315 -13.73 -18.93 42.30
N LEU J 316 -15.00 -18.82 41.93
CA LEU J 316 -15.41 -19.13 40.59
C LEU J 316 -14.78 -18.12 39.63
N GLY J 317 -14.77 -16.84 40.01
CA GLY J 317 -14.25 -15.78 39.15
C GLY J 317 -12.76 -15.87 38.89
N LEU J 318 -11.99 -16.15 39.94
CA LEU J 318 -10.54 -16.18 39.82
C LEU J 318 -10.10 -17.22 38.80
N LEU J 319 -10.92 -18.25 38.62
CA LEU J 319 -10.59 -19.34 37.72
C LEU J 319 -10.64 -18.89 36.28
N ARG J 320 -11.67 -18.13 35.92
CA ARG J 320 -11.87 -17.66 34.55
C ARG J 320 -11.01 -16.44 34.22
N ARG J 321 -10.68 -15.64 35.23
CA ARG J 321 -9.82 -14.47 35.03
C ARG J 321 -8.33 -14.82 34.98
N TYR J 322 -7.95 -15.93 35.60
CA TYR J 322 -6.57 -16.39 35.57
C TYR J 322 -6.48 -17.87 35.16
N PRO J 323 -6.65 -18.17 33.86
CA PRO J 323 -6.75 -19.56 33.39
C PRO J 323 -5.46 -20.37 33.57
N ASP J 324 -4.33 -19.76 33.19
CA ASP J 324 -3.04 -20.43 33.21
C ASP J 324 -2.54 -20.59 34.62
N ARG J 325 -3.05 -19.79 35.54
CA ARG J 325 -2.49 -19.75 36.90
C ARG J 325 -3.36 -20.48 37.92
N ILE J 326 -4.63 -20.11 37.98
CA ILE J 326 -5.59 -20.72 38.91
C ILE J 326 -6.49 -21.78 38.24
N THR J 327 -6.08 -23.03 38.37
CA THR J 327 -6.75 -24.16 37.72
C THR J 327 -7.44 -25.05 38.75
N GLU J 328 -8.28 -25.96 38.24
CA GLU J 328 -9.02 -26.90 39.07
C GLU J 328 -8.03 -27.63 39.97
N ALA J 329 -6.91 -28.08 39.37
CA ALA J 329 -5.83 -28.79 40.06
C ALA J 329 -5.33 -28.01 41.27
N PHE J 330 -5.04 -26.72 41.05
CA PHE J 330 -4.52 -25.85 42.10
C PHE J 330 -5.53 -25.66 43.24
N TYR J 331 -6.82 -25.60 42.90
CA TYR J 331 -7.89 -25.51 43.92
C TYR J 331 -7.99 -26.79 44.76
N ARG J 332 -7.94 -27.94 44.10
CA ARG J 332 -7.94 -29.21 44.82
C ARG J 332 -6.80 -29.24 45.85
N GLU J 333 -5.60 -28.85 45.43
CA GLU J 333 -4.45 -28.81 46.33
C GLU J 333 -4.81 -28.09 47.62
N VAL J 334 -5.37 -26.88 47.48
CA VAL J 334 -5.69 -26.03 48.65
C VAL J 334 -6.69 -26.72 49.59
N LEU J 335 -7.61 -27.49 49.02
CA LEU J 335 -8.54 -28.27 49.82
C LEU J 335 -7.81 -29.40 50.57
N ARG J 336 -6.82 -30.01 49.91
CA ARG J 336 -6.06 -31.13 50.49
C ARG J 336 -5.13 -30.77 51.64
N LEU J 337 -4.82 -29.47 51.79
CA LEU J 337 -4.04 -29.01 52.94
C LEU J 337 -4.92 -28.56 54.10
N LEU J 338 -6.15 -29.09 54.16
CA LEU J 338 -7.06 -28.85 55.28
C LEU J 338 -7.87 -30.12 55.56
N ASP J 346 -16.21 -31.79 39.64
CA ASP J 346 -16.76 -30.61 39.00
C ASP J 346 -16.07 -29.34 39.51
N GLU J 347 -15.80 -28.40 38.60
CA GLU J 347 -15.10 -27.15 38.95
C GLU J 347 -15.89 -26.33 39.97
N ARG J 348 -17.21 -26.27 39.80
CA ARG J 348 -18.10 -25.49 40.67
C ARG J 348 -18.16 -26.04 42.10
N ALA J 349 -18.01 -27.35 42.25
CA ALA J 349 -17.97 -28.00 43.55
C ALA J 349 -16.83 -27.49 44.41
N LEU J 350 -15.68 -27.21 43.81
CA LEU J 350 -14.52 -26.75 44.57
C LEU J 350 -14.71 -25.36 45.17
N ALA J 351 -15.22 -24.42 44.36
CA ALA J 351 -15.57 -23.07 44.82
C ALA J 351 -16.62 -23.09 45.93
N GLU J 352 -17.58 -23.99 45.77
CA GLU J 352 -18.61 -24.21 46.78
C GLU J 352 -17.97 -24.61 48.12
N ALA J 353 -17.05 -25.57 48.07
CA ALA J 353 -16.38 -26.13 49.26
C ALA J 353 -15.43 -25.15 49.96
N LEU J 354 -14.74 -24.33 49.15
CA LEU J 354 -13.81 -23.31 49.66
C LEU J 354 -14.51 -22.16 50.40
N ALA J 355 -15.79 -21.94 50.09
CA ALA J 355 -16.58 -20.89 50.73
C ALA J 355 -16.93 -21.21 52.17
N ARG J 356 -17.07 -22.48 52.40
CA ARG J 356 -17.69 -22.91 53.60
C ARG J 356 -16.85 -22.52 54.76
N VAL J 357 -15.53 -22.68 54.67
CA VAL J 357 -14.70 -22.32 55.82
C VAL J 357 -13.27 -21.97 55.43
N GLU J 358 -12.58 -21.33 56.35
CA GLU J 358 -13.24 -20.60 57.41
C GLU J 358 -12.13 -19.76 57.87
N GLU J 359 -12.41 -18.63 58.48
CA GLU J 359 -11.40 -17.64 58.62
C GLU J 359 -10.24 -18.18 59.40
N LYS J 360 -10.52 -18.94 60.44
CA LYS J 360 -9.46 -19.44 61.27
C LYS J 360 -8.61 -20.30 60.40
N ALA J 361 -9.25 -21.08 59.56
CA ALA J 361 -8.52 -21.97 58.72
C ALA J 361 -7.66 -21.24 57.74
N TRP J 362 -8.26 -20.27 57.06
CA TRP J 362 -7.63 -19.68 55.88
C TRP J 362 -6.42 -19.05 56.41
N GLU J 363 -6.65 -18.36 57.49
CA GLU J 363 -5.49 -17.74 58.11
C GLU J 363 -4.23 -18.63 58.21
N GLU J 364 -4.40 -19.92 58.53
CA GLU J 364 -3.21 -20.75 58.84
C GLU J 364 -2.25 -20.87 57.65
N LEU J 365 -2.86 -21.07 56.48
CA LEU J 365 -2.21 -21.06 55.16
C LEU J 365 -1.51 -19.73 54.83
N ARG J 366 -1.45 -18.82 55.81
CA ARG J 366 -0.90 -17.50 55.59
C ARG J 366 0.62 -17.57 55.49
N GLU J 377 6.93 -11.58 41.29
CA GLU J 377 5.72 -11.69 40.47
C GLU J 377 4.53 -12.28 41.24
N TRP J 378 3.35 -12.21 40.62
CA TRP J 378 2.12 -12.72 41.24
C TRP J 378 1.92 -14.19 41.01
N THR J 379 2.41 -14.99 41.97
CA THR J 379 2.27 -16.45 41.90
C THR J 379 0.83 -16.87 42.19
N ALA J 380 0.53 -18.14 41.92
CA ALA J 380 -0.80 -18.72 42.19
C ALA J 380 -1.24 -18.64 43.67
N GLU J 381 -0.27 -18.70 44.59
CA GLU J 381 -0.54 -18.62 46.02
C GLU J 381 -0.84 -17.18 46.45
N ALA J 382 -0.23 -16.21 45.76
CA ALA J 382 -0.39 -14.80 46.10
C ALA J 382 -1.79 -14.28 45.74
N ILE J 383 -2.33 -14.76 44.61
CA ILE J 383 -3.64 -14.33 44.16
C ILE J 383 -4.70 -14.74 45.17
N LEU J 384 -4.57 -15.96 45.71
CA LEU J 384 -5.45 -16.46 46.79
C LEU J 384 -5.36 -15.57 48.03
N HIS J 385 -4.13 -15.34 48.51
CA HIS J 385 -3.92 -14.53 49.72
C HIS J 385 -4.49 -13.15 49.61
N ARG J 386 -4.38 -12.55 48.43
CA ARG J 386 -4.96 -11.22 48.18
C ARG J 386 -6.48 -11.30 48.28
N ALA J 387 -7.05 -12.28 47.57
CA ALA J 387 -8.49 -12.52 47.54
C ALA J 387 -9.01 -12.87 48.92
N LEU J 388 -8.25 -13.69 49.65
CA LEU J 388 -8.64 -14.14 50.98
C LEU J 388 -8.60 -13.00 51.97
N TYR J 389 -7.56 -12.17 51.86
CA TYR J 389 -7.45 -10.96 52.70
C TYR J 389 -8.57 -9.92 52.47
N GLU J 390 -8.93 -9.66 51.21
CA GLU J 390 -10.05 -8.74 50.91
C GLU J 390 -11.39 -9.24 51.40
N LEU J 391 -11.67 -10.53 51.19
CA LEU J 391 -12.91 -11.12 51.68
C LEU J 391 -12.99 -11.00 53.20
N SER J 392 -11.84 -11.16 53.88
CA SER J 392 -11.75 -11.05 55.34
C SER J 392 -12.14 -9.65 55.80
N VAL J 393 -11.68 -8.65 55.03
CA VAL J 393 -11.98 -7.26 55.33
C VAL J 393 -13.44 -6.92 55.02
N ILE J 394 -13.93 -7.39 53.88
CA ILE J 394 -15.30 -7.11 53.47
C ILE J 394 -16.32 -7.76 54.39
N GLU J 395 -16.04 -9.00 54.80
CA GLU J 395 -16.96 -9.72 55.67
C GLU J 395 -17.03 -9.05 57.03
N ARG J 396 -15.86 -8.76 57.60
CA ARG J 396 -15.73 -8.22 58.96
C ARG J 396 -16.39 -6.84 59.11
N MET J 397 -16.16 -5.97 58.14
CA MET J 397 -16.79 -4.64 58.13
C MET J 397 -18.28 -4.70 57.77
N GLY J 398 -18.71 -5.83 57.23
CA GLY J 398 -20.13 -6.09 57.05
C GLY J 398 -20.69 -5.62 55.72
N PHE J 399 -19.93 -5.80 54.65
CA PHE J 399 -20.33 -5.36 53.31
C PHE J 399 -20.39 -6.48 52.26
N PRO J 400 -20.68 -7.74 52.65
CA PRO J 400 -20.79 -8.74 51.62
C PRO J 400 -22.10 -8.60 50.86
N GLY J 401 -23.15 -8.19 51.54
CA GLY J 401 -24.44 -7.97 50.88
C GLY J 401 -24.38 -6.85 49.86
N TYR J 402 -23.65 -5.80 50.20
CA TYR J 402 -23.48 -4.62 49.33
C TYR J 402 -22.81 -4.99 48.01
N PHE J 403 -21.85 -5.89 48.07
CA PHE J 403 -21.18 -6.37 46.89
C PHE J 403 -22.15 -7.15 46.02
N LEU J 404 -22.82 -8.16 46.59
CA LEU J 404 -23.72 -9.04 45.84
C LEU J 404 -24.79 -8.27 45.05
N ILE J 405 -25.24 -7.14 45.59
CA ILE J 405 -26.19 -6.30 44.89
C ILE J 405 -25.56 -5.69 43.65
N VAL J 406 -24.29 -5.28 43.77
CA VAL J 406 -23.63 -4.48 42.72
C VAL J 406 -23.42 -5.26 41.42
N GLN J 407 -22.74 -6.40 41.51
CA GLN J 407 -22.39 -7.16 40.33
C GLN J 407 -23.59 -7.89 39.71
N ASP J 408 -24.68 -8.02 40.45
CA ASP J 408 -25.91 -8.62 39.95
C ASP J 408 -26.46 -7.88 38.73
N TYR J 409 -26.65 -6.56 38.85
CA TYR J 409 -27.13 -5.75 37.73
C TYR J 409 -26.05 -5.49 36.67
N ILE J 410 -24.79 -5.64 37.03
CA ILE J 410 -23.69 -5.50 36.06
C ILE J 410 -23.59 -6.75 35.21
N ASN J 411 -23.61 -7.93 35.85
CA ASN J 411 -23.64 -9.23 35.13
C ASN J 411 -24.96 -9.48 34.40
N TRP J 412 -26.03 -8.83 34.84
CA TRP J 412 -27.27 -8.78 34.07
C TRP J 412 -27.11 -7.91 32.87
N ALA J 413 -26.52 -6.74 33.02
CA ALA J 413 -26.31 -5.86 31.88
C ALA J 413 -25.52 -6.56 30.78
N ARG J 414 -24.43 -7.23 31.16
CA ARG J 414 -23.60 -7.94 30.18
C ARG J 414 -24.44 -8.98 29.44
N GLY J 415 -25.23 -9.72 30.20
CA GLY J 415 -26.07 -10.79 29.66
C GLY J 415 -27.26 -10.34 28.81
N HIS J 416 -27.66 -9.09 28.97
CA HIS J 416 -28.82 -8.56 28.24
C HIS J 416 -28.43 -7.47 27.28
N GLY J 417 -27.20 -7.54 26.78
CA GLY J 417 -26.74 -6.66 25.70
C GLY J 417 -26.59 -5.21 26.09
N VAL J 418 -25.97 -4.97 27.24
CA VAL J 418 -25.74 -3.63 27.74
C VAL J 418 -24.29 -3.56 28.16
N SER J 419 -23.58 -2.60 27.60
CA SER J 419 -22.15 -2.47 27.86
C SER J 419 -21.88 -2.02 29.29
N VAL J 420 -20.81 -2.56 29.88
CA VAL J 420 -20.33 -2.12 31.19
C VAL J 420 -18.84 -1.73 31.13
N GLY J 421 -18.52 -0.54 31.62
CA GLY J 421 -17.15 -0.04 31.62
C GLY J 421 -16.26 -0.83 32.55
N PRO J 422 -14.93 -0.69 32.40
CA PRO J 422 -13.96 -1.40 33.27
C PRO J 422 -13.99 -0.94 34.72
N GLY J 423 -14.59 0.22 34.98
CA GLY J 423 -14.81 0.71 36.33
C GLY J 423 -14.26 2.11 36.53
N ARG J 424 -14.89 2.88 37.41
CA ARG J 424 -14.38 4.19 37.74
C ARG J 424 -14.16 4.34 39.26
N GLY J 425 -13.32 5.31 39.62
CA GLY J 425 -12.98 5.58 41.00
C GLY J 425 -12.00 4.56 41.50
N SER J 426 -12.02 4.34 42.81
CA SER J 426 -11.09 3.42 43.45
C SER J 426 -11.53 1.98 43.26
N ALA J 427 -12.80 1.79 42.92
CA ALA J 427 -13.41 0.46 42.81
C ALA J 427 -12.56 -0.59 42.07
N ALA J 428 -11.76 -0.15 41.09
CA ALA J 428 -11.01 -1.10 40.27
C ALA J 428 -9.87 -1.75 41.04
N GLY J 429 -9.54 -1.22 42.21
CA GLY J 429 -8.42 -1.75 42.98
C GLY J 429 -8.67 -3.11 43.61
N SER J 430 -9.93 -3.44 43.88
CA SER J 430 -10.28 -4.71 44.51
C SER J 430 -10.21 -5.91 43.57
N LEU J 431 -9.43 -6.91 43.97
CA LEU J 431 -9.37 -8.22 43.30
C LEU J 431 -10.67 -9.00 43.38
N VAL J 432 -11.43 -8.80 44.46
CA VAL J 432 -12.72 -9.42 44.57
C VAL J 432 -13.67 -8.82 43.52
N ALA J 433 -13.64 -7.48 43.40
CA ALA J 433 -14.48 -6.78 42.42
C ALA J 433 -14.13 -7.25 41.02
N TYR J 434 -12.84 -7.38 40.75
CA TYR J 434 -12.38 -7.80 39.43
C TYR J 434 -12.81 -9.23 39.13
N ALA J 435 -12.64 -10.11 40.12
CA ALA J 435 -12.81 -11.54 39.94
C ALA J 435 -14.25 -11.85 39.60
N VAL J 436 -15.14 -11.30 40.39
CA VAL J 436 -16.56 -11.59 40.30
C VAL J 436 -17.19 -10.97 39.06
N GLY J 437 -16.93 -9.69 38.83
CA GLY J 437 -17.32 -9.04 37.56
C GLY J 437 -17.80 -7.59 37.64
N ILE J 438 -17.49 -6.91 38.74
CA ILE J 438 -17.84 -5.52 38.88
C ILE J 438 -16.83 -4.74 38.01
N THR J 439 -15.55 -5.03 38.24
CA THR J 439 -14.46 -4.38 37.55
C THR J 439 -13.95 -5.28 36.45
N ASN J 440 -13.48 -4.69 35.35
CA ASN J 440 -12.93 -5.47 34.25
C ASN J 440 -11.50 -5.02 33.84
N ILE J 441 -10.64 -4.80 34.83
CA ILE J 441 -9.22 -4.57 34.61
C ILE J 441 -8.42 -5.28 35.70
N ASP J 442 -7.35 -5.96 35.32
CA ASP J 442 -6.51 -6.72 36.27
C ASP J 442 -5.77 -5.82 37.29
N PRO J 443 -6.21 -5.81 38.55
CA PRO J 443 -5.68 -4.89 39.55
C PRO J 443 -4.28 -5.26 40.11
N LEU J 444 -3.89 -6.52 39.96
CA LEU J 444 -2.59 -6.99 40.43
C LEU J 444 -1.54 -6.96 39.32
N ARG J 445 -1.97 -6.94 38.06
CA ARG J 445 -1.07 -6.74 36.90
C ARG J 445 -0.54 -5.32 36.93
N PHE J 446 -1.45 -4.36 37.07
CA PHE J 446 -1.10 -2.95 37.30
C PHE J 446 -0.92 -2.68 38.78
N GLY J 447 -0.56 -1.46 39.15
CA GLY J 447 -0.29 -1.11 40.54
C GLY J 447 -1.52 -0.65 41.30
N LEU J 448 -2.58 -1.45 41.27
CA LEU J 448 -3.84 -1.07 41.92
C LEU J 448 -3.96 -1.73 43.28
N LEU J 449 -4.51 -1.00 44.24
CA LEU J 449 -4.54 -1.42 45.64
C LEU J 449 -5.98 -1.45 46.16
N PHE J 450 -6.27 -2.46 46.99
CA PHE J 450 -7.57 -2.62 47.65
C PHE J 450 -7.71 -1.66 48.81
N GLU J 451 -6.59 -1.32 49.46
CA GLU J 451 -6.58 -0.41 50.63
C GLU J 451 -6.99 1.01 50.23
N ARG J 452 -6.74 1.37 48.98
CA ARG J 452 -7.22 2.63 48.39
C ARG J 452 -8.73 2.59 48.29
N PHE J 453 -9.29 1.45 47.87
CA PHE J 453 -10.74 1.26 47.73
C PHE J 453 -11.42 1.19 49.08
N LEU J 454 -11.05 0.21 49.90
CA LEU J 454 -11.59 0.05 51.24
C LEU J 454 -10.46 0.09 52.28
N ASN J 455 -10.49 1.11 53.12
CA ASN J 455 -9.51 1.22 54.20
C ASN J 455 -9.83 0.24 55.32
N PRO J 456 -8.99 -0.80 55.50
CA PRO J 456 -9.36 -1.83 56.46
C PRO J 456 -9.46 -1.31 57.90
N GLU J 457 -8.72 -0.27 58.22
CA GLU J 457 -8.62 0.22 59.59
C GLU J 457 -9.68 1.26 59.92
N ARG J 458 -10.59 1.51 58.97
CA ARG J 458 -11.72 2.43 59.22
C ARG J 458 -13.03 1.94 58.61
N VAL J 459 -14.10 1.94 59.41
CA VAL J 459 -15.41 1.45 58.98
C VAL J 459 -16.20 2.52 58.23
N SER J 460 -16.07 2.52 56.91
CA SER J 460 -16.79 3.47 56.06
C SER J 460 -17.30 2.77 54.80
N MET J 461 -18.53 3.06 54.42
CA MET J 461 -19.16 2.40 53.27
C MET J 461 -18.47 2.79 51.95
N PRO J 462 -18.16 1.80 51.11
CA PRO J 462 -17.55 2.10 49.84
C PRO J 462 -18.59 2.61 48.83
N ASP J 463 -18.19 3.54 47.97
CA ASP J 463 -19.08 4.11 46.96
C ASP J 463 -18.70 3.57 45.59
N ILE J 464 -19.42 2.53 45.16
CA ILE J 464 -19.16 1.90 43.86
C ILE J 464 -19.91 2.62 42.76
N ASP J 465 -19.15 3.20 41.83
CA ASP J 465 -19.70 3.80 40.62
C ASP J 465 -19.42 2.92 39.39
N THR J 466 -20.40 2.80 38.50
CA THR J 466 -20.29 1.93 37.32
C THR J 466 -20.68 2.65 36.05
N ASP J 467 -19.83 2.55 35.03
CA ASP J 467 -20.13 3.13 33.70
C ASP J 467 -21.01 2.20 32.85
N PHE J 468 -21.90 2.79 32.05
CA PHE J 468 -22.75 2.02 31.14
C PHE J 468 -22.86 2.70 29.77
N SER J 469 -23.43 2.01 28.81
CA SER J 469 -23.78 2.65 27.56
C SER J 469 -24.87 3.67 27.82
N ASP J 470 -24.72 4.88 27.26
CA ASP J 470 -25.66 5.98 27.48
C ASP J 470 -27.06 5.66 27.01
N ARG J 471 -27.18 4.84 25.95
CA ARG J 471 -28.49 4.38 25.50
C ARG J 471 -29.14 3.45 26.55
N GLU J 472 -28.41 2.40 26.90
CA GLU J 472 -28.98 1.29 27.65
C GLU J 472 -28.86 1.48 29.16
N ARG J 473 -28.67 2.71 29.61
CA ARG J 473 -28.42 3.01 31.03
C ARG J 473 -29.69 2.78 31.82
N ASP J 474 -30.82 3.22 31.25
CA ASP J 474 -32.12 3.15 31.92
C ASP J 474 -32.62 1.72 32.10
N ARG J 475 -32.22 0.83 31.19
CA ARG J 475 -32.61 -0.55 31.32
C ARG J 475 -32.05 -1.18 32.59
N VAL J 476 -30.81 -0.84 32.95
CA VAL J 476 -30.18 -1.38 34.15
C VAL J 476 -30.80 -0.81 35.44
N ILE J 477 -31.27 0.44 35.37
CA ILE J 477 -32.04 1.00 36.47
C ILE J 477 -33.43 0.36 36.53
N GLN J 478 -34.02 0.08 35.37
CA GLN J 478 -35.32 -0.59 35.30
C GLN J 478 -35.24 -2.02 35.87
N TYR J 479 -34.13 -2.69 35.63
CA TYR J 479 -33.93 -4.00 36.21
C TYR J 479 -33.97 -3.92 37.72
N VAL J 480 -33.24 -2.94 38.28
CA VAL J 480 -33.16 -2.76 39.72
C VAL J 480 -34.52 -2.46 40.34
N ARG J 481 -35.32 -1.63 39.65
CA ARG J 481 -36.65 -1.24 40.10
C ARG J 481 -37.57 -2.43 40.21
N GLU J 482 -37.42 -3.40 39.31
CA GLU J 482 -38.25 -4.63 39.34
C GLU J 482 -37.71 -5.66 40.33
N ARG J 483 -36.39 -5.73 40.44
CA ARG J 483 -35.73 -6.68 41.32
C ARG J 483 -35.89 -6.32 42.80
N TYR J 484 -35.65 -5.06 43.15
CA TYR J 484 -35.65 -4.65 44.56
C TYR J 484 -36.93 -3.96 45.00
N GLY J 485 -37.86 -3.78 44.07
CA GLY J 485 -39.16 -3.17 44.38
C GLY J 485 -39.27 -1.71 43.96
N GLU J 486 -40.44 -1.34 43.46
CA GLU J 486 -40.68 0.00 42.95
C GLU J 486 -40.66 1.03 44.08
N ASP J 487 -41.15 0.63 45.26
CA ASP J 487 -41.22 1.52 46.41
C ASP J 487 -39.90 1.68 47.14
N LYS J 488 -38.92 0.82 46.81
CA LYS J 488 -37.60 0.83 47.45
C LYS J 488 -36.49 1.34 46.53
N VAL J 489 -36.83 1.70 45.30
CA VAL J 489 -35.83 2.17 44.34
C VAL J 489 -36.28 3.45 43.66
N ALA J 490 -35.37 4.42 43.64
CA ALA J 490 -35.63 5.74 43.05
C ALA J 490 -34.33 6.51 42.80
N GLN J 491 -34.38 7.46 41.86
CA GLN J 491 -33.22 8.28 41.56
C GLN J 491 -33.14 9.48 42.50
N ILE J 492 -31.91 9.91 42.83
CA ILE J 492 -31.69 11.01 43.76
C ILE J 492 -31.87 12.35 43.07
N GLY J 493 -32.51 13.28 43.77
CA GLY J 493 -32.75 14.63 43.27
C GLY J 493 -31.53 15.53 43.31
N THR J 494 -31.57 16.62 42.54
CA THR J 494 -30.49 17.61 42.47
C THR J 494 -31.10 18.99 42.59
N ALA J 499 -27.69 31.46 40.40
CA ALA J 499 -26.25 31.71 40.61
C ALA J 499 -26.00 33.18 40.84
N SER J 500 -24.78 33.49 41.26
CA SER J 500 -24.38 34.90 41.53
C SER J 500 -24.49 35.76 40.26
N LYS J 501 -23.94 35.23 39.17
CA LYS J 501 -24.04 35.87 37.85
C LYS J 501 -25.52 35.91 37.41
N ALA J 502 -26.22 34.78 37.58
CA ALA J 502 -27.62 34.69 37.16
C ALA J 502 -28.53 35.62 37.99
N ALA J 503 -28.23 35.76 39.28
CA ALA J 503 -29.06 36.58 40.18
C ALA J 503 -29.21 38.02 39.67
N LEU J 504 -28.10 38.61 39.21
CA LEU J 504 -28.08 39.97 38.62
C LEU J 504 -28.87 40.05 37.32
N LYS J 505 -28.73 39.03 36.49
CA LYS J 505 -29.31 39.01 35.15
C LYS J 505 -30.73 38.40 35.09
N ASP J 506 -30.86 37.14 35.54
CA ASP J 506 -32.10 36.34 35.42
C ASP J 506 -33.35 37.04 35.94
N VAL J 507 -33.16 37.82 37.00
CA VAL J 507 -34.22 38.64 37.54
C VAL J 507 -34.57 39.71 36.53
N ALA J 508 -33.55 40.44 36.06
CA ALA J 508 -33.70 41.53 35.08
C ALA J 508 -34.24 41.02 33.72
N ARG J 509 -33.83 39.82 33.34
CA ARG J 509 -34.23 39.23 32.05
C ARG J 509 -35.73 39.10 31.85
N VAL J 510 -36.42 38.59 32.88
CA VAL J 510 -37.87 38.44 32.80
C VAL J 510 -38.57 39.80 32.94
N ILE J 513 -33.09 37.21 25.83
CA ILE J 513 -33.23 38.52 26.49
C ILE J 513 -31.96 39.38 26.35
N PRO J 514 -32.12 40.67 25.97
CA PRO J 514 -30.97 41.57 25.91
C PRO J 514 -30.63 42.13 27.28
N HIS J 515 -29.51 42.87 27.37
CA HIS J 515 -29.07 43.47 28.64
C HIS J 515 -29.22 44.99 28.59
N LYS J 516 -28.37 45.75 27.90
CA LYS J 516 -27.11 45.32 27.31
C LYS J 516 -25.96 45.56 28.30
N LYS J 517 -26.14 46.55 29.18
CA LYS J 517 -25.13 46.92 30.19
C LYS J 517 -25.11 45.97 31.40
N ALA J 518 -26.21 45.25 31.60
CA ALA J 518 -26.32 44.27 32.70
C ALA J 518 -25.28 43.16 32.62
N GLU J 519 -24.85 42.83 31.40
CA GLU J 519 -23.83 41.81 31.21
C GLU J 519 -22.44 42.28 31.64
N GLU J 520 -22.16 43.57 31.42
CA GLU J 520 -20.88 44.22 31.85
C GLU J 520 -20.76 44.30 33.38
N LEU J 521 -21.91 44.34 34.06
CA LEU J 521 -21.94 44.29 35.51
C LEU J 521 -21.64 42.86 36.01
N ALA J 522 -22.16 41.86 35.30
CA ALA J 522 -21.99 40.45 35.68
C ALA J 522 -20.74 39.81 35.06
N LYS J 523 -20.14 40.52 34.11
CA LYS J 523 -18.83 40.10 33.60
C LYS J 523 -17.66 40.40 34.57
N LEU J 524 -17.92 41.19 35.61
CA LEU J 524 -16.93 41.43 36.68
C LEU J 524 -16.60 40.13 37.44
N ILE J 525 -17.57 39.24 37.53
CA ILE J 525 -17.34 37.90 38.07
C ILE J 525 -17.84 36.86 37.06
N PRO J 526 -16.97 36.43 36.12
CA PRO J 526 -17.38 35.40 35.17
C PRO J 526 -17.14 34.03 35.75
N PRO J 532 -19.57 31.13 39.41
CA PRO J 532 -19.22 32.47 39.90
C PRO J 532 -19.27 32.58 41.42
N LYS J 533 -18.42 33.45 41.96
CA LYS J 533 -18.35 33.69 43.39
C LYS J 533 -19.47 34.66 43.80
N PRO J 534 -20.05 34.50 45.01
CA PRO J 534 -21.10 35.42 45.48
C PRO J 534 -20.73 36.91 45.57
N LEU J 535 -21.74 37.77 45.46
CA LEU J 535 -21.58 39.22 45.64
C LEU J 535 -21.25 39.59 47.10
N GLN J 536 -21.37 38.63 48.02
CA GLN J 536 -20.93 38.80 49.40
C GLN J 536 -19.49 39.33 49.48
N GLU J 537 -18.62 38.83 48.61
CA GLU J 537 -17.22 39.29 48.53
C GLU J 537 -17.09 40.51 47.63
N ALA J 538 -17.49 40.35 46.37
CA ALA J 538 -17.37 41.41 45.37
C ALA J 538 -18.36 42.54 45.65
N GLU J 544 -13.11 44.11 43.02
CA GLU J 544 -13.05 45.41 43.72
C GLU J 544 -13.44 46.61 42.83
N LEU J 545 -14.47 46.44 42.01
CA LEU J 545 -14.97 47.51 41.12
C LEU J 545 -16.43 47.87 41.49
N ARG J 546 -16.66 47.96 42.80
CA ARG J 546 -18.00 48.20 43.35
C ARG J 546 -18.40 49.67 43.22
N ALA J 547 -17.51 50.48 42.66
CA ALA J 547 -17.78 51.90 42.44
C ALA J 547 -18.94 52.13 41.46
N GLU J 548 -19.24 51.12 40.64
CA GLU J 548 -20.39 51.12 39.71
C GLU J 548 -21.74 51.26 40.40
N MET J 549 -21.79 50.85 41.66
CA MET J 549 -23.03 50.91 42.45
C MET J 549 -23.51 52.34 42.60
N GLU J 550 -22.62 53.22 43.05
CA GLU J 550 -23.00 54.60 43.39
C GLU J 550 -23.16 55.54 42.18
N LYS J 551 -22.84 55.08 40.98
CA LYS J 551 -23.14 55.85 39.76
C LYS J 551 -24.65 56.15 39.63
N ASP J 552 -25.47 55.10 39.60
CA ASP J 552 -26.93 55.22 39.47
C ASP J 552 -27.59 54.57 40.68
N GLU J 553 -28.78 55.07 41.05
CA GLU J 553 -29.56 54.49 42.14
C GLU J 553 -30.31 53.19 41.73
N ARG J 554 -30.46 52.98 40.42
CA ARG J 554 -31.00 51.72 39.92
C ARG J 554 -30.07 50.56 40.25
N ILE J 555 -28.76 50.77 40.05
CA ILE J 555 -27.75 49.73 40.28
C ILE J 555 -27.52 49.50 41.78
N ARG J 556 -27.73 50.54 42.58
CA ARG J 556 -27.63 50.43 44.05
C ARG J 556 -28.51 49.29 44.59
N GLN J 557 -29.77 49.27 44.16
CA GLN J 557 -30.76 48.30 44.64
C GLN J 557 -30.52 46.91 44.01
N VAL J 558 -30.38 46.88 42.69
CA VAL J 558 -30.29 45.63 41.96
C VAL J 558 -29.18 44.73 42.49
N ILE J 559 -27.99 45.30 42.73
CA ILE J 559 -26.87 44.53 43.29
C ILE J 559 -27.13 44.06 44.73
N GLU J 560 -27.79 44.91 45.52
CA GLU J 560 -28.14 44.59 46.91
C GLU J 560 -29.23 43.53 46.96
N VAL J 561 -30.16 43.59 46.00
CA VAL J 561 -31.22 42.60 45.89
C VAL J 561 -30.64 41.28 45.38
N ALA J 562 -29.68 41.34 44.45
CA ALA J 562 -29.13 40.11 43.80
C ALA J 562 -28.32 39.28 44.74
N MET J 563 -27.64 39.95 45.65
CA MET J 563 -26.88 39.23 46.66
C MET J 563 -27.77 38.56 47.71
N ARG J 564 -29.01 39.05 47.85
CA ARG J 564 -29.98 38.46 48.78
C ARG J 564 -30.69 37.22 48.21
N LEU J 565 -30.70 37.08 46.89
CA LEU J 565 -31.34 35.95 46.25
C LEU J 565 -30.36 34.94 45.69
N GLU J 566 -29.16 34.86 46.26
CA GLU J 566 -28.10 33.97 45.75
C GLU J 566 -28.25 32.53 46.18
N GLY J 567 -28.56 32.32 47.46
CA GLY J 567 -28.63 30.99 48.06
C GLY J 567 -29.70 30.04 47.54
N LEU J 568 -30.71 30.59 46.90
CA LEU J 568 -31.79 29.76 46.44
C LEU J 568 -31.16 28.83 45.48
N ASN J 569 -31.62 27.61 45.46
CA ASN J 569 -30.97 26.57 44.70
C ASN J 569 -31.75 26.23 43.46
N ARG J 570 -32.61 27.13 43.05
CA ARG J 570 -33.48 26.87 41.93
C ARG J 570 -34.40 25.86 42.48
N HIS J 571 -34.93 25.01 41.61
CA HIS J 571 -35.98 24.05 41.93
C HIS J 571 -35.47 22.63 42.09
N ALA J 572 -36.23 21.65 41.64
CA ALA J 572 -35.82 20.27 41.78
C ALA J 572 -35.78 19.63 40.42
N SER J 573 -34.94 18.62 40.33
CA SER J 573 -34.60 17.89 39.07
C SER J 573 -33.93 16.54 39.37
N VAL J 574 -33.66 15.76 38.33
CA VAL J 574 -33.07 14.42 38.49
C VAL J 574 -31.56 14.43 38.31
N HIS J 575 -30.85 13.62 39.09
CA HIS J 575 -29.38 13.48 38.95
C HIS J 575 -29.06 12.49 37.85
N ALA J 576 -27.93 12.70 37.19
CA ALA J 576 -27.60 11.90 36.01
C ALA J 576 -27.42 10.44 36.42
N ALA J 577 -26.60 10.21 37.44
CA ALA J 577 -26.21 8.85 37.81
C ALA J 577 -26.89 8.36 39.07
N GLY J 578 -27.43 9.28 39.86
CA GLY J 578 -27.84 8.96 41.22
C GLY J 578 -29.01 8.01 41.25
N VAL J 579 -28.80 6.84 41.86
CA VAL J 579 -29.89 5.88 42.14
C VAL J 579 -29.77 5.29 43.54
N VAL J 580 -30.86 5.31 44.29
CA VAL J 580 -30.88 4.78 45.66
C VAL J 580 -31.67 3.46 45.78
N ILE J 581 -31.15 2.56 46.59
CA ILE J 581 -31.83 1.30 46.88
C ILE J 581 -31.89 1.14 48.40
N ALA J 582 -33.05 1.44 48.97
CA ALA J 582 -33.24 1.33 50.39
C ALA J 582 -33.66 -0.08 50.75
N ALA J 583 -33.46 -0.46 52.01
CA ALA J 583 -33.84 -1.79 52.51
C ALA J 583 -35.36 -1.83 52.72
N GLU J 584 -35.87 -0.91 53.54
CA GLU J 584 -37.31 -0.74 53.77
C GLU J 584 -37.86 0.24 52.75
N PRO J 585 -39.20 0.26 52.55
CA PRO J 585 -39.78 1.21 51.60
C PRO J 585 -39.30 2.65 51.82
N LEU J 586 -38.99 3.35 50.73
CA LEU J 586 -38.53 4.73 50.81
C LEU J 586 -39.52 5.64 51.55
N THR J 587 -40.82 5.37 51.40
CA THR J 587 -41.87 6.23 51.97
C THR J 587 -41.74 6.33 53.47
N ASP J 588 -41.09 5.33 54.07
CA ASP J 588 -40.92 5.26 55.52
C ASP J 588 -39.89 6.24 56.08
N LEU J 589 -38.99 6.70 55.22
CA LEU J 589 -37.91 7.59 55.65
C LEU J 589 -37.74 8.78 54.73
N VAL J 590 -37.61 8.52 53.43
CA VAL J 590 -37.32 9.53 52.42
C VAL J 590 -38.56 9.85 51.56
N PRO J 591 -38.91 11.15 51.43
CA PRO J 591 -40.03 11.54 50.59
C PRO J 591 -39.64 11.60 49.15
N LEU J 592 -40.61 11.37 48.27
CA LEU J 592 -40.37 11.14 46.83
C LEU J 592 -41.06 12.15 45.88
N MET J 593 -40.65 12.10 44.61
CA MET J 593 -41.20 12.92 43.52
C MET J 593 -41.32 12.07 42.23
N ARG J 594 -41.83 12.69 41.17
CA ARG J 594 -41.82 12.08 39.83
C ARG J 594 -41.66 13.16 38.79
N ASP J 595 -40.60 13.07 38.01
CA ASP J 595 -40.22 14.12 37.07
C ASP J 595 -41.07 14.06 35.79
N GLN J 596 -40.72 14.86 34.79
CA GLN J 596 -41.50 15.03 33.55
C GLN J 596 -41.54 13.76 32.68
N GLU J 597 -40.46 12.98 32.76
CA GLU J 597 -40.36 11.70 32.06
C GLU J 597 -40.86 10.51 32.91
N GLY J 598 -41.45 10.76 34.08
CA GLY J 598 -42.08 9.72 34.88
C GLY J 598 -41.12 8.91 35.75
N ARG J 599 -39.88 9.37 35.88
CA ARG J 599 -38.89 8.66 36.69
C ARG J 599 -39.07 9.05 38.15
N PRO J 600 -39.07 8.06 39.09
CA PRO J 600 -39.24 8.36 40.54
C PRO J 600 -37.99 9.02 41.17
N VAL J 601 -38.19 10.18 41.78
CA VAL J 601 -37.08 11.03 42.20
C VAL J 601 -37.15 11.32 43.69
N THR J 602 -36.00 11.24 44.35
CA THR J 602 -35.89 11.57 45.77
C THR J 602 -35.89 13.10 45.97
N GLN J 603 -36.54 13.54 47.05
CA GLN J 603 -36.62 14.96 47.38
C GLN J 603 -35.33 15.41 48.04
N TYR J 604 -34.68 14.51 48.76
CA TYR J 604 -33.35 14.81 49.30
C TYR J 604 -32.25 14.68 48.23
N ASP J 605 -31.16 15.44 48.42
CA ASP J 605 -29.99 15.36 47.55
C ASP J 605 -29.04 14.21 47.98
N MET J 606 -27.96 14.02 47.23
CA MET J 606 -26.99 12.98 47.52
C MET J 606 -26.50 12.96 48.97
N GLY J 607 -26.01 14.12 49.44
CA GLY J 607 -25.46 14.24 50.79
C GLY J 607 -26.47 14.02 51.93
N ALA J 608 -27.72 14.43 51.69
CA ALA J 608 -28.82 14.21 52.62
C ALA J 608 -29.28 12.75 52.64
N VAL J 609 -29.26 12.09 51.47
CA VAL J 609 -29.64 10.67 51.38
C VAL J 609 -28.57 9.74 52.00
N GLU J 610 -27.29 10.06 51.75
CA GLU J 610 -26.20 9.28 52.35
C GLU J 610 -26.17 9.48 53.87
N ALA J 611 -26.45 10.70 54.32
CA ALA J 611 -26.42 11.04 55.75
C ALA J 611 -27.44 10.21 56.57
N LEU J 612 -28.53 9.79 55.92
CA LEU J 612 -29.51 8.89 56.55
C LEU J 612 -29.05 7.42 56.58
N GLY J 613 -27.99 7.11 55.84
CA GLY J 613 -27.37 5.79 55.86
C GLY J 613 -27.96 4.85 54.83
N LEU J 614 -28.34 5.39 53.68
CA LEU J 614 -29.00 4.60 52.63
C LEU J 614 -28.00 4.24 51.54
N LEU J 615 -28.25 3.13 50.85
CA LEU J 615 -27.34 2.64 49.83
C LEU J 615 -27.51 3.48 48.58
N LYS J 616 -26.40 4.06 48.12
CA LYS J 616 -26.37 4.87 46.90
C LYS J 616 -25.51 4.26 45.81
N MET J 617 -25.99 4.34 44.57
CA MET J 617 -25.28 3.79 43.42
C MET J 617 -25.28 4.81 42.28
N ASP J 618 -24.15 4.92 41.59
CA ASP J 618 -23.99 5.85 40.48
C ASP J 618 -23.92 5.13 39.14
N PHE J 619 -24.97 5.28 38.34
CA PHE J 619 -25.06 4.72 37.00
C PHE J 619 -24.73 5.80 35.98
N LEU J 620 -23.47 5.83 35.58
CA LEU J 620 -23.01 6.80 34.60
C LEU J 620 -23.25 6.29 33.14
N GLY J 621 -23.48 7.25 32.24
CA GLY J 621 -23.74 6.94 30.83
C GLY J 621 -22.56 7.37 29.99
N LEU J 622 -21.74 6.39 29.58
CA LEU J 622 -20.56 6.67 28.79
C LEU J 622 -20.86 6.46 27.29
N ARG J 623 -20.19 7.24 26.43
CA ARG J 623 -20.38 7.16 24.97
C ARG J 623 -19.38 6.27 24.26
N THR J 624 -18.23 6.09 24.89
CA THR J 624 -17.19 5.27 24.30
C THR J 624 -17.67 3.82 24.20
N LEU J 625 -18.46 3.38 25.19
CA LEU J 625 -18.96 2.00 25.19
C LEU J 625 -19.97 1.81 24.07
N THR J 626 -20.81 2.81 23.86
CA THR J 626 -21.75 2.84 22.73
C THR J 626 -21.01 2.79 21.39
N PHE J 627 -19.94 3.57 21.28
CA PHE J 627 -19.11 3.54 20.08
C PHE J 627 -18.44 2.17 19.86
N LEU J 628 -18.04 1.51 20.94
CA LEU J 628 -17.34 0.22 20.86
C LEU J 628 -18.31 -0.90 20.51
N ASP J 629 -19.58 -0.71 20.81
CA ASP J 629 -20.58 -1.68 20.43
C ASP J 629 -20.77 -1.70 18.90
N GLU J 630 -20.88 -0.53 18.29
CA GLU J 630 -21.01 -0.43 16.85
C GLU J 630 -19.72 -0.82 16.16
N ALA J 631 -18.59 -0.65 16.85
CA ALA J 631 -17.30 -1.05 16.29
C ALA J 631 -17.25 -2.57 16.09
N ARG J 632 -17.73 -3.33 17.07
CA ARG J 632 -17.71 -4.78 16.98
C ARG J 632 -18.64 -5.31 15.88
N ARG J 633 -19.83 -4.71 15.77
CA ARG J 633 -20.83 -5.22 14.82
C ARG J 633 -20.42 -4.98 13.37
N ILE J 634 -19.82 -3.81 13.08
CA ILE J 634 -19.38 -3.45 11.73
C ILE J 634 -18.17 -4.27 11.31
N VAL J 635 -17.23 -4.46 12.23
CA VAL J 635 -16.07 -5.33 11.99
C VAL J 635 -16.49 -6.78 11.71
N LYS J 636 -17.51 -7.25 12.41
CA LYS J 636 -17.99 -8.63 12.22
C LYS J 636 -18.78 -8.73 10.94
N GLU J 637 -19.52 -7.68 10.61
CA GLU J 637 -20.33 -7.62 9.39
C GLU J 637 -19.44 -7.53 8.15
N SER J 638 -18.32 -6.82 8.28
CA SER J 638 -17.42 -6.57 7.16
C SER J 638 -16.50 -7.73 6.87
N LYS J 639 -15.90 -8.29 7.93
CA LYS J 639 -14.82 -9.29 7.80
C LYS J 639 -14.97 -10.54 8.67
N GLY J 640 -16.13 -10.71 9.30
CA GLY J 640 -16.44 -11.93 10.04
C GLY J 640 -15.56 -12.15 11.26
N VAL J 641 -15.11 -11.06 11.87
CA VAL J 641 -14.26 -11.13 13.06
C VAL J 641 -15.04 -10.81 14.37
N GLU J 642 -14.86 -11.64 15.39
CA GLU J 642 -15.51 -11.43 16.68
C GLU J 642 -14.59 -10.67 17.60
N LEU J 643 -14.72 -9.34 17.66
CA LEU J 643 -13.88 -8.51 18.54
C LEU J 643 -14.23 -8.77 20.01
N ASP J 644 -13.33 -9.47 20.71
CA ASP J 644 -13.46 -9.67 22.15
C ASP J 644 -12.59 -8.64 22.86
N TYR J 645 -13.20 -7.57 23.32
CA TYR J 645 -12.46 -6.47 23.92
C TYR J 645 -11.71 -6.89 25.18
N ASP J 646 -12.23 -7.89 25.91
CA ASP J 646 -11.63 -8.29 27.17
C ASP J 646 -10.48 -9.30 27.01
N ARG J 647 -10.22 -9.71 25.77
CA ARG J 647 -9.12 -10.66 25.47
C ARG J 647 -8.08 -10.10 24.49
N LEU J 648 -8.07 -8.78 24.28
CA LEU J 648 -7.14 -8.16 23.35
C LEU J 648 -5.74 -8.15 23.95
N PRO J 649 -4.69 -8.31 23.10
CA PRO J 649 -3.33 -8.16 23.60
C PRO J 649 -3.05 -6.69 23.90
N LEU J 650 -2.36 -6.48 25.02
CA LEU J 650 -2.09 -5.14 25.49
C LEU J 650 -0.75 -4.60 24.95
N ASP J 651 -0.06 -5.38 24.11
CA ASP J 651 1.23 -4.99 23.58
C ASP J 651 1.25 -5.09 22.05
N ASP J 652 0.16 -4.66 21.42
CA ASP J 652 0.05 -4.68 19.96
C ASP J 652 0.84 -3.53 19.33
N PRO J 653 1.80 -3.84 18.45
CA PRO J 653 2.69 -2.80 17.91
C PRO J 653 2.00 -1.73 17.04
N LYS J 654 1.04 -2.12 16.21
CA LYS J 654 0.35 -1.16 15.35
C LYS J 654 -0.48 -0.14 16.13
N THR J 655 -1.01 -0.56 17.28
CA THR J 655 -1.84 0.31 18.09
C THR J 655 -1.08 1.48 18.68
N PHE J 656 0.11 1.20 19.21
CA PHE J 656 0.93 2.25 19.83
C PHE J 656 1.62 3.19 18.81
N GLU J 657 2.05 2.64 17.68
CA GLU J 657 2.70 3.45 16.64
C GLU J 657 1.70 4.36 15.90
N LEU J 658 0.41 4.02 15.99
CA LEU J 658 -0.69 4.89 15.54
C LEU J 658 -0.84 6.13 16.47
N LEU J 659 -0.79 5.88 17.77
CA LEU J 659 -0.80 6.98 18.74
C LEU J 659 0.50 7.78 18.71
N SER J 660 1.59 7.10 18.38
CA SER J 660 2.88 7.76 18.16
C SER J 660 2.85 8.72 16.96
N ARG J 661 2.03 8.41 15.94
CA ARG J 661 1.84 9.31 14.77
C ARG J 661 0.80 10.44 15.00
N GLY J 662 0.24 10.51 16.20
CA GLY J 662 -0.69 11.58 16.53
C GLY J 662 -2.03 11.44 15.84
N GLU J 663 -2.43 10.21 15.53
CA GLU J 663 -3.75 9.97 14.94
C GLU J 663 -4.76 9.62 16.05
N THR J 664 -5.14 10.62 16.83
CA THR J 664 -6.12 10.45 17.89
C THR J 664 -7.41 11.25 17.61
N LYS J 665 -7.98 11.01 16.44
CA LYS J 665 -9.12 11.80 15.96
C LYS J 665 -10.33 11.42 16.76
N GLY J 666 -10.55 10.12 16.89
CA GLY J 666 -11.66 9.61 17.69
C GLY J 666 -11.25 8.65 18.81
N VAL J 667 -10.01 8.79 19.25
CA VAL J 667 -9.46 7.95 20.30
C VAL J 667 -9.82 8.53 21.67
N PHE J 668 -10.55 7.73 22.46
CA PHE J 668 -11.11 8.18 23.73
C PHE J 668 -10.05 8.83 24.62
N GLN J 669 -10.48 9.86 25.34
CA GLN J 669 -9.68 10.50 26.41
C GLN J 669 -8.38 11.15 25.92
N LEU J 670 -8.31 11.44 24.62
CA LEU J 670 -7.04 11.80 23.98
C LEU J 670 -7.23 12.64 22.72
N GLU J 671 -8.29 13.45 22.68
CA GLU J 671 -8.65 14.19 21.47
C GLU J 671 -8.27 15.68 21.50
N SER J 672 -7.87 16.19 22.66
CA SER J 672 -7.54 17.60 22.81
C SER J 672 -6.36 17.99 21.92
N GLY J 673 -6.31 19.28 21.58
CA GLY J 673 -5.29 19.76 20.68
C GLY J 673 -3.90 19.52 21.23
N GLY J 674 -3.65 20.05 22.42
CA GLY J 674 -2.33 19.96 23.06
C GLY J 674 -2.01 18.53 23.46
N MET J 675 -3.05 17.82 23.88
CA MET J 675 -2.94 16.42 24.25
C MET J 675 -2.49 15.57 23.08
N THR J 676 -3.02 15.84 21.89
CA THR J 676 -2.65 15.10 20.68
C THR J 676 -1.18 15.34 20.37
N ALA J 677 -0.76 16.60 20.46
CA ALA J 677 0.64 16.94 20.24
C ALA J 677 1.56 16.28 21.25
N THR J 678 1.12 16.21 22.51
CA THR J 678 1.88 15.57 23.61
C THR J 678 2.12 14.07 23.43
N VAL J 679 1.19 13.36 22.81
CA VAL J 679 1.35 11.94 22.53
C VAL J 679 2.31 11.68 21.37
N ARG J 680 2.30 12.57 20.37
CA ARG J 680 3.21 12.42 19.22
C ARG J 680 4.65 12.68 19.60
N GLY J 681 4.84 13.63 20.52
CA GLY J 681 6.16 13.89 21.11
C GLY J 681 6.64 12.74 21.99
N LEU J 682 5.72 12.19 22.78
CA LEU J 682 6.05 11.13 23.74
C LEU J 682 6.37 9.80 23.06
N LYS J 683 5.64 9.48 22.00
CA LYS J 683 5.81 8.21 21.26
C LYS J 683 5.60 6.99 22.16
N PRO J 684 4.36 6.76 22.61
CA PRO J 684 4.10 5.71 23.57
C PRO J 684 4.23 4.33 22.98
N ARG J 685 4.77 3.40 23.77
CA ARG J 685 5.02 2.02 23.34
C ARG J 685 4.33 0.96 24.23
N ARG J 686 4.02 1.32 25.47
CA ARG J 686 3.31 0.41 26.36
C ARG J 686 2.12 1.14 26.97
N LEU J 687 1.24 0.37 27.62
CA LEU J 687 -0.01 0.91 28.17
C LEU J 687 0.22 1.87 29.33
N GLU J 688 1.30 1.63 30.09
CA GLU J 688 1.67 2.47 31.22
C GLU J 688 2.05 3.88 30.81
N ASP J 689 2.46 4.05 29.56
CA ASP J 689 2.76 5.39 29.02
C ASP J 689 1.48 6.23 28.89
N ILE J 690 0.40 5.60 28.48
CA ILE J 690 -0.88 6.29 28.34
C ILE J 690 -1.50 6.56 29.71
N ILE J 691 -1.27 5.66 30.66
CA ILE J 691 -1.78 5.82 32.02
C ILE J 691 -1.13 7.02 32.67
N ALA J 692 0.19 7.12 32.53
CA ALA J 692 0.94 8.26 33.06
C ALA J 692 0.63 9.56 32.32
N LEU J 693 0.53 9.50 30.99
CA LEU J 693 0.27 10.68 30.18
C LEU J 693 -1.07 11.30 30.50
N VAL J 694 -2.10 10.47 30.53
CA VAL J 694 -3.47 10.92 30.86
C VAL J 694 -3.55 11.52 32.27
N SER J 695 -2.79 10.93 33.20
CA SER J 695 -2.75 11.39 34.59
C SER J 695 -1.96 12.70 34.77
N LEU J 696 -0.86 12.82 34.04
CA LEU J 696 -0.02 14.00 34.11
C LEU J 696 -0.60 15.18 33.34
N TYR J 697 -1.32 14.91 32.26
CA TYR J 697 -1.81 16.02 31.42
C TYR J 697 -2.99 16.74 32.07
N ARG J 698 -2.67 17.71 32.92
CA ARG J 698 -3.67 18.62 33.49
C ARG J 698 -2.94 19.78 34.20
N PRO J 699 -3.60 20.95 34.30
CA PRO J 699 -2.92 22.08 34.91
C PRO J 699 -2.39 21.71 36.29
N GLY J 700 -1.07 21.52 36.36
CA GLY J 700 -0.36 21.21 37.62
C GLY J 700 0.82 20.26 37.39
N PRO J 701 0.51 18.95 37.24
CA PRO J 701 1.55 17.96 36.95
C PRO J 701 2.05 17.96 35.49
N MET J 702 1.53 18.87 34.67
CA MET J 702 1.89 18.96 33.25
C MET J 702 3.36 19.31 33.01
N GLU J 703 3.97 20.01 33.96
CA GLU J 703 5.37 20.39 33.87
C GLU J 703 6.30 19.16 33.90
N HIS J 704 5.84 18.08 34.52
CA HIS J 704 6.62 16.85 34.61
C HIS J 704 6.59 16.04 33.35
N ILE J 705 5.69 16.36 32.43
CA ILE J 705 5.57 15.58 31.20
C ILE J 705 6.84 15.66 30.35
N PRO J 706 7.39 16.88 30.13
CA PRO J 706 8.62 16.95 29.34
C PRO J 706 9.78 16.15 29.96
N THR J 707 9.87 16.14 31.28
CA THR J 707 10.86 15.32 31.97
C THR J 707 10.62 13.85 31.68
N TYR J 708 9.34 13.45 31.68
CA TYR J 708 8.94 12.06 31.44
C TYR J 708 9.35 11.60 30.04
N ILE J 709 9.14 12.46 29.04
CA ILE J 709 9.40 12.14 27.62
C ILE J 709 10.88 11.88 27.26
N ARG J 710 11.78 12.68 27.81
CA ARG J 710 13.22 12.48 27.62
C ARG J 710 13.71 11.25 28.36
N ARG J 711 13.19 11.01 29.55
CA ARG J 711 13.53 9.80 30.28
C ARG J 711 13.01 8.57 29.56
N HIS J 712 11.85 8.71 28.93
CA HIS J 712 11.18 7.61 28.21
C HIS J 712 11.87 7.27 26.93
N HIS J 713 12.26 8.31 26.19
CA HIS J 713 12.86 8.14 24.88
C HIS J 713 14.32 7.75 25.00
N GLY J 714 14.87 7.79 26.20
CA GLY J 714 16.21 7.24 26.46
C GLY J 714 17.32 8.25 26.25
N GLN J 715 17.12 9.46 26.78
CA GLN J 715 18.11 10.53 26.67
C GLN J 715 18.30 11.26 28.01
N GLU J 716 18.03 10.58 29.13
CA GLU J 716 18.23 11.15 30.46
C GLU J 716 18.18 10.07 31.54
N PRO J 717 19.31 9.82 32.23
CA PRO J 717 19.33 8.78 33.26
C PRO J 717 18.33 9.01 34.41
N VAL J 718 17.67 7.93 34.84
CA VAL J 718 16.79 7.95 36.01
C VAL J 718 17.64 7.68 37.26
N SER J 719 17.97 8.76 37.99
CA SER J 719 18.80 8.68 39.19
C SER J 719 18.02 8.89 40.48
N TYR J 720 18.51 8.26 41.54
CA TYR J 720 17.99 8.47 42.89
C TYR J 720 19.17 8.71 43.84
N ALA J 721 20.07 9.61 43.41
CA ALA J 721 21.30 9.90 44.17
C ALA J 721 21.00 10.71 45.42
N GLU J 722 19.89 11.45 45.39
CA GLU J 722 19.47 12.26 46.54
C GLU J 722 19.00 11.39 47.70
N PHE J 723 18.57 10.17 47.40
CA PHE J 723 18.06 9.24 48.41
C PHE J 723 18.71 7.85 48.29
N PRO J 724 20.02 7.75 48.58
CA PRO J 724 20.78 6.50 48.38
C PRO J 724 20.27 5.31 49.20
N HIS J 725 19.93 5.55 50.46
CA HIS J 725 19.45 4.49 51.32
C HIS J 725 18.05 4.10 51.00
N ALA J 726 17.26 5.09 50.58
CA ALA J 726 15.86 4.90 50.19
C ALA J 726 15.72 4.37 48.78
N GLU J 727 16.82 4.29 48.04
CA GLU J 727 16.79 3.95 46.61
C GLU J 727 16.15 2.61 46.35
N LYS J 728 16.57 1.61 47.13
CA LYS J 728 16.10 0.23 46.96
C LYS J 728 14.60 0.08 47.13
N TYR J 729 13.98 0.96 47.93
CA TYR J 729 12.53 0.96 48.09
C TYR J 729 11.84 1.81 47.00
N LEU J 730 12.45 2.95 46.66
CA LEU J 730 11.88 3.89 45.69
C LEU J 730 11.93 3.34 44.26
N ARG J 731 12.98 2.60 43.92
CA ARG J 731 13.23 2.23 42.52
C ARG J 731 12.13 1.35 41.96
N PRO J 732 11.78 0.24 42.67
CA PRO J 732 10.74 -0.69 42.19
C PRO J 732 9.38 -0.04 42.04
N ILE J 733 9.15 1.03 42.81
CA ILE J 733 7.94 1.82 42.72
C ILE J 733 7.96 2.82 41.56
N LEU J 734 9.09 3.49 41.36
CA LEU J 734 9.17 4.63 40.45
C LEU J 734 9.73 4.31 39.06
N ASP J 735 10.34 3.14 38.89
CA ASP J 735 10.87 2.74 37.58
C ASP J 735 9.78 2.70 36.51
N GLU J 736 8.58 2.28 36.89
CA GLU J 736 7.43 2.18 35.99
C GLU J 736 7.10 3.52 35.33
N THR J 737 7.36 4.60 36.07
CA THR J 737 7.09 5.96 35.62
C THR J 737 8.36 6.84 35.66
N TYR J 738 9.51 6.21 35.45
CA TYR J 738 10.75 6.93 35.27
C TYR J 738 11.04 7.96 36.38
N GLY J 739 10.91 7.54 37.63
CA GLY J 739 11.34 8.35 38.76
C GLY J 739 10.45 9.55 39.10
N ILE J 740 9.20 9.50 38.65
CA ILE J 740 8.28 10.62 38.85
C ILE J 740 7.08 10.13 39.63
N PRO J 741 6.90 10.63 40.86
CA PRO J 741 5.72 10.28 41.62
C PRO J 741 4.46 10.82 40.94
N VAL J 742 3.81 9.97 40.14
CA VAL J 742 2.65 10.37 39.38
C VAL J 742 1.35 9.98 40.08
N TYR J 743 1.24 8.72 40.47
CA TYR J 743 -0.03 8.19 41.00
C TYR J 743 -0.08 8.22 42.52
N GLN J 744 -1.29 8.19 43.05
CA GLN J 744 -1.49 8.18 44.49
C GLN J 744 -0.97 6.87 45.11
N GLU J 745 -1.06 5.78 44.36
CA GLU J 745 -0.68 4.46 44.85
C GLU J 745 0.84 4.34 45.06
N GLN J 746 1.60 5.12 44.31
CA GLN J 746 3.03 5.12 44.48
C GLN J 746 3.42 5.70 45.85
N ILE J 747 2.85 6.85 46.19
CA ILE J 747 3.17 7.54 47.45
C ILE J 747 2.76 6.64 48.62
N MET J 748 1.64 5.95 48.48
CA MET J 748 1.23 4.98 49.52
C MET J 748 2.24 3.83 49.66
N GLN J 749 2.75 3.37 48.53
CA GLN J 749 3.76 2.34 48.51
C GLN J 749 5.07 2.86 49.11
N ILE J 750 5.49 4.06 48.70
CA ILE J 750 6.74 4.66 49.20
C ILE J 750 6.67 4.92 50.70
N ALA J 751 5.49 5.35 51.18
CA ALA J 751 5.24 5.54 52.61
C ALA J 751 5.25 4.22 53.36
N SER J 752 4.54 3.23 52.82
CA SER J 752 4.42 1.94 53.49
C SER J 752 5.75 1.22 53.63
N GLN J 753 6.55 1.19 52.57
CA GLN J 753 7.82 0.45 52.55
C GLN J 753 8.96 1.19 53.31
N VAL J 754 9.13 2.48 53.05
CA VAL J 754 10.22 3.24 53.64
C VAL J 754 9.97 3.51 55.13
N ALA J 755 8.79 4.02 55.46
CA ALA J 755 8.44 4.34 56.85
C ALA J 755 7.87 3.12 57.62
N GLY J 756 7.67 2.00 56.93
CA GLY J 756 7.19 0.79 57.58
C GLY J 756 5.73 0.82 57.96
N TYR J 757 4.95 1.70 57.33
CA TYR J 757 3.52 1.80 57.62
C TYR J 757 2.77 0.62 57.07
N SER J 758 1.56 0.44 57.59
CA SER J 758 0.57 -0.43 56.97
C SER J 758 0.03 0.32 55.77
N LEU J 759 -0.25 -0.40 54.68
CA LEU J 759 -0.78 0.21 53.44
C LEU J 759 -2.17 0.87 53.68
N GLY J 760 -2.86 0.43 54.73
CA GLY J 760 -4.14 1.02 55.14
C GLY J 760 -3.96 2.40 55.72
N GLU J 761 -2.94 2.57 56.56
CA GLU J 761 -2.69 3.87 57.19
C GLU J 761 -1.80 4.76 56.31
N ALA J 762 -1.24 4.20 55.25
CA ALA J 762 -0.58 5.02 54.23
C ALA J 762 -1.64 5.77 53.42
N ASP J 763 -2.85 5.21 53.37
CA ASP J 763 -4.01 5.90 52.79
C ASP J 763 -4.32 7.14 53.63
N LEU J 764 -4.39 6.98 54.94
CA LEU J 764 -4.68 8.10 55.85
C LEU J 764 -3.67 9.26 55.70
N LEU J 765 -2.41 8.91 55.43
CA LEU J 765 -1.32 9.89 55.25
C LEU J 765 -1.57 10.75 54.02
N ARG J 766 -2.13 10.14 52.97
CA ARG J 766 -2.47 10.88 51.77
C ARG J 766 -3.58 11.90 52.06
N ARG J 767 -4.50 11.53 52.96
CA ARG J 767 -5.64 12.38 53.30
C ARG J 767 -5.16 13.65 54.01
N ALA J 768 -4.18 13.46 54.90
CA ALA J 768 -3.63 14.53 55.71
C ALA J 768 -2.86 15.54 54.86
N MET J 769 -2.09 15.05 53.88
CA MET J 769 -1.33 15.90 52.96
C MET J 769 -2.24 16.73 52.04
N GLY J 770 -3.39 16.16 51.66
CA GLY J 770 -4.38 16.87 50.87
C GLY J 770 -5.11 17.93 51.69
N LYS J 771 -5.48 17.56 52.91
CA LYS J 771 -6.19 18.48 53.79
C LYS J 771 -5.35 19.66 54.24
N LYS J 772 -4.03 19.46 54.30
CA LYS J 772 -3.06 20.47 54.75
C LYS J 772 -3.40 20.99 56.16
N ARG J 773 -3.57 20.07 57.10
CA ARG J 773 -3.88 20.45 58.47
C ARG J 773 -2.65 21.11 59.11
N VAL J 774 -2.86 22.28 59.70
CA VAL J 774 -1.77 23.19 60.12
C VAL J 774 -0.53 22.44 60.61
N GLU J 775 -0.71 21.73 61.73
CA GLU J 775 0.39 21.09 62.44
C GLU J 775 0.13 19.62 62.73
N GLU J 776 -0.96 19.08 62.21
CA GLU J 776 -1.31 17.69 62.47
C GLU J 776 -0.40 16.71 61.70
N MET J 777 0.08 17.12 60.52
CA MET J 777 0.94 16.27 59.71
C MET J 777 2.38 16.19 60.23
N GLN J 778 2.69 16.99 61.26
CA GLN J 778 3.96 16.83 61.98
C GLN J 778 3.95 15.55 62.83
N LYS J 779 2.76 15.00 63.12
CA LYS J 779 2.63 13.64 63.65
C LYS J 779 3.19 12.62 62.66
N HIS J 780 2.81 12.79 61.40
CA HIS J 780 3.25 11.92 60.30
C HIS J 780 4.69 12.11 59.92
N ARG J 781 5.22 13.30 60.19
CA ARG J 781 6.63 13.57 59.91
C ARG J 781 7.53 12.74 60.80
N GLU J 782 7.35 12.87 62.12
CA GLU J 782 8.21 12.21 63.10
C GLU J 782 7.92 10.71 63.09
N ARG J 783 6.67 10.35 62.87
CA ARG J 783 6.28 8.95 62.72
C ARG J 783 6.98 8.35 61.50
N PHE J 784 7.08 9.14 60.44
CA PHE J 784 7.78 8.70 59.23
C PHE J 784 9.28 8.54 59.49
N VAL J 785 9.85 9.45 60.27
CA VAL J 785 11.29 9.47 60.58
C VAL J 785 11.71 8.28 61.44
N ARG J 786 10.87 7.93 62.41
CA ARG J 786 11.14 6.80 63.29
C ARG J 786 11.20 5.51 62.48
N GLY J 787 10.14 5.27 61.71
CA GLY J 787 10.09 4.09 60.84
C GLY J 787 11.07 4.11 59.68
N ALA J 788 11.50 5.31 59.30
CA ALA J 788 12.50 5.51 58.26
C ALA J 788 13.89 5.02 58.67
N LYS J 789 14.34 5.46 59.83
CA LYS J 789 15.69 5.13 60.28
C LYS J 789 15.78 3.72 60.84
N GLU J 790 14.67 3.20 61.35
CA GLU J 790 14.60 1.77 61.71
C GLU J 790 14.75 0.89 60.46
N ARG J 791 14.20 1.36 59.34
CA ARG J 791 14.36 0.69 58.04
C ARG J 791 15.75 0.88 57.44
N GLY J 792 16.34 2.06 57.68
CA GLY J 792 17.71 2.35 57.24
C GLY J 792 18.06 3.81 56.96
N VAL J 793 17.07 4.62 56.61
CA VAL J 793 17.30 6.00 56.18
C VAL J 793 17.88 6.88 57.30
N PRO J 794 18.99 7.60 57.03
CA PRO J 794 19.73 8.26 58.11
C PRO J 794 19.13 9.56 58.65
N GLU J 795 17.85 9.85 58.39
CA GLU J 795 17.14 10.93 59.11
C GLU J 795 17.47 12.36 58.62
N GLU J 796 18.47 12.44 57.77
CA GLU J 796 18.82 13.54 56.86
C GLU J 796 18.01 13.44 55.57
N GLU J 797 17.83 12.21 55.09
CA GLU J 797 17.02 11.93 53.90
C GLU J 797 15.56 11.81 54.27
N ALA J 798 15.29 11.20 55.42
CA ALA J 798 13.93 10.94 55.88
C ALA J 798 13.07 12.20 55.87
N ASN J 799 13.63 13.32 56.31
CA ASN J 799 12.91 14.59 56.36
C ASN J 799 12.76 15.23 55.00
N ARG J 800 13.81 15.15 54.19
CA ARG J 800 13.75 15.63 52.80
C ARG J 800 12.91 14.73 51.88
N LEU J 801 12.82 13.45 52.22
CA LEU J 801 11.99 12.50 51.48
C LEU J 801 10.53 12.82 51.71
N PHE J 802 10.22 13.34 52.90
CA PHE J 802 8.84 13.68 53.27
C PHE J 802 8.44 14.98 52.56
N ASP J 803 9.41 15.85 52.32
CA ASP J 803 9.20 17.07 51.54
C ASP J 803 8.80 16.70 50.10
N MET J 804 9.39 15.64 49.56
CA MET J 804 9.09 15.19 48.22
C MET J 804 7.66 14.69 48.13
N LEU J 805 7.27 13.87 49.10
CA LEU J 805 5.95 13.25 49.08
C LEU J 805 4.83 14.31 49.14
N GLU J 806 4.96 15.25 50.09
CA GLU J 806 3.94 16.29 50.26
C GLU J 806 3.80 17.18 49.05
N ALA J 807 4.89 17.36 48.30
CA ALA J 807 4.87 18.15 47.08
C ALA J 807 4.03 17.46 46.02
N PHE J 808 4.42 16.23 45.67
CA PHE J 808 3.75 15.44 44.62
C PHE J 808 2.36 14.94 45.06
N ALA J 809 2.08 14.95 46.36
CA ALA J 809 0.77 14.51 46.87
C ALA J 809 -0.37 15.43 46.44
N ASN J 810 -0.06 16.71 46.23
CA ASN J 810 -1.08 17.66 45.80
C ASN J 810 -1.65 17.26 44.44
N TYR J 811 -0.77 16.84 43.53
CA TYR J 811 -1.14 16.52 42.14
C TYR J 811 -1.01 15.02 41.87
N GLY J 812 -1.14 14.20 42.92
CA GLY J 812 -1.12 12.75 42.79
C GLY J 812 -2.47 12.28 42.30
N PHE J 813 -2.48 11.52 41.20
CA PHE J 813 -3.72 11.07 40.57
C PHE J 813 -3.99 9.61 40.92
N ASN J 814 -5.26 9.23 40.90
CA ASN J 814 -5.66 7.86 41.16
C ASN J 814 -5.40 6.92 39.97
N LYS J 815 -4.53 5.94 40.18
CA LYS J 815 -4.11 5.02 39.12
C LYS J 815 -5.24 4.10 38.68
N SER J 816 -6.02 3.61 39.64
CA SER J 816 -7.11 2.69 39.35
C SER J 816 -8.05 3.25 38.28
N HIS J 817 -8.42 4.52 38.44
CA HIS J 817 -9.30 5.17 37.49
C HIS J 817 -8.60 5.40 36.21
N ALA J 818 -7.36 5.89 36.27
CA ALA J 818 -6.60 6.21 35.03
C ALA J 818 -6.28 4.96 34.24
N ALA J 819 -5.96 3.87 34.94
CA ALA J 819 -5.64 2.59 34.28
C ALA J 819 -6.84 2.02 33.54
N ALA J 820 -8.00 2.05 34.20
CA ALA J 820 -9.24 1.52 33.61
C ALA J 820 -9.64 2.32 32.35
N TYR J 821 -9.72 3.63 32.48
CA TYR J 821 -10.07 4.49 31.34
C TYR J 821 -9.04 4.46 30.22
N SER J 822 -7.77 4.24 30.56
CA SER J 822 -6.71 4.09 29.54
C SER J 822 -6.90 2.82 28.71
N LEU J 823 -7.51 1.81 29.31
CA LEU J 823 -7.79 0.59 28.61
C LEU J 823 -8.80 0.85 27.48
N LEU J 824 -9.81 1.69 27.76
CA LEU J 824 -10.82 2.02 26.77
C LEU J 824 -10.24 2.89 25.66
N SER J 825 -9.29 3.76 26.02
CA SER J 825 -8.55 4.52 25.02
C SER J 825 -7.80 3.54 24.10
N TYR J 826 -7.14 2.54 24.70
CA TYR J 826 -6.32 1.58 23.93
C TYR J 826 -7.20 0.74 23.01
N GLN J 827 -8.34 0.30 23.52
CA GLN J 827 -9.32 -0.43 22.71
C GLN J 827 -9.79 0.42 21.52
N THR J 828 -10.05 1.70 21.79
CA THR J 828 -10.44 2.64 20.74
C THR J 828 -9.34 2.74 19.70
N ALA J 829 -8.10 2.87 20.17
CA ALA J 829 -6.93 2.99 19.29
C ALA J 829 -6.68 1.71 18.50
N TYR J 830 -6.97 0.58 19.14
CA TYR J 830 -6.78 -0.75 18.53
C TYR J 830 -7.72 -0.96 17.31
N VAL J 831 -8.97 -0.56 17.47
CA VAL J 831 -9.94 -0.72 16.40
C VAL J 831 -9.54 0.13 15.19
N LYS J 832 -9.04 1.33 15.46
CA LYS J 832 -8.64 2.26 14.40
C LYS J 832 -7.42 1.77 13.60
N ALA J 833 -6.40 1.29 14.31
CA ALA J 833 -5.15 0.90 13.69
C ALA J 833 -5.34 -0.24 12.72
N HIS J 834 -6.05 -1.28 13.14
CA HIS J 834 -6.24 -2.46 12.31
C HIS J 834 -7.42 -2.33 11.37
N TYR J 835 -8.44 -1.61 11.80
CA TYR J 835 -9.66 -1.49 11.01
C TYR J 835 -10.10 -0.04 10.90
N PRO J 836 -9.41 0.76 10.07
CA PRO J 836 -9.61 2.20 10.03
C PRO J 836 -10.87 2.64 9.28
N VAL J 837 -11.34 1.83 8.35
CA VAL J 837 -12.52 2.22 7.59
C VAL J 837 -13.79 2.13 8.45
N GLU J 838 -13.95 0.99 9.14
CA GLU J 838 -15.12 0.77 9.99
C GLU J 838 -15.09 1.59 11.29
N PHE J 839 -13.89 1.89 11.77
CA PHE J 839 -13.71 2.86 12.86
C PHE J 839 -14.23 4.26 12.48
N MET J 840 -13.92 4.69 11.25
CA MET J 840 -14.41 5.95 10.73
C MET J 840 -15.91 5.87 10.49
N ALA J 841 -16.37 4.74 9.98
CA ALA J 841 -17.82 4.50 9.78
C ALA J 841 -18.58 4.41 11.11
N ALA J 842 -17.91 3.91 12.16
CA ALA J 842 -18.51 3.91 13.50
C ALA J 842 -18.70 5.34 13.98
N LEU J 843 -17.63 6.15 13.90
CA LEU J 843 -17.71 7.56 14.30
C LEU J 843 -18.90 8.27 13.62
N LEU J 844 -19.06 8.04 12.30
CA LEU J 844 -20.16 8.61 11.52
C LEU J 844 -21.49 8.10 12.03
N SER J 845 -21.51 6.84 12.46
CA SER J 845 -22.76 6.20 12.87
C SER J 845 -23.22 6.76 14.21
N VAL J 846 -22.28 6.93 15.13
CA VAL J 846 -22.59 7.40 16.48
C VAL J 846 -23.16 8.82 16.43
N GLU J 847 -22.46 9.72 15.74
CA GLU J 847 -22.87 11.11 15.68
C GLU J 847 -23.51 11.43 14.33
N ARG J 848 -24.46 10.60 13.92
CA ARG J 848 -25.06 10.71 12.57
C ARG J 848 -26.07 11.86 12.47
N HIS J 849 -26.56 12.33 13.61
CA HIS J 849 -27.60 13.36 13.66
C HIS J 849 -27.06 14.76 13.57
N ASP J 850 -25.89 15.00 14.18
CA ASP J 850 -25.23 16.31 14.11
C ASP J 850 -24.60 16.56 12.74
N SER J 851 -25.03 17.63 12.07
CA SER J 851 -24.65 17.87 10.68
C SER J 851 -23.25 18.38 10.54
N ASP J 852 -22.77 19.09 11.57
CA ASP J 852 -21.40 19.64 11.58
C ASP J 852 -20.34 18.57 11.78
N LYS J 853 -20.64 17.62 12.68
CA LYS J 853 -19.70 16.52 12.95
C LYS J 853 -19.60 15.62 11.74
N VAL J 854 -20.75 15.29 11.14
CA VAL J 854 -20.77 14.40 9.99
C VAL J 854 -19.86 14.99 8.92
N ALA J 855 -20.02 16.29 8.66
CA ALA J 855 -19.20 17.03 7.69
C ALA J 855 -17.73 17.00 8.03
N GLU J 856 -17.42 17.13 9.31
CA GLU J 856 -16.05 16.94 9.80
C GLU J 856 -15.53 15.51 9.61
N TYR J 857 -16.29 14.51 10.04
CA TYR J 857 -15.88 13.11 9.90
C TYR J 857 -15.68 12.65 8.46
N ILE J 858 -16.49 13.16 7.53
CA ILE J 858 -16.36 12.86 6.08
C ILE J 858 -15.05 13.42 5.52
N ARG J 859 -14.78 14.69 5.80
CA ARG J 859 -13.56 15.31 5.28
C ARG J 859 -12.28 14.72 5.90
N ASP J 860 -12.39 14.20 7.13
CA ASP J 860 -11.28 13.44 7.75
C ASP J 860 -11.07 12.08 7.06
N ALA J 861 -12.16 11.44 6.67
CA ALA J 861 -12.11 10.18 5.96
C ALA J 861 -11.61 10.33 4.52
N ARG J 862 -12.10 11.37 3.85
CA ARG J 862 -11.69 11.70 2.47
C ARG J 862 -10.20 12.05 2.33
N ALA J 863 -9.64 12.66 3.38
CA ALA J 863 -8.21 13.00 3.44
C ALA J 863 -7.40 11.93 4.18
N LEU J 864 -7.91 10.70 4.22
CA LEU J 864 -7.18 9.57 4.80
C LEU J 864 -7.15 8.34 3.87
N GLY J 865 -7.63 8.51 2.63
CA GLY J 865 -7.63 7.45 1.62
C GLY J 865 -8.90 6.64 1.63
N ILE J 866 -9.83 6.97 2.55
CA ILE J 866 -11.08 6.23 2.73
C ILE J 866 -12.24 6.99 2.04
N PRO J 867 -12.82 6.36 0.99
CA PRO J 867 -13.89 7.04 0.28
C PRO J 867 -15.21 6.99 1.07
N VAL J 868 -16.05 8.00 0.87
CA VAL J 868 -17.37 8.07 1.49
C VAL J 868 -18.45 8.36 0.43
N LEU J 869 -19.08 7.28 -0.03
CA LEU J 869 -20.04 7.35 -1.12
C LEU J 869 -21.44 7.71 -0.62
N PRO J 870 -22.30 8.23 -1.53
CA PRO J 870 -23.73 8.45 -1.22
C PRO J 870 -24.52 7.15 -1.04
N PRO J 871 -25.80 7.23 -0.65
CA PRO J 871 -26.58 6.00 -0.43
C PRO J 871 -26.96 5.31 -1.74
N ASP J 872 -27.41 4.07 -1.64
CA ASP J 872 -27.75 3.29 -2.81
C ASP J 872 -28.72 2.18 -2.45
N VAL J 873 -29.85 2.16 -3.13
CA VAL J 873 -30.90 1.18 -2.84
C VAL J 873 -30.42 -0.28 -2.99
N ASN J 874 -29.41 -0.51 -3.82
CA ASN J 874 -28.92 -1.87 -4.07
C ASN J 874 -27.96 -2.37 -3.00
N ARG J 875 -27.09 -1.49 -2.50
CA ARG J 875 -26.00 -1.90 -1.60
C ARG J 875 -26.05 -1.35 -0.16
N SER J 876 -26.71 -0.23 0.07
CA SER J 876 -26.68 0.41 1.39
C SER J 876 -27.59 -0.31 2.35
N GLY J 877 -27.21 -0.32 3.64
CA GLY J 877 -28.00 -0.90 4.71
C GLY J 877 -28.86 0.18 5.33
N PHE J 878 -29.29 -0.03 6.57
CA PHE J 878 -30.15 0.92 7.28
C PHE J 878 -29.33 2.14 7.70
N ASP J 879 -28.22 1.87 8.39
CA ASP J 879 -27.30 2.92 8.84
C ASP J 879 -26.04 2.90 7.96
N PHE J 880 -24.97 3.52 8.44
CA PHE J 880 -23.71 3.55 7.70
C PHE J 880 -23.17 2.14 7.54
N LYS J 881 -22.54 1.88 6.40
CA LYS J 881 -22.09 0.55 6.07
C LYS J 881 -20.74 0.59 5.39
N VAL J 882 -19.99 -0.49 5.56
CA VAL J 882 -18.65 -0.67 4.98
C VAL J 882 -18.72 -1.80 3.95
N VAL J 883 -18.75 -1.41 2.68
CA VAL J 883 -18.72 -2.37 1.60
C VAL J 883 -17.31 -2.43 1.06
N GLY J 884 -16.65 -3.55 1.31
CA GLY J 884 -15.28 -3.73 0.89
C GLY J 884 -14.38 -2.86 1.75
N GLU J 885 -13.92 -1.75 1.18
CA GLU J 885 -13.09 -0.78 1.89
C GLU J 885 -13.58 0.65 1.61
N GLU J 886 -14.90 0.83 1.62
CA GLU J 886 -15.53 2.08 1.29
C GLU J 886 -16.66 2.31 2.28
N ILE J 887 -16.75 3.52 2.83
CA ILE J 887 -17.84 3.89 3.72
C ILE J 887 -19.06 4.26 2.88
N LEU J 888 -20.23 3.71 3.24
CA LEU J 888 -21.45 3.88 2.47
C LEU J 888 -22.64 4.36 3.32
N PHE J 889 -23.25 5.49 2.92
CA PHE J 889 -24.39 6.08 3.65
C PHE J 889 -25.58 5.13 3.72
N GLY J 890 -26.30 5.17 4.84
CA GLY J 890 -27.52 4.38 5.02
C GLY J 890 -28.77 4.99 4.37
N LEU J 891 -29.83 4.19 4.28
CA LEU J 891 -31.12 4.65 3.76
C LEU J 891 -31.84 5.56 4.77
N SER J 892 -31.65 5.27 6.06
CA SER J 892 -32.24 6.11 7.11
C SER J 892 -31.69 7.54 7.10
N ALA J 893 -30.48 7.74 6.56
CA ALA J 893 -29.86 9.04 6.54
C ALA J 893 -30.53 9.99 5.56
N VAL J 894 -31.33 9.44 4.62
CA VAL J 894 -32.13 10.24 3.67
C VAL J 894 -33.31 10.92 4.36
N LYS J 895 -33.56 12.18 4.03
CA LYS J 895 -34.39 13.05 4.89
C LYS J 895 -35.86 12.67 4.90
N ASN J 896 -36.47 12.74 3.71
CA ASN J 896 -37.90 12.45 3.59
C ASN J 896 -38.29 10.95 3.63
N VAL J 897 -37.32 10.06 3.49
CA VAL J 897 -37.58 8.62 3.52
C VAL J 897 -37.85 8.13 4.95
N GLY J 898 -39.00 7.50 5.14
CA GLY J 898 -39.46 7.07 6.45
C GLY J 898 -38.61 5.99 7.05
N GLU J 899 -38.81 5.74 8.33
CA GLU J 899 -38.19 4.60 9.01
C GLU J 899 -38.80 3.29 8.53
N MET J 900 -40.12 3.27 8.41
CA MET J 900 -40.82 2.12 7.85
C MET J 900 -40.43 1.92 6.39
N ALA J 901 -40.22 3.04 5.71
CA ALA J 901 -39.81 3.04 4.32
C ALA J 901 -38.39 2.50 4.19
N ALA J 902 -37.53 2.93 5.09
CA ALA J 902 -36.14 2.47 5.06
C ALA J 902 -36.13 0.97 5.21
N ARG J 903 -36.93 0.45 6.14
CA ARG J 903 -37.00 -1.00 6.34
C ARG J 903 -37.68 -1.71 5.17
N ALA J 904 -38.79 -1.17 4.69
CA ALA J 904 -39.56 -1.77 3.59
C ALA J 904 -38.74 -1.91 2.31
N ILE J 905 -37.99 -0.87 1.97
CA ILE J 905 -37.10 -0.91 0.83
C ILE J 905 -36.09 -2.03 0.99
N LEU J 906 -35.55 -2.17 2.20
CA LEU J 906 -34.52 -3.17 2.49
C LEU J 906 -35.11 -4.59 2.46
N GLU J 907 -36.29 -4.75 3.03
CA GLU J 907 -36.94 -6.06 3.16
C GLU J 907 -37.47 -6.57 1.83
N GLU J 908 -37.87 -5.65 0.95
CA GLU J 908 -38.31 -6.02 -0.40
C GLU J 908 -37.15 -6.56 -1.21
N ARG J 909 -35.97 -5.99 -0.98
CA ARG J 909 -34.78 -6.38 -1.72
C ARG J 909 -34.34 -7.82 -1.34
N GLU J 910 -34.56 -8.20 -0.09
CA GLU J 910 -34.09 -9.49 0.42
C GLU J 910 -34.92 -10.66 -0.10
N ARG J 911 -36.25 -10.54 -0.01
CA ARG J 911 -37.13 -11.60 -0.50
C ARG J 911 -37.07 -11.72 -2.03
N GLY J 912 -37.02 -10.56 -2.70
CA GLY J 912 -36.82 -10.51 -4.14
C GLY J 912 -35.34 -10.34 -4.43
N GLY J 913 -35.03 -9.96 -5.67
CA GLY J 913 -33.65 -9.69 -6.06
C GLY J 913 -33.21 -8.24 -5.80
N PRO J 914 -31.97 -7.91 -6.22
CA PRO J 914 -31.59 -6.50 -6.33
C PRO J 914 -32.35 -5.72 -7.41
N PHE J 915 -32.62 -4.46 -7.12
CA PHE J 915 -33.44 -3.63 -7.98
C PHE J 915 -32.73 -3.45 -9.32
N LYS J 916 -33.44 -3.79 -10.38
CA LYS J 916 -32.86 -3.82 -11.71
C LYS J 916 -32.98 -2.48 -12.42
N SER J 917 -34.12 -1.80 -12.21
CA SER J 917 -34.40 -0.51 -12.86
C SER J 917 -35.27 0.41 -11.99
N LEU J 918 -35.53 1.62 -12.47
CA LEU J 918 -36.42 2.53 -11.77
C LEU J 918 -37.84 1.96 -11.74
N GLY J 919 -38.28 1.42 -12.88
CA GLY J 919 -39.63 0.86 -12.99
C GLY J 919 -39.82 -0.31 -12.06
N ASP J 920 -38.84 -1.20 -12.04
CA ASP J 920 -38.87 -2.35 -11.14
C ASP J 920 -38.99 -1.92 -9.66
N PHE J 921 -38.32 -0.83 -9.30
CA PHE J 921 -38.31 -0.32 -7.93
C PHE J 921 -39.69 0.12 -7.53
N LEU J 922 -40.28 1.03 -8.31
CA LEU J 922 -41.55 1.65 -7.90
C LEU J 922 -42.78 0.80 -8.22
N LYS J 923 -42.59 -0.33 -8.91
CA LYS J 923 -43.68 -1.28 -9.12
C LYS J 923 -43.68 -2.35 -8.01
N ARG J 924 -42.50 -2.68 -7.50
CA ARG J 924 -42.40 -3.59 -6.36
C ARG J 924 -42.70 -2.83 -5.05
N LEU J 925 -42.26 -1.59 -4.99
CA LEU J 925 -42.52 -0.73 -3.84
C LEU J 925 -43.60 0.32 -4.23
N PRO J 926 -44.85 0.10 -3.81
CA PRO J 926 -45.90 1.03 -4.21
C PRO J 926 -45.79 2.39 -3.53
N GLU J 927 -46.55 3.37 -4.01
CA GLU J 927 -46.57 4.70 -3.39
C GLU J 927 -47.13 4.60 -1.97
N GLN J 928 -47.97 3.58 -1.76
CA GLN J 928 -48.49 3.25 -0.44
C GLN J 928 -47.37 3.36 0.59
N VAL J 929 -46.28 2.65 0.33
CA VAL J 929 -45.16 2.59 1.25
C VAL J 929 -44.20 3.78 1.01
N VAL J 930 -43.58 3.80 -0.18
CA VAL J 930 -42.60 4.83 -0.57
C VAL J 930 -43.26 5.89 -1.42
N ASN J 931 -43.74 6.94 -0.76
CA ASN J 931 -44.49 8.00 -1.40
C ASN J 931 -43.62 8.87 -2.30
N LYS J 932 -44.27 9.71 -3.10
CA LYS J 932 -43.59 10.58 -4.07
C LYS J 932 -42.57 11.53 -3.42
N ARG J 933 -42.94 12.08 -2.26
CA ARG J 933 -42.06 12.94 -1.46
C ARG J 933 -40.75 12.22 -1.10
N ALA J 934 -40.86 10.96 -0.68
CA ALA J 934 -39.72 10.13 -0.34
C ALA J 934 -38.94 9.65 -1.57
N LEU J 935 -39.66 9.38 -2.66
CA LEU J 935 -39.04 9.03 -3.95
C LEU J 935 -38.15 10.14 -4.53
N GLU J 936 -38.64 11.37 -4.45
CA GLU J 936 -37.87 12.53 -4.91
C GLU J 936 -36.56 12.72 -4.12
N SER J 937 -36.67 12.60 -2.80
CA SER J 937 -35.54 12.74 -1.90
C SER J 937 -34.52 11.60 -2.04
N LEU J 938 -35.00 10.45 -2.49
CA LEU J 938 -34.15 9.29 -2.74
C LEU J 938 -33.32 9.50 -4.02
N VAL J 939 -33.89 10.21 -4.99
CA VAL J 939 -33.21 10.54 -6.25
C VAL J 939 -32.17 11.62 -6.03
N LYS J 940 -32.56 12.65 -5.26
CA LYS J 940 -31.67 13.77 -4.92
C LYS J 940 -30.48 13.32 -4.07
N ALA J 941 -30.71 12.36 -3.19
CA ALA J 941 -29.66 11.78 -2.35
C ALA J 941 -28.67 10.98 -3.18
N GLY J 942 -29.15 10.40 -4.29
CA GLY J 942 -28.31 9.63 -5.21
C GLY J 942 -28.49 8.13 -5.11
N ALA J 943 -29.51 7.72 -4.38
CA ALA J 943 -29.74 6.31 -4.11
C ALA J 943 -30.18 5.54 -5.35
N LEU J 944 -30.62 6.28 -6.36
CA LEU J 944 -31.08 5.70 -7.61
C LEU J 944 -30.14 6.06 -8.76
N ASP J 945 -28.87 6.35 -8.45
CA ASP J 945 -27.89 6.71 -9.49
C ASP J 945 -27.52 5.55 -10.41
N ALA J 946 -27.68 4.33 -9.90
CA ALA J 946 -27.41 3.11 -10.68
C ALA J 946 -28.33 2.99 -11.90
N PHE J 947 -29.49 3.63 -11.84
CA PHE J 947 -30.48 3.56 -12.89
C PHE J 947 -30.35 4.69 -13.91
N GLY J 948 -29.76 5.82 -13.52
CA GLY J 948 -29.47 6.88 -14.49
C GLY J 948 -29.31 8.29 -13.95
N ASP J 949 -29.44 9.26 -14.86
CA ASP J 949 -29.27 10.70 -14.56
C ASP J 949 -30.41 11.22 -13.69
N ARG J 950 -30.05 12.04 -12.70
CA ARG J 950 -31.00 12.53 -11.69
C ARG J 950 -32.08 13.46 -12.24
N ALA J 951 -31.70 14.35 -13.16
CA ALA J 951 -32.66 15.24 -13.82
C ALA J 951 -33.64 14.45 -14.69
N ARG J 952 -33.13 13.37 -15.27
CA ARG J 952 -33.93 12.47 -16.08
C ARG J 952 -34.84 11.61 -15.17
N LEU J 953 -34.30 11.14 -14.05
CA LEU J 953 -35.05 10.32 -13.10
C LEU J 953 -36.15 11.09 -12.39
N LEU J 954 -35.88 12.35 -12.06
CA LEU J 954 -36.86 13.22 -11.39
C LEU J 954 -38.07 13.57 -12.28
N ALA J 955 -37.83 13.71 -13.59
CA ALA J 955 -38.91 13.92 -14.56
C ALA J 955 -39.70 12.63 -14.81
N SER J 956 -39.02 11.49 -14.71
CA SER J 956 -39.63 10.18 -14.98
C SER J 956 -40.48 9.64 -13.81
N LEU J 957 -40.54 10.36 -12.70
CA LEU J 957 -41.24 9.87 -11.48
C LEU J 957 -42.73 9.68 -11.71
N GLU J 958 -43.45 10.79 -11.92
CA GLU J 958 -44.91 10.74 -12.05
C GLU J 958 -45.37 9.87 -13.23
N PRO J 959 -44.73 10.03 -14.42
CA PRO J 959 -45.08 9.11 -15.51
C PRO J 959 -44.99 7.62 -15.09
N LEU J 960 -43.88 7.23 -14.49
CA LEU J 960 -43.69 5.84 -14.08
C LEU J 960 -44.54 5.47 -12.87
N LEU J 961 -44.94 6.46 -12.08
CA LEU J 961 -45.88 6.25 -10.98
C LEU J 961 -47.28 5.92 -11.51
N ARG J 962 -47.69 6.61 -12.57
CA ARG J 962 -48.92 6.26 -13.26
C ARG J 962 -48.83 4.86 -13.88
N TRP J 963 -47.69 4.58 -14.52
CA TRP J 963 -47.43 3.29 -15.16
C TRP J 963 -47.44 2.15 -14.17
N ALA J 964 -46.79 2.37 -13.03
CA ALA J 964 -46.74 1.38 -11.96
C ALA J 964 -48.11 1.19 -11.31
N ALA J 965 -48.89 2.28 -11.22
CA ALA J 965 -50.27 2.22 -10.73
C ALA J 965 -51.18 1.43 -11.66
N GLU J 966 -50.93 1.53 -12.97
CA GLU J 966 -51.70 0.81 -13.98
C GLU J 966 -51.36 -0.68 -14.05
N THR J 967 -50.09 -1.04 -13.83
CA THR J 967 -49.65 -2.45 -13.86
C THR J 967 -50.29 -3.31 -12.75
N ARG J 968 -50.51 -2.72 -11.59
CA ARG J 968 -51.19 -3.42 -10.49
C ARG J 968 -52.67 -3.67 -10.79
N GLU J 969 -53.32 -2.65 -11.36
CA GLU J 969 -54.73 -2.71 -11.71
C GLU J 969 -55.00 -3.82 -12.71
N ARG J 970 -54.02 -4.06 -13.60
CA ARG J 970 -54.09 -5.17 -14.55
C ARG J 970 -53.85 -6.50 -13.85
N GLY J 971 -52.76 -6.58 -13.09
CA GLY J 971 -52.45 -7.76 -12.29
C GLY J 971 -53.51 -8.12 -11.24
N ARG J 972 -54.29 -7.13 -10.82
CA ARG J 972 -55.38 -7.32 -9.89
C ARG J 972 -56.69 -7.68 -10.63
N SER J 973 -56.59 -8.58 -11.59
CA SER J 973 -57.73 -9.02 -12.40
C SER J 973 -57.35 -10.26 -13.24
N GLY J 974 -56.86 -11.30 -12.58
CA GLY J 974 -56.37 -12.50 -13.26
C GLY J 974 -55.06 -12.20 -13.98
N LEU J 975 -55.06 -12.38 -15.30
CA LEU J 975 -53.89 -12.08 -16.14
C LEU J 975 -52.62 -12.81 -15.68
N VAL J 976 -51.50 -12.51 -16.33
CA VAL J 976 -50.27 -13.24 -16.08
C VAL J 976 -49.04 -12.37 -16.20
N GLY J 977 -48.71 -11.95 -17.42
CA GLY J 977 -47.44 -11.26 -17.67
C GLY J 977 -47.41 -10.35 -18.87
N LEU J 978 -47.28 -10.93 -20.07
CA LEU J 978 -47.10 -10.14 -21.28
C LEU J 978 -48.27 -9.18 -21.51
N PHE J 979 -49.50 -9.70 -21.33
CA PHE J 979 -50.69 -8.88 -21.42
C PHE J 979 -50.81 -7.92 -20.24
N ALA J 980 -50.43 -8.41 -19.06
CA ALA J 980 -50.50 -7.63 -17.82
C ALA J 980 -49.41 -6.54 -17.72
N GLU J 981 -48.35 -6.66 -18.51
CA GLU J 981 -47.23 -5.70 -18.50
C GLU J 981 -46.69 -5.40 -19.89
N VAL J 982 -46.83 -4.14 -20.32
CA VAL J 982 -46.00 -3.57 -21.37
C VAL J 982 -44.76 -3.00 -20.69
N GLU J 983 -43.65 -3.73 -20.77
CA GLU J 983 -42.45 -3.44 -19.96
C GLU J 983 -42.05 -1.95 -20.00
N GLU J 984 -41.39 -1.53 -18.92
CA GLU J 984 -41.14 -0.11 -18.63
C GLU J 984 -40.64 0.69 -19.82
N PRO J 985 -41.21 1.89 -20.02
CA PRO J 985 -40.80 2.71 -21.17
C PRO J 985 -39.41 3.26 -20.97
N PRO J 986 -38.82 3.87 -22.02
CA PRO J 986 -37.53 4.54 -21.85
C PRO J 986 -37.66 5.70 -20.90
N LEU J 987 -36.58 5.99 -20.17
CA LEU J 987 -36.54 7.04 -19.15
C LEU J 987 -36.83 8.44 -19.75
N VAL J 988 -37.77 9.16 -19.15
CA VAL J 988 -38.28 10.43 -19.69
C VAL J 988 -37.20 11.48 -19.78
N GLU J 989 -36.76 11.77 -21.00
CA GLU J 989 -35.54 12.56 -21.24
C GLU J 989 -35.54 13.92 -20.54
N ALA J 990 -34.34 14.34 -20.13
CA ALA J 990 -34.11 15.64 -19.49
C ALA J 990 -32.62 15.95 -19.47
N SER J 991 -32.28 17.22 -19.59
CA SER J 991 -30.89 17.67 -19.65
C SER J 991 -30.23 17.54 -18.26
N PRO J 992 -28.94 17.20 -18.22
CA PRO J 992 -28.34 16.87 -16.92
C PRO J 992 -28.23 18.10 -16.01
N LEU J 993 -28.09 17.84 -14.71
CA LEU J 993 -28.04 18.92 -13.72
C LEU J 993 -26.64 19.53 -13.66
N ASP J 994 -26.57 20.84 -13.45
CA ASP J 994 -25.30 21.52 -13.15
C ASP J 994 -24.91 21.28 -11.69
N GLU J 995 -23.62 21.32 -11.41
CA GLU J 995 -23.11 20.95 -10.08
C GLU J 995 -23.63 21.83 -8.93
N ILE J 996 -24.03 23.06 -9.23
CA ILE J 996 -24.55 23.97 -8.20
C ILE J 996 -25.88 23.43 -7.68
N THR J 997 -26.83 23.22 -8.58
CA THR J 997 -28.17 22.72 -8.22
C THR J 997 -28.17 21.23 -7.82
N MET J 998 -27.22 20.46 -8.36
CA MET J 998 -27.07 19.06 -8.01
C MET J 998 -26.65 18.90 -6.55
N LEU J 999 -25.61 19.63 -6.16
CA LEU J 999 -25.14 19.64 -4.76
C LEU J 999 -26.16 20.31 -3.83
N ARG J 1000 -26.98 21.21 -4.36
CA ARG J 1000 -28.02 21.87 -3.59
C ARG J 1000 -29.12 20.86 -3.24
N TYR J 1001 -29.45 19.98 -4.18
CA TYR J 1001 -30.37 18.87 -3.92
C TYR J 1001 -29.81 17.86 -2.91
N GLU J 1002 -28.53 17.54 -3.04
CA GLU J 1002 -27.82 16.68 -2.08
C GLU J 1002 -27.85 17.20 -0.64
N LYS J 1003 -27.73 18.53 -0.49
CA LYS J 1003 -27.82 19.20 0.79
C LYS J 1003 -29.23 19.02 1.38
N GLU J 1004 -30.26 19.06 0.52
CA GLU J 1004 -31.66 18.90 0.95
C GLU J 1004 -31.98 17.44 1.24
N ALA J 1005 -31.30 16.54 0.54
CA ALA J 1005 -31.59 15.11 0.66
C ALA J 1005 -31.02 14.53 1.94
N LEU J 1006 -29.76 14.85 2.24
CA LEU J 1006 -29.04 14.25 3.37
C LEU J 1006 -28.78 15.21 4.52
N GLY J 1007 -28.22 16.37 4.21
CA GLY J 1007 -27.90 17.37 5.25
C GLY J 1007 -26.60 18.12 4.99
N ILE J 1008 -25.73 17.52 4.18
CA ILE J 1008 -24.45 18.13 3.84
C ILE J 1008 -24.04 17.66 2.48
N TYR J 1009 -23.08 18.35 1.91
CA TYR J 1009 -22.75 18.12 0.52
C TYR J 1009 -22.01 16.79 0.38
N VAL J 1010 -22.05 16.22 -0.81
CA VAL J 1010 -21.42 14.95 -1.11
C VAL J 1010 -19.92 15.05 -1.28
N SER J 1011 -19.47 15.61 -2.40
CA SER J 1011 -18.06 15.61 -2.77
C SER J 1011 -17.33 16.91 -2.36
N GLY J 1012 -17.45 17.29 -1.09
CA GLY J 1012 -16.86 18.53 -0.61
C GLY J 1012 -17.42 19.69 -1.41
N HIS J 1013 -16.54 20.60 -1.82
CA HIS J 1013 -16.88 21.61 -2.84
C HIS J 1013 -18.03 22.50 -2.35
N PRO J 1014 -18.66 23.30 -3.21
CA PRO J 1014 -18.46 23.69 -4.61
C PRO J 1014 -17.29 24.62 -4.84
N VAL J 1015 -16.95 25.44 -3.84
CA VAL J 1015 -15.98 26.53 -4.01
C VAL J 1015 -14.80 26.20 -4.94
N LEU J 1016 -14.23 25.00 -4.80
CA LEU J 1016 -13.03 24.64 -5.55
C LEU J 1016 -13.24 24.32 -7.04
N ARG J 1017 -14.47 24.49 -7.54
CA ARG J 1017 -14.76 24.40 -8.99
C ARG J 1017 -14.12 25.55 -9.72
N TYR J 1018 -14.11 26.73 -9.09
CA TYR J 1018 -13.32 27.87 -9.54
C TYR J 1018 -12.14 27.99 -8.59
N PRO J 1019 -11.01 27.31 -8.92
CA PRO J 1019 -9.89 27.26 -7.98
C PRO J 1019 -9.01 28.52 -7.96
N GLY J 1020 -9.27 29.46 -8.86
CA GLY J 1020 -8.49 30.70 -8.90
C GLY J 1020 -8.62 31.50 -7.62
N LEU J 1021 -9.78 31.37 -6.98
CA LEU J 1021 -10.06 32.09 -5.72
C LEU J 1021 -9.55 31.34 -4.49
N ARG J 1022 -9.54 30.02 -4.58
CA ARG J 1022 -9.12 29.20 -3.46
C ARG J 1022 -7.64 29.50 -3.16
N GLU J 1023 -6.86 29.74 -4.21
CA GLU J 1023 -5.46 30.06 -4.03
C GLU J 1023 -5.26 31.34 -3.24
N VAL J 1024 -6.07 32.35 -3.57
CA VAL J 1024 -6.01 33.66 -2.88
C VAL J 1024 -6.20 33.55 -1.37
N ALA J 1025 -7.21 32.78 -0.96
CA ALA J 1025 -7.52 32.54 0.45
C ALA J 1025 -6.43 33.04 1.39
N SER J 1026 -6.62 34.24 1.93
CA SER J 1026 -5.63 34.84 2.83
C SER J 1026 -5.75 34.24 4.20
N CYS J 1027 -6.93 33.73 4.52
CA CYS J 1027 -7.13 32.97 5.74
C CYS J 1027 -8.17 31.86 5.56
N THR J 1028 -7.69 30.65 5.28
CA THR J 1028 -8.57 29.49 5.18
C THR J 1028 -9.32 29.29 6.47
N ILE J 1029 -10.58 28.87 6.37
CA ILE J 1029 -11.45 28.74 7.54
C ILE J 1029 -10.80 27.99 8.71
N GLU J 1030 -10.09 26.90 8.38
CA GLU J 1030 -9.29 26.16 9.36
C GLU J 1030 -8.10 27.01 9.83
N GLU J 1031 -7.40 27.63 8.88
CA GLU J 1031 -6.15 28.35 9.19
C GLU J 1031 -6.32 29.77 9.75
N LEU J 1032 -7.57 30.21 9.95
CA LEU J 1032 -7.88 31.57 10.42
C LEU J 1032 -7.35 31.83 11.83
N SER J 1033 -7.64 30.94 12.75
CA SER J 1033 -7.16 31.09 14.12
C SER J 1033 -5.62 31.03 14.15
N GLU J 1034 -5.05 30.06 13.43
CA GLU J 1034 -3.60 29.84 13.39
C GLU J 1034 -2.83 31.03 12.83
N PHE J 1035 -3.43 31.69 11.82
CA PHE J 1035 -2.78 32.79 11.09
C PHE J 1035 -2.98 34.17 11.74
N VAL J 1036 -4.19 34.43 12.22
CA VAL J 1036 -4.55 35.77 12.74
C VAL J 1036 -3.94 36.14 14.11
N ARG J 1037 -3.75 35.16 15.01
CA ARG J 1037 -3.26 35.46 16.37
C ARG J 1037 -1.85 36.13 16.39
N GLU J 1038 -0.93 35.70 15.52
CA GLU J 1038 0.40 36.31 15.47
C GLU J 1038 0.40 37.40 14.43
N LEU J 1039 -0.31 38.48 14.74
CA LEU J 1039 -0.46 39.63 13.84
C LEU J 1039 -0.83 40.85 14.70
N PRO J 1040 -1.02 42.04 14.10
CA PRO J 1040 -1.25 43.18 14.99
C PRO J 1040 -2.56 43.09 15.74
N GLY J 1041 -2.79 44.02 16.65
CA GLY J 1041 -4.02 44.03 17.47
C GLY J 1041 -5.28 44.13 16.64
N LYS J 1042 -6.03 43.01 16.57
CA LYS J 1042 -7.28 42.93 15.81
C LYS J 1042 -7.13 43.34 14.33
N PRO J 1043 -6.62 42.40 13.50
CA PRO J 1043 -6.23 42.72 12.12
C PRO J 1043 -7.36 42.56 11.12
N LYS J 1044 -7.03 42.75 9.85
CA LYS J 1044 -7.98 42.62 8.77
C LYS J 1044 -7.48 41.58 7.77
N VAL J 1045 -8.39 40.91 7.08
CA VAL J 1045 -8.04 39.83 6.14
C VAL J 1045 -9.19 39.48 5.20
N LEU J 1046 -8.86 39.12 3.96
CA LEU J 1046 -9.86 38.76 2.95
C LEU J 1046 -10.04 37.27 2.88
N LEU J 1047 -11.29 36.84 2.71
CA LEU J 1047 -11.68 35.44 2.79
C LEU J 1047 -12.84 35.14 1.83
N SER J 1048 -12.77 33.98 1.17
CA SER J 1048 -13.80 33.52 0.24
C SER J 1048 -14.38 32.19 0.66
N GLY J 1049 -15.51 31.86 0.04
CA GLY J 1049 -16.23 30.63 0.35
C GLY J 1049 -17.59 30.68 -0.31
N MET J 1050 -18.56 30.06 0.34
CA MET J 1050 -19.90 29.98 -0.22
C MET J 1050 -20.90 30.48 0.82
N VAL J 1051 -21.83 31.31 0.38
CA VAL J 1051 -22.85 31.85 1.28
C VAL J 1051 -23.97 30.85 1.50
N GLU J 1052 -24.43 30.70 2.74
CA GLU J 1052 -25.43 29.64 3.07
C GLU J 1052 -26.37 30.14 4.17
N GLU J 1053 -26.83 31.38 4.04
CA GLU J 1053 -27.73 31.95 5.04
C GLU J 1053 -28.39 33.22 4.51
N VAL J 1054 -29.62 33.46 4.96
CA VAL J 1054 -30.36 34.63 4.49
C VAL J 1054 -30.88 35.49 5.63
N VAL J 1055 -30.42 36.74 5.66
CA VAL J 1055 -30.96 37.77 6.55
C VAL J 1055 -30.88 39.14 5.89
N ARG J 1056 -31.61 40.14 6.29
CA ARG J 1056 -31.13 41.43 5.86
C ARG J 1056 -30.98 42.39 7.02
N LYS J 1057 -32.07 42.95 7.48
CA LYS J 1057 -32.01 44.14 8.30
C LYS J 1057 -33.31 44.03 9.06
N PRO J 1058 -33.79 45.09 9.87
CA PRO J 1058 -33.15 46.38 9.71
C PRO J 1058 -32.24 46.48 10.94
N THR J 1059 -32.59 47.32 11.91
CA THR J 1059 -31.97 47.31 13.21
C THR J 1059 -32.84 46.38 14.03
N GLY J 1063 -31.29 50.31 8.22
CA GLY J 1063 -30.10 49.52 8.55
C GLY J 1063 -29.91 48.31 7.64
N MET J 1064 -28.88 47.53 7.97
CA MET J 1064 -28.57 46.30 7.22
C MET J 1064 -27.69 45.42 8.13
N MET J 1065 -28.33 44.39 8.65
CA MET J 1065 -27.75 43.49 9.64
C MET J 1065 -28.11 42.08 9.27
N ALA J 1066 -27.48 41.56 8.23
CA ALA J 1066 -27.78 40.22 7.76
C ALA J 1066 -26.65 39.28 8.11
N ARG J 1067 -27.01 38.20 8.79
CA ARG J 1067 -26.04 37.22 9.20
C ARG J 1067 -25.96 36.08 8.19
N PHE J 1068 -24.88 36.11 7.42
CA PHE J 1068 -24.56 35.04 6.50
C PHE J 1068 -23.42 34.15 7.01
N THR J 1069 -23.39 32.91 6.51
CA THR J 1069 -22.33 31.96 6.83
C THR J 1069 -21.51 31.57 5.61
N LEU J 1070 -20.23 31.93 5.63
CA LEU J 1070 -19.31 31.54 4.60
C LEU J 1070 -18.74 30.15 4.94
N SER J 1071 -18.92 29.22 4.01
CA SER J 1071 -18.45 27.84 4.18
C SER J 1071 -17.40 27.46 3.14
N ASP J 1072 -16.32 26.82 3.60
CA ASP J 1072 -15.25 26.31 2.73
C ASP J 1072 -15.23 24.78 2.78
N GLU J 1073 -14.27 24.17 2.10
CA GLU J 1073 -14.11 22.73 2.14
C GLU J 1073 -13.41 22.30 3.45
N THR J 1074 -12.83 23.28 4.13
CA THR J 1074 -12.17 23.06 5.41
C THR J 1074 -13.08 23.38 6.62
N GLY J 1075 -14.21 24.06 6.39
CA GLY J 1075 -15.16 24.35 7.48
C GLY J 1075 -16.20 25.45 7.19
N ALA J 1076 -16.49 26.25 8.21
CA ALA J 1076 -17.34 27.45 8.05
C ALA J 1076 -17.15 28.48 9.19
N LEU J 1077 -17.82 29.63 9.05
CA LEU J 1077 -17.72 30.72 10.03
C LEU J 1077 -18.99 31.55 10.14
N GLU J 1078 -19.25 32.06 11.34
CA GLU J 1078 -20.38 32.97 11.58
C GLU J 1078 -19.92 34.39 11.28
N VAL J 1079 -20.14 34.83 10.06
CA VAL J 1079 -19.65 36.14 9.60
C VAL J 1079 -20.75 37.20 9.66
N VAL J 1080 -20.40 38.38 10.20
CA VAL J 1080 -21.29 39.55 10.22
C VAL J 1080 -20.84 40.58 9.16
N VAL J 1081 -21.72 41.40 8.57
CA VAL J 1081 -23.17 41.55 8.84
C VAL J 1081 -23.54 42.40 10.06
N PHE J 1082 -22.58 43.16 10.59
CA PHE J 1082 -22.86 44.23 11.56
C PHE J 1082 -22.35 45.56 11.01
N GLY J 1083 -21.12 45.55 10.48
CA GLY J 1083 -20.53 46.71 9.84
C GLY J 1083 -21.26 47.16 8.59
N ARG J 1084 -21.97 46.22 7.98
CA ARG J 1084 -22.73 46.46 6.73
C ARG J 1084 -23.74 47.61 6.81
N ALA J 1085 -24.15 47.97 8.03
CA ALA J 1085 -25.10 49.06 8.25
C ALA J 1085 -24.44 50.44 8.22
N TYR J 1086 -23.43 50.62 7.36
CA TYR J 1086 -22.65 51.85 7.34
C TYR J 1086 -23.20 53.04 6.52
N GLU J 1087 -23.75 52.88 5.30
CA GLU J 1087 -23.89 51.64 4.55
C GLU J 1087 -23.09 51.78 3.25
N GLY J 1088 -22.87 50.70 2.52
CA GLY J 1088 -23.28 49.35 2.87
C GLY J 1088 -22.75 48.35 1.86
N VAL J 1089 -22.35 47.17 2.36
CA VAL J 1089 -21.75 46.13 1.51
C VAL J 1089 -22.74 45.56 0.48
N SER J 1090 -24.01 45.46 0.87
CA SER J 1090 -25.15 45.26 -0.06
C SER J 1090 -25.06 43.99 -0.86
N PRO J 1091 -25.09 42.84 -0.19
CA PRO J 1091 -24.92 41.57 -0.92
C PRO J 1091 -26.16 41.18 -1.70
N LYS J 1092 -27.20 40.76 -0.97
CA LYS J 1092 -28.48 40.27 -1.52
C LYS J 1092 -28.28 38.94 -2.26
N LEU J 1093 -27.18 38.26 -1.93
CA LEU J 1093 -26.73 37.12 -2.70
C LEU J 1093 -27.46 35.84 -2.32
N LYS J 1094 -27.65 35.62 -1.01
CA LYS J 1094 -28.29 34.41 -0.46
C LYS J 1094 -27.51 33.14 -0.78
N GLU J 1095 -28.16 32.00 -0.67
CA GLU J 1095 -27.48 30.72 -0.83
C GLU J 1095 -26.93 30.52 -2.26
N ASP J 1096 -26.03 29.53 -2.37
CA ASP J 1096 -25.56 28.96 -3.64
C ASP J 1096 -24.80 29.90 -4.60
N ILE J 1097 -24.22 30.99 -4.07
CA ILE J 1097 -23.33 31.87 -4.87
C ILE J 1097 -22.05 32.22 -4.10
N PRO J 1098 -20.90 32.15 -4.79
CA PRO J 1098 -19.64 32.42 -4.09
C PRO J 1098 -19.37 33.91 -3.87
N LEU J 1099 -18.53 34.20 -2.88
CA LEU J 1099 -18.13 35.58 -2.57
C LEU J 1099 -16.71 35.65 -2.03
N LEU J 1100 -16.15 36.87 -2.12
CA LEU J 1100 -14.90 37.23 -1.46
C LEU J 1100 -15.26 38.32 -0.46
N VAL J 1101 -14.66 38.28 0.73
CA VAL J 1101 -15.07 39.13 1.84
C VAL J 1101 -13.88 39.68 2.64
N LEU J 1102 -13.65 40.99 2.59
CA LEU J 1102 -12.73 41.63 3.53
C LEU J 1102 -13.40 41.80 4.90
N ALA J 1103 -12.70 41.43 5.98
CA ALA J 1103 -13.30 41.45 7.34
C ALA J 1103 -12.26 41.66 8.43
N GLU J 1104 -12.67 42.28 9.52
CA GLU J 1104 -11.82 42.44 10.68
C GLU J 1104 -12.09 41.28 11.63
N VAL J 1105 -11.05 40.82 12.33
CA VAL J 1105 -11.18 39.73 13.26
C VAL J 1105 -10.59 40.12 14.62
N GLU J 1106 -11.12 39.52 15.68
CA GLU J 1106 -10.62 39.71 17.05
C GLU J 1106 -10.16 38.36 17.66
N ARG J 1112 -14.46 35.82 16.61
CA ARG J 1112 -15.51 36.33 15.75
C ARG J 1112 -14.96 37.24 14.63
N VAL J 1113 -15.68 37.30 13.51
CA VAL J 1113 -15.29 38.04 12.31
C VAL J 1113 -16.36 39.07 11.92
N LEU J 1114 -15.91 40.25 11.50
CA LEU J 1114 -16.79 41.37 11.15
C LEU J 1114 -16.45 41.94 9.77
N ALA J 1115 -17.32 41.67 8.79
CA ALA J 1115 -17.10 42.02 7.39
C ALA J 1115 -17.22 43.52 7.12
N GLN J 1116 -16.72 43.96 5.97
CA GLN J 1116 -16.73 45.37 5.57
C GLN J 1116 -17.01 45.58 4.08
N ALA J 1117 -16.24 44.88 3.23
CA ALA J 1117 -16.47 44.88 1.77
C ALA J 1117 -16.58 43.46 1.21
N VAL J 1118 -17.25 43.33 0.06
CA VAL J 1118 -17.58 42.03 -0.54
C VAL J 1118 -17.47 42.06 -2.06
N TRP J 1119 -17.10 40.93 -2.65
CA TRP J 1119 -16.96 40.81 -4.10
C TRP J 1119 -17.40 39.47 -4.56
N THR J 1120 -18.31 39.45 -5.54
CA THR J 1120 -18.80 38.22 -6.18
C THR J 1120 -17.78 37.64 -7.18
N LEU J 1121 -18.10 36.48 -7.76
CA LEU J 1121 -17.15 35.77 -8.59
C LEU J 1121 -16.71 36.59 -9.79
N GLU J 1122 -17.65 37.34 -10.37
CA GLU J 1122 -17.37 38.11 -11.58
C GLU J 1122 -16.65 39.41 -11.27
N GLU J 1123 -16.77 39.87 -10.04
CA GLU J 1123 -16.02 41.02 -9.58
C GLU J 1123 -14.55 40.65 -9.46
N VAL J 1124 -14.29 39.40 -9.06
CA VAL J 1124 -12.92 38.90 -8.88
C VAL J 1124 -12.28 38.65 -10.23
N LEU J 1125 -13.03 37.98 -11.10
CA LEU J 1125 -12.53 37.57 -12.41
C LEU J 1125 -12.27 38.73 -13.36
N GLU J 1126 -12.96 39.83 -13.17
CA GLU J 1126 -12.74 41.02 -14.00
C GLU J 1126 -11.59 41.89 -13.49
N ALA J 1127 -11.47 42.01 -12.17
CA ALA J 1127 -10.43 42.83 -11.57
C ALA J 1127 -9.06 42.40 -12.09
N PRO J 1128 -8.17 43.38 -12.34
CA PRO J 1128 -6.90 43.05 -13.00
C PRO J 1128 -6.15 41.89 -12.33
N LYS J 1129 -5.81 40.88 -13.13
CA LYS J 1129 -5.16 39.68 -12.62
C LYS J 1129 -3.64 39.85 -12.49
N ALA J 1130 -3.00 38.91 -11.77
CA ALA J 1130 -1.56 38.93 -11.49
C ALA J 1130 -0.94 37.53 -11.62
N LEU J 1131 0.36 37.49 -11.92
CA LEU J 1131 1.10 36.25 -12.10
C LEU J 1131 1.53 35.69 -10.78
N GLU J 1132 1.44 34.36 -10.64
CA GLU J 1132 1.77 33.66 -9.40
C GLU J 1132 2.45 32.33 -9.72
N VAL J 1133 3.68 32.18 -9.26
CA VAL J 1133 4.45 30.95 -9.40
C VAL J 1133 4.46 30.26 -8.05
N GLU J 1134 4.41 28.93 -8.07
CA GLU J 1134 4.44 28.14 -6.84
C GLU J 1134 5.70 27.28 -6.81
N VAL J 1135 6.74 27.81 -6.17
CA VAL J 1135 8.06 27.16 -6.10
C VAL J 1135 8.12 26.28 -4.86
N ASP J 1136 8.90 25.19 -4.94
CA ASP J 1136 9.03 24.26 -3.83
C ASP J 1136 10.17 24.71 -2.94
N HIS J 1137 10.29 24.10 -1.77
CA HIS J 1137 11.34 24.41 -0.81
C HIS J 1137 12.73 24.19 -1.39
N ALA J 1138 12.83 23.15 -2.21
CA ALA J 1138 14.09 22.74 -2.76
C ALA J 1138 14.69 23.82 -3.68
N LEU J 1139 15.41 24.77 -3.09
CA LEU J 1139 16.21 25.73 -3.86
C LEU J 1139 17.26 26.43 -2.98
N LEU J 1140 18.54 26.15 -3.23
CA LEU J 1140 19.65 26.73 -2.45
C LEU J 1140 19.87 28.23 -2.75
N ASP J 1141 20.35 28.95 -1.73
CA ASP J 1141 20.41 30.41 -1.75
C ASP J 1141 21.73 30.97 -2.30
N GLU J 1142 22.82 30.21 -2.19
CA GLU J 1142 24.17 30.70 -2.55
C GLU J 1142 24.65 30.27 -3.96
N LYS J 1143 23.73 29.81 -4.81
CA LYS J 1143 24.01 29.64 -6.25
C LYS J 1143 24.35 30.94 -7.02
N GLY J 1144 23.68 32.06 -6.74
CA GLY J 1144 22.70 32.20 -5.66
C GLY J 1144 21.33 32.64 -6.12
N VAL J 1145 20.42 31.67 -6.25
CA VAL J 1145 19.02 31.91 -6.63
C VAL J 1145 18.86 33.02 -7.69
N ALA J 1146 19.88 33.20 -8.51
CA ALA J 1146 19.88 34.23 -9.54
C ALA J 1146 19.09 33.70 -10.73
N ARG J 1147 18.89 32.39 -10.78
CA ARG J 1147 18.17 31.80 -11.90
C ARG J 1147 16.74 32.32 -11.98
N LEU J 1148 16.07 32.40 -10.83
CA LEU J 1148 14.68 32.88 -10.78
C LEU J 1148 14.62 34.34 -11.15
N LYS J 1149 15.64 35.09 -10.75
CA LYS J 1149 15.72 36.53 -11.00
C LYS J 1149 16.06 36.83 -12.45
N SER J 1150 16.88 35.98 -13.07
CA SER J 1150 17.27 36.17 -14.46
C SER J 1150 16.07 35.98 -15.38
N LEU J 1151 15.28 34.93 -15.12
CA LEU J 1151 14.15 34.60 -16.02
C LEU J 1151 12.95 35.54 -15.88
N LEU J 1152 12.85 36.21 -14.75
CA LEU J 1152 11.85 37.25 -14.54
C LEU J 1152 12.22 38.61 -15.14
N ASP J 1153 13.51 38.81 -15.45
CA ASP J 1153 13.97 40.10 -15.99
C ASP J 1153 13.54 40.37 -17.43
N GLU J 1154 13.50 39.32 -18.25
CA GLU J 1154 13.32 39.48 -19.70
C GLU J 1154 11.91 39.88 -20.16
N HIS J 1155 10.92 39.76 -19.28
CA HIS J 1155 9.54 40.03 -19.66
C HIS J 1155 8.87 41.11 -18.84
N PRO J 1156 9.25 42.38 -19.04
CA PRO J 1156 8.59 43.50 -18.33
C PRO J 1156 7.15 43.77 -18.76
N GLY J 1157 6.43 44.54 -17.94
CA GLY J 1157 5.01 44.79 -18.18
C GLY J 1157 4.34 45.50 -17.01
N SER J 1158 3.33 44.87 -16.42
CA SER J 1158 2.57 45.45 -15.30
C SER J 1158 1.74 44.42 -14.52
N LEU J 1159 2.36 43.30 -14.14
CA LEU J 1159 1.68 42.26 -13.35
C LEU J 1159 2.47 41.88 -12.11
N PRO J 1160 1.91 42.13 -10.92
CA PRO J 1160 2.60 41.74 -9.70
C PRO J 1160 2.84 40.23 -9.64
N VAL J 1161 4.07 39.85 -9.31
CA VAL J 1161 4.47 38.44 -9.22
C VAL J 1161 4.41 37.89 -7.79
N TYR J 1162 3.62 36.83 -7.59
CA TYR J 1162 3.43 36.21 -6.26
C TYR J 1162 4.17 34.87 -6.19
N LEU J 1163 4.67 34.52 -5.00
CA LEU J 1163 5.44 33.29 -4.83
C LEU J 1163 4.91 32.48 -3.66
N ARG J 1164 4.44 31.27 -3.96
CA ARG J 1164 3.98 30.33 -2.93
C ARG J 1164 5.12 29.38 -2.60
N VAL J 1165 5.77 29.63 -1.46
CA VAL J 1165 6.82 28.73 -0.96
C VAL J 1165 6.24 27.77 0.09
N LEU J 1166 6.10 26.50 -0.31
CA LEU J 1166 5.68 25.43 0.59
C LEU J 1166 6.86 25.05 1.46
N GLY J 1167 7.01 25.74 2.58
CA GLY J 1167 8.10 25.52 3.49
C GLY J 1167 7.90 24.31 4.40
N PRO J 1168 8.82 24.11 5.35
CA PRO J 1168 8.73 22.95 6.23
C PRO J 1168 7.48 22.99 7.11
N PHE J 1169 7.02 24.18 7.49
CA PHE J 1169 5.83 24.31 8.31
C PHE J 1169 5.11 25.64 8.07
N GLY J 1170 4.02 25.58 7.29
CA GLY J 1170 3.19 26.73 6.95
C GLY J 1170 3.35 27.14 5.49
N GLU J 1171 2.25 27.45 4.83
CA GLU J 1171 2.30 27.93 3.45
C GLU J 1171 2.57 29.44 3.44
N ALA J 1172 3.75 29.82 2.97
CA ALA J 1172 4.13 31.23 2.94
C ALA J 1172 3.54 31.96 1.72
N LEU J 1173 3.47 33.28 1.84
CA LEU J 1173 2.96 34.15 0.79
C LEU J 1173 4.03 35.18 0.56
N PHE J 1174 4.49 35.30 -0.67
CA PHE J 1174 5.55 36.24 -1.01
C PHE J 1174 5.28 36.96 -2.33
N ALA J 1175 4.79 38.20 -2.22
CA ALA J 1175 4.73 39.11 -3.37
C ALA J 1175 6.17 39.55 -3.66
N LEU J 1176 6.47 39.79 -4.94
CA LEU J 1176 7.85 39.96 -5.37
C LEU J 1176 8.41 41.34 -5.01
N ARG J 1177 8.98 42.07 -5.96
CA ARG J 1177 9.74 43.27 -5.65
C ARG J 1177 9.51 44.35 -6.70
N GLU J 1178 10.36 44.39 -7.72
CA GLU J 1178 10.29 45.44 -8.72
C GLU J 1178 9.72 44.90 -10.05
N VAL J 1179 9.98 43.62 -10.32
CA VAL J 1179 9.64 43.02 -11.61
C VAL J 1179 8.14 42.93 -11.79
N ARG J 1180 7.66 43.41 -12.93
CA ARG J 1180 6.26 43.35 -13.27
C ARG J 1180 6.15 42.66 -14.61
N VAL J 1181 5.48 41.51 -14.63
CA VAL J 1181 5.39 40.69 -15.86
C VAL J 1181 4.40 41.29 -16.88
N GLY J 1182 4.61 40.97 -18.15
CA GLY J 1182 3.71 41.41 -19.23
C GLY J 1182 2.88 40.29 -19.83
N GLU J 1183 2.35 39.39 -19.02
CA GLU J 1183 1.35 38.46 -19.50
C GLU J 1183 1.79 37.70 -20.75
N GLU J 1184 3.06 37.34 -20.82
CA GLU J 1184 3.59 36.48 -21.91
C GLU J 1184 4.44 35.49 -21.11
N ALA J 1185 5.02 35.96 -20.00
CA ALA J 1185 5.89 35.13 -19.17
C ALA J 1185 5.19 33.97 -18.42
N LEU J 1186 3.86 33.86 -18.51
CA LEU J 1186 3.13 32.74 -17.89
C LEU J 1186 3.41 31.44 -18.62
N GLY J 1187 3.12 31.41 -19.91
CA GLY J 1187 3.32 30.21 -20.73
C GLY J 1187 4.78 29.84 -20.89
N LEU J 1188 5.63 30.86 -21.06
CA LEU J 1188 7.07 30.66 -21.28
C LEU J 1188 7.81 30.22 -20.01
N LEU J 1189 7.16 30.39 -18.85
CA LEU J 1189 7.71 29.91 -17.59
C LEU J 1189 7.27 28.47 -17.30
N GLU J 1190 6.06 28.12 -17.72
CA GLU J 1190 5.52 26.77 -17.54
C GLU J 1190 6.29 25.74 -18.38
N ALA J 1191 7.03 26.24 -19.37
CA ALA J 1191 7.99 25.42 -20.15
C ALA J 1191 9.04 24.77 -19.25
N GLU J 1192 9.46 25.49 -18.22
CA GLU J 1192 10.37 24.97 -17.21
C GLU J 1192 9.59 24.25 -16.10
N GLY J 1193 10.31 23.75 -15.10
CA GLY J 1193 9.70 22.98 -14.00
C GLY J 1193 9.02 23.83 -12.92
N TYR J 1194 8.22 24.81 -13.34
CA TYR J 1194 7.47 25.69 -12.43
C TYR J 1194 6.02 25.74 -12.84
N ARG J 1195 5.15 25.86 -11.85
CA ARG J 1195 3.71 25.85 -12.07
C ARG J 1195 3.11 27.24 -11.82
N ALA J 1196 2.99 28.01 -12.92
CA ALA J 1196 2.49 29.39 -12.86
C ALA J 1196 0.99 29.43 -12.94
N TYR J 1197 0.41 30.57 -12.54
CA TYR J 1197 -1.04 30.80 -12.67
C TYR J 1197 -1.30 32.26 -13.00
N LEU J 1198 -2.49 32.53 -13.52
CA LEU J 1198 -2.98 33.89 -13.74
C LEU J 1198 -4.08 34.19 -12.71
N VAL J 1199 -3.65 34.29 -11.45
CA VAL J 1199 -4.55 34.54 -10.30
C VAL J 1199 -4.98 36.01 -10.16
N PRO J 1200 -6.16 36.26 -9.55
CA PRO J 1200 -6.56 37.63 -9.32
C PRO J 1200 -5.61 38.36 -8.37
N ASP J 1201 -5.32 39.63 -8.68
CA ASP J 1201 -4.44 40.44 -7.85
C ASP J 1201 -5.12 40.74 -6.52
N ARG J 1202 -4.42 40.44 -5.42
CA ARG J 1202 -4.95 40.66 -4.08
C ARG J 1202 -5.07 42.17 -3.76
N GLU J 1203 -4.06 42.94 -4.18
CA GLU J 1203 -3.96 44.35 -3.81
C GLU J 1203 -5.11 45.21 -4.33
N VAL J 1204 -5.76 44.75 -5.39
CA VAL J 1204 -6.82 45.50 -6.08
C VAL J 1204 -8.11 45.56 -5.28
N PHE J 1205 -8.35 44.54 -4.47
CA PHE J 1205 -9.64 44.41 -3.80
C PHE J 1205 -9.90 45.55 -2.81
N LEU J 1206 -10.53 46.62 -3.31
CA LEU J 1206 -10.97 47.77 -2.51
C LEU J 1206 -11.77 48.71 -3.43
N GLN J 1207 -12.15 49.87 -2.90
CA GLN J 1207 -12.79 50.95 -3.68
C GLN J 1207 -14.16 50.55 -4.27
N GLY J 1208 -14.81 51.50 -4.94
CA GLY J 1208 -16.06 51.26 -5.64
C GLY J 1208 -16.15 52.05 -6.93
N ASN J 1209 -15.06 52.08 -7.68
CA ASN J 1209 -14.99 52.83 -8.95
C ASN J 1209 -13.99 52.21 -9.93
N GLY J 1210 -13.88 52.80 -11.11
CA GLY J 1210 -12.96 52.30 -12.12
C GLY J 1210 -13.49 51.11 -12.89
N GLY J 1211 -13.88 50.06 -12.17
CA GLY J 1211 -14.45 48.85 -12.79
C GLY J 1211 -15.77 49.08 -13.49
N GLY J 1212 -16.87 49.31 -12.74
CA GLY J 1212 -16.90 49.28 -11.27
C GLY J 1212 -17.79 48.13 -10.79
N PRO J 1213 -18.39 48.26 -9.59
CA PRO J 1213 -19.27 47.19 -9.06
C PRO J 1213 -20.53 46.95 -9.92
N LYS J 1214 -21.03 48.01 -10.55
CA LYS J 1214 -22.09 47.90 -11.55
C LYS J 1214 -21.59 47.04 -12.72
N GLU J 1215 -20.43 47.40 -13.26
CA GLU J 1215 -19.89 46.75 -14.46
C GLU J 1215 -19.46 45.31 -14.20
N GLU J 1216 -19.20 44.99 -12.93
CA GLU J 1216 -18.85 43.61 -12.52
C GLU J 1216 -20.08 42.69 -12.35
N VAL J 1217 -21.27 43.28 -12.33
CA VAL J 1217 -22.53 42.53 -12.34
C VAL J 1217 -22.98 42.21 -13.77
N VAL J 1218 -22.50 43.00 -14.75
CA VAL J 1218 -22.85 42.82 -16.19
C VAL J 1218 -22.48 41.44 -16.78
N PRO J 1219 -21.25 40.94 -16.52
CA PRO J 1219 -20.83 39.62 -17.05
C PRO J 1219 -21.55 38.40 -16.47
N PHE J 1220 -22.06 38.54 -15.24
CA PHE J 1220 -22.83 37.48 -14.60
C PHE J 1220 -24.25 37.38 -15.18
N LEU K 5 -34.67 -56.16 -18.86
CA LEU K 5 -35.09 -54.89 -19.56
C LEU K 5 -36.27 -54.25 -18.84
N LYS K 6 -36.35 -52.91 -18.88
CA LYS K 6 -37.40 -52.19 -18.15
C LYS K 6 -37.93 -50.98 -18.92
N PHE K 7 -39.05 -50.44 -18.46
CA PHE K 7 -39.72 -49.33 -19.14
C PHE K 7 -40.57 -48.57 -18.13
N ALA K 8 -40.90 -47.32 -18.44
CA ALA K 8 -41.79 -46.51 -17.61
C ALA K 8 -42.56 -45.48 -18.47
N HIS K 9 -43.86 -45.70 -18.63
CA HIS K 9 -44.67 -44.83 -19.49
C HIS K 9 -44.57 -43.39 -19.09
N LEU K 10 -44.17 -42.54 -20.04
CA LEU K 10 -44.18 -41.08 -19.84
C LEU K 10 -45.39 -40.42 -20.48
N HIS K 11 -46.19 -41.20 -21.22
CA HIS K 11 -47.42 -40.72 -21.88
C HIS K 11 -48.54 -41.63 -21.50
N GLN K 12 -49.17 -41.33 -20.36
CA GLN K 12 -50.30 -42.14 -19.86
C GLN K 12 -51.53 -41.29 -19.43
N HIS K 13 -52.70 -41.67 -19.93
CA HIS K 13 -53.92 -40.93 -19.66
C HIS K 13 -54.68 -41.62 -18.54
N THR K 14 -55.15 -40.83 -17.56
CA THR K 14 -55.83 -41.37 -16.39
C THR K 14 -57.35 -41.22 -16.57
N GLN K 15 -58.10 -41.42 -15.50
CA GLN K 15 -59.55 -41.14 -15.48
C GLN K 15 -59.89 -39.65 -15.62
N PHE K 16 -58.96 -38.78 -15.25
CA PHE K 16 -59.19 -37.34 -15.30
C PHE K 16 -59.30 -36.80 -16.74
N SER K 17 -58.73 -37.54 -17.68
CA SER K 17 -59.01 -37.34 -19.09
C SER K 17 -60.49 -37.65 -19.29
N LEU K 18 -61.32 -36.61 -19.22
CA LEU K 18 -62.76 -36.78 -19.05
C LEU K 18 -63.46 -37.53 -20.20
N LEU K 19 -63.16 -37.17 -21.45
CA LEU K 19 -63.89 -37.69 -22.63
C LEU K 19 -63.48 -39.11 -23.09
N ASP K 20 -62.17 -39.36 -23.14
CA ASP K 20 -61.61 -40.64 -23.66
C ASP K 20 -60.78 -41.45 -22.64
N GLY K 21 -60.58 -40.93 -21.43
CA GLY K 21 -59.79 -41.65 -20.40
C GLY K 21 -60.60 -42.69 -19.64
N ALA K 22 -60.11 -43.91 -19.57
CA ALA K 22 -60.82 -44.98 -18.85
C ALA K 22 -59.98 -45.62 -17.73
N ALA K 23 -58.69 -45.31 -17.68
CA ALA K 23 -57.81 -45.85 -16.65
C ALA K 23 -58.02 -45.15 -15.30
N LYS K 24 -58.35 -45.92 -14.27
CA LYS K 24 -58.55 -45.38 -12.91
C LYS K 24 -57.21 -45.14 -12.25
N LEU K 25 -57.23 -44.36 -11.16
CA LEU K 25 -55.99 -43.92 -10.50
C LEU K 25 -55.37 -45.03 -9.61
N GLN K 26 -56.21 -45.81 -8.97
CA GLN K 26 -55.74 -46.82 -8.05
C GLN K 26 -55.18 -48.08 -8.74
N ASP K 27 -55.99 -48.70 -9.58
CA ASP K 27 -55.62 -49.94 -10.28
C ASP K 27 -54.44 -49.75 -11.28
N LEU K 28 -54.28 -48.53 -11.78
CA LEU K 28 -53.19 -48.23 -12.73
C LEU K 28 -51.84 -48.20 -12.04
N LEU K 29 -51.80 -47.70 -10.81
CA LEU K 29 -50.55 -47.64 -10.03
C LEU K 29 -50.01 -49.03 -9.62
N LYS K 30 -50.91 -49.93 -9.23
CA LYS K 30 -50.52 -51.29 -8.82
C LYS K 30 -50.03 -52.14 -9.99
N TRP K 31 -50.56 -51.85 -11.19
CA TRP K 31 -50.15 -52.52 -12.43
C TRP K 31 -48.78 -52.09 -12.89
N VAL K 32 -48.41 -50.85 -12.54
CA VAL K 32 -47.07 -50.34 -12.76
C VAL K 32 -46.09 -50.86 -11.73
N LYS K 33 -46.57 -51.09 -10.50
CA LYS K 33 -45.78 -51.75 -9.45
C LYS K 33 -45.52 -53.24 -9.75
N GLU K 34 -46.58 -53.98 -10.05
CA GLU K 34 -46.51 -55.43 -10.24
C GLU K 34 -45.64 -55.80 -11.43
N THR K 35 -45.70 -54.98 -12.48
CA THR K 35 -44.91 -55.22 -13.68
C THR K 35 -43.45 -54.84 -13.42
N THR K 36 -43.22 -53.64 -12.91
CA THR K 36 -41.89 -53.11 -12.63
C THR K 36 -41.72 -52.72 -11.14
N PRO K 37 -41.17 -53.66 -10.33
CA PRO K 37 -40.89 -53.34 -8.92
C PRO K 37 -39.75 -52.35 -8.72
N GLU K 38 -38.66 -52.56 -9.46
CA GLU K 38 -37.48 -51.71 -9.37
C GLU K 38 -37.70 -50.33 -9.99
N ASP K 39 -37.80 -49.32 -9.11
CA ASP K 39 -37.95 -47.91 -9.48
C ASP K 39 -39.15 -47.68 -10.40
N PRO K 40 -40.38 -47.86 -9.88
CA PRO K 40 -41.57 -47.72 -10.72
C PRO K 40 -41.92 -46.26 -10.97
N ALA K 41 -41.98 -45.87 -12.24
CA ALA K 41 -42.31 -44.49 -12.60
C ALA K 41 -43.54 -44.44 -13.52
N LEU K 42 -44.28 -43.34 -13.47
CA LEU K 42 -45.43 -43.13 -14.34
C LEU K 42 -45.73 -41.62 -14.48
N ALA K 43 -46.03 -41.20 -15.71
CA ALA K 43 -46.31 -39.78 -15.98
C ALA K 43 -47.78 -39.56 -16.32
N MET K 44 -48.40 -38.60 -15.62
CA MET K 44 -49.82 -38.27 -15.81
C MET K 44 -50.00 -37.21 -16.87
N THR K 45 -50.34 -37.62 -18.08
CA THR K 45 -50.55 -36.68 -19.18
C THR K 45 -51.97 -36.76 -19.75
N ASP K 46 -52.87 -35.95 -19.19
CA ASP K 46 -54.27 -35.91 -19.64
C ASP K 46 -54.51 -34.82 -20.67
N HIS K 47 -55.65 -34.87 -21.34
CA HIS K 47 -55.94 -33.94 -22.44
C HIS K 47 -56.29 -32.55 -21.93
N GLY K 48 -55.28 -31.70 -21.84
CA GLY K 48 -55.49 -30.28 -21.56
C GLY K 48 -56.04 -29.94 -20.19
N ASN K 49 -55.59 -30.67 -19.17
CA ASN K 49 -56.00 -30.42 -17.78
C ASN K 49 -55.00 -30.97 -16.77
N LEU K 50 -55.15 -30.53 -15.51
CA LEU K 50 -54.34 -31.05 -14.41
C LEU K 50 -55.17 -31.41 -13.19
N PHE K 51 -56.32 -32.04 -13.44
CA PHE K 51 -57.28 -32.30 -12.37
C PHE K 51 -56.68 -33.26 -11.34
N GLY K 52 -56.04 -34.31 -11.83
CA GLY K 52 -55.52 -35.35 -10.98
C GLY K 52 -54.09 -35.14 -10.51
N ALA K 53 -53.55 -33.93 -10.69
CA ALA K 53 -52.14 -33.68 -10.32
C ALA K 53 -51.82 -34.01 -8.84
N VAL K 54 -52.63 -33.53 -7.91
CA VAL K 54 -52.41 -33.82 -6.49
C VAL K 54 -52.77 -35.26 -6.14
N GLU K 55 -53.97 -35.71 -6.53
CA GLU K 55 -54.43 -37.07 -6.21
C GLU K 55 -53.48 -38.16 -6.76
N PHE K 56 -52.93 -37.92 -7.96
CA PHE K 56 -51.96 -38.83 -8.57
C PHE K 56 -50.64 -38.84 -7.81
N TYR K 57 -50.27 -37.68 -7.25
CA TYR K 57 -49.03 -37.54 -6.52
C TYR K 57 -49.05 -38.29 -5.20
N LYS K 58 -50.10 -38.04 -4.41
CA LYS K 58 -50.24 -38.58 -3.04
C LYS K 58 -50.58 -40.08 -3.01
N LYS K 59 -51.37 -40.56 -3.97
CA LYS K 59 -51.64 -41.99 -4.09
C LYS K 59 -50.42 -42.76 -4.57
N ALA K 60 -49.72 -42.25 -5.58
CA ALA K 60 -48.59 -42.95 -6.15
C ALA K 60 -47.39 -42.95 -5.19
N THR K 61 -47.15 -41.81 -4.53
CA THR K 61 -46.09 -41.73 -3.51
C THR K 61 -46.31 -42.74 -2.34
N ALA K 62 -47.55 -42.86 -1.88
CA ALA K 62 -47.87 -43.80 -0.80
C ALA K 62 -47.70 -45.24 -1.26
N MET K 63 -47.96 -45.47 -2.55
CA MET K 63 -47.86 -46.79 -3.17
C MET K 63 -46.39 -47.14 -3.42
N GLY K 64 -45.53 -46.13 -3.38
CA GLY K 64 -44.10 -46.33 -3.61
C GLY K 64 -43.70 -46.14 -5.07
N VAL K 65 -44.56 -45.45 -5.81
CA VAL K 65 -44.33 -45.18 -7.23
C VAL K 65 -43.81 -43.75 -7.38
N LYS K 66 -42.98 -43.53 -8.39
CA LYS K 66 -42.42 -42.21 -8.67
C LYS K 66 -43.38 -41.45 -9.60
N PRO K 67 -44.08 -40.42 -9.08
CA PRO K 67 -45.00 -39.63 -9.92
C PRO K 67 -44.32 -38.54 -10.78
N ILE K 68 -44.84 -38.33 -11.99
CA ILE K 68 -44.38 -37.26 -12.88
C ILE K 68 -45.59 -36.51 -13.46
N ILE K 69 -45.80 -35.28 -13.00
CA ILE K 69 -46.94 -34.48 -13.43
C ILE K 69 -46.72 -33.99 -14.87
N GLY K 70 -47.53 -34.52 -15.78
CA GLY K 70 -47.47 -34.16 -17.20
C GLY K 70 -48.74 -33.48 -17.69
N TYR K 71 -48.70 -33.06 -18.95
CA TYR K 71 -49.78 -32.27 -19.55
C TYR K 71 -49.73 -32.35 -21.08
N GLU K 72 -50.62 -33.17 -21.66
CA GLU K 72 -50.73 -33.25 -23.11
C GLU K 72 -51.52 -32.04 -23.61
N ALA K 73 -50.78 -30.97 -23.90
CA ALA K 73 -51.37 -29.66 -24.22
C ALA K 73 -52.02 -29.67 -25.61
N TYR K 74 -53.17 -29.03 -25.70
CA TYR K 74 -53.72 -28.72 -26.98
C TYR K 74 -53.07 -27.42 -27.47
N VAL K 75 -52.23 -27.50 -28.50
CA VAL K 75 -51.53 -26.32 -29.00
C VAL K 75 -52.25 -25.87 -30.27
N ALA K 76 -52.51 -24.56 -30.36
CA ALA K 76 -53.30 -23.99 -31.46
C ALA K 76 -52.45 -23.92 -32.74
N ALA K 77 -53.09 -23.62 -33.87
CA ALA K 77 -52.42 -23.57 -35.18
C ALA K 77 -51.45 -22.40 -35.26
N GLU K 78 -51.88 -21.25 -34.74
CA GLU K 78 -51.05 -20.04 -34.72
C GLU K 78 -51.21 -19.30 -33.40
N SER K 79 -52.40 -18.76 -33.15
CA SER K 79 -52.67 -18.02 -31.91
C SER K 79 -53.84 -18.61 -31.14
N ARG K 80 -53.85 -18.37 -29.83
CA ARG K 80 -54.83 -18.99 -28.94
C ARG K 80 -56.14 -18.25 -28.96
N PHE K 81 -56.14 -17.03 -29.53
CA PHE K 81 -57.38 -16.26 -29.69
C PHE K 81 -58.01 -16.45 -31.06
N ASP K 82 -57.43 -17.34 -31.87
CA ASP K 82 -57.91 -17.61 -33.22
C ASP K 82 -59.25 -18.35 -33.14
N ARG K 83 -60.25 -17.84 -33.86
CA ARG K 83 -61.60 -18.43 -33.85
C ARG K 83 -62.20 -18.54 -35.26
N GLY K 92 -57.39 -25.67 -36.50
CA GLY K 92 -57.92 -26.20 -35.25
C GLY K 92 -56.83 -26.20 -34.18
N TYR K 93 -56.43 -27.40 -33.76
CA TYR K 93 -55.42 -27.55 -32.71
C TYR K 93 -54.58 -28.81 -32.88
N PHE K 94 -53.51 -28.91 -32.10
CA PHE K 94 -52.56 -30.01 -32.18
C PHE K 94 -52.15 -30.46 -30.78
N HIS K 95 -51.68 -31.70 -30.69
CA HIS K 95 -51.28 -32.33 -29.43
C HIS K 95 -49.81 -32.09 -29.15
N LEU K 96 -49.47 -32.05 -27.86
CA LEU K 96 -48.08 -31.85 -27.46
C LEU K 96 -47.90 -32.36 -26.03
N THR K 97 -47.08 -33.39 -25.86
CA THR K 97 -46.81 -33.95 -24.54
C THR K 97 -45.75 -33.10 -23.83
N LEU K 98 -46.09 -32.64 -22.62
CA LEU K 98 -45.18 -31.81 -21.79
C LEU K 98 -45.04 -32.43 -20.39
N LEU K 99 -43.80 -32.53 -19.91
CA LEU K 99 -43.50 -33.14 -18.61
C LEU K 99 -42.74 -32.16 -17.71
N ALA K 100 -43.11 -32.09 -16.43
CA ALA K 100 -42.46 -31.19 -15.48
C ALA K 100 -41.14 -31.82 -15.00
N LYS K 101 -40.04 -31.09 -15.17
CA LYS K 101 -38.73 -31.56 -14.73
C LYS K 101 -38.53 -31.27 -13.23
N ASP K 102 -38.83 -30.04 -12.83
CA ASP K 102 -38.78 -29.66 -11.42
C ASP K 102 -40.01 -28.82 -11.04
N PHE K 103 -40.01 -28.26 -9.83
CA PHE K 103 -41.12 -27.43 -9.36
C PHE K 103 -41.38 -26.15 -10.18
N THR K 104 -40.31 -25.56 -10.74
CA THR K 104 -40.44 -24.40 -11.64
C THR K 104 -41.22 -24.81 -12.87
N GLY K 105 -40.99 -26.05 -13.32
CA GLY K 105 -41.73 -26.60 -14.45
C GLY K 105 -43.18 -26.84 -14.09
N TYR K 106 -43.41 -27.29 -12.86
CA TYR K 106 -44.75 -27.54 -12.35
C TYR K 106 -45.55 -26.25 -12.27
N GLN K 107 -44.87 -25.17 -11.89
CA GLN K 107 -45.50 -23.85 -11.81
C GLN K 107 -45.86 -23.34 -13.19
N ASN K 108 -45.00 -23.63 -14.17
CA ASN K 108 -45.28 -23.26 -15.53
C ASN K 108 -46.46 -24.04 -16.11
N LEU K 109 -46.56 -25.34 -15.74
CA LEU K 109 -47.70 -26.19 -16.15
C LEU K 109 -49.01 -25.72 -15.55
N VAL K 110 -48.94 -25.16 -14.34
CA VAL K 110 -50.11 -24.58 -13.64
C VAL K 110 -50.64 -23.35 -14.38
N ARG K 111 -49.73 -22.53 -14.93
CA ARG K 111 -50.12 -21.37 -15.74
C ARG K 111 -50.64 -21.75 -17.12
N LEU K 112 -49.84 -22.52 -17.84
CA LEU K 112 -50.21 -23.03 -19.16
C LEU K 112 -51.61 -23.69 -19.18
N ALA K 113 -51.90 -24.48 -18.14
CA ALA K 113 -53.23 -25.08 -17.97
C ALA K 113 -54.31 -24.03 -17.69
N SER K 114 -53.97 -23.04 -16.86
CA SER K 114 -54.89 -21.96 -16.50
C SER K 114 -55.12 -20.99 -17.67
N ARG K 115 -54.07 -20.72 -18.44
CA ARG K 115 -54.19 -19.88 -19.62
C ARG K 115 -55.11 -20.56 -20.63
N ALA K 116 -54.96 -21.88 -20.80
CA ALA K 116 -55.71 -22.61 -21.83
C ALA K 116 -57.22 -22.54 -21.60
N TYR K 117 -57.63 -22.47 -20.33
CA TYR K 117 -59.05 -22.42 -20.01
C TYR K 117 -59.54 -21.00 -20.06
N LEU K 118 -58.83 -20.12 -19.37
CA LEU K 118 -59.27 -18.74 -19.20
C LEU K 118 -59.20 -17.93 -20.51
N GLU K 119 -58.08 -18.06 -21.24
CA GLU K 119 -57.85 -17.29 -22.47
C GLU K 119 -58.17 -18.10 -23.74
N GLY K 120 -57.42 -19.17 -23.97
CA GLY K 120 -57.50 -19.89 -25.24
C GLY K 120 -58.44 -21.09 -25.22
N PHE K 121 -59.71 -20.87 -24.84
CA PHE K 121 -60.73 -21.92 -24.86
C PHE K 121 -61.76 -21.69 -25.95
N TYR K 122 -61.85 -22.63 -26.88
CA TYR K 122 -62.79 -22.56 -28.01
C TYR K 122 -63.63 -23.86 -27.97
N GLU K 123 -63.01 -24.96 -28.40
CA GLU K 123 -63.63 -26.29 -28.33
C GLU K 123 -62.99 -27.10 -27.19
N LYS K 124 -61.66 -27.07 -27.17
CA LYS K 124 -60.85 -27.58 -26.07
C LYS K 124 -60.06 -26.42 -25.46
N PRO K 125 -59.40 -26.62 -24.30
CA PRO K 125 -58.52 -25.60 -23.72
C PRO K 125 -57.14 -25.56 -24.37
N ARG K 126 -56.95 -24.60 -25.25
CA ARG K 126 -55.79 -24.58 -26.13
C ARG K 126 -54.75 -23.55 -25.68
N ILE K 127 -53.50 -23.77 -26.06
CA ILE K 127 -52.40 -22.84 -25.77
C ILE K 127 -51.65 -22.43 -27.04
N ASP K 128 -50.60 -21.65 -26.89
CA ASP K 128 -49.74 -21.22 -28.01
C ASP K 128 -48.28 -21.61 -27.83
N ARG K 129 -47.55 -21.61 -28.95
CA ARG K 129 -46.07 -21.72 -28.94
C ARG K 129 -45.39 -20.44 -28.43
N GLU K 130 -46.11 -19.32 -28.49
CA GLU K 130 -45.67 -18.06 -27.91
C GLU K 130 -45.64 -18.12 -26.39
N ILE K 131 -46.73 -18.60 -25.78
CA ILE K 131 -46.81 -18.69 -24.30
C ILE K 131 -46.04 -19.91 -23.76
N LEU K 132 -45.90 -20.93 -24.60
CA LEU K 132 -45.03 -22.05 -24.27
C LEU K 132 -43.60 -21.57 -24.20
N ARG K 133 -43.23 -20.64 -25.09
CA ARG K 133 -41.90 -20.03 -25.09
C ARG K 133 -41.69 -19.28 -23.79
N GLU K 134 -42.73 -18.60 -23.31
CA GLU K 134 -42.69 -17.90 -22.03
C GLU K 134 -42.61 -18.85 -20.85
N HIS K 135 -43.45 -19.89 -20.87
CA HIS K 135 -43.51 -20.87 -19.78
C HIS K 135 -42.88 -22.20 -20.11
N ALA K 136 -41.69 -22.19 -20.73
CA ALA K 136 -40.98 -23.41 -21.08
C ALA K 136 -39.89 -23.77 -20.05
N GLN K 137 -39.68 -22.88 -19.09
CA GLN K 137 -38.67 -23.09 -18.06
C GLN K 137 -39.04 -24.29 -17.18
N GLY K 138 -38.19 -25.32 -17.20
CA GLY K 138 -38.38 -26.52 -16.37
C GLY K 138 -39.27 -27.59 -16.98
N LEU K 139 -39.59 -27.42 -18.27
CA LEU K 139 -40.42 -28.37 -19.00
C LEU K 139 -39.59 -29.26 -19.93
N ILE K 140 -39.95 -30.53 -19.99
CA ILE K 140 -39.41 -31.47 -20.97
C ILE K 140 -40.53 -31.65 -22.01
N ALA K 141 -40.21 -31.47 -23.29
CA ALA K 141 -41.19 -31.65 -24.38
C ALA K 141 -40.93 -32.89 -25.23
N LEU K 142 -42.00 -33.56 -25.63
CA LEU K 142 -41.94 -34.68 -26.54
C LEU K 142 -42.72 -34.29 -27.81
N SER K 143 -42.36 -34.86 -28.95
CA SER K 143 -42.97 -34.50 -30.24
C SER K 143 -44.50 -34.71 -30.32
N GLY K 144 -45.01 -35.69 -29.57
CA GLY K 144 -46.45 -35.94 -29.47
C GLY K 144 -46.94 -37.14 -30.26
N CYS K 145 -48.23 -37.43 -30.11
CA CYS K 145 -48.87 -38.52 -30.83
C CYS K 145 -49.15 -38.10 -32.28
N LEU K 146 -49.81 -38.97 -33.04
CA LEU K 146 -50.12 -38.70 -34.44
C LEU K 146 -50.88 -37.40 -34.62
N GLY K 147 -51.64 -37.01 -33.61
CA GLY K 147 -52.36 -35.72 -33.63
C GLY K 147 -51.50 -34.49 -33.42
N ALA K 148 -50.19 -34.69 -33.21
CA ALA K 148 -49.26 -33.61 -32.91
C ALA K 148 -48.92 -32.79 -34.13
N GLU K 149 -48.09 -31.75 -33.93
CA GLU K 149 -47.77 -30.76 -34.99
C GLU K 149 -46.81 -31.30 -36.07
N ILE K 150 -45.67 -31.85 -35.63
CA ILE K 150 -44.69 -32.44 -36.55
C ILE K 150 -45.20 -33.71 -37.27
N PRO K 151 -45.75 -34.68 -36.53
CA PRO K 151 -46.24 -35.90 -37.19
C PRO K 151 -47.49 -35.73 -38.06
N GLN K 152 -48.21 -34.62 -37.94
CA GLN K 152 -49.33 -34.36 -38.83
C GLN K 152 -48.83 -33.72 -40.12
N PHE K 153 -47.87 -32.81 -39.97
CA PHE K 153 -47.25 -32.14 -41.12
C PHE K 153 -46.53 -33.14 -42.05
N ILE K 154 -46.07 -34.24 -41.45
CA ILE K 154 -45.38 -35.30 -42.19
C ILE K 154 -46.36 -36.11 -43.04
N LEU K 155 -47.59 -36.30 -42.53
CA LEU K 155 -48.62 -37.05 -43.24
C LEU K 155 -49.15 -36.28 -44.45
N GLN K 156 -49.07 -34.95 -44.39
CA GLN K 156 -49.48 -34.10 -45.51
C GLN K 156 -48.42 -34.02 -46.63
N ASP K 157 -47.37 -34.84 -46.53
CA ASP K 157 -46.21 -34.83 -47.44
C ASP K 157 -45.47 -33.49 -47.45
N ARG K 158 -45.41 -32.85 -46.27
CA ARG K 158 -44.77 -31.53 -46.10
C ARG K 158 -43.61 -31.61 -45.10
N LEU K 159 -42.47 -32.11 -45.59
CA LEU K 159 -41.28 -32.26 -44.77
C LEU K 159 -40.63 -30.93 -44.44
N ASP K 160 -40.87 -29.94 -45.29
CA ASP K 160 -40.27 -28.61 -45.12
C ASP K 160 -40.85 -27.81 -43.94
N LEU K 161 -42.14 -27.98 -43.67
CA LEU K 161 -42.82 -27.27 -42.58
C LEU K 161 -42.59 -27.93 -41.22
N ALA K 162 -42.53 -29.25 -41.21
CA ALA K 162 -42.26 -30.02 -39.99
C ALA K 162 -40.83 -29.79 -39.48
N GLU K 163 -39.87 -29.62 -40.40
CA GLU K 163 -38.51 -29.27 -40.01
C GLU K 163 -38.48 -27.88 -39.34
N ALA K 164 -39.10 -26.89 -39.97
CA ALA K 164 -39.10 -25.54 -39.44
C ALA K 164 -39.90 -25.48 -38.13
N ARG K 165 -40.91 -26.35 -38.01
CA ARG K 165 -41.68 -26.48 -36.78
C ARG K 165 -40.87 -27.17 -35.69
N LEU K 166 -40.02 -28.12 -36.10
CA LEU K 166 -39.04 -28.69 -35.19
C LEU K 166 -37.98 -27.65 -34.76
N ASN K 167 -37.61 -26.77 -35.69
CA ASN K 167 -36.69 -25.68 -35.38
C ASN K 167 -37.30 -24.69 -34.39
N GLU K 168 -38.60 -24.48 -34.51
CA GLU K 168 -39.33 -23.58 -33.60
C GLU K 168 -39.42 -24.13 -32.16
N ASP K 169 -39.66 -25.43 -32.05
CA ASP K 169 -39.69 -26.10 -30.76
C ASP K 169 -38.27 -26.22 -30.18
N LEU K 170 -37.30 -26.53 -31.05
CA LEU K 170 -35.87 -26.60 -30.67
C LEU K 170 -35.30 -25.25 -30.23
N SER K 171 -35.89 -24.16 -30.70
CA SER K 171 -35.59 -22.81 -30.22
C SER K 171 -36.17 -22.53 -28.82
N ILE K 172 -37.32 -23.12 -28.53
CA ILE K 172 -37.97 -22.95 -27.23
C ILE K 172 -37.30 -23.84 -26.18
N PHE K 173 -37.43 -25.15 -26.33
CA PHE K 173 -36.97 -26.12 -25.30
C PHE K 173 -35.48 -26.43 -25.32
N GLY K 174 -34.87 -26.35 -26.51
CA GLY K 174 -33.45 -26.60 -26.64
C GLY K 174 -33.18 -28.09 -26.52
N ASP K 175 -32.32 -28.45 -25.57
CA ASP K 175 -31.98 -29.85 -25.30
C ASP K 175 -33.06 -30.56 -24.48
N ARG K 176 -34.08 -29.81 -24.06
CA ARG K 176 -35.25 -30.37 -23.34
C ARG K 176 -36.36 -30.87 -24.26
N PHE K 177 -36.12 -30.85 -25.57
CA PHE K 177 -37.04 -31.41 -26.56
C PHE K 177 -36.62 -32.83 -26.95
N PHE K 178 -37.60 -33.66 -27.30
CA PHE K 178 -37.34 -35.06 -27.64
C PHE K 178 -38.27 -35.55 -28.74
N ILE K 179 -37.88 -36.64 -29.40
CA ILE K 179 -38.72 -37.24 -30.43
C ILE K 179 -39.53 -38.37 -29.82
N GLU K 180 -40.84 -38.16 -29.75
CA GLU K 180 -41.75 -39.18 -29.22
C GLU K 180 -42.04 -40.25 -30.28
N ILE K 181 -41.65 -41.49 -29.98
CA ILE K 181 -41.82 -42.60 -30.89
C ILE K 181 -42.72 -43.64 -30.27
N GLN K 182 -43.96 -43.72 -30.76
CA GLN K 182 -44.97 -44.68 -30.30
C GLN K 182 -45.50 -45.49 -31.48
N ASN K 183 -45.56 -46.81 -31.33
CA ASN K 183 -45.99 -47.68 -32.42
C ASN K 183 -47.10 -48.65 -32.00
N HIS K 184 -48.25 -48.50 -32.65
CA HIS K 184 -49.34 -49.44 -32.53
C HIS K 184 -49.46 -50.07 -33.88
N GLY K 185 -50.66 -50.46 -34.31
CA GLY K 185 -50.85 -51.09 -35.61
C GLY K 185 -50.84 -50.19 -36.85
N LEU K 186 -50.78 -48.87 -36.64
CA LEU K 186 -51.08 -47.88 -37.68
C LEU K 186 -50.07 -47.86 -38.84
N PRO K 187 -50.57 -47.83 -40.09
CA PRO K 187 -49.65 -47.68 -41.21
C PRO K 187 -49.13 -46.27 -41.33
N GLU K 188 -49.83 -45.31 -40.70
CA GLU K 188 -49.39 -43.91 -40.68
C GLU K 188 -48.16 -43.71 -39.80
N GLN K 189 -48.00 -44.57 -38.80
CA GLN K 189 -46.83 -44.51 -37.93
C GLN K 189 -45.56 -44.94 -38.65
N LYS K 190 -45.66 -45.89 -39.58
CA LYS K 190 -44.52 -46.26 -40.43
C LYS K 190 -44.00 -45.00 -41.16
N LYS K 191 -44.91 -44.30 -41.82
CA LYS K 191 -44.58 -43.06 -42.52
C LYS K 191 -43.90 -42.07 -41.57
N VAL K 192 -44.50 -41.87 -40.41
CA VAL K 192 -44.05 -40.83 -39.50
C VAL K 192 -42.76 -41.22 -38.80
N ASN K 193 -42.75 -42.39 -38.15
CA ASN K 193 -41.59 -42.86 -37.36
C ASN K 193 -40.30 -42.97 -38.19
N GLN K 194 -40.43 -43.33 -39.46
CA GLN K 194 -39.28 -43.46 -40.37
C GLN K 194 -38.57 -42.13 -40.55
N VAL K 195 -39.35 -41.08 -40.80
CA VAL K 195 -38.83 -39.74 -41.06
C VAL K 195 -38.47 -39.03 -39.76
N LEU K 196 -39.22 -39.30 -38.70
CA LEU K 196 -38.87 -38.80 -37.36
C LEU K 196 -37.46 -39.26 -36.97
N LYS K 197 -37.13 -40.48 -37.35
CA LYS K 197 -35.81 -41.06 -37.07
C LYS K 197 -34.72 -40.20 -37.70
N GLU K 198 -34.98 -39.70 -38.92
CA GLU K 198 -34.05 -38.82 -39.66
C GLU K 198 -33.85 -37.47 -38.96
N PHE K 199 -34.93 -36.88 -38.48
CA PHE K 199 -34.82 -35.67 -37.65
C PHE K 199 -34.02 -35.93 -36.37
N ALA K 200 -34.23 -37.09 -35.76
CA ALA K 200 -33.52 -37.47 -34.52
C ALA K 200 -32.02 -37.64 -34.76
N ARG K 201 -31.66 -38.18 -35.92
CA ARG K 201 -30.27 -38.44 -36.30
C ARG K 201 -29.57 -37.24 -36.91
N LYS K 202 -30.32 -36.34 -37.54
CA LYS K 202 -29.74 -35.13 -38.10
C LYS K 202 -29.34 -34.17 -36.98
N TYR K 203 -30.32 -33.77 -36.18
CA TYR K 203 -30.09 -32.77 -35.13
C TYR K 203 -29.45 -33.34 -33.87
N GLY K 204 -29.64 -34.63 -33.64
CA GLY K 204 -29.09 -35.28 -32.46
C GLY K 204 -29.87 -34.88 -31.22
N LEU K 205 -31.17 -35.19 -31.24
CA LEU K 205 -32.07 -34.84 -30.17
C LEU K 205 -32.30 -35.97 -29.17
N GLY K 206 -32.24 -37.22 -29.64
CA GLY K 206 -32.53 -38.37 -28.78
C GLY K 206 -34.00 -38.70 -28.80
N MET K 207 -34.32 -39.99 -28.77
CA MET K 207 -35.68 -40.50 -28.94
C MET K 207 -36.19 -41.09 -27.63
N VAL K 208 -37.50 -40.95 -27.38
CA VAL K 208 -38.14 -41.51 -26.19
C VAL K 208 -39.37 -42.32 -26.57
N ALA K 209 -39.48 -43.54 -26.05
CA ALA K 209 -40.58 -44.45 -26.40
C ALA K 209 -41.76 -44.26 -25.46
N THR K 210 -42.96 -44.36 -26.04
CA THR K 210 -44.21 -44.21 -25.30
C THR K 210 -45.30 -45.03 -26.00
N ASN K 211 -46.45 -45.19 -25.34
CA ASN K 211 -47.58 -45.97 -25.89
C ASN K 211 -48.95 -45.28 -25.92
N ASP K 212 -49.05 -44.11 -25.25
CA ASP K 212 -50.27 -43.28 -25.26
C ASP K 212 -51.47 -44.05 -24.70
N GLY K 213 -51.29 -44.60 -23.50
CA GLY K 213 -52.29 -45.50 -22.94
C GLY K 213 -53.47 -44.74 -22.38
N HIS K 214 -54.67 -45.23 -22.66
CA HIS K 214 -55.91 -44.66 -22.11
C HIS K 214 -56.53 -45.59 -21.07
N TYR K 215 -56.13 -46.86 -21.09
CA TYR K 215 -56.63 -47.86 -20.13
C TYR K 215 -55.49 -48.69 -19.54
N VAL K 216 -55.81 -49.47 -18.51
CA VAL K 216 -54.79 -50.23 -17.79
C VAL K 216 -54.29 -51.47 -18.56
N ARG K 217 -55.15 -52.47 -18.76
CA ARG K 217 -54.77 -53.72 -19.41
C ARG K 217 -55.43 -53.86 -20.77
N LYS K 218 -54.99 -54.85 -21.57
CA LYS K 218 -55.57 -55.08 -22.91
C LYS K 218 -57.06 -55.51 -22.88
N GLU K 219 -57.46 -56.17 -21.80
CA GLU K 219 -58.84 -56.63 -21.65
C GLU K 219 -59.84 -55.48 -21.41
N ASP K 220 -59.34 -54.30 -21.06
CA ASP K 220 -60.17 -53.10 -20.90
C ASP K 220 -60.68 -52.56 -22.25
N ALA K 221 -60.09 -53.02 -23.35
CA ALA K 221 -60.38 -52.51 -24.72
C ALA K 221 -61.85 -52.20 -24.95
N ARG K 222 -62.72 -53.16 -24.65
CA ARG K 222 -64.17 -52.95 -24.80
C ARG K 222 -64.78 -52.04 -23.71
N ALA K 223 -64.24 -52.12 -22.50
CA ALA K 223 -64.66 -51.24 -21.41
C ALA K 223 -64.42 -49.79 -21.81
N HIS K 224 -63.26 -49.53 -22.40
CA HIS K 224 -62.94 -48.20 -22.90
C HIS K 224 -63.79 -47.81 -24.10
N GLU K 225 -64.01 -48.78 -24.99
CA GLU K 225 -64.82 -48.57 -26.22
C GLU K 225 -66.27 -48.22 -25.89
N VAL K 226 -66.83 -48.82 -24.83
CA VAL K 226 -68.20 -48.50 -24.40
C VAL K 226 -68.26 -47.12 -23.76
N LEU K 227 -67.15 -46.71 -23.14
CA LEU K 227 -67.05 -45.38 -22.54
C LEU K 227 -67.02 -44.31 -23.63
N LEU K 228 -66.43 -44.64 -24.78
CA LEU K 228 -66.51 -43.73 -25.91
C LEU K 228 -67.96 -43.61 -26.44
N ALA K 229 -68.70 -44.72 -26.44
CA ALA K 229 -70.12 -44.76 -26.88
C ALA K 229 -71.11 -44.03 -25.94
N ILE K 230 -70.69 -43.86 -24.68
CA ILE K 230 -71.45 -43.11 -23.68
C ILE K 230 -71.34 -41.60 -23.90
N GLN K 231 -70.15 -41.13 -24.25
CA GLN K 231 -69.95 -39.71 -24.60
C GLN K 231 -70.51 -39.36 -25.99
N SER K 232 -70.46 -40.33 -26.89
CA SER K 232 -71.03 -40.19 -28.24
C SER K 232 -72.53 -40.46 -28.29
N LYS K 233 -73.03 -41.14 -27.26
CA LYS K 233 -74.47 -41.42 -27.12
C LYS K 233 -75.03 -42.17 -28.33
N THR K 234 -74.51 -43.39 -28.52
CA THR K 234 -74.89 -44.23 -29.65
C THR K 234 -74.89 -45.71 -29.24
N THR K 235 -75.48 -46.55 -30.09
CA THR K 235 -75.53 -47.99 -29.87
C THR K 235 -74.16 -48.62 -30.16
N LEU K 236 -73.97 -49.86 -29.71
CA LEU K 236 -72.76 -50.64 -29.99
C LEU K 236 -72.50 -50.82 -31.50
N ASP K 237 -73.57 -50.85 -32.30
CA ASP K 237 -73.46 -50.91 -33.75
C ASP K 237 -74.31 -49.79 -34.35
N ASP K 238 -73.75 -48.59 -34.41
CA ASP K 238 -74.49 -47.39 -34.80
C ASP K 238 -74.85 -47.34 -36.30
N PRO K 239 -73.83 -47.34 -37.22
CA PRO K 239 -72.38 -47.26 -37.04
C PRO K 239 -71.92 -45.81 -37.14
N GLU K 240 -70.62 -45.59 -37.36
CA GLU K 240 -70.02 -44.25 -37.45
C GLU K 240 -69.91 -43.64 -36.05
N ARG K 241 -69.60 -44.49 -35.07
CA ARG K 241 -69.52 -44.08 -33.67
C ARG K 241 -68.08 -43.73 -33.28
N TRP K 242 -67.95 -42.95 -32.21
CA TRP K 242 -66.64 -42.48 -31.74
C TRP K 242 -65.83 -43.68 -31.37
N ARG K 243 -64.94 -44.08 -32.29
CA ARG K 243 -64.12 -45.28 -32.13
C ARG K 243 -62.63 -44.97 -32.08
N PHE K 244 -61.88 -45.84 -31.42
CA PHE K 244 -60.42 -45.81 -31.44
C PHE K 244 -59.96 -46.85 -32.45
N PRO K 245 -58.84 -46.59 -33.14
CA PRO K 245 -58.39 -47.45 -34.25
C PRO K 245 -58.03 -48.91 -33.89
N CYS K 246 -57.87 -49.21 -32.59
CA CYS K 246 -57.42 -50.54 -32.16
C CYS K 246 -57.71 -50.79 -30.69
N ASP K 247 -57.07 -51.84 -30.16
CA ASP K 247 -57.14 -52.21 -28.75
C ASP K 247 -55.74 -52.29 -28.11
N GLU K 248 -54.79 -51.51 -28.66
CA GLU K 248 -53.38 -51.56 -28.22
C GLU K 248 -52.99 -50.37 -27.34
N PHE K 249 -54.00 -49.59 -26.92
CA PHE K 249 -53.76 -48.39 -26.12
C PHE K 249 -53.81 -48.68 -24.63
N TYR K 250 -52.88 -49.51 -24.16
CA TYR K 250 -52.83 -49.89 -22.73
C TYR K 250 -51.41 -49.86 -22.16
N VAL K 251 -51.31 -49.98 -20.84
CA VAL K 251 -50.01 -50.00 -20.16
C VAL K 251 -49.27 -51.33 -20.43
N LYS K 252 -48.48 -51.34 -21.51
CA LYS K 252 -47.74 -52.54 -21.95
C LYS K 252 -46.51 -52.87 -21.12
N THR K 253 -46.10 -54.14 -21.16
CA THR K 253 -44.90 -54.63 -20.48
C THR K 253 -43.66 -54.18 -21.25
N PRO K 254 -42.56 -53.84 -20.53
CA PRO K 254 -41.30 -53.52 -21.21
C PRO K 254 -40.93 -54.50 -22.33
N GLU K 255 -41.16 -55.79 -22.09
CA GLU K 255 -40.93 -56.81 -23.09
C GLU K 255 -41.91 -56.63 -24.25
N GLU K 256 -43.14 -56.28 -23.93
CA GLU K 256 -44.21 -56.13 -24.92
C GLU K 256 -44.01 -54.93 -25.83
N MET K 257 -43.24 -53.94 -25.36
CA MET K 257 -42.94 -52.77 -26.16
C MET K 257 -42.02 -53.11 -27.34
N ARG K 258 -41.13 -54.07 -27.15
CA ARG K 258 -40.20 -54.50 -28.20
C ARG K 258 -40.91 -55.20 -29.36
N ALA K 259 -42.07 -55.81 -29.07
CA ALA K 259 -42.90 -56.43 -30.11
C ALA K 259 -43.31 -55.39 -31.13
N MET K 260 -43.70 -54.21 -30.65
CA MET K 260 -44.06 -53.08 -31.52
C MET K 260 -42.80 -52.38 -32.08
N LEU K 261 -41.76 -52.29 -31.26
CA LEU K 261 -40.49 -51.62 -31.63
C LEU K 261 -39.31 -52.63 -31.67
N PRO K 262 -39.09 -53.28 -32.84
CA PRO K 262 -38.04 -54.28 -32.98
C PRO K 262 -36.66 -53.80 -32.51
N GLU K 263 -35.82 -54.75 -32.12
CA GLU K 263 -34.52 -54.43 -31.55
C GLU K 263 -33.50 -54.11 -32.63
N ALA K 264 -33.47 -54.90 -33.69
CA ALA K 264 -32.52 -54.70 -34.81
C ALA K 264 -33.06 -53.66 -35.82
N GLU K 265 -33.43 -52.50 -35.29
CA GLU K 265 -34.06 -51.43 -36.06
C GLU K 265 -34.12 -50.14 -35.21
N TRP K 266 -34.59 -50.26 -33.97
CA TRP K 266 -34.62 -49.12 -33.03
C TRP K 266 -33.45 -49.11 -32.08
N GLY K 267 -33.23 -50.24 -31.42
CA GLY K 267 -32.12 -50.38 -30.49
C GLY K 267 -32.62 -50.20 -29.08
N ASP K 268 -31.75 -49.67 -28.22
CA ASP K 268 -32.05 -49.49 -26.79
C ASP K 268 -32.21 -48.02 -26.37
N GLU K 269 -31.92 -47.08 -27.26
CA GLU K 269 -31.95 -45.64 -26.93
C GLU K 269 -33.34 -45.08 -26.60
N PRO K 270 -34.39 -45.55 -27.29
CA PRO K 270 -35.75 -45.16 -26.92
C PRO K 270 -36.17 -45.67 -25.55
N PHE K 271 -35.72 -46.89 -25.20
CA PHE K 271 -36.09 -47.54 -23.94
C PHE K 271 -35.33 -46.91 -22.77
N ASP K 272 -34.04 -46.68 -22.96
CA ASP K 272 -33.19 -46.16 -21.89
C ASP K 272 -33.48 -44.71 -21.56
N ASN K 273 -33.72 -43.91 -22.59
CA ASN K 273 -34.09 -42.50 -22.39
C ASN K 273 -35.37 -42.37 -21.57
N THR K 274 -36.28 -43.32 -21.72
CA THR K 274 -37.54 -43.33 -20.99
C THR K 274 -37.29 -43.36 -19.48
N VAL K 275 -36.33 -44.16 -19.04
CA VAL K 275 -35.98 -44.27 -17.60
C VAL K 275 -35.11 -43.10 -17.10
N GLU K 276 -34.31 -42.52 -18.01
CA GLU K 276 -33.44 -41.42 -17.64
C GLU K 276 -34.21 -40.14 -17.38
N ILE K 277 -35.23 -39.89 -18.20
CA ILE K 277 -36.06 -38.70 -18.06
C ILE K 277 -36.96 -38.82 -16.84
N ALA K 278 -37.45 -40.03 -16.60
CA ALA K 278 -38.23 -40.35 -15.40
C ALA K 278 -37.45 -40.13 -14.09
N ARG K 279 -36.16 -40.43 -14.13
CA ARG K 279 -35.26 -40.20 -12.99
C ARG K 279 -35.01 -38.70 -12.73
N MET K 280 -34.86 -37.94 -13.82
CA MET K 280 -34.52 -36.51 -13.75
C MET K 280 -35.71 -35.60 -13.45
N CYS K 281 -36.93 -36.13 -13.53
CA CYS K 281 -38.14 -35.37 -13.21
C CYS K 281 -38.35 -35.27 -11.69
N ASP K 282 -37.57 -34.41 -11.03
CA ASP K 282 -37.66 -34.27 -9.58
C ASP K 282 -38.67 -33.18 -9.23
N VAL K 283 -39.96 -33.55 -9.30
CA VAL K 283 -41.04 -32.62 -8.99
C VAL K 283 -41.58 -32.92 -7.58
N ASP K 284 -41.13 -32.16 -6.59
CA ASP K 284 -41.67 -32.27 -5.24
C ASP K 284 -42.62 -31.10 -5.01
N LEU K 285 -43.90 -31.38 -4.98
CA LEU K 285 -44.86 -30.38 -4.55
C LEU K 285 -44.56 -30.13 -3.05
N PRO K 286 -44.76 -28.90 -2.57
CA PRO K 286 -44.50 -28.62 -1.17
C PRO K 286 -45.52 -29.25 -0.23
N ILE K 287 -45.25 -30.47 0.21
CA ILE K 287 -46.14 -31.17 1.14
C ILE K 287 -45.35 -32.12 2.04
N GLY K 288 -45.89 -32.40 3.23
CA GLY K 288 -45.23 -33.26 4.21
C GLY K 288 -44.48 -32.40 5.22
N ASP K 289 -43.27 -32.83 5.58
CA ASP K 289 -42.36 -32.01 6.38
C ASP K 289 -42.06 -30.72 5.64
N LYS K 290 -42.30 -30.73 4.33
CA LYS K 290 -42.29 -29.52 3.54
C LYS K 290 -43.62 -28.82 3.78
N MET K 291 -44.15 -28.20 2.73
CA MET K 291 -45.44 -27.48 2.71
C MET K 291 -45.73 -26.24 3.56
N VAL K 292 -45.14 -25.11 3.23
CA VAL K 292 -45.42 -23.85 3.93
C VAL K 292 -46.78 -23.25 3.65
N TYR K 293 -47.22 -22.43 4.62
CA TYR K 293 -48.48 -21.73 4.60
C TYR K 293 -48.38 -20.45 3.84
N ARG K 294 -49.09 -20.37 2.74
CA ARG K 294 -49.21 -19.12 2.06
C ARG K 294 -50.44 -18.57 2.70
N ILE K 295 -50.20 -17.70 3.67
CA ILE K 295 -51.22 -17.00 4.42
C ILE K 295 -50.98 -15.52 4.36
N PRO K 296 -52.10 -14.72 4.04
CA PRO K 296 -51.82 -13.29 4.02
C PRO K 296 -51.78 -12.56 5.34
N ARG K 297 -51.15 -11.41 5.34
CA ARG K 297 -51.08 -10.54 6.48
C ARG K 297 -52.38 -9.95 6.93
N PHE K 298 -53.18 -9.52 5.97
CA PHE K 298 -54.17 -8.46 6.06
C PHE K 298 -53.39 -7.19 5.76
N PRO K 299 -54.07 -5.96 5.89
CA PRO K 299 -53.21 -4.80 5.65
C PRO K 299 -52.70 -4.21 6.95
N LEU K 300 -53.20 -3.06 7.38
CA LEU K 300 -52.72 -2.44 8.62
C LEU K 300 -53.81 -1.50 9.19
N PRO K 301 -53.65 -1.07 10.45
CA PRO K 301 -54.71 -0.32 11.13
C PRO K 301 -55.35 0.86 10.38
N GLU K 302 -54.74 2.03 10.11
CA GLU K 302 -53.42 2.57 10.56
C GLU K 302 -52.20 1.66 10.39
N GLY K 303 -51.37 1.53 11.42
CA GLY K 303 -50.09 0.82 11.34
C GLY K 303 -49.56 0.33 12.68
N ARG K 304 -49.85 -0.93 13.01
CA ARG K 304 -49.41 -1.58 14.26
C ARG K 304 -49.09 -3.06 14.00
N THR K 305 -48.60 -3.78 15.01
CA THR K 305 -48.20 -5.18 14.82
C THR K 305 -49.43 -6.05 14.55
N GLU K 306 -49.23 -7.13 13.80
CA GLU K 306 -50.30 -8.08 13.46
C GLU K 306 -51.03 -8.59 14.72
N ALA K 307 -50.27 -9.01 15.72
CA ALA K 307 -50.84 -9.44 17.00
C ALA K 307 -51.42 -8.25 17.79
N GLN K 308 -50.78 -7.09 17.68
CA GLN K 308 -51.17 -5.90 18.41
C GLN K 308 -52.54 -5.39 17.96
N TYR K 309 -52.81 -5.46 16.65
CA TYR K 309 -54.09 -4.98 16.11
C TYR K 309 -55.25 -5.92 16.42
N LEU K 310 -54.93 -7.21 16.58
CA LEU K 310 -55.92 -8.19 17.01
C LEU K 310 -56.29 -7.89 18.44
N ARG K 311 -55.29 -7.61 19.27
CA ARG K 311 -55.52 -7.26 20.66
C ARG K 311 -56.39 -6.00 20.78
N GLU K 312 -56.02 -4.95 20.06
CA GLU K 312 -56.83 -3.72 20.02
C GLU K 312 -58.30 -3.97 19.73
N LEU K 313 -58.57 -4.72 18.67
CA LEU K 313 -59.95 -4.99 18.28
C LEU K 313 -60.66 -5.90 19.26
N THR K 314 -59.91 -6.72 20.00
CA THR K 314 -60.51 -7.52 21.07
C THR K 314 -60.89 -6.62 22.24
N PHE K 315 -59.94 -5.78 22.68
CA PHE K 315 -60.19 -4.94 23.84
C PHE K 315 -61.33 -3.95 23.57
N LEU K 316 -61.44 -3.47 22.35
CA LEU K 316 -62.52 -2.57 22.02
C LEU K 316 -63.82 -3.33 21.95
N GLY K 317 -63.73 -4.60 21.57
CA GLY K 317 -64.89 -5.47 21.42
C GLY K 317 -65.55 -5.84 22.73
N LEU K 318 -64.74 -6.11 23.74
CA LEU K 318 -65.25 -6.40 25.08
C LEU K 318 -66.09 -5.24 25.66
N LEU K 319 -65.73 -4.01 25.31
CA LEU K 319 -66.39 -2.84 25.89
C LEU K 319 -67.87 -2.78 25.52
N ARG K 320 -68.16 -3.09 24.24
CA ARG K 320 -69.51 -3.00 23.67
C ARG K 320 -70.38 -4.16 24.06
N ARG K 321 -69.78 -5.35 24.13
CA ARG K 321 -70.51 -6.60 24.46
C ARG K 321 -70.72 -6.79 25.96
N TYR K 322 -69.81 -6.28 26.77
CA TYR K 322 -69.94 -6.30 28.23
C TYR K 322 -69.94 -4.88 28.82
N PRO K 323 -71.03 -4.09 28.60
CA PRO K 323 -71.08 -2.69 29.00
C PRO K 323 -71.13 -2.46 30.50
N ASP K 324 -71.88 -3.31 31.20
CA ASP K 324 -72.05 -3.23 32.65
C ASP K 324 -70.81 -3.76 33.37
N ARG K 325 -70.05 -4.63 32.72
CA ARG K 325 -68.93 -5.31 33.35
C ARG K 325 -67.60 -4.59 33.04
N ILE K 326 -67.27 -4.44 31.77
CA ILE K 326 -66.02 -3.77 31.34
C ILE K 326 -66.24 -2.34 30.80
N THR K 327 -65.86 -1.36 31.61
CA THR K 327 -66.15 0.04 31.30
C THR K 327 -64.83 0.77 31.13
N GLU K 328 -64.91 2.06 30.82
CA GLU K 328 -63.72 2.90 30.68
C GLU K 328 -62.95 2.91 32.01
N ALA K 329 -63.69 3.04 33.11
CA ALA K 329 -63.10 3.03 34.44
C ALA K 329 -62.24 1.78 34.69
N PHE K 330 -62.71 0.63 34.20
CA PHE K 330 -62.08 -0.66 34.51
C PHE K 330 -60.72 -0.86 33.84
N TYR K 331 -60.62 -0.41 32.60
CA TYR K 331 -59.38 -0.47 31.88
C TYR K 331 -58.39 0.45 32.56
N ARG K 332 -58.86 1.61 33.01
CA ARG K 332 -57.97 2.61 33.66
C ARG K 332 -57.27 2.01 34.89
N GLU K 333 -58.03 1.30 35.72
CA GLU K 333 -57.47 0.54 36.87
C GLU K 333 -56.39 -0.47 36.51
N VAL K 334 -56.58 -1.18 35.39
CA VAL K 334 -55.62 -2.17 34.90
C VAL K 334 -54.34 -1.47 34.37
N LEU K 335 -54.52 -0.36 33.67
CA LEU K 335 -53.37 0.37 33.11
C LEU K 335 -52.63 1.08 34.23
N ARG K 336 -53.40 1.54 35.21
CA ARG K 336 -52.87 2.24 36.39
C ARG K 336 -52.16 1.27 37.35
N LEU K 337 -52.54 -0.01 37.31
CA LEU K 337 -51.86 -1.05 38.07
C LEU K 337 -50.42 -1.25 37.62
N LEU K 338 -50.17 -1.01 36.33
CA LEU K 338 -48.82 -1.01 35.79
C LEU K 338 -48.39 0.44 35.58
N ASP K 346 -60.11 9.14 26.34
CA ASP K 346 -60.84 8.54 25.21
C ASP K 346 -60.91 7.02 25.34
N GLU K 347 -62.01 6.42 24.89
CA GLU K 347 -62.18 4.96 24.97
C GLU K 347 -61.20 4.19 24.07
N ARG K 348 -60.88 4.75 22.90
CA ARG K 348 -59.96 4.13 21.94
C ARG K 348 -58.49 4.16 22.44
N ALA K 349 -58.16 5.21 23.18
CA ALA K 349 -56.81 5.40 23.71
C ALA K 349 -56.40 4.32 24.71
N LEU K 350 -57.38 3.84 25.47
CA LEU K 350 -57.16 2.83 26.49
C LEU K 350 -56.84 1.45 25.88
N ALA K 351 -57.68 0.98 24.97
CA ALA K 351 -57.50 -0.35 24.33
C ALA K 351 -56.23 -0.35 23.47
N GLU K 352 -55.93 0.81 22.88
CA GLU K 352 -54.73 1.01 22.08
C GLU K 352 -53.50 0.86 22.97
N ALA K 353 -53.57 1.44 24.16
CA ALA K 353 -52.52 1.29 25.15
C ALA K 353 -52.40 -0.15 25.67
N LEU K 354 -53.52 -0.84 25.84
CA LEU K 354 -53.54 -2.24 26.31
C LEU K 354 -52.79 -3.22 25.40
N ALA K 355 -52.96 -3.05 24.10
CA ALA K 355 -52.30 -3.89 23.09
C ALA K 355 -50.78 -3.76 23.10
N ARG K 356 -50.28 -2.58 23.49
CA ARG K 356 -48.85 -2.26 23.47
C ARG K 356 -48.06 -2.90 24.64
N VAL K 357 -48.77 -3.26 25.71
CA VAL K 357 -48.20 -3.95 26.87
C VAL K 357 -47.70 -5.34 26.46
N GLU K 358 -46.56 -5.78 26.99
CA GLU K 358 -45.94 -7.08 26.58
C GLU K 358 -46.18 -8.22 27.58
N GLU K 359 -46.07 -9.44 27.08
CA GLU K 359 -46.52 -10.68 27.76
C GLU K 359 -45.89 -10.98 29.13
N LYS K 360 -44.72 -10.40 29.38
CA LYS K 360 -44.08 -10.53 30.70
C LYS K 360 -44.77 -9.69 31.78
N ALA K 361 -45.55 -8.68 31.36
CA ALA K 361 -46.29 -7.83 32.29
C ALA K 361 -47.52 -8.50 32.87
N TRP K 362 -48.20 -9.33 32.09
CA TRP K 362 -49.47 -9.93 32.52
C TRP K 362 -49.37 -11.00 33.56
N GLU K 363 -48.30 -11.79 33.50
CA GLU K 363 -48.13 -12.92 34.41
C GLU K 363 -47.94 -12.49 35.87
N GLU K 364 -47.57 -11.22 36.07
CA GLU K 364 -47.49 -10.64 37.43
C GLU K 364 -48.89 -10.41 38.01
N LEU K 365 -49.80 -9.86 37.20
CA LEU K 365 -51.16 -9.55 37.63
C LEU K 365 -51.99 -10.82 37.88
N ARG K 366 -51.86 -11.79 36.98
CA ARG K 366 -52.48 -13.12 37.12
C ARG K 366 -52.56 -13.57 38.58
N LYS K 367 -51.39 -13.70 39.21
CA LYS K 367 -51.30 -14.12 40.61
C LYS K 367 -51.46 -12.94 41.56
N GLU K 377 -68.66 -17.54 39.15
CA GLU K 377 -69.23 -16.44 38.38
C GLU K 377 -68.18 -15.69 37.56
N TRP K 378 -68.58 -15.23 36.38
CA TRP K 378 -67.66 -14.55 35.45
C TRP K 378 -67.47 -13.12 35.85
N THR K 379 -66.62 -12.93 36.86
CA THR K 379 -66.25 -11.58 37.31
C THR K 379 -65.53 -10.77 36.19
N ALA K 380 -65.44 -9.45 36.38
CA ALA K 380 -64.78 -8.55 35.40
C ALA K 380 -63.31 -8.89 35.10
N GLU K 381 -62.55 -9.22 36.13
CA GLU K 381 -61.15 -9.62 35.97
C GLU K 381 -61.01 -10.99 35.26
N ALA K 382 -62.04 -11.85 35.40
CA ALA K 382 -62.04 -13.20 34.81
C ALA K 382 -62.22 -13.07 33.33
N ILE K 383 -63.04 -12.09 32.95
CA ILE K 383 -63.32 -11.83 31.55
C ILE K 383 -62.02 -11.47 30.87
N LEU K 384 -61.22 -10.61 31.52
CA LEU K 384 -59.90 -10.21 31.01
C LEU K 384 -58.97 -11.38 30.83
N HIS K 385 -58.81 -12.17 31.88
CA HIS K 385 -57.94 -13.34 31.83
C HIS K 385 -58.31 -14.32 30.73
N ARG K 386 -59.61 -14.51 30.51
CA ARG K 386 -60.07 -15.37 29.43
C ARG K 386 -59.63 -14.79 28.10
N ALA K 387 -59.88 -13.50 27.91
CA ALA K 387 -59.53 -12.77 26.68
C ALA K 387 -58.05 -12.71 26.41
N LEU K 388 -57.27 -12.58 27.48
CA LEU K 388 -55.80 -12.46 27.40
C LEU K 388 -55.11 -13.81 27.16
N TYR K 389 -55.57 -14.84 27.88
CA TYR K 389 -55.08 -16.21 27.67
C TYR K 389 -55.29 -16.70 26.24
N GLU K 390 -56.41 -16.31 25.63
CA GLU K 390 -56.70 -16.69 24.25
C GLU K 390 -55.75 -15.98 23.30
N LEU K 391 -55.59 -14.67 23.52
CA LEU K 391 -54.65 -13.83 22.75
C LEU K 391 -53.20 -14.29 22.97
N SER K 392 -52.94 -14.87 24.15
CA SER K 392 -51.65 -15.53 24.44
C SER K 392 -51.39 -16.76 23.55
N VAL K 393 -52.41 -17.58 23.41
CA VAL K 393 -52.29 -18.81 22.64
C VAL K 393 -52.32 -18.57 21.13
N ILE K 394 -53.10 -17.56 20.70
CA ILE K 394 -53.19 -17.25 19.28
C ILE K 394 -51.88 -16.68 18.76
N GLU K 395 -51.28 -15.75 19.51
CA GLU K 395 -50.03 -15.13 19.09
C GLU K 395 -48.87 -16.13 19.07
N ARG K 396 -48.87 -17.01 20.08
CA ARG K 396 -47.85 -18.05 20.22
C ARG K 396 -47.85 -18.97 19.00
N MET K 397 -49.03 -19.45 18.63
CA MET K 397 -49.18 -20.39 17.50
C MET K 397 -49.03 -19.71 16.15
N GLY K 398 -49.19 -18.39 16.14
CA GLY K 398 -48.95 -17.57 14.95
C GLY K 398 -50.15 -17.53 14.03
N PHE K 399 -51.30 -17.18 14.58
CA PHE K 399 -52.51 -17.07 13.76
C PHE K 399 -53.23 -15.73 13.97
N PRO K 400 -52.55 -14.69 14.49
CA PRO K 400 -53.30 -13.46 14.70
C PRO K 400 -53.83 -12.90 13.38
N GLY K 401 -53.09 -13.09 12.28
CA GLY K 401 -53.53 -12.62 10.97
C GLY K 401 -54.75 -13.34 10.41
N TYR K 402 -54.91 -14.59 10.84
CA TYR K 402 -56.03 -15.42 10.40
C TYR K 402 -57.38 -14.88 10.90
N PHE K 403 -57.43 -14.45 12.16
CA PHE K 403 -58.59 -13.77 12.68
C PHE K 403 -58.83 -12.43 11.97
N LEU K 404 -57.77 -11.63 11.77
CA LEU K 404 -57.89 -10.31 11.15
C LEU K 404 -58.60 -10.40 9.78
N ILE K 405 -58.28 -11.47 9.04
CA ILE K 405 -58.86 -11.71 7.73
C ILE K 405 -60.32 -12.07 7.87
N VAL K 406 -60.59 -12.99 8.80
CA VAL K 406 -61.92 -13.53 8.99
C VAL K 406 -62.85 -12.45 9.53
N GLN K 407 -62.41 -11.74 10.56
CA GLN K 407 -63.21 -10.68 11.19
C GLN K 407 -63.46 -9.43 10.28
N ASP K 408 -62.66 -9.26 9.24
CA ASP K 408 -62.84 -8.13 8.35
C ASP K 408 -64.03 -8.22 7.43
N TYR K 409 -64.18 -9.35 6.75
CA TYR K 409 -65.29 -9.54 5.82
C TYR K 409 -66.61 -9.83 6.51
N ILE K 410 -66.55 -10.32 7.75
CA ILE K 410 -67.77 -10.52 8.56
C ILE K 410 -68.33 -9.20 9.07
N ASN K 411 -67.43 -8.32 9.57
CA ASN K 411 -67.79 -6.95 9.93
C ASN K 411 -68.21 -6.11 8.71
N TRP K 412 -67.63 -6.41 7.55
CA TRP K 412 -68.02 -5.75 6.29
C TRP K 412 -69.40 -6.13 5.90
N ALA K 413 -69.73 -7.40 6.08
CA ALA K 413 -71.02 -7.95 5.72
C ALA K 413 -72.14 -7.28 6.47
N ARG K 414 -71.94 -7.09 7.78
CA ARG K 414 -72.94 -6.46 8.66
C ARG K 414 -73.26 -5.01 8.27
N GLY K 415 -72.22 -4.26 7.94
CA GLY K 415 -72.36 -2.85 7.54
C GLY K 415 -72.93 -2.59 6.15
N HIS K 416 -72.82 -3.57 5.26
CA HIS K 416 -73.28 -3.44 3.87
C HIS K 416 -74.49 -4.33 3.59
N GLY K 417 -75.38 -4.47 4.56
CA GLY K 417 -76.65 -5.19 4.37
C GLY K 417 -76.54 -6.67 4.07
N VAL K 418 -75.68 -7.39 4.80
CA VAL K 418 -75.54 -8.85 4.64
C VAL K 418 -75.53 -9.57 5.99
N SER K 419 -76.63 -10.26 6.30
CA SER K 419 -76.81 -10.87 7.63
C SER K 419 -75.87 -12.05 7.86
N VAL K 420 -74.99 -11.90 8.85
CA VAL K 420 -74.04 -12.95 9.24
C VAL K 420 -74.62 -13.76 10.38
N GLY K 421 -74.40 -15.06 10.33
CA GLY K 421 -74.90 -15.98 11.35
C GLY K 421 -74.06 -15.90 12.60
N PRO K 422 -74.63 -16.36 13.73
CA PRO K 422 -73.96 -16.27 15.01
C PRO K 422 -72.76 -17.20 15.14
N GLY K 423 -72.66 -18.19 14.24
CA GLY K 423 -71.46 -19.02 14.16
C GLY K 423 -71.82 -20.48 13.95
N ARG K 424 -70.82 -21.27 13.60
CA ARG K 424 -70.97 -22.72 13.49
C ARG K 424 -69.65 -23.44 13.74
N GLY K 425 -69.73 -24.74 14.00
CA GLY K 425 -68.55 -25.50 14.42
C GLY K 425 -68.09 -25.06 15.81
N SER K 426 -66.78 -25.15 16.04
CA SER K 426 -66.19 -24.80 17.34
C SER K 426 -65.84 -23.32 17.42
N ALA K 427 -66.11 -22.58 16.34
CA ALA K 427 -65.78 -21.16 16.26
C ALA K 427 -66.40 -20.32 17.37
N ALA K 428 -67.60 -20.72 17.83
CA ALA K 428 -68.32 -19.95 18.85
C ALA K 428 -67.70 -20.06 20.21
N GLY K 429 -66.73 -20.97 20.36
CA GLY K 429 -66.08 -21.18 21.65
C GLY K 429 -65.16 -20.07 22.14
N SER K 430 -64.52 -19.38 21.21
CA SER K 430 -63.53 -18.35 21.52
C SER K 430 -64.22 -17.07 21.93
N LEU K 431 -63.80 -16.51 23.07
CA LEU K 431 -64.19 -15.15 23.49
C LEU K 431 -63.60 -14.07 22.58
N VAL K 432 -62.38 -14.26 22.09
CA VAL K 432 -61.78 -13.31 21.17
C VAL K 432 -62.62 -13.18 19.90
N ALA K 433 -63.03 -14.33 19.37
CA ALA K 433 -63.91 -14.39 18.20
C ALA K 433 -65.19 -13.61 18.46
N TYR K 434 -65.74 -13.81 19.64
CA TYR K 434 -66.97 -13.15 20.00
C TYR K 434 -66.75 -11.66 20.14
N ALA K 435 -65.61 -11.28 20.74
CA ALA K 435 -65.31 -9.89 21.05
C ALA K 435 -65.08 -9.09 19.79
N VAL K 436 -64.27 -9.65 18.89
CA VAL K 436 -63.97 -9.02 17.60
C VAL K 436 -65.15 -9.05 16.64
N GLY K 437 -65.95 -10.09 16.74
CA GLY K 437 -67.24 -10.12 16.04
C GLY K 437 -67.41 -11.18 14.97
N ILE K 438 -66.53 -12.19 15.02
CA ILE K 438 -66.57 -13.30 14.07
C ILE K 438 -67.80 -14.10 14.43
N THR K 439 -67.85 -14.52 15.69
CA THR K 439 -69.02 -15.19 16.24
C THR K 439 -69.84 -14.17 17.02
N ASN K 440 -71.14 -14.43 17.19
CA ASN K 440 -72.04 -13.45 17.81
C ASN K 440 -72.98 -14.03 18.88
N ILE K 441 -72.41 -14.88 19.75
CA ILE K 441 -73.10 -15.49 20.89
C ILE K 441 -72.12 -15.54 22.06
N ASP K 442 -72.60 -15.20 23.25
CA ASP K 442 -71.77 -15.07 24.45
C ASP K 442 -71.22 -16.41 24.95
N PRO K 443 -69.93 -16.68 24.72
CA PRO K 443 -69.40 -18.01 25.00
C PRO K 443 -69.23 -18.31 26.48
N LEU K 444 -69.11 -17.27 27.28
CA LEU K 444 -68.89 -17.43 28.71
C LEU K 444 -70.23 -17.52 29.46
N ARG K 445 -71.27 -16.95 28.86
CA ARG K 445 -72.64 -17.06 29.40
C ARG K 445 -73.12 -18.49 29.33
N PHE K 446 -72.95 -19.09 28.16
CA PHE K 446 -73.11 -20.51 27.97
C PHE K 446 -71.77 -21.20 28.19
N GLY K 447 -71.77 -22.52 28.12
CA GLY K 447 -70.58 -23.30 28.48
C GLY K 447 -69.72 -23.57 27.28
N LEU K 448 -69.31 -22.51 26.61
CA LEU K 448 -68.48 -22.65 25.42
C LEU K 448 -66.98 -22.41 25.75
N LEU K 449 -66.14 -23.35 25.30
CA LEU K 449 -64.73 -23.41 25.66
C LEU K 449 -63.85 -23.11 24.47
N PHE K 450 -62.76 -22.39 24.72
CA PHE K 450 -61.79 -22.00 23.70
C PHE K 450 -60.95 -23.20 23.27
N GLU K 451 -60.66 -24.09 24.22
CA GLU K 451 -59.67 -25.12 24.00
C GLU K 451 -60.12 -26.16 22.97
N ARG K 452 -61.42 -26.24 22.73
CA ARG K 452 -61.97 -27.11 21.68
C ARG K 452 -61.81 -26.49 20.30
N PHE K 453 -61.88 -25.17 20.25
CA PHE K 453 -61.64 -24.43 19.01
C PHE K 453 -60.16 -24.51 18.63
N LEU K 454 -59.31 -23.98 19.49
CA LEU K 454 -57.85 -24.04 19.31
C LEU K 454 -57.26 -24.76 20.52
N ASN K 455 -56.76 -25.97 20.27
CA ASN K 455 -56.07 -26.72 21.31
C ASN K 455 -54.66 -26.14 21.51
N PRO K 456 -54.38 -25.66 22.73
CA PRO K 456 -53.13 -24.96 22.94
C PRO K 456 -51.92 -25.86 22.80
N GLU K 457 -52.11 -27.15 23.04
CA GLU K 457 -51.03 -28.13 23.06
C GLU K 457 -50.84 -28.82 21.71
N ARG K 458 -51.27 -28.15 20.63
CA ARG K 458 -51.14 -28.67 19.28
C ARG K 458 -51.28 -27.58 18.21
N VAL K 459 -50.27 -27.46 17.34
CA VAL K 459 -50.27 -26.44 16.28
C VAL K 459 -51.04 -26.97 15.06
N SER K 460 -52.34 -26.73 15.07
CA SER K 460 -53.20 -27.04 13.94
C SER K 460 -54.00 -25.81 13.56
N MET K 461 -54.11 -25.54 12.27
CA MET K 461 -54.80 -24.33 11.79
C MET K 461 -56.31 -24.43 11.99
N PRO K 462 -56.90 -23.47 12.72
CA PRO K 462 -58.34 -23.51 12.98
C PRO K 462 -59.17 -23.14 11.75
N ASP K 463 -60.23 -23.90 11.49
CA ASP K 463 -61.08 -23.72 10.30
C ASP K 463 -62.33 -22.95 10.74
N ILE K 464 -62.44 -21.69 10.32
CA ILE K 464 -63.59 -20.87 10.68
C ILE K 464 -64.58 -20.86 9.54
N ASP K 465 -65.75 -21.42 9.78
CA ASP K 465 -66.83 -21.43 8.82
C ASP K 465 -67.78 -20.35 9.26
N THR K 466 -68.38 -19.65 8.30
CA THR K 466 -69.35 -18.59 8.61
C THR K 466 -70.59 -18.72 7.74
N ASP K 467 -71.78 -18.55 8.36
CA ASP K 467 -73.06 -18.59 7.67
C ASP K 467 -73.42 -17.20 7.17
N PHE K 468 -73.91 -17.11 5.94
CA PHE K 468 -74.32 -15.84 5.34
C PHE K 468 -75.69 -15.99 4.72
N SER K 469 -76.28 -14.86 4.32
CA SER K 469 -77.53 -14.86 3.57
C SER K 469 -77.23 -15.46 2.19
N ASP K 470 -78.01 -16.46 1.79
CA ASP K 470 -77.81 -17.14 0.50
C ASP K 470 -77.91 -16.19 -0.70
N ARG K 471 -78.69 -15.13 -0.56
CA ARG K 471 -78.74 -14.07 -1.58
C ARG K 471 -77.46 -13.20 -1.61
N GLU K 472 -77.01 -12.81 -0.41
CA GLU K 472 -75.91 -11.88 -0.26
C GLU K 472 -74.56 -12.56 -0.02
N ARG K 473 -74.48 -13.87 -0.27
CA ARG K 473 -73.24 -14.64 -0.07
C ARG K 473 -72.16 -14.36 -1.11
N ASP K 474 -72.59 -14.10 -2.36
CA ASP K 474 -71.68 -13.84 -3.48
C ASP K 474 -71.05 -12.47 -3.36
N ARG K 475 -71.74 -11.58 -2.65
CA ARG K 475 -71.21 -10.24 -2.42
C ARG K 475 -70.02 -10.30 -1.49
N VAL K 476 -70.11 -11.15 -0.48
CA VAL K 476 -69.05 -11.26 0.52
C VAL K 476 -67.81 -11.91 -0.07
N ILE K 477 -68.03 -12.86 -0.96
CA ILE K 477 -66.94 -13.46 -1.73
C ILE K 477 -66.34 -12.43 -2.66
N GLN K 478 -67.19 -11.63 -3.31
CA GLN K 478 -66.72 -10.57 -4.21
C GLN K 478 -65.84 -9.56 -3.45
N TYR K 479 -66.24 -9.23 -2.22
CA TYR K 479 -65.44 -8.36 -1.36
C TYR K 479 -64.04 -8.92 -1.15
N VAL K 480 -63.94 -10.22 -0.94
CA VAL K 480 -62.64 -10.86 -0.72
C VAL K 480 -61.81 -10.91 -2.01
N ARG K 481 -62.49 -11.02 -3.14
CA ARG K 481 -61.82 -11.03 -4.44
C ARG K 481 -61.16 -9.68 -4.70
N GLU K 482 -61.93 -8.61 -4.46
CA GLU K 482 -61.43 -7.27 -4.66
C GLU K 482 -60.35 -6.90 -3.65
N ARG K 483 -60.57 -7.26 -2.38
CA ARG K 483 -59.68 -6.87 -1.28
C ARG K 483 -58.29 -7.47 -1.40
N TYR K 484 -58.21 -8.81 -1.45
CA TYR K 484 -56.90 -9.53 -1.41
C TYR K 484 -56.26 -9.75 -2.79
N GLY K 485 -57.03 -9.55 -3.85
CA GLY K 485 -56.48 -9.68 -5.20
C GLY K 485 -57.23 -10.70 -6.03
N GLU K 486 -57.49 -10.36 -7.29
CA GLU K 486 -58.33 -11.21 -8.13
C GLU K 486 -57.61 -12.51 -8.49
N ASP K 487 -56.28 -12.44 -8.55
CA ASP K 487 -55.48 -13.61 -8.90
C ASP K 487 -55.21 -14.49 -7.69
N LYS K 488 -55.52 -13.98 -6.49
CA LYS K 488 -55.25 -14.70 -5.24
C LYS K 488 -56.51 -15.25 -4.57
N VAL K 489 -57.67 -15.12 -5.22
CA VAL K 489 -58.91 -15.61 -4.67
C VAL K 489 -59.72 -16.45 -5.66
N ALA K 490 -60.04 -17.68 -5.26
CA ALA K 490 -60.82 -18.62 -6.10
C ALA K 490 -61.60 -19.61 -5.22
N GLN K 491 -62.72 -20.10 -5.73
CA GLN K 491 -63.53 -21.12 -5.03
C GLN K 491 -63.05 -22.55 -5.30
N ILE K 492 -63.18 -23.41 -4.31
CA ILE K 492 -62.66 -24.78 -4.39
C ILE K 492 -63.60 -25.65 -5.21
N GLY K 493 -63.01 -26.56 -5.98
CA GLY K 493 -63.79 -27.53 -6.80
C GLY K 493 -64.24 -28.82 -6.10
N THR K 494 -65.32 -29.40 -6.61
CA THR K 494 -65.87 -30.67 -6.06
C THR K 494 -66.22 -31.66 -7.19
N PHE K 495 -65.54 -32.80 -7.21
CA PHE K 495 -65.64 -33.74 -8.32
C PHE K 495 -66.89 -34.62 -8.19
N ALA K 499 -70.87 -43.46 -9.69
CA ALA K 499 -71.65 -44.19 -8.71
C ALA K 499 -71.93 -45.65 -9.14
N SER K 500 -72.37 -46.46 -8.19
CA SER K 500 -72.64 -47.89 -8.42
C SER K 500 -73.89 -48.12 -9.29
N LYS K 501 -74.94 -47.36 -9.01
CA LYS K 501 -76.17 -47.42 -9.79
C LYS K 501 -75.98 -46.84 -11.18
N ALA K 502 -75.32 -45.67 -11.23
CA ALA K 502 -75.07 -44.97 -12.49
C ALA K 502 -74.23 -45.82 -13.45
N ALA K 503 -73.18 -46.44 -12.92
CA ALA K 503 -72.30 -47.29 -13.71
C ALA K 503 -73.05 -48.47 -14.34
N LEU K 504 -73.93 -49.12 -13.56
CA LEU K 504 -74.66 -50.28 -14.05
C LEU K 504 -75.56 -49.91 -15.21
N LYS K 505 -76.32 -48.83 -15.05
CA LYS K 505 -77.27 -48.38 -16.08
C LYS K 505 -76.58 -47.97 -17.39
N ASP K 506 -75.53 -47.17 -17.26
CA ASP K 506 -74.79 -46.70 -18.43
C ASP K 506 -74.16 -47.86 -19.19
N VAL K 507 -73.69 -48.88 -18.46
CA VAL K 507 -73.14 -50.10 -19.09
C VAL K 507 -74.26 -50.94 -19.73
N ALA K 508 -75.44 -50.90 -19.10
CA ALA K 508 -76.66 -51.55 -19.60
C ALA K 508 -77.08 -51.01 -20.95
N ARG K 509 -77.05 -49.69 -21.09
CA ARG K 509 -77.38 -49.04 -22.36
C ARG K 509 -76.58 -49.62 -23.53
N VAL K 510 -75.26 -49.74 -23.35
CA VAL K 510 -74.33 -50.05 -24.42
C VAL K 510 -74.50 -51.48 -24.92
N TYR K 511 -74.62 -52.42 -23.98
CA TYR K 511 -74.78 -53.83 -24.34
C TYR K 511 -76.11 -54.20 -25.02
N GLY K 512 -77.09 -53.29 -24.97
CA GLY K 512 -78.38 -53.47 -25.66
C GLY K 512 -79.42 -54.10 -24.75
N ILE K 513 -79.68 -53.46 -23.62
CA ILE K 513 -80.62 -53.94 -22.60
C ILE K 513 -81.79 -52.95 -22.49
N PRO K 514 -83.04 -53.45 -22.62
CA PRO K 514 -84.22 -52.67 -22.24
C PRO K 514 -84.18 -52.06 -20.83
N HIS K 515 -84.41 -50.74 -20.76
CA HIS K 515 -84.22 -49.95 -19.54
C HIS K 515 -84.97 -50.47 -18.35
N LYS K 516 -86.18 -50.96 -18.58
CA LYS K 516 -87.08 -51.39 -17.50
C LYS K 516 -86.47 -52.52 -16.64
N LYS K 517 -85.84 -53.50 -17.27
CA LYS K 517 -85.22 -54.60 -16.53
C LYS K 517 -83.83 -54.24 -16.01
N ALA K 518 -83.21 -53.25 -16.66
CA ALA K 518 -81.94 -52.70 -16.16
C ALA K 518 -82.15 -51.97 -14.84
N GLU K 519 -83.35 -51.42 -14.64
CA GLU K 519 -83.65 -50.65 -13.43
C GLU K 519 -83.57 -51.51 -12.16
N GLU K 520 -84.26 -52.66 -12.16
CA GLU K 520 -84.28 -53.52 -10.97
C GLU K 520 -82.92 -54.16 -10.71
N LEU K 521 -82.09 -54.26 -11.74
CA LEU K 521 -80.69 -54.69 -11.56
C LEU K 521 -79.88 -53.67 -10.76
N ALA K 522 -80.24 -52.39 -10.90
CA ALA K 522 -79.65 -51.30 -10.11
C ALA K 522 -80.36 -51.13 -8.75
N LYS K 523 -81.57 -51.69 -8.62
CA LYS K 523 -82.35 -51.64 -7.38
C LYS K 523 -81.82 -52.60 -6.31
N LEU K 524 -81.18 -53.69 -6.74
CA LEU K 524 -80.64 -54.66 -5.80
C LEU K 524 -79.45 -54.10 -4.98
N ILE K 525 -78.81 -53.06 -5.49
CA ILE K 525 -77.71 -52.38 -4.77
C ILE K 525 -78.25 -51.61 -3.55
N PRO K 526 -77.71 -51.92 -2.33
CA PRO K 526 -78.21 -51.30 -1.11
C PRO K 526 -77.75 -49.87 -0.93
N VAL K 527 -78.27 -49.22 0.10
CA VAL K 527 -77.93 -47.84 0.41
C VAL K 527 -77.78 -47.72 1.93
N GLN K 528 -76.52 -47.59 2.38
CA GLN K 528 -76.21 -47.45 3.82
C GLN K 528 -76.19 -46.01 4.31
N PHE K 529 -75.78 -45.08 3.44
CA PHE K 529 -75.76 -43.67 3.78
C PHE K 529 -75.84 -42.84 2.50
N GLY K 530 -77.08 -42.50 2.11
CA GLY K 530 -77.35 -41.63 0.95
C GLY K 530 -77.03 -42.28 -0.38
N LYS K 531 -75.74 -42.33 -0.72
CA LYS K 531 -75.27 -42.98 -1.93
C LYS K 531 -75.10 -44.51 -1.72
N PRO K 532 -75.29 -45.30 -2.79
CA PRO K 532 -75.24 -46.76 -2.67
C PRO K 532 -73.83 -47.32 -2.41
N LYS K 533 -73.77 -48.51 -1.84
CA LYS K 533 -72.49 -49.17 -1.59
C LYS K 533 -71.88 -49.71 -2.91
N PRO K 534 -70.55 -49.89 -2.92
CA PRO K 534 -69.86 -50.42 -4.11
C PRO K 534 -70.31 -51.82 -4.55
N LEU K 535 -70.10 -52.13 -5.82
CA LEU K 535 -70.43 -53.46 -6.37
C LEU K 535 -69.48 -54.56 -5.91
N GLN K 536 -68.38 -54.17 -5.26
CA GLN K 536 -67.38 -55.11 -4.73
C GLN K 536 -68.01 -56.04 -3.71
N GLU K 537 -68.86 -55.48 -2.86
CA GLU K 537 -69.61 -56.26 -1.87
C GLU K 537 -70.83 -56.89 -2.53
N ALA K 538 -71.61 -56.06 -3.22
CA ALA K 538 -72.83 -56.50 -3.87
C ALA K 538 -72.53 -57.48 -5.00
N VAL K 541 -82.85 -59.09 4.62
CA VAL K 541 -83.19 -60.43 4.16
C VAL K 541 -82.10 -61.52 4.41
N VAL K 542 -80.83 -61.34 4.00
CA VAL K 542 -80.31 -60.13 3.32
C VAL K 542 -79.16 -60.44 2.34
N PRO K 543 -78.00 -60.95 2.83
CA PRO K 543 -76.75 -60.85 2.05
C PRO K 543 -76.42 -61.98 1.07
N GLU K 544 -77.20 -63.06 1.08
CA GLU K 544 -76.84 -64.26 0.31
C GLU K 544 -77.66 -64.41 -0.98
N LEU K 545 -77.48 -63.47 -1.91
CA LEU K 545 -78.09 -63.54 -3.24
C LEU K 545 -77.21 -62.89 -4.31
N ARG K 546 -76.53 -63.73 -5.10
CA ARG K 546 -75.74 -63.28 -6.27
C ARG K 546 -76.12 -64.07 -7.53
N ALA K 547 -77.33 -64.64 -7.53
CA ALA K 547 -77.73 -65.62 -8.53
C ALA K 547 -78.39 -64.99 -9.76
N GLU K 548 -78.14 -63.69 -9.99
CA GLU K 548 -78.63 -63.02 -11.20
C GLU K 548 -77.65 -63.17 -12.36
N MET K 549 -76.36 -63.25 -12.03
CA MET K 549 -75.31 -63.41 -13.03
C MET K 549 -75.31 -64.81 -13.63
N GLU K 550 -75.76 -65.80 -12.86
CA GLU K 550 -75.84 -67.18 -13.35
C GLU K 550 -76.87 -67.38 -14.45
N LYS K 551 -77.88 -66.50 -14.49
CA LYS K 551 -79.02 -66.64 -15.41
C LYS K 551 -78.66 -66.33 -16.86
N ASP K 552 -78.21 -65.10 -17.09
CA ASP K 552 -77.89 -64.60 -18.43
C ASP K 552 -76.39 -64.25 -18.49
N GLU K 553 -75.74 -64.59 -19.61
CA GLU K 553 -74.31 -64.29 -19.84
C GLU K 553 -74.03 -62.83 -20.19
N ARG K 554 -75.05 -62.15 -20.74
CA ARG K 554 -74.97 -60.70 -20.99
C ARG K 554 -74.79 -59.93 -19.69
N ILE K 555 -75.51 -60.35 -18.64
CA ILE K 555 -75.49 -59.68 -17.34
C ILE K 555 -74.21 -60.01 -16.57
N ARG K 556 -73.57 -61.14 -16.89
CA ARG K 556 -72.29 -61.53 -16.28
C ARG K 556 -71.22 -60.48 -16.49
N GLN K 557 -71.19 -59.93 -17.71
CA GLN K 557 -70.23 -58.88 -18.10
C GLN K 557 -70.66 -57.47 -17.68
N VAL K 558 -71.95 -57.18 -17.76
CA VAL K 558 -72.47 -55.87 -17.38
C VAL K 558 -72.15 -55.52 -15.92
N ILE K 559 -72.27 -56.51 -15.04
CA ILE K 559 -71.95 -56.35 -13.60
C ILE K 559 -70.42 -56.24 -13.41
N GLU K 560 -69.68 -57.12 -14.08
CA GLU K 560 -68.20 -57.15 -14.00
C GLU K 560 -67.53 -55.91 -14.59
N VAL K 561 -68.08 -55.40 -15.69
CA VAL K 561 -67.60 -54.17 -16.32
C VAL K 561 -68.00 -52.93 -15.50
N ALA K 562 -69.18 -52.99 -14.85
CA ALA K 562 -69.72 -51.86 -14.06
C ALA K 562 -68.84 -51.56 -12.84
N MET K 563 -68.35 -52.61 -12.17
CA MET K 563 -67.40 -52.48 -11.05
C MET K 563 -66.00 -52.17 -11.54
N ARG K 564 -65.74 -52.53 -12.80
CA ARG K 564 -64.51 -52.15 -13.49
C ARG K 564 -64.52 -50.68 -13.95
N LEU K 565 -65.70 -50.05 -13.91
CA LEU K 565 -65.86 -48.64 -14.27
C LEU K 565 -66.58 -47.88 -13.15
N GLU K 566 -66.40 -48.32 -11.91
CA GLU K 566 -67.06 -47.68 -10.77
C GLU K 566 -66.32 -46.44 -10.32
N GLY K 567 -65.00 -46.59 -10.17
CA GLY K 567 -64.14 -45.50 -9.74
C GLY K 567 -63.89 -44.41 -10.76
N LEU K 568 -64.70 -44.35 -11.83
CA LEU K 568 -64.62 -43.25 -12.79
C LEU K 568 -65.10 -41.93 -12.17
N ASN K 569 -64.85 -40.82 -12.88
CA ASN K 569 -65.04 -39.47 -12.34
C ASN K 569 -66.18 -38.69 -12.99
N ARG K 570 -66.45 -37.50 -12.45
CA ARG K 570 -67.42 -36.60 -13.00
C ARG K 570 -66.86 -35.19 -13.11
N HIS K 571 -65.86 -35.01 -13.96
CA HIS K 571 -65.24 -33.71 -14.17
C HIS K 571 -64.79 -33.06 -12.87
N ALA K 572 -65.14 -31.81 -12.67
CA ALA K 572 -65.01 -31.18 -11.37
C ALA K 572 -65.99 -30.05 -11.30
N SER K 573 -66.33 -29.64 -10.10
CA SER K 573 -67.36 -28.66 -9.94
C SER K 573 -67.14 -27.80 -8.73
N VAL K 574 -67.84 -26.67 -8.72
CA VAL K 574 -67.77 -25.74 -7.63
C VAL K 574 -68.37 -26.23 -6.36
N HIS K 575 -67.67 -25.92 -5.30
CA HIS K 575 -68.15 -26.20 -3.95
C HIS K 575 -69.06 -25.11 -3.52
N ALA K 576 -69.97 -25.44 -2.60
CA ALA K 576 -70.97 -24.49 -2.15
C ALA K 576 -70.34 -23.37 -1.33
N ALA K 577 -69.58 -23.78 -0.31
CA ALA K 577 -68.95 -22.86 0.63
C ALA K 577 -67.45 -22.64 0.37
N GLY K 578 -66.86 -23.41 -0.54
CA GLY K 578 -65.42 -23.40 -0.74
C GLY K 578 -64.89 -22.07 -1.25
N VAL K 579 -63.97 -21.46 -0.49
CA VAL K 579 -63.26 -20.24 -0.90
C VAL K 579 -61.84 -20.23 -0.36
N VAL K 580 -60.88 -19.97 -1.25
CA VAL K 580 -59.46 -19.93 -0.92
C VAL K 580 -58.88 -18.54 -1.09
N ILE K 581 -58.05 -18.13 -0.13
CA ILE K 581 -57.39 -16.82 -0.12
C ILE K 581 -55.89 -17.05 -0.02
N ALA K 582 -55.24 -17.22 -1.17
CA ALA K 582 -53.80 -17.49 -1.20
C ALA K 582 -53.01 -16.21 -0.98
N ALA K 583 -51.80 -16.34 -0.45
CA ALA K 583 -50.96 -15.18 -0.18
C ALA K 583 -50.27 -14.74 -1.48
N GLU K 584 -49.63 -15.69 -2.15
CA GLU K 584 -49.06 -15.44 -3.47
C GLU K 584 -50.07 -15.85 -4.54
N PRO K 585 -49.87 -15.42 -5.80
CA PRO K 585 -50.79 -15.77 -6.86
C PRO K 585 -51.09 -17.26 -6.91
N LEU K 586 -52.36 -17.60 -7.10
CA LEU K 586 -52.80 -19.00 -7.13
C LEU K 586 -52.14 -19.82 -8.24
N THR K 587 -51.88 -19.17 -9.39
CA THR K 587 -51.26 -19.82 -10.56
C THR K 587 -49.80 -20.23 -10.33
N ASP K 588 -49.21 -19.78 -9.23
CA ASP K 588 -47.88 -20.26 -8.81
C ASP K 588 -47.91 -21.60 -8.05
N LEU K 589 -49.10 -22.16 -7.82
CA LEU K 589 -49.26 -23.42 -7.09
C LEU K 589 -50.41 -24.25 -7.62
N VAL K 590 -51.63 -23.73 -7.54
CA VAL K 590 -52.83 -24.47 -7.93
C VAL K 590 -53.42 -23.98 -9.27
N PRO K 591 -53.63 -24.90 -10.23
CA PRO K 591 -54.29 -24.54 -11.51
C PRO K 591 -55.76 -24.16 -11.37
N LEU K 592 -56.22 -23.26 -12.25
CA LEU K 592 -57.52 -22.61 -12.10
C LEU K 592 -58.53 -23.00 -13.21
N MET K 593 -59.82 -22.85 -12.89
CA MET K 593 -60.91 -23.10 -13.83
C MET K 593 -61.84 -21.89 -13.88
N ARG K 594 -62.91 -22.01 -14.66
CA ARG K 594 -64.00 -21.04 -14.63
C ARG K 594 -65.30 -21.77 -14.96
N ASP K 595 -66.26 -21.69 -14.05
CA ASP K 595 -67.49 -22.44 -14.24
C ASP K 595 -68.44 -21.71 -15.20
N GLN K 596 -69.68 -22.22 -15.28
CA GLN K 596 -70.67 -21.73 -16.22
C GLN K 596 -71.19 -20.36 -15.80
N GLU K 597 -71.37 -20.15 -14.51
CA GLU K 597 -71.84 -18.85 -14.02
C GLU K 597 -70.75 -17.76 -14.04
N GLY K 598 -69.47 -18.16 -14.06
CA GLY K 598 -68.34 -17.21 -14.19
C GLY K 598 -67.53 -17.03 -12.90
N ARG K 599 -67.30 -18.15 -12.21
CA ARG K 599 -66.58 -18.16 -10.96
C ARG K 599 -65.18 -18.72 -11.24
N PRO K 600 -64.13 -18.12 -10.64
CA PRO K 600 -62.83 -18.81 -10.63
C PRO K 600 -62.89 -20.02 -9.69
N VAL K 601 -62.64 -21.22 -10.23
CA VAL K 601 -62.75 -22.48 -9.50
C VAL K 601 -61.37 -23.11 -9.44
N THR K 602 -61.07 -23.73 -8.29
CA THR K 602 -59.81 -24.45 -8.07
C THR K 602 -59.96 -25.86 -8.64
N GLN K 603 -58.91 -26.32 -9.32
CA GLN K 603 -58.90 -27.66 -9.92
C GLN K 603 -58.73 -28.80 -8.91
N TYR K 604 -58.19 -28.49 -7.72
CA TYR K 604 -58.09 -29.46 -6.63
C TYR K 604 -59.24 -29.35 -5.64
N ASP K 605 -59.46 -30.40 -4.87
CA ASP K 605 -60.55 -30.43 -3.90
C ASP K 605 -60.06 -29.82 -2.58
N MET K 606 -60.95 -29.81 -1.58
CA MET K 606 -60.65 -29.29 -0.23
C MET K 606 -59.37 -29.88 0.32
N GLY K 607 -59.32 -31.21 0.42
CA GLY K 607 -58.21 -31.92 1.01
C GLY K 607 -56.88 -31.68 0.31
N ALA K 608 -56.91 -31.63 -1.02
CA ALA K 608 -55.71 -31.35 -1.81
C ALA K 608 -55.20 -29.91 -1.62
N VAL K 609 -56.13 -28.95 -1.62
CA VAL K 609 -55.78 -27.54 -1.41
C VAL K 609 -55.34 -27.32 0.03
N GLU K 610 -55.96 -27.99 0.99
CA GLU K 610 -55.52 -27.91 2.37
C GLU K 610 -54.16 -28.58 2.56
N ALA K 611 -53.91 -29.65 1.80
CA ALA K 611 -52.66 -30.40 1.91
C ALA K 611 -51.47 -29.57 1.47
N LEU K 612 -51.71 -28.56 0.63
CA LEU K 612 -50.67 -27.62 0.21
C LEU K 612 -50.41 -26.53 1.24
N GLY K 613 -51.28 -26.43 2.24
CA GLY K 613 -51.11 -25.46 3.32
C GLY K 613 -51.59 -24.09 2.89
N LEU K 614 -52.85 -24.04 2.45
CA LEU K 614 -53.47 -22.83 1.96
C LEU K 614 -54.66 -22.47 2.83
N LEU K 615 -54.90 -21.17 2.94
CA LEU K 615 -56.00 -20.64 3.74
C LEU K 615 -57.34 -21.00 3.09
N LYS K 616 -58.07 -21.91 3.72
CA LYS K 616 -59.41 -22.28 3.28
C LYS K 616 -60.48 -21.61 4.15
N MET K 617 -61.47 -21.02 3.48
CA MET K 617 -62.59 -20.38 4.17
C MET K 617 -63.90 -20.99 3.67
N ASP K 618 -64.92 -21.05 4.52
CA ASP K 618 -66.21 -21.62 4.16
C ASP K 618 -67.27 -20.54 4.31
N PHE K 619 -67.87 -20.16 3.18
CA PHE K 619 -68.95 -19.17 3.13
C PHE K 619 -70.26 -19.87 2.82
N LEU K 620 -70.99 -20.25 3.87
CA LEU K 620 -72.20 -21.04 3.73
C LEU K 620 -73.44 -20.14 3.54
N GLY K 621 -74.25 -20.44 2.55
CA GLY K 621 -75.51 -19.72 2.36
C GLY K 621 -76.57 -20.41 3.19
N LEU K 622 -77.42 -19.63 3.88
CA LEU K 622 -78.47 -20.18 4.74
C LEU K 622 -79.85 -19.53 4.49
N ARG K 623 -80.90 -20.36 4.44
CA ARG K 623 -82.25 -19.87 4.17
C ARG K 623 -82.73 -18.95 5.29
N THR K 624 -82.55 -19.38 6.54
CA THR K 624 -83.08 -18.66 7.70
C THR K 624 -82.57 -17.24 7.75
N LEU K 625 -81.31 -17.04 7.37
CA LEU K 625 -80.72 -15.70 7.37
C LEU K 625 -81.43 -14.83 6.33
N THR K 626 -81.66 -15.40 5.15
CA THR K 626 -82.37 -14.67 4.08
C THR K 626 -83.82 -14.40 4.44
N PHE K 627 -84.40 -15.30 5.24
CA PHE K 627 -85.78 -15.16 5.71
C PHE K 627 -85.91 -14.05 6.73
N LEU K 628 -84.93 -13.96 7.62
CA LEU K 628 -84.89 -12.91 8.63
C LEU K 628 -84.63 -11.50 8.08
N ASP K 629 -84.01 -11.42 6.90
CA ASP K 629 -83.83 -10.14 6.22
C ASP K 629 -85.17 -9.60 5.71
N GLU K 630 -85.94 -10.41 5.00
CA GLU K 630 -87.29 -10.01 4.56
C GLU K 630 -88.25 -9.75 5.74
N ALA K 631 -88.00 -10.43 6.86
CA ALA K 631 -88.79 -10.23 8.07
C ALA K 631 -88.57 -8.81 8.57
N ARG K 632 -87.32 -8.40 8.70
CA ARG K 632 -86.99 -7.03 9.15
C ARG K 632 -87.50 -5.96 8.16
N ARG K 633 -87.38 -6.27 6.88
CA ARG K 633 -87.82 -5.36 5.82
C ARG K 633 -89.30 -5.07 5.91
N ILE K 634 -90.10 -6.13 5.98
CA ILE K 634 -91.55 -5.99 6.00
C ILE K 634 -92.02 -5.41 7.34
N VAL K 635 -91.39 -5.84 8.44
CA VAL K 635 -91.69 -5.30 9.76
C VAL K 635 -91.46 -3.78 9.83
N LYS K 636 -90.40 -3.30 9.18
CA LYS K 636 -90.12 -1.87 9.13
C LYS K 636 -91.14 -1.14 8.27
N GLU K 637 -91.46 -1.74 7.12
CA GLU K 637 -92.44 -1.19 6.18
C GLU K 637 -93.85 -1.13 6.80
N SER K 638 -94.17 -2.10 7.66
CA SER K 638 -95.52 -2.22 8.23
C SER K 638 -95.80 -1.22 9.34
N LYS K 639 -94.92 -1.16 10.34
CA LYS K 639 -95.14 -0.31 11.51
C LYS K 639 -93.93 0.52 11.92
N GLY K 640 -92.97 0.69 11.00
CA GLY K 640 -91.74 1.48 11.25
C GLY K 640 -90.79 0.88 12.27
N VAL K 641 -90.82 -0.44 12.40
CA VAL K 641 -90.10 -1.13 13.47
C VAL K 641 -88.83 -1.73 12.92
N GLU K 642 -87.71 -1.35 13.53
CA GLU K 642 -86.40 -1.87 13.18
C GLU K 642 -86.03 -3.04 14.08
N LEU K 643 -86.11 -4.26 13.56
CA LEU K 643 -85.76 -5.45 14.33
C LEU K 643 -84.26 -5.67 14.30
N ASP K 644 -83.60 -5.19 15.34
CA ASP K 644 -82.19 -5.48 15.55
C ASP K 644 -82.04 -6.85 16.25
N TYR K 645 -81.75 -7.89 15.47
CA TYR K 645 -81.71 -9.26 15.98
C TYR K 645 -80.60 -9.47 17.01
N ASP K 646 -79.51 -8.72 16.89
CA ASP K 646 -78.35 -8.83 17.78
C ASP K 646 -78.59 -8.21 19.15
N ARG K 647 -79.69 -7.47 19.29
CA ARG K 647 -80.05 -6.80 20.56
C ARG K 647 -81.29 -7.38 21.24
N LEU K 648 -81.93 -8.38 20.64
CA LEU K 648 -83.17 -8.91 21.18
C LEU K 648 -82.96 -9.51 22.57
N PRO K 649 -83.99 -9.47 23.42
CA PRO K 649 -83.90 -10.13 24.71
C PRO K 649 -84.03 -11.64 24.55
N LEU K 650 -83.26 -12.38 25.36
CA LEU K 650 -83.22 -13.83 25.30
C LEU K 650 -84.10 -14.46 26.39
N ASP K 651 -85.02 -13.68 26.95
CA ASP K 651 -85.95 -14.17 27.97
C ASP K 651 -87.35 -13.61 27.75
N ASP K 652 -87.74 -13.46 26.50
CA ASP K 652 -89.04 -12.93 26.15
C ASP K 652 -90.11 -13.99 26.34
N PRO K 653 -91.12 -13.69 27.19
CA PRO K 653 -92.11 -14.71 27.53
C PRO K 653 -92.93 -15.17 26.32
N LYS K 654 -93.44 -14.24 25.52
CA LYS K 654 -94.36 -14.60 24.44
C LYS K 654 -93.70 -15.44 23.36
N THR K 655 -92.39 -15.39 23.26
CA THR K 655 -91.68 -16.25 22.30
C THR K 655 -91.78 -17.73 22.74
N PHE K 656 -91.37 -18.01 23.97
CA PHE K 656 -91.39 -19.38 24.50
C PHE K 656 -92.83 -19.95 24.60
N GLU K 657 -93.80 -19.11 24.94
CA GLU K 657 -95.20 -19.53 24.95
C GLU K 657 -95.68 -20.06 23.58
N LEU K 658 -95.13 -19.51 22.49
CA LEU K 658 -95.44 -19.93 21.11
C LEU K 658 -94.90 -21.32 20.81
N LEU K 659 -93.67 -21.58 21.25
CA LEU K 659 -93.06 -22.89 21.08
C LEU K 659 -93.62 -23.90 22.07
N SER K 660 -94.10 -23.42 23.21
CA SER K 660 -94.76 -24.28 24.19
C SER K 660 -96.10 -24.79 23.67
N ARG K 661 -96.75 -23.98 22.83
CA ARG K 661 -98.04 -24.32 22.26
C ARG K 661 -97.92 -25.19 21.00
N GLY K 662 -96.69 -25.47 20.58
CA GLY K 662 -96.42 -26.28 19.38
C GLY K 662 -96.60 -25.61 18.02
N GLU K 663 -96.40 -24.29 17.95
CA GLU K 663 -96.61 -23.55 16.70
C GLU K 663 -95.29 -23.35 15.93
N THR K 664 -94.58 -24.46 15.70
CA THR K 664 -93.28 -24.46 15.04
C THR K 664 -93.44 -24.76 13.57
N LYS K 665 -94.20 -23.91 12.88
CA LYS K 665 -94.55 -24.12 11.48
C LYS K 665 -93.46 -23.57 10.58
N GLY K 666 -92.93 -22.40 10.94
CA GLY K 666 -91.85 -21.77 10.19
C GLY K 666 -90.70 -21.33 11.09
N VAL K 667 -90.48 -22.07 12.17
CA VAL K 667 -89.39 -21.78 13.10
C VAL K 667 -88.19 -22.65 12.77
N PHE K 668 -86.99 -22.06 12.86
CA PHE K 668 -85.77 -22.72 12.38
C PHE K 668 -85.33 -23.85 13.30
N GLN K 669 -84.91 -24.97 12.68
CA GLN K 669 -84.28 -26.12 13.35
C GLN K 669 -85.24 -27.08 14.07
N LEU K 670 -86.54 -26.79 14.05
CA LEU K 670 -87.49 -27.65 14.73
C LEU K 670 -88.88 -27.66 14.07
N GLU K 671 -88.91 -28.01 12.79
CA GLU K 671 -90.16 -28.12 12.06
C GLU K 671 -90.64 -29.57 11.90
N SER K 672 -89.80 -30.52 12.33
CA SER K 672 -90.10 -31.95 12.19
C SER K 672 -91.30 -32.35 13.01
N GLY K 673 -92.06 -33.31 12.51
CA GLY K 673 -93.29 -33.76 13.16
C GLY K 673 -93.01 -34.19 14.59
N GLY K 674 -91.98 -35.03 14.75
CA GLY K 674 -91.65 -35.58 16.06
C GLY K 674 -91.08 -34.53 16.99
N MET K 675 -90.29 -33.62 16.42
CA MET K 675 -89.70 -32.50 17.15
C MET K 675 -90.72 -31.48 17.68
N THR K 676 -91.69 -31.14 16.83
CA THR K 676 -92.76 -30.24 17.22
C THR K 676 -93.51 -30.77 18.43
N ALA K 677 -93.85 -32.06 18.43
CA ALA K 677 -94.55 -32.69 19.54
C ALA K 677 -93.69 -32.70 20.80
N THR K 678 -92.38 -32.90 20.60
CA THR K 678 -91.41 -32.91 21.71
C THR K 678 -91.27 -31.54 22.37
N VAL K 679 -91.34 -30.47 21.58
CA VAL K 679 -91.27 -29.11 22.09
C VAL K 679 -92.50 -28.77 22.94
N ARG K 680 -93.67 -29.29 22.54
CA ARG K 680 -94.91 -29.07 23.31
C ARG K 680 -94.83 -29.71 24.70
N GLY K 681 -94.36 -30.96 24.76
CA GLY K 681 -94.22 -31.71 26.00
C GLY K 681 -93.22 -31.13 26.98
N LEU K 682 -92.15 -30.56 26.45
CA LEU K 682 -91.10 -29.95 27.27
C LEU K 682 -91.49 -28.60 27.88
N LYS K 683 -92.23 -27.80 27.13
CA LYS K 683 -92.63 -26.45 27.55
C LYS K 683 -91.42 -25.63 27.94
N PRO K 684 -90.59 -25.24 26.94
CA PRO K 684 -89.34 -24.55 27.22
C PRO K 684 -89.61 -23.16 27.69
N ARG K 685 -88.84 -22.72 28.67
CA ARG K 685 -88.98 -21.37 29.24
C ARG K 685 -87.74 -20.48 29.06
N ARG K 686 -86.56 -21.09 28.87
CA ARG K 686 -85.35 -20.33 28.56
C ARG K 686 -84.56 -20.92 27.38
N LEU K 687 -83.63 -20.14 26.86
CA LEU K 687 -82.95 -20.51 25.65
C LEU K 687 -82.29 -21.89 25.79
N GLU K 688 -81.66 -22.12 26.94
CA GLU K 688 -80.87 -23.34 27.14
C GLU K 688 -81.68 -24.62 26.97
N ASP K 689 -83.00 -24.54 27.16
CA ASP K 689 -83.87 -25.69 26.94
C ASP K 689 -83.80 -26.09 25.46
N ILE K 690 -83.79 -25.09 24.57
CA ILE K 690 -83.79 -25.33 23.12
C ILE K 690 -82.43 -25.86 22.66
N ILE K 691 -81.36 -25.38 23.30
CA ILE K 691 -80.01 -25.87 22.99
C ILE K 691 -79.87 -27.34 23.40
N ALA K 692 -80.48 -27.71 24.54
CA ALA K 692 -80.50 -29.10 25.01
C ALA K 692 -81.43 -29.97 24.17
N LEU K 693 -82.62 -29.46 23.87
CA LEU K 693 -83.60 -30.18 23.06
C LEU K 693 -83.09 -30.47 21.64
N VAL K 694 -82.46 -29.47 21.04
CA VAL K 694 -81.92 -29.62 19.70
C VAL K 694 -80.81 -30.66 19.66
N SER K 695 -79.94 -30.62 20.66
CA SER K 695 -78.79 -31.53 20.72
C SER K 695 -79.24 -32.95 20.99
N LEU K 696 -80.20 -33.10 21.91
CA LEU K 696 -80.67 -34.41 22.35
C LEU K 696 -81.54 -35.10 21.31
N TYR K 697 -82.29 -34.33 20.52
CA TYR K 697 -83.19 -34.91 19.52
C TYR K 697 -82.43 -35.46 18.30
N ARG K 698 -81.91 -36.67 18.44
CA ARG K 698 -81.31 -37.42 17.33
C ARG K 698 -81.13 -38.88 17.74
N PRO K 699 -81.09 -39.80 16.77
CA PRO K 699 -81.04 -41.24 17.10
C PRO K 699 -79.90 -41.60 18.04
N GLY K 700 -80.24 -42.02 19.25
CA GLY K 700 -79.27 -42.33 20.27
C GLY K 700 -79.66 -41.59 21.55
N PRO K 701 -79.33 -40.29 21.62
CA PRO K 701 -79.65 -39.53 22.84
C PRO K 701 -81.12 -39.22 23.01
N MET K 702 -81.96 -39.68 22.09
CA MET K 702 -83.40 -39.45 22.21
C MET K 702 -83.98 -40.08 23.49
N GLU K 703 -83.37 -41.14 23.98
CA GLU K 703 -83.87 -41.84 25.17
C GLU K 703 -83.84 -40.99 26.47
N HIS K 704 -83.03 -39.93 26.45
CA HIS K 704 -82.88 -39.04 27.62
C HIS K 704 -83.89 -37.91 27.66
N ILE K 705 -84.62 -37.68 26.57
CA ILE K 705 -85.46 -36.47 26.50
C ILE K 705 -86.67 -36.50 27.47
N PRO K 706 -87.29 -37.68 27.69
CA PRO K 706 -88.41 -37.67 28.64
C PRO K 706 -87.96 -37.60 30.11
N THR K 707 -86.72 -37.98 30.40
CA THR K 707 -86.12 -37.72 31.71
C THR K 707 -85.83 -36.23 31.88
N TYR K 708 -85.34 -35.60 30.82
CA TYR K 708 -85.11 -34.16 30.79
C TYR K 708 -86.42 -33.40 31.06
N ILE K 709 -87.50 -33.85 30.42
CA ILE K 709 -88.78 -33.17 30.48
C ILE K 709 -89.38 -33.17 31.88
N ARG K 710 -89.29 -34.31 32.55
CA ARG K 710 -89.88 -34.47 33.88
C ARG K 710 -89.09 -33.74 34.96
N ARG K 711 -87.77 -33.79 34.86
CA ARG K 711 -86.92 -32.98 35.73
C ARG K 711 -87.16 -31.48 35.48
N HIS K 712 -87.46 -31.13 34.22
CA HIS K 712 -87.68 -29.74 33.83
C HIS K 712 -88.98 -29.22 34.36
N HIS K 713 -90.01 -30.05 34.29
CA HIS K 713 -91.33 -29.68 34.84
C HIS K 713 -91.34 -29.53 36.34
N GLY K 714 -90.41 -30.21 37.01
CA GLY K 714 -90.27 -30.09 38.46
C GLY K 714 -91.02 -31.19 39.17
N GLN K 715 -90.87 -32.41 38.67
CA GLN K 715 -91.47 -33.59 39.26
C GLN K 715 -90.48 -34.74 39.29
N GLU K 716 -89.21 -34.40 39.51
CA GLU K 716 -88.13 -35.38 39.74
C GLU K 716 -86.84 -34.67 40.18
N PRO K 717 -86.37 -34.96 41.40
CA PRO K 717 -85.15 -34.29 41.88
C PRO K 717 -83.90 -34.68 41.08
N VAL K 718 -83.05 -33.70 40.83
CA VAL K 718 -81.80 -33.93 40.12
C VAL K 718 -80.74 -34.40 41.12
N SER K 719 -80.77 -35.68 41.46
CA SER K 719 -79.86 -36.23 42.48
C SER K 719 -78.54 -36.71 41.88
N TYR K 720 -77.49 -36.66 42.71
CA TYR K 720 -76.16 -37.16 42.37
C TYR K 720 -75.64 -38.04 43.52
N ALA K 721 -76.52 -38.91 44.03
CA ALA K 721 -76.23 -39.75 45.19
C ALA K 721 -75.17 -40.82 44.89
N GLU K 722 -75.04 -41.19 43.63
CA GLU K 722 -74.04 -42.15 43.20
C GLU K 722 -72.62 -41.59 43.35
N PHE K 723 -72.48 -40.27 43.21
CA PHE K 723 -71.19 -39.58 43.29
C PHE K 723 -71.25 -38.46 44.34
N PRO K 724 -71.18 -38.82 45.63
CA PRO K 724 -71.31 -37.83 46.71
C PRO K 724 -70.13 -36.86 46.81
N HIS K 725 -68.91 -37.37 46.75
CA HIS K 725 -67.71 -36.51 46.81
C HIS K 725 -67.47 -35.74 45.53
N ALA K 726 -67.99 -36.27 44.41
CA ALA K 726 -67.87 -35.64 43.09
C ALA K 726 -68.95 -34.57 42.81
N GLU K 727 -69.91 -34.41 43.71
CA GLU K 727 -71.05 -33.53 43.47
C GLU K 727 -70.65 -32.06 43.48
N LYS K 728 -69.62 -31.73 44.25
CA LYS K 728 -69.05 -30.37 44.23
C LYS K 728 -68.84 -29.87 42.79
N TYR K 729 -68.25 -30.71 41.95
CA TYR K 729 -67.89 -30.34 40.60
C TYR K 729 -69.01 -30.61 39.58
N LEU K 730 -69.77 -31.66 39.82
CA LEU K 730 -70.85 -32.07 38.91
C LEU K 730 -72.10 -31.18 39.01
N ARG K 731 -72.36 -30.61 40.19
CA ARG K 731 -73.58 -29.82 40.43
C ARG K 731 -73.64 -28.52 39.62
N PRO K 732 -72.62 -27.64 39.72
CA PRO K 732 -72.64 -26.42 38.90
C PRO K 732 -72.53 -26.67 37.37
N ILE K 733 -71.92 -27.78 36.96
CA ILE K 733 -71.77 -28.10 35.54
C ILE K 733 -73.05 -28.64 34.93
N LEU K 734 -73.73 -29.52 35.68
CA LEU K 734 -74.90 -30.26 35.19
C LEU K 734 -76.27 -29.75 35.68
N ASP K 735 -76.30 -28.72 36.52
CA ASP K 735 -77.58 -28.05 36.89
C ASP K 735 -78.23 -27.31 35.72
N GLU K 736 -77.41 -26.81 34.80
CA GLU K 736 -77.89 -26.16 33.58
C GLU K 736 -78.73 -27.11 32.73
N THR K 737 -78.38 -28.38 32.73
CA THR K 737 -79.02 -29.40 31.91
C THR K 737 -79.57 -30.56 32.76
N TYR K 738 -79.94 -30.25 34.01
CA TYR K 738 -80.65 -31.19 34.90
C TYR K 738 -79.99 -32.57 35.06
N GLY K 739 -78.67 -32.57 35.21
CA GLY K 739 -77.91 -33.80 35.48
C GLY K 739 -77.31 -34.50 34.28
N ILE K 740 -78.01 -34.46 33.16
CA ILE K 740 -77.65 -35.27 32.01
C ILE K 740 -76.46 -34.62 31.30
N PRO K 741 -75.39 -35.40 31.05
CA PRO K 741 -74.29 -34.89 30.20
C PRO K 741 -74.66 -34.87 28.71
N VAL K 742 -75.21 -33.75 28.25
CA VAL K 742 -75.70 -33.62 26.88
C VAL K 742 -74.60 -33.17 25.94
N TYR K 743 -73.78 -32.23 26.41
CA TYR K 743 -72.79 -31.53 25.58
C TYR K 743 -71.38 -32.08 25.75
N GLN K 744 -70.54 -31.84 24.73
CA GLN K 744 -69.14 -32.24 24.75
C GLN K 744 -68.35 -31.37 25.66
N GLU K 745 -68.73 -30.10 25.75
CA GLU K 745 -68.01 -29.12 26.58
C GLU K 745 -68.12 -29.41 28.10
N GLN K 746 -69.30 -29.82 28.54
CA GLN K 746 -69.51 -30.07 29.97
C GLN K 746 -68.95 -31.42 30.40
N ILE K 747 -68.63 -32.28 29.44
CA ILE K 747 -67.85 -33.49 29.72
C ILE K 747 -66.38 -33.15 29.96
N MET K 748 -65.87 -32.18 29.19
CA MET K 748 -64.47 -31.74 29.29
C MET K 748 -64.20 -31.12 30.64
N GLN K 749 -65.04 -30.17 31.02
CA GLN K 749 -64.84 -29.45 32.27
C GLN K 749 -65.14 -30.29 33.52
N ILE K 750 -65.88 -31.38 33.34
CA ILE K 750 -66.06 -32.39 34.41
C ILE K 750 -64.74 -33.12 34.66
N ALA K 751 -64.09 -33.56 33.57
CA ALA K 751 -62.77 -34.19 33.61
C ALA K 751 -61.67 -33.20 34.01
N SER K 752 -61.79 -31.93 33.62
CA SER K 752 -60.85 -30.90 34.04
C SER K 752 -60.90 -30.67 35.53
N GLN K 753 -62.11 -30.56 36.06
CA GLN K 753 -62.26 -30.20 37.46
C GLN K 753 -62.09 -31.39 38.40
N VAL K 754 -62.50 -32.58 37.97
CA VAL K 754 -62.50 -33.74 38.89
C VAL K 754 -61.14 -34.41 38.96
N ALA K 755 -60.53 -34.62 37.80
CA ALA K 755 -59.22 -35.30 37.71
C ALA K 755 -58.04 -34.33 37.59
N GLY K 756 -58.30 -33.04 37.81
CA GLY K 756 -57.27 -32.02 37.70
C GLY K 756 -56.66 -31.89 36.31
N TYR K 757 -57.40 -32.29 35.29
CA TYR K 757 -56.93 -32.18 33.91
C TYR K 757 -56.85 -30.71 33.47
N SER K 758 -55.93 -30.44 32.55
CA SER K 758 -55.96 -29.17 31.84
C SER K 758 -57.16 -29.17 30.91
N LEU K 759 -57.70 -27.99 30.65
CA LEU K 759 -58.86 -27.86 29.79
C LEU K 759 -58.54 -28.34 28.37
N GLY K 760 -57.32 -28.08 27.92
CA GLY K 760 -56.86 -28.57 26.63
C GLY K 760 -56.73 -30.08 26.62
N GLU K 761 -56.24 -30.64 27.72
CA GLU K 761 -56.09 -32.09 27.86
C GLU K 761 -57.44 -32.82 27.94
N ALA K 762 -58.46 -32.14 28.45
CA ALA K 762 -59.83 -32.68 28.47
C ALA K 762 -60.37 -32.81 27.05
N ASP K 763 -59.93 -31.95 26.14
CA ASP K 763 -60.28 -32.09 24.73
C ASP K 763 -59.64 -33.36 24.14
N LEU K 764 -58.34 -33.56 24.41
CA LEU K 764 -57.63 -34.73 23.92
C LEU K 764 -58.25 -36.03 24.46
N LEU K 765 -58.64 -36.02 25.74
CA LEU K 765 -59.33 -37.16 26.37
C LEU K 765 -60.67 -37.45 25.68
N ARG K 766 -61.34 -36.38 25.25
CA ARG K 766 -62.63 -36.49 24.54
C ARG K 766 -62.47 -37.22 23.21
N ARG K 767 -61.35 -36.99 22.53
CA ARG K 767 -61.10 -37.63 21.24
C ARG K 767 -60.59 -39.07 21.38
N ALA K 768 -60.06 -39.39 22.56
CA ALA K 768 -59.74 -40.78 22.92
C ALA K 768 -61.00 -41.63 23.07
N MET K 769 -62.07 -41.05 23.63
CA MET K 769 -63.34 -41.75 23.80
C MET K 769 -64.09 -41.93 22.49
N GLY K 770 -64.00 -40.95 21.61
CA GLY K 770 -64.61 -41.02 20.27
C GLY K 770 -63.92 -42.03 19.36
N LYS K 771 -62.59 -42.09 19.46
CA LYS K 771 -61.81 -43.12 18.79
C LYS K 771 -61.97 -44.49 19.46
N LYS K 772 -62.28 -44.48 20.75
CA LYS K 772 -62.31 -45.69 21.57
C LYS K 772 -61.18 -46.64 21.17
N ARG K 773 -59.96 -46.14 21.29
CA ARG K 773 -58.74 -46.90 20.95
C ARG K 773 -58.63 -48.13 21.82
N VAL K 774 -58.34 -49.27 21.20
CA VAL K 774 -58.51 -50.59 21.85
C VAL K 774 -58.17 -50.59 23.34
N GLU K 775 -57.00 -50.04 23.70
CA GLU K 775 -56.50 -50.06 25.08
C GLU K 775 -55.86 -48.78 25.60
N GLU K 776 -55.76 -47.75 24.74
CA GLU K 776 -55.15 -46.47 25.12
C GLU K 776 -56.04 -45.71 26.11
N MET K 777 -57.31 -46.09 26.19
CA MET K 777 -58.22 -45.48 27.15
C MET K 777 -57.75 -45.65 28.60
N GLN K 778 -57.22 -46.83 28.93
CA GLN K 778 -56.81 -47.11 30.31
C GLN K 778 -55.51 -46.42 30.76
N LYS K 779 -54.84 -45.70 29.85
CA LYS K 779 -53.81 -44.74 30.23
C LYS K 779 -54.46 -43.48 30.82
N HIS K 780 -55.64 -43.12 30.28
CA HIS K 780 -56.41 -41.99 30.78
C HIS K 780 -57.12 -42.33 32.07
N ARG K 781 -57.56 -43.58 32.22
CA ARG K 781 -58.22 -44.05 33.45
C ARG K 781 -57.30 -44.03 34.66
N GLU K 782 -56.05 -44.44 34.46
CA GLU K 782 -55.04 -44.35 35.51
C GLU K 782 -54.71 -42.89 35.77
N ARG K 783 -54.61 -42.09 34.72
CA ARG K 783 -54.41 -40.66 34.85
C ARG K 783 -55.57 -39.97 35.56
N PHE K 784 -56.78 -40.41 35.25
CA PHE K 784 -58.00 -39.83 35.83
C PHE K 784 -58.09 -40.10 37.33
N VAL K 785 -57.90 -41.37 37.68
CA VAL K 785 -57.92 -41.81 39.08
C VAL K 785 -56.81 -41.14 39.89
N ARG K 786 -55.65 -40.96 39.27
CA ARG K 786 -54.49 -40.35 39.91
C ARG K 786 -54.82 -38.93 40.37
N GLY K 787 -55.37 -38.14 39.44
CA GLY K 787 -55.78 -36.76 39.71
C GLY K 787 -57.12 -36.61 40.42
N ALA K 788 -57.94 -37.66 40.38
CA ALA K 788 -59.20 -37.67 41.11
C ALA K 788 -58.96 -37.81 42.62
N LYS K 789 -58.13 -38.78 42.99
CA LYS K 789 -57.81 -39.03 44.41
C LYS K 789 -57.15 -37.82 45.04
N GLU K 790 -56.32 -37.14 44.26
CA GLU K 790 -55.46 -36.09 44.79
C GLU K 790 -56.24 -34.89 45.30
N ARG K 791 -57.52 -34.79 44.94
CA ARG K 791 -58.33 -33.66 45.40
C ARG K 791 -59.59 -34.01 46.18
N GLY K 792 -60.32 -35.03 45.74
CA GLY K 792 -61.60 -35.39 46.38
C GLY K 792 -61.91 -36.87 46.45
N VAL K 793 -62.35 -37.40 45.32
CA VAL K 793 -62.98 -38.74 45.24
C VAL K 793 -62.14 -39.90 45.84
N PRO K 794 -62.82 -40.95 46.33
CA PRO K 794 -62.15 -42.09 46.91
C PRO K 794 -61.59 -43.11 45.90
N GLU K 795 -61.78 -42.83 44.60
CA GLU K 795 -61.33 -43.69 43.47
C GLU K 795 -62.35 -44.79 43.09
N GLU K 796 -63.18 -45.22 44.03
CA GLU K 796 -64.28 -46.15 43.75
C GLU K 796 -65.32 -45.48 42.87
N GLU K 797 -65.57 -44.21 43.15
CA GLU K 797 -66.45 -43.39 42.33
C GLU K 797 -65.74 -42.98 41.03
N ALA K 798 -64.45 -42.65 41.15
CA ALA K 798 -63.66 -42.21 40.01
C ALA K 798 -63.79 -43.15 38.83
N ASN K 799 -63.56 -44.43 39.07
CA ASN K 799 -63.63 -45.43 38.03
C ASN K 799 -65.03 -45.53 37.46
N ARG K 800 -66.03 -45.45 38.33
CA ARG K 800 -67.43 -45.52 37.92
C ARG K 800 -67.90 -44.18 37.34
N LEU K 801 -67.18 -43.10 37.67
CA LEU K 801 -67.39 -41.80 37.04
C LEU K 801 -66.85 -41.77 35.60
N PHE K 802 -65.78 -42.49 35.37
CA PHE K 802 -65.21 -42.58 34.03
C PHE K 802 -66.15 -43.39 33.14
N ASP K 803 -66.78 -44.43 33.70
CA ASP K 803 -67.78 -45.25 33.00
C ASP K 803 -68.99 -44.41 32.54
N MET K 804 -69.27 -43.34 33.29
CA MET K 804 -70.28 -42.37 32.90
C MET K 804 -69.80 -41.49 31.76
N LEU K 805 -68.55 -41.03 31.85
CA LEU K 805 -67.98 -40.14 30.83
C LEU K 805 -67.86 -40.79 29.46
N GLU K 806 -67.35 -42.02 29.43
CA GLU K 806 -67.24 -42.77 28.18
C GLU K 806 -68.61 -43.08 27.58
N ALA K 807 -69.62 -43.25 28.42
CA ALA K 807 -70.99 -43.53 27.97
C ALA K 807 -71.58 -42.34 27.21
N PHE K 808 -71.68 -41.23 27.93
CA PHE K 808 -72.27 -40.02 27.38
C PHE K 808 -71.38 -39.31 26.35
N ALA K 809 -70.12 -39.71 26.26
CA ALA K 809 -69.20 -39.15 25.26
C ALA K 809 -69.55 -39.61 23.84
N ASN K 810 -70.17 -40.79 23.71
CA ASN K 810 -70.58 -41.31 22.41
C ASN K 810 -71.60 -40.41 21.74
N TYR K 811 -72.58 -39.95 22.51
CA TYR K 811 -73.64 -39.09 21.98
C TYR K 811 -73.50 -37.62 22.38
N GLY K 812 -72.30 -37.21 22.78
CA GLY K 812 -72.07 -35.86 23.26
C GLY K 812 -72.07 -34.86 22.13
N PHE K 813 -72.79 -33.75 22.29
CA PHE K 813 -72.94 -32.77 21.20
C PHE K 813 -72.14 -31.50 21.42
N ASN K 814 -71.61 -30.93 20.34
CA ASN K 814 -70.88 -29.68 20.42
C ASN K 814 -71.79 -28.48 20.72
N LYS K 815 -71.70 -27.95 21.95
CA LYS K 815 -72.63 -26.92 22.41
C LYS K 815 -72.51 -25.58 21.65
N SER K 816 -71.29 -25.24 21.25
CA SER K 816 -71.04 -24.00 20.51
C SER K 816 -71.89 -23.96 19.25
N HIS K 817 -71.94 -25.08 18.54
CA HIS K 817 -72.74 -25.17 17.31
C HIS K 817 -74.21 -25.19 17.60
N ALA K 818 -74.60 -25.91 18.65
CA ALA K 818 -75.99 -26.01 19.03
C ALA K 818 -76.54 -24.69 19.62
N ALA K 819 -75.73 -23.96 20.38
CA ALA K 819 -76.12 -22.68 21.01
C ALA K 819 -76.33 -21.57 20.01
N ALA K 820 -75.42 -21.50 19.03
CA ALA K 820 -75.52 -20.52 17.95
C ALA K 820 -76.79 -20.71 17.14
N TYR K 821 -76.92 -21.91 16.58
CA TYR K 821 -78.06 -22.21 15.76
C TYR K 821 -79.37 -21.98 16.53
N SER K 822 -79.36 -22.23 17.83
CA SER K 822 -80.55 -22.05 18.68
C SER K 822 -80.97 -20.57 18.76
N LEU K 823 -80.00 -19.70 18.56
CA LEU K 823 -80.27 -18.28 18.60
C LEU K 823 -81.09 -17.91 17.37
N LEU K 824 -80.81 -18.58 16.25
CA LEU K 824 -81.56 -18.36 15.01
C LEU K 824 -82.97 -18.95 15.12
N SER K 825 -83.09 -20.06 15.83
CA SER K 825 -84.38 -20.63 16.11
C SER K 825 -85.21 -19.68 16.94
N TYR K 826 -84.58 -19.09 17.96
CA TYR K 826 -85.25 -18.13 18.84
C TYR K 826 -85.66 -16.85 18.10
N GLN K 827 -84.79 -16.36 17.23
CA GLN K 827 -85.05 -15.16 16.47
C GLN K 827 -86.22 -15.36 15.54
N THR K 828 -86.28 -16.53 14.90
CA THR K 828 -87.38 -16.87 14.00
C THR K 828 -88.69 -17.00 14.79
N ALA K 829 -88.61 -17.61 15.97
CA ALA K 829 -89.77 -17.72 16.87
C ALA K 829 -90.26 -16.35 17.35
N TYR K 830 -89.32 -15.50 17.72
CA TYR K 830 -89.64 -14.18 18.25
C TYR K 830 -90.45 -13.36 17.28
N VAL K 831 -90.06 -13.41 16.01
CA VAL K 831 -90.73 -12.63 14.97
C VAL K 831 -92.18 -13.10 14.82
N LYS K 832 -92.38 -14.43 14.76
CA LYS K 832 -93.72 -15.04 14.65
C LYS K 832 -94.63 -14.73 15.83
N ALA K 833 -94.03 -14.63 17.01
CA ALA K 833 -94.73 -14.36 18.25
C ALA K 833 -95.25 -12.94 18.29
N HIS K 834 -94.35 -11.99 18.09
CA HIS K 834 -94.75 -10.58 18.10
C HIS K 834 -95.39 -10.04 16.81
N TYR K 835 -94.85 -10.43 15.66
CA TYR K 835 -95.26 -9.87 14.35
C TYR K 835 -95.84 -10.95 13.40
N PRO K 836 -97.01 -11.48 13.75
CA PRO K 836 -97.49 -12.63 13.01
C PRO K 836 -97.77 -12.37 11.52
N VAL K 837 -98.29 -11.18 11.22
CA VAL K 837 -98.80 -10.85 9.88
C VAL K 837 -97.67 -10.74 8.87
N GLU K 838 -96.65 -9.96 9.22
CA GLU K 838 -95.50 -9.73 8.35
C GLU K 838 -94.55 -10.90 8.35
N PHE K 839 -94.61 -11.73 9.41
CA PHE K 839 -93.84 -12.99 9.47
C PHE K 839 -94.36 -13.89 8.37
N MET K 840 -95.69 -13.99 8.27
CA MET K 840 -96.35 -14.79 7.23
C MET K 840 -96.08 -14.18 5.85
N ALA K 841 -96.11 -12.83 5.78
CA ALA K 841 -95.82 -12.10 4.51
C ALA K 841 -94.37 -12.28 4.02
N ALA K 842 -93.44 -12.52 4.96
CA ALA K 842 -92.05 -12.92 4.66
C ALA K 842 -91.97 -14.36 4.19
N LEU K 843 -92.71 -15.26 4.83
CA LEU K 843 -92.71 -16.68 4.41
C LEU K 843 -93.18 -16.81 2.98
N LEU K 844 -94.21 -16.03 2.62
CA LEU K 844 -94.74 -15.97 1.26
C LEU K 844 -93.73 -15.34 0.28
N SER K 845 -93.04 -14.30 0.74
CA SER K 845 -92.09 -13.56 -0.10
C SER K 845 -90.84 -14.37 -0.45
N VAL K 846 -90.35 -15.17 0.49
CA VAL K 846 -89.12 -15.97 0.29
C VAL K 846 -89.38 -17.21 -0.59
N GLU K 847 -90.59 -17.76 -0.51
CA GLU K 847 -90.94 -18.92 -1.31
C GLU K 847 -92.08 -18.57 -2.24
N ARG K 848 -91.99 -17.42 -2.91
CA ARG K 848 -93.08 -16.95 -3.76
C ARG K 848 -93.21 -17.74 -5.06
N HIS K 849 -92.08 -18.19 -5.61
CA HIS K 849 -92.08 -18.89 -6.89
C HIS K 849 -92.60 -20.29 -6.80
N ASP K 850 -92.46 -20.90 -5.62
CA ASP K 850 -92.94 -22.27 -5.38
C ASP K 850 -94.46 -22.29 -5.16
N SER K 851 -95.17 -22.89 -6.11
CA SER K 851 -96.63 -22.84 -6.12
C SER K 851 -97.26 -23.61 -4.96
N ASP K 852 -96.66 -24.74 -4.62
CA ASP K 852 -97.19 -25.60 -3.56
C ASP K 852 -97.01 -24.96 -2.18
N LYS K 853 -95.92 -24.20 -2.03
CA LYS K 853 -95.63 -23.53 -0.76
C LYS K 853 -96.56 -22.34 -0.51
N VAL K 854 -96.66 -21.45 -1.50
CA VAL K 854 -97.55 -20.29 -1.38
C VAL K 854 -99.03 -20.66 -1.11
N ALA K 855 -99.46 -21.79 -1.65
CA ALA K 855 -100.78 -22.36 -1.35
C ALA K 855 -100.87 -22.80 0.12
N GLU K 856 -99.77 -23.33 0.64
CA GLU K 856 -99.70 -23.75 2.04
C GLU K 856 -99.70 -22.54 2.99
N TYR K 857 -98.86 -21.56 2.69
CA TYR K 857 -98.75 -20.39 3.56
C TYR K 857 -100.04 -19.56 3.56
N ILE K 858 -100.77 -19.55 2.46
CA ILE K 858 -102.03 -18.83 2.40
C ILE K 858 -103.09 -19.48 3.30
N ARG K 859 -103.29 -20.80 3.14
CA ARG K 859 -104.30 -21.54 3.94
C ARG K 859 -103.94 -21.61 5.44
N ASP K 860 -102.64 -21.53 5.74
CA ASP K 860 -102.18 -21.32 7.11
C ASP K 860 -102.57 -19.92 7.64
N ALA K 861 -102.41 -18.91 6.79
CA ALA K 861 -102.77 -17.54 7.18
C ALA K 861 -104.28 -17.38 7.29
N ARG K 862 -105.00 -17.99 6.34
CA ARG K 862 -106.44 -17.91 6.32
C ARG K 862 -107.06 -18.56 7.53
N ALA K 863 -106.41 -19.62 8.04
CA ALA K 863 -106.79 -20.25 9.29
C ALA K 863 -106.00 -19.69 10.49
N LEU K 864 -105.63 -18.42 10.43
CA LEU K 864 -104.93 -17.77 11.54
C LEU K 864 -105.40 -16.31 11.74
N GLY K 865 -106.57 -16.00 11.19
CA GLY K 865 -107.14 -14.68 11.31
C GLY K 865 -106.44 -13.62 10.48
N ILE K 866 -105.65 -14.05 9.51
CA ILE K 866 -104.86 -13.11 8.71
C ILE K 866 -105.33 -13.19 7.27
N PRO K 867 -106.11 -12.19 6.83
CA PRO K 867 -106.64 -12.25 5.48
C PRO K 867 -105.58 -11.92 4.41
N VAL K 868 -105.38 -12.85 3.47
CA VAL K 868 -104.52 -12.66 2.29
C VAL K 868 -105.33 -12.23 1.05
N LEU K 869 -105.26 -10.94 0.68
CA LEU K 869 -106.08 -10.40 -0.41
C LEU K 869 -105.35 -10.50 -1.77
N PRO K 870 -106.11 -10.42 -2.88
CA PRO K 870 -105.44 -10.43 -4.19
C PRO K 870 -104.78 -9.08 -4.48
N PRO K 871 -104.00 -8.98 -5.57
CA PRO K 871 -103.32 -7.74 -5.87
C PRO K 871 -104.28 -6.57 -6.13
N ASP K 872 -103.75 -5.36 -6.21
CA ASP K 872 -104.56 -4.16 -6.47
C ASP K 872 -103.68 -3.02 -7.01
N VAL K 873 -103.96 -2.56 -8.23
CA VAL K 873 -103.10 -1.54 -8.87
C VAL K 873 -102.89 -0.29 -8.02
N ASN K 874 -103.91 0.10 -7.23
CA ASN K 874 -103.83 1.32 -6.37
C ASN K 874 -103.03 1.13 -5.07
N ARG K 875 -103.03 -0.10 -4.54
CA ARG K 875 -102.43 -0.37 -3.23
C ARG K 875 -101.21 -1.28 -3.28
N SER K 876 -101.22 -2.31 -4.13
CA SER K 876 -100.11 -3.27 -4.18
C SER K 876 -98.83 -2.62 -4.73
N GLY K 877 -97.70 -3.04 -4.19
CA GLY K 877 -96.41 -2.60 -4.67
C GLY K 877 -95.82 -3.62 -5.64
N PHE K 878 -94.59 -4.04 -5.37
CA PHE K 878 -93.86 -4.97 -6.23
C PHE K 878 -93.97 -6.41 -5.71
N ASP K 879 -93.66 -6.57 -4.42
CA ASP K 879 -93.67 -7.86 -3.77
C ASP K 879 -94.82 -7.89 -2.75
N PHE K 880 -94.87 -8.95 -1.94
CA PHE K 880 -95.84 -9.02 -0.85
C PHE K 880 -95.71 -7.85 0.14
N LYS K 881 -96.82 -7.49 0.77
CA LYS K 881 -96.86 -6.38 1.72
C LYS K 881 -97.93 -6.51 2.79
N VAL K 882 -97.79 -5.68 3.83
CA VAL K 882 -98.68 -5.69 4.98
C VAL K 882 -99.32 -4.31 5.07
N VAL K 883 -100.52 -4.19 4.50
CA VAL K 883 -101.35 -2.99 4.59
C VAL K 883 -102.23 -3.08 5.84
N GLY K 884 -101.88 -2.33 6.87
CA GLY K 884 -102.61 -2.39 8.16
C GLY K 884 -102.35 -3.70 8.89
N GLU K 885 -103.30 -4.63 8.79
CA GLU K 885 -103.09 -6.00 9.30
C GLU K 885 -103.56 -7.06 8.29
N GLU K 886 -103.30 -6.80 7.01
CA GLU K 886 -103.71 -7.69 5.95
C GLU K 886 -102.54 -7.95 5.01
N ILE K 887 -102.40 -9.18 4.52
CA ILE K 887 -101.37 -9.52 3.55
C ILE K 887 -101.92 -9.25 2.15
N LEU K 888 -101.12 -8.55 1.34
CA LEU K 888 -101.52 -8.14 0.00
C LEU K 888 -100.54 -8.63 -1.06
N PHE K 889 -101.06 -9.29 -2.09
CA PHE K 889 -100.24 -9.77 -3.21
C PHE K 889 -99.66 -8.57 -3.95
N GLY K 890 -98.46 -8.75 -4.52
CA GLY K 890 -97.78 -7.71 -5.29
C GLY K 890 -98.09 -7.84 -6.76
N LEU K 891 -97.73 -6.81 -7.52
CA LEU K 891 -97.95 -6.78 -8.98
C LEU K 891 -97.05 -7.78 -9.70
N SER K 892 -95.89 -8.07 -9.13
CA SER K 892 -94.91 -8.95 -9.75
C SER K 892 -95.40 -10.39 -9.78
N ALA K 893 -96.34 -10.69 -8.88
CA ALA K 893 -96.99 -12.01 -8.75
C ALA K 893 -97.79 -12.42 -9.98
N VAL K 894 -98.25 -11.42 -10.74
CA VAL K 894 -99.03 -11.63 -11.96
C VAL K 894 -98.20 -12.21 -13.07
N LYS K 895 -98.75 -13.22 -13.75
CA LYS K 895 -97.99 -14.08 -14.67
C LYS K 895 -97.52 -13.30 -15.91
N ASN K 896 -98.48 -12.84 -16.72
CA ASN K 896 -98.14 -12.21 -18.00
C ASN K 896 -97.56 -10.81 -17.87
N VAL K 897 -97.71 -10.20 -16.69
CA VAL K 897 -97.12 -8.87 -16.44
C VAL K 897 -95.61 -8.97 -16.27
N GLY K 898 -94.88 -8.19 -17.07
CA GLY K 898 -93.41 -8.19 -17.08
C GLY K 898 -92.85 -7.49 -15.86
N GLU K 899 -91.54 -7.60 -15.66
CA GLU K 899 -90.84 -6.94 -14.55
C GLU K 899 -90.71 -5.44 -14.76
N MET K 900 -90.57 -5.05 -16.03
CA MET K 900 -90.54 -3.65 -16.41
C MET K 900 -91.92 -3.03 -16.22
N ALA K 901 -92.95 -3.76 -16.66
CA ALA K 901 -94.33 -3.29 -16.58
C ALA K 901 -94.74 -3.16 -15.13
N ALA K 902 -94.36 -4.13 -14.30
CA ALA K 902 -94.73 -4.16 -12.88
C ALA K 902 -94.33 -2.88 -12.18
N ARG K 903 -93.08 -2.49 -12.34
CA ARG K 903 -92.59 -1.23 -11.79
C ARG K 903 -93.13 -0.03 -12.55
N ALA K 904 -93.27 -0.15 -13.86
CA ALA K 904 -93.81 0.95 -14.65
C ALA K 904 -95.16 1.44 -14.13
N ILE K 905 -95.99 0.50 -13.66
CA ILE K 905 -97.31 0.84 -13.12
C ILE K 905 -97.11 1.64 -11.85
N LEU K 906 -96.25 1.15 -10.98
CA LEU K 906 -95.99 1.78 -9.70
C LEU K 906 -95.42 3.21 -9.84
N GLU K 907 -94.42 3.36 -10.71
CA GLU K 907 -93.78 4.66 -10.93
C GLU K 907 -94.76 5.69 -11.45
N GLU K 908 -95.68 5.23 -12.32
CA GLU K 908 -96.73 6.10 -12.82
C GLU K 908 -97.64 6.52 -11.68
N ARG K 909 -97.86 5.60 -10.75
CA ARG K 909 -98.79 5.82 -9.66
C ARG K 909 -98.24 6.82 -8.67
N GLU K 910 -96.91 6.89 -8.56
CA GLU K 910 -96.24 7.76 -7.59
C GLU K 910 -96.17 9.19 -8.04
N ARG K 911 -95.69 9.40 -9.28
CA ARG K 911 -95.60 10.75 -9.84
C ARG K 911 -96.97 11.39 -10.06
N GLY K 912 -97.92 10.60 -10.55
CA GLY K 912 -99.30 11.02 -10.63
C GLY K 912 -100.04 10.63 -9.38
N GLY K 913 -101.38 10.66 -9.44
CA GLY K 913 -102.19 10.24 -8.30
C GLY K 913 -102.57 8.76 -8.37
N PRO K 914 -103.43 8.32 -7.44
CA PRO K 914 -103.95 6.97 -7.58
C PRO K 914 -104.87 6.86 -8.81
N PHE K 915 -105.04 5.63 -9.30
CA PHE K 915 -105.86 5.39 -10.49
C PHE K 915 -107.35 5.50 -10.18
N LYS K 916 -108.05 6.39 -10.87
CA LYS K 916 -109.48 6.64 -10.64
C LYS K 916 -110.43 5.69 -11.38
N SER K 917 -109.97 5.13 -12.50
CA SER K 917 -110.82 4.33 -13.36
C SER K 917 -109.98 3.44 -14.25
N LEU K 918 -110.65 2.66 -15.09
CA LEU K 918 -110.00 1.81 -16.11
C LEU K 918 -109.45 2.67 -17.28
N GLY K 919 -110.20 3.67 -17.67
CA GLY K 919 -109.76 4.56 -18.73
C GLY K 919 -108.52 5.33 -18.31
N ASP K 920 -108.58 5.89 -17.10
CA ASP K 920 -107.47 6.64 -16.53
C ASP K 920 -106.21 5.77 -16.47
N PHE K 921 -106.39 4.50 -16.10
CA PHE K 921 -105.30 3.53 -16.08
C PHE K 921 -104.70 3.37 -17.48
N LEU K 922 -105.58 3.25 -18.48
CA LEU K 922 -105.16 2.98 -19.86
C LEU K 922 -104.46 4.17 -20.53
N LYS K 923 -104.98 5.37 -20.33
CA LYS K 923 -104.39 6.55 -20.95
C LYS K 923 -103.07 7.00 -20.30
N ARG K 924 -102.88 6.65 -19.02
CA ARG K 924 -101.61 6.92 -18.31
C ARG K 924 -100.54 5.85 -18.55
N LEU K 925 -100.99 4.62 -18.68
CA LEU K 925 -100.10 3.53 -18.98
C LEU K 925 -100.47 2.99 -20.36
N PRO K 926 -99.70 3.38 -21.41
CA PRO K 926 -100.03 2.99 -22.79
C PRO K 926 -99.74 1.54 -23.09
N GLU K 927 -100.23 1.08 -24.24
CA GLU K 927 -100.05 -0.31 -24.68
C GLU K 927 -98.56 -0.60 -24.93
N GLN K 928 -97.78 0.44 -25.23
CA GLN K 928 -96.34 0.36 -25.39
C GLN K 928 -95.75 -0.30 -24.14
N VAL K 929 -96.16 0.18 -22.97
CA VAL K 929 -95.63 -0.32 -21.70
C VAL K 929 -96.40 -1.57 -21.24
N VAL K 930 -97.70 -1.41 -20.98
CA VAL K 930 -98.55 -2.52 -20.54
C VAL K 930 -99.48 -3.03 -21.66
N ASN K 931 -99.05 -4.11 -22.31
CA ASN K 931 -99.73 -4.63 -23.47
C ASN K 931 -101.04 -5.31 -23.09
N LYS K 932 -101.86 -5.63 -24.10
CA LYS K 932 -103.18 -6.27 -23.90
C LYS K 932 -103.06 -7.62 -23.18
N ARG K 933 -102.06 -8.41 -23.53
CA ARG K 933 -101.80 -9.69 -22.88
C ARG K 933 -101.65 -9.51 -21.35
N ALA K 934 -100.88 -8.50 -20.95
CA ALA K 934 -100.67 -8.19 -19.54
C ALA K 934 -101.94 -7.59 -18.92
N LEU K 935 -102.64 -6.76 -19.68
CA LEU K 935 -103.83 -6.09 -19.18
C LEU K 935 -104.96 -7.06 -18.88
N GLU K 936 -105.03 -8.15 -19.65
CA GLU K 936 -106.05 -9.19 -19.40
C GLU K 936 -105.71 -9.92 -18.09
N SER K 937 -104.45 -10.33 -17.96
CA SER K 937 -104.00 -11.04 -16.76
C SER K 937 -104.11 -10.19 -15.50
N LEU K 938 -103.99 -8.88 -15.66
CA LEU K 938 -104.12 -7.96 -14.53
C LEU K 938 -105.57 -7.89 -14.04
N VAL K 939 -106.52 -8.09 -14.96
CA VAL K 939 -107.95 -8.11 -14.61
C VAL K 939 -108.32 -9.44 -13.97
N LYS K 940 -107.80 -10.51 -14.56
CA LYS K 940 -108.05 -11.88 -14.09
C LYS K 940 -107.45 -12.15 -12.70
N ALA K 941 -106.30 -11.55 -12.43
CA ALA K 941 -105.64 -11.67 -11.11
C ALA K 941 -106.43 -10.94 -10.02
N GLY K 942 -107.21 -9.94 -10.42
CA GLY K 942 -108.03 -9.15 -9.51
C GLY K 942 -107.42 -7.81 -9.14
N ALA K 943 -106.49 -7.34 -9.96
CA ALA K 943 -105.81 -6.07 -9.69
C ALA K 943 -106.68 -4.87 -10.07
N LEU K 944 -107.59 -5.06 -11.02
CA LEU K 944 -108.49 -4.00 -11.44
C LEU K 944 -109.96 -4.28 -11.04
N ASP K 945 -110.16 -4.85 -9.85
CA ASP K 945 -111.50 -5.05 -9.31
C ASP K 945 -112.11 -3.78 -8.71
N ALA K 946 -111.26 -2.81 -8.38
CA ALA K 946 -111.68 -1.54 -7.78
C ALA K 946 -112.56 -0.69 -8.71
N PHE K 947 -112.56 -1.05 -10.00
CA PHE K 947 -113.24 -0.28 -11.02
C PHE K 947 -114.52 -0.93 -11.55
N GLY K 948 -114.61 -2.26 -11.49
CA GLY K 948 -115.84 -2.94 -11.93
C GLY K 948 -115.81 -4.46 -11.93
N ASP K 949 -116.85 -5.05 -12.51
CA ASP K 949 -116.95 -6.50 -12.71
C ASP K 949 -115.95 -6.98 -13.76
N ARG K 950 -115.30 -8.12 -13.51
CA ARG K 950 -114.24 -8.61 -14.39
C ARG K 950 -114.72 -8.94 -15.81
N ALA K 951 -115.86 -9.61 -15.93
CA ALA K 951 -116.41 -9.95 -17.24
C ALA K 951 -116.72 -8.69 -18.00
N ARG K 952 -117.09 -7.64 -17.27
CA ARG K 952 -117.39 -6.35 -17.89
C ARG K 952 -116.10 -5.63 -18.27
N LEU K 953 -115.09 -5.71 -17.39
CA LEU K 953 -113.77 -5.11 -17.63
C LEU K 953 -113.05 -5.76 -18.82
N LEU K 954 -112.97 -7.09 -18.83
CA LEU K 954 -112.32 -7.82 -19.92
C LEU K 954 -112.99 -7.49 -21.25
N ALA K 955 -114.32 -7.33 -21.23
CA ALA K 955 -115.08 -6.97 -22.42
C ALA K 955 -114.79 -5.55 -22.83
N SER K 956 -114.49 -4.71 -21.85
CA SER K 956 -114.17 -3.28 -22.07
C SER K 956 -112.70 -3.02 -22.36
N LEU K 957 -111.88 -4.05 -22.55
CA LEU K 957 -110.43 -3.86 -22.78
C LEU K 957 -110.08 -3.27 -24.14
N GLU K 958 -110.45 -3.96 -25.22
CA GLU K 958 -110.08 -3.56 -26.57
C GLU K 958 -110.69 -2.23 -26.99
N PRO K 959 -111.99 -2.00 -26.68
CA PRO K 959 -112.60 -0.69 -26.98
C PRO K 959 -111.95 0.50 -26.26
N LEU K 960 -111.50 0.32 -25.01
CA LEU K 960 -110.98 1.43 -24.21
C LEU K 960 -109.53 1.73 -24.58
N LEU K 961 -108.79 0.71 -25.02
CA LEU K 961 -107.41 0.93 -25.50
C LEU K 961 -107.42 1.57 -26.89
N ARG K 962 -108.45 1.30 -27.67
CA ARG K 962 -108.70 2.12 -28.85
C ARG K 962 -108.90 3.57 -28.39
N TRP K 963 -109.78 3.77 -27.42
CA TRP K 963 -110.11 5.11 -26.91
C TRP K 963 -108.89 5.78 -26.37
N ALA K 964 -108.11 5.01 -25.63
CA ALA K 964 -106.87 5.50 -25.04
C ALA K 964 -105.82 5.84 -26.10
N ALA K 965 -105.90 5.18 -27.26
CA ALA K 965 -104.99 5.43 -28.38
C ALA K 965 -105.34 6.68 -29.17
N GLU K 966 -106.63 6.88 -29.43
CA GLU K 966 -107.07 8.06 -30.17
C GLU K 966 -107.08 9.35 -29.34
N THR K 967 -107.10 9.21 -28.00
CA THR K 967 -107.00 10.36 -27.10
C THR K 967 -105.62 11.02 -27.19
N ARG K 968 -104.59 10.22 -27.43
CA ARG K 968 -103.23 10.74 -27.57
C ARG K 968 -103.06 11.51 -28.86
N GLU K 969 -103.66 11.01 -29.94
CA GLU K 969 -103.60 11.67 -31.25
C GLU K 969 -104.06 13.12 -31.16
N ARG K 970 -105.22 13.32 -30.60
CA ARG K 970 -105.68 14.68 -30.55
C ARG K 970 -104.70 15.38 -29.68
N GLY K 971 -104.45 14.71 -28.55
CA GLY K 971 -103.76 15.29 -27.42
C GLY K 971 -102.43 15.66 -28.00
N ARG K 972 -101.85 14.76 -28.79
CA ARG K 972 -100.71 15.17 -29.57
C ARG K 972 -101.21 16.25 -30.48
N SER K 973 -102.27 16.04 -31.24
CA SER K 973 -102.55 17.01 -32.29
C SER K 973 -103.04 18.30 -31.65
N GLY K 974 -102.25 18.73 -30.69
CA GLY K 974 -102.19 20.03 -30.08
C GLY K 974 -102.53 19.77 -28.65
N LEU K 975 -103.66 19.17 -28.56
CA LEU K 975 -104.79 19.65 -27.76
C LEU K 975 -104.70 19.35 -26.27
N VAL K 976 -105.46 20.01 -25.38
CA VAL K 976 -105.35 19.35 -24.08
C VAL K 976 -106.50 19.75 -23.14
N GLY K 977 -107.64 19.08 -23.31
CA GLY K 977 -108.84 19.35 -22.52
C GLY K 977 -110.14 18.96 -23.24
N VAL K 982 -113.89 14.57 -24.82
CA VAL K 982 -114.65 13.33 -24.67
C VAL K 982 -114.00 12.42 -23.62
N GLU K 983 -114.58 12.41 -22.42
CA GLU K 983 -114.12 11.55 -21.32
C GLU K 983 -114.47 10.09 -21.63
N GLU K 984 -113.92 9.20 -20.79
CA GLU K 984 -114.11 7.74 -20.91
C GLU K 984 -115.59 7.37 -20.98
N PRO K 985 -115.92 6.40 -21.86
CA PRO K 985 -117.30 5.97 -21.96
C PRO K 985 -117.67 5.02 -20.79
N PRO K 986 -118.97 4.70 -20.64
CA PRO K 986 -119.33 3.74 -19.61
C PRO K 986 -118.74 2.36 -19.92
N LEU K 987 -118.66 1.52 -18.90
CA LEU K 987 -118.07 0.18 -19.01
C LEU K 987 -118.97 -0.71 -19.88
N VAL K 988 -118.40 -1.35 -20.89
CA VAL K 988 -119.18 -2.18 -21.82
C VAL K 988 -119.80 -3.36 -21.09
N GLU K 989 -121.14 -3.38 -21.04
CA GLU K 989 -121.90 -4.34 -20.21
C GLU K 989 -121.69 -5.80 -20.56
N ALA K 990 -121.74 -6.62 -19.52
CA ALA K 990 -121.48 -8.05 -19.64
C ALA K 990 -122.10 -8.80 -18.46
N SER K 991 -122.44 -10.07 -18.68
CA SER K 991 -122.96 -10.93 -17.62
C SER K 991 -121.86 -11.30 -16.60
N PRO K 992 -122.22 -11.41 -15.30
CA PRO K 992 -121.19 -11.71 -14.30
C PRO K 992 -120.54 -13.07 -14.53
N LEU K 993 -119.30 -13.22 -14.07
CA LEU K 993 -118.56 -14.48 -14.22
C LEU K 993 -118.95 -15.47 -13.13
N ASP K 994 -119.16 -16.72 -13.54
CA ASP K 994 -119.39 -17.82 -12.60
C ASP K 994 -118.09 -18.12 -11.87
N GLU K 995 -118.21 -18.63 -10.64
CA GLU K 995 -117.04 -18.86 -9.79
C GLU K 995 -116.08 -19.97 -10.27
N ILE K 996 -116.59 -20.93 -11.05
CA ILE K 996 -115.75 -21.99 -11.61
C ILE K 996 -114.74 -21.43 -12.65
N THR K 997 -115.22 -20.60 -13.58
CA THR K 997 -114.35 -19.94 -14.58
C THR K 997 -113.68 -18.70 -14.02
N MET K 998 -114.28 -18.08 -12.99
CA MET K 998 -113.67 -16.94 -12.31
C MET K 998 -112.44 -17.36 -11.50
N LEU K 999 -112.55 -18.47 -10.78
CA LEU K 999 -111.38 -19.06 -10.09
C LEU K 999 -110.36 -19.62 -11.10
N ARG K 1000 -110.84 -20.08 -12.26
CA ARG K 1000 -109.99 -20.62 -13.29
C ARG K 1000 -109.02 -19.55 -13.76
N TYR K 1001 -109.54 -18.35 -13.95
CA TYR K 1001 -108.76 -17.23 -14.42
C TYR K 1001 -107.76 -16.73 -13.38
N GLU K 1002 -108.15 -16.76 -12.12
CA GLU K 1002 -107.24 -16.40 -11.03
C GLU K 1002 -105.99 -17.28 -11.02
N LYS K 1003 -106.20 -18.58 -11.16
CA LYS K 1003 -105.10 -19.53 -11.18
C LYS K 1003 -104.25 -19.31 -12.44
N GLU K 1004 -104.90 -18.92 -13.54
CA GLU K 1004 -104.18 -18.60 -14.78
C GLU K 1004 -103.36 -17.32 -14.66
N ALA K 1005 -103.90 -16.34 -13.92
CA ALA K 1005 -103.27 -15.04 -13.73
C ALA K 1005 -102.17 -15.04 -12.66
N LEU K 1006 -102.41 -15.71 -11.53
CA LEU K 1006 -101.47 -15.71 -10.37
C LEU K 1006 -100.70 -17.01 -10.13
N GLY K 1007 -101.12 -18.09 -10.81
CA GLY K 1007 -100.44 -19.39 -10.68
C GLY K 1007 -101.12 -20.30 -9.68
N ILE K 1008 -101.37 -19.77 -8.49
CA ILE K 1008 -102.03 -20.53 -7.42
C ILE K 1008 -103.44 -19.99 -7.16
N TYR K 1009 -104.19 -20.67 -6.27
CA TYR K 1009 -105.56 -20.27 -5.92
C TYR K 1009 -105.55 -19.31 -4.75
N VAL K 1010 -106.22 -18.19 -4.91
CA VAL K 1010 -106.31 -17.18 -3.86
C VAL K 1010 -107.77 -16.80 -3.80
N SER K 1011 -108.32 -16.71 -2.60
CA SER K 1011 -109.71 -16.34 -2.38
C SER K 1011 -110.67 -17.41 -2.89
N GLY K 1012 -110.99 -18.38 -2.02
CA GLY K 1012 -111.97 -19.43 -2.33
C GLY K 1012 -111.36 -20.56 -3.10
N HIS K 1013 -112.02 -21.72 -3.03
CA HIS K 1013 -111.56 -22.93 -3.71
C HIS K 1013 -112.68 -23.45 -4.56
N PRO K 1014 -112.37 -24.04 -5.73
CA PRO K 1014 -113.43 -24.48 -6.67
C PRO K 1014 -114.50 -25.42 -6.09
N VAL K 1015 -114.08 -26.39 -5.27
CA VAL K 1015 -115.02 -27.32 -4.67
C VAL K 1015 -116.07 -26.63 -3.80
N LEU K 1016 -115.67 -25.58 -3.06
CA LEU K 1016 -116.59 -24.85 -2.18
C LEU K 1016 -117.65 -24.05 -2.98
N ARG K 1017 -118.57 -23.41 -2.25
CA ARG K 1017 -119.63 -22.57 -2.83
C ARG K 1017 -120.66 -23.33 -3.63
N TYR K 1018 -120.31 -24.52 -4.11
CA TYR K 1018 -121.26 -25.46 -4.72
C TYR K 1018 -120.94 -26.89 -4.23
N PRO K 1019 -120.84 -27.08 -2.90
CA PRO K 1019 -120.25 -28.28 -2.30
C PRO K 1019 -121.29 -29.38 -1.99
N GLY K 1020 -121.83 -29.98 -3.04
CA GLY K 1020 -122.65 -31.18 -2.90
C GLY K 1020 -121.76 -32.36 -2.59
N LEU K 1021 -120.52 -32.32 -3.10
CA LEU K 1021 -119.54 -33.43 -2.97
C LEU K 1021 -118.88 -33.50 -1.61
N ARG K 1022 -118.78 -32.35 -0.95
CA ARG K 1022 -118.26 -32.29 0.42
C ARG K 1022 -119.23 -33.02 1.36
N GLU K 1023 -120.53 -32.78 1.15
CA GLU K 1023 -121.58 -33.38 1.99
C GLU K 1023 -121.66 -34.91 1.84
N VAL K 1024 -121.23 -35.43 0.67
CA VAL K 1024 -121.26 -36.87 0.38
C VAL K 1024 -119.94 -37.54 0.75
N ALA K 1025 -118.84 -36.79 0.64
CA ALA K 1025 -117.50 -37.34 0.83
C ALA K 1025 -117.30 -37.97 2.20
N SER K 1026 -116.40 -38.95 2.25
CA SER K 1026 -116.04 -39.62 3.50
C SER K 1026 -115.03 -38.82 4.32
N CYS K 1027 -114.21 -38.02 3.65
CA CYS K 1027 -113.16 -37.28 4.33
C CYS K 1027 -112.74 -36.08 3.48
N THR K 1028 -111.95 -35.18 4.06
CA THR K 1028 -111.37 -34.07 3.30
C THR K 1028 -109.87 -34.34 3.13
N ILE K 1029 -109.24 -33.64 2.18
CA ILE K 1029 -107.84 -33.91 1.81
C ILE K 1029 -106.91 -33.69 3.00
N GLU K 1030 -107.16 -32.65 3.78
CA GLU K 1030 -106.34 -32.35 4.96
C GLU K 1030 -106.48 -33.42 6.03
N GLU K 1031 -107.71 -33.92 6.21
CA GLU K 1031 -108.02 -34.88 7.26
C GLU K 1031 -107.58 -36.30 6.93
N LEU K 1032 -107.25 -36.57 5.67
CA LEU K 1032 -106.96 -37.93 5.21
C LEU K 1032 -105.90 -38.60 6.06
N SER K 1033 -104.74 -37.94 6.19
CA SER K 1033 -103.62 -38.50 6.95
C SER K 1033 -103.99 -38.70 8.42
N GLU K 1034 -104.71 -37.74 8.98
CA GLU K 1034 -105.18 -37.82 10.36
C GLU K 1034 -106.18 -38.96 10.55
N PHE K 1035 -107.08 -39.10 9.59
CA PHE K 1035 -108.19 -40.06 9.68
C PHE K 1035 -107.75 -41.50 9.42
N VAL K 1036 -106.85 -41.68 8.46
CA VAL K 1036 -106.46 -43.01 7.97
C VAL K 1036 -105.57 -43.79 8.94
N ARG K 1037 -104.70 -43.09 9.69
CA ARG K 1037 -103.65 -43.75 10.50
C ARG K 1037 -104.18 -44.79 11.49
N GLU K 1038 -105.24 -44.45 12.21
CA GLU K 1038 -105.90 -45.38 13.12
C GLU K 1038 -107.11 -46.03 12.45
N LEU K 1039 -106.85 -46.98 11.55
CA LEU K 1039 -107.89 -47.63 10.76
C LEU K 1039 -107.35 -49.01 10.30
N PRO K 1040 -108.08 -49.75 9.44
CA PRO K 1040 -107.51 -51.04 9.03
C PRO K 1040 -106.43 -50.89 7.97
N GLY K 1041 -105.81 -52.02 7.60
CA GLY K 1041 -104.64 -52.01 6.73
C GLY K 1041 -104.97 -51.75 5.27
N LYS K 1042 -104.33 -50.73 4.69
CA LYS K 1042 -104.47 -50.39 3.27
C LYS K 1042 -105.93 -50.27 2.84
N PRO K 1043 -106.62 -49.20 3.29
CA PRO K 1043 -108.06 -49.05 3.08
C PRO K 1043 -108.42 -48.40 1.73
N LYS K 1044 -109.71 -48.12 1.55
CA LYS K 1044 -110.17 -47.31 0.42
C LYS K 1044 -110.94 -46.12 0.96
N VAL K 1045 -110.83 -44.99 0.26
CA VAL K 1045 -111.50 -43.75 0.66
C VAL K 1045 -112.07 -43.04 -0.58
N LEU K 1046 -113.09 -42.20 -0.34
CA LEU K 1046 -113.68 -41.34 -1.38
C LEU K 1046 -113.51 -39.85 -1.03
N LEU K 1047 -112.79 -39.15 -1.91
CA LEU K 1047 -112.54 -37.71 -1.78
C LEU K 1047 -113.19 -36.96 -2.95
N SER K 1048 -113.23 -35.63 -2.84
CA SER K 1048 -113.77 -34.77 -3.89
C SER K 1048 -113.26 -33.32 -3.76
N GLY K 1049 -112.79 -32.77 -4.88
CA GLY K 1049 -112.27 -31.42 -4.94
C GLY K 1049 -112.44 -30.89 -6.34
N MET K 1050 -111.33 -30.72 -7.06
CA MET K 1050 -111.33 -30.18 -8.43
C MET K 1050 -110.08 -30.61 -9.18
N VAL K 1051 -110.25 -31.15 -10.40
CA VAL K 1051 -109.13 -31.57 -11.25
C VAL K 1051 -108.36 -30.37 -11.89
N GLU K 1052 -107.04 -30.51 -11.99
CA GLU K 1052 -106.17 -29.42 -12.48
C GLU K 1052 -105.01 -29.92 -13.36
N GLU K 1053 -105.34 -30.70 -14.39
CA GLU K 1053 -104.30 -31.26 -15.28
C GLU K 1053 -104.90 -31.76 -16.61
N VAL K 1054 -104.11 -31.62 -17.68
CA VAL K 1054 -104.47 -32.12 -19.02
C VAL K 1054 -104.18 -33.63 -19.17
N ARG K 1067 -102.28 -38.23 -14.48
CA ARG K 1067 -101.77 -37.65 -13.24
C ARG K 1067 -102.45 -36.34 -12.89
N PHE K 1068 -103.77 -36.36 -12.77
CA PHE K 1068 -104.53 -35.15 -12.42
C PHE K 1068 -104.51 -34.89 -10.91
N THR K 1069 -104.45 -33.60 -10.57
CA THR K 1069 -104.34 -33.15 -9.18
C THR K 1069 -105.69 -32.69 -8.62
N LEU K 1070 -106.18 -33.43 -7.62
CA LEU K 1070 -107.42 -33.10 -6.93
C LEU K 1070 -107.06 -32.26 -5.71
N SER K 1071 -107.76 -31.13 -5.57
CA SER K 1071 -107.50 -30.17 -4.48
C SER K 1071 -108.77 -29.64 -3.82
N ASP K 1072 -108.77 -29.65 -2.48
CA ASP K 1072 -109.87 -29.16 -1.66
C ASP K 1072 -109.49 -27.78 -1.13
N GLU K 1073 -110.37 -27.18 -0.34
CA GLU K 1073 -110.12 -25.90 0.35
C GLU K 1073 -108.98 -25.92 1.40
N THR K 1074 -108.42 -27.10 1.64
CA THR K 1074 -107.35 -27.25 2.61
C THR K 1074 -106.23 -28.20 2.12
N GLY K 1075 -105.98 -28.21 0.83
CA GLY K 1075 -104.82 -28.92 0.32
C GLY K 1075 -105.00 -29.42 -1.09
N ALA K 1076 -103.87 -29.81 -1.69
CA ALA K 1076 -103.83 -30.51 -2.98
C ALA K 1076 -103.40 -31.97 -2.81
N LEU K 1077 -103.64 -32.78 -3.84
CA LEU K 1077 -103.20 -34.16 -3.81
C LEU K 1077 -103.03 -34.74 -5.21
N GLU K 1078 -101.96 -35.52 -5.39
CA GLU K 1078 -101.69 -36.22 -6.65
C GLU K 1078 -102.34 -37.62 -6.62
N VAL K 1079 -102.68 -38.03 -7.83
CA VAL K 1079 -103.58 -39.10 -8.13
C VAL K 1079 -103.07 -39.83 -9.34
N VAL K 1080 -103.49 -41.07 -9.47
CA VAL K 1080 -103.00 -41.92 -10.53
C VAL K 1080 -103.52 -41.32 -11.82
N VAL K 1081 -102.96 -41.77 -12.93
CA VAL K 1081 -103.44 -42.92 -13.62
C VAL K 1081 -102.65 -44.16 -13.32
N PHE K 1082 -103.18 -45.04 -12.48
CA PHE K 1082 -102.63 -46.35 -12.31
C PHE K 1082 -103.73 -47.38 -12.18
N GLY K 1083 -104.39 -47.36 -11.04
CA GLY K 1083 -105.56 -48.21 -10.88
C GLY K 1083 -106.46 -48.18 -12.10
N ARG K 1084 -106.36 -47.09 -12.86
CA ARG K 1084 -107.13 -46.90 -14.09
C ARG K 1084 -106.86 -47.97 -15.17
N ALA K 1085 -105.64 -48.54 -15.19
CA ALA K 1085 -105.24 -49.47 -16.26
C ALA K 1085 -105.78 -50.91 -16.09
N TYR K 1086 -106.94 -51.06 -15.44
CA TYR K 1086 -107.58 -52.37 -15.29
C TYR K 1086 -108.03 -53.01 -16.63
N GLU K 1087 -108.91 -52.39 -17.41
CA GLU K 1087 -109.54 -51.09 -17.16
C GLU K 1087 -110.85 -51.28 -16.37
N GLY K 1088 -111.41 -50.19 -15.83
CA GLY K 1088 -110.82 -48.84 -15.82
C GLY K 1088 -111.86 -47.76 -15.63
N VAL K 1089 -111.42 -46.62 -15.11
CA VAL K 1089 -112.32 -45.50 -14.82
C VAL K 1089 -112.58 -44.66 -16.06
N SER K 1090 -111.55 -44.45 -16.88
CA SER K 1090 -111.64 -43.70 -18.13
C SER K 1090 -112.44 -42.40 -17.99
N PRO K 1091 -111.85 -41.39 -17.32
CA PRO K 1091 -112.60 -40.15 -17.05
C PRO K 1091 -112.69 -39.25 -18.28
N LYS K 1092 -111.53 -38.89 -18.84
CA LYS K 1092 -111.43 -37.90 -19.91
C LYS K 1092 -112.03 -36.55 -19.47
N LEU K 1093 -111.69 -36.17 -18.24
CA LEU K 1093 -112.16 -34.91 -17.70
C LEU K 1093 -111.18 -33.78 -17.91
N LYS K 1094 -109.98 -33.97 -17.40
CA LYS K 1094 -109.03 -32.94 -17.57
C LYS K 1094 -109.39 -31.89 -16.57
N GLU K 1095 -108.81 -30.74 -16.75
CA GLU K 1095 -108.75 -29.73 -15.74
C GLU K 1095 -110.07 -29.03 -15.51
N ASP K 1096 -110.18 -28.40 -14.36
CA ASP K 1096 -111.27 -27.49 -14.10
C ASP K 1096 -112.62 -28.08 -14.34
N ILE K 1097 -112.86 -29.18 -13.68
CA ILE K 1097 -114.17 -29.82 -13.66
C ILE K 1097 -114.24 -30.63 -12.36
N PRO K 1098 -115.37 -30.59 -11.64
CA PRO K 1098 -115.49 -31.37 -10.41
C PRO K 1098 -115.58 -32.89 -10.65
N LEU K 1099 -114.97 -33.67 -9.74
CA LEU K 1099 -114.91 -35.12 -9.86
C LEU K 1099 -114.94 -35.80 -8.49
N LEU K 1100 -115.91 -36.70 -8.29
CA LEU K 1100 -116.02 -37.53 -7.09
C LEU K 1100 -115.20 -38.78 -7.32
N VAL K 1101 -114.06 -38.85 -6.64
CA VAL K 1101 -113.11 -39.93 -6.84
C VAL K 1101 -113.09 -40.82 -5.62
N LEU K 1102 -113.27 -42.12 -5.84
CA LEU K 1102 -113.02 -43.13 -4.82
C LEU K 1102 -111.76 -43.88 -5.24
N ALA K 1103 -110.87 -44.14 -4.26
CA ALA K 1103 -109.57 -44.78 -4.56
C ALA K 1103 -108.94 -45.46 -3.35
N GLU K 1104 -108.14 -46.49 -3.62
CA GLU K 1104 -107.41 -47.25 -2.59
C GLU K 1104 -106.25 -46.43 -2.03
N VAL K 1105 -105.88 -46.72 -0.79
CA VAL K 1105 -104.81 -45.99 -0.11
C VAL K 1105 -103.72 -46.96 0.37
N GLU K 1106 -102.45 -46.55 0.25
CA GLU K 1106 -101.30 -47.33 0.71
C GLU K 1106 -100.39 -46.51 1.61
N ARG K 1112 -99.01 -45.08 -2.14
CA ARG K 1112 -99.61 -45.05 -3.48
C ARG K 1112 -101.13 -45.20 -3.44
N VAL K 1113 -101.80 -44.60 -4.43
CA VAL K 1113 -103.27 -44.56 -4.49
C VAL K 1113 -103.77 -45.06 -5.85
N LEU K 1114 -104.62 -46.09 -5.80
CA LEU K 1114 -105.19 -46.75 -6.98
C LEU K 1114 -106.68 -46.45 -7.14
N ALA K 1115 -107.02 -45.58 -8.08
CA ALA K 1115 -108.43 -45.26 -8.35
C ALA K 1115 -109.14 -46.47 -8.97
N GLN K 1116 -110.42 -46.67 -8.60
CA GLN K 1116 -111.27 -47.71 -9.21
C GLN K 1116 -112.51 -47.17 -9.97
N ALA K 1117 -112.91 -45.93 -9.65
CA ALA K 1117 -114.09 -45.31 -10.26
C ALA K 1117 -114.11 -43.80 -10.01
N VAL K 1118 -114.72 -43.06 -10.93
CA VAL K 1118 -114.93 -41.61 -10.75
C VAL K 1118 -116.27 -41.23 -11.35
N TRP K 1119 -116.88 -40.19 -10.79
CA TRP K 1119 -118.25 -39.82 -11.15
C TRP K 1119 -118.35 -38.36 -11.54
N THR K 1120 -119.11 -38.06 -12.58
CA THR K 1120 -119.33 -36.68 -13.00
C THR K 1120 -120.55 -36.04 -12.31
N LEU K 1121 -120.52 -34.71 -12.23
CA LEU K 1121 -121.47 -33.94 -11.41
C LEU K 1121 -122.94 -34.11 -11.82
N GLU K 1122 -123.18 -34.31 -13.12
CA GLU K 1122 -124.56 -34.42 -13.63
C GLU K 1122 -125.09 -35.86 -13.50
N GLU K 1123 -124.29 -36.75 -12.91
CA GLU K 1123 -124.69 -38.14 -12.72
C GLU K 1123 -125.18 -38.35 -11.28
N VAL K 1124 -124.52 -37.70 -10.33
CA VAL K 1124 -124.89 -37.73 -8.90
C VAL K 1124 -126.24 -37.04 -8.62
N LEU K 1125 -126.47 -35.89 -9.27
CA LEU K 1125 -127.69 -35.12 -9.05
C LEU K 1125 -128.96 -35.81 -9.59
N GLU K 1126 -128.79 -36.80 -10.47
CA GLU K 1126 -129.92 -37.53 -11.04
C GLU K 1126 -130.28 -38.76 -10.21
N ALA K 1127 -129.29 -39.35 -9.55
CA ALA K 1127 -129.50 -40.57 -8.75
C ALA K 1127 -130.38 -40.30 -7.53
N PRO K 1128 -131.05 -41.34 -7.00
CA PRO K 1128 -131.98 -41.14 -5.88
C PRO K 1128 -131.39 -40.25 -4.77
N LYS K 1129 -132.23 -39.39 -4.21
CA LYS K 1129 -131.83 -38.48 -3.14
C LYS K 1129 -132.16 -39.05 -1.75
N ALA K 1130 -131.45 -38.53 -0.74
CA ALA K 1130 -131.59 -38.98 0.65
C ALA K 1130 -131.52 -37.82 1.64
N LEU K 1131 -132.18 -37.97 2.79
CA LEU K 1131 -132.12 -36.97 3.85
C LEU K 1131 -130.78 -36.99 4.58
N GLU K 1132 -130.40 -35.86 5.17
CA GLU K 1132 -129.18 -35.77 5.98
C GLU K 1132 -129.29 -34.69 7.05
N VAL K 1133 -129.56 -35.13 8.28
CA VAL K 1133 -129.64 -34.22 9.40
C VAL K 1133 -128.23 -33.95 9.91
N GLU K 1134 -128.04 -32.78 10.54
CA GLU K 1134 -126.75 -32.38 11.12
C GLU K 1134 -126.89 -31.92 12.56
N VAL K 1135 -126.31 -32.69 13.49
CA VAL K 1135 -126.41 -32.41 14.92
C VAL K 1135 -125.05 -32.12 15.52
N ASP K 1136 -125.01 -31.14 16.43
CA ASP K 1136 -123.76 -30.70 17.06
C ASP K 1136 -123.35 -31.65 18.19
N HIS K 1137 -122.27 -31.33 18.89
CA HIS K 1137 -121.86 -32.06 20.10
C HIS K 1137 -122.86 -31.94 21.23
N ALA K 1138 -123.47 -30.78 21.35
CA ALA K 1138 -124.44 -30.52 22.41
C ALA K 1138 -125.72 -31.29 22.11
N LEU K 1139 -125.68 -32.60 22.38
CA LEU K 1139 -126.84 -33.47 22.27
C LEU K 1139 -126.88 -34.39 23.50
N LEU K 1140 -127.88 -34.18 24.35
CA LEU K 1140 -128.04 -34.99 25.55
C LEU K 1140 -128.75 -36.30 25.18
N ASP K 1141 -128.33 -37.40 25.80
CA ASP K 1141 -128.71 -38.75 25.38
C ASP K 1141 -130.21 -38.98 25.27
N GLU K 1142 -130.97 -38.40 26.19
CA GLU K 1142 -132.42 -38.55 26.17
C GLU K 1142 -133.06 -37.77 25.03
N LYS K 1143 -132.65 -36.52 24.83
CA LYS K 1143 -133.24 -35.68 23.80
C LYS K 1143 -132.79 -36.13 22.41
N GLY K 1144 -131.54 -36.54 22.29
CA GLY K 1144 -131.00 -37.01 21.03
C GLY K 1144 -131.66 -38.30 20.54
N VAL K 1145 -131.96 -39.19 21.47
CA VAL K 1145 -132.55 -40.50 21.16
C VAL K 1145 -134.07 -40.40 21.07
N ALA K 1146 -134.68 -40.01 22.18
CA ALA K 1146 -136.14 -40.04 22.32
C ALA K 1146 -136.88 -39.09 21.36
N ARG K 1147 -136.31 -37.91 21.08
CA ARG K 1147 -137.00 -36.90 20.25
C ARG K 1147 -136.80 -37.11 18.75
N LEU K 1148 -135.54 -37.28 18.36
CA LEU K 1148 -135.15 -37.38 16.95
C LEU K 1148 -135.58 -38.70 16.29
N LYS K 1149 -135.49 -39.80 17.04
CA LYS K 1149 -135.84 -41.12 16.52
C LYS K 1149 -137.35 -41.31 16.43
N SER K 1150 -138.07 -40.71 17.38
CA SER K 1150 -139.53 -40.77 17.40
C SER K 1150 -140.15 -40.03 16.23
N LEU K 1151 -139.56 -38.89 15.88
CA LEU K 1151 -140.03 -38.11 14.72
C LEU K 1151 -139.71 -38.82 13.40
N LEU K 1152 -138.55 -39.49 13.35
CA LEU K 1152 -138.09 -40.21 12.15
C LEU K 1152 -138.88 -41.48 11.85
N ASP K 1153 -139.18 -42.27 12.89
CA ASP K 1153 -139.96 -43.50 12.69
C ASP K 1153 -141.45 -43.24 12.39
N GLU K 1154 -141.93 -42.04 12.71
CA GLU K 1154 -143.33 -41.63 12.44
C GLU K 1154 -143.57 -41.19 10.99
N HIS K 1155 -142.49 -41.12 10.22
CA HIS K 1155 -142.57 -40.92 8.79
C HIS K 1155 -141.74 -41.97 8.08
N PRO K 1156 -142.37 -43.11 7.71
CA PRO K 1156 -141.65 -44.12 6.92
C PRO K 1156 -141.48 -43.73 5.44
N GLY K 1157 -140.52 -44.37 4.78
CA GLY K 1157 -140.28 -44.13 3.36
C GLY K 1157 -139.22 -45.07 2.79
N SER K 1158 -138.45 -44.56 1.85
CA SER K 1158 -137.38 -45.33 1.20
C SER K 1158 -136.12 -44.49 0.98
N LEU K 1159 -135.80 -43.64 1.96
CA LEU K 1159 -134.64 -42.76 1.88
C LEU K 1159 -133.80 -42.95 3.15
N PRO K 1160 -132.54 -43.41 2.99
CA PRO K 1160 -131.65 -43.50 4.16
C PRO K 1160 -131.20 -42.12 4.62
N VAL K 1161 -131.33 -41.83 5.92
CA VAL K 1161 -130.91 -40.54 6.44
C VAL K 1161 -129.53 -40.62 7.11
N TYR K 1162 -128.62 -39.78 6.65
CA TYR K 1162 -127.26 -39.73 7.18
C TYR K 1162 -127.20 -38.73 8.32
N LEU K 1163 -126.20 -38.89 9.18
CA LEU K 1163 -125.99 -37.99 10.30
C LEU K 1163 -124.56 -37.45 10.30
N ARG K 1164 -124.42 -36.16 10.06
CA ARG K 1164 -123.14 -35.50 10.15
C ARG K 1164 -122.96 -34.99 11.57
N VAL K 1165 -122.47 -35.87 12.45
CA VAL K 1165 -122.07 -35.47 13.81
C VAL K 1165 -120.60 -35.01 13.85
N LEU K 1166 -120.41 -33.71 13.66
CA LEU K 1166 -119.09 -33.13 13.63
C LEU K 1166 -118.38 -33.50 14.92
N GLY K 1167 -117.20 -34.12 14.77
CA GLY K 1167 -116.41 -34.56 15.92
C GLY K 1167 -115.53 -33.46 16.50
N PRO K 1168 -115.03 -33.66 17.75
CA PRO K 1168 -114.08 -32.71 18.32
C PRO K 1168 -112.74 -32.69 17.54
N PHE K 1169 -112.29 -33.87 17.08
CA PHE K 1169 -111.10 -34.01 16.26
C PHE K 1169 -111.43 -34.70 14.93
N GLY K 1170 -112.26 -34.04 14.11
CA GLY K 1170 -112.64 -34.55 12.79
C GLY K 1170 -114.13 -34.45 12.51
N GLU K 1171 -114.56 -35.00 11.37
CA GLU K 1171 -115.97 -34.95 10.93
C GLU K 1171 -116.54 -36.35 10.72
N ALA K 1172 -117.15 -36.90 11.78
CA ALA K 1172 -117.70 -38.27 11.75
C ALA K 1172 -118.91 -38.38 10.83
N LEU K 1173 -119.17 -39.60 10.37
CA LEU K 1173 -120.30 -39.89 9.49
C LEU K 1173 -120.86 -41.28 9.79
N PHE K 1174 -122.11 -41.31 10.24
CA PHE K 1174 -122.81 -42.56 10.54
C PHE K 1174 -124.19 -42.55 9.89
N ALA K 1175 -124.38 -43.43 8.91
CA ALA K 1175 -125.64 -43.52 8.15
C ALA K 1175 -126.65 -44.43 8.86
N LEU K 1176 -127.02 -44.05 10.09
CA LEU K 1176 -127.99 -44.77 10.92
C LEU K 1176 -127.87 -46.30 10.84
N ARG K 1177 -129.01 -46.99 10.90
CA ARG K 1177 -129.05 -48.44 10.92
C ARG K 1177 -130.21 -48.96 10.06
N GLU K 1178 -131.43 -48.61 10.45
CA GLU K 1178 -132.63 -49.19 9.85
C GLU K 1178 -133.57 -48.19 9.21
N VAL K 1179 -133.90 -47.15 9.97
CA VAL K 1179 -134.96 -46.20 9.61
C VAL K 1179 -134.79 -45.54 8.23
N ARG K 1180 -135.90 -45.42 7.50
CA ARG K 1180 -135.93 -44.76 6.18
C ARG K 1180 -137.04 -43.70 6.07
N VAL K 1181 -136.65 -42.46 5.75
CA VAL K 1181 -137.57 -41.30 5.77
C VAL K 1181 -138.30 -41.08 4.44
N GLY K 1182 -139.54 -40.64 4.57
CA GLY K 1182 -140.51 -40.61 3.50
C GLY K 1182 -140.59 -39.31 2.75
N GLU K 1183 -139.73 -38.36 3.09
CA GLU K 1183 -139.55 -37.15 2.28
C GLU K 1183 -140.47 -35.95 2.57
N GLU K 1184 -141.38 -36.09 3.51
CA GLU K 1184 -142.12 -34.94 4.01
C GLU K 1184 -141.56 -34.61 5.37
N ALA K 1185 -140.79 -35.54 5.89
CA ALA K 1185 -140.28 -35.40 7.25
C ALA K 1185 -139.16 -34.34 7.36
N LEU K 1186 -138.48 -34.03 6.25
CA LEU K 1186 -137.45 -32.99 6.24
C LEU K 1186 -138.02 -31.65 6.72
N GLY K 1187 -139.10 -31.20 6.11
CA GLY K 1187 -139.76 -29.95 6.48
C GLY K 1187 -140.30 -29.92 7.90
N LEU K 1188 -140.78 -31.07 8.37
CA LEU K 1188 -141.27 -31.20 9.75
C LEU K 1188 -140.11 -31.27 10.76
N LEU K 1189 -138.97 -31.77 10.30
CA LEU K 1189 -137.73 -31.83 11.09
C LEU K 1189 -136.99 -30.49 11.10
N GLU K 1190 -137.18 -29.69 10.06
CA GLU K 1190 -136.67 -28.32 10.03
C GLU K 1190 -137.48 -27.38 10.94
N ALA K 1191 -138.64 -27.84 11.40
CA ALA K 1191 -139.50 -27.07 12.31
C ALA K 1191 -138.85 -26.87 13.67
N GLU K 1192 -137.97 -27.81 14.02
CA GLU K 1192 -137.13 -27.68 15.20
C GLU K 1192 -135.71 -27.19 14.83
N GLY K 1193 -134.84 -27.05 15.83
CA GLY K 1193 -133.47 -26.56 15.64
C GLY K 1193 -132.52 -27.42 14.82
N TYR K 1194 -133.00 -28.55 14.28
CA TYR K 1194 -132.20 -29.41 13.41
C TYR K 1194 -132.09 -28.82 12.00
N ARG K 1195 -130.92 -28.99 11.40
CA ARG K 1195 -130.68 -28.55 10.03
C ARG K 1195 -130.58 -29.77 9.15
N ALA K 1196 -131.57 -29.97 8.28
CA ALA K 1196 -131.59 -31.13 7.37
C ALA K 1196 -131.53 -30.72 5.89
N TYR K 1197 -130.76 -31.47 5.09
CA TYR K 1197 -130.61 -31.18 3.65
C TYR K 1197 -130.75 -32.47 2.84
N LEU K 1198 -131.54 -32.41 1.78
CA LEU K 1198 -131.84 -33.58 0.92
C LEU K 1198 -130.72 -33.86 -0.09
N VAL K 1199 -129.69 -34.58 0.34
CA VAL K 1199 -128.50 -34.84 -0.51
C VAL K 1199 -128.67 -36.08 -1.41
N PRO K 1200 -127.76 -36.27 -2.39
CA PRO K 1200 -127.77 -37.50 -3.18
C PRO K 1200 -127.30 -38.69 -2.39
N ASP K 1201 -127.83 -39.87 -2.71
CA ASP K 1201 -127.49 -41.12 -2.00
C ASP K 1201 -126.03 -41.53 -2.19
N ARG K 1202 -125.36 -41.77 -1.07
CA ARG K 1202 -123.94 -42.07 -1.08
C ARG K 1202 -123.67 -43.45 -1.65
N GLU K 1203 -124.60 -44.38 -1.37
CA GLU K 1203 -124.39 -45.80 -1.66
C GLU K 1203 -124.30 -46.13 -3.15
N VAL K 1204 -124.73 -45.21 -4.01
CA VAL K 1204 -124.73 -45.44 -5.45
C VAL K 1204 -123.31 -45.15 -5.98
N PHE K 1205 -123.20 -44.40 -7.09
CA PHE K 1205 -121.91 -44.12 -7.75
C PHE K 1205 -121.23 -45.37 -8.32
N LEU K 1206 -122.09 -46.26 -8.82
CA LEU K 1206 -121.65 -47.33 -9.68
C LEU K 1206 -122.64 -47.78 -10.74
N GLN K 1207 -122.08 -48.10 -11.90
CA GLN K 1207 -122.79 -48.44 -13.13
C GLN K 1207 -123.43 -49.81 -13.01
N GLY K 1208 -124.32 -50.15 -13.94
CA GLY K 1208 -124.37 -49.56 -15.26
C GLY K 1208 -125.80 -49.65 -15.72
N ASN K 1209 -126.48 -50.63 -15.16
CA ASN K 1209 -127.90 -50.79 -15.36
C ASN K 1209 -128.64 -49.81 -14.52
N GLY K 1210 -129.91 -49.60 -14.84
CA GLY K 1210 -130.77 -48.81 -13.95
C GLY K 1210 -131.23 -47.51 -14.59
N GLY K 1211 -130.45 -46.46 -14.40
CA GLY K 1211 -130.80 -45.15 -14.91
C GLY K 1211 -130.90 -45.11 -16.43
N GLY K 1212 -129.76 -45.19 -17.13
CA GLY K 1212 -128.43 -45.28 -16.53
C GLY K 1212 -127.62 -44.04 -16.87
N PRO K 1213 -126.38 -44.22 -17.38
CA PRO K 1213 -125.53 -43.08 -17.71
C PRO K 1213 -126.02 -42.30 -18.94
N LYS K 1214 -126.72 -43.00 -19.84
CA LYS K 1214 -127.39 -42.37 -20.98
C LYS K 1214 -128.51 -41.44 -20.50
N GLU K 1215 -129.27 -41.90 -19.51
CA GLU K 1215 -130.38 -41.13 -18.93
C GLU K 1215 -129.89 -40.05 -17.94
N GLU K 1216 -128.59 -40.04 -17.65
CA GLU K 1216 -127.97 -38.99 -16.84
C GLU K 1216 -127.33 -37.87 -17.68
N VAL K 1217 -127.17 -38.12 -18.98
CA VAL K 1217 -126.71 -37.09 -19.92
C VAL K 1217 -127.90 -36.33 -20.54
N VAL K 1218 -129.04 -37.01 -20.70
CA VAL K 1218 -130.26 -36.42 -21.30
C VAL K 1218 -130.78 -35.18 -20.55
N PRO K 1219 -130.92 -35.26 -19.21
CA PRO K 1219 -131.45 -34.11 -18.46
C PRO K 1219 -130.45 -32.96 -18.28
N PHE K 1220 -129.17 -33.24 -18.50
CA PHE K 1220 -128.16 -32.19 -18.54
C PHE K 1220 -128.29 -31.41 -19.86
N LEU L 5 33.93 -7.57 2.04
CA LEU L 5 34.47 -6.91 3.27
C LEU L 5 35.59 -5.87 3.00
N LYS L 6 35.62 -4.80 3.79
CA LYS L 6 36.61 -3.71 3.62
C LYS L 6 37.33 -3.41 4.93
N PHE L 7 38.38 -2.61 4.82
CA PHE L 7 39.19 -2.19 5.99
C PHE L 7 40.19 -1.10 5.61
N ALA L 8 40.49 -0.22 6.56
CA ALA L 8 41.45 0.87 6.38
C ALA L 8 42.16 1.18 7.69
N HIS L 9 43.49 1.19 7.67
CA HIS L 9 44.30 1.41 8.87
C HIS L 9 44.19 2.81 9.38
N LEU L 10 43.80 2.92 10.65
CA LEU L 10 43.74 4.21 11.35
C LEU L 10 44.94 4.41 12.29
N HIS L 11 45.64 3.31 12.58
CA HIS L 11 46.92 3.34 13.33
C HIS L 11 48.00 2.80 12.44
N GLN L 12 48.84 3.69 11.94
CA GLN L 12 49.93 3.33 11.03
C GLN L 12 51.10 4.30 11.18
N HIS L 13 52.26 3.74 11.46
CA HIS L 13 53.45 4.53 11.55
C HIS L 13 54.09 4.53 10.19
N THR L 14 54.45 5.72 9.72
CA THR L 14 55.13 5.86 8.44
C THR L 14 56.64 5.95 8.68
N GLN L 15 57.41 6.26 7.63
CA GLN L 15 58.86 6.46 7.77
C GLN L 15 59.21 7.61 8.71
N PHE L 16 58.27 8.55 8.90
CA PHE L 16 58.52 9.75 9.73
C PHE L 16 58.50 9.52 11.25
N SER L 17 58.21 8.30 11.66
CA SER L 17 58.60 7.84 13.02
C SER L 17 60.09 7.43 13.01
N LEU L 18 60.97 8.34 13.43
CA LEU L 18 62.41 8.26 13.16
C LEU L 18 63.08 7.01 13.76
N LEU L 19 62.67 6.62 14.95
CA LEU L 19 63.35 5.56 15.68
C LEU L 19 62.91 4.16 15.24
N ASP L 20 61.60 3.94 15.12
CA ASP L 20 60.99 2.62 14.87
C ASP L 20 60.12 2.50 13.61
N GLY L 21 60.02 3.58 12.84
CA GLY L 21 59.25 3.58 11.59
C GLY L 21 60.01 3.13 10.37
N ALA L 22 59.49 2.11 9.68
CA ALA L 22 60.17 1.53 8.50
C ALA L 22 59.32 1.54 7.24
N ALA L 23 58.06 1.97 7.36
CA ALA L 23 57.15 2.04 6.22
C ALA L 23 57.35 3.36 5.46
N LYS L 24 57.81 3.26 4.22
CA LYS L 24 58.02 4.43 3.39
C LYS L 24 56.68 5.00 2.96
N LEU L 25 56.71 6.20 2.38
CA LEU L 25 55.50 6.92 1.99
C LEU L 25 54.92 6.43 0.65
N GLN L 26 55.81 6.12 -0.30
CA GLN L 26 55.41 5.76 -1.67
C GLN L 26 54.81 4.34 -1.78
N ASP L 27 55.58 3.34 -1.33
CA ASP L 27 55.18 1.91 -1.42
C ASP L 27 54.01 1.52 -0.50
N LEU L 28 53.79 2.29 0.56
CA LEU L 28 52.68 2.08 1.48
C LEU L 28 51.39 2.50 0.85
N LEU L 29 51.44 3.57 0.07
CA LEU L 29 50.22 4.10 -0.55
C LEU L 29 49.71 3.22 -1.69
N LYS L 30 50.63 2.64 -2.46
CA LYS L 30 50.22 1.75 -3.56
C LYS L 30 49.75 0.37 -3.09
N TRP L 31 50.25 -0.07 -1.93
CA TRP L 31 49.88 -1.38 -1.34
C TRP L 31 48.51 -1.38 -0.72
N VAL L 32 48.12 -0.24 -0.14
CA VAL L 32 46.75 -0.06 0.34
C VAL L 32 45.80 0.19 -0.83
N LYS L 33 46.32 0.78 -1.91
CA LYS L 33 45.53 0.99 -3.12
C LYS L 33 45.24 -0.33 -3.83
N GLU L 34 46.28 -1.15 -3.99
CA GLU L 34 46.20 -2.46 -4.64
C GLU L 34 45.39 -3.47 -3.83
N THR L 35 45.44 -3.36 -2.51
CA THR L 35 44.68 -4.24 -1.62
C THR L 35 43.19 -3.88 -1.65
N THR L 36 42.90 -2.59 -1.47
CA THR L 36 41.51 -2.07 -1.54
C THR L 36 41.47 -0.91 -2.55
N PRO L 37 41.07 -1.21 -3.80
CA PRO L 37 40.92 -0.17 -4.82
C PRO L 37 39.76 0.80 -4.55
N GLU L 38 38.71 0.32 -3.86
CA GLU L 38 37.54 1.13 -3.55
C GLU L 38 37.85 2.10 -2.42
N ASP L 39 37.48 3.36 -2.64
CA ASP L 39 37.80 4.51 -1.76
C ASP L 39 38.83 4.27 -0.63
N PRO L 40 40.13 4.15 -0.98
CA PRO L 40 41.15 3.76 0.00
C PRO L 40 41.51 4.86 0.99
N ALA L 41 41.50 4.51 2.28
CA ALA L 41 41.81 5.43 3.39
C ALA L 41 42.99 4.91 4.23
N LEU L 42 43.76 5.85 4.76
CA LEU L 42 44.95 5.51 5.55
C LEU L 42 45.23 6.65 6.52
N ALA L 43 45.63 6.33 7.74
CA ALA L 43 45.97 7.34 8.75
C ALA L 43 47.46 7.35 9.10
N MET L 44 48.12 8.51 8.91
CA MET L 44 49.53 8.70 9.32
C MET L 44 49.64 9.11 10.79
N THR L 45 49.73 8.12 11.69
CA THR L 45 49.91 8.34 13.15
C THR L 45 51.36 8.09 13.64
N ASP L 46 52.20 9.13 13.54
CA ASP L 46 53.61 9.01 13.85
C ASP L 46 53.88 9.31 15.31
N HIS L 47 55.05 8.85 15.79
CA HIS L 47 55.39 8.90 17.21
C HIS L 47 55.82 10.27 17.65
N GLY L 48 54.92 10.99 18.30
CA GLY L 48 55.22 12.32 18.85
C GLY L 48 55.63 13.38 17.84
N ASN L 49 55.19 13.20 16.58
CA ASN L 49 55.41 14.19 15.51
C ASN L 49 54.44 14.03 14.33
N LEU L 50 54.47 15.02 13.43
CA LEU L 50 53.74 14.96 12.16
C LEU L 50 54.57 15.64 11.06
N PHE L 51 55.84 15.23 11.01
CA PHE L 51 56.76 15.75 10.02
C PHE L 51 56.22 15.57 8.61
N GLY L 52 55.82 14.35 8.26
CA GLY L 52 55.40 14.05 6.88
C GLY L 52 53.97 14.38 6.52
N ALA L 53 53.21 14.96 7.46
CA ALA L 53 51.77 15.19 7.23
C ALA L 53 51.47 15.78 5.84
N VAL L 54 52.26 16.78 5.42
CA VAL L 54 52.05 17.46 4.15
C VAL L 54 52.48 16.56 3.00
N GLU L 55 53.67 15.95 3.11
CA GLU L 55 54.20 15.07 2.06
C GLU L 55 53.33 13.83 1.92
N PHE L 56 52.76 13.37 3.03
CA PHE L 56 51.84 12.24 3.04
C PHE L 56 50.54 12.63 2.34
N TYR L 57 50.09 13.85 2.57
CA TYR L 57 48.87 14.37 1.95
C TYR L 57 48.97 14.44 0.41
N LYS L 58 49.98 15.17 -0.08
CA LYS L 58 50.13 15.45 -1.52
C LYS L 58 50.45 14.20 -2.35
N LYS L 59 51.19 13.27 -1.76
CA LYS L 59 51.48 12.00 -2.41
C LYS L 59 50.27 11.06 -2.43
N ALA L 60 49.48 11.04 -1.35
CA ALA L 60 48.30 10.17 -1.27
C ALA L 60 47.13 10.67 -2.12
N THR L 61 46.99 11.99 -2.19
CA THR L 61 45.97 12.61 -3.02
C THR L 61 46.27 12.38 -4.50
N ALA L 62 47.55 12.43 -4.88
CA ALA L 62 48.00 12.19 -6.28
C ALA L 62 47.88 10.71 -6.70
N MET L 63 48.04 9.82 -5.74
CA MET L 63 47.86 8.39 -5.94
C MET L 63 46.37 7.99 -6.06
N GLY L 64 45.50 8.82 -5.50
CA GLY L 64 44.06 8.55 -5.49
C GLY L 64 43.65 7.88 -4.20
N VAL L 65 44.19 8.37 -3.09
CA VAL L 65 43.93 7.81 -1.77
C VAL L 65 43.50 8.91 -0.80
N LYS L 66 42.63 8.53 0.14
CA LYS L 66 42.10 9.44 1.18
C LYS L 66 43.08 9.55 2.36
N PRO L 67 43.80 10.68 2.47
CA PRO L 67 44.75 10.80 3.57
C PRO L 67 44.07 11.25 4.88
N ILE L 68 44.57 10.75 6.00
CA ILE L 68 44.07 11.11 7.32
C ILE L 68 45.25 11.53 8.19
N ILE L 69 45.18 12.75 8.73
CA ILE L 69 46.23 13.33 9.59
C ILE L 69 46.06 12.85 11.04
N GLY L 70 46.94 11.95 11.45
CA GLY L 70 46.91 11.42 12.81
C GLY L 70 48.13 11.85 13.61
N TYR L 71 48.18 11.40 14.86
CA TYR L 71 49.25 11.78 15.78
C TYR L 71 49.23 10.93 17.04
N GLU L 72 50.14 9.97 17.12
CA GLU L 72 50.22 9.15 18.32
C GLU L 72 50.94 9.94 19.41
N ALA L 73 50.17 10.61 20.24
CA ALA L 73 50.68 11.53 21.24
C ALA L 73 51.33 10.78 22.39
N TYR L 74 52.51 11.25 22.80
CA TYR L 74 53.10 10.86 24.07
C TYR L 74 52.42 11.70 25.19
N VAL L 75 51.64 11.05 26.05
CA VAL L 75 50.93 11.79 27.11
C VAL L 75 51.60 11.55 28.45
N ALA L 76 51.73 12.60 29.24
CA ALA L 76 52.46 12.53 30.49
C ALA L 76 51.56 11.92 31.54
N ALA L 77 52.16 11.33 32.56
CA ALA L 77 51.40 10.66 33.61
C ALA L 77 50.55 11.67 34.40
N GLU L 78 51.10 12.85 34.66
CA GLU L 78 50.40 13.87 35.42
C GLU L 78 50.56 15.20 34.69
N SER L 79 51.78 15.76 34.73
CA SER L 79 52.06 17.02 34.03
C SER L 79 53.32 16.93 33.17
N ARG L 80 53.35 17.70 32.08
CA ARG L 80 54.47 17.70 31.16
C ARG L 80 55.68 18.45 31.69
N PHE L 81 55.45 19.28 32.72
CA PHE L 81 56.53 19.92 33.44
C PHE L 81 57.39 18.89 34.17
N ASP L 82 56.76 17.80 34.61
CA ASP L 82 57.41 16.79 35.47
C ASP L 82 58.63 16.15 34.79
N ARG L 83 59.75 16.11 35.51
CA ARG L 83 61.01 15.58 35.02
C ARG L 83 61.50 14.48 35.94
N GLY L 92 56.53 8.44 34.15
CA GLY L 92 56.83 8.30 32.74
C GLY L 92 55.75 8.88 31.85
N TYR L 93 55.56 8.27 30.69
CA TYR L 93 54.58 8.76 29.72
C TYR L 93 53.83 7.60 29.11
N PHE L 94 52.77 7.90 28.38
CA PHE L 94 51.91 6.89 27.75
C PHE L 94 51.64 7.27 26.29
N HIS L 95 51.05 6.31 25.56
CA HIS L 95 50.67 6.50 24.17
C HIS L 95 49.22 6.87 24.07
N LEU L 96 48.85 7.51 22.96
CA LEU L 96 47.46 7.88 22.73
C LEU L 96 47.25 8.23 21.27
N THR L 97 46.46 7.44 20.56
CA THR L 97 46.21 7.69 19.15
C THR L 97 45.17 8.82 18.96
N LEU L 98 45.52 9.82 18.15
CA LEU L 98 44.61 10.91 17.82
C LEU L 98 44.43 11.03 16.31
N LEU L 99 43.25 11.47 15.88
CA LEU L 99 42.92 11.61 14.46
C LEU L 99 42.26 12.97 14.16
N ALA L 100 42.68 13.60 13.05
CA ALA L 100 42.09 14.88 12.60
C ALA L 100 40.77 14.65 11.84
N LYS L 101 39.67 15.11 12.44
CA LYS L 101 38.33 14.97 11.86
C LYS L 101 38.08 16.06 10.81
N ASP L 102 38.35 17.30 11.20
CA ASP L 102 38.17 18.43 10.30
C ASP L 102 39.40 19.33 10.35
N PHE L 103 39.34 20.47 9.67
CA PHE L 103 40.46 21.42 9.62
C PHE L 103 40.78 22.06 10.98
N THR L 104 39.77 22.24 11.82
CA THR L 104 39.98 22.75 13.20
C THR L 104 40.73 21.72 14.03
N GLY L 105 40.53 20.45 13.71
CA GLY L 105 41.30 19.37 14.31
C GLY L 105 42.76 19.44 13.91
N TYR L 106 43.01 19.65 12.63
CA TYR L 106 44.37 19.76 12.10
C TYR L 106 45.14 20.87 12.80
N GLN L 107 44.46 21.97 13.07
CA GLN L 107 45.06 23.06 13.79
C GLN L 107 45.46 22.61 15.19
N ASN L 108 44.57 21.85 15.83
CA ASN L 108 44.80 21.37 17.19
C ASN L 108 45.93 20.33 17.25
N LEU L 109 45.95 19.42 16.29
CA LEU L 109 47.06 18.49 16.17
C LEU L 109 48.39 19.26 15.94
N VAL L 110 48.34 20.30 15.11
CA VAL L 110 49.52 21.09 14.79
C VAL L 110 50.06 21.76 16.05
N ARG L 111 49.15 22.19 16.92
CA ARG L 111 49.58 22.82 18.15
C ARG L 111 50.12 21.78 19.12
N LEU L 112 49.31 20.78 19.44
CA LEU L 112 49.69 19.74 20.38
C LEU L 112 51.09 19.23 20.11
N ALA L 113 51.42 19.00 18.83
CA ALA L 113 52.76 18.55 18.42
C ALA L 113 53.84 19.57 18.78
N SER L 114 53.52 20.86 18.61
CA SER L 114 54.47 21.94 18.86
C SER L 114 54.71 22.14 20.36
N ARG L 115 53.69 21.88 21.17
CA ARG L 115 53.81 21.93 22.63
C ARG L 115 54.65 20.78 23.18
N ALA L 116 54.60 19.63 22.49
CA ALA L 116 55.40 18.47 22.85
C ALA L 116 56.89 18.78 22.79
N TYR L 117 57.32 19.49 21.74
CA TYR L 117 58.73 19.84 21.56
C TYR L 117 59.13 21.09 22.35
N LEU L 118 58.27 22.11 22.31
CA LEU L 118 58.57 23.38 22.99
C LEU L 118 58.42 23.30 24.52
N GLU L 119 57.32 22.74 24.97
CA GLU L 119 57.01 22.75 26.42
C GLU L 119 57.33 21.44 27.13
N GLY L 120 56.66 20.36 26.70
CA GLY L 120 56.76 19.08 27.37
C GLY L 120 57.78 18.12 26.78
N PHE L 121 59.03 18.55 26.67
CA PHE L 121 60.08 17.69 26.17
C PHE L 121 60.99 17.30 27.33
N TYR L 122 61.14 16.01 27.54
CA TYR L 122 62.02 15.48 28.58
C TYR L 122 62.91 14.44 27.91
N GLU L 123 62.33 13.29 27.58
CA GLU L 123 63.02 12.25 26.82
C GLU L 123 62.40 12.25 25.42
N LYS L 124 61.07 12.05 25.38
CA LYS L 124 60.28 12.16 24.18
C LYS L 124 59.50 13.49 24.25
N PRO L 125 58.92 13.96 23.12
CA PRO L 125 58.03 15.14 23.15
C PRO L 125 56.64 14.78 23.66
N ARG L 126 56.33 15.18 24.90
CA ARG L 126 55.09 14.78 25.59
C ARG L 126 54.06 15.90 25.72
N ILE L 127 52.78 15.52 25.77
CA ILE L 127 51.70 16.48 25.98
C ILE L 127 50.97 16.17 27.27
N ASP L 128 49.95 16.97 27.58
CA ASP L 128 49.08 16.78 28.75
C ASP L 128 47.61 16.55 28.37
N ARG L 129 46.83 16.12 29.34
CA ARG L 129 45.38 15.96 29.18
C ARG L 129 44.67 17.29 29.38
N GLU L 130 45.27 18.18 30.19
CA GLU L 130 44.78 19.55 30.32
C GLU L 130 45.06 20.38 29.05
N ILE L 131 46.11 20.01 28.34
CA ILE L 131 46.40 20.54 27.01
C ILE L 131 45.44 19.93 25.99
N LEU L 132 45.23 18.61 26.10
CA LEU L 132 44.27 17.92 25.25
C LEU L 132 42.81 18.44 25.44
N ARG L 133 42.47 18.85 26.66
CA ARG L 133 41.15 19.46 26.92
C ARG L 133 40.96 20.74 26.11
N GLU L 134 41.98 21.60 26.13
CA GLU L 134 41.99 22.84 25.35
C GLU L 134 41.90 22.56 23.87
N HIS L 135 42.78 21.68 23.38
CA HIS L 135 42.84 21.30 21.97
C HIS L 135 42.11 19.99 21.66
N ALA L 136 40.84 19.95 22.02
CA ALA L 136 39.98 18.78 21.84
C ALA L 136 39.08 18.85 20.58
N GLN L 137 38.73 20.07 20.15
CA GLN L 137 37.85 20.27 18.98
C GLN L 137 38.36 19.59 17.71
N GLY L 138 37.50 18.79 17.08
CA GLY L 138 37.82 18.15 15.81
C GLY L 138 38.85 17.03 15.91
N LEU L 139 39.04 16.49 17.11
CA LEU L 139 39.95 15.38 17.34
C LEU L 139 39.22 14.11 17.76
N ILE L 140 39.24 13.10 16.90
CA ILE L 140 38.78 11.75 17.23
C ILE L 140 39.95 11.04 17.89
N ALA L 141 39.77 10.59 19.12
CA ALA L 141 40.83 9.87 19.85
C ALA L 141 40.46 8.41 20.03
N LEU L 142 41.48 7.55 20.02
CA LEU L 142 41.31 6.12 20.29
C LEU L 142 41.97 5.75 21.62
N SER L 143 41.65 4.58 22.17
CA SER L 143 42.15 4.18 23.51
C SER L 143 43.67 3.98 23.56
N GLY L 144 44.25 3.58 22.43
CA GLY L 144 45.70 3.41 22.29
C GLY L 144 46.16 1.97 22.28
N CYS L 145 47.47 1.80 22.07
CA CYS L 145 48.12 0.47 22.03
C CYS L 145 48.38 -0.02 23.46
N LEU L 146 49.05 -1.16 23.61
CA LEU L 146 49.45 -1.67 24.94
C LEU L 146 50.21 -0.64 25.78
N GLY L 147 50.97 0.22 25.11
CA GLY L 147 51.71 1.29 25.79
C GLY L 147 50.83 2.44 26.22
N ALA L 148 49.56 2.41 25.85
CA ALA L 148 48.62 3.46 26.22
C ALA L 148 48.24 3.41 27.71
N GLU L 149 47.38 4.35 28.10
CA GLU L 149 47.02 4.53 29.50
C GLU L 149 46.08 3.43 29.96
N ILE L 150 44.83 3.47 29.48
CA ILE L 150 43.78 2.53 29.89
C ILE L 150 44.18 1.07 29.69
N PRO L 151 44.79 0.73 28.55
CA PRO L 151 45.17 -0.67 28.37
C PRO L 151 46.27 -1.17 29.30
N GLN L 152 47.05 -0.26 29.87
CA GLN L 152 48.11 -0.68 30.77
C GLN L 152 47.70 -0.66 32.23
N PHE L 153 46.64 0.08 32.55
CA PHE L 153 46.04 0.04 33.90
C PHE L 153 45.31 -1.28 34.20
N ILE L 154 44.67 -1.87 33.20
CA ILE L 154 44.03 -3.17 33.35
C ILE L 154 45.10 -4.27 33.45
N LEU L 155 46.27 -4.04 32.82
CA LEU L 155 47.44 -4.92 32.98
C LEU L 155 48.02 -4.88 34.39
N GLN L 156 47.84 -3.75 35.07
CA GLN L 156 48.36 -3.55 36.43
C GLN L 156 47.34 -4.00 37.52
N ASP L 157 46.31 -4.73 37.10
CA ASP L 157 45.19 -5.15 37.98
C ASP L 157 44.62 -3.94 38.70
N ARG L 158 44.22 -2.95 37.91
CA ARG L 158 43.85 -1.63 38.42
C ARG L 158 42.76 -1.05 37.49
N LEU L 159 41.62 -1.74 37.46
CA LEU L 159 40.52 -1.43 36.51
C LEU L 159 39.74 -0.13 36.81
N ASP L 160 39.77 0.33 38.07
CA ASP L 160 39.18 1.61 38.47
C ASP L 160 39.91 2.82 37.86
N LEU L 161 41.23 2.74 37.83
CA LEU L 161 42.02 3.78 37.21
C LEU L 161 41.77 3.80 35.70
N ALA L 162 41.50 2.63 35.13
CA ALA L 162 41.16 2.51 33.71
C ALA L 162 39.82 3.19 33.44
N GLU L 163 38.81 2.79 34.22
CA GLU L 163 37.43 3.31 34.07
C GLU L 163 37.33 4.81 34.41
N ALA L 164 38.13 5.25 35.38
CA ALA L 164 38.12 6.65 35.79
C ALA L 164 38.80 7.51 34.72
N ARG L 165 39.84 6.97 34.13
CA ARG L 165 40.46 7.64 33.00
C ARG L 165 39.56 7.58 31.79
N LEU L 166 38.83 6.48 31.63
CA LEU L 166 37.82 6.41 30.58
C LEU L 166 36.81 7.59 30.69
N ASN L 167 36.34 7.84 31.93
CA ASN L 167 35.40 8.93 32.24
C ASN L 167 36.00 10.31 31.98
N GLU L 168 37.30 10.44 32.26
CA GLU L 168 38.00 11.69 31.99
C GLU L 168 38.16 11.92 30.50
N ASP L 169 38.70 10.92 29.79
CA ASP L 169 38.84 10.98 28.32
C ASP L 169 37.48 11.20 27.60
N LEU L 170 36.40 10.63 28.14
CA LEU L 170 35.04 10.84 27.62
C LEU L 170 34.57 12.26 27.89
N SER L 171 34.96 12.78 29.07
CA SER L 171 34.71 14.20 29.40
C SER L 171 35.40 15.22 28.45
N ILE L 172 36.50 14.81 27.82
CA ILE L 172 37.23 15.64 26.89
C ILE L 172 36.68 15.57 25.46
N PHE L 173 36.52 14.35 24.99
CA PHE L 173 36.13 14.11 23.60
C PHE L 173 34.65 13.86 23.43
N GLY L 174 34.05 13.07 24.32
CA GLY L 174 32.63 12.72 24.24
C GLY L 174 32.41 11.48 23.39
N ASP L 175 31.58 11.62 22.37
CA ASP L 175 31.32 10.53 21.43
C ASP L 175 32.44 10.31 20.41
N ARG L 176 33.41 11.24 20.39
CA ARG L 176 34.57 11.17 19.49
C ARG L 176 35.65 10.21 20.01
N PHE L 177 35.52 9.81 21.27
CA PHE L 177 36.41 8.80 21.82
C PHE L 177 35.94 7.40 21.38
N PHE L 178 36.91 6.56 21.04
CA PHE L 178 36.66 5.18 20.64
C PHE L 178 37.55 4.22 21.43
N ILE L 179 37.16 2.94 21.45
CA ILE L 179 37.97 1.90 22.07
C ILE L 179 38.78 1.23 20.97
N GLU L 180 40.11 1.37 21.06
CA GLU L 180 41.01 0.78 20.08
C GLU L 180 41.22 -0.70 20.42
N ILE L 181 40.81 -1.57 19.51
CA ILE L 181 41.00 -3.00 19.66
C ILE L 181 41.95 -3.45 18.58
N GLN L 182 43.16 -3.81 18.98
CA GLN L 182 44.16 -4.39 18.08
C GLN L 182 44.60 -5.70 18.68
N ASN L 183 44.65 -6.72 17.82
CA ASN L 183 44.93 -8.07 18.27
C ASN L 183 46.11 -8.71 17.58
N HIS L 184 47.25 -8.62 18.25
CA HIS L 184 48.36 -9.48 17.97
C HIS L 184 48.16 -10.75 18.78
N GLY L 185 49.10 -11.68 18.70
CA GLY L 185 49.02 -12.94 19.44
C GLY L 185 49.60 -12.89 20.85
N LEU L 186 49.75 -11.69 21.41
CA LEU L 186 50.30 -11.49 22.77
C LEU L 186 49.28 -11.78 23.86
N PRO L 187 49.72 -12.38 24.98
CA PRO L 187 48.78 -12.75 26.06
C PRO L 187 48.20 -11.55 26.80
N GLU L 188 48.90 -10.43 26.72
CA GLU L 188 48.44 -9.20 27.36
C GLU L 188 47.21 -8.63 26.66
N GLN L 189 47.19 -8.69 25.32
CA GLN L 189 46.05 -8.16 24.55
C GLN L 189 44.78 -9.01 24.68
N LYS L 190 44.95 -10.30 24.96
CA LYS L 190 43.80 -11.15 25.31
C LYS L 190 43.13 -10.60 26.57
N LYS L 191 43.95 -10.23 27.56
CA LYS L 191 43.46 -9.65 28.81
C LYS L 191 42.85 -8.25 28.61
N VAL L 192 43.51 -7.43 27.78
CA VAL L 192 43.11 -6.03 27.58
C VAL L 192 41.83 -5.98 26.79
N ASN L 193 41.87 -6.53 25.57
CA ASN L 193 40.72 -6.49 24.66
C ASN L 193 39.42 -7.01 25.31
N GLN L 194 39.54 -7.95 26.25
CA GLN L 194 38.39 -8.43 27.00
C GLN L 194 37.79 -7.35 27.91
N VAL L 195 38.68 -6.68 28.65
CA VAL L 195 38.28 -5.62 29.56
C VAL L 195 37.90 -4.35 28.78
N LEU L 196 38.53 -4.13 27.62
CA LEU L 196 38.14 -3.03 26.72
C LEU L 196 36.73 -3.22 26.12
N LYS L 197 36.34 -4.47 25.88
CA LYS L 197 35.02 -4.82 25.37
C LYS L 197 33.95 -4.51 26.40
N GLU L 198 34.27 -4.77 27.67
CA GLU L 198 33.35 -4.50 28.78
C GLU L 198 32.98 -3.03 28.89
N PHE L 199 34.00 -2.16 28.78
CA PHE L 199 33.80 -0.73 28.83
C PHE L 199 33.01 -0.24 27.62
N ALA L 200 33.36 -0.75 26.44
CA ALA L 200 32.74 -0.31 25.17
C ALA L 200 31.23 -0.55 25.12
N ARG L 201 30.80 -1.71 25.61
CA ARG L 201 29.38 -2.06 25.67
C ARG L 201 28.67 -1.36 26.84
N LYS L 202 29.39 -1.16 27.95
CA LYS L 202 28.83 -0.53 29.16
C LYS L 202 28.50 0.92 28.83
N TYR L 203 29.53 1.69 28.50
CA TYR L 203 29.36 3.12 28.22
C TYR L 203 28.81 3.40 26.81
N GLY L 204 28.96 2.44 25.90
CA GLY L 204 28.41 2.59 24.54
C GLY L 204 29.25 3.49 23.66
N LEU L 205 30.54 3.18 23.57
CA LEU L 205 31.53 4.01 22.88
C LEU L 205 31.69 3.67 21.39
N GLY L 206 31.67 2.37 21.09
CA GLY L 206 31.90 1.88 19.73
C GLY L 206 33.36 1.50 19.56
N MET L 207 33.61 0.33 19.00
CA MET L 207 34.97 -0.23 18.89
C MET L 207 35.55 -0.02 17.49
N VAL L 208 36.86 0.25 17.43
CA VAL L 208 37.57 0.49 16.16
C VAL L 208 38.75 -0.46 16.06
N ALA L 209 38.88 -1.12 14.91
CA ALA L 209 39.93 -2.14 14.70
C ALA L 209 41.17 -1.51 14.04
N THR L 210 42.34 -1.80 14.63
CA THR L 210 43.62 -1.30 14.11
C THR L 210 44.70 -2.34 14.38
N ASN L 211 45.89 -2.16 13.79
CA ASN L 211 47.00 -3.13 13.92
C ASN L 211 48.36 -2.55 14.39
N ASP L 212 48.49 -1.23 14.37
CA ASP L 212 49.69 -0.53 14.79
C ASP L 212 50.88 -0.93 13.94
N GLY L 213 50.68 -0.98 12.63
CA GLY L 213 51.72 -1.43 11.74
C GLY L 213 52.82 -0.42 11.63
N HIS L 214 54.07 -0.92 11.58
CA HIS L 214 55.26 -0.07 11.45
C HIS L 214 55.94 -0.19 10.09
N TYR L 215 55.59 -1.22 9.33
CA TYR L 215 56.13 -1.41 7.98
C TYR L 215 55.04 -1.84 6.99
N VAL L 216 55.42 -1.99 5.72
CA VAL L 216 54.43 -2.19 4.64
C VAL L 216 53.90 -3.62 4.54
N ARG L 217 54.79 -4.56 4.24
CA ARG L 217 54.41 -5.97 4.09
C ARG L 217 55.17 -6.89 5.05
N LYS L 218 54.56 -8.04 5.34
CA LYS L 218 55.11 -9.04 6.29
C LYS L 218 56.59 -9.41 6.01
N GLU L 219 57.01 -9.32 4.75
CA GLU L 219 58.39 -9.64 4.38
C GLU L 219 59.37 -8.62 4.96
N ASP L 220 58.88 -7.44 5.31
CA ASP L 220 59.73 -6.36 5.81
C ASP L 220 59.86 -6.39 7.34
N ALA L 221 59.66 -7.55 7.96
CA ALA L 221 59.77 -7.66 9.41
C ALA L 221 61.22 -7.66 9.89
N ARG L 222 62.11 -8.30 9.13
CA ARG L 222 63.54 -8.31 9.43
C ARG L 222 64.21 -6.96 9.03
N ALA L 223 63.75 -6.39 7.92
CA ALA L 223 64.18 -5.04 7.54
C ALA L 223 63.90 -4.08 8.68
N HIS L 224 62.71 -4.22 9.26
CA HIS L 224 62.32 -3.41 10.40
C HIS L 224 63.11 -3.81 11.64
N GLU L 225 63.37 -5.10 11.80
CA GLU L 225 64.08 -5.60 12.98
C GLU L 225 65.55 -5.19 12.97
N VAL L 226 66.13 -5.13 11.78
CA VAL L 226 67.50 -4.63 11.61
C VAL L 226 67.57 -3.10 11.81
N LEU L 227 66.51 -2.40 11.40
CA LEU L 227 66.41 -0.94 11.56
C LEU L 227 66.50 -0.55 13.03
N LEU L 228 65.81 -1.29 13.90
CA LEU L 228 65.89 -1.06 15.34
C LEU L 228 67.30 -1.36 15.89
N ALA L 229 68.02 -2.26 15.22
CA ALA L 229 69.40 -2.61 15.57
C ALA L 229 70.36 -1.45 15.31
N ILE L 230 70.05 -0.65 14.29
CA ILE L 230 70.91 0.45 13.89
C ILE L 230 70.80 1.63 14.86
N GLN L 231 69.60 1.84 15.41
CA GLN L 231 69.43 2.83 16.49
C GLN L 231 69.92 2.30 17.84
N SER L 232 69.79 0.98 18.04
CA SER L 232 70.29 0.30 19.26
C SER L 232 71.83 0.01 19.25
N LYS L 233 72.47 0.20 18.09
CA LYS L 233 73.90 -0.07 17.91
C LYS L 233 74.27 -1.50 18.29
N THR L 234 73.62 -2.45 17.62
CA THR L 234 73.88 -3.87 17.88
C THR L 234 73.89 -4.66 16.56
N THR L 235 74.35 -5.91 16.63
CA THR L 235 74.36 -6.79 15.46
C THR L 235 73.14 -7.67 15.53
N LEU L 236 72.86 -8.38 14.43
CA LEU L 236 71.66 -9.22 14.29
C LEU L 236 71.27 -9.95 15.59
N ASP L 237 72.23 -10.71 16.14
CA ASP L 237 72.06 -11.35 17.44
C ASP L 237 72.87 -10.60 18.45
N ASP L 238 72.38 -10.52 19.68
CA ASP L 238 73.06 -9.74 20.73
C ASP L 238 73.28 -10.61 22.00
N PRO L 239 72.21 -10.95 22.78
CA PRO L 239 70.80 -10.54 22.77
C PRO L 239 70.58 -9.28 23.64
N GLU L 240 69.32 -8.93 23.89
CA GLU L 240 68.97 -7.71 24.63
C GLU L 240 68.98 -6.49 23.69
N ARG L 241 69.03 -6.75 22.39
CA ARG L 241 68.79 -5.71 21.37
C ARG L 241 67.31 -5.39 21.27
N TRP L 242 66.99 -4.25 20.66
CA TRP L 242 65.61 -3.74 20.65
C TRP L 242 64.79 -4.49 19.64
N ARG L 243 64.14 -5.54 20.11
CA ARG L 243 63.23 -6.33 19.31
C ARG L 243 61.84 -5.76 19.44
N PHE L 244 60.96 -6.15 18.51
CA PHE L 244 59.50 -6.07 18.67
C PHE L 244 58.99 -7.44 19.10
N PRO L 245 57.81 -7.51 19.75
CA PRO L 245 57.27 -8.80 20.21
C PRO L 245 56.98 -9.84 19.10
N CYS L 246 56.75 -9.40 17.87
CA CYS L 246 56.62 -10.32 16.75
C CYS L 246 56.80 -9.64 15.40
N ASP L 247 56.73 -10.45 14.35
CA ASP L 247 56.82 -10.01 12.95
C ASP L 247 55.43 -9.89 12.30
N GLU L 248 54.55 -9.13 12.96
CA GLU L 248 53.18 -8.99 12.50
C GLU L 248 52.63 -7.56 12.63
N PHE L 249 53.52 -6.57 12.55
CA PHE L 249 53.14 -5.16 12.55
C PHE L 249 53.24 -4.60 11.13
N TYR L 250 52.30 -4.99 10.28
CA TYR L 250 52.29 -4.54 8.89
C TYR L 250 50.88 -4.21 8.42
N VAL L 251 50.76 -3.72 7.19
CA VAL L 251 49.49 -3.40 6.58
C VAL L 251 48.81 -4.69 6.15
N LYS L 252 47.96 -5.23 7.01
CA LYS L 252 47.27 -6.50 6.77
C LYS L 252 46.07 -6.29 5.88
N THR L 253 45.66 -7.35 5.19
CA THR L 253 44.43 -7.35 4.38
C THR L 253 43.23 -7.60 5.27
N PRO L 254 42.03 -7.16 4.85
CA PRO L 254 40.81 -7.42 5.65
C PRO L 254 40.66 -8.87 6.13
N GLU L 255 41.18 -9.83 5.37
CA GLU L 255 41.12 -11.26 5.71
C GLU L 255 42.13 -11.65 6.81
N GLU L 256 43.31 -11.01 6.77
CA GLU L 256 44.35 -11.25 7.77
C GLU L 256 43.98 -10.64 9.13
N MET L 257 43.26 -9.53 9.09
CA MET L 257 42.72 -8.92 10.30
C MET L 257 41.65 -9.81 10.92
N ARG L 258 40.85 -10.45 10.05
CA ARG L 258 39.84 -11.43 10.48
C ARG L 258 40.45 -12.66 11.14
N ALA L 259 41.65 -13.07 10.68
CA ALA L 259 42.42 -14.15 11.32
C ALA L 259 42.71 -13.80 12.78
N MET L 260 43.04 -12.54 13.02
CA MET L 260 43.26 -12.04 14.37
C MET L 260 41.95 -11.86 15.12
N LEU L 261 40.94 -11.32 14.44
CA LEU L 261 39.66 -10.98 15.04
C LEU L 261 38.55 -11.75 14.34
N PRO L 262 38.17 -12.93 14.88
CA PRO L 262 37.09 -13.72 14.28
C PRO L 262 35.70 -13.06 14.36
N GLU L 263 34.78 -13.52 13.50
CA GLU L 263 33.45 -12.93 13.37
C GLU L 263 32.53 -13.38 14.50
N ALA L 264 32.73 -14.60 14.98
CA ALA L 264 31.89 -15.20 16.03
C ALA L 264 32.07 -14.54 17.40
N GLU L 265 33.21 -13.88 17.61
CA GLU L 265 33.54 -13.29 18.91
C GLU L 265 33.51 -11.76 18.89
N TRP L 266 33.78 -11.15 17.75
CA TRP L 266 33.83 -9.68 17.64
C TRP L 266 32.68 -9.08 16.88
N GLY L 267 32.39 -9.64 15.71
CA GLY L 267 31.28 -9.20 14.89
C GLY L 267 31.76 -8.33 13.76
N ASP L 268 30.93 -7.36 13.37
CA ASP L 268 31.22 -6.47 12.23
C ASP L 268 31.49 -5.00 12.63
N GLU L 269 31.27 -4.65 13.90
CA GLU L 269 31.39 -3.26 14.35
C GLU L 269 32.83 -2.69 14.31
N PRO L 270 33.84 -3.51 14.73
CA PRO L 270 35.23 -3.05 14.63
C PRO L 270 35.63 -2.72 13.19
N PHE L 271 35.15 -3.49 12.22
CA PHE L 271 35.50 -3.31 10.81
C PHE L 271 34.64 -2.27 10.10
N ASP L 272 33.40 -2.08 10.56
CA ASP L 272 32.52 -1.10 9.98
C ASP L 272 32.90 0.31 10.46
N ASN L 273 33.13 0.45 11.77
CA ASN L 273 33.50 1.74 12.36
C ASN L 273 34.81 2.30 11.79
N THR L 274 35.65 1.39 11.30
CA THR L 274 36.91 1.71 10.61
C THR L 274 36.68 2.51 9.32
N VAL L 275 35.74 2.06 8.50
CA VAL L 275 35.42 2.73 7.24
C VAL L 275 34.62 4.01 7.49
N GLU L 276 33.70 3.96 8.46
CA GLU L 276 32.81 5.08 8.79
C GLU L 276 33.53 6.32 9.31
N ILE L 277 34.57 6.11 10.10
CA ILE L 277 35.32 7.23 10.66
C ILE L 277 36.14 7.90 9.57
N ALA L 278 36.83 7.09 8.76
CA ALA L 278 37.72 7.59 7.69
C ALA L 278 36.95 8.37 6.61
N ARG L 279 35.66 8.08 6.46
CA ARG L 279 34.80 8.83 5.53
C ARG L 279 34.62 10.27 5.99
N MET L 280 34.27 10.42 7.27
CA MET L 280 33.95 11.73 7.83
C MET L 280 35.18 12.43 8.41
N CYS L 281 36.38 12.01 8.01
CA CYS L 281 37.61 12.71 8.39
C CYS L 281 38.04 13.70 7.29
N ASP L 282 37.16 14.65 6.99
CA ASP L 282 37.37 15.57 5.90
C ASP L 282 38.33 16.69 6.29
N VAL L 283 39.63 16.46 6.06
CA VAL L 283 40.64 17.48 6.35
C VAL L 283 41.38 17.80 5.06
N ASP L 284 41.06 18.96 4.50
CA ASP L 284 41.68 19.41 3.26
C ASP L 284 42.58 20.59 3.59
N LEU L 285 43.87 20.40 3.31
CA LEU L 285 44.85 21.45 3.54
C LEU L 285 44.90 22.39 2.32
N PRO L 286 44.96 23.72 2.54
CA PRO L 286 45.07 24.72 1.47
C PRO L 286 46.12 24.39 0.39
N ILE L 287 45.81 23.41 -0.41
CA ILE L 287 46.72 22.99 -1.41
C ILE L 287 45.94 22.94 -2.66
N GLY L 288 46.63 23.00 -3.78
CA GLY L 288 45.95 22.86 -5.04
C GLY L 288 44.90 23.92 -5.12
N ASP L 289 43.70 23.49 -5.40
CA ASP L 289 42.63 24.39 -5.75
C ASP L 289 42.45 25.29 -4.59
N LYS L 290 42.49 24.71 -3.41
CA LYS L 290 42.42 25.51 -2.23
C LYS L 290 43.79 26.12 -2.20
N MET L 291 43.87 27.43 -2.12
CA MET L 291 45.04 28.06 -1.61
C MET L 291 44.72 29.50 -1.33
N VAL L 292 45.38 30.12 -0.37
CA VAL L 292 45.03 31.47 -0.04
C VAL L 292 46.38 32.02 0.21
N TYR L 293 46.66 33.20 -0.31
CA TYR L 293 47.96 33.76 -0.15
C TYR L 293 47.92 34.53 1.12
N ARG L 294 48.69 34.10 2.10
CA ARG L 294 48.65 34.76 3.37
C ARG L 294 49.87 35.60 3.50
N ILE L 295 49.67 36.89 3.39
CA ILE L 295 50.73 37.84 3.35
C ILE L 295 50.55 38.69 4.56
N PRO L 296 51.58 38.86 5.34
CA PRO L 296 51.43 39.56 6.61
C PRO L 296 51.23 41.05 6.43
N ARG L 297 50.38 41.64 7.27
CA ARG L 297 50.06 43.06 7.18
C ARG L 297 51.26 43.89 7.60
N PHE L 298 51.51 44.97 6.87
CA PHE L 298 52.60 45.87 7.15
C PHE L 298 52.05 47.16 7.77
N PRO L 299 52.61 47.60 8.92
CA PRO L 299 52.16 48.82 9.58
C PRO L 299 52.73 50.08 8.92
N LEU L 300 51.87 50.97 8.46
CA LEU L 300 52.29 52.19 7.79
C LEU L 300 52.52 53.34 8.76
N PRO L 301 51.55 53.66 9.65
CA PRO L 301 50.17 53.16 9.82
C PRO L 301 49.12 53.99 9.05
N GLU L 302 48.88 55.24 9.48
CA GLU L 302 48.08 56.22 8.72
C GLU L 302 46.69 55.61 8.41
N GLY L 303 45.91 56.07 7.41
CA GLY L 303 46.18 57.24 6.53
C GLY L 303 46.80 56.90 5.18
N ARG L 304 47.32 55.68 5.06
CA ARG L 304 48.08 55.24 3.90
C ARG L 304 47.57 53.90 3.42
N THR L 305 47.58 53.70 2.10
CA THR L 305 47.25 52.41 1.52
C THR L 305 48.54 51.61 1.40
N GLU L 306 48.39 50.29 1.42
CA GLU L 306 49.54 49.40 1.30
C GLU L 306 50.29 49.64 -0.03
N ALA L 307 49.52 49.88 -1.09
CA ALA L 307 50.09 50.12 -2.42
C ALA L 307 50.64 51.54 -2.52
N GLN L 308 50.02 52.46 -1.81
CA GLN L 308 50.39 53.85 -1.86
C GLN L 308 51.79 54.06 -1.26
N TYR L 309 52.04 53.48 -0.09
CA TYR L 309 53.34 53.63 0.58
C TYR L 309 54.44 53.00 -0.24
N LEU L 310 54.11 52.02 -1.06
CA LEU L 310 55.10 51.43 -1.96
C LEU L 310 55.48 52.41 -3.07
N ARG L 311 54.50 53.17 -3.55
CA ARG L 311 54.75 54.21 -4.55
C ARG L 311 55.58 55.37 -3.97
N GLU L 312 55.26 55.77 -2.74
CA GLU L 312 56.02 56.79 -1.99
C GLU L 312 57.51 56.49 -1.90
N LEU L 313 57.83 55.30 -1.42
CA LEU L 313 59.24 54.91 -1.28
C LEU L 313 59.90 54.79 -2.66
N THR L 314 59.14 54.42 -3.68
CA THR L 314 59.68 54.31 -5.04
C THR L 314 60.00 55.68 -5.67
N PHE L 315 59.18 56.69 -5.36
CA PHE L 315 59.44 58.06 -5.81
C PHE L 315 60.58 58.69 -5.03
N LEU L 316 60.61 58.47 -3.71
CA LEU L 316 61.73 58.93 -2.86
C LEU L 316 63.02 58.22 -3.18
N GLY L 317 62.91 56.96 -3.63
CA GLY L 317 64.07 56.17 -4.03
C GLY L 317 64.74 56.63 -5.31
N LEU L 318 63.94 56.94 -6.32
CA LEU L 318 64.46 57.34 -7.63
C LEU L 318 65.22 58.66 -7.54
N LEU L 319 64.77 59.53 -6.65
CA LEU L 319 65.42 60.83 -6.44
C LEU L 319 66.86 60.62 -5.92
N ARG L 320 67.06 59.60 -5.09
CA ARG L 320 68.38 59.30 -4.53
C ARG L 320 69.35 58.71 -5.54
N ARG L 321 68.91 57.71 -6.30
CA ARG L 321 69.79 56.93 -7.18
C ARG L 321 69.99 57.49 -8.60
N TYR L 322 69.18 58.49 -8.96
CA TYR L 322 69.34 59.21 -10.22
C TYR L 322 69.25 60.71 -9.94
N PRO L 323 70.28 61.26 -9.29
CA PRO L 323 70.24 62.66 -8.87
C PRO L 323 70.36 63.65 -10.01
N ASP L 324 71.07 63.26 -11.07
CA ASP L 324 71.29 64.13 -12.23
C ASP L 324 70.03 64.33 -13.07
N ARG L 325 69.21 63.30 -13.19
CA ARG L 325 68.01 63.34 -14.05
C ARG L 325 66.66 63.10 -13.35
N ILE L 326 66.67 62.93 -12.03
CA ILE L 326 65.43 62.89 -11.23
C ILE L 326 65.53 63.85 -10.06
N THR L 327 65.14 65.08 -10.32
CA THR L 327 65.28 66.18 -9.37
C THR L 327 63.91 66.66 -8.94
N GLU L 328 63.88 67.56 -7.95
CA GLU L 328 62.62 68.09 -7.42
C GLU L 328 61.87 68.83 -8.51
N ALA L 329 62.61 69.54 -9.34
CA ALA L 329 62.05 70.28 -10.47
C ALA L 329 61.34 69.37 -11.49
N PHE L 330 61.86 68.16 -11.66
CA PHE L 330 61.24 67.21 -12.57
C PHE L 330 59.91 66.71 -12.02
N TYR L 331 59.85 66.43 -10.72
CA TYR L 331 58.64 65.91 -10.10
C TYR L 331 57.54 66.96 -10.12
N ARG L 332 57.91 68.21 -9.87
CA ARG L 332 56.96 69.32 -9.93
C ARG L 332 56.32 69.42 -11.31
N GLU L 333 57.11 69.18 -12.35
CA GLU L 333 56.59 69.21 -13.73
C GLU L 333 55.55 68.12 -13.99
N VAL L 334 55.82 66.93 -13.47
CA VAL L 334 54.91 65.78 -13.63
C VAL L 334 53.62 66.05 -12.86
N LEU L 335 53.74 66.58 -11.65
CA LEU L 335 52.58 66.87 -10.82
C LEU L 335 51.77 68.01 -11.44
N ARG L 336 52.48 69.06 -11.84
CA ARG L 336 51.89 70.27 -12.42
C ARG L 336 51.26 70.00 -13.79
N LEU L 337 51.79 69.03 -14.54
CA LEU L 337 51.18 68.59 -15.81
C LEU L 337 49.76 68.03 -15.63
N LEU L 338 49.49 67.41 -14.48
CA LEU L 338 48.12 67.06 -14.09
C LEU L 338 47.49 68.15 -13.22
N ASP L 346 59.26 71.12 -0.52
CA ASP L 346 59.78 69.98 0.20
C ASP L 346 59.93 68.78 -0.75
N GLU L 347 60.95 67.96 -0.52
CA GLU L 347 61.17 66.73 -1.30
C GLU L 347 60.13 65.63 -1.03
N ARG L 348 59.74 65.46 0.25
CA ARG L 348 58.83 64.40 0.66
C ARG L 348 57.41 64.67 0.21
N ALA L 349 57.05 65.95 0.11
CA ALA L 349 55.70 66.35 -0.26
C ALA L 349 55.37 65.97 -1.70
N LEU L 350 56.40 65.89 -2.54
CA LEU L 350 56.24 65.55 -3.95
C LEU L 350 55.91 64.07 -4.11
N ALA L 351 56.69 63.21 -3.48
CA ALA L 351 56.48 61.76 -3.53
C ALA L 351 55.14 61.38 -2.88
N GLU L 352 54.88 61.98 -1.74
CA GLU L 352 53.64 61.79 -1.02
C GLU L 352 52.46 62.18 -1.91
N ALA L 353 52.65 63.24 -2.71
CA ALA L 353 51.66 63.70 -3.66
C ALA L 353 51.52 62.74 -4.84
N LEU L 354 52.64 62.28 -5.38
CA LEU L 354 52.63 61.41 -6.55
C LEU L 354 51.97 60.07 -6.28
N ALA L 355 52.10 59.59 -5.05
CA ALA L 355 51.52 58.29 -4.70
C ALA L 355 50.00 58.33 -4.70
N ARG L 356 49.44 59.52 -4.44
CA ARG L 356 47.98 59.67 -4.35
C ARG L 356 47.28 59.62 -5.71
N VAL L 357 48.06 59.84 -6.78
CA VAL L 357 47.54 59.79 -8.16
C VAL L 357 46.98 58.41 -8.49
N GLU L 358 45.95 58.35 -9.35
CA GLU L 358 45.34 57.05 -9.72
C GLU L 358 45.78 56.56 -11.10
N GLU L 359 45.53 55.28 -11.35
CA GLU L 359 46.03 54.61 -12.55
C GLU L 359 45.39 55.17 -13.81
N LYS L 360 44.14 55.63 -13.69
CA LYS L 360 43.44 56.32 -14.79
C LYS L 360 44.07 57.69 -15.14
N ALA L 361 44.80 58.29 -14.21
CA ALA L 361 45.51 59.55 -14.44
C ALA L 361 46.84 59.35 -15.18
N TRP L 362 47.55 58.28 -14.85
CA TRP L 362 48.87 58.01 -15.46
C TRP L 362 48.80 57.58 -16.90
N GLU L 363 47.76 56.85 -17.26
CA GLU L 363 47.57 56.44 -18.65
C GLU L 363 47.24 57.61 -19.59
N GLU L 364 46.92 58.77 -19.00
CA GLU L 364 46.76 60.04 -19.74
C GLU L 364 48.07 60.83 -19.78
N LEU L 365 49.19 60.15 -19.52
CA LEU L 365 50.52 60.76 -19.49
C LEU L 365 51.52 60.05 -20.41
N ARG L 366 51.52 58.72 -20.42
CA ARG L 366 52.57 57.98 -21.09
C ARG L 366 52.59 58.23 -22.59
N LYS L 367 51.43 58.52 -23.16
CA LYS L 367 51.30 58.74 -24.58
C LYS L 367 51.31 60.23 -24.86
N ARG L 368 52.28 60.94 -24.30
CA ARG L 368 52.32 62.40 -24.47
C ARG L 368 53.67 62.95 -24.05
N GLU L 377 68.42 55.26 -24.88
CA GLU L 377 68.96 55.95 -23.70
C GLU L 377 67.89 56.09 -22.64
N TRP L 378 68.29 56.08 -21.36
CA TRP L 378 67.36 56.16 -20.23
C TRP L 378 67.21 57.57 -19.74
N THR L 379 66.20 58.26 -20.28
CA THR L 379 65.96 59.65 -19.95
C THR L 379 65.13 59.72 -18.68
N ALA L 380 64.92 60.94 -18.19
CA ALA L 380 64.12 61.19 -16.97
C ALA L 380 62.68 60.64 -17.09
N GLU L 381 62.10 60.79 -18.27
CA GLU L 381 60.71 60.38 -18.49
C GLU L 381 60.58 58.84 -18.54
N ALA L 382 61.64 58.17 -18.99
CA ALA L 382 61.62 56.74 -19.17
C ALA L 382 61.69 56.06 -17.83
N ILE L 383 62.42 56.67 -16.91
CA ILE L 383 62.60 56.11 -15.56
C ILE L 383 61.26 56.08 -14.83
N LEU L 384 60.50 57.17 -14.96
CA LEU L 384 59.10 57.22 -14.49
C LEU L 384 58.23 56.11 -15.12
N HIS L 385 58.29 55.97 -16.43
CA HIS L 385 57.48 54.98 -17.12
C HIS L 385 57.79 53.55 -16.69
N ARG L 386 59.08 53.25 -16.53
CA ARG L 386 59.52 51.95 -16.04
C ARG L 386 58.98 51.78 -14.63
N ALA L 387 59.27 52.79 -13.80
CA ALA L 387 58.93 52.76 -12.40
C ALA L 387 57.43 52.56 -12.17
N LEU L 388 56.62 53.30 -12.93
CA LEU L 388 55.15 53.30 -12.77
C LEU L 388 54.54 52.03 -13.32
N TYR L 389 55.14 51.50 -14.39
CA TYR L 389 54.67 50.23 -15.00
C TYR L 389 54.82 49.05 -14.05
N GLU L 390 55.95 48.97 -13.35
CA GLU L 390 56.18 47.90 -12.39
C GLU L 390 55.18 48.02 -11.24
N LEU L 391 55.04 49.23 -10.69
CA LEU L 391 54.10 49.47 -9.59
C LEU L 391 52.64 49.14 -9.98
N SER L 392 52.30 49.36 -11.25
CA SER L 392 51.00 48.97 -11.77
C SER L 392 50.81 47.44 -11.74
N VAL L 393 51.86 46.71 -12.16
CA VAL L 393 51.85 45.23 -12.18
C VAL L 393 51.91 44.64 -10.76
N ILE L 394 52.65 45.32 -9.89
CA ILE L 394 52.76 44.90 -8.51
C ILE L 394 51.43 45.00 -7.78
N GLU L 395 50.75 46.13 -7.98
CA GLU L 395 49.49 46.43 -7.30
C GLU L 395 48.37 45.54 -7.79
N ARG L 396 48.34 45.30 -9.10
CA ARG L 396 47.29 44.47 -9.70
C ARG L 396 47.29 43.03 -9.17
N MET L 397 48.49 42.45 -9.03
CA MET L 397 48.67 41.06 -8.58
C MET L 397 48.57 40.92 -7.06
N GLY L 398 48.52 42.05 -6.37
CA GLY L 398 48.35 42.07 -4.91
C GLY L 398 49.59 41.70 -4.13
N PHE L 399 50.73 42.28 -4.50
CA PHE L 399 51.99 42.09 -3.77
C PHE L 399 52.69 43.36 -3.32
N PRO L 400 51.97 44.48 -3.14
CA PRO L 400 52.70 45.63 -2.62
C PRO L 400 53.23 45.38 -1.22
N GLY L 401 52.45 44.70 -0.38
CA GLY L 401 52.83 44.47 1.01
C GLY L 401 53.98 43.50 1.16
N TYR L 402 54.20 42.69 0.13
CA TYR L 402 55.34 41.78 0.09
C TYR L 402 56.67 42.54 -0.02
N PHE L 403 56.66 43.61 -0.82
CA PHE L 403 57.82 44.50 -0.99
C PHE L 403 58.11 45.28 0.28
N LEU L 404 57.05 45.78 0.93
CA LEU L 404 57.19 46.53 2.17
C LEU L 404 57.86 45.72 3.28
N ILE L 405 57.52 44.44 3.36
CA ILE L 405 58.15 43.56 4.34
C ILE L 405 59.66 43.45 4.04
N VAL L 406 59.98 43.16 2.76
CA VAL L 406 61.38 42.92 2.33
C VAL L 406 62.19 44.21 2.47
N GLN L 407 61.55 45.33 2.11
CA GLN L 407 62.16 46.66 2.21
C GLN L 407 62.51 47.01 3.66
N ASP L 408 61.69 46.56 4.60
CA ASP L 408 61.82 46.96 6.00
C ASP L 408 63.06 46.41 6.65
N TYR L 409 63.26 45.09 6.59
CA TYR L 409 64.39 44.47 7.28
C TYR L 409 65.71 44.67 6.54
N ILE L 410 65.62 44.89 5.23
CA ILE L 410 66.83 45.25 4.44
C ILE L 410 67.38 46.62 4.79
N ASN L 411 66.49 47.61 4.86
CA ASN L 411 66.83 48.96 5.29
C ASN L 411 67.20 49.03 6.75
N TRP L 412 66.68 48.11 7.54
CA TRP L 412 67.09 48.01 8.95
C TRP L 412 68.51 47.52 9.07
N ALA L 413 68.85 46.50 8.29
CA ALA L 413 70.16 45.87 8.37
C ALA L 413 71.27 46.86 8.02
N ARG L 414 71.04 47.71 7.02
CA ARG L 414 72.04 48.71 6.63
C ARG L 414 72.30 49.71 7.77
N GLY L 415 71.21 50.22 8.33
CA GLY L 415 71.30 51.18 9.43
C GLY L 415 71.80 50.63 10.75
N HIS L 416 71.75 49.31 10.92
CA HIS L 416 72.22 48.68 12.14
C HIS L 416 73.43 47.82 11.91
N GLY L 417 74.35 48.29 11.05
CA GLY L 417 75.65 47.68 10.83
C GLY L 417 75.61 46.22 10.38
N VAL L 418 74.74 45.93 9.41
CA VAL L 418 74.72 44.61 8.79
C VAL L 418 74.78 44.78 7.28
N SER L 419 75.87 44.33 6.66
CA SER L 419 76.05 44.45 5.22
C SER L 419 75.02 43.64 4.47
N VAL L 420 74.34 44.28 3.52
CA VAL L 420 73.42 43.60 2.64
C VAL L 420 74.02 43.57 1.24
N GLY L 421 73.92 42.44 0.56
CA GLY L 421 74.44 42.32 -0.80
C GLY L 421 73.64 43.12 -1.84
N PRO L 422 74.22 43.35 -3.03
CA PRO L 422 73.51 44.04 -4.10
C PRO L 422 72.33 43.27 -4.68
N GLY L 423 72.26 41.97 -4.45
CA GLY L 423 71.08 41.19 -4.81
C GLY L 423 71.46 39.85 -5.40
N ARG L 424 70.47 38.98 -5.52
CA ARG L 424 70.65 37.71 -6.20
C ARG L 424 69.37 37.25 -6.89
N GLY L 425 69.48 36.33 -7.83
CA GLY L 425 68.32 35.83 -8.56
C GLY L 425 67.76 36.92 -9.44
N SER L 426 66.44 36.88 -9.66
CA SER L 426 65.78 37.78 -10.61
C SER L 426 65.44 39.13 -9.97
N ALA L 427 65.48 39.18 -8.64
CA ALA L 427 65.04 40.37 -7.89
C ALA L 427 65.83 41.63 -8.27
N ALA L 428 67.04 41.47 -8.76
CA ALA L 428 67.90 42.59 -9.14
C ALA L 428 67.37 43.36 -10.35
N GLY L 429 66.55 42.69 -11.16
CA GLY L 429 66.03 43.30 -12.37
C GLY L 429 64.93 44.33 -12.15
N SER L 430 64.30 44.32 -10.97
CA SER L 430 63.23 45.29 -10.72
C SER L 430 63.78 46.67 -10.35
N LEU L 431 63.30 47.69 -11.06
CA LEU L 431 63.59 49.09 -10.72
C LEU L 431 62.97 49.52 -9.40
N VAL L 432 61.83 48.93 -9.04
CA VAL L 432 61.17 49.25 -7.77
C VAL L 432 62.02 48.74 -6.64
N ALA L 433 62.52 47.52 -6.79
CA ALA L 433 63.43 46.93 -5.80
C ALA L 433 64.68 47.78 -5.67
N TYR L 434 65.18 48.30 -6.78
CA TYR L 434 66.38 49.15 -6.76
C TYR L 434 66.13 50.50 -6.09
N ALA L 435 65.09 51.19 -6.53
CA ALA L 435 64.72 52.49 -5.96
C ALA L 435 64.43 52.40 -4.47
N VAL L 436 63.53 51.52 -4.07
CA VAL L 436 63.12 51.41 -2.67
C VAL L 436 64.21 50.86 -1.76
N GLY L 437 65.06 49.99 -2.29
CA GLY L 437 66.29 49.59 -1.59
C GLY L 437 66.47 48.10 -1.25
N ILE L 438 65.81 47.25 -2.03
CA ILE L 438 65.92 45.84 -1.83
C ILE L 438 67.21 45.43 -2.52
N THR L 439 67.31 45.73 -3.81
CA THR L 439 68.52 45.45 -4.59
C THR L 439 69.35 46.71 -4.63
N ASN L 440 70.64 46.57 -4.89
CA ASN L 440 71.55 47.71 -4.93
C ASN L 440 72.45 47.71 -6.17
N ILE L 441 71.83 47.48 -7.33
CA ILE L 441 72.51 47.58 -8.62
C ILE L 441 71.57 48.11 -9.70
N ASP L 442 72.06 49.02 -10.52
CA ASP L 442 71.24 49.77 -11.45
C ASP L 442 70.72 48.85 -12.53
N PRO L 443 69.41 48.55 -12.52
CA PRO L 443 68.84 47.57 -13.47
C PRO L 443 68.62 48.11 -14.88
N LEU L 444 68.63 49.42 -15.04
CA LEU L 444 68.47 50.04 -16.35
C LEU L 444 69.83 50.40 -16.99
N ARG L 445 70.87 50.65 -16.20
CA ARG L 445 72.24 50.84 -16.74
C ARG L 445 72.73 49.58 -17.46
N PHE L 446 72.57 48.44 -16.79
CA PHE L 446 72.72 47.12 -17.41
C PHE L 446 71.40 46.62 -18.06
N GLY L 447 71.45 45.46 -18.70
CA GLY L 447 70.28 44.96 -19.43
C GLY L 447 69.36 44.09 -18.61
N LEU L 448 69.01 44.56 -17.41
CA LEU L 448 68.23 43.77 -16.47
C LEU L 448 66.72 44.04 -16.61
N LEU L 449 65.94 42.96 -16.63
CA LEU L 449 64.50 43.01 -16.91
C LEU L 449 63.63 42.70 -15.69
N PHE L 450 62.52 43.41 -15.58
CA PHE L 450 61.52 43.17 -14.53
C PHE L 450 60.63 41.98 -14.88
N GLU L 451 60.48 41.68 -16.17
CA GLU L 451 59.56 40.64 -16.66
C GLU L 451 60.03 39.24 -16.31
N ARG L 452 61.33 39.08 -16.04
CA ARG L 452 61.84 37.81 -15.53
C ARG L 452 61.61 37.62 -14.04
N PHE L 453 61.57 38.72 -13.31
CA PHE L 453 61.24 38.69 -11.88
C PHE L 453 59.74 38.46 -11.64
N LEU L 454 58.92 39.39 -12.14
CA LEU L 454 57.44 39.29 -12.10
C LEU L 454 56.89 39.28 -13.52
N ASN L 455 56.54 38.10 -14.02
CA ASN L 455 55.90 38.03 -15.32
C ASN L 455 54.47 38.60 -15.20
N PRO L 456 54.15 39.61 -16.03
CA PRO L 456 52.84 40.27 -15.91
C PRO L 456 51.66 39.41 -16.38
N GLU L 457 51.94 38.38 -17.16
CA GLU L 457 50.90 37.46 -17.63
C GLU L 457 50.90 36.16 -16.80
N ARG L 458 51.18 36.29 -15.51
CA ARG L 458 51.31 35.13 -14.62
C ARG L 458 51.25 35.54 -13.14
N VAL L 459 50.21 35.10 -12.46
CA VAL L 459 49.99 35.44 -11.06
C VAL L 459 50.72 34.44 -10.18
N SER L 460 52.04 34.50 -10.25
CA SER L 460 52.94 33.73 -9.38
C SER L 460 53.65 34.64 -8.38
N MET L 461 53.79 34.16 -7.15
CA MET L 461 54.43 34.91 -6.08
C MET L 461 55.94 34.97 -6.35
N PRO L 462 56.52 36.19 -6.35
CA PRO L 462 57.96 36.33 -6.59
C PRO L 462 58.80 35.94 -5.37
N ASP L 463 59.89 35.20 -5.61
CA ASP L 463 60.74 34.69 -4.53
C ASP L 463 61.97 35.56 -4.44
N ILE L 464 62.07 36.36 -3.38
CA ILE L 464 63.19 37.30 -3.19
C ILE L 464 64.13 36.77 -2.13
N ASP L 465 65.37 36.51 -2.51
CA ASP L 465 66.41 36.10 -1.57
C ASP L 465 67.44 37.22 -1.40
N THR L 466 67.91 37.42 -0.17
CA THR L 466 68.87 38.49 0.12
C THR L 466 70.12 37.93 0.77
N ASP L 467 71.29 38.43 0.38
CA ASP L 467 72.56 38.04 1.00
C ASP L 467 72.96 39.00 2.13
N PHE L 468 73.49 38.44 3.21
CA PHE L 468 73.90 39.24 4.35
C PHE L 468 75.27 38.77 4.78
N SER L 469 75.86 39.48 5.73
CA SER L 469 77.11 39.06 6.35
C SER L 469 76.88 37.85 7.26
N ASP L 470 77.68 36.79 7.10
CA ASP L 470 77.45 35.53 7.82
C ASP L 470 77.50 35.64 9.37
N ARG L 471 78.24 36.62 9.88
CA ARG L 471 78.26 36.92 11.31
C ARG L 471 77.00 37.62 11.79
N GLU L 472 76.48 38.54 10.98
CA GLU L 472 75.33 39.37 11.38
C GLU L 472 73.97 38.88 10.85
N ARG L 473 73.92 37.66 10.33
CA ARG L 473 72.74 37.15 9.64
C ARG L 473 71.62 36.84 10.62
N ASP L 474 71.98 36.33 11.79
CA ASP L 474 70.98 35.97 12.81
C ASP L 474 70.25 37.21 13.35
N ARG L 475 70.98 38.32 13.45
CA ARG L 475 70.41 39.58 13.92
C ARG L 475 69.30 40.10 13.04
N VAL L 476 69.40 39.86 11.73
CA VAL L 476 68.33 40.23 10.81
C VAL L 476 67.11 39.30 11.02
N ILE L 477 67.35 38.02 11.29
CA ILE L 477 66.26 37.11 11.57
C ILE L 477 65.62 37.49 12.90
N GLN L 478 66.44 37.86 13.87
CA GLN L 478 65.95 38.25 15.18
C GLN L 478 65.06 39.49 15.08
N TYR L 479 65.38 40.38 14.14
CA TYR L 479 64.58 41.57 13.91
C TYR L 479 63.21 41.21 13.37
N VAL L 480 63.18 40.30 12.41
CA VAL L 480 61.93 39.78 11.84
C VAL L 480 61.06 39.07 12.89
N ARG L 481 61.69 38.30 13.79
CA ARG L 481 60.96 37.65 14.88
C ARG L 481 60.33 38.68 15.82
N GLU L 482 61.09 39.72 16.18
CA GLU L 482 60.58 40.78 17.05
C GLU L 482 59.53 41.65 16.32
N ARG L 483 59.72 41.86 15.02
CA ARG L 483 58.85 42.73 14.24
C ARG L 483 57.47 42.14 14.00
N TYR L 484 57.43 40.89 13.54
CA TYR L 484 56.17 40.27 13.15
C TYR L 484 55.64 39.26 14.14
N GLY L 485 56.21 39.24 15.35
CA GLY L 485 55.74 38.34 16.41
C GLY L 485 56.51 37.02 16.46
N GLU L 486 56.70 36.51 17.68
CA GLU L 486 57.49 35.31 17.92
C GLU L 486 56.77 34.07 17.41
N ASP L 487 55.46 34.06 17.57
CA ASP L 487 54.67 32.89 17.19
C ASP L 487 54.46 32.75 15.70
N LYS L 488 54.77 33.80 14.94
CA LYS L 488 54.50 33.80 13.51
C LYS L 488 55.77 33.63 12.62
N VAL L 489 56.95 33.52 13.24
CA VAL L 489 58.23 33.48 12.53
C VAL L 489 59.16 32.31 12.98
N ALA L 490 59.63 31.53 12.01
CA ALA L 490 60.47 30.38 12.32
C ALA L 490 61.30 29.94 11.12
N GLN L 491 62.37 29.20 11.40
CA GLN L 491 63.25 28.66 10.36
C GLN L 491 62.56 27.50 9.65
N ILE L 492 63.06 27.16 8.47
CA ILE L 492 62.56 26.02 7.71
C ILE L 492 63.48 24.81 7.87
N GLY L 493 62.85 23.65 8.14
CA GLY L 493 63.58 22.42 8.46
C GLY L 493 63.90 21.63 7.20
N THR L 494 65.17 21.28 7.03
CA THR L 494 65.60 20.47 5.91
C THR L 494 65.75 19.04 6.37
N PHE L 495 64.82 18.17 5.96
CA PHE L 495 64.91 16.73 6.25
C PHE L 495 65.91 16.03 5.33
N GLY L 496 67.03 15.57 5.90
CA GLY L 496 68.08 14.90 5.14
C GLY L 496 67.65 13.52 4.73
N SER L 497 67.16 13.41 3.49
CA SER L 497 66.77 12.12 2.89
C SER L 497 68.00 11.26 2.66
N LEU L 498 67.80 9.94 2.73
CA LEU L 498 68.91 9.00 2.73
C LEU L 498 69.84 9.23 1.53
N ALA L 499 71.08 8.77 1.70
CA ALA L 499 72.04 8.57 0.64
C ALA L 499 72.29 7.10 0.46
N SER L 500 72.08 6.62 -0.74
CA SER L 500 71.94 5.23 -0.94
C SER L 500 73.17 4.47 -0.51
N LYS L 501 74.33 5.10 -0.58
CA LYS L 501 75.55 4.44 -0.15
C LYS L 501 75.48 4.11 1.33
N ALA L 502 74.98 5.08 2.06
CA ALA L 502 74.87 4.92 3.48
C ALA L 502 73.91 3.81 3.71
N ALA L 503 72.87 3.79 2.92
CA ALA L 503 71.85 2.77 3.09
C ALA L 503 72.45 1.41 2.91
N LEU L 504 73.32 1.29 1.94
CA LEU L 504 73.98 0.03 1.69
C LEU L 504 74.79 -0.44 2.85
N LYS L 505 75.53 0.44 3.50
CA LYS L 505 76.36 -0.02 4.61
C LYS L 505 75.70 -0.62 5.87
N ASP L 506 74.68 0.06 6.37
CA ASP L 506 73.91 -0.25 7.56
C ASP L 506 73.31 -1.65 7.49
N VAL L 507 72.87 -2.04 6.30
CA VAL L 507 72.37 -3.41 6.06
C VAL L 507 73.50 -4.44 6.02
N ALA L 508 74.67 -4.03 5.52
CA ALA L 508 75.87 -4.86 5.51
C ALA L 508 76.31 -5.30 6.90
N ARG L 509 76.34 -4.33 7.83
CA ARG L 509 76.73 -4.60 9.23
C ARG L 509 75.85 -5.71 9.79
N VAL L 510 74.55 -5.57 9.58
CA VAL L 510 73.59 -6.44 10.26
C VAL L 510 73.82 -7.89 9.86
N TYR L 511 73.86 -8.15 8.56
CA TYR L 511 74.01 -9.53 8.04
C TYR L 511 75.38 -10.18 8.30
N GLY L 512 76.36 -9.36 8.67
CA GLY L 512 77.66 -9.86 9.05
C GLY L 512 78.62 -9.86 7.87
N ILE L 513 78.66 -8.75 7.16
CA ILE L 513 79.62 -8.56 6.08
C ILE L 513 80.80 -7.71 6.55
N PRO L 514 82.05 -8.10 6.22
CA PRO L 514 83.19 -7.30 6.65
C PRO L 514 83.20 -5.89 6.09
N HIS L 515 83.64 -4.94 6.90
CA HIS L 515 83.60 -3.52 6.54
C HIS L 515 84.34 -3.22 5.26
N LYS L 516 85.44 -3.93 5.03
CA LYS L 516 86.29 -3.68 3.87
C LYS L 516 85.59 -4.08 2.57
N LYS L 517 84.99 -5.26 2.54
CA LYS L 517 84.27 -5.75 1.36
C LYS L 517 82.98 -4.94 1.10
N ALA L 518 82.38 -4.47 2.20
CA ALA L 518 81.16 -3.66 2.16
C ALA L 518 81.38 -2.30 1.50
N GLU L 519 82.52 -1.69 1.76
CA GLU L 519 82.86 -0.37 1.21
C GLU L 519 82.99 -0.40 -0.31
N GLU L 520 83.55 -1.50 -0.83
CA GLU L 520 83.65 -1.72 -2.28
C GLU L 520 82.27 -1.74 -2.95
N LEU L 521 81.30 -2.36 -2.27
CA LEU L 521 79.89 -2.35 -2.71
C LEU L 521 79.26 -0.95 -2.64
N ALA L 522 79.72 -0.13 -1.69
CA ALA L 522 79.27 1.26 -1.56
C ALA L 522 79.85 2.16 -2.64
N LYS L 523 81.08 1.90 -3.03
CA LYS L 523 81.75 2.69 -4.08
C LYS L 523 81.18 2.49 -5.50
N LEU L 524 80.50 1.36 -5.74
CA LEU L 524 79.94 1.06 -7.06
C LEU L 524 78.74 1.96 -7.42
N ILE L 525 78.16 2.60 -6.39
CA ILE L 525 77.05 3.53 -6.58
C ILE L 525 77.52 4.90 -7.14
N PRO L 526 76.99 5.30 -8.31
CA PRO L 526 77.41 6.56 -8.93
C PRO L 526 76.81 7.80 -8.27
N VAL L 527 77.47 8.94 -8.42
CA VAL L 527 77.02 10.20 -7.82
C VAL L 527 76.87 11.28 -8.89
N GLN L 528 75.64 11.56 -9.30
CA GLN L 528 75.38 12.56 -10.34
C GLN L 528 75.68 13.98 -9.84
N PHE L 529 75.33 14.25 -8.59
CA PHE L 529 75.44 15.60 -8.05
C PHE L 529 75.30 15.55 -6.52
N GLY L 530 76.38 15.90 -5.83
CA GLY L 530 76.37 15.98 -4.37
C GLY L 530 76.34 14.61 -3.72
N LYS L 531 75.18 13.96 -3.80
CA LYS L 531 74.98 12.66 -3.18
C LYS L 531 74.62 11.58 -4.22
N PRO L 532 74.87 10.29 -3.88
CA PRO L 532 74.72 9.18 -4.85
C PRO L 532 73.30 8.94 -5.37
N LYS L 533 73.20 8.21 -6.49
CA LYS L 533 71.92 7.90 -7.16
C LYS L 533 71.14 6.79 -6.48
N PRO L 534 69.82 6.71 -6.72
CA PRO L 534 69.02 5.62 -6.17
C PRO L 534 69.53 4.24 -6.59
N LEU L 535 69.26 3.23 -5.76
CA LEU L 535 69.72 1.87 -6.02
C LEU L 535 68.94 1.22 -7.15
N GLN L 536 67.67 1.55 -7.29
CA GLN L 536 66.90 0.79 -8.24
C GLN L 536 67.47 0.94 -9.60
N GLU L 537 67.82 2.15 -9.96
CA GLU L 537 68.34 2.40 -11.28
C GLU L 537 69.61 1.63 -11.42
N ALA L 538 70.30 1.54 -10.30
CA ALA L 538 71.61 0.94 -10.28
C ALA L 538 71.44 -0.46 -10.72
N ILE L 539 70.39 -1.06 -10.21
CA ILE L 539 69.99 -2.36 -10.60
C ILE L 539 69.60 -2.40 -12.06
N GLN L 540 68.95 -1.36 -12.55
CA GLN L 540 68.45 -1.44 -13.90
C GLN L 540 69.61 -1.65 -14.81
N VAL L 541 70.65 -0.87 -14.67
CA VAL L 541 71.88 -1.12 -15.37
C VAL L 541 71.80 -1.21 -16.87
N VAL L 542 72.28 -0.20 -17.56
CA VAL L 542 73.00 -0.38 -18.82
C VAL L 542 74.47 -0.75 -19.07
N PRO L 543 75.45 0.08 -18.63
CA PRO L 543 76.81 -0.43 -18.44
C PRO L 543 77.34 -0.28 -17.00
N GLU L 544 76.80 -1.09 -16.09
CA GLU L 544 77.21 -1.11 -14.66
C GLU L 544 77.41 -2.52 -14.13
N LEU L 545 78.02 -2.62 -12.95
CA LEU L 545 78.42 -3.90 -12.35
C LEU L 545 77.45 -4.34 -11.25
N ARG L 546 76.34 -4.94 -11.68
CA ARG L 546 75.30 -5.54 -10.82
C ARG L 546 75.44 -7.05 -10.65
N ALA L 547 76.51 -7.58 -11.21
CA ALA L 547 76.75 -9.01 -11.29
C ALA L 547 76.91 -9.61 -9.94
N GLU L 548 77.41 -8.81 -9.02
CA GLU L 548 77.95 -9.28 -7.79
C GLU L 548 76.93 -10.11 -7.11
N MET L 549 75.67 -9.80 -7.36
CA MET L 549 74.61 -10.61 -6.84
C MET L 549 74.76 -12.01 -7.39
N GLU L 550 75.12 -12.18 -8.65
CA GLU L 550 75.16 -13.57 -9.11
C GLU L 550 76.12 -14.45 -8.32
N LYS L 551 77.17 -13.86 -7.74
CA LYS L 551 78.22 -14.61 -7.05
C LYS L 551 77.79 -15.20 -5.70
N ASP L 552 77.31 -14.34 -4.80
CA ASP L 552 76.87 -14.77 -3.46
C ASP L 552 75.40 -14.40 -3.19
N GLU L 553 74.67 -15.34 -2.59
CA GLU L 553 73.24 -15.15 -2.26
C GLU L 553 73.01 -14.25 -1.04
N ARG L 554 74.05 -14.01 -0.25
CA ARG L 554 73.97 -13.06 0.88
C ARG L 554 73.96 -11.61 0.44
N ILE L 555 74.65 -11.33 -0.65
CA ILE L 555 74.67 -9.99 -1.23
C ILE L 555 73.36 -9.72 -1.99
N ARG L 556 72.71 -10.76 -2.49
CA ARG L 556 71.40 -10.60 -3.16
C ARG L 556 70.34 -10.01 -2.22
N GLN L 557 70.37 -10.47 -0.98
CA GLN L 557 69.37 -10.08 0.01
C GLN L 557 69.64 -8.69 0.54
N VAL L 558 70.92 -8.41 0.80
CA VAL L 558 71.34 -7.13 1.34
C VAL L 558 70.98 -5.96 0.43
N ILE L 559 71.28 -6.09 -0.87
CA ILE L 559 71.03 -5.01 -1.84
C ILE L 559 69.54 -4.81 -2.12
N GLU L 560 68.80 -5.91 -2.16
CA GLU L 560 67.35 -5.83 -2.30
C GLU L 560 66.74 -5.22 -1.02
N VAL L 561 67.27 -5.58 0.14
CA VAL L 561 66.83 -4.95 1.40
C VAL L 561 67.29 -3.49 1.48
N ALA L 562 68.45 -3.18 0.93
CA ALA L 562 68.94 -1.80 0.88
C ALA L 562 67.93 -0.86 0.20
N MET L 563 67.56 -1.20 -1.02
CA MET L 563 66.62 -0.35 -1.79
C MET L 563 65.23 -0.31 -1.14
N ARG L 564 64.88 -1.37 -0.41
CA ARG L 564 63.64 -1.42 0.37
C ARG L 564 63.72 -0.55 1.66
N LEU L 565 64.89 -0.02 1.99
CA LEU L 565 65.04 0.87 3.15
C LEU L 565 65.65 2.21 2.76
N GLU L 566 65.49 2.57 1.49
CA GLU L 566 66.16 3.75 0.95
C GLU L 566 65.44 5.07 1.28
N GLY L 567 64.17 5.13 0.95
CA GLY L 567 63.41 6.37 1.06
C GLY L 567 62.97 6.76 2.45
N LEU L 568 63.49 6.10 3.47
CA LEU L 568 63.10 6.37 4.85
C LEU L 568 63.65 7.70 5.32
N ASN L 569 62.98 8.27 6.33
CA ASN L 569 63.38 9.53 6.94
C ASN L 569 64.65 9.30 7.79
N ARG L 570 65.16 10.35 8.45
CA ARG L 570 66.36 10.21 9.28
C ARG L 570 66.21 10.94 10.62
N HIS L 571 66.99 11.99 10.87
CA HIS L 571 67.00 12.68 12.15
C HIS L 571 66.48 14.10 12.09
N ALA L 572 67.36 15.08 11.92
CA ALA L 572 66.95 16.51 11.93
C ALA L 572 68.04 17.45 11.43
N SER L 573 67.63 18.55 10.79
CA SER L 573 68.54 19.60 10.33
C SER L 573 67.76 20.85 9.88
N VAL L 574 68.34 22.04 10.11
CA VAL L 574 67.70 23.30 9.77
C VAL L 574 68.25 23.87 8.46
N HIS L 575 67.40 24.55 7.70
CA HIS L 575 67.86 25.18 6.45
C HIS L 575 68.62 26.44 6.79
N ALA L 576 69.65 26.74 6.00
CA ALA L 576 70.52 27.90 6.26
C ALA L 576 69.79 29.22 5.96
N ALA L 577 69.15 29.29 4.79
CA ALA L 577 68.44 30.50 4.38
C ALA L 577 66.98 30.49 4.86
N GLY L 578 66.36 29.32 4.82
CA GLY L 578 64.93 29.18 5.00
C GLY L 578 64.37 29.84 6.24
N VAL L 579 63.53 30.84 6.04
CA VAL L 579 62.82 31.50 7.13
C VAL L 579 61.40 31.81 6.67
N VAL L 580 60.42 31.61 7.56
CA VAL L 580 59.00 31.79 7.23
C VAL L 580 58.46 32.99 7.98
N ILE L 581 57.49 33.69 7.39
CA ILE L 581 56.79 34.81 8.03
C ILE L 581 55.29 34.65 7.81
N ALA L 582 54.64 33.91 8.71
CA ALA L 582 53.20 33.67 8.60
C ALA L 582 52.35 34.90 8.99
N ALA L 583 51.16 35.00 8.41
CA ALA L 583 50.19 36.09 8.69
C ALA L 583 49.53 35.83 10.03
N GLU L 584 48.99 34.62 10.16
CA GLU L 584 48.41 34.13 11.42
C GLU L 584 49.48 33.29 12.17
N PRO L 585 49.25 32.99 13.47
CA PRO L 585 50.22 32.20 14.24
C PRO L 585 50.60 30.90 13.55
N LEU L 586 51.89 30.57 13.57
CA LEU L 586 52.38 29.35 12.93
C LEU L 586 51.66 28.09 13.42
N THR L 587 51.42 28.00 14.73
CA THR L 587 50.83 26.79 15.32
C THR L 587 49.38 26.48 14.84
N ASP L 588 48.76 27.43 14.14
CA ASP L 588 47.44 27.22 13.51
C ASP L 588 47.52 26.35 12.26
N LEU L 589 48.56 26.53 11.46
CA LEU L 589 48.68 25.78 10.20
C LEU L 589 49.93 24.90 10.12
N VAL L 590 51.03 25.33 10.71
CA VAL L 590 52.32 24.63 10.56
C VAL L 590 53.00 24.40 11.92
N PRO L 591 53.25 23.12 12.29
CA PRO L 591 53.86 22.80 13.57
C PRO L 591 55.34 23.10 13.63
N LEU L 592 55.89 23.21 14.84
CA LEU L 592 57.28 23.66 15.02
C LEU L 592 58.14 22.74 15.90
N MET L 593 59.45 23.01 15.88
CA MET L 593 60.45 22.34 16.71
C MET L 593 61.36 23.40 17.31
N ARG L 594 62.35 22.96 18.07
CA ARG L 594 63.47 23.80 18.47
C ARG L 594 64.75 23.03 18.29
N ASP L 595 65.75 23.67 17.67
CA ASP L 595 67.06 23.03 17.45
C ASP L 595 68.05 23.22 18.64
N GLN L 596 69.24 22.65 18.49
CA GLN L 596 70.21 22.59 19.58
C GLN L 596 70.65 24.00 20.00
N GLU L 597 70.80 24.87 19.02
CA GLU L 597 71.22 26.26 19.28
C GLU L 597 70.06 27.17 19.73
N GLY L 598 68.83 26.63 19.74
CA GLY L 598 67.65 27.37 20.22
C GLY L 598 66.98 28.21 19.14
N ARG L 599 66.67 27.59 18.00
CA ARG L 599 66.03 28.25 16.87
C ARG L 599 64.68 27.57 16.65
N PRO L 600 63.58 28.34 16.55
CA PRO L 600 62.30 27.73 16.17
C PRO L 600 62.29 27.25 14.70
N VAL L 601 62.11 25.94 14.51
CA VAL L 601 62.22 25.33 13.20
C VAL L 601 60.90 24.67 12.89
N THR L 602 60.45 24.83 11.65
CA THR L 602 59.18 24.26 11.20
C THR L 602 59.36 22.77 10.96
N GLN L 603 58.27 22.02 10.94
CA GLN L 603 58.32 20.58 10.68
C GLN L 603 58.02 20.20 9.23
N TYR L 604 57.85 21.20 8.36
CA TYR L 604 57.63 20.95 6.94
C TYR L 604 58.81 21.48 6.13
N ASP L 605 59.08 20.84 4.99
CA ASP L 605 60.24 21.19 4.15
C ASP L 605 59.96 22.42 3.27
N MET L 606 60.93 22.77 2.42
CA MET L 606 60.80 23.91 1.51
C MET L 606 59.50 23.77 0.71
N GLY L 607 59.36 22.65 0.00
CA GLY L 607 58.22 22.43 -0.89
C GLY L 607 56.88 22.48 -0.17
N ALA L 608 56.80 21.79 0.96
CA ALA L 608 55.55 21.68 1.74
C ALA L 608 55.06 22.99 2.34
N VAL L 609 55.98 23.90 2.66
CA VAL L 609 55.63 25.20 3.24
C VAL L 609 55.09 26.11 2.15
N GLU L 610 55.78 26.17 1.01
CA GLU L 610 55.34 27.00 -0.11
C GLU L 610 54.05 26.46 -0.74
N ALA L 611 53.90 25.15 -0.73
CA ALA L 611 52.71 24.50 -1.26
C ALA L 611 51.49 24.74 -0.35
N LEU L 612 51.75 25.19 0.86
CA LEU L 612 50.69 25.50 1.83
C LEU L 612 50.22 26.95 1.72
N GLY L 613 50.96 27.74 0.94
CA GLY L 613 50.58 29.12 0.67
C GLY L 613 50.98 30.03 1.80
N LEU L 614 52.28 30.13 2.04
CA LEU L 614 52.81 30.94 3.11
C LEU L 614 53.97 31.75 2.59
N LEU L 615 54.25 32.84 3.28
CA LEU L 615 55.35 33.72 2.92
C LEU L 615 56.68 33.06 3.33
N LYS L 616 57.59 32.94 2.36
CA LYS L 616 58.92 32.36 2.56
C LYS L 616 60.04 33.31 2.08
N MET L 617 60.96 33.64 2.99
CA MET L 617 62.14 34.43 2.64
C MET L 617 63.42 33.58 2.81
N ASP L 618 64.46 33.96 2.08
CA ASP L 618 65.76 33.33 2.23
C ASP L 618 66.77 34.41 2.58
N PHE L 619 67.39 34.27 3.75
CA PHE L 619 68.50 35.12 4.18
C PHE L 619 69.80 34.31 4.28
N LEU L 620 70.74 34.56 3.35
CA LEU L 620 71.98 33.82 3.29
C LEU L 620 73.12 34.59 3.91
N GLY L 621 74.14 33.84 4.33
CA GLY L 621 75.35 34.40 4.89
C GLY L 621 76.48 34.24 3.89
N LEU L 622 76.83 35.32 3.21
CA LEU L 622 77.92 35.32 2.26
C LEU L 622 79.23 35.72 2.92
N ARG L 623 80.33 35.12 2.47
CA ARG L 623 81.66 35.36 3.05
C ARG L 623 82.16 36.76 2.70
N THR L 624 81.94 37.17 1.45
CA THR L 624 82.42 38.46 0.95
C THR L 624 81.94 39.66 1.76
N LEU L 625 80.68 39.65 2.17
CA LEU L 625 80.10 40.76 2.94
C LEU L 625 80.77 40.88 4.30
N THR L 626 81.12 39.75 4.90
CA THR L 626 81.82 39.74 6.19
C THR L 626 83.22 40.27 6.03
N PHE L 627 83.87 39.91 4.92
CA PHE L 627 85.20 40.39 4.60
C PHE L 627 85.16 41.91 4.41
N LEU L 628 84.20 42.38 3.63
CA LEU L 628 84.15 43.78 3.28
C LEU L 628 83.99 44.63 4.54
N ASP L 629 83.28 44.11 5.52
CA ASP L 629 83.04 44.85 6.77
C ASP L 629 84.35 45.08 7.52
N GLU L 630 85.19 44.04 7.60
CA GLU L 630 86.45 44.14 8.33
C GLU L 630 87.45 44.98 7.57
N ALA L 631 87.38 44.90 6.25
CA ALA L 631 88.17 45.75 5.37
C ALA L 631 87.82 47.21 5.61
N ARG L 632 86.51 47.52 5.63
CA ARG L 632 85.98 48.87 5.91
C ARG L 632 86.39 49.34 7.31
N ARG L 633 86.39 48.41 8.26
CA ARG L 633 86.75 48.71 9.64
C ARG L 633 88.22 49.12 9.73
N ILE L 634 89.09 48.27 9.19
CA ILE L 634 90.52 48.51 9.31
C ILE L 634 90.90 49.75 8.52
N VAL L 635 90.32 49.90 7.34
CA VAL L 635 90.64 51.06 6.52
C VAL L 635 90.36 52.36 7.30
N LYS L 636 89.27 52.39 8.05
CA LYS L 636 88.85 53.59 8.75
C LYS L 636 89.82 53.98 9.85
N GLU L 637 90.22 53.02 10.68
CA GLU L 637 91.17 53.30 11.74
C GLU L 637 92.59 53.49 11.23
N SER L 638 92.88 52.94 10.06
CA SER L 638 94.21 53.05 9.44
C SER L 638 94.54 54.50 9.04
N LYS L 639 93.61 55.12 8.31
CA LYS L 639 93.79 56.48 7.81
C LYS L 639 92.51 57.26 7.64
N GLY L 640 91.55 57.02 8.54
CA GLY L 640 90.38 57.89 8.70
C GLY L 640 89.38 57.95 7.57
N VAL L 641 89.43 56.96 6.68
CA VAL L 641 88.58 56.98 5.49
C VAL L 641 87.48 55.96 5.59
N GLU L 642 86.24 56.42 5.48
CA GLU L 642 85.07 55.56 5.41
C GLU L 642 84.85 55.02 3.99
N LEU L 643 84.62 53.73 3.87
CA LEU L 643 84.41 53.11 2.57
C LEU L 643 82.92 52.92 2.38
N ASP L 644 82.31 53.77 1.55
CA ASP L 644 80.91 53.61 1.17
C ASP L 644 80.81 52.76 -0.11
N TYR L 645 80.63 51.47 0.05
CA TYR L 645 80.61 50.57 -1.09
C TYR L 645 79.50 50.94 -2.10
N ASP L 646 78.35 51.41 -1.62
CA ASP L 646 77.21 51.74 -2.47
C ASP L 646 77.36 53.08 -3.17
N ARG L 647 78.51 53.72 -3.00
CA ARG L 647 78.82 54.98 -3.68
C ARG L 647 80.14 54.95 -4.49
N LEU L 648 80.74 53.77 -4.65
CA LEU L 648 82.00 53.65 -5.39
C LEU L 648 81.80 53.95 -6.88
N PRO L 649 82.78 54.63 -7.51
CA PRO L 649 82.77 54.74 -8.98
C PRO L 649 82.95 53.38 -9.68
N LEU L 650 82.18 53.14 -10.73
CA LEU L 650 82.26 51.88 -11.47
C LEU L 650 83.20 51.96 -12.69
N ASP L 651 84.07 52.97 -12.73
CA ASP L 651 85.01 53.15 -13.82
C ASP L 651 86.35 53.64 -13.29
N ASP L 652 86.80 53.05 -12.19
CA ASP L 652 88.09 53.39 -11.59
C ASP L 652 89.23 52.71 -12.34
N PRO L 653 90.26 53.47 -12.72
CA PRO L 653 91.31 52.89 -13.57
C PRO L 653 92.15 51.82 -12.88
N LYS L 654 92.59 52.10 -11.64
CA LYS L 654 93.52 51.21 -10.91
C LYS L 654 92.88 49.91 -10.49
N THR L 655 91.56 49.88 -10.40
CA THR L 655 90.85 48.63 -10.11
C THR L 655 91.00 47.63 -11.28
N PHE L 656 90.75 48.09 -12.49
CA PHE L 656 90.75 47.20 -13.65
C PHE L 656 92.17 46.80 -14.07
N GLU L 657 93.12 47.67 -13.75
CA GLU L 657 94.53 47.44 -14.04
C GLU L 657 95.07 46.30 -13.17
N LEU L 658 94.57 46.23 -11.93
CA LEU L 658 94.93 45.16 -11.00
C LEU L 658 94.34 43.86 -11.48
N LEU L 659 93.09 43.89 -11.92
CA LEU L 659 92.46 42.70 -12.48
C LEU L 659 93.17 42.28 -13.77
N SER L 660 93.47 43.27 -14.64
CA SER L 660 94.20 43.03 -15.89
C SER L 660 95.61 42.39 -15.70
N ARG L 661 96.27 42.70 -14.59
CA ARG L 661 97.56 42.09 -14.30
C ARG L 661 97.40 40.68 -13.71
N GLY L 662 96.16 40.27 -13.46
CA GLY L 662 95.88 38.93 -12.92
C GLY L 662 96.31 38.74 -11.48
N GLU L 663 95.96 39.71 -10.63
CA GLU L 663 96.21 39.67 -9.18
C GLU L 663 94.89 39.51 -8.48
N THR L 664 94.23 38.39 -8.78
CA THR L 664 92.94 38.06 -8.19
C THR L 664 93.14 37.00 -7.12
N LYS L 665 93.91 37.32 -6.09
CA LYS L 665 94.23 36.38 -5.01
C LYS L 665 93.06 36.23 -4.03
N GLY L 666 92.52 37.37 -3.61
CA GLY L 666 91.36 37.40 -2.72
C GLY L 666 90.15 38.09 -3.33
N VAL L 667 90.15 38.27 -4.64
CA VAL L 667 89.06 38.95 -5.32
C VAL L 667 87.88 38.04 -5.60
N PHE L 668 86.73 38.39 -5.02
CA PHE L 668 85.56 37.53 -5.03
C PHE L 668 85.16 37.07 -6.43
N GLN L 669 84.71 35.82 -6.51
CA GLN L 669 84.09 35.24 -7.71
C GLN L 669 85.10 34.74 -8.76
N LEU L 670 86.31 35.28 -8.76
CA LEU L 670 87.32 34.88 -9.74
C LEU L 670 88.71 34.65 -9.11
N GLU L 671 88.80 33.59 -8.31
CA GLU L 671 90.06 33.17 -7.70
C GLU L 671 90.62 31.91 -8.35
N SER L 672 89.82 31.29 -9.23
CA SER L 672 90.20 30.05 -9.91
C SER L 672 91.45 30.17 -10.81
N GLY L 673 92.29 29.13 -10.80
CA GLY L 673 93.52 29.13 -11.54
C GLY L 673 93.28 29.47 -12.99
N GLY L 674 92.35 28.76 -13.62
CA GLY L 674 92.02 29.02 -15.01
C GLY L 674 91.40 30.39 -15.19
N MET L 675 90.49 30.77 -14.30
CA MET L 675 89.80 32.05 -14.36
C MET L 675 90.76 33.23 -14.26
N THR L 676 91.80 33.08 -13.46
CA THR L 676 92.77 34.13 -13.29
C THR L 676 93.53 34.40 -14.61
N ALA L 677 93.91 33.34 -15.31
CA ALA L 677 94.58 33.52 -16.60
C ALA L 677 93.67 34.19 -17.63
N THR L 678 92.36 33.88 -17.56
CA THR L 678 91.35 34.41 -18.48
C THR L 678 91.14 35.89 -18.26
N VAL L 679 91.07 36.33 -17.00
CA VAL L 679 91.06 37.78 -16.69
C VAL L 679 92.38 38.51 -17.10
N ARG L 680 93.50 37.80 -17.04
CA ARG L 680 94.78 38.27 -17.56
C ARG L 680 94.71 38.42 -19.09
N GLY L 681 94.20 37.40 -19.76
CA GLY L 681 94.11 37.41 -21.22
C GLY L 681 93.13 38.43 -21.78
N LEU L 682 92.00 38.60 -21.11
CA LEU L 682 90.95 39.52 -21.55
C LEU L 682 91.34 40.98 -21.40
N LYS L 683 91.93 41.30 -20.24
CA LYS L 683 92.29 42.68 -19.88
C LYS L 683 91.02 43.56 -19.78
N PRO L 684 90.19 43.32 -18.77
CA PRO L 684 88.94 44.07 -18.65
C PRO L 684 89.17 45.52 -18.31
N ARG L 685 88.36 46.40 -18.94
CA ARG L 685 88.43 47.86 -18.74
C ARG L 685 87.16 48.51 -18.15
N ARG L 686 86.02 47.84 -18.29
CA ARG L 686 84.79 48.28 -17.60
C ARG L 686 84.04 47.13 -16.90
N LEU L 687 83.06 47.49 -16.08
CA LEU L 687 82.36 46.50 -15.24
C LEU L 687 81.63 45.41 -16.04
N GLU L 688 81.09 45.77 -17.20
CA GLU L 688 80.34 44.83 -18.06
C GLU L 688 81.21 43.69 -18.59
N ASP L 689 82.52 43.91 -18.67
CA ASP L 689 83.44 42.86 -19.06
C ASP L 689 83.48 41.74 -18.01
N ILE L 690 83.43 42.13 -16.73
CA ILE L 690 83.45 41.16 -15.64
C ILE L 690 82.13 40.36 -15.62
N ILE L 691 81.03 41.03 -15.94
CA ILE L 691 79.71 40.39 -16.00
C ILE L 691 79.65 39.33 -17.13
N ALA L 692 80.21 39.67 -18.27
CA ALA L 692 80.32 38.75 -19.42
C ALA L 692 81.23 37.57 -19.11
N LEU L 693 82.38 37.89 -18.54
CA LEU L 693 83.41 36.89 -18.29
C LEU L 693 82.94 35.84 -17.29
N VAL L 694 82.32 36.28 -16.20
CA VAL L 694 81.84 35.35 -15.15
C VAL L 694 80.68 34.49 -15.65
N SER L 695 79.83 35.08 -16.48
CA SER L 695 78.73 34.33 -17.10
C SER L 695 79.23 33.33 -18.13
N LEU L 696 80.20 33.72 -18.93
CA LEU L 696 80.72 32.86 -20.00
C LEU L 696 81.64 31.75 -19.49
N TYR L 697 82.42 32.04 -18.45
CA TYR L 697 83.39 31.07 -17.93
C TYR L 697 82.73 29.91 -17.18
N ARG L 698 82.25 28.94 -17.94
CA ARG L 698 81.69 27.72 -17.37
C ARG L 698 81.64 26.68 -18.49
N PRO L 699 81.66 25.39 -18.12
CA PRO L 699 81.66 24.36 -19.13
C PRO L 699 80.48 24.58 -20.09
N GLY L 700 80.80 24.86 -21.34
CA GLY L 700 79.81 25.05 -22.39
C GLY L 700 80.05 26.33 -23.17
N PRO L 701 79.72 27.48 -22.55
CA PRO L 701 79.97 28.77 -23.18
C PRO L 701 81.44 29.22 -23.17
N MET L 702 82.35 28.47 -22.55
CA MET L 702 83.78 28.82 -22.56
C MET L 702 84.35 29.05 -23.96
N GLU L 703 83.82 28.34 -24.96
CA GLU L 703 84.32 28.42 -26.36
C GLU L 703 84.13 29.80 -27.02
N HIS L 704 83.22 30.61 -26.47
CA HIS L 704 82.95 31.95 -26.98
C HIS L 704 83.92 32.97 -26.43
N ILE L 705 84.66 32.60 -25.38
CA ILE L 705 85.58 33.51 -24.67
C ILE L 705 86.72 34.01 -25.57
N PRO L 706 87.40 33.08 -26.28
CA PRO L 706 88.42 33.54 -27.22
C PRO L 706 87.87 34.57 -28.21
N THR L 707 86.67 34.32 -28.75
CA THR L 707 86.00 35.25 -29.68
C THR L 707 85.72 36.60 -29.00
N TYR L 708 85.28 36.53 -27.74
CA TYR L 708 84.99 37.74 -26.93
C TYR L 708 86.25 38.56 -26.68
N ILE L 709 87.33 37.86 -26.31
CA ILE L 709 88.63 38.48 -26.01
C ILE L 709 89.18 39.20 -27.23
N ARG L 710 89.20 38.51 -28.36
CA ARG L 710 89.77 39.07 -29.59
C ARG L 710 88.92 40.23 -30.12
N ARG L 711 87.63 40.19 -29.84
CA ARG L 711 86.75 41.32 -30.16
C ARG L 711 86.98 42.46 -29.20
N HIS L 712 87.20 42.14 -27.92
CA HIS L 712 87.32 43.15 -26.85
C HIS L 712 88.57 44.00 -26.97
N HIS L 713 89.65 43.37 -27.44
CA HIS L 713 90.92 44.08 -27.62
C HIS L 713 90.89 45.11 -28.73
N GLY L 714 89.74 45.22 -29.41
CA GLY L 714 89.61 46.17 -30.53
C GLY L 714 90.26 45.61 -31.78
N GLN L 715 89.98 44.33 -32.05
CA GLN L 715 90.63 43.61 -33.16
C GLN L 715 89.69 42.68 -33.98
N GLU L 716 88.40 43.02 -34.01
CA GLU L 716 87.45 42.41 -34.95
C GLU L 716 86.17 43.24 -35.05
N PRO L 717 85.76 43.60 -36.28
CA PRO L 717 84.47 44.28 -36.40
C PRO L 717 83.34 43.35 -35.97
N VAL L 718 82.52 43.80 -35.02
CA VAL L 718 81.35 43.06 -34.60
C VAL L 718 80.26 43.36 -35.61
N SER L 719 80.30 42.63 -36.73
CA SER L 719 79.34 42.86 -37.84
C SER L 719 78.17 41.89 -37.75
N TYR L 720 77.11 42.18 -38.50
CA TYR L 720 75.89 41.36 -38.52
C TYR L 720 75.40 41.14 -39.96
N ALA L 721 76.34 40.72 -40.82
CA ALA L 721 76.10 40.51 -42.24
C ALA L 721 75.20 39.30 -42.54
N GLU L 722 75.07 38.40 -41.56
CA GLU L 722 74.14 37.27 -41.64
C GLU L 722 72.68 37.72 -41.53
N PHE L 723 72.44 38.78 -40.77
CA PHE L 723 71.09 39.33 -40.57
C PHE L 723 71.10 40.85 -40.81
N PRO L 724 71.29 41.28 -42.08
CA PRO L 724 71.33 42.72 -42.40
C PRO L 724 70.05 43.48 -42.02
N HIS L 725 68.89 42.89 -42.28
CA HIS L 725 67.63 43.53 -41.94
C HIS L 725 67.41 43.57 -40.44
N ALA L 726 67.90 42.56 -39.74
CA ALA L 726 67.79 42.51 -38.28
C ALA L 726 68.94 43.22 -37.56
N GLU L 727 69.88 43.78 -38.32
CA GLU L 727 71.04 44.45 -37.74
C GLU L 727 70.66 45.60 -36.80
N LYS L 728 69.72 46.45 -37.22
CA LYS L 728 69.29 47.61 -36.42
C LYS L 728 68.65 47.24 -35.09
N TYR L 729 68.08 46.03 -35.00
CA TYR L 729 67.59 45.49 -33.72
C TYR L 729 68.71 44.77 -32.91
N LEU L 730 69.58 44.06 -33.62
CA LEU L 730 70.64 43.27 -32.97
C LEU L 730 71.77 44.11 -32.34
N ARG L 731 72.11 45.22 -32.96
CA ARG L 731 73.27 45.99 -32.53
C ARG L 731 73.11 46.59 -31.12
N PRO L 732 72.04 47.39 -30.88
CA PRO L 732 71.89 48.06 -29.59
C PRO L 732 71.97 47.11 -28.40
N ILE L 733 71.50 45.88 -28.61
CA ILE L 733 71.56 44.86 -27.58
C ILE L 733 72.96 44.24 -27.50
N LEU L 734 73.47 43.78 -28.63
CA LEU L 734 74.64 42.92 -28.61
C LEU L 734 75.97 43.65 -28.71
N ASP L 735 75.96 44.96 -28.94
CA ASP L 735 77.20 45.73 -28.99
C ASP L 735 77.84 45.88 -27.61
N GLU L 736 77.03 45.79 -26.56
CA GLU L 736 77.50 45.84 -25.18
C GLU L 736 78.32 44.59 -24.85
N THR L 737 78.04 43.50 -25.57
CA THR L 737 78.71 42.19 -25.37
C THR L 737 79.38 41.66 -26.68
N TYR L 738 79.72 42.57 -27.58
CA TYR L 738 80.46 42.24 -28.80
C TYR L 738 79.82 41.13 -29.64
N GLY L 739 78.53 41.24 -29.87
CA GLY L 739 77.85 40.37 -30.84
C GLY L 739 77.44 39.01 -30.33
N ILE L 740 77.94 38.60 -29.16
CA ILE L 740 77.65 37.28 -28.64
C ILE L 740 76.47 37.35 -27.65
N PRO L 741 75.37 36.63 -27.95
CA PRO L 741 74.25 36.64 -27.01
C PRO L 741 74.56 35.75 -25.80
N VAL L 742 75.17 36.36 -24.79
CA VAL L 742 75.60 35.66 -23.59
C VAL L 742 74.50 35.55 -22.52
N TYR L 743 73.74 36.62 -22.34
CA TYR L 743 72.74 36.70 -21.28
C TYR L 743 71.38 36.28 -21.76
N GLN L 744 70.52 35.96 -20.80
CA GLN L 744 69.14 35.55 -21.07
C GLN L 744 68.33 36.75 -21.52
N GLU L 745 68.61 37.90 -20.90
CA GLU L 745 67.86 39.13 -21.14
C GLU L 745 68.07 39.66 -22.55
N GLN L 746 69.23 39.37 -23.12
CA GLN L 746 69.54 39.75 -24.51
C GLN L 746 68.73 38.95 -25.53
N ILE L 747 68.51 37.67 -25.23
CA ILE L 747 67.68 36.80 -26.07
C ILE L 747 66.22 37.22 -26.00
N MET L 748 65.76 37.61 -24.80
CA MET L 748 64.41 38.17 -24.62
C MET L 748 64.22 39.51 -25.35
N GLN L 749 65.24 40.37 -25.31
CA GLN L 749 65.19 41.68 -25.99
C GLN L 749 65.19 41.54 -27.52
N ILE L 750 66.04 40.65 -28.03
CA ILE L 750 66.08 40.31 -29.45
C ILE L 750 64.68 39.83 -29.84
N ALA L 751 64.20 38.79 -29.14
CA ALA L 751 62.89 38.18 -29.40
C ALA L 751 61.75 39.20 -29.42
N SER L 752 61.75 40.10 -28.43
CA SER L 752 60.73 41.14 -28.26
C SER L 752 60.76 42.21 -29.35
N GLN L 753 61.94 42.61 -29.79
CA GLN L 753 62.06 43.65 -30.79
C GLN L 753 61.92 43.09 -32.20
N VAL L 754 62.67 42.03 -32.52
CA VAL L 754 62.71 41.49 -33.89
C VAL L 754 61.39 40.86 -34.33
N ALA L 755 60.72 40.19 -33.39
CA ALA L 755 59.50 39.47 -33.66
C ALA L 755 58.25 40.23 -33.22
N GLY L 756 58.40 41.47 -32.78
CA GLY L 756 57.27 42.22 -32.23
C GLY L 756 56.62 41.53 -31.04
N TYR L 757 57.43 40.78 -30.29
CA TYR L 757 56.96 39.93 -29.20
C TYR L 757 56.79 40.77 -27.94
N SER L 758 55.90 40.34 -27.05
CA SER L 758 55.82 40.93 -25.72
C SER L 758 57.04 40.54 -24.89
N LEU L 759 57.51 41.46 -24.05
CA LEU L 759 58.67 41.22 -23.22
C LEU L 759 58.33 40.13 -22.19
N GLY L 760 57.08 40.12 -21.71
CA GLY L 760 56.61 39.05 -20.82
C GLY L 760 56.50 37.70 -21.51
N GLU L 761 56.05 37.71 -22.76
CA GLU L 761 55.99 36.51 -23.59
C GLU L 761 57.39 36.03 -24.04
N ALA L 762 58.37 36.95 -24.05
CA ALA L 762 59.76 36.60 -24.35
C ALA L 762 60.37 35.78 -23.20
N ASP L 763 59.88 36.03 -21.98
CA ASP L 763 60.24 35.22 -20.82
C ASP L 763 59.71 33.79 -21.00
N LEU L 764 58.48 33.66 -21.52
CA LEU L 764 57.87 32.34 -21.77
C LEU L 764 58.61 31.61 -22.88
N LEU L 765 58.99 32.36 -23.92
CA LEU L 765 59.72 31.82 -25.07
C LEU L 765 61.11 31.28 -24.72
N ARG L 766 61.71 31.83 -23.68
CA ARG L 766 62.97 31.30 -23.17
C ARG L 766 62.75 29.94 -22.51
N ARG L 767 61.68 29.81 -21.71
CA ARG L 767 61.38 28.55 -21.02
C ARG L 767 61.05 27.41 -21.98
N ALA L 768 60.40 27.74 -23.09
CA ALA L 768 60.08 26.76 -24.13
C ALA L 768 61.33 26.21 -24.80
N MET L 769 62.34 27.06 -24.99
CA MET L 769 63.64 26.64 -25.54
C MET L 769 64.40 25.81 -24.51
N GLY L 770 64.28 26.17 -23.24
CA GLY L 770 64.94 25.46 -22.14
C GLY L 770 64.35 24.07 -21.98
N LYS L 771 63.02 24.00 -22.02
CA LYS L 771 62.30 22.73 -21.99
C LYS L 771 62.54 21.91 -23.26
N LYS L 772 62.77 22.60 -24.37
CA LYS L 772 62.97 22.01 -25.73
C LYS L 772 61.92 20.96 -26.06
N ARG L 773 60.66 21.38 -25.99
CA ARG L 773 59.53 20.50 -26.30
C ARG L 773 59.54 20.11 -27.78
N VAL L 774 59.12 18.88 -28.07
CA VAL L 774 59.29 18.26 -29.39
C VAL L 774 58.76 19.14 -30.56
N GLU L 775 57.45 19.33 -30.65
CA GLU L 775 56.81 20.04 -31.76
C GLU L 775 56.20 21.39 -31.37
N GLU L 776 56.24 21.70 -30.08
CA GLU L 776 55.69 22.95 -29.58
C GLU L 776 56.58 24.13 -29.95
N MET L 777 57.87 23.86 -30.18
CA MET L 777 58.82 24.88 -30.66
C MET L 777 58.44 25.43 -32.05
N GLN L 778 57.81 24.61 -32.88
CA GLN L 778 57.37 25.04 -34.20
C GLN L 778 56.19 26.04 -34.14
N LYS L 779 55.48 26.08 -33.02
CA LYS L 779 54.42 27.10 -32.82
C LYS L 779 55.04 28.49 -32.69
N HIS L 780 56.17 28.55 -31.97
CA HIS L 780 56.89 29.79 -31.75
C HIS L 780 57.63 30.24 -32.99
N ARG L 781 58.16 29.27 -33.74
CA ARG L 781 58.82 29.57 -35.00
C ARG L 781 57.88 30.27 -35.95
N GLU L 782 56.65 29.78 -36.03
CA GLU L 782 55.63 30.38 -36.88
C GLU L 782 55.28 31.77 -36.34
N ARG L 783 55.10 31.86 -35.02
CA ARG L 783 54.80 33.13 -34.36
C ARG L 783 55.91 34.14 -34.62
N PHE L 784 57.15 33.67 -34.53
CA PHE L 784 58.34 34.53 -34.70
C PHE L 784 58.41 35.07 -36.12
N VAL L 785 58.17 34.20 -37.09
CA VAL L 785 58.25 34.60 -38.49
C VAL L 785 57.15 35.60 -38.85
N ARG L 786 55.94 35.37 -38.35
CA ARG L 786 54.79 36.25 -38.61
C ARG L 786 55.09 37.68 -38.20
N GLY L 787 55.59 37.83 -36.98
CA GLY L 787 55.98 39.15 -36.50
C GLY L 787 57.24 39.67 -37.19
N ALA L 788 58.23 38.79 -37.39
CA ALA L 788 59.47 39.14 -38.06
C ALA L 788 59.28 39.79 -39.43
N LYS L 789 58.43 39.19 -40.26
CA LYS L 789 58.10 39.74 -41.57
C LYS L 789 57.47 41.13 -41.47
N GLU L 790 56.65 41.34 -40.45
CA GLU L 790 55.95 42.61 -40.26
C GLU L 790 56.87 43.76 -39.84
N ARG L 791 58.04 43.41 -39.31
CA ARG L 791 58.99 44.40 -38.79
C ARG L 791 60.00 44.82 -39.84
N GLY L 792 60.67 43.83 -40.45
CA GLY L 792 61.67 44.13 -41.48
C GLY L 792 62.27 42.97 -42.23
N VAL L 793 62.58 41.89 -41.51
CA VAL L 793 63.31 40.74 -42.07
C VAL L 793 62.53 40.02 -43.16
N PRO L 794 63.25 39.44 -44.16
CA PRO L 794 62.62 38.81 -45.30
C PRO L 794 62.32 37.32 -45.11
N GLU L 795 62.13 36.88 -43.88
CA GLU L 795 61.72 35.51 -43.63
C GLU L 795 62.66 34.51 -44.29
N GLU L 796 63.95 34.82 -44.30
CA GLU L 796 64.99 33.89 -44.77
C GLU L 796 65.93 34.02 -43.56
N GLU L 797 65.97 35.23 -43.00
CA GLU L 797 66.77 35.50 -41.82
C GLU L 797 66.06 35.13 -40.51
N ALA L 798 64.75 35.33 -40.47
CA ALA L 798 63.96 35.07 -39.25
C ALA L 798 64.07 33.63 -38.75
N ASN L 799 63.99 32.67 -39.67
CA ASN L 799 64.14 31.24 -39.34
C ASN L 799 65.55 30.90 -38.89
N ARG L 800 66.54 31.51 -39.53
CA ARG L 800 67.96 31.30 -39.18
C ARG L 800 68.37 32.10 -37.94
N LEU L 801 67.61 33.17 -37.62
CA LEU L 801 67.74 33.88 -36.34
C LEU L 801 67.23 33.01 -35.19
N PHE L 802 66.12 32.32 -35.42
CA PHE L 802 65.57 31.40 -34.44
C PHE L 802 66.55 30.25 -34.17
N ASP L 803 67.33 29.88 -35.18
CA ASP L 803 68.35 28.85 -35.03
C ASP L 803 69.46 29.35 -34.10
N MET L 804 69.80 30.63 -34.21
CA MET L 804 70.81 31.24 -33.36
C MET L 804 70.31 31.40 -31.92
N LEU L 805 69.10 31.91 -31.77
CA LEU L 805 68.49 32.13 -30.46
C LEU L 805 68.34 30.83 -29.67
N GLU L 806 67.85 29.79 -30.31
CA GLU L 806 67.69 28.48 -29.65
C GLU L 806 69.03 27.87 -29.26
N ALA L 807 70.04 28.10 -30.09
CA ALA L 807 71.38 27.57 -29.89
C ALA L 807 72.08 28.21 -28.68
N PHE L 808 72.04 29.54 -28.61
CA PHE L 808 72.63 30.27 -27.48
C PHE L 808 71.70 30.35 -26.26
N ALA L 809 70.45 29.88 -26.39
CA ALA L 809 69.52 29.83 -25.26
C ALA L 809 69.94 28.76 -24.22
N ASN L 810 70.59 27.70 -24.68
CA ASN L 810 71.00 26.62 -23.80
C ASN L 810 72.03 27.04 -22.75
N TYR L 811 72.92 27.95 -23.13
CA TYR L 811 73.96 28.43 -22.21
C TYR L 811 73.74 29.89 -21.82
N GLY L 812 72.52 30.37 -21.99
CA GLY L 812 72.19 31.76 -21.68
C GLY L 812 72.13 31.95 -20.17
N PHE L 813 72.87 32.93 -19.66
CA PHE L 813 72.97 33.16 -18.23
C PHE L 813 72.14 34.36 -17.79
N ASN L 814 71.68 34.33 -16.55
CA ASN L 814 70.88 35.44 -16.01
C ASN L 814 71.78 36.63 -15.72
N LYS L 815 71.54 37.75 -16.38
CA LYS L 815 72.37 38.95 -16.20
C LYS L 815 72.15 39.64 -14.88
N SER L 816 70.93 39.56 -14.34
CA SER L 816 70.60 40.23 -13.07
C SER L 816 71.37 39.63 -11.90
N HIS L 817 71.58 38.31 -11.96
CA HIS L 817 72.36 37.63 -10.94
C HIS L 817 73.84 37.87 -11.19
N ALA L 818 74.26 37.80 -12.46
CA ALA L 818 75.68 37.99 -12.80
C ALA L 818 76.20 39.40 -12.54
N ALA L 819 75.36 40.40 -12.80
CA ALA L 819 75.70 41.82 -12.61
C ALA L 819 75.87 42.17 -11.13
N ALA L 820 74.91 41.75 -10.31
CA ALA L 820 74.93 42.06 -8.89
C ALA L 820 76.19 41.48 -8.23
N TYR L 821 76.46 40.21 -8.48
CA TYR L 821 77.63 39.53 -7.92
C TYR L 821 78.93 40.11 -8.48
N SER L 822 78.90 40.58 -9.71
CA SER L 822 80.06 41.20 -10.32
C SER L 822 80.45 42.48 -9.56
N LEU L 823 79.45 43.13 -8.97
CA LEU L 823 79.67 44.37 -8.23
C LEU L 823 80.51 44.11 -6.99
N LEU L 824 80.22 42.99 -6.32
CA LEU L 824 80.99 42.57 -5.14
C LEU L 824 82.41 42.25 -5.56
N SER L 825 82.57 41.64 -6.73
CA SER L 825 83.89 41.33 -7.26
C SER L 825 84.68 42.60 -7.50
N TYR L 826 84.00 43.62 -7.99
CA TYR L 826 84.64 44.92 -8.27
C TYR L 826 85.02 45.61 -6.96
N GLN L 827 84.13 45.51 -5.99
CA GLN L 827 84.37 46.11 -4.67
C GLN L 827 85.62 45.51 -4.02
N THR L 828 85.70 44.18 -4.02
CA THR L 828 86.82 43.49 -3.42
C THR L 828 88.12 43.85 -4.12
N ALA L 829 88.11 43.93 -5.45
CA ALA L 829 89.30 44.31 -6.21
C ALA L 829 89.66 45.79 -5.98
N TYR L 830 88.65 46.62 -5.80
CA TYR L 830 88.90 48.05 -5.56
C TYR L 830 89.66 48.25 -4.26
N VAL L 831 89.24 47.53 -3.21
CA VAL L 831 89.91 47.65 -1.92
C VAL L 831 91.39 47.33 -2.12
N LYS L 832 91.68 46.24 -2.83
CA LYS L 832 93.06 45.78 -3.01
C LYS L 832 93.88 46.77 -3.83
N ALA L 833 93.25 47.38 -4.82
CA ALA L 833 93.93 48.33 -5.69
C ALA L 833 94.36 49.56 -4.94
N HIS L 834 93.46 50.08 -4.13
CA HIS L 834 93.71 51.33 -3.41
C HIS L 834 94.29 51.14 -2.02
N TYR L 835 93.88 50.07 -1.35
CA TYR L 835 94.29 49.85 0.03
C TYR L 835 94.90 48.46 0.20
N PRO L 836 96.12 48.27 -0.32
CA PRO L 836 96.69 46.92 -0.43
C PRO L 836 97.09 46.29 0.88
N VAL L 837 97.64 47.08 1.80
CA VAL L 837 98.16 46.57 3.08
C VAL L 837 97.01 46.11 4.00
N GLU L 838 95.96 46.93 4.11
CA GLU L 838 94.79 46.57 4.94
C GLU L 838 93.88 45.49 4.32
N PHE L 839 94.02 45.29 3.03
CA PHE L 839 93.34 44.19 2.38
C PHE L 839 93.96 42.90 2.91
N MET L 840 95.30 42.84 2.91
CA MET L 840 96.05 41.66 3.37
C MET L 840 95.84 41.44 4.87
N ALA L 841 95.80 42.54 5.61
CA ALA L 841 95.50 42.48 7.03
C ALA L 841 94.06 41.99 7.24
N ALA L 842 93.16 42.31 6.29
CA ALA L 842 91.79 41.78 6.33
C ALA L 842 91.78 40.28 6.08
N LEU L 843 92.51 39.83 5.06
CA LEU L 843 92.68 38.38 4.78
C LEU L 843 93.25 37.62 5.98
N LEU L 844 94.24 38.21 6.64
CA LEU L 844 94.82 37.61 7.84
C LEU L 844 93.81 37.59 8.98
N SER L 845 92.99 38.64 9.07
CA SER L 845 92.04 38.78 10.16
C SER L 845 90.86 37.85 10.01
N VAL L 846 90.39 37.67 8.77
CA VAL L 846 89.25 36.79 8.52
C VAL L 846 89.64 35.36 8.84
N GLU L 847 90.82 34.94 8.37
CA GLU L 847 91.27 33.57 8.56
C GLU L 847 92.45 33.46 9.54
N ARG L 848 92.29 34.06 10.72
CA ARG L 848 93.36 34.10 11.75
C ARG L 848 93.60 32.78 12.48
N HIS L 849 92.58 31.95 12.56
CA HIS L 849 92.70 30.67 13.24
C HIS L 849 93.39 29.62 12.41
N ASP L 850 93.37 29.81 11.09
CA ASP L 850 94.05 28.91 10.14
C ASP L 850 95.56 29.15 10.12
N SER L 851 96.31 28.14 10.54
CA SER L 851 97.74 28.26 10.70
C SER L 851 98.45 28.39 9.36
N ASP L 852 98.07 27.54 8.41
CA ASP L 852 98.77 27.47 7.13
C ASP L 852 98.38 28.65 6.26
N LYS L 853 97.10 29.02 6.29
CA LYS L 853 96.62 30.13 5.45
C LYS L 853 97.13 31.49 5.92
N VAL L 854 97.22 31.70 7.23
CA VAL L 854 97.93 32.86 7.77
C VAL L 854 99.40 32.86 7.37
N ALA L 855 100.04 31.70 7.43
CA ALA L 855 101.41 31.55 6.93
C ALA L 855 101.47 31.88 5.42
N GLU L 856 100.46 31.41 4.70
CA GLU L 856 100.35 31.68 3.27
C GLU L 856 100.20 33.17 3.01
N TYR L 857 99.23 33.78 3.70
CA TYR L 857 98.99 35.19 3.55
C TYR L 857 100.20 36.06 3.97
N ILE L 858 100.98 35.60 4.94
CA ILE L 858 102.16 36.32 5.38
C ILE L 858 103.21 36.40 4.27
N ARG L 859 103.55 35.23 3.69
CA ARG L 859 104.57 35.16 2.64
C ARG L 859 104.13 35.74 1.30
N ASP L 860 102.82 35.84 1.13
CA ASP L 860 102.24 36.61 0.04
C ASP L 860 102.49 38.12 0.24
N ALA L 861 102.35 38.59 1.48
CA ALA L 861 102.50 40.01 1.79
C ALA L 861 103.94 40.41 1.70
N ARG L 862 104.81 39.58 2.27
CA ARG L 862 106.24 39.88 2.29
C ARG L 862 106.84 39.84 0.90
N ALA L 863 106.25 39.03 0.01
CA ALA L 863 106.66 38.98 -1.41
C ALA L 863 106.05 40.11 -2.24
N LEU L 864 105.09 40.84 -1.67
CA LEU L 864 104.48 41.98 -2.33
C LEU L 864 105.12 43.33 -1.89
N GLY L 865 105.89 43.29 -0.80
CA GLY L 865 106.51 44.49 -0.24
C GLY L 865 105.92 44.99 1.09
N ILE L 866 104.99 44.22 1.64
CA ILE L 866 104.33 44.55 2.92
C ILE L 866 104.95 43.78 4.07
N PRO L 867 105.62 44.49 4.98
CA PRO L 867 106.25 43.80 6.08
C PRO L 867 105.24 43.41 7.17
N VAL L 868 105.23 42.13 7.56
CA VAL L 868 104.38 41.64 8.66
C VAL L 868 105.16 41.45 9.96
N LEU L 869 105.01 42.40 10.88
CA LEU L 869 105.72 42.37 12.18
C LEU L 869 105.02 41.53 13.26
N PRO L 870 105.79 40.94 14.19
CA PRO L 870 105.18 40.27 15.34
C PRO L 870 104.49 41.27 16.27
N PRO L 871 103.70 40.79 17.25
CA PRO L 871 102.98 41.69 18.15
C PRO L 871 103.88 42.59 19.00
N ASP L 872 103.29 43.61 19.64
CA ASP L 872 104.05 44.62 20.40
C ASP L 872 103.14 45.28 21.41
N VAL L 873 103.48 45.12 22.70
CA VAL L 873 102.60 45.58 23.80
C VAL L 873 102.25 47.08 23.72
N ASN L 874 103.18 47.89 23.20
CA ASN L 874 102.95 49.34 23.08
C ASN L 874 102.12 49.74 21.87
N ARG L 875 102.23 48.98 20.79
CA ARG L 875 101.57 49.35 19.54
C ARG L 875 100.39 48.46 19.11
N SER L 876 100.51 47.14 19.27
CA SER L 876 99.47 46.24 18.80
C SER L 876 98.14 46.43 19.53
N GLY L 877 97.04 46.15 18.82
CA GLY L 877 95.69 46.12 19.40
C GLY L 877 95.26 44.69 19.72
N PHE L 878 93.96 44.45 19.66
CA PHE L 878 93.43 43.13 19.92
C PHE L 878 93.73 42.22 18.72
N ASP L 879 93.25 42.62 17.56
CA ASP L 879 93.39 41.80 16.39
C ASP L 879 94.49 42.40 15.52
N PHE L 880 94.61 41.91 14.28
CA PHE L 880 95.59 42.43 13.34
C PHE L 880 95.40 43.93 13.13
N LYS L 881 96.51 44.66 13.07
CA LYS L 881 96.51 46.13 12.97
C LYS L 881 97.30 46.60 11.75
N VAL L 882 97.09 47.86 11.37
CA VAL L 882 97.84 48.47 10.26
C VAL L 882 98.49 49.76 10.72
N VAL L 883 99.72 49.67 11.20
CA VAL L 883 100.46 50.84 11.66
C VAL L 883 101.31 51.45 10.54
N GLY L 884 100.94 52.65 10.12
CA GLY L 884 101.61 53.29 9.00
C GLY L 884 101.39 52.47 7.74
N GLU L 885 102.41 51.71 7.36
CA GLU L 885 102.32 50.85 6.17
C GLU L 885 102.89 49.49 6.51
N GLU L 886 102.49 48.99 7.67
CA GLU L 886 102.99 47.72 8.17
C GLU L 886 101.85 46.95 8.81
N ILE L 887 101.71 45.66 8.47
CA ILE L 887 100.75 44.79 9.11
C ILE L 887 101.34 44.33 10.44
N LEU L 888 100.56 44.44 11.51
CA LEU L 888 101.05 44.20 12.88
C LEU L 888 100.16 43.17 13.57
N PHE L 889 100.78 42.19 14.22
CA PHE L 889 100.02 41.09 14.88
C PHE L 889 99.35 41.60 16.15
N GLY L 890 98.16 41.09 16.44
CA GLY L 890 97.38 41.50 17.59
C GLY L 890 97.80 40.69 18.79
N LEU L 891 97.38 41.13 19.99
CA LEU L 891 97.66 40.42 21.25
C LEU L 891 96.86 39.10 21.40
N SER L 892 95.69 39.04 20.78
CA SER L 892 94.86 37.85 20.75
C SER L 892 95.53 36.69 20.05
N ALA L 893 96.43 37.00 19.12
CA ALA L 893 97.11 35.98 18.33
C ALA L 893 98.11 35.18 19.18
N VAL L 894 98.55 35.75 20.29
CA VAL L 894 99.47 35.07 21.21
C VAL L 894 98.76 33.91 21.91
N LYS L 895 99.34 32.72 21.84
CA LYS L 895 98.65 31.46 22.24
C LYS L 895 98.34 31.40 23.72
N ASN L 896 99.29 31.82 24.53
CA ASN L 896 99.12 31.71 25.98
C ASN L 896 98.41 32.92 26.65
N VAL L 897 98.22 34.00 25.91
CA VAL L 897 97.48 35.16 26.39
C VAL L 897 95.99 34.94 26.19
N GLY L 898 95.24 34.99 27.29
CA GLY L 898 93.78 34.87 27.25
C GLY L 898 93.09 36.08 26.64
N GLU L 899 91.75 36.01 26.59
CA GLU L 899 90.92 37.09 26.03
C GLU L 899 90.84 38.26 27.01
N MET L 900 90.56 37.92 28.28
CA MET L 900 90.47 38.91 29.35
C MET L 900 91.80 39.66 29.55
N ALA L 901 92.90 38.93 29.45
CA ALA L 901 94.23 39.48 29.64
C ALA L 901 94.58 40.39 28.48
N ALA L 902 94.37 39.90 27.26
CA ALA L 902 94.74 40.67 26.06
C ALA L 902 94.06 42.02 26.08
N ARG L 903 92.80 42.06 26.50
CA ARG L 903 92.05 43.31 26.60
C ARG L 903 92.47 44.15 27.80
N ALA L 904 92.75 43.47 28.90
CA ALA L 904 93.22 44.17 30.10
C ALA L 904 94.56 44.89 29.83
N ILE L 905 95.40 44.28 29.01
CA ILE L 905 96.67 44.87 28.64
C ILE L 905 96.41 46.19 27.90
N LEU L 906 95.47 46.15 26.95
CA LEU L 906 95.16 47.31 26.12
C LEU L 906 94.45 48.40 26.91
N GLU L 907 93.50 48.00 27.76
CA GLU L 907 92.72 48.94 28.57
C GLU L 907 93.56 49.59 29.66
N GLU L 908 94.57 48.87 30.14
CA GLU L 908 95.55 49.43 31.07
C GLU L 908 96.43 50.44 30.36
N ARG L 909 96.77 50.14 29.11
CA ARG L 909 97.61 51.03 28.30
C ARG L 909 96.93 52.36 27.96
N GLU L 910 95.61 52.33 27.83
CA GLU L 910 94.83 53.50 27.43
C GLU L 910 94.77 54.57 28.53
N ARG L 911 94.38 54.15 29.73
CA ARG L 911 94.21 55.07 30.85
C ARG L 911 95.55 55.56 31.34
N GLY L 912 96.55 54.67 31.29
CA GLY L 912 97.92 55.00 31.62
C GLY L 912 98.68 55.26 30.34
N GLY L 913 99.99 55.41 30.45
CA GLY L 913 100.80 55.78 29.29
C GLY L 913 101.26 54.54 28.56
N PRO L 914 102.14 54.70 27.56
CA PRO L 914 102.79 53.53 27.00
C PRO L 914 103.78 52.91 28.00
N PHE L 915 103.93 51.59 27.94
CA PHE L 915 104.79 50.87 28.89
C PHE L 915 106.27 51.23 28.64
N LYS L 916 106.95 51.66 29.71
CA LYS L 916 108.35 52.10 29.64
C LYS L 916 109.40 50.98 29.83
N SER L 917 109.02 49.95 30.58
CA SER L 917 109.92 48.85 30.88
C SER L 917 109.16 47.56 31.21
N LEU L 918 109.92 46.49 31.41
CA LEU L 918 109.35 45.21 31.83
C LEU L 918 108.79 45.34 33.25
N GLY L 919 109.53 46.02 34.13
CA GLY L 919 109.08 46.24 35.49
C GLY L 919 107.80 47.05 35.52
N ASP L 920 107.77 48.11 34.72
CA ASP L 920 106.59 48.96 34.61
C ASP L 920 105.39 48.15 34.11
N PHE L 921 105.68 47.11 33.31
CA PHE L 921 104.63 46.23 32.78
C PHE L 921 104.11 45.28 33.86
N LEU L 922 105.01 44.78 34.71
CA LEU L 922 104.66 43.78 35.72
C LEU L 922 103.93 44.37 36.93
N LYS L 923 104.44 45.48 37.46
CA LYS L 923 103.83 46.18 38.61
C LYS L 923 102.47 46.78 38.29
N ARG L 924 102.22 47.03 37.01
CA ARG L 924 101.01 47.68 36.51
C ARG L 924 99.93 46.66 36.17
N LEU L 925 100.33 45.62 35.43
CA LEU L 925 99.46 44.47 35.17
C LEU L 925 99.91 43.33 36.10
N PRO L 926 99.12 43.02 37.13
CA PRO L 926 99.56 42.04 38.10
C PRO L 926 99.48 40.61 37.57
N GLU L 927 100.05 39.67 38.34
CA GLU L 927 99.99 38.23 38.03
C GLU L 927 98.55 37.72 38.08
N GLN L 928 97.73 38.41 38.85
CA GLN L 928 96.31 38.14 38.91
C GLN L 928 95.71 38.13 37.50
N VAL L 929 96.02 39.17 36.73
CA VAL L 929 95.50 39.33 35.38
C VAL L 929 96.34 38.53 34.36
N VAL L 930 97.58 38.97 34.16
CA VAL L 930 98.53 38.32 33.25
C VAL L 930 99.49 37.39 34.04
N ASN L 931 99.19 36.10 33.99
CA ASN L 931 99.91 35.13 34.78
C ASN L 931 101.26 34.81 34.15
N LYS L 932 102.09 34.06 34.86
CA LYS L 932 103.47 33.73 34.45
C LYS L 932 103.51 32.92 33.17
N ARG L 933 102.55 32.02 33.00
CA ARG L 933 102.43 31.26 31.76
C ARG L 933 102.18 32.19 30.55
N ALA L 934 101.32 33.19 30.72
CA ALA L 934 101.00 34.14 29.65
C ALA L 934 102.17 35.07 29.38
N LEU L 935 102.81 35.56 30.43
CA LEU L 935 103.99 36.44 30.32
C LEU L 935 105.15 35.83 29.53
N GLU L 936 105.32 34.51 29.65
CA GLU L 936 106.41 33.81 28.97
C GLU L 936 106.25 33.88 27.46
N SER L 937 105.06 33.54 26.99
CA SER L 937 104.78 33.50 25.55
C SER L 937 104.66 34.90 24.97
N LEU L 938 104.26 35.85 25.81
CA LEU L 938 104.21 37.26 25.40
C LEU L 938 105.62 37.77 25.08
N VAL L 939 106.63 37.26 25.79
CA VAL L 939 108.05 37.52 25.49
C VAL L 939 108.51 36.72 24.26
N LYS L 940 108.08 35.47 24.19
CA LYS L 940 108.47 34.59 23.11
C LYS L 940 107.91 35.07 21.79
N ALA L 941 106.66 35.56 21.81
CA ALA L 941 105.99 36.03 20.58
C ALA L 941 106.60 37.33 20.07
N GLY L 942 107.20 38.08 20.98
CA GLY L 942 107.90 39.32 20.64
C GLY L 942 107.21 40.58 21.12
N ALA L 943 106.20 40.42 21.98
CA ALA L 943 105.40 41.56 22.39
C ALA L 943 106.20 42.48 23.29
N LEU L 944 107.22 41.93 23.93
CA LEU L 944 108.05 42.68 24.87
C LEU L 944 109.48 42.91 24.35
N ASP L 945 109.65 42.83 23.04
CA ASP L 945 110.96 42.97 22.40
C ASP L 945 111.49 44.40 22.52
N ALA L 946 110.60 45.35 22.76
CA ALA L 946 110.98 46.76 22.94
C ALA L 946 111.68 47.04 24.27
N PHE L 947 111.74 46.06 25.16
CA PHE L 947 112.42 46.21 26.46
C PHE L 947 113.71 45.41 26.57
N GLY L 948 113.93 44.43 25.69
CA GLY L 948 115.20 43.69 25.69
C GLY L 948 115.25 42.38 24.94
N ASP L 949 116.32 41.63 25.22
CA ASP L 949 116.56 40.33 24.64
C ASP L 949 115.56 39.32 25.21
N ARG L 950 115.11 38.40 24.37
CA ARG L 950 114.13 37.42 24.81
C ARG L 950 114.67 36.58 25.97
N ALA L 951 115.88 36.03 25.81
CA ALA L 951 116.50 35.19 26.85
C ALA L 951 116.68 35.97 28.13
N ARG L 952 117.09 37.22 28.00
CA ARG L 952 117.28 38.09 29.16
C ARG L 952 115.94 38.37 29.82
N LEU L 953 114.91 38.68 29.04
CA LEU L 953 113.56 38.93 29.59
C LEU L 953 112.96 37.70 30.28
N LEU L 954 113.02 36.55 29.63
CA LEU L 954 112.47 35.31 30.19
C LEU L 954 113.12 35.03 31.54
N ALA L 955 114.43 35.23 31.63
CA ALA L 955 115.14 34.95 32.85
C ALA L 955 114.70 35.91 33.95
N SER L 956 114.43 37.15 33.56
CA SER L 956 114.13 38.21 34.52
C SER L 956 112.66 38.23 34.99
N LEU L 957 111.88 37.25 34.54
CA LEU L 957 110.43 37.21 34.85
C LEU L 957 110.17 37.00 36.35
N GLU L 958 110.55 35.84 36.85
CA GLU L 958 110.27 35.47 38.24
C GLU L 958 110.91 36.43 39.26
N PRO L 959 112.17 36.92 39.01
CA PRO L 959 112.76 37.95 39.88
C PRO L 959 111.97 39.27 39.89
N LEU L 960 111.58 39.77 38.72
CA LEU L 960 110.79 40.99 38.64
C LEU L 960 109.31 40.79 39.05
N LEU L 961 108.81 39.56 38.95
CA LEU L 961 107.47 39.22 39.43
C LEU L 961 107.39 39.35 40.94
N ARG L 962 108.39 38.79 41.63
CA ARG L 962 108.56 38.96 43.09
C ARG L 962 108.68 40.44 43.45
N TRP L 963 109.41 41.18 42.62
CA TRP L 963 109.61 42.63 42.76
C TRP L 963 108.31 43.38 42.49
N ALA L 964 107.55 42.93 41.50
CA ALA L 964 106.26 43.53 41.19
C ALA L 964 105.25 43.33 42.32
N ALA L 965 105.21 42.11 42.88
CA ALA L 965 104.33 41.79 44.03
C ALA L 965 104.79 42.51 45.30
N GLU L 966 106.09 42.74 45.40
CA GLU L 966 106.69 43.47 46.51
C GLU L 966 106.37 44.97 46.47
N THR L 967 106.21 45.52 45.26
CA THR L 967 105.91 46.94 45.07
C THR L 967 104.48 47.29 45.53
N ARG L 968 103.55 46.34 45.39
CA ARG L 968 102.15 46.58 45.76
C ARG L 968 101.94 46.72 47.27
N GLU L 969 102.52 45.79 48.02
CA GLU L 969 102.38 45.77 49.46
C GLU L 969 103.07 46.96 50.15
N ARG L 970 104.05 47.57 49.46
CA ARG L 970 104.62 48.87 49.90
C ARG L 970 103.56 49.97 49.81
N GLY L 971 102.81 50.01 48.71
CA GLY L 971 101.70 50.95 48.56
C GLY L 971 100.47 50.53 49.36
N ARG L 972 100.35 49.24 49.63
CA ARG L 972 99.19 48.67 50.33
C ARG L 972 99.37 48.69 51.87
N SER L 973 100.29 49.51 52.36
CA SER L 973 100.51 49.69 53.80
C SER L 973 101.28 51.00 54.03
N GLY L 974 100.70 52.10 53.55
CA GLY L 974 101.31 53.43 53.64
C GLY L 974 102.13 53.70 52.39
N LEU L 975 103.02 54.69 52.49
CA LEU L 975 103.96 55.05 51.42
C LEU L 975 103.28 55.44 50.10
N VAL L 976 104.06 55.82 49.10
CA VAL L 976 103.49 56.26 47.81
C VAL L 976 104.31 55.84 46.59
N GLY L 977 105.56 56.31 46.50
CA GLY L 977 106.39 56.11 45.31
C GLY L 977 107.86 55.96 45.60
N LEU L 978 108.49 57.03 46.06
CA LEU L 978 109.95 57.05 46.31
C LEU L 978 110.33 56.04 47.41
N PHE L 979 109.53 56.00 48.47
CA PHE L 979 109.73 55.05 49.57
C PHE L 979 108.83 53.83 49.44
N ALA L 980 107.86 53.90 48.53
CA ALA L 980 107.00 52.76 48.20
C ALA L 980 107.46 52.04 46.93
N GLU L 981 108.63 52.40 46.40
CA GLU L 981 109.21 51.69 45.26
C GLU L 981 110.73 51.93 45.12
N VAL L 982 111.54 50.94 45.50
CA VAL L 982 112.96 50.90 45.13
C VAL L 982 113.01 50.48 43.65
N GLU L 983 113.23 51.47 42.77
CA GLU L 983 113.00 51.28 41.33
C GLU L 983 113.59 49.96 40.79
N GLU L 984 112.96 49.47 39.74
CA GLU L 984 113.32 48.21 39.08
C GLU L 984 114.85 48.00 38.95
N PRO L 985 115.33 46.79 39.27
CA PRO L 985 116.74 46.51 39.06
C PRO L 985 117.06 46.29 37.58
N PRO L 986 118.36 46.35 37.19
CA PRO L 986 118.69 46.04 35.80
C PRO L 986 118.26 44.60 35.41
N LEU L 987 117.97 44.41 34.13
CA LEU L 987 117.50 43.14 33.58
C LEU L 987 118.55 42.03 33.80
N VAL L 988 118.12 40.92 34.39
CA VAL L 988 119.03 39.84 34.79
C VAL L 988 119.66 39.22 33.54
N GLU L 989 120.99 39.12 33.52
CA GLU L 989 121.73 38.79 32.31
C GLU L 989 121.65 37.35 31.89
N ALA L 990 121.71 37.13 30.58
CA ALA L 990 121.64 35.79 29.99
C ALA L 990 122.17 35.85 28.55
N SER L 991 122.51 34.69 28.02
CA SER L 991 123.09 34.60 26.69
C SER L 991 121.99 34.82 25.64
N PRO L 992 122.32 35.48 24.52
CA PRO L 992 121.35 35.63 23.44
C PRO L 992 120.91 34.29 22.85
N LEU L 993 119.64 34.20 22.46
CA LEU L 993 119.11 32.98 21.83
C LEU L 993 119.57 32.84 20.36
N ASP L 994 119.91 31.61 19.98
CA ASP L 994 120.14 31.28 18.58
C ASP L 994 118.82 31.21 17.81
N GLU L 995 118.89 31.53 16.52
CA GLU L 995 117.70 31.57 15.68
C GLU L 995 116.87 30.29 15.69
N ILE L 996 117.53 29.14 15.78
CA ILE L 996 116.80 27.86 15.79
C ILE L 996 115.87 27.74 16.99
N THR L 997 116.39 28.02 18.18
CA THR L 997 115.60 28.02 19.43
C THR L 997 114.75 29.29 19.62
N MET L 998 115.11 30.36 18.94
CA MET L 998 114.30 31.57 18.96
C MET L 998 113.02 31.38 18.14
N LEU L 999 113.18 30.91 16.91
CA LEU L 999 112.04 30.68 16.02
C LEU L 999 111.17 29.51 16.48
N ARG L 1000 111.75 28.63 17.30
CA ARG L 1000 111.01 27.55 17.95
C ARG L 1000 110.02 28.12 19.00
N TYR L 1001 110.45 29.17 19.72
CA TYR L 1001 109.59 29.85 20.71
C TYR L 1001 108.48 30.66 20.03
N GLU L 1002 108.80 31.29 18.90
CA GLU L 1002 107.79 32.03 18.13
C GLU L 1002 106.66 31.15 17.61
N LYS L 1003 107.00 29.93 17.18
CA LYS L 1003 106.00 28.97 16.73
C LYS L 1003 105.15 28.51 17.92
N GLU L 1004 105.79 28.33 19.06
CA GLU L 1004 105.07 27.94 20.27
C GLU L 1004 104.11 29.06 20.70
N ALA L 1005 104.60 30.29 20.65
CA ALA L 1005 103.86 31.45 21.18
C ALA L 1005 102.75 31.94 20.24
N LEU L 1006 102.96 31.83 18.92
CA LEU L 1006 102.00 32.35 17.91
C LEU L 1006 101.36 31.29 17.01
N GLY L 1007 101.79 30.04 17.12
CA GLY L 1007 101.18 28.96 16.36
C GLY L 1007 101.62 28.92 14.91
N ILE L 1008 102.53 29.81 14.54
CA ILE L 1008 103.06 29.89 13.17
C ILE L 1008 104.43 30.55 13.11
N TYR L 1009 105.28 30.10 12.20
CA TYR L 1009 106.66 30.57 12.17
C TYR L 1009 106.64 32.01 11.75
N VAL L 1010 106.47 32.89 12.73
CA VAL L 1010 106.44 34.32 12.51
C VAL L 1010 107.85 34.87 12.50
N SER L 1011 108.17 35.62 11.43
CA SER L 1011 109.46 36.32 11.27
C SER L 1011 110.65 35.38 11.04
N GLY L 1012 110.66 34.74 9.88
CA GLY L 1012 111.77 33.86 9.48
C GLY L 1012 111.53 32.38 9.72
N HIS L 1013 112.13 31.55 8.86
CA HIS L 1013 112.04 30.11 8.96
C HIS L 1013 113.38 29.56 9.35
N PRO L 1014 113.42 28.61 10.29
CA PRO L 1014 114.68 28.05 10.75
C PRO L 1014 115.64 27.63 9.65
N VAL L 1015 115.12 27.31 8.48
CA VAL L 1015 115.94 26.79 7.39
C VAL L 1015 116.79 27.88 6.74
N LEU L 1016 116.37 29.13 6.89
CA LEU L 1016 117.07 30.25 6.24
C LEU L 1016 118.37 30.68 6.93
N ARG L 1017 118.67 30.13 8.10
CA ARG L 1017 119.94 30.36 8.76
C ARG L 1017 121.10 29.69 8.02
N TYR L 1018 120.83 28.53 7.41
CA TYR L 1018 121.84 27.81 6.65
C TYR L 1018 121.33 27.52 5.25
N PRO L 1019 121.61 28.43 4.29
CA PRO L 1019 121.23 28.27 2.86
C PRO L 1019 121.80 27.03 2.16
N GLY L 1020 122.89 26.45 2.68
CA GLY L 1020 123.50 25.23 2.14
C GLY L 1020 122.50 24.19 1.67
N LEU L 1021 121.43 24.00 2.44
CA LEU L 1021 120.34 23.10 2.04
C LEU L 1021 119.53 23.67 0.90
N ARG L 1022 119.17 24.95 1.00
CA ARG L 1022 118.37 25.61 -0.03
C ARG L 1022 119.02 25.60 -1.40
N GLU L 1023 120.33 25.78 -1.44
CA GLU L 1023 121.07 25.83 -2.70
C GLU L 1023 121.11 24.46 -3.40
N VAL L 1024 121.14 23.39 -2.63
CA VAL L 1024 121.25 22.04 -3.20
C VAL L 1024 119.95 21.62 -3.86
N ALA L 1025 118.84 21.92 -3.19
CA ALA L 1025 117.52 21.55 -3.67
C ALA L 1025 117.22 22.06 -5.08
N SER L 1026 116.60 21.22 -5.89
CA SER L 1026 116.24 21.57 -7.27
C SER L 1026 114.99 22.44 -7.35
N CYS L 1027 114.25 22.51 -6.24
CA CYS L 1027 112.96 23.17 -6.21
C CYS L 1027 112.64 23.55 -4.76
N THR L 1028 111.52 24.24 -4.57
CA THR L 1028 110.95 24.50 -3.24
C THR L 1028 109.51 23.94 -3.17
N ILE L 1029 108.86 24.05 -2.01
CA ILE L 1029 107.56 23.37 -1.79
C ILE L 1029 106.44 23.94 -2.66
N GLU L 1030 106.42 25.26 -2.82
CA GLU L 1030 105.39 25.92 -3.62
C GLU L 1030 105.59 25.66 -5.13
N GLU L 1031 106.86 25.72 -5.57
CA GLU L 1031 107.21 25.59 -6.99
C GLU L 1031 107.15 24.15 -7.53
N LEU L 1032 106.99 23.17 -6.64
CA LEU L 1032 107.02 21.75 -7.04
C LEU L 1032 105.90 21.44 -8.02
N SER L 1033 104.69 21.91 -7.71
CA SER L 1033 103.54 21.71 -8.60
C SER L 1033 103.80 22.29 -9.99
N GLU L 1034 104.32 23.52 -10.03
CA GLU L 1034 104.64 24.22 -11.28
C GLU L 1034 105.83 23.61 -12.01
N PHE L 1035 106.73 22.98 -11.24
CA PHE L 1035 107.99 22.46 -11.77
C PHE L 1035 107.85 21.04 -12.31
N VAL L 1036 107.17 20.19 -11.56
CA VAL L 1036 107.11 18.77 -11.91
C VAL L 1036 106.30 18.47 -13.19
N ARG L 1037 105.15 19.13 -13.33
CA ARG L 1037 104.23 18.89 -14.45
C ARG L 1037 104.99 18.65 -15.75
N GLU L 1038 105.69 19.68 -16.23
CA GLU L 1038 106.36 19.61 -17.52
C GLU L 1038 107.76 19.03 -17.33
N LEU L 1039 107.88 17.72 -17.50
CA LEU L 1039 109.17 17.03 -17.39
C LEU L 1039 108.93 15.60 -17.93
N PRO L 1040 109.86 14.65 -17.72
CA PRO L 1040 109.47 13.31 -18.21
C PRO L 1040 108.34 12.68 -17.41
N GLY L 1041 107.96 11.46 -17.78
CA GLY L 1041 106.90 10.75 -17.08
C GLY L 1041 107.31 10.35 -15.68
N LYS L 1042 106.75 11.03 -14.68
CA LYS L 1042 106.98 10.72 -13.26
C LYS L 1042 108.47 10.86 -12.85
N PRO L 1043 108.97 12.10 -12.81
CA PRO L 1043 110.39 12.35 -12.61
C PRO L 1043 110.82 12.29 -11.17
N LYS L 1044 112.12 12.41 -10.93
CA LYS L 1044 112.69 12.42 -9.60
C LYS L 1044 113.48 13.69 -9.37
N VAL L 1045 113.34 14.28 -8.20
CA VAL L 1045 114.02 15.53 -7.86
C VAL L 1045 114.48 15.50 -6.40
N LEU L 1046 115.16 16.56 -5.97
CA LEU L 1046 115.59 16.75 -4.57
C LEU L 1046 115.06 18.08 -3.95
N LEU L 1047 114.68 17.99 -2.68
CA LEU L 1047 114.08 19.09 -1.96
C LEU L 1047 114.72 19.18 -0.59
N SER L 1048 114.68 20.37 -0.01
CA SER L 1048 115.31 20.63 1.27
C SER L 1048 114.40 21.51 2.10
N GLY L 1049 114.14 21.07 3.33
CA GLY L 1049 113.24 21.79 4.22
C GLY L 1049 113.43 21.42 5.68
N MET L 1050 112.39 21.66 6.47
CA MET L 1050 112.45 21.41 7.89
C MET L 1050 111.35 20.41 8.17
N VAL L 1051 111.67 19.38 8.93
CA VAL L 1051 110.71 18.34 9.29
C VAL L 1051 109.91 18.67 10.57
N GLU L 1052 108.58 18.50 10.50
CA GLU L 1052 107.69 18.90 11.57
C GLU L 1052 106.63 17.82 11.83
N GLU L 1053 107.08 16.60 12.10
CA GLU L 1053 106.16 15.49 12.39
C GLU L 1053 106.83 14.27 13.03
N VAL L 1054 106.10 13.56 13.89
CA VAL L 1054 106.58 12.35 14.58
C VAL L 1054 105.80 11.11 14.15
N VAL L 1055 106.35 10.36 13.20
CA VAL L 1055 105.65 9.23 12.61
C VAL L 1055 106.63 8.14 12.20
N ARG L 1056 106.14 6.92 12.00
CA ARG L 1056 106.98 5.82 11.53
C ARG L 1056 106.19 4.65 10.98
N LYS L 1057 105.27 3.97 11.61
CA LYS L 1057 104.95 2.77 10.81
C LYS L 1057 103.51 2.48 10.47
N PRO L 1058 102.93 1.20 10.62
CA PRO L 1058 103.68 0.03 10.20
C PRO L 1058 102.99 -0.72 9.09
N THR L 1059 103.76 -1.17 8.13
CA THR L 1059 103.21 -1.80 6.97
C THR L 1059 102.63 -3.13 7.27
N ARG L 1060 101.71 -3.55 6.42
CA ARG L 1060 101.16 -4.87 6.46
C ARG L 1060 102.27 -5.88 6.51
N MET L 1064 107.98 0.18 8.50
CA MET L 1064 108.12 1.62 8.48
C MET L 1064 107.29 2.15 7.38
N MET L 1065 107.31 3.45 7.23
CA MET L 1065 106.53 4.13 6.24
C MET L 1065 106.50 5.51 6.78
N ALA L 1066 105.46 5.64 7.57
CA ALA L 1066 105.11 6.83 8.32
C ALA L 1066 104.48 7.88 7.42
N ARG L 1067 104.43 9.11 7.92
CA ARG L 1067 103.72 10.19 7.24
C ARG L 1067 104.21 11.52 7.82
N PHE L 1068 105.48 11.84 7.56
CA PHE L 1068 106.10 13.07 8.09
C PHE L 1068 105.93 14.28 7.17
N THR L 1069 106.01 15.46 7.75
CA THR L 1069 105.72 16.71 7.05
C THR L 1069 106.99 17.57 6.95
N LEU L 1070 107.49 17.75 5.73
CA LEU L 1070 108.62 18.66 5.43
C LEU L 1070 108.09 20.05 5.08
N SER L 1071 108.74 21.10 5.56
CA SER L 1071 108.25 22.47 5.39
C SER L 1071 109.35 23.49 5.05
N ASP L 1072 109.06 24.33 4.06
CA ASP L 1072 109.95 25.43 3.68
C ASP L 1072 109.30 26.71 4.11
N GLU L 1073 109.99 27.82 3.88
CA GLU L 1073 109.40 29.15 4.10
C GLU L 1073 108.19 29.43 3.23
N THR L 1074 108.02 28.63 2.17
CA THR L 1074 106.96 28.86 1.18
C THR L 1074 105.83 27.80 1.24
N GLY L 1075 105.76 27.05 2.34
CA GLY L 1075 104.72 26.03 2.51
C GLY L 1075 105.20 24.70 3.07
N ALA L 1076 104.32 23.71 3.05
CA ALA L 1076 104.61 22.38 3.60
C ALA L 1076 104.13 21.27 2.65
N LEU L 1077 104.50 20.04 2.97
CA LEU L 1077 104.16 18.86 2.15
C LEU L 1077 104.01 17.60 3.01
N GLU L 1078 103.04 16.77 2.67
CA GLU L 1078 102.92 15.43 3.24
C GLU L 1078 103.86 14.54 2.46
N VAL L 1079 105.13 14.52 2.83
CA VAL L 1079 106.15 13.76 2.09
C VAL L 1079 106.38 12.38 2.71
N VAL L 1080 106.40 11.37 1.84
CA VAL L 1080 106.29 9.96 2.22
C VAL L 1080 107.52 9.39 2.94
N VAL L 1081 107.30 8.36 3.75
CA VAL L 1081 105.96 7.76 3.95
C VAL L 1081 105.61 6.48 3.16
N PHE L 1082 106.57 5.92 2.40
CA PHE L 1082 106.38 4.61 1.75
C PHE L 1082 107.67 4.05 1.11
N GLY L 1083 108.58 4.96 0.74
CA GLY L 1083 109.90 4.59 0.23
C GLY L 1083 110.72 3.81 1.24
N ARG L 1084 110.44 4.06 2.52
CA ARG L 1084 111.21 3.44 3.61
C ARG L 1084 111.01 1.95 3.73
N ALA L 1085 110.05 1.41 2.97
CA ALA L 1085 109.71 -0.01 3.02
C ALA L 1085 110.70 -0.91 2.28
N TYR L 1086 111.91 -0.41 2.00
CA TYR L 1086 112.93 -1.20 1.33
C TYR L 1086 113.53 -2.34 2.20
N GLU L 1087 114.19 -2.05 3.31
CA GLU L 1087 114.42 -0.71 3.86
C GLU L 1087 115.79 -0.21 3.34
N GLY L 1088 116.09 1.08 3.46
CA GLY L 1088 115.22 2.10 4.04
C GLY L 1088 116.00 3.32 4.53
N VAL L 1089 115.28 4.42 4.67
CA VAL L 1089 115.87 5.75 4.96
C VAL L 1089 116.34 5.82 6.41
N SER L 1090 115.44 5.42 7.31
CA SER L 1090 115.67 5.46 8.76
C SER L 1090 116.13 6.81 9.25
N PRO L 1091 115.28 7.85 9.12
CA PRO L 1091 115.65 9.25 9.47
C PRO L 1091 115.79 9.51 10.95
N LYS L 1092 114.86 8.97 11.74
CA LYS L 1092 114.91 9.05 13.20
C LYS L 1092 115.10 10.51 13.62
N LEU L 1093 114.38 11.39 12.93
CA LEU L 1093 114.68 12.81 12.97
C LEU L 1093 114.05 13.53 14.15
N LYS L 1094 112.72 13.43 14.29
CA LYS L 1094 111.98 14.19 15.30
C LYS L 1094 111.79 15.63 14.82
N GLU L 1095 111.20 16.48 15.65
CA GLU L 1095 110.71 17.81 15.23
C GLU L 1095 111.81 18.85 15.26
N ASP L 1096 111.75 19.76 14.31
CA ASP L 1096 112.63 20.91 14.23
C ASP L 1096 114.09 20.47 13.99
N ILE L 1097 114.28 19.55 13.05
CA ILE L 1097 115.61 19.21 12.50
C ILE L 1097 115.49 19.17 10.97
N PRO L 1098 116.41 19.84 10.26
CA PRO L 1098 116.27 19.92 8.79
C PRO L 1098 116.64 18.64 8.06
N LEU L 1099 116.24 18.52 6.80
CA LEU L 1099 116.64 17.39 5.96
C LEU L 1099 116.72 17.78 4.49
N LEU L 1100 117.57 17.07 3.74
CA LEU L 1100 117.60 17.14 2.26
C LEU L 1100 117.14 15.78 1.78
N VAL L 1101 116.19 15.78 0.85
CA VAL L 1101 115.52 14.55 0.43
C VAL L 1101 115.41 14.42 -1.09
N LEU L 1102 115.96 13.34 -1.65
CA LEU L 1102 115.65 12.93 -3.02
C LEU L 1102 114.30 12.22 -3.08
N ALA L 1103 113.55 12.47 -4.15
CA ALA L 1103 112.21 11.96 -4.22
C ALA L 1103 111.75 11.84 -5.65
N GLU L 1104 111.24 10.66 -6.01
CA GLU L 1104 110.43 10.50 -7.21
C GLU L 1104 109.07 11.19 -7.00
N VAL L 1105 108.40 11.53 -8.10
CA VAL L 1105 107.07 12.10 -8.04
C VAL L 1105 106.14 11.53 -9.13
N GLU L 1106 104.83 11.78 -8.98
CA GLU L 1106 103.80 11.35 -9.95
C GLU L 1106 102.92 12.52 -10.42
N ARG L 1112 101.41 14.40 -4.66
CA ARG L 1112 102.12 13.29 -5.28
C ARG L 1112 103.63 13.30 -4.96
N VAL L 1113 104.06 12.43 -4.04
CA VAL L 1113 105.46 12.38 -3.59
C VAL L 1113 105.88 10.94 -3.25
N LEU L 1114 107.13 10.62 -3.57
CA LEU L 1114 107.69 9.30 -3.26
C LEU L 1114 109.19 9.49 -3.00
N ALA L 1115 109.58 9.50 -1.73
CA ALA L 1115 111.00 9.62 -1.33
C ALA L 1115 111.86 8.40 -1.68
N GLN L 1116 113.18 8.63 -1.76
CA GLN L 1116 114.16 7.56 -2.03
C GLN L 1116 115.34 7.57 -1.05
N ALA L 1117 115.93 8.75 -0.79
CA ALA L 1117 117.05 8.88 0.17
C ALA L 1117 116.88 10.16 1.01
N VAL L 1118 117.60 10.22 2.14
CA VAL L 1118 117.51 11.38 3.04
C VAL L 1118 118.88 11.71 3.67
N TRP L 1119 119.16 13.00 3.87
CA TRP L 1119 120.41 13.47 4.48
C TRP L 1119 120.19 14.58 5.46
N THR L 1120 120.81 14.46 6.64
CA THR L 1120 120.73 15.48 7.72
C THR L 1120 121.66 16.64 7.40
N LEU L 1121 121.53 17.72 8.17
CA LEU L 1121 122.30 18.95 7.96
C LEU L 1121 123.80 18.71 7.75
N GLU L 1122 124.40 17.96 8.66
CA GLU L 1122 125.83 17.72 8.63
C GLU L 1122 126.20 16.78 7.51
N GLU L 1123 125.23 15.98 7.09
CA GLU L 1123 125.49 15.04 6.00
C GLU L 1123 125.66 15.80 4.68
N VAL L 1124 124.95 16.92 4.54
CA VAL L 1124 125.01 17.74 3.33
C VAL L 1124 126.26 18.61 3.35
N LEU L 1125 126.58 19.17 4.50
CA LEU L 1125 127.75 20.06 4.64
C LEU L 1125 129.11 19.33 4.54
N GLU L 1126 129.13 18.05 4.84
CA GLU L 1126 130.38 17.29 4.81
C GLU L 1126 130.68 16.70 3.43
N ALA L 1127 129.69 16.65 2.55
CA ALA L 1127 129.88 16.11 1.20
C ALA L 1127 130.82 16.99 0.40
N PRO L 1128 131.52 16.38 -0.58
CA PRO L 1128 132.56 17.12 -1.32
C PRO L 1128 131.98 18.36 -1.99
N LYS L 1129 132.46 19.53 -1.58
CA LYS L 1129 131.93 20.81 -2.07
C LYS L 1129 132.41 21.18 -3.47
N ALA L 1130 131.65 22.06 -4.12
CA ALA L 1130 131.89 22.44 -5.49
C ALA L 1130 131.89 23.97 -5.62
N LEU L 1131 132.66 24.50 -6.56
CA LEU L 1131 132.74 25.94 -6.72
C LEU L 1131 131.52 26.40 -7.47
N GLU L 1132 130.99 27.57 -7.12
CA GLU L 1132 129.86 28.17 -7.84
C GLU L 1132 130.03 29.66 -7.99
N VAL L 1133 130.03 30.14 -9.24
CA VAL L 1133 130.27 31.55 -9.51
C VAL L 1133 129.01 32.20 -9.98
N GLU L 1134 128.60 33.24 -9.28
CA GLU L 1134 127.43 34.02 -9.66
C GLU L 1134 127.79 35.11 -10.68
N VAL L 1135 127.29 34.94 -11.90
CA VAL L 1135 127.56 35.88 -13.01
C VAL L 1135 126.29 36.61 -13.45
N ASP L 1136 126.45 37.89 -13.81
CA ASP L 1136 125.32 38.72 -14.24
C ASP L 1136 125.03 38.50 -15.73
N HIS L 1137 123.82 38.85 -16.14
CA HIS L 1137 123.44 38.79 -17.55
C HIS L 1137 124.31 39.71 -18.34
N ALA L 1138 124.74 40.81 -17.74
CA ALA L 1138 125.64 41.76 -18.39
C ALA L 1138 126.92 41.05 -18.78
N LEU L 1139 126.86 40.38 -19.92
CA LEU L 1139 128.01 39.82 -20.61
C LEU L 1139 127.79 40.00 -22.11
N LEU L 1140 128.83 40.43 -22.83
CA LEU L 1140 128.69 40.72 -24.26
C LEU L 1140 128.33 39.47 -25.06
N ASP L 1141 127.58 39.68 -26.14
CA ASP L 1141 126.75 38.64 -26.77
C ASP L 1141 127.47 37.32 -27.05
N GLU L 1142 128.31 37.29 -28.08
CA GLU L 1142 128.80 36.02 -28.64
C GLU L 1142 129.57 35.19 -27.61
N LYS L 1143 130.77 35.65 -27.26
CA LYS L 1143 131.62 34.96 -26.28
C LYS L 1143 132.63 35.93 -25.66
N GLY L 1144 132.17 36.71 -24.69
CA GLY L 1144 133.00 37.76 -24.07
C GLY L 1144 133.06 37.64 -22.56
N VAL L 1145 134.09 36.99 -22.02
CA VAL L 1145 135.24 36.45 -22.77
C VAL L 1145 135.80 35.20 -22.08
N ALA L 1146 136.84 34.63 -22.67
CA ALA L 1146 137.51 33.48 -22.09
C ALA L 1146 138.15 33.83 -20.74
N ARG L 1147 137.96 35.04 -20.24
CA ARG L 1147 138.47 35.42 -18.92
C ARG L 1147 138.12 34.37 -17.89
N LEU L 1148 136.82 34.18 -17.72
CA LEU L 1148 136.28 33.23 -16.73
C LEU L 1148 136.69 31.80 -17.07
N LYS L 1149 136.85 31.53 -18.35
CA LYS L 1149 137.27 30.22 -18.83
C LYS L 1149 138.77 29.99 -18.58
N SER L 1150 139.59 30.96 -18.97
CA SER L 1150 141.06 30.88 -18.79
C SER L 1150 141.49 30.90 -17.33
N LEU L 1151 140.77 31.66 -16.51
CA LEU L 1151 141.03 31.71 -15.08
C LEU L 1151 140.86 30.34 -14.44
N LEU L 1152 139.77 29.66 -14.79
CA LEU L 1152 139.48 28.30 -14.32
C LEU L 1152 140.46 27.28 -14.94
N ASP L 1153 140.86 27.49 -16.19
CA ASP L 1153 141.76 26.57 -16.90
C ASP L 1153 143.14 26.44 -16.22
N GLU L 1154 143.63 27.56 -15.70
CA GLU L 1154 144.96 27.63 -15.07
C GLU L 1154 145.03 27.07 -13.67
N HIS L 1155 143.87 26.70 -13.11
CA HIS L 1155 143.82 26.02 -11.82
C HIS L 1155 143.00 24.75 -11.85
N PRO L 1156 143.58 23.64 -12.35
CA PRO L 1156 142.88 22.34 -12.36
C PRO L 1156 142.78 21.64 -11.01
N GLY L 1157 141.96 20.60 -10.95
CA GLY L 1157 141.71 19.86 -9.70
C GLY L 1157 140.53 18.89 -9.80
N SER L 1158 139.68 18.88 -8.77
CA SER L 1158 138.62 17.87 -8.68
C SER L 1158 137.31 18.44 -8.11
N LEU L 1159 137.00 19.69 -8.43
CA LEU L 1159 135.74 20.33 -8.00
C LEU L 1159 134.98 20.79 -9.24
N PRO L 1160 133.70 20.41 -9.37
CA PRO L 1160 132.93 20.86 -10.52
C PRO L 1160 132.54 22.31 -10.36
N VAL L 1161 132.56 23.06 -11.46
CA VAL L 1161 132.17 24.47 -11.44
C VAL L 1161 130.69 24.62 -11.79
N TYR L 1162 129.99 25.51 -11.10
CA TYR L 1162 128.59 25.84 -11.39
C TYR L 1162 128.39 27.34 -11.62
N LEU L 1163 127.28 27.72 -12.25
CA LEU L 1163 127.03 29.12 -12.61
C LEU L 1163 125.61 29.51 -12.34
N ARG L 1164 125.41 30.60 -11.62
CA ARG L 1164 124.08 31.18 -11.39
C ARG L 1164 123.86 32.35 -12.36
N VAL L 1165 123.44 32.04 -13.57
CA VAL L 1165 123.19 33.05 -14.59
C VAL L 1165 121.83 33.71 -14.43
N LEU L 1166 121.80 34.88 -13.79
CA LEU L 1166 120.54 35.58 -13.60
C LEU L 1166 120.11 36.24 -14.90
N GLY L 1167 119.17 35.59 -15.59
CA GLY L 1167 118.73 36.04 -16.91
C GLY L 1167 117.75 37.19 -16.83
N PRO L 1168 117.22 37.62 -17.99
CA PRO L 1168 116.20 38.68 -18.02
C PRO L 1168 114.91 38.27 -17.30
N PHE L 1169 114.52 37.00 -17.45
CA PHE L 1169 113.34 36.44 -16.78
C PHE L 1169 113.58 34.99 -16.38
N GLY L 1170 114.08 34.82 -15.16
CA GLY L 1170 114.38 33.48 -14.62
C GLY L 1170 115.87 33.28 -14.40
N GLU L 1171 116.23 32.74 -13.23
CA GLU L 1171 117.62 32.42 -12.91
C GLU L 1171 117.99 31.01 -13.37
N ALA L 1172 119.02 30.93 -14.21
CA ALA L 1172 119.43 29.66 -14.82
C ALA L 1172 120.62 29.08 -14.07
N LEU L 1173 120.66 27.76 -13.96
CA LEU L 1173 121.78 27.09 -13.36
C LEU L 1173 122.53 26.33 -14.46
N PHE L 1174 123.66 26.88 -14.87
CA PHE L 1174 124.49 26.22 -15.88
C PHE L 1174 125.67 25.50 -15.24
N ALA L 1175 125.66 24.16 -15.33
CA ALA L 1175 126.80 23.36 -14.93
C ALA L 1175 127.88 23.46 -15.98
N LEU L 1176 129.13 23.57 -15.55
CA LEU L 1176 130.21 23.76 -16.51
C LEU L 1176 130.51 22.44 -17.26
N ARG L 1177 131.57 22.44 -18.06
CA ARG L 1177 131.83 21.33 -18.97
C ARG L 1177 133.24 20.76 -18.81
N GLU L 1178 134.23 21.39 -19.42
CA GLU L 1178 135.57 20.82 -19.50
C GLU L 1178 136.33 21.01 -18.19
N VAL L 1179 136.25 22.20 -17.60
CA VAL L 1179 137.12 22.54 -16.46
C VAL L 1179 136.62 21.88 -15.16
N ARG L 1180 137.57 21.63 -14.26
CA ARG L 1180 137.27 21.10 -12.92
C ARG L 1180 138.32 21.66 -11.95
N VAL L 1181 137.94 22.70 -11.21
CA VAL L 1181 138.90 23.51 -10.43
C VAL L 1181 139.34 22.78 -9.17
N GLY L 1182 140.50 23.18 -8.63
CA GLY L 1182 141.06 22.61 -7.40
C GLY L 1182 141.19 23.62 -6.26
N GLU L 1183 140.11 24.27 -5.88
CA GLU L 1183 140.06 24.98 -4.61
C GLU L 1183 141.26 25.93 -4.45
N GLU L 1184 141.64 26.60 -5.52
CA GLU L 1184 142.77 27.52 -5.48
C GLU L 1184 142.06 28.73 -6.09
N ALA L 1185 141.16 28.49 -7.03
CA ALA L 1185 140.52 29.56 -7.79
C ALA L 1185 139.62 30.47 -6.95
N LEU L 1186 139.03 29.96 -5.87
CA LEU L 1186 138.04 30.72 -5.07
C LEU L 1186 138.60 32.01 -4.47
N GLY L 1187 139.87 32.00 -4.07
CA GLY L 1187 140.53 33.17 -3.49
C GLY L 1187 140.88 34.25 -4.50
N LEU L 1188 141.35 33.84 -5.68
CA LEU L 1188 141.82 34.76 -6.73
C LEU L 1188 140.72 35.25 -7.66
N LEU L 1189 139.69 34.43 -7.84
CA LEU L 1189 138.51 34.80 -8.61
C LEU L 1189 137.77 35.95 -7.93
N GLU L 1190 137.69 35.92 -6.59
CA GLU L 1190 137.05 36.99 -5.81
C GLU L 1190 137.89 38.29 -5.79
N ALA L 1191 139.13 38.17 -6.25
CA ALA L 1191 140.01 39.31 -6.43
C ALA L 1191 139.65 40.15 -7.68
N GLU L 1192 138.57 39.76 -8.38
CA GLU L 1192 138.07 40.49 -9.56
C GLU L 1192 136.58 40.77 -9.39
N GLY L 1193 135.92 41.19 -10.48
CA GLY L 1193 134.51 41.59 -10.44
C GLY L 1193 133.53 40.48 -10.08
N TYR L 1194 133.98 39.23 -10.15
CA TYR L 1194 133.13 38.06 -9.89
C TYR L 1194 132.92 37.71 -8.40
N ARG L 1195 131.69 37.34 -8.06
CA ARG L 1195 131.37 36.77 -6.77
C ARG L 1195 131.27 35.25 -6.93
N ALA L 1196 131.65 34.51 -5.90
CA ALA L 1196 131.64 33.06 -5.98
C ALA L 1196 131.53 32.42 -4.59
N TYR L 1197 131.13 31.16 -4.57
CA TYR L 1197 130.96 30.42 -3.34
C TYR L 1197 131.48 28.99 -3.51
N LEU L 1198 131.59 28.28 -2.39
CA LEU L 1198 132.02 26.89 -2.35
C LEU L 1198 130.87 26.06 -1.79
N VAL L 1199 129.82 25.91 -2.59
CA VAL L 1199 128.60 25.18 -2.18
C VAL L 1199 128.78 23.65 -2.26
N PRO L 1200 127.95 22.89 -1.52
CA PRO L 1200 127.90 21.42 -1.69
C PRO L 1200 127.56 20.98 -3.12
N ASP L 1201 128.18 19.93 -3.60
CA ASP L 1201 127.97 19.48 -4.97
C ASP L 1201 126.61 18.87 -5.25
N ARG L 1202 126.01 19.31 -6.32
CA ARG L 1202 124.69 18.88 -6.64
C ARG L 1202 124.73 17.42 -6.83
N GLU L 1203 125.78 16.99 -7.47
CA GLU L 1203 125.73 15.74 -8.14
C GLU L 1203 125.48 14.70 -7.14
N VAL L 1204 126.08 14.86 -5.99
CA VAL L 1204 126.27 13.72 -5.14
C VAL L 1204 124.95 13.15 -4.71
N PHE L 1205 124.41 13.62 -3.61
CA PHE L 1205 122.99 13.55 -3.30
C PHE L 1205 122.29 12.23 -3.53
N LEU L 1206 122.90 11.13 -3.13
CA LEU L 1206 122.28 9.81 -3.16
C LEU L 1206 123.07 8.75 -2.41
N GLN L 1207 122.46 7.59 -2.26
CA GLN L 1207 123.14 6.30 -2.31
C GLN L 1207 123.80 5.78 -1.07
N GLY L 1208 123.89 6.58 -0.03
CA GLY L 1208 124.21 6.03 1.28
C GLY L 1208 125.42 5.12 1.48
N ASN L 1209 126.59 5.52 1.02
CA ASN L 1209 127.76 4.72 1.23
C ASN L 1209 128.91 5.65 1.32
N GLY L 1210 130.07 5.14 1.70
CA GLY L 1210 131.27 5.91 1.55
C GLY L 1210 131.28 6.99 2.58
N GLY L 1211 130.24 7.80 2.60
CA GLY L 1211 130.30 8.98 3.41
C GLY L 1211 130.48 8.55 4.83
N GLY L 1212 129.68 7.59 5.26
CA GLY L 1212 128.36 7.39 4.75
C GLY L 1212 127.47 8.25 5.61
N PRO L 1213 126.09 8.00 5.55
CA PRO L 1213 125.33 8.70 6.59
C PRO L 1213 125.72 8.19 7.96
N LYS L 1214 125.98 6.89 8.18
CA LYS L 1214 126.41 6.56 9.56
C LYS L 1214 127.56 7.47 10.03
N GLU L 1215 128.56 7.66 9.15
CA GLU L 1215 129.66 8.60 9.41
C GLU L 1215 129.18 10.04 9.62
N GLU L 1216 128.23 10.48 8.79
CA GLU L 1216 127.77 11.87 8.81
C GLU L 1216 126.89 12.23 10.02
N VAL L 1217 126.50 11.23 10.80
CA VAL L 1217 125.84 11.45 12.10
C VAL L 1217 126.87 11.81 13.18
N VAL L 1218 128.15 11.47 12.97
CA VAL L 1218 129.20 11.70 13.96
C VAL L 1218 129.61 13.17 14.12
N PRO L 1219 129.78 13.92 13.00
CA PRO L 1219 130.07 15.36 13.09
C PRO L 1219 128.99 16.21 13.75
N PHE L 1220 127.73 15.83 13.55
CA PHE L 1220 126.60 16.53 14.17
C PHE L 1220 126.54 16.24 15.67
N HIS M 1 23.80 -56.08 -2.29
CA HIS M 1 24.27 -55.41 -1.04
C HIS M 1 23.72 -54.01 -0.93
N HIS M 2 22.46 -53.83 -1.31
CA HIS M 2 21.84 -52.51 -1.33
C HIS M 2 21.57 -51.97 0.06
N HIS M 3 21.30 -52.87 1.00
CA HIS M 3 21.04 -52.49 2.40
C HIS M 3 22.25 -51.97 3.13
N HIS M 4 23.43 -52.21 2.56
CA HIS M 4 24.66 -51.60 3.05
C HIS M 4 24.93 -50.28 2.38
N HIS M 5 24.61 -50.18 1.09
CA HIS M 5 24.87 -48.96 0.31
C HIS M 5 23.98 -47.81 0.74
N HIS M 6 22.85 -48.13 1.39
CA HIS M 6 21.92 -47.12 1.90
C HIS M 6 22.57 -46.15 2.86
N LYS M 7 23.81 -46.46 3.27
CA LYS M 7 24.70 -45.54 4.00
C LYS M 7 24.07 -44.93 5.29
N ALA M 8 24.40 -43.65 5.59
CA ALA M 8 23.86 -42.92 6.76
C ALA M 8 24.64 -43.16 8.06
N GLY M 9 25.90 -43.58 7.93
CA GLY M 9 26.78 -43.78 9.07
C GLY M 9 26.28 -44.78 10.09
N GLU M 10 25.93 -44.29 11.28
CA GLU M 10 25.51 -45.15 12.39
C GLU M 10 24.12 -45.77 12.16
N ALA M 11 23.34 -45.17 11.25
CA ALA M 11 21.98 -45.66 10.92
C ALA M 11 21.98 -47.16 10.64
N GLN M 12 22.91 -47.59 9.79
CA GLN M 12 23.06 -48.99 9.42
C GLN M 12 23.80 -49.80 10.47
N ASP M 13 24.61 -49.14 11.29
CA ASP M 13 25.28 -49.79 12.40
C ASP M 13 24.20 -50.35 13.34
N LEU M 14 23.16 -49.54 13.56
CA LEU M 14 21.99 -49.98 14.32
C LEU M 14 20.92 -50.48 13.33
N ALA M 15 21.34 -51.31 12.37
CA ALA M 15 20.41 -52.02 11.47
C ALA M 15 20.64 -53.53 11.48
N GLU M 16 21.65 -53.99 12.22
CA GLU M 16 21.94 -55.41 12.34
C GLU M 16 20.84 -56.17 13.11
N GLY M 17 20.34 -55.53 14.17
CA GLY M 17 19.27 -56.10 15.00
C GLY M 17 17.92 -56.04 14.32
N TRP M 18 17.75 -55.06 13.42
CA TRP M 18 16.47 -54.80 12.75
C TRP M 18 16.17 -55.76 11.62
N ARG M 19 17.13 -56.61 11.27
CA ARG M 19 16.96 -57.58 10.19
C ARG M 19 15.90 -58.67 10.47
N ALA M 20 16.10 -59.55 11.46
CA ALA M 20 17.25 -59.61 12.37
C ALA M 20 18.16 -60.83 12.08
N PHE M 21 17.75 -62.00 12.55
CA PHE M 21 18.50 -63.24 12.41
C PHE M 21 19.97 -63.12 12.85
N LEU M 22 20.19 -63.22 14.15
CA LEU M 22 21.53 -63.32 14.73
C LEU M 22 21.53 -64.47 15.77
N GLU M 23 22.52 -64.47 16.65
CA GLU M 23 22.49 -65.35 17.83
C GLU M 23 22.98 -64.59 19.08
N ALA M 24 22.04 -63.98 19.77
CA ALA M 24 22.49 -63.07 20.76
C ALA M 24 23.19 -62.09 19.86
N LEU M 25 24.44 -61.75 20.11
CA LEU M 25 25.13 -60.80 19.26
C LEU M 25 26.38 -61.35 18.67
N LYS M 26 26.52 -61.16 17.37
CA LYS M 26 27.63 -61.82 16.67
C LYS M 26 28.94 -61.68 17.46
N PRO M 27 29.69 -62.78 17.66
CA PRO M 27 29.91 -64.08 17.03
C PRO M 27 29.68 -64.22 15.50
N THR M 28 30.70 -64.80 14.85
CA THR M 28 30.77 -64.94 13.40
C THR M 28 31.29 -63.67 12.75
N LEU M 29 31.98 -62.85 13.55
CA LEU M 29 32.16 -61.48 13.21
C LEU M 29 30.79 -60.94 13.34
N ARG M 30 30.69 -59.66 13.06
CA ARG M 30 29.43 -58.98 12.88
C ARG M 30 28.88 -59.66 11.65
N ALA M 31 27.58 -59.62 11.45
CA ALA M 31 26.72 -58.53 11.88
C ALA M 31 27.11 -57.20 11.25
N PHE M 32 27.06 -57.13 9.93
CA PHE M 32 26.06 -57.88 9.16
C PHE M 32 26.47 -59.31 8.79
N VAL M 33 25.47 -60.19 8.72
CA VAL M 33 25.61 -61.54 8.14
C VAL M 33 24.91 -61.63 6.78
N ARG M 34 23.80 -60.89 6.61
CA ARG M 34 23.04 -60.86 5.35
C ARG M 34 23.88 -60.45 4.13
N GLU M 35 25.06 -59.90 4.37
CA GLU M 35 26.02 -59.67 3.30
C GLU M 35 26.75 -60.98 3.00
N ALA M 36 27.09 -61.74 4.04
CA ALA M 36 27.78 -63.01 3.89
C ALA M 36 26.90 -64.09 3.26
N ARG M 37 25.58 -63.99 3.42
CA ARG M 37 24.62 -64.98 2.89
C ARG M 37 24.50 -65.04 1.35
N PRO M 38 24.36 -63.87 0.69
CA PRO M 38 24.31 -63.85 -0.78
C PRO M 38 25.68 -64.10 -1.45
N HIS M 39 26.77 -63.93 -0.70
CA HIS M 39 28.10 -64.32 -1.18
C HIS M 39 28.18 -65.81 -1.27
N LEU M 40 27.50 -66.51 -0.35
CA LEU M 40 27.36 -67.98 -0.39
C LEU M 40 26.47 -68.44 -1.54
N GLU M 41 25.42 -67.67 -1.81
CA GLU M 41 24.56 -67.89 -2.97
C GLU M 41 25.24 -67.52 -4.30
N GLY M 42 25.75 -66.29 -4.37
CA GLY M 42 26.53 -65.84 -5.51
C GLY M 42 25.68 -65.51 -6.73
N LYS M 43 25.65 -64.24 -7.12
CA LYS M 43 24.95 -63.79 -8.32
C LYS M 43 23.44 -64.19 -8.26
N THR M 44 22.88 -64.69 -9.37
CA THR M 44 21.45 -65.06 -9.44
C THR M 44 21.12 -66.40 -8.75
N LEU M 45 21.20 -67.52 -9.49
CA LEU M 45 20.93 -68.85 -8.88
C LEU M 45 22.10 -69.40 -8.04
N VAL M 46 23.25 -69.79 -8.60
CA VAL M 46 23.52 -69.93 -10.02
C VAL M 46 24.23 -71.29 -10.16
N LEU M 47 23.61 -72.41 -9.90
CA LEU M 47 23.66 -73.13 -8.70
C LEU M 47 25.14 -73.48 -8.49
N ARG M 48 26.03 -73.27 -9.45
CA ARG M 48 27.44 -73.60 -9.24
C ARG M 48 28.06 -72.85 -8.08
N PHE M 49 27.78 -71.57 -7.93
CA PHE M 49 28.36 -70.83 -6.82
C PHE M 49 27.84 -71.50 -5.59
N PRO M 50 26.47 -71.72 -5.66
CA PRO M 50 25.90 -72.26 -4.43
C PRO M 50 26.55 -73.54 -4.03
N GLU M 51 26.83 -74.40 -4.98
CA GLU M 51 27.38 -75.69 -4.67
C GLU M 51 28.70 -75.41 -3.98
N SER M 52 29.44 -74.47 -4.53
CA SER M 52 30.77 -74.13 -4.07
C SER M 52 30.87 -73.82 -2.62
N LYS M 53 29.96 -73.02 -2.13
CA LYS M 53 30.00 -72.70 -0.72
C LYS M 53 29.75 -73.98 0.00
N ALA M 54 28.84 -74.77 -0.54
CA ALA M 54 28.50 -76.00 0.13
C ALA M 54 29.65 -76.97 0.22
N PHE M 55 30.30 -77.19 -0.91
CA PHE M 55 31.45 -78.07 -0.96
C PHE M 55 32.36 -77.72 0.19
N HIS M 56 32.64 -76.43 0.32
CA HIS M 56 33.65 -76.03 1.27
C HIS M 56 33.19 -76.48 2.60
N HIS M 57 31.90 -76.30 2.81
CA HIS M 57 31.29 -76.75 4.02
C HIS M 57 31.25 -78.25 4.03
N LEU M 67 19.15 -68.63 -1.44
CA LEU M 67 19.79 -67.76 -0.45
C LEU M 67 19.35 -68.10 0.96
N LEU M 68 18.05 -67.92 1.24
CA LEU M 68 17.50 -68.10 2.57
C LEU M 68 17.77 -69.49 3.15
N PRO M 69 17.49 -70.58 2.38
CA PRO M 69 17.68 -71.92 2.93
C PRO M 69 19.14 -72.28 3.13
N LEU M 70 19.99 -71.95 2.16
CA LEU M 70 21.42 -72.26 2.21
C LEU M 70 22.15 -71.64 3.42
N ALA M 71 21.83 -70.38 3.72
CA ALA M 71 22.45 -69.65 4.83
C ALA M 71 21.85 -70.01 6.18
N ARG M 72 20.57 -70.40 6.20
CA ARG M 72 19.89 -70.87 7.41
C ARG M 72 20.30 -72.31 7.76
N ALA M 73 20.89 -73.01 6.79
CA ALA M 73 21.38 -74.38 6.98
C ALA M 73 22.76 -74.46 7.64
N GLN M 74 23.41 -73.31 7.86
CA GLN M 74 24.72 -73.27 8.55
C GLN M 74 24.69 -73.87 10.00
N PHE M 75 24.27 -73.16 11.06
CA PHE M 75 24.08 -71.72 11.19
C PHE M 75 23.90 -71.41 12.67
N GLY M 76 24.20 -70.18 13.07
CA GLY M 76 23.87 -69.68 14.41
C GLY M 76 22.48 -69.08 14.41
N VAL M 77 21.51 -69.84 14.92
CA VAL M 77 20.09 -69.51 14.77
C VAL M 77 19.35 -69.40 16.11
N GLU M 78 19.44 -70.42 16.96
CA GLU M 78 18.62 -70.47 18.16
C GLU M 78 19.02 -69.39 19.17
N GLU M 79 18.23 -68.32 19.22
CA GLU M 79 18.35 -67.29 20.26
C GLU M 79 17.19 -66.30 20.23
N LEU M 80 16.96 -65.70 19.07
CA LEU M 80 15.89 -64.70 18.85
C LEU M 80 16.17 -63.38 19.59
N ALA M 81 16.60 -62.38 18.81
CA ALA M 81 16.79 -61.02 19.29
C ALA M 81 16.18 -60.02 18.27
N PHE M 82 15.40 -59.05 18.78
CA PHE M 82 14.65 -58.07 17.96
C PHE M 82 13.52 -58.78 17.17
N VAL M 83 12.89 -58.04 16.25
CA VAL M 83 11.89 -58.60 15.32
C VAL M 83 11.87 -57.84 13.98
N LEU M 84 11.24 -56.66 13.98
CA LEU M 84 11.08 -55.84 12.78
C LEU M 84 12.33 -54.93 12.74
N GLU M 85 12.55 -54.06 11.76
CA GLU M 85 11.63 -53.54 10.73
C GLU M 85 10.53 -52.62 11.28
N LYS M 86 10.73 -52.15 12.51
CA LYS M 86 9.82 -51.30 13.29
C LYS M 86 10.07 -51.62 14.78
N LYS M 87 9.37 -52.66 15.29
CA LYS M 87 9.47 -53.16 16.67
C LYS M 87 9.93 -52.08 17.68
N SER M 88 11.23 -52.06 18.02
CA SER M 88 11.83 -51.07 18.92
C SER M 88 12.98 -51.69 19.68
N LEU M 89 14.11 -50.99 19.70
CA LEU M 89 15.21 -51.20 20.68
C LEU M 89 16.54 -50.68 20.11
N SER M 90 16.90 -49.41 20.32
CA SER M 90 16.17 -48.40 21.13
C SER M 90 16.06 -48.78 22.61
N LEU M 121 17.20 -16.36 27.88
CA LEU M 121 15.91 -16.89 28.34
C LEU M 121 15.78 -16.83 29.87
N GLU M 122 16.15 -15.68 30.46
CA GLU M 122 16.22 -15.47 31.92
C GLU M 122 15.30 -16.35 32.77
N ASP M 123 15.81 -17.45 33.32
CA ASP M 123 17.20 -17.89 33.22
C ASP M 123 17.28 -19.23 32.48
N PRO M 124 18.37 -19.61 31.84
CA PRO M 124 18.24 -20.71 30.88
C PRO M 124 17.60 -21.97 31.49
N PRO M 125 16.48 -22.49 30.79
CA PRO M 125 15.86 -23.67 31.44
C PRO M 125 16.63 -25.00 31.42
N TRP M 126 17.22 -25.34 30.27
CA TRP M 126 17.96 -26.59 30.06
C TRP M 126 17.28 -27.97 30.31
N GLU M 127 16.00 -28.08 29.95
CA GLU M 127 15.31 -29.37 29.75
C GLU M 127 14.34 -30.15 30.70
N ALA M 128 13.77 -29.37 31.51
CA ALA M 128 14.27 -28.55 32.58
C ALA M 128 13.94 -29.58 33.63
N GLU M 129 13.98 -29.24 35.01
CA GLU M 129 14.22 -27.90 35.57
C GLU M 129 15.64 -27.53 36.05
N GLU M 130 16.38 -28.34 36.83
CA GLU M 130 16.24 -29.80 37.10
C GLU M 130 16.14 -30.69 35.83
N GLY M 131 15.90 -31.98 36.00
CA GLY M 131 15.71 -32.90 34.89
C GLY M 131 15.92 -34.33 35.31
N GLU M 132 14.99 -35.22 34.97
CA GLU M 132 14.97 -36.57 35.51
C GLU M 132 15.82 -37.58 34.67
N ASP M 133 15.37 -38.08 33.52
CA ASP M 133 14.09 -37.81 32.87
C ASP M 133 13.06 -38.89 33.30
N PRO M 134 11.81 -38.84 32.79
CA PRO M 134 11.19 -38.04 31.71
C PRO M 134 11.29 -36.52 31.89
N SER M 135 11.11 -35.78 30.80
CA SER M 135 11.11 -34.31 30.85
C SER M 135 9.96 -33.75 31.69
N GLU M 136 10.20 -32.60 32.32
CA GLU M 136 9.21 -31.94 33.18
C GLU M 136 9.17 -30.42 32.90
N GLU M 137 8.97 -30.05 31.62
CA GLU M 137 8.81 -28.66 31.21
C GLU M 137 8.39 -28.51 29.74
N LEU M 138 9.23 -29.04 28.84
CA LEU M 138 9.01 -28.96 27.40
C LEU M 138 8.70 -30.36 26.87
N ARG M 139 8.48 -30.48 25.56
CA ARG M 139 8.18 -31.78 24.91
C ARG M 139 6.78 -32.28 25.38
N ARG M 140 6.36 -33.45 24.96
CA ARG M 140 7.19 -34.30 24.18
C ARG M 140 6.18 -35.07 23.45
N LEU M 141 6.59 -35.81 22.46
CA LEU M 141 5.72 -36.73 21.81
C LEU M 141 6.63 -37.89 21.53
N ALA M 142 6.07 -39.03 21.17
CA ALA M 142 6.67 -40.30 21.45
C ALA M 142 8.05 -40.34 20.92
N ARG M 143 8.91 -41.00 21.67
CA ARG M 143 10.32 -40.94 21.44
C ARG M 143 10.83 -39.53 21.59
N LEU M 144 10.30 -38.78 22.54
CA LEU M 144 10.89 -37.50 22.87
C LEU M 144 11.63 -37.54 24.19
N LEU M 145 11.38 -38.58 24.92
CA LEU M 145 12.01 -38.76 26.22
C LEU M 145 13.45 -39.23 26.05
N GLY M 146 13.68 -40.09 25.06
CA GLY M 146 15.00 -40.69 24.81
C GLY M 146 16.10 -39.69 24.49
N GLY M 147 15.73 -38.61 23.79
CA GLY M 147 16.67 -37.54 23.46
C GLY M 147 17.15 -36.80 24.69
N ARG M 148 16.26 -36.63 25.67
CA ARG M 148 16.57 -35.97 26.94
C ARG M 148 17.45 -36.84 27.84
N LEU M 149 17.25 -38.16 27.77
CA LEU M 149 18.01 -39.11 28.59
C LEU M 149 19.42 -39.16 28.04
N LEU M 150 19.53 -39.32 26.72
CA LEU M 150 20.83 -39.41 26.06
C LEU M 150 21.60 -38.09 26.18
N TRP M 151 20.86 -36.99 26.29
CA TRP M 151 21.43 -35.65 26.41
C TRP M 151 22.28 -35.53 27.63
N VAL M 152 23.59 -35.68 27.45
CA VAL M 152 24.52 -35.56 28.57
C VAL M 152 24.71 -34.06 28.92
N ARG M 153 24.80 -33.76 30.19
CA ARG M 153 24.81 -32.36 30.60
C ARG M 153 26.16 -31.69 30.41
N LYS M 154 26.18 -30.37 30.49
CA LYS M 154 25.04 -29.55 30.20
C LYS M 154 25.56 -28.20 29.86
N PRO M 155 25.14 -27.71 28.63
CA PRO M 155 25.37 -26.28 28.47
C PRO M 155 24.04 -25.61 28.13
N LYS M 156 24.06 -24.89 27.01
CA LYS M 156 22.98 -24.64 26.08
C LYS M 156 23.46 -25.25 24.76
N ALA M 157 23.14 -24.59 23.64
CA ALA M 157 23.72 -24.95 22.33
C ALA M 157 23.35 -26.42 21.90
N PRO M 158 24.22 -27.41 21.35
CA PRO M 158 25.63 -27.06 21.02
C PRO M 158 25.82 -26.01 19.91
N GLU M 159 25.10 -26.09 18.80
CA GLU M 159 24.31 -27.26 18.40
C GLU M 159 25.18 -28.43 17.92
N ALA M 160 24.61 -29.63 17.96
CA ALA M 160 25.28 -30.89 17.61
C ALA M 160 24.31 -31.90 17.05
N GLU M 161 24.33 -32.19 15.74
CA GLU M 161 25.30 -31.63 14.78
C GLU M 161 24.78 -31.73 13.34
N GLU M 162 23.79 -30.91 12.96
CA GLU M 162 23.14 -29.93 13.85
C GLU M 162 21.64 -29.97 13.59
N PRO M 163 20.81 -29.44 14.52
CA PRO M 163 19.35 -29.50 14.30
C PRO M 163 18.78 -28.58 13.18
N VAL M 164 18.82 -27.23 13.25
CA VAL M 164 19.14 -26.40 14.45
C VAL M 164 17.85 -25.79 14.99
N SER M 165 17.49 -26.13 16.23
CA SER M 165 16.13 -25.88 16.73
C SER M 165 15.99 -26.05 18.25
N GLU M 166 16.55 -27.12 18.78
CA GLU M 166 16.37 -27.48 20.19
C GLU M 166 16.44 -26.28 21.16
N ASP M 167 17.28 -25.29 20.84
CA ASP M 167 17.33 -24.03 21.60
C ASP M 167 16.06 -23.17 21.45
N GLY M 168 15.67 -22.90 20.20
CA GLY M 168 14.55 -22.01 19.90
C GLY M 168 13.24 -22.46 20.53
N ILE M 169 13.10 -23.75 20.66
CA ILE M 169 11.92 -24.32 21.22
C ILE M 169 11.77 -23.98 22.70
N GLY M 170 12.82 -24.21 23.45
CA GLY M 170 12.81 -24.01 24.88
C GLY M 170 12.56 -22.55 25.12
N GLY M 171 13.15 -21.71 24.29
CA GLY M 171 12.94 -20.29 24.43
C GLY M 171 11.47 -20.07 24.25
N ASN M 172 10.93 -20.79 23.29
CA ASN M 172 9.57 -20.54 22.90
C ASN M 172 8.68 -20.72 24.07
N GLY M 173 8.89 -21.81 24.82
CA GLY M 173 8.16 -22.21 26.03
C GLY M 173 8.27 -21.36 27.30
N ILE M 174 9.49 -20.91 27.54
CA ILE M 174 9.65 -19.95 28.61
C ILE M 174 8.84 -18.73 28.22
N MET M 175 8.71 -18.53 26.91
CA MET M 175 7.68 -17.65 26.32
C MET M 175 6.18 -17.88 26.42
N PRO M 176 5.59 -19.15 26.29
CA PRO M 176 4.29 -19.21 26.93
C PRO M 176 4.57 -19.72 28.30
N PRO M 177 5.25 -18.84 29.15
CA PRO M 177 5.18 -19.26 30.54
C PRO M 177 3.74 -19.11 30.98
N HIS N 1 -24.94 -1.86 -19.87
CA HIS N 1 -26.09 -0.91 -19.77
C HIS N 1 -25.75 0.31 -18.95
N HIS N 2 -24.52 0.34 -18.44
CA HIS N 2 -24.07 1.43 -17.57
C HIS N 2 -24.01 2.74 -18.30
N HIS N 3 -23.66 2.68 -19.58
CA HIS N 3 -23.71 3.85 -20.47
C HIS N 3 -25.14 4.29 -20.70
N HIS N 4 -26.05 3.30 -20.86
CA HIS N 4 -27.46 3.58 -21.13
C HIS N 4 -28.16 4.21 -19.95
N HIS N 5 -27.51 4.14 -18.78
CA HIS N 5 -28.02 4.80 -17.60
C HIS N 5 -27.54 6.22 -17.56
N HIS N 6 -26.24 6.40 -17.77
CA HIS N 6 -25.61 7.75 -17.75
C HIS N 6 -26.38 8.76 -18.55
N LYS N 7 -27.10 8.25 -19.56
CA LYS N 7 -28.17 8.97 -20.28
C LYS N 7 -28.64 10.29 -19.68
N ALA N 8 -28.09 11.39 -20.19
CA ALA N 8 -28.47 12.75 -19.75
C ALA N 8 -29.31 13.42 -20.83
N GLY N 9 -30.48 12.83 -21.10
CA GLY N 9 -31.38 13.32 -22.12
C GLY N 9 -30.89 12.99 -23.53
N GLU N 10 -30.53 14.03 -24.27
CA GLU N 10 -30.03 13.90 -25.64
C GLU N 10 -28.55 13.52 -25.67
N ALA N 11 -27.93 13.41 -24.50
CA ALA N 11 -26.50 13.09 -24.37
C ALA N 11 -26.15 11.75 -24.99
N GLN N 12 -26.92 10.72 -24.63
CA GLN N 12 -26.67 9.34 -25.09
C GLN N 12 -27.24 9.06 -26.48
N ASP N 13 -28.14 9.93 -26.96
CA ASP N 13 -28.63 9.83 -28.34
C ASP N 13 -27.52 10.12 -29.35
N LEU N 14 -26.54 10.90 -28.92
CA LEU N 14 -25.31 11.13 -29.68
C LEU N 14 -24.22 10.14 -29.30
N ALA N 15 -24.19 9.73 -28.03
CA ALA N 15 -23.23 8.74 -27.54
C ALA N 15 -23.31 7.41 -28.31
N GLU N 16 -24.54 6.93 -28.52
CA GLU N 16 -24.77 5.73 -29.31
C GLU N 16 -24.25 5.93 -30.74
N GLY N 17 -24.38 7.15 -31.26
CA GLY N 17 -23.85 7.48 -32.57
C GLY N 17 -22.33 7.46 -32.64
N TRP N 18 -21.65 8.06 -31.64
CA TRP N 18 -20.16 8.27 -31.64
C TRP N 18 -19.07 7.15 -31.52
N ARG N 19 -19.17 6.23 -30.56
CA ARG N 19 -18.49 4.94 -30.61
C ARG N 19 -19.57 3.99 -31.10
N ALA N 20 -19.49 3.63 -32.38
CA ALA N 20 -20.63 3.05 -33.07
C ALA N 20 -20.55 1.51 -33.22
N PHE N 21 -19.92 1.06 -34.31
CA PHE N 21 -20.10 -0.30 -34.86
C PHE N 21 -21.56 -0.54 -35.25
N LEU N 22 -22.02 0.21 -36.26
CA LEU N 22 -23.39 0.12 -36.79
C LEU N 22 -23.36 -0.23 -38.29
N GLU N 23 -24.37 0.20 -39.05
CA GLU N 23 -24.41 -0.07 -40.49
C GLU N 23 -25.22 1.01 -41.23
N ALA N 24 -24.74 2.24 -41.14
CA ALA N 24 -25.38 3.42 -41.76
C ALA N 24 -26.80 3.58 -41.20
N LEU N 25 -26.86 4.07 -39.95
CA LEU N 25 -28.07 4.12 -39.14
C LEU N 25 -28.52 2.71 -38.69
N LYS N 26 -28.01 1.67 -39.34
CA LYS N 26 -28.30 0.27 -39.00
C LYS N 26 -29.73 -0.17 -39.34
N PRO N 27 -29.90 -1.05 -40.34
CA PRO N 27 -31.24 -1.55 -40.67
C PRO N 27 -31.95 -2.22 -39.48
N THR N 28 -33.22 -1.86 -39.28
CA THR N 28 -34.06 -2.44 -38.23
C THR N 28 -33.58 -2.08 -36.80
N LEU N 29 -32.76 -1.03 -36.70
CA LEU N 29 -32.09 -0.66 -35.45
C LEU N 29 -31.66 0.82 -35.49
N ARG N 30 -31.66 1.58 -34.38
CA ARG N 30 -32.17 1.27 -33.02
C ARG N 30 -31.29 2.11 -32.10
N ALA N 31 -30.01 1.75 -32.03
CA ALA N 31 -29.02 2.41 -31.17
C ALA N 31 -29.46 2.44 -29.69
N PHE N 32 -28.78 1.66 -28.84
CA PHE N 32 -27.54 0.93 -29.13
C PHE N 32 -27.79 -0.46 -29.72
N VAL N 33 -26.79 -0.97 -30.43
CA VAL N 33 -26.72 -2.39 -30.78
C VAL N 33 -26.00 -3.15 -29.65
N ARG N 34 -25.28 -2.40 -28.81
CA ARG N 34 -24.60 -2.96 -27.64
C ARG N 34 -25.55 -3.25 -26.46
N GLU N 35 -26.84 -3.01 -26.65
CA GLU N 35 -27.86 -3.46 -25.71
C GLU N 35 -28.20 -4.94 -25.96
N ALA N 36 -28.33 -5.29 -27.23
CA ALA N 36 -28.60 -6.66 -27.66
C ALA N 36 -27.42 -7.62 -27.41
N ARG N 37 -26.20 -7.15 -27.73
CA ARG N 37 -24.97 -7.95 -27.59
C ARG N 37 -24.77 -8.66 -26.22
N PRO N 38 -24.97 -7.92 -25.09
CA PRO N 38 -24.91 -8.56 -23.77
C PRO N 38 -26.15 -9.39 -23.43
N HIS N 39 -27.25 -9.12 -24.11
CA HIS N 39 -28.42 -10.01 -24.02
C HIS N 39 -28.15 -11.29 -24.75
N LEU N 40 -27.42 -11.21 -25.86
CA LEU N 40 -27.00 -12.40 -26.59
C LEU N 40 -25.98 -13.20 -25.77
N GLU N 41 -25.00 -12.51 -25.21
CA GLU N 41 -23.98 -13.13 -24.39
C GLU N 41 -24.56 -13.65 -23.09
N GLY N 42 -25.25 -12.77 -22.37
CA GLY N 42 -25.80 -13.09 -21.05
C GLY N 42 -24.70 -13.14 -20.02
N LYS N 43 -24.38 -11.99 -19.44
CA LYS N 43 -23.21 -11.82 -18.58
C LYS N 43 -23.35 -12.65 -17.30
N THR N 44 -22.26 -13.09 -16.66
CA THR N 44 -20.87 -12.80 -17.07
C THR N 44 -20.41 -13.59 -18.31
N LEU N 45 -20.15 -14.89 -18.15
CA LEU N 45 -19.76 -15.75 -19.29
C LEU N 45 -20.93 -15.93 -20.28
N VAL N 46 -21.95 -16.76 -20.02
CA VAL N 46 -21.98 -17.84 -19.02
C VAL N 46 -22.54 -19.09 -19.69
N LEU N 47 -21.68 -19.86 -20.37
CA LEU N 47 -22.07 -21.12 -21.04
C LEU N 47 -23.58 -21.26 -21.35
N ARG N 48 -24.42 -21.40 -20.33
CA ARG N 48 -25.89 -21.52 -20.49
C ARG N 48 -26.56 -20.17 -20.80
N PHE N 49 -25.96 -19.42 -21.72
CA PHE N 49 -26.37 -18.04 -21.98
C PHE N 49 -25.96 -17.56 -23.40
N PRO N 50 -24.64 -17.62 -23.74
CA PRO N 50 -24.24 -17.29 -25.12
C PRO N 50 -24.54 -18.39 -26.14
N GLU N 51 -24.70 -19.63 -25.66
CA GLU N 51 -25.17 -20.72 -26.50
C GLU N 51 -26.60 -20.42 -26.97
N SER N 52 -27.47 -20.06 -26.02
CA SER N 52 -28.91 -19.84 -26.28
C SER N 52 -29.19 -19.18 -27.63
N LYS N 53 -28.63 -17.99 -27.84
CA LYS N 53 -28.84 -17.20 -29.07
C LYS N 53 -28.17 -17.81 -30.32
N ALA N 54 -26.97 -18.33 -30.15
CA ALA N 54 -26.26 -18.99 -31.27
C ALA N 54 -26.96 -20.31 -31.66
N PHE N 55 -27.55 -20.96 -30.66
CA PHE N 55 -28.27 -22.22 -30.86
C PHE N 55 -29.60 -22.01 -31.58
N HIS N 56 -30.24 -20.86 -31.36
CA HIS N 56 -31.48 -20.53 -32.06
C HIS N 56 -31.23 -20.36 -33.54
N HIS N 57 -30.09 -19.75 -33.87
CA HIS N 57 -29.77 -19.42 -35.27
C HIS N 57 -29.38 -20.65 -36.04
N LEU N 67 -18.26 -11.67 -25.86
CA LEU N 67 -19.20 -10.59 -26.15
C LEU N 67 -18.97 -10.01 -27.54
N LEU N 68 -17.77 -9.46 -27.77
CA LEU N 68 -17.46 -8.77 -29.02
C LEU N 68 -17.37 -9.73 -30.23
N PRO N 69 -16.65 -10.85 -30.09
CA PRO N 69 -16.59 -11.85 -31.18
C PRO N 69 -17.97 -12.45 -31.54
N LEU N 70 -18.80 -12.70 -30.53
CA LEU N 70 -20.19 -13.13 -30.73
C LEU N 70 -20.98 -12.03 -31.45
N ALA N 71 -20.68 -10.76 -31.11
CA ALA N 71 -21.26 -9.58 -31.77
C ALA N 71 -20.75 -9.39 -33.21
N ARG N 72 -19.45 -9.63 -33.41
CA ARG N 72 -18.82 -9.66 -34.73
C ARG N 72 -19.25 -10.85 -35.59
N ALA N 73 -19.76 -11.91 -34.95
CA ALA N 73 -20.19 -13.12 -35.64
C ALA N 73 -21.51 -12.99 -36.40
N GLN N 74 -22.32 -11.97 -36.11
CA GLN N 74 -23.59 -11.75 -36.81
C GLN N 74 -23.33 -11.41 -38.31
N PHE N 75 -23.19 -10.17 -38.77
CA PHE N 75 -23.54 -8.90 -38.12
C PHE N 75 -23.59 -7.79 -39.16
N GLY N 76 -24.34 -6.72 -38.87
CA GLY N 76 -24.38 -5.54 -39.75
C GLY N 76 -23.13 -4.68 -39.61
N VAL N 77 -22.07 -5.07 -40.32
CA VAL N 77 -20.76 -4.44 -40.20
C VAL N 77 -20.58 -3.30 -41.21
N GLU N 78 -20.44 -3.67 -42.48
CA GLU N 78 -20.07 -2.76 -43.59
C GLU N 78 -19.80 -1.28 -43.25
N GLU N 79 -20.82 -0.44 -43.39
CA GLU N 79 -20.74 1.03 -43.27
C GLU N 79 -19.35 1.63 -42.96
N LEU N 80 -18.94 1.52 -41.70
CA LEU N 80 -17.77 2.24 -41.15
C LEU N 80 -17.97 3.77 -41.14
N ALA N 81 -18.62 4.25 -40.09
CA ALA N 81 -18.76 5.69 -39.79
C ALA N 81 -18.51 5.95 -38.30
N PHE N 82 -17.94 7.13 -37.99
CA PHE N 82 -17.50 7.53 -36.64
C PHE N 82 -16.31 6.66 -36.16
N VAL N 83 -15.70 7.03 -35.03
CA VAL N 83 -14.61 6.24 -34.42
C VAL N 83 -14.59 6.37 -32.89
N LEU N 84 -14.29 7.58 -32.44
CA LEU N 84 -14.20 7.91 -31.01
C LEU N 84 -15.58 8.49 -30.58
N GLU N 85 -15.87 8.74 -29.29
CA GLU N 85 -14.93 8.94 -28.15
C GLU N 85 -14.18 10.29 -28.21
N LYS N 86 -14.52 11.10 -29.22
CA LYS N 86 -13.89 12.40 -29.52
C LYS N 86 -14.20 12.77 -30.97
N LYS N 87 -13.49 12.12 -31.91
CA LYS N 87 -13.60 12.34 -33.37
C LYS N 87 -14.54 13.48 -33.75
N SER N 88 -15.84 13.30 -33.87
CA SER N 88 -16.54 14.42 -34.44
C SER N 88 -17.89 14.01 -35.01
N LEU N 89 -18.49 14.90 -35.78
CA LEU N 89 -19.78 14.62 -36.34
C LEU N 89 -20.73 14.24 -35.22
N SER N 90 -20.78 15.04 -34.17
CA SER N 90 -20.40 16.45 -34.16
C SER N 90 -20.71 17.16 -35.45
N PRO N 124 -20.80 42.01 -30.43
CA PRO N 124 -19.73 42.93 -30.82
C PRO N 124 -18.32 42.30 -30.88
N PRO N 125 -17.93 41.48 -29.87
CA PRO N 125 -16.67 40.75 -30.01
C PRO N 125 -16.86 39.39 -30.70
N TRP N 126 -17.61 38.49 -30.05
CA TRP N 126 -17.86 37.09 -30.51
C TRP N 126 -16.66 36.39 -31.12
N GLU N 127 -16.87 35.21 -31.70
CA GLU N 127 -15.79 34.23 -31.93
C GLU N 127 -14.37 34.82 -32.13
N ALA N 128 -14.09 35.56 -33.21
CA ALA N 128 -15.02 35.80 -34.33
C ALA N 128 -14.50 35.00 -35.55
N GLU N 129 -14.26 35.57 -36.74
CA GLU N 129 -14.42 36.99 -37.09
C GLU N 129 -15.82 37.45 -37.62
N GLU N 130 -16.53 36.76 -38.52
CA GLU N 130 -16.29 35.42 -39.08
C GLU N 130 -16.40 34.28 -38.07
N GLY N 131 -15.96 33.08 -38.45
CA GLY N 131 -15.98 31.92 -37.56
C GLY N 131 -15.94 30.62 -38.34
N GLU N 132 -15.09 29.68 -37.92
CA GLU N 132 -14.92 28.41 -38.64
C GLU N 132 -15.64 27.25 -37.93
N ASP N 133 -15.04 26.44 -37.03
CA ASP N 133 -13.67 26.51 -36.50
C ASP N 133 -12.71 25.68 -37.37
N PRO N 134 -11.39 25.70 -37.07
CA PRO N 134 -10.63 26.28 -35.94
C PRO N 134 -10.77 27.78 -35.71
N SER N 135 -10.64 28.17 -34.44
CA SER N 135 -10.81 29.55 -34.02
C SER N 135 -9.85 30.48 -34.76
N GLU N 136 -10.30 31.72 -34.97
CA GLU N 136 -9.52 32.72 -35.69
C GLU N 136 -9.53 34.04 -34.91
N GLU N 137 -9.26 33.96 -33.61
CA GLU N 137 -9.16 35.16 -32.75
C GLU N 137 -8.64 34.81 -31.36
N LEU N 138 -9.29 33.87 -30.69
CA LEU N 138 -8.98 33.50 -29.31
C LEU N 138 -8.55 32.04 -29.26
N ARG N 139 -8.40 31.56 -28.04
CA ARG N 139 -8.26 30.16 -27.73
C ARG N 139 -6.91 29.71 -28.25
N ARG N 140 -6.69 28.40 -28.28
CA ARG N 140 -7.45 27.43 -27.50
C ARG N 140 -6.59 26.47 -26.77
N LEU N 141 -5.63 25.89 -27.48
CA LEU N 141 -4.93 24.75 -26.96
C LEU N 141 -5.95 23.69 -26.64
N ALA N 142 -6.72 23.30 -27.66
CA ALA N 142 -8.00 22.65 -27.47
C ALA N 142 -7.80 21.46 -26.63
N ARG N 143 -8.80 21.17 -25.85
CA ARG N 143 -10.18 21.03 -26.25
C ARG N 143 -10.92 22.22 -26.86
N LEU N 144 -10.41 23.41 -26.65
CA LEU N 144 -11.22 24.61 -26.76
C LEU N 144 -11.83 24.65 -28.15
N LEU N 145 -11.05 24.23 -29.14
CA LEU N 145 -11.58 24.11 -30.49
C LEU N 145 -13.04 23.68 -30.40
N GLY N 146 -13.26 22.48 -29.84
CA GLY N 146 -14.60 21.87 -29.76
C GLY N 146 -15.74 22.76 -29.28
N GLY N 147 -15.43 23.73 -28.42
CA GLY N 147 -16.41 24.68 -27.91
C GLY N 147 -16.94 25.68 -28.94
N ARG N 148 -16.13 25.98 -29.95
CA ARG N 148 -16.51 26.89 -31.04
C ARG N 148 -17.40 26.25 -32.12
N LEU N 149 -17.40 24.92 -32.20
CA LEU N 149 -18.20 24.18 -33.21
C LEU N 149 -19.64 23.93 -32.77
N LEU N 150 -19.84 23.75 -31.46
CA LEU N 150 -21.19 23.63 -30.90
C LEU N 150 -21.86 25.00 -30.74
N TRP N 151 -21.10 26.08 -30.99
CA TRP N 151 -21.50 27.42 -30.60
C TRP N 151 -22.48 28.01 -31.55
N VAL N 152 -22.05 28.23 -32.79
CA VAL N 152 -22.80 28.98 -33.82
C VAL N 152 -24.29 28.64 -33.83
N ARG N 153 -25.20 29.61 -33.69
CA ARG N 153 -24.97 31.08 -33.61
C ARG N 153 -26.29 31.72 -33.08
N LYS N 154 -26.40 33.05 -32.86
CA LYS N 154 -25.37 34.08 -32.98
C LYS N 154 -25.64 35.19 -31.94
N PRO N 155 -25.65 34.82 -30.65
CA PRO N 155 -26.14 35.72 -29.59
C PRO N 155 -25.16 36.34 -28.56
N LYS N 156 -23.95 35.84 -28.39
CA LYS N 156 -23.02 36.37 -27.38
C LYS N 156 -23.29 35.84 -25.96
N ALA N 157 -22.64 36.40 -24.93
CA ALA N 157 -22.82 35.89 -23.58
C ALA N 157 -22.56 34.40 -23.55
N PRO N 158 -23.46 33.60 -23.01
CA PRO N 158 -24.65 34.02 -22.25
C PRO N 158 -24.45 34.45 -20.81
N GLU N 159 -23.76 33.65 -20.01
CA GLU N 159 -23.47 32.25 -20.27
C GLU N 159 -24.64 31.32 -19.99
N ALA N 160 -24.53 30.12 -20.56
CA ALA N 160 -25.43 29.00 -20.43
C ALA N 160 -24.74 27.76 -19.86
N GLU N 161 -25.35 27.17 -18.81
CA GLU N 161 -24.95 25.89 -18.19
C GLU N 161 -24.31 25.92 -16.77
N GLU N 162 -23.91 27.07 -16.22
CA GLU N 162 -23.87 28.37 -16.90
C GLU N 162 -22.53 29.12 -16.80
N PRO N 163 -21.90 29.14 -15.62
CA PRO N 163 -20.86 30.14 -15.51
C PRO N 163 -19.57 29.72 -16.23
N VAL N 164 -18.71 30.65 -16.64
CA VAL N 164 -18.98 32.10 -16.77
C VAL N 164 -17.76 32.86 -17.33
N SER N 165 -17.01 32.23 -18.25
CA SER N 165 -15.71 32.81 -18.68
C SER N 165 -15.60 33.12 -20.17
N GLU N 166 -16.65 32.83 -20.94
CA GLU N 166 -16.63 33.01 -22.41
C GLU N 166 -16.68 34.49 -22.80
N ASP N 167 -17.26 35.30 -21.93
CA ASP N 167 -17.32 36.73 -22.12
C ASP N 167 -15.96 37.34 -21.77
N GLY N 168 -15.39 36.89 -20.65
CA GLY N 168 -14.09 37.38 -20.17
C GLY N 168 -12.96 37.11 -21.14
N ILE N 169 -12.83 35.85 -21.57
CA ILE N 169 -11.82 35.48 -22.56
C ILE N 169 -12.00 36.25 -23.87
N GLY N 170 -13.25 36.60 -24.20
CA GLY N 170 -13.57 37.43 -25.37
C GLY N 170 -13.09 38.86 -25.22
N GLY N 171 -13.52 39.52 -24.14
CA GLY N 171 -13.12 40.89 -23.85
C GLY N 171 -11.63 41.03 -23.64
N ASN N 172 -11.02 40.03 -23.01
CA ASN N 172 -9.56 39.97 -22.81
C ASN N 172 -8.80 39.84 -24.14
N GLY N 173 -9.41 39.14 -25.09
CA GLY N 173 -8.87 38.97 -26.42
C GLY N 173 -8.99 40.21 -27.27
N ILE N 174 -9.94 41.09 -26.93
CA ILE N 174 -10.12 42.34 -27.67
C ILE N 174 -9.19 43.40 -27.12
N MET N 175 -8.71 43.20 -25.88
CA MET N 175 -7.90 44.20 -25.16
C MET N 175 -6.43 44.33 -25.58
N PRO N 176 -6.06 43.61 -26.60
CA PRO N 176 -4.67 43.61 -27.01
C PRO N 176 -4.54 43.96 -28.49
N PRO N 177 -4.89 45.19 -28.84
CA PRO N 177 -4.74 45.61 -30.25
C PRO N 177 -3.38 46.26 -30.55
N HIS O 1 -117.64 6.46 -4.12
CA HIS O 1 -117.90 5.88 -5.48
C HIS O 1 -117.89 4.37 -5.47
N HIS O 2 -117.92 3.77 -4.28
CA HIS O 2 -117.74 2.32 -4.11
C HIS O 2 -118.89 1.49 -4.59
N HIS O 3 -120.11 1.96 -4.38
CA HIS O 3 -121.32 1.24 -4.82
C HIS O 3 -121.59 1.35 -6.32
N HIS O 4 -120.85 2.25 -6.97
CA HIS O 4 -120.88 2.41 -8.42
C HIS O 4 -119.82 1.53 -9.03
N HIS O 5 -118.70 1.37 -8.33
CA HIS O 5 -117.64 0.47 -8.79
C HIS O 5 -118.00 -1.00 -8.68
N HIS O 6 -118.94 -1.35 -7.81
CA HIS O 6 -119.40 -2.74 -7.68
C HIS O 6 -120.19 -3.22 -8.90
N LYS O 7 -120.67 -2.28 -9.72
CA LYS O 7 -121.44 -2.55 -10.95
C LYS O 7 -121.12 -3.86 -11.68
N ALA O 8 -122.15 -4.68 -11.89
CA ALA O 8 -122.01 -5.97 -12.60
C ALA O 8 -122.99 -6.01 -13.78
N GLY O 9 -122.74 -5.14 -14.77
CA GLY O 9 -123.55 -5.09 -15.98
C GLY O 9 -124.78 -4.21 -15.82
N GLU O 10 -125.93 -4.86 -15.62
CA GLU O 10 -127.19 -4.16 -15.37
C GLU O 10 -127.64 -4.33 -13.91
N ALA O 11 -126.72 -4.75 -13.05
CA ALA O 11 -127.04 -5.05 -11.64
C ALA O 11 -127.37 -3.77 -10.91
N GLN O 12 -126.37 -2.89 -10.82
CA GLN O 12 -126.53 -1.59 -10.19
C GLN O 12 -127.31 -0.59 -11.07
N ASP O 13 -127.59 -0.93 -12.34
CA ASP O 13 -128.44 -0.10 -13.22
C ASP O 13 -129.87 0.03 -12.67
N LEU O 14 -130.30 -1.01 -11.94
CA LEU O 14 -131.55 -0.97 -11.17
C LEU O 14 -131.22 -0.90 -9.67
N ALA O 15 -130.18 -0.12 -9.34
CA ALA O 15 -129.80 0.18 -7.94
C ALA O 15 -130.14 1.61 -7.58
N GLU O 16 -130.56 2.39 -8.57
CA GLU O 16 -131.03 3.75 -8.34
C GLU O 16 -132.46 3.75 -7.81
N GLY O 17 -133.21 2.70 -8.15
CA GLY O 17 -134.51 2.45 -7.56
C GLY O 17 -134.46 1.79 -6.18
N TRP O 18 -133.27 1.71 -5.60
CA TRP O 18 -133.07 1.08 -4.28
C TRP O 18 -132.58 2.04 -3.21
N ARG O 19 -131.83 3.07 -3.62
CA ARG O 19 -131.08 3.90 -2.66
C ARG O 19 -131.93 4.53 -1.55
N ALA O 20 -132.90 5.40 -1.84
CA ALA O 20 -133.27 5.88 -3.17
C ALA O 20 -132.98 7.38 -3.24
N PHE O 21 -133.93 8.21 -2.84
CA PHE O 21 -133.78 9.65 -2.94
C PHE O 21 -133.59 10.17 -4.35
N LEU O 22 -134.58 9.89 -5.19
CA LEU O 22 -134.96 10.67 -6.36
C LEU O 22 -136.47 10.53 -6.39
N GLU O 23 -137.16 11.37 -7.08
CA GLU O 23 -138.61 11.26 -7.29
C GLU O 23 -139.01 10.63 -8.64
N ALA O 24 -138.30 11.02 -9.74
CA ALA O 24 -138.58 10.51 -11.09
C ALA O 24 -137.46 9.80 -11.85
N LEU O 25 -136.33 9.51 -11.22
CA LEU O 25 -135.20 8.94 -11.99
C LEU O 25 -134.93 9.68 -13.33
N LYS O 26 -133.81 10.42 -13.40
CA LYS O 26 -133.41 11.23 -14.59
C LYS O 26 -134.59 11.87 -15.35
N PRO O 27 -135.25 12.88 -14.75
CA PRO O 27 -134.87 13.82 -13.71
C PRO O 27 -133.38 14.05 -13.49
N THR O 28 -132.80 13.48 -12.44
CA THR O 28 -131.48 13.85 -11.97
C THR O 28 -130.40 13.83 -13.09
N LEU O 29 -129.85 12.65 -13.37
CA LEU O 29 -128.92 12.48 -14.50
C LEU O 29 -129.15 11.15 -15.26
N ARG O 30 -128.98 9.96 -14.68
CA ARG O 30 -128.30 9.63 -13.42
C ARG O 30 -128.76 10.27 -12.08
N ALA O 31 -129.40 9.51 -11.18
CA ALA O 31 -129.58 8.04 -11.26
C ALA O 31 -128.36 7.29 -11.80
N PHE O 32 -127.19 7.41 -11.16
CA PHE O 32 -127.08 7.78 -9.74
C PHE O 32 -126.94 9.29 -9.43
N VAL O 33 -127.63 9.70 -8.37
CA VAL O 33 -127.50 11.04 -7.78
C VAL O 33 -126.37 11.05 -6.74
N ARG O 34 -126.24 9.96 -5.97
CA ARG O 34 -125.21 9.80 -4.91
C ARG O 34 -123.75 9.87 -5.39
N GLU O 35 -123.54 10.13 -6.68
CA GLU O 35 -122.22 10.53 -7.21
C GLU O 35 -122.15 12.07 -7.24
N ALA O 36 -123.27 12.72 -7.57
CA ALA O 36 -123.36 14.17 -7.54
C ALA O 36 -123.33 14.73 -6.11
N ARG O 37 -123.75 13.92 -5.14
CA ARG O 37 -123.80 14.35 -3.74
C ARG O 37 -122.41 14.48 -3.09
N PRO O 38 -121.55 13.44 -3.23
CA PRO O 38 -120.18 13.55 -2.73
C PRO O 38 -119.29 14.48 -3.56
N HIS O 39 -119.66 14.71 -4.83
CA HIS O 39 -118.98 15.73 -5.65
C HIS O 39 -119.27 17.07 -5.05
N LEU O 40 -120.54 17.28 -4.67
CA LEU O 40 -121.00 18.50 -4.01
C LEU O 40 -120.35 18.69 -2.64
N GLU O 41 -120.30 17.61 -1.85
CA GLU O 41 -119.65 17.64 -0.53
C GLU O 41 -118.14 17.81 -0.68
N GLY O 42 -117.52 16.95 -1.49
CA GLY O 42 -116.10 17.05 -1.81
C GLY O 42 -115.17 16.53 -0.72
N LYS O 43 -114.29 15.60 -1.09
CA LYS O 43 -113.28 15.07 -0.17
C LYS O 43 -114.00 14.41 1.03
N THR O 44 -113.59 14.73 2.27
CA THR O 44 -114.24 14.22 3.48
C THR O 44 -115.24 15.26 3.99
N LEU O 45 -114.76 16.28 4.69
CA LEU O 45 -115.60 17.42 5.09
C LEU O 45 -115.99 18.26 3.85
N VAL O 46 -115.23 19.26 3.38
CA VAL O 46 -114.07 19.91 4.01
C VAL O 46 -114.19 21.40 3.71
N LEU O 47 -114.54 22.20 4.73
CA LEU O 47 -114.67 23.67 4.67
C LEU O 47 -114.73 24.25 3.25
N ARG O 48 -113.61 24.23 2.55
CA ARG O 48 -113.51 24.78 1.20
C ARG O 48 -114.59 24.29 0.22
N PHE O 49 -114.98 23.01 0.32
CA PHE O 49 -115.86 22.38 -0.68
C PHE O 49 -117.37 22.62 -0.46
N PRO O 50 -117.84 22.56 0.81
CA PRO O 50 -119.18 23.08 1.13
C PRO O 50 -119.31 24.58 0.90
N GLU O 51 -118.21 25.32 1.13
CA GLU O 51 -118.14 26.75 0.78
C GLU O 51 -118.43 26.99 -0.71
N SER O 52 -117.92 26.11 -1.57
CA SER O 52 -118.08 26.23 -3.02
C SER O 52 -119.53 26.09 -3.48
N LYS O 53 -120.16 24.95 -3.20
CA LYS O 53 -121.51 24.67 -3.71
C LYS O 53 -122.60 25.54 -3.11
N ALA O 54 -122.47 25.90 -1.84
CA ALA O 54 -123.40 26.84 -1.21
C ALA O 54 -123.26 28.23 -1.85
N PHE O 55 -122.03 28.62 -2.18
CA PHE O 55 -121.75 29.87 -2.88
C PHE O 55 -122.24 29.76 -4.33
N HIS O 56 -121.95 28.63 -4.98
CA HIS O 56 -122.26 28.42 -6.40
C HIS O 56 -123.68 28.80 -6.73
N HIS O 57 -124.62 28.37 -5.88
CA HIS O 57 -126.02 28.76 -6.00
C HIS O 57 -126.29 30.02 -5.21
N LEU O 67 -122.44 15.55 4.08
CA LEU O 67 -122.66 14.98 2.74
C LEU O 67 -124.13 14.84 2.42
N LEU O 68 -124.84 14.04 3.23
CA LEU O 68 -126.28 13.78 3.07
C LEU O 68 -127.13 15.05 3.13
N PRO O 69 -126.88 15.93 4.13
CA PRO O 69 -127.68 17.15 4.21
C PRO O 69 -127.40 18.13 3.08
N LEU O 70 -126.12 18.39 2.78
CA LEU O 70 -125.75 19.37 1.75
C LEU O 70 -126.48 19.13 0.42
N ALA O 71 -126.43 17.89 -0.07
CA ALA O 71 -127.07 17.51 -1.32
C ALA O 71 -128.60 17.55 -1.20
N ARG O 72 -129.11 17.17 -0.03
CA ARG O 72 -130.54 17.29 0.28
C ARG O 72 -131.04 18.74 0.15
N ALA O 73 -130.13 19.69 0.40
CA ALA O 73 -130.46 21.11 0.39
C ALA O 73 -130.78 21.71 -0.98
N GLN O 74 -130.54 20.99 -2.07
CA GLN O 74 -130.87 21.51 -3.41
C GLN O 74 -132.39 21.79 -3.57
N PHE O 75 -133.30 20.83 -3.83
CA PHE O 75 -133.08 19.47 -4.35
C PHE O 75 -134.47 18.96 -4.77
N GLY O 76 -134.52 17.98 -5.68
CA GLY O 76 -135.77 17.32 -6.06
C GLY O 76 -136.04 16.08 -5.21
N VAL O 77 -137.14 16.09 -4.45
CA VAL O 77 -137.36 15.05 -3.42
C VAL O 77 -138.75 14.45 -3.39
N GLU O 78 -139.77 15.30 -3.41
CA GLU O 78 -141.13 14.85 -3.17
C GLU O 78 -141.74 14.06 -4.33
N GLU O 79 -141.83 12.74 -4.12
CA GLU O 79 -142.58 11.81 -4.97
C GLU O 79 -142.71 10.45 -4.26
N LEU O 80 -141.55 9.87 -3.91
CA LEU O 80 -141.46 8.65 -3.10
C LEU O 80 -141.95 7.39 -3.82
N ALA O 81 -141.01 6.70 -4.46
CA ALA O 81 -141.20 5.34 -4.94
C ALA O 81 -140.19 4.45 -4.22
N PHE O 82 -140.53 3.18 -3.99
CA PHE O 82 -139.66 2.19 -3.28
C PHE O 82 -139.12 2.69 -1.92
N VAL O 83 -138.34 1.85 -1.23
CA VAL O 83 -137.68 2.24 0.04
C VAL O 83 -136.29 1.59 0.18
N LEU O 84 -136.27 0.27 0.34
CA LEU O 84 -135.05 -0.52 0.55
C LEU O 84 -134.43 -0.77 -0.84
N GLU O 85 -133.26 -1.42 -0.90
CA GLU O 85 -132.79 -2.26 0.17
C GLU O 85 -133.75 -3.40 0.44
N LYS O 86 -134.26 -3.97 -0.65
CA LYS O 86 -135.16 -5.13 -0.70
C LYS O 86 -136.68 -4.97 -0.87
N LYS O 87 -137.21 -3.76 -0.92
CA LYS O 87 -138.66 -3.58 -0.75
C LYS O 87 -139.54 -4.32 -1.78
N SER O 88 -139.11 -4.26 -3.01
CA SER O 88 -139.79 -4.84 -4.18
C SER O 88 -139.55 -3.96 -5.41
N LEU O 89 -140.08 -4.41 -6.54
CA LEU O 89 -140.01 -3.67 -7.80
C LEU O 89 -138.56 -3.51 -8.34
N SER O 90 -137.97 -4.54 -8.95
CA SER O 90 -138.52 -5.88 -9.14
C SER O 90 -139.97 -5.94 -9.64
N PRO O 124 -144.78 -32.10 -21.30
CA PRO O 124 -145.72 -33.04 -20.69
C PRO O 124 -146.11 -32.69 -19.25
N PRO O 125 -145.14 -32.35 -18.39
CA PRO O 125 -145.52 -31.93 -17.05
C PRO O 125 -145.84 -30.43 -16.98
N TRP O 126 -144.83 -29.58 -17.19
CA TRP O 126 -144.90 -28.11 -17.03
C TRP O 126 -145.65 -27.64 -15.79
N GLU O 127 -145.64 -26.32 -15.56
CA GLU O 127 -146.05 -25.71 -14.29
C GLU O 127 -146.88 -26.59 -13.32
N ALA O 128 -148.10 -27.03 -13.67
CA ALA O 128 -148.89 -26.58 -14.83
C ALA O 128 -149.99 -25.60 -14.32
N GLU O 129 -151.29 -25.90 -14.31
CA GLU O 129 -151.94 -27.05 -14.96
C GLU O 129 -153.28 -26.70 -15.69
N GLU O 130 -153.49 -25.50 -16.24
CA GLU O 130 -152.50 -24.40 -16.44
C GLU O 130 -152.49 -23.38 -15.30
N GLY O 131 -151.31 -22.87 -14.97
CA GLY O 131 -151.12 -22.01 -13.80
C GLY O 131 -151.40 -20.55 -14.07
N GLU O 132 -151.38 -19.76 -13.00
CA GLU O 132 -151.72 -18.34 -13.09
C GLU O 132 -150.51 -17.49 -13.54
N ASP O 133 -149.47 -17.22 -12.74
CA ASP O 133 -149.23 -17.72 -11.36
C ASP O 133 -149.88 -16.78 -10.34
N PRO O 134 -150.24 -17.26 -9.12
CA PRO O 134 -149.95 -18.48 -8.32
C PRO O 134 -149.98 -19.83 -9.05
N SER O 135 -148.91 -20.61 -8.88
CA SER O 135 -148.82 -21.96 -9.43
C SER O 135 -149.82 -22.90 -8.75
N GLU O 136 -150.15 -23.98 -9.44
CA GLU O 136 -151.05 -24.96 -8.87
C GLU O 136 -150.43 -26.33 -8.94
N GLU O 137 -150.23 -26.93 -7.78
CA GLU O 137 -149.73 -28.28 -7.72
C GLU O 137 -148.27 -28.40 -7.39
N LEU O 138 -147.49 -27.36 -7.68
CA LEU O 138 -146.07 -27.37 -7.33
C LEU O 138 -145.81 -26.21 -6.42
N ARG O 139 -145.30 -26.47 -5.24
CA ARG O 139 -145.25 -25.47 -4.20
C ARG O 139 -144.21 -24.42 -4.43
N ARG O 140 -144.35 -23.31 -3.70
CA ARG O 140 -143.51 -22.16 -3.90
C ARG O 140 -142.63 -21.69 -2.74
N LEU O 141 -143.18 -21.38 -1.56
CA LEU O 141 -142.32 -20.75 -0.54
C LEU O 141 -141.41 -19.55 -0.89
N ALA O 142 -141.97 -18.59 -1.64
CA ALA O 142 -141.69 -17.14 -1.55
C ALA O 142 -140.61 -16.37 -2.38
N ARG O 143 -139.77 -17.07 -3.12
CA ARG O 143 -138.91 -16.49 -4.16
C ARG O 143 -139.27 -17.27 -5.41
N LEU O 144 -140.25 -18.13 -5.20
CA LEU O 144 -140.70 -19.14 -6.17
C LEU O 144 -142.04 -18.79 -6.87
N LEU O 145 -142.90 -18.07 -6.16
CA LEU O 145 -144.10 -17.48 -6.76
C LEU O 145 -143.76 -16.61 -7.97
N GLY O 146 -142.84 -15.66 -7.78
CA GLY O 146 -142.41 -14.74 -8.83
C GLY O 146 -141.72 -15.42 -10.01
N GLY O 147 -141.01 -16.51 -9.76
CA GLY O 147 -140.34 -17.27 -10.82
C GLY O 147 -141.33 -17.79 -11.84
N ARG O 148 -142.50 -18.20 -11.37
CA ARG O 148 -143.57 -18.73 -12.21
C ARG O 148 -144.24 -17.63 -13.02
N LEU O 149 -144.29 -16.43 -12.45
CA LEU O 149 -144.89 -15.25 -13.11
C LEU O 149 -144.03 -14.75 -14.28
N LEU O 150 -142.73 -14.97 -14.17
CA LEU O 150 -141.77 -14.57 -15.19
C LEU O 150 -141.54 -15.67 -16.24
N TRP O 151 -142.24 -16.80 -16.10
CA TRP O 151 -141.96 -18.01 -16.92
C TRP O 151 -142.64 -18.07 -18.29
N VAL O 152 -143.98 -18.18 -18.29
CA VAL O 152 -144.80 -18.30 -19.52
C VAL O 152 -144.18 -17.66 -20.77
N ARG O 153 -143.89 -18.42 -21.84
CA ARG O 153 -144.20 -19.85 -22.05
C ARG O 153 -143.50 -20.22 -23.38
N LYS O 154 -143.64 -21.44 -23.89
CA LYS O 154 -144.14 -22.60 -23.18
C LYS O 154 -143.34 -23.80 -23.65
N PRO O 155 -142.07 -23.98 -23.05
CA PRO O 155 -141.28 -25.05 -23.66
C PRO O 155 -140.94 -26.30 -22.85
N LYS O 156 -140.99 -26.24 -21.52
CA LYS O 156 -140.61 -27.40 -20.71
C LYS O 156 -139.09 -27.51 -20.58
N ALA O 157 -138.39 -26.45 -20.98
CA ALA O 157 -136.95 -26.35 -20.89
C ALA O 157 -136.67 -25.06 -20.15
N PRO O 158 -135.49 -24.91 -19.53
CA PRO O 158 -134.29 -25.71 -19.76
C PRO O 158 -133.23 -25.43 -18.71
N GLU O 159 -131.94 -25.36 -19.07
CA GLU O 159 -130.95 -24.88 -18.09
C GLU O 159 -130.47 -23.48 -18.47
N ALA O 160 -129.51 -23.37 -19.40
CA ALA O 160 -129.06 -22.09 -19.94
C ALA O 160 -129.12 -20.96 -18.92
N GLU O 161 -128.27 -21.08 -17.89
CA GLU O 161 -128.28 -20.20 -16.69
C GLU O 161 -127.06 -20.36 -15.79
N GLU O 162 -126.72 -21.56 -15.31
CA GLU O 162 -127.37 -22.85 -15.68
C GLU O 162 -127.91 -23.70 -14.53
N PRO O 163 -127.05 -24.11 -13.59
CA PRO O 163 -127.47 -25.28 -12.82
C PRO O 163 -128.43 -24.92 -11.68
N VAL O 164 -129.37 -25.79 -11.29
CA VAL O 164 -129.76 -27.06 -11.95
C VAL O 164 -130.80 -27.73 -11.06
N SER O 165 -132.08 -27.59 -11.38
CA SER O 165 -133.15 -28.19 -10.56
C SER O 165 -134.53 -28.26 -11.20
N GLU O 166 -134.96 -27.18 -11.84
CA GLU O 166 -136.33 -27.02 -12.32
C GLU O 166 -136.99 -28.29 -12.90
N ASP O 167 -136.26 -29.00 -13.77
CA ASP O 167 -136.78 -30.25 -14.38
C ASP O 167 -136.93 -31.39 -13.38
N GLY O 168 -135.97 -31.50 -12.46
CA GLY O 168 -136.02 -32.51 -11.39
C GLY O 168 -137.14 -32.27 -10.41
N ILE O 169 -137.37 -31.01 -10.04
CA ILE O 169 -138.50 -30.61 -9.19
C ILE O 169 -139.88 -30.83 -9.89
N GLY O 170 -139.92 -30.61 -11.21
CA GLY O 170 -141.09 -30.91 -12.04
C GLY O 170 -141.31 -32.39 -12.30
N GLY O 171 -140.21 -33.15 -12.43
CA GLY O 171 -140.25 -34.61 -12.55
C GLY O 171 -140.64 -35.32 -11.25
N ASN O 172 -140.13 -34.83 -10.12
CA ASN O 172 -140.51 -35.33 -8.79
C ASN O 172 -141.98 -35.01 -8.43
N GLY O 173 -142.57 -34.01 -9.10
CA GLY O 173 -143.97 -33.65 -8.93
C GLY O 173 -144.93 -34.56 -9.67
N ILE O 174 -144.43 -35.32 -10.66
CA ILE O 174 -145.26 -36.25 -11.44
C ILE O 174 -145.31 -37.67 -10.82
N MET O 175 -144.34 -37.98 -9.95
CA MET O 175 -144.22 -39.32 -9.34
C MET O 175 -145.00 -39.55 -8.04
N PRO O 176 -145.87 -38.62 -7.66
CA PRO O 176 -146.68 -38.81 -6.44
C PRO O 176 -148.15 -39.23 -6.66
N PRO O 177 -148.57 -39.60 -7.86
CA PRO O 177 -150.01 -39.69 -8.13
C PRO O 177 -150.66 -40.89 -7.43
N HIS P 1 117.14 56.58 24.68
CA HIS P 1 117.13 55.35 25.52
C HIS P 1 116.91 54.07 24.75
N HIS P 2 116.87 54.17 23.42
CA HIS P 2 116.58 53.00 22.56
C HIS P 2 117.71 52.01 22.52
N HIS P 3 118.94 52.50 22.68
CA HIS P 3 120.12 51.65 22.70
C HIS P 3 120.25 50.90 24.01
N HIS P 4 119.78 51.51 25.10
CA HIS P 4 119.78 50.84 26.41
C HIS P 4 118.80 49.71 26.45
N HIS P 5 117.70 49.86 25.70
CA HIS P 5 116.65 48.84 25.67
C HIS P 5 117.08 47.58 24.97
N HIS P 6 118.01 47.70 24.02
CA HIS P 6 118.47 46.53 23.23
C HIS P 6 119.33 45.57 24.02
N LYS P 7 119.84 46.03 25.16
CA LYS P 7 120.60 45.19 26.10
C LYS P 7 120.35 43.67 26.02
N ALA P 8 121.41 42.91 25.76
CA ALA P 8 121.35 41.45 25.68
C ALA P 8 122.55 40.82 26.40
N GLY P 9 122.35 40.47 27.67
CA GLY P 9 123.42 39.94 28.52
C GLY P 9 124.44 41.02 28.87
N GLU P 10 125.69 40.79 28.49
CA GLU P 10 126.76 41.76 28.73
C GLU P 10 127.06 42.58 27.47
N ALA P 11 126.13 42.56 26.51
CA ALA P 11 126.36 43.13 25.19
C ALA P 11 126.46 44.64 25.31
N GLN P 12 125.46 45.26 25.93
CA GLN P 12 125.45 46.70 26.18
C GLN P 12 126.26 47.07 27.42
N ASP P 13 126.67 46.05 28.17
CA ASP P 13 127.61 46.26 29.24
C ASP P 13 128.92 46.74 28.60
N LEU P 14 129.32 46.07 27.52
CA LEU P 14 130.44 46.49 26.69
C LEU P 14 129.92 47.24 25.47
N ALA P 15 129.28 48.38 25.70
CA ALA P 15 128.78 49.25 24.63
C ALA P 15 129.01 50.75 24.90
N GLU P 16 129.14 51.13 26.17
CA GLU P 16 129.51 52.50 26.53
C GLU P 16 130.90 52.85 26.04
N GLY P 17 131.80 51.88 26.06
CA GLY P 17 133.12 52.03 25.44
C GLY P 17 133.04 52.29 23.93
N TRP P 18 132.11 51.61 23.26
CA TRP P 18 131.94 51.69 21.80
C TRP P 18 131.38 53.03 21.33
N ARG P 19 130.94 53.88 22.26
CA ARG P 19 130.33 55.16 21.92
C ARG P 19 131.32 56.22 21.36
N ALA P 20 132.25 56.78 22.16
CA ALA P 20 132.50 56.44 23.55
C ALA P 20 132.05 57.61 24.44
N PHE P 21 132.92 58.62 24.56
CA PHE P 21 132.65 59.82 25.37
C PHE P 21 132.59 59.56 26.89
N LEU P 22 133.75 59.19 27.45
CA LEU P 22 133.91 58.95 28.89
C LEU P 22 135.12 59.76 29.43
N GLU P 23 135.51 59.47 30.67
CA GLU P 23 136.73 60.02 31.23
C GLU P 23 137.56 58.92 31.89
N ALA P 24 138.60 58.48 31.17
CA ALA P 24 139.56 57.47 31.65
C ALA P 24 138.88 56.31 32.34
N LEU P 25 137.73 55.91 31.79
CA LEU P 25 136.81 54.94 32.37
C LEU P 25 136.23 55.41 33.73
N LYS P 26 135.00 55.92 33.63
CA LYS P 26 133.95 55.74 34.62
C LYS P 26 133.83 56.72 35.79
N PRO P 27 134.57 57.81 35.74
CA PRO P 27 134.44 58.83 36.78
C PRO P 27 132.99 59.22 36.72
N THR P 28 132.40 59.52 37.86
CA THR P 28 130.95 59.51 37.99
C THR P 28 130.36 58.11 37.94
N LEU P 29 129.41 57.89 37.04
CA LEU P 29 128.28 56.99 37.30
C LEU P 29 128.49 55.59 36.72
N ARG P 30 127.64 54.64 37.12
CA ARG P 30 127.66 53.33 36.51
C ARG P 30 127.20 53.65 35.10
N ALA P 31 128.00 54.46 34.42
CA ALA P 31 127.68 54.94 33.08
C ALA P 31 127.02 53.74 32.41
N PHE P 32 126.30 53.86 31.29
CA PHE P 32 126.39 54.89 30.25
C PHE P 32 126.33 56.32 30.79
N VAL P 33 126.97 57.23 30.04
CA VAL P 33 126.81 58.66 30.27
C VAL P 33 125.69 59.21 29.36
N ARG P 34 125.46 58.53 28.23
CA ARG P 34 124.47 58.98 27.23
C ARG P 34 122.99 58.87 27.72
N GLU P 35 122.79 58.52 28.99
CA GLU P 35 121.45 58.49 29.60
C GLU P 35 121.21 59.73 30.47
N ALA P 36 122.30 60.34 30.94
CA ALA P 36 122.23 61.61 31.66
C ALA P 36 122.23 62.83 30.74
N ARG P 37 122.72 62.68 29.50
CA ARG P 37 122.78 63.77 28.51
C ARG P 37 121.43 64.11 27.89
N PRO P 38 120.61 63.09 27.52
CA PRO P 38 119.26 63.37 27.00
C PRO P 38 118.32 63.85 28.10
N HIS P 39 118.49 63.33 29.30
CA HIS P 39 117.71 63.77 30.46
C HIS P 39 117.94 65.23 30.75
N LEU P 40 119.20 65.67 30.60
CA LEU P 40 119.57 67.09 30.72
C LEU P 40 118.90 67.90 29.62
N GLU P 41 118.85 67.34 28.42
CA GLU P 41 118.20 67.98 27.29
C GLU P 41 116.70 68.01 27.50
N GLY P 42 116.11 66.81 27.73
CA GLY P 42 114.69 66.66 28.02
C GLY P 42 113.80 66.70 26.79
N LYS P 43 112.89 65.74 26.72
CA LYS P 43 112.01 65.76 25.64
C LYS P 43 112.99 65.93 24.53
N THR P 44 112.67 66.89 23.71
CA THR P 44 113.21 66.97 22.36
C THR P 44 114.08 68.22 22.33
N LEU P 45 113.46 69.40 22.29
CA LEU P 45 114.20 70.63 22.48
C LEU P 45 114.47 70.77 24.00
N VAL P 46 113.54 71.08 24.85
CA VAL P 46 112.71 72.20 24.86
C VAL P 46 113.28 73.03 26.00
N LEU P 47 113.36 74.32 25.75
CA LEU P 47 114.27 75.19 26.45
C LEU P 47 114.09 75.07 27.95
N ARG P 48 112.87 74.91 28.45
CA ARG P 48 112.82 74.72 29.89
C ARG P 48 113.70 73.53 30.18
N PHE P 49 113.57 72.53 29.33
CA PHE P 49 114.30 71.32 29.54
C PHE P 49 115.79 71.47 29.45
N PRO P 50 116.33 72.18 28.36
CA PRO P 50 117.79 72.24 28.45
C PRO P 50 118.17 73.05 29.64
N GLU P 51 117.42 74.11 29.85
CA GLU P 51 117.84 75.13 30.79
C GLU P 51 117.96 74.58 32.16
N SER P 52 116.94 73.84 32.53
CA SER P 52 116.87 73.34 33.91
C SER P 52 118.23 72.99 34.52
N LYS P 53 118.92 72.01 33.94
CA LYS P 53 120.25 71.63 34.40
C LYS P 53 121.24 72.79 34.34
N ALA P 54 121.15 73.58 33.27
CA ALA P 54 122.03 74.75 33.08
C ALA P 54 121.84 75.81 34.18
N PHE P 55 120.59 76.04 34.61
CA PHE P 55 120.29 76.97 35.71
C PHE P 55 120.81 76.53 37.08
N HIS P 56 120.99 75.22 37.26
CA HIS P 56 121.47 74.67 38.54
C HIS P 56 122.97 74.85 38.71
N HIS P 57 123.71 74.75 37.61
CA HIS P 57 125.18 74.90 37.65
C HIS P 57 125.56 76.35 37.85
N LEU P 67 121.66 68.41 22.74
CA LEU P 67 122.00 67.16 23.42
C LEU P 67 123.52 66.99 23.57
N LEU P 68 124.22 66.86 22.44
CA LEU P 68 125.67 66.60 22.43
C LEU P 68 126.52 67.80 22.94
N PRO P 69 126.18 69.05 22.54
CA PRO P 69 127.03 70.20 22.91
C PRO P 69 126.80 70.78 24.32
N LEU P 70 125.62 70.49 24.90
CA LEU P 70 125.37 70.75 26.32
C LEU P 70 126.30 69.88 27.15
N ALA P 71 126.46 68.62 26.73
CA ALA P 71 127.44 67.72 27.32
C ALA P 71 128.87 68.28 27.15
N ARG P 72 129.21 68.74 25.94
CA ARG P 72 130.53 69.33 25.69
C ARG P 72 130.83 70.49 26.64
N ALA P 73 129.81 71.27 26.97
CA ALA P 73 129.94 72.29 28.00
C ALA P 73 130.12 71.59 29.34
N GLN P 74 131.19 71.95 30.08
CA GLN P 74 131.51 71.39 31.42
C GLN P 74 131.27 69.87 31.55
N PHE P 75 132.29 69.09 31.18
CA PHE P 75 132.23 67.62 31.24
C PHE P 75 133.62 67.04 30.99
N GLY P 76 133.86 65.83 31.51
CA GLY P 76 135.13 65.12 31.34
C GLY P 76 135.29 64.51 29.97
N VAL P 77 136.06 65.19 29.12
CA VAL P 77 136.21 64.81 27.70
C VAL P 77 137.65 64.49 27.27
N GLU P 78 138.63 65.11 27.93
CA GLU P 78 140.01 65.04 27.47
C GLU P 78 140.70 63.78 27.98
N GLU P 79 140.34 62.63 27.40
CA GLU P 79 140.93 61.33 27.76
C GLU P 79 141.13 60.39 26.58
N LEU P 80 140.07 60.19 25.79
CA LEU P 80 140.08 59.36 24.58
C LEU P 80 140.26 57.85 24.88
N ALA P 81 139.16 57.12 24.92
CA ALA P 81 139.17 55.68 25.08
C ALA P 81 138.21 55.05 24.06
N PHE P 82 138.70 54.05 23.33
CA PHE P 82 137.96 53.46 22.21
C PHE P 82 137.79 54.45 21.05
N VAL P 83 137.08 54.04 20.00
CA VAL P 83 136.72 54.93 18.88
C VAL P 83 135.37 54.51 18.32
N LEU P 84 135.39 53.51 17.43
CA LEU P 84 134.17 52.97 16.80
C LEU P 84 133.51 52.06 17.86
N GLU P 85 132.33 51.46 17.66
CA GLU P 85 131.58 51.24 16.41
C GLU P 85 132.20 50.18 15.48
N LYS P 86 133.27 49.53 15.92
CA LYS P 86 134.07 48.54 15.14
C LYS P 86 135.50 48.32 15.70
N LYS P 87 136.00 49.27 16.51
CA LYS P 87 137.39 49.33 16.93
C LYS P 87 137.83 48.13 17.78
N SER P 88 136.97 47.71 18.69
CA SER P 88 137.25 46.58 19.57
C SER P 88 138.04 47.06 20.78
N LEU P 89 139.01 46.27 21.22
CA LEU P 89 139.77 46.52 22.47
C LEU P 89 138.96 46.34 23.79
N SER P 90 138.38 45.16 24.04
CA SER P 90 138.39 44.00 23.13
C SER P 90 137.35 42.84 23.32
N GLY P 91 136.44 42.84 24.29
CA GLY P 91 136.11 43.94 25.19
C GLY P 91 136.81 43.83 26.54
N ALA P 92 138.11 43.51 26.50
CA ALA P 92 138.99 43.51 27.68
C ALA P 92 139.01 44.87 28.37
N SER P 93 138.24 44.97 29.45
CA SER P 93 138.07 46.18 30.25
C SER P 93 137.60 47.35 29.41
N PRO P 124 140.86 14.84 18.93
CA PRO P 124 141.89 14.14 18.18
C PRO P 124 142.58 15.00 17.11
N PRO P 125 141.81 15.78 16.32
CA PRO P 125 142.45 16.67 15.35
C PRO P 125 142.79 18.04 15.94
N TRP P 126 141.77 18.71 16.49
CA TRP P 126 141.85 20.08 17.05
C TRP P 126 142.67 21.04 16.21
N GLU P 127 143.40 21.97 16.83
CA GLU P 127 144.00 23.10 16.10
C GLU P 127 144.80 22.69 14.84
N ALA P 128 145.98 22.06 14.96
CA ALA P 128 146.68 21.79 16.21
C ALA P 128 147.86 22.78 16.28
N GLU P 129 149.12 22.39 16.51
CA GLU P 129 149.61 21.01 16.65
C GLU P 129 149.69 20.44 18.09
N GLU P 130 150.26 21.09 19.13
CA GLU P 130 150.82 22.47 19.23
C GLU P 130 149.78 23.61 18.99
N GLY P 131 150.22 24.87 19.06
CA GLY P 131 149.34 26.01 18.79
C GLY P 131 149.91 27.29 19.36
N GLU P 132 149.83 28.38 18.58
CA GLU P 132 150.50 29.63 18.97
C GLU P 132 149.53 30.69 19.55
N ASP P 133 148.85 31.54 18.78
CA ASP P 133 148.81 31.58 17.32
C ASP P 133 149.85 32.60 16.79
N PRO P 134 149.93 32.83 15.46
CA PRO P 134 149.14 32.37 14.31
C PRO P 134 149.10 30.84 14.11
N SER P 135 148.07 30.38 13.38
CA SER P 135 147.81 28.96 13.18
C SER P 135 148.97 28.26 12.48
N GLU P 136 149.11 26.97 12.78
CA GLU P 136 150.22 26.18 12.25
C GLU P 136 149.74 24.82 11.74
N GLU P 137 148.55 24.81 11.14
CA GLU P 137 148.03 23.61 10.48
C GLU P 137 146.85 23.95 9.58
N LEU P 138 146.02 24.80 10.13
CA LEU P 138 145.05 25.59 9.42
C LEU P 138 145.29 27.01 9.90
N ARG P 139 144.67 28.00 9.30
CA ARG P 139 143.37 27.92 8.72
C ARG P 139 143.37 28.94 7.67
N ARG P 140 142.22 29.20 7.10
CA ARG P 140 142.15 30.09 6.00
C ARG P 140 142.00 31.51 6.43
N LEU P 141 143.12 32.14 6.73
CA LEU P 141 143.98 32.99 5.95
C LEU P 141 143.55 34.44 6.13
N ALA P 142 142.34 34.62 6.66
CA ALA P 142 141.88 35.91 7.15
C ALA P 142 140.87 35.69 8.27
N ARG P 143 141.02 36.44 9.36
CA ARG P 143 140.02 36.44 10.43
C ARG P 143 139.76 35.03 10.94
N LEU P 144 140.82 34.24 11.07
CA LEU P 144 140.69 32.88 11.50
C LEU P 144 141.69 32.76 12.57
N LEU P 145 142.78 33.43 12.34
CA LEU P 145 143.76 33.43 13.39
C LEU P 145 143.11 34.06 14.56
N GLY P 146 142.31 35.08 14.30
CA GLY P 146 141.75 35.82 15.40
C GLY P 146 140.93 34.85 16.21
N GLY P 147 140.21 34.01 15.51
CA GLY P 147 139.42 32.99 16.16
C GLY P 147 140.28 32.01 16.88
N ARG P 148 141.38 31.64 16.26
CA ARG P 148 142.32 30.74 16.88
C ARG P 148 142.89 31.36 18.13
N LEU P 149 143.17 32.64 18.04
CA LEU P 149 143.79 33.37 19.07
C LEU P 149 142.89 33.31 20.24
N LEU P 150 141.62 33.44 19.96
CA LEU P 150 140.62 33.43 21.01
C LEU P 150 140.47 32.10 21.74
N TRP P 151 140.80 31.03 21.04
CA TRP P 151 140.36 29.64 21.25
C TRP P 151 141.00 28.96 22.43
N VAL P 152 142.32 28.78 22.36
CA VAL P 152 143.08 28.01 23.36
C VAL P 152 142.60 28.36 24.78
N ARG P 153 142.10 27.40 25.56
CA ARG P 153 141.94 25.96 25.25
C ARG P 153 141.02 25.40 26.37
N LYS P 154 140.58 24.13 26.34
CA LYS P 154 140.85 23.10 25.33
C LYS P 154 139.67 22.12 25.30
N PRO P 155 138.66 22.42 24.48
CA PRO P 155 137.43 21.61 24.42
C PRO P 155 137.21 20.76 23.16
N LYS P 156 137.43 21.33 21.97
CA LYS P 156 137.06 20.68 20.69
C LYS P 156 135.57 20.93 20.44
N ALA P 157 135.01 20.38 19.35
CA ALA P 157 133.59 20.59 19.12
C ALA P 157 133.38 22.08 19.21
N PRO P 158 132.50 22.54 20.09
CA PRO P 158 131.72 21.69 21.00
C PRO P 158 130.17 21.69 20.90
N GLU P 159 129.58 22.14 19.80
CA GLU P 159 130.13 23.06 18.84
C GLU P 159 130.21 24.43 19.44
N ALA P 160 129.12 24.81 20.08
CA ALA P 160 129.04 26.02 20.90
C ALA P 160 128.53 27.39 20.42
N GLU P 161 127.93 27.57 19.24
CA GLU P 161 127.19 28.83 18.90
C GLU P 161 126.65 29.09 17.47
N GLU P 162 125.89 28.18 16.90
CA GLU P 162 125.64 26.90 17.48
C GLU P 162 126.48 25.96 16.66
N PRO P 163 126.32 26.03 15.34
CA PRO P 163 127.15 25.28 14.41
C PRO P 163 128.16 26.28 13.79
N VAL P 164 128.83 26.04 12.67
CA VAL P 164 128.65 24.92 11.78
C VAL P 164 129.95 24.15 11.62
N SER P 165 130.92 24.86 11.08
CA SER P 165 132.13 24.31 10.57
C SER P 165 133.12 23.63 11.49
N GLU P 166 133.52 24.28 12.54
CA GLU P 166 134.91 24.33 12.88
C GLU P 166 135.50 22.95 13.04
N ASP P 167 134.81 22.12 13.79
CA ASP P 167 135.29 20.78 13.98
C ASP P 167 135.26 20.09 12.63
N GLY P 168 134.26 20.41 11.82
CA GLY P 168 134.11 19.80 10.52
C GLY P 168 135.27 20.08 9.61
N ILE P 169 135.73 21.32 9.61
CA ILE P 169 136.90 21.67 8.82
C ILE P 169 138.15 20.97 9.33
N GLY P 170 138.23 20.85 10.64
CA GLY P 170 139.39 20.18 11.20
C GLY P 170 139.38 18.77 10.67
N GLY P 171 138.19 18.22 10.63
CA GLY P 171 138.04 16.86 10.17
C GLY P 171 138.49 16.78 8.74
N ASN P 172 138.12 17.75 7.94
CA ASN P 172 138.50 17.71 6.55
C ASN P 172 139.98 17.67 6.44
N GLY P 173 140.76 18.44 7.21
CA GLY P 173 142.23 18.34 7.16
C GLY P 173 142.93 17.06 7.64
N ILE P 174 142.39 16.57 8.75
CA ILE P 174 142.86 15.27 9.22
C ILE P 174 142.59 14.28 8.10
N MET P 175 141.54 14.58 7.33
CA MET P 175 141.15 13.99 6.04
C MET P 175 142.01 14.09 4.77
N PRO P 176 142.69 15.27 4.39
CA PRO P 176 143.82 14.97 3.53
C PRO P 176 145.01 14.93 4.44
N PRO P 177 145.03 13.84 5.30
CA PRO P 177 146.38 13.54 5.73
C PRO P 177 146.94 12.81 4.50
ZN ZN Q . 45.78 9.88 -42.68
ZN ZN R . 41.60 9.20 -39.56
ZN ZN S . 42.81 10.53 -43.92
MG MG T . 20.46 -17.48 -49.84
ZN ZN U . -49.57 29.45 55.03
ZN ZN V . -46.12 31.13 52.00
ZN ZN W . -46.90 29.76 56.26
MG MG X . -21.90 5.91 44.05
ZN ZN Y . -52.71 -37.40 -28.32
ZN ZN Z . -57.09 -39.57 -25.58
ZN ZN AA . -52.49 -38.93 -25.45
MG MG BA . -64.60 -25.01 6.95
ZN ZN CA . 51.89 2.75 20.46
ZN ZN DA . 56.30 2.25 17.48
ZN ZN EA . 51.68 2.95 17.31
MG MG FA . 63.28 33.62 -0.76
#